data_5TRR
#
_entry.id   5TRR
#
_cell.length_a   120.297
_cell.length_b   197.700
_cell.length_c   165.184
_cell.angle_alpha   90.00
_cell.angle_beta   103.01
_cell.angle_gamma   90.00
#
_symmetry.space_group_name_H-M   'P 1 21 1'
#
loop_
_entity.id
_entity.type
_entity.pdbx_description
1 polymer 'Proteasome subunit alpha'
2 polymer 'Proteasome subunit beta'
3 non-polymer N,N-diethyl-N~2~-(3-phenylpropanoyl)-L-asparaginyl-N-[(naphthalen-1-yl)methyl]-L-alaninamide
4 water water
#
loop_
_entity_poly.entity_id
_entity_poly.type
_entity_poly.pdbx_seq_one_letter_code
_entity_poly.pdbx_strand_id
1 'polypeptide(L)'
;MEQAMRERSELARKGIARAKSVVALAYAGGVLFVAENPSRSLQKISELYDRVGFAAAGKFNEFDNLRRGGIQFADTRGYA
YDRRDVTGRQLANVYAQTLGTIFTEQAKPYEVELCVAEVAHYGETKRPELYRITYDGSIADEPHFVVMGGTTEPIANALK
ESYAENASLTDALRIAVAALRAGSADTSGGDQPTLGVASLEVAVLDANRPRRAFRRITGSALQALLVDQESPQSDGESSG
;
A,B,C,D,E,F,G,O,P,Q,R,S,T,U
2 'polypeptide(L)'
;TTIVALKYPGGVVMAGDRRSTQGNMISGRDVRKVYITDDYTATGIAGTAAVAVEFARLYAVELEHYEKLEGVPLTFAGKI
NRLAIMVRGNLAAAMQGLLALPLLAGYDIHASDPQSAGRIVSFDAAGGWNIEEEGYQAVGSGSLFAKSSMKKLYSQVTDG
DSGLRVAVEALYDAADDDSATGGPDLVRGIFPTAVIIDADGAVDVPESRIAELARAIIESRSGADTFGSDGGEKHHHHHH
;
H,I,J,K,L,M,N,V,W,X,Y,Z,a,b
#
# COMPACT_ATOMS: atom_id res chain seq x y z
N MET A 1 59.23 -0.57 -41.74
CA MET A 1 58.79 0.25 -40.62
C MET A 1 59.98 0.62 -39.71
N GLU A 2 61.18 0.16 -40.11
CA GLU A 2 62.40 0.77 -39.61
C GLU A 2 62.52 2.22 -40.07
N GLN A 3 62.42 2.42 -41.39
CA GLN A 3 62.43 3.77 -41.94
C GLN A 3 61.25 4.59 -41.43
N ALA A 4 60.13 3.94 -41.11
CA ALA A 4 58.98 4.71 -40.64
C ALA A 4 59.26 5.36 -39.29
N MET A 5 59.80 4.58 -38.35
CA MET A 5 60.14 5.15 -37.05
C MET A 5 61.32 6.11 -37.19
N ARG A 6 62.22 5.85 -38.14
CA ARG A 6 63.27 6.81 -38.45
C ARG A 6 62.66 8.14 -38.88
N GLU A 7 61.57 8.09 -39.64
CA GLU A 7 60.94 9.31 -40.13
C GLU A 7 60.25 10.06 -39.01
N ARG A 8 59.56 9.34 -38.13
CA ARG A 8 58.95 9.97 -36.98
C ARG A 8 60.00 10.65 -36.11
N SER A 9 61.06 9.92 -35.76
CA SER A 9 62.16 10.51 -35.00
C SER A 9 62.68 11.78 -35.67
N GLU A 10 62.92 11.72 -36.98
CA GLU A 10 63.43 12.90 -37.68
C GLU A 10 62.48 14.08 -37.58
N LEU A 11 61.18 13.85 -37.81
CA LEU A 11 60.23 14.96 -37.77
C LEU A 11 60.16 15.57 -36.38
N ALA A 12 60.09 14.74 -35.34
CA ALA A 12 59.98 15.27 -34.00
C ALA A 12 61.24 16.03 -33.60
N ARG A 13 62.41 15.42 -33.81
CA ARG A 13 63.65 16.07 -33.41
C ARG A 13 63.87 17.37 -34.18
N LYS A 14 63.58 17.37 -35.48
CA LYS A 14 63.72 18.60 -36.26
C LYS A 14 62.78 19.67 -35.74
N GLY A 15 61.53 19.29 -35.48
CA GLY A 15 60.58 20.24 -34.93
C GLY A 15 61.05 20.86 -33.62
N ILE A 16 61.61 20.05 -32.73
CA ILE A 16 62.06 20.56 -31.44
C ILE A 16 63.28 21.45 -31.61
N ALA A 17 64.20 21.05 -32.50
CA ALA A 17 65.42 21.83 -32.70
C ALA A 17 65.13 23.22 -33.23
N ARG A 18 63.98 23.44 -33.84
CA ARG A 18 63.65 24.74 -34.40
C ARG A 18 62.89 25.63 -33.41
N ALA A 19 62.58 25.13 -32.23
CA ALA A 19 61.89 25.90 -31.21
C ALA A 19 62.86 26.52 -30.22
N LYS A 20 62.35 27.41 -29.39
CA LYS A 20 63.21 28.08 -28.43
C LYS A 20 63.65 27.11 -27.34
N SER A 21 64.71 27.48 -26.63
CA SER A 21 65.31 26.61 -25.63
C SER A 21 64.79 26.91 -24.23
N VAL A 22 64.91 25.91 -23.36
CA VAL A 22 64.42 25.94 -21.99
C VAL A 22 65.45 25.25 -21.12
N VAL A 23 65.71 25.80 -19.93
CA VAL A 23 66.66 25.23 -18.99
C VAL A 23 66.00 25.15 -17.62
N ALA A 24 66.32 24.09 -16.89
CA ALA A 24 65.90 23.95 -15.51
C ALA A 24 67.08 23.43 -14.71
N LEU A 25 67.43 24.10 -13.63
CA LEU A 25 68.60 23.68 -12.86
C LEU A 25 68.31 23.78 -11.38
N ALA A 26 68.89 22.86 -10.61
CA ALA A 26 68.73 22.86 -9.17
C ALA A 26 69.66 23.87 -8.54
N TYR A 27 69.13 24.65 -7.60
CA TYR A 27 69.91 25.63 -6.85
C TYR A 27 69.57 25.49 -5.38
N ALA A 28 70.21 26.32 -4.55
CA ALA A 28 70.10 26.14 -3.11
C ALA A 28 68.67 26.23 -2.63
N GLY A 29 67.84 27.00 -3.32
CA GLY A 29 66.46 27.14 -2.92
C GLY A 29 65.49 26.21 -3.56
N GLY A 30 65.92 25.34 -4.47
CA GLY A 30 64.98 24.45 -5.13
C GLY A 30 65.27 24.22 -6.60
N VAL A 31 64.30 24.49 -7.48
CA VAL A 31 64.49 24.28 -8.91
C VAL A 31 64.16 25.58 -9.62
N LEU A 32 64.96 25.90 -10.64
CA LEU A 32 64.82 27.12 -11.41
C LEU A 32 64.50 26.77 -12.86
N PHE A 33 63.44 27.37 -13.38
CA PHE A 33 63.02 27.25 -14.76
C PHE A 33 63.23 28.59 -15.44
N VAL A 34 64.02 28.60 -16.51
CA VAL A 34 64.20 29.78 -17.34
C VAL A 34 63.99 29.36 -18.78
N ALA A 35 63.13 30.09 -19.49
CA ALA A 35 62.80 29.75 -20.87
C ALA A 35 62.79 31.01 -21.70
N GLU A 36 63.37 30.91 -22.89
CA GLU A 36 63.31 32.00 -23.85
C GLU A 36 61.89 32.08 -24.39
N ASN A 37 61.20 33.18 -24.11
CA ASN A 37 59.80 33.29 -24.48
C ASN A 37 59.40 34.75 -24.64
N PRO A 38 59.20 35.23 -25.87
CA PRO A 38 58.78 36.63 -26.04
C PRO A 38 57.36 36.92 -25.60
N SER A 39 56.48 35.93 -25.55
CA SER A 39 55.07 36.21 -25.28
C SER A 39 54.89 36.74 -23.87
N ARG A 40 53.74 37.35 -23.61
CA ARG A 40 53.40 37.81 -22.28
C ARG A 40 52.23 37.06 -21.68
N SER A 41 51.78 35.98 -22.31
CA SER A 41 50.63 35.25 -21.76
C SER A 41 50.62 33.78 -22.12
N LEU A 42 51.46 33.34 -23.04
CA LEU A 42 51.54 31.94 -23.42
C LEU A 42 52.71 31.31 -22.67
N GLN A 43 52.43 30.27 -21.90
CA GLN A 43 53.37 29.74 -20.93
C GLN A 43 53.99 28.44 -21.39
N LYS A 44 55.30 28.30 -21.13
CA LYS A 44 56.01 27.05 -21.32
C LYS A 44 56.41 26.41 -20.00
N ILE A 45 56.25 27.12 -18.90
CA ILE A 45 56.56 26.60 -17.57
C ILE A 45 55.31 26.70 -16.73
N SER A 46 54.96 25.64 -16.03
CA SER A 46 53.70 25.62 -15.32
C SER A 46 53.79 24.76 -14.08
N GLU A 47 52.88 25.00 -13.16
CA GLU A 47 52.72 24.17 -11.99
C GLU A 47 51.97 22.90 -12.35
N LEU A 48 52.43 21.77 -11.83
CA LEU A 48 51.71 20.51 -11.93
C LEU A 48 51.04 20.13 -10.62
N TYR A 49 51.80 20.08 -9.53
CA TYR A 49 51.22 19.77 -8.23
C TYR A 49 52.02 20.53 -7.18
N ASP A 50 51.64 20.34 -5.92
CA ASP A 50 52.20 21.10 -4.81
C ASP A 50 53.69 21.35 -4.99
N ARG A 51 54.45 20.28 -5.18
CA ARG A 51 55.90 20.35 -5.26
C ARG A 51 56.42 19.94 -6.63
N VAL A 52 55.57 19.93 -7.65
CA VAL A 52 55.93 19.39 -8.96
C VAL A 52 55.68 20.44 -10.02
N GLY A 53 56.71 20.69 -10.84
CA GLY A 53 56.63 21.65 -11.91
C GLY A 53 56.99 21.04 -13.25
N PHE A 54 56.62 21.77 -14.31
CA PHE A 54 56.63 21.30 -15.68
C PHE A 54 57.19 22.38 -16.59
N ALA A 55 58.07 21.99 -17.51
CA ALA A 55 58.61 22.90 -18.52
C ALA A 55 58.75 22.11 -19.81
N ALA A 56 58.51 22.77 -20.93
CA ALA A 56 58.46 22.06 -22.19
C ALA A 56 59.09 22.90 -23.31
N ALA A 57 59.51 22.21 -24.36
CA ALA A 57 59.97 22.83 -25.59
C ALA A 57 59.29 22.15 -26.75
N GLY A 58 58.98 22.92 -27.79
CA GLY A 58 58.39 22.34 -28.98
C GLY A 58 57.14 23.04 -29.49
N LYS A 59 56.24 22.28 -30.09
CA LYS A 59 55.03 22.84 -30.66
C LYS A 59 54.06 23.13 -29.53
N PHE A 60 53.56 24.37 -29.46
CA PHE A 60 52.86 24.82 -28.26
C PHE A 60 51.64 23.97 -27.94
N ASN A 61 50.73 23.82 -28.92
CA ASN A 61 49.48 23.12 -28.67
C ASN A 61 49.72 21.71 -28.14
N GLU A 62 50.80 21.06 -28.58
CA GLU A 62 51.03 19.69 -28.17
C GLU A 62 51.53 19.61 -26.74
N PHE A 63 52.57 20.38 -26.39
CA PHE A 63 53.05 20.27 -25.02
C PHE A 63 52.08 20.91 -24.05
N ASP A 64 51.19 21.78 -24.52
CA ASP A 64 50.11 22.23 -23.67
C ASP A 64 49.11 21.13 -23.42
N ASN A 65 48.80 20.34 -24.45
CA ASN A 65 47.99 19.15 -24.24
C ASN A 65 48.60 18.25 -23.18
N LEU A 66 49.90 17.98 -23.29
CA LEU A 66 50.55 17.13 -22.30
C LEU A 66 50.54 17.77 -20.93
N ARG A 67 50.65 19.10 -20.87
CA ARG A 67 50.60 19.78 -19.59
C ARG A 67 49.25 19.59 -18.92
N ARG A 68 48.17 19.82 -19.68
CA ARG A 68 46.82 19.68 -19.14
C ARG A 68 46.54 18.25 -18.71
N GLY A 69 46.95 17.28 -19.52
CA GLY A 69 46.76 15.90 -19.14
C GLY A 69 47.51 15.54 -17.88
N GLY A 70 48.70 16.11 -17.71
CA GLY A 70 49.46 15.87 -16.49
C GLY A 70 48.78 16.46 -15.27
N ILE A 71 48.21 17.65 -15.40
CA ILE A 71 47.44 18.20 -14.29
C ILE A 71 46.25 17.30 -13.95
N GLN A 72 45.53 16.83 -14.98
CA GLN A 72 44.44 15.90 -14.74
C GLN A 72 44.92 14.70 -13.94
N PHE A 73 46.01 14.07 -14.40
CA PHE A 73 46.54 12.90 -13.71
C PHE A 73 46.88 13.23 -12.26
N ALA A 74 47.59 14.33 -12.04
CA ALA A 74 48.03 14.67 -10.69
C ALA A 74 46.84 14.90 -9.77
N ASP A 75 45.92 15.77 -10.16
CA ASP A 75 44.77 16.07 -9.32
C ASP A 75 43.94 14.81 -9.07
N THR A 76 43.77 13.96 -10.09
CA THR A 76 42.99 12.74 -9.93
C THR A 76 43.65 11.79 -8.93
N ARG A 77 44.95 11.54 -9.08
CA ARG A 77 45.62 10.64 -8.15
C ARG A 77 45.58 11.19 -6.73
N GLY A 78 45.86 12.48 -6.58
CA GLY A 78 45.83 13.08 -5.27
C GLY A 78 44.46 12.98 -4.62
N TYR A 79 43.41 13.07 -5.43
CA TYR A 79 42.06 12.90 -4.89
C TYR A 79 41.80 11.46 -4.50
N ALA A 80 42.16 10.52 -5.35
CA ALA A 80 41.87 9.11 -5.06
C ALA A 80 42.63 8.61 -3.85
N TYR A 81 43.85 9.11 -3.63
CA TYR A 81 44.65 8.68 -2.49
C TYR A 81 44.85 9.84 -1.54
N ASP A 82 45.90 10.64 -1.70
CA ASP A 82 46.23 11.79 -0.87
C ASP A 82 47.33 12.57 -1.56
N ARG A 83 47.40 13.86 -1.25
CA ARG A 83 48.29 14.73 -1.99
C ARG A 83 49.74 14.32 -1.81
N ARG A 84 50.07 13.77 -0.65
CA ARG A 84 51.44 13.35 -0.40
C ARG A 84 51.83 12.11 -1.19
N ASP A 85 50.87 11.43 -1.81
CA ASP A 85 51.19 10.26 -2.61
C ASP A 85 51.59 10.61 -4.04
N VAL A 86 51.29 11.81 -4.50
CA VAL A 86 51.70 12.26 -5.82
C VAL A 86 53.18 12.60 -5.79
N THR A 87 53.94 12.03 -6.71
CA THR A 87 55.38 12.22 -6.74
C THR A 87 55.80 12.65 -8.14
N GLY A 88 56.97 13.29 -8.20
CA GLY A 88 57.51 13.66 -9.50
C GLY A 88 57.84 12.45 -10.36
N ARG A 89 58.43 11.42 -9.75
CA ARG A 89 58.68 10.18 -10.48
C ARG A 89 57.41 9.69 -11.16
N GLN A 90 56.28 9.80 -10.47
CA GLN A 90 55.00 9.31 -11.01
C GLN A 90 54.63 10.04 -12.29
N LEU A 91 54.61 11.37 -12.22
CA LEU A 91 54.24 12.16 -13.39
C LEU A 91 55.23 11.98 -14.54
N ALA A 92 56.53 11.92 -14.23
CA ALA A 92 57.50 11.65 -15.30
C ALA A 92 57.21 10.32 -15.96
N ASN A 93 56.89 9.30 -15.15
CA ASN A 93 56.62 7.98 -15.67
C ASN A 93 55.41 7.98 -16.60
N VAL A 94 54.33 8.64 -16.17
CA VAL A 94 53.13 8.68 -17.02
C VAL A 94 53.40 9.48 -18.29
N TYR A 95 54.26 10.50 -18.22
CA TYR A 95 54.61 11.22 -19.42
C TYR A 95 55.39 10.34 -20.39
N ALA A 96 56.29 9.51 -19.85
CA ALA A 96 56.98 8.55 -20.70
C ALA A 96 55.99 7.62 -21.38
N GLN A 97 55.07 7.04 -20.62
CA GLN A 97 54.07 6.15 -21.20
C GLN A 97 53.27 6.85 -22.29
N THR A 98 52.81 8.08 -22.01
CA THR A 98 51.96 8.80 -22.94
C THR A 98 52.71 9.12 -24.22
N LEU A 99 53.89 9.73 -24.10
CA LEU A 99 54.65 10.09 -25.29
C LEU A 99 55.11 8.87 -26.08
N GLY A 100 55.36 7.74 -25.41
CA GLY A 100 55.62 6.52 -26.16
C GLY A 100 54.44 6.14 -27.03
N THR A 101 53.24 6.06 -26.42
CA THR A 101 52.05 5.71 -27.20
C THR A 101 51.80 6.70 -28.31
N ILE A 102 51.89 8.00 -28.01
CA ILE A 102 51.74 9.03 -29.06
C ILE A 102 52.72 8.78 -30.19
N PHE A 103 53.98 8.56 -29.83
CA PHE A 103 55.02 8.46 -30.84
C PHE A 103 54.78 7.28 -31.76
N THR A 104 54.32 6.16 -31.23
CA THR A 104 54.18 4.99 -32.07
C THR A 104 52.81 4.83 -32.72
N GLU A 105 51.76 5.44 -32.19
CA GLU A 105 50.41 5.11 -32.60
C GLU A 105 49.63 6.26 -33.19
N GLN A 106 49.99 7.51 -32.90
CA GLN A 106 49.21 8.64 -33.37
C GLN A 106 49.61 9.03 -34.79
N ALA A 107 48.76 9.86 -35.40
CA ALA A 107 49.00 10.31 -36.78
C ALA A 107 50.34 11.00 -36.92
N LYS A 108 50.67 11.90 -36.01
CA LYS A 108 51.93 12.60 -36.05
C LYS A 108 52.52 12.57 -34.64
N PRO A 109 53.80 12.26 -34.49
CA PRO A 109 54.39 12.28 -33.15
C PRO A 109 54.37 13.70 -32.61
N TYR A 110 54.35 13.83 -31.30
CA TYR A 110 54.37 15.16 -30.72
C TYR A 110 55.78 15.70 -30.82
N GLU A 111 55.91 16.90 -31.36
CA GLU A 111 57.20 17.56 -31.47
C GLU A 111 57.47 18.33 -30.19
N VAL A 112 57.69 17.57 -29.11
CA VAL A 112 57.82 18.13 -27.77
C VAL A 112 58.95 17.45 -27.03
N GLU A 113 59.45 18.16 -26.02
CA GLU A 113 60.42 17.64 -25.07
C GLU A 113 60.02 18.19 -23.71
N LEU A 114 59.97 17.34 -22.69
CA LEU A 114 59.40 17.69 -21.40
C LEU A 114 60.41 17.55 -20.26
N CYS A 115 60.22 18.39 -19.24
CA CYS A 115 60.94 18.31 -17.99
C CYS A 115 59.96 18.41 -16.83
N VAL A 116 60.03 17.45 -15.91
CA VAL A 116 59.22 17.45 -14.70
C VAL A 116 60.17 17.47 -13.52
N ALA A 117 59.97 18.42 -12.60
CA ALA A 117 60.87 18.61 -11.48
C ALA A 117 60.11 18.54 -10.17
N GLU A 118 60.76 18.00 -9.14
CA GLU A 118 60.16 17.91 -7.82
C GLU A 118 61.14 18.39 -6.76
N VAL A 119 60.62 19.18 -5.82
CA VAL A 119 61.38 19.60 -4.66
C VAL A 119 60.77 18.94 -3.43
N ALA A 120 61.47 19.06 -2.30
CA ALA A 120 61.00 18.46 -1.07
C ALA A 120 59.78 19.21 -0.53
N HIS A 121 59.02 18.52 0.31
CA HIS A 121 57.92 19.15 1.02
C HIS A 121 58.46 20.00 2.15
N TYR A 122 57.65 20.96 2.59
CA TYR A 122 58.10 21.91 3.59
C TYR A 122 58.58 21.16 4.82
N GLY A 123 59.78 21.50 5.28
CA GLY A 123 60.34 20.87 6.44
C GLY A 123 60.94 19.51 6.20
N GLU A 124 60.87 19.00 4.97
CA GLU A 124 61.48 17.73 4.63
C GLU A 124 62.81 18.00 3.95
N THR A 125 63.70 17.02 4.06
CA THR A 125 65.01 17.08 3.44
C THR A 125 65.08 16.08 2.31
N LYS A 126 65.12 16.56 1.08
CA LYS A 126 65.34 15.70 -0.06
C LYS A 126 65.80 16.57 -1.22
N ARG A 127 66.82 16.12 -1.94
CA ARG A 127 67.37 16.94 -3.00
C ARG A 127 66.38 16.98 -4.17
N PRO A 128 66.36 18.07 -4.91
CA PRO A 128 65.47 18.16 -6.07
C PRO A 128 65.68 17.03 -7.06
N GLU A 129 64.65 16.74 -7.86
CA GLU A 129 64.72 15.75 -8.91
C GLU A 129 64.34 16.40 -10.22
N LEU A 130 65.12 16.11 -11.27
CA LEU A 130 64.78 16.58 -12.61
C LEU A 130 64.58 15.38 -13.50
N TYR A 131 63.53 15.41 -14.29
CA TYR A 131 63.23 14.34 -15.23
C TYR A 131 63.07 14.92 -16.61
N ARG A 132 63.65 14.24 -17.57
CA ARG A 132 63.62 14.64 -18.96
C ARG A 132 62.94 13.53 -19.74
N ILE A 133 61.88 13.88 -20.45
CA ILE A 133 61.12 12.92 -21.25
C ILE A 133 61.15 13.41 -22.68
N THR A 134 61.56 12.54 -23.59
CA THR A 134 61.76 12.89 -24.99
C THR A 134 60.55 12.45 -25.80
N TYR A 135 60.50 12.90 -27.06
CA TYR A 135 59.31 12.75 -27.88
C TYR A 135 58.88 11.30 -28.04
N ASP A 136 59.77 10.36 -27.77
CA ASP A 136 59.51 8.94 -27.94
C ASP A 136 59.27 8.22 -26.62
N GLY A 137 59.18 8.97 -25.52
CA GLY A 137 58.96 8.37 -24.23
C GLY A 137 60.22 7.99 -23.50
N SER A 138 61.39 8.24 -24.06
CA SER A 138 62.63 7.98 -23.34
C SER A 138 62.70 8.92 -22.15
N ILE A 139 63.16 8.40 -21.03
CA ILE A 139 63.15 9.15 -19.79
C ILE A 139 64.55 9.13 -19.20
N ALA A 140 64.94 10.25 -18.60
CA ALA A 140 66.29 10.42 -18.07
C ALA A 140 66.20 11.11 -16.74
N ASP A 141 66.96 10.59 -15.77
CA ASP A 141 67.01 11.08 -14.40
C ASP A 141 68.20 12.00 -14.24
N GLU A 142 67.94 13.28 -13.97
CA GLU A 142 69.01 14.26 -13.90
C GLU A 142 69.05 15.02 -12.58
N PRO A 143 70.25 15.21 -12.04
CA PRO A 143 70.42 15.80 -10.70
C PRO A 143 70.73 17.29 -10.70
N HIS A 144 71.26 17.83 -11.80
CA HIS A 144 71.76 19.19 -11.77
C HIS A 144 71.04 20.13 -12.73
N PHE A 145 70.93 19.77 -14.01
CA PHE A 145 70.25 20.67 -14.93
C PHE A 145 69.76 19.90 -16.13
N VAL A 146 68.76 20.48 -16.79
CA VAL A 146 68.13 19.96 -17.98
C VAL A 146 68.06 21.08 -19.00
N VAL A 147 68.35 20.74 -20.25
CA VAL A 147 68.29 21.67 -21.37
C VAL A 147 67.41 21.01 -22.42
N MET A 148 66.48 21.77 -22.99
CA MET A 148 65.55 21.22 -23.97
C MET A 148 65.30 22.24 -25.07
N GLY A 149 65.22 21.77 -26.31
CA GLY A 149 64.77 22.63 -27.39
C GLY A 149 65.85 23.48 -28.00
N GLY A 150 65.76 23.73 -29.30
CA GLY A 150 66.75 24.55 -29.97
C GLY A 150 68.08 23.84 -30.08
N THR A 151 69.16 24.65 -30.12
CA THR A 151 70.51 24.12 -30.19
C THR A 151 71.00 23.88 -28.77
N THR A 152 70.90 22.62 -28.33
CA THR A 152 71.13 22.31 -26.92
C THR A 152 72.60 22.12 -26.57
N GLU A 153 73.45 21.75 -27.52
CA GLU A 153 74.83 21.45 -27.13
C GLU A 153 75.59 22.70 -26.67
N PRO A 154 75.47 23.85 -27.35
CA PRO A 154 76.13 25.06 -26.81
C PRO A 154 75.67 25.40 -25.40
N ILE A 155 74.37 25.31 -25.14
CA ILE A 155 73.83 25.64 -23.82
C ILE A 155 74.28 24.64 -22.77
N ALA A 156 74.21 23.35 -23.12
CA ALA A 156 74.63 22.30 -22.21
C ALA A 156 76.09 22.48 -21.84
N ASN A 157 76.93 22.79 -22.82
CA ASN A 157 78.34 23.03 -22.53
C ASN A 157 78.52 24.27 -21.66
N ALA A 158 77.80 25.35 -21.97
CA ALA A 158 77.90 26.56 -21.17
C ALA A 158 77.61 26.27 -19.70
N LEU A 159 76.54 25.53 -19.43
CA LEU A 159 76.24 25.16 -18.06
C LEU A 159 77.29 24.22 -17.51
N LYS A 160 77.77 23.30 -18.34
CA LYS A 160 78.73 22.29 -17.91
C LYS A 160 80.05 22.91 -17.49
N GLU A 161 80.37 24.08 -18.02
CA GLU A 161 81.47 24.87 -17.47
C GLU A 161 81.02 25.75 -16.32
N SER A 162 79.74 26.09 -16.27
CA SER A 162 79.29 27.20 -15.44
C SER A 162 78.42 26.81 -14.26
N TYR A 163 78.11 25.52 -14.07
CA TYR A 163 77.16 25.12 -13.04
C TYR A 163 77.86 24.86 -11.72
N ALA A 164 77.30 25.42 -10.65
CA ALA A 164 77.71 25.15 -9.27
C ALA A 164 76.49 24.59 -8.55
N GLU A 165 76.72 23.61 -7.68
CA GLU A 165 75.63 22.80 -7.17
C GLU A 165 74.59 23.62 -6.41
N ASN A 166 74.95 24.22 -5.29
CA ASN A 166 73.99 24.97 -4.49
C ASN A 166 74.07 26.48 -4.70
N ALA A 167 74.09 26.93 -5.94
CA ALA A 167 74.12 28.37 -6.17
C ALA A 167 72.85 29.02 -5.63
N SER A 168 72.92 30.33 -5.44
CA SER A 168 71.79 31.13 -5.02
C SER A 168 70.90 31.43 -6.21
N LEU A 169 69.71 31.96 -5.92
CA LEU A 169 68.77 32.27 -6.99
C LEU A 169 69.37 33.24 -8.00
N THR A 170 70.02 34.32 -7.54
CA THR A 170 70.60 35.29 -8.46
C THR A 170 71.70 34.67 -9.30
N ASP A 171 72.61 33.93 -8.67
CA ASP A 171 73.69 33.26 -9.41
C ASP A 171 73.12 32.25 -10.39
N ALA A 172 72.21 31.40 -9.94
CA ALA A 172 71.66 30.39 -10.82
C ALA A 172 70.96 31.02 -12.01
N LEU A 173 70.23 32.11 -11.78
CA LEU A 173 69.57 32.80 -12.87
C LEU A 173 70.59 33.32 -13.87
N ARG A 174 71.66 33.97 -13.39
CA ARG A 174 72.68 34.46 -14.33
C ARG A 174 73.33 33.32 -15.11
N ILE A 175 73.64 32.21 -14.42
CA ILE A 175 74.21 31.04 -15.10
C ILE A 175 73.28 30.58 -16.22
N ALA A 176 71.98 30.56 -15.95
CA ALA A 176 71.01 30.09 -16.92
C ALA A 176 70.90 31.03 -18.11
N VAL A 177 70.78 32.34 -17.86
CA VAL A 177 70.65 33.28 -18.96
C VAL A 177 71.92 33.28 -19.81
N ALA A 178 73.09 33.17 -19.18
CA ALA A 178 74.32 33.05 -19.95
C ALA A 178 74.28 31.83 -20.85
N ALA A 179 73.94 30.66 -20.29
CA ALA A 179 73.89 29.44 -21.09
C ALA A 179 72.91 29.56 -22.23
N LEU A 180 71.75 30.19 -21.99
CA LEU A 180 70.78 30.35 -23.05
C LEU A 180 71.31 31.25 -24.15
N ARG A 181 71.98 32.34 -23.77
CA ARG A 181 72.63 33.19 -24.76
C ARG A 181 73.61 32.40 -25.61
N ALA A 182 74.30 31.42 -25.00
CA ALA A 182 75.25 30.61 -25.75
C ALA A 182 74.62 29.82 -26.89
N GLY A 183 73.29 29.78 -26.99
CA GLY A 183 72.62 29.02 -28.02
C GLY A 183 71.78 29.84 -28.97
N SER A 184 71.86 31.17 -28.87
CA SER A 184 71.19 32.10 -29.76
C SER A 184 69.68 31.89 -29.83
N THR A 194 71.82 38.95 -24.91
CA THR A 194 70.83 39.83 -25.51
C THR A 194 69.45 39.70 -24.84
N LEU A 195 69.31 38.79 -23.89
CA LEU A 195 68.00 38.46 -23.32
C LEU A 195 67.67 39.35 -22.12
N GLY A 196 66.44 39.87 -22.10
CA GLY A 196 65.94 40.65 -20.99
C GLY A 196 64.66 40.10 -20.39
N VAL A 197 63.81 41.00 -19.87
CA VAL A 197 62.61 40.56 -19.17
C VAL A 197 61.47 40.28 -20.14
N ALA A 198 61.32 41.12 -21.17
CA ALA A 198 60.27 40.87 -22.15
C ALA A 198 60.64 39.80 -23.16
N SER A 199 61.65 38.98 -22.83
CA SER A 199 62.03 37.84 -23.65
C SER A 199 62.27 36.58 -22.83
N LEU A 200 61.99 36.61 -21.53
CA LEU A 200 62.17 35.45 -20.67
C LEU A 200 60.88 35.13 -19.93
N GLU A 201 60.70 33.85 -19.66
CA GLU A 201 59.71 33.33 -18.72
C GLU A 201 60.48 32.58 -17.66
N VAL A 202 60.29 32.97 -16.40
CA VAL A 202 61.08 32.45 -15.30
C VAL A 202 60.14 32.06 -14.16
N ALA A 203 60.39 30.89 -13.58
CA ALA A 203 59.62 30.45 -12.42
C ALA A 203 60.49 29.49 -11.63
N VAL A 204 60.09 29.23 -10.38
CA VAL A 204 60.87 28.36 -9.51
C VAL A 204 59.95 27.44 -8.75
N LEU A 205 60.45 26.24 -8.48
CA LEU A 205 59.91 25.40 -7.43
C LEU A 205 60.70 25.73 -6.18
N ASP A 206 60.08 26.54 -5.30
CA ASP A 206 60.72 27.09 -4.10
C ASP A 206 60.44 26.14 -2.95
N ALA A 207 61.43 25.35 -2.58
CA ALA A 207 61.28 24.33 -1.55
C ALA A 207 60.99 24.93 -0.18
N ASN A 208 61.02 26.24 -0.07
CA ASN A 208 60.79 26.86 1.23
C ASN A 208 59.35 27.28 1.46
N ARG A 209 58.51 27.26 0.44
CA ARG A 209 57.11 27.61 0.63
C ARG A 209 56.33 26.43 1.22
N PRO A 210 55.31 26.73 2.06
CA PRO A 210 54.63 25.65 2.79
C PRO A 210 53.96 24.60 1.91
N ARG A 211 53.04 24.96 1.02
CA ARG A 211 52.44 23.92 0.19
C ARG A 211 52.80 24.08 -1.29
N ARG A 212 52.15 25.00 -2.00
CA ARG A 212 52.40 25.13 -3.42
C ARG A 212 53.74 25.83 -3.62
N ALA A 213 54.73 25.07 -4.12
CA ALA A 213 56.09 25.56 -4.26
C ALA A 213 56.31 26.39 -5.52
N PHE A 214 55.47 26.21 -6.54
CA PHE A 214 55.65 26.92 -7.79
C PHE A 214 55.42 28.41 -7.58
N ARG A 215 56.29 29.23 -8.16
CA ARG A 215 56.18 30.67 -8.03
C ARG A 215 56.82 31.31 -9.23
N ARG A 216 56.17 32.33 -9.78
CA ARG A 216 56.71 33.05 -10.92
C ARG A 216 57.49 34.28 -10.47
N ILE A 217 58.48 34.63 -11.28
CA ILE A 217 59.31 35.82 -11.07
C ILE A 217 59.15 36.67 -12.32
N THR A 218 58.50 37.83 -12.20
CA THR A 218 58.15 38.62 -13.37
C THR A 218 58.38 40.10 -13.11
N GLY A 219 58.55 40.83 -14.21
CA GLY A 219 58.57 42.29 -14.14
C GLY A 219 59.66 42.83 -13.27
N SER A 220 59.28 43.71 -12.35
CA SER A 220 60.25 44.41 -11.51
C SER A 220 61.14 43.42 -10.73
N ALA A 221 60.54 42.37 -10.16
CA ALA A 221 61.31 41.38 -9.44
C ALA A 221 62.37 40.73 -10.32
N LEU A 222 61.98 40.29 -11.52
CA LEU A 222 62.92 39.63 -12.41
C LEU A 222 64.05 40.58 -12.80
N GLN A 223 63.70 41.83 -13.13
CA GLN A 223 64.71 42.82 -13.46
C GLN A 223 65.69 43.00 -12.32
N ALA A 224 65.17 43.07 -11.09
CA ALA A 224 66.02 43.18 -9.90
C ALA A 224 66.97 42.00 -9.79
N LEU A 225 66.50 40.80 -10.11
CA LEU A 225 67.40 39.65 -10.05
C LEU A 225 68.40 39.61 -11.20
N LEU A 226 68.11 40.28 -12.31
CA LEU A 226 68.99 40.21 -13.47
C LEU A 226 70.15 41.20 -13.43
N VAL A 227 70.12 42.17 -12.53
CA VAL A 227 71.18 43.20 -12.43
C VAL A 227 72.57 42.59 -12.37
N MET B 1 55.25 -11.12 -46.65
CA MET B 1 54.98 -10.34 -45.45
C MET B 1 55.82 -10.80 -44.26
N GLU B 2 56.46 -11.97 -44.35
CA GLU B 2 57.44 -12.31 -43.33
C GLU B 2 58.62 -11.36 -43.36
N GLN B 3 58.74 -10.53 -44.38
CA GLN B 3 59.72 -9.45 -44.33
C GLN B 3 59.31 -8.41 -43.30
N ALA B 4 58.01 -8.12 -43.19
CA ALA B 4 57.55 -7.23 -42.14
C ALA B 4 57.93 -7.77 -40.77
N MET B 5 57.74 -9.07 -40.55
CA MET B 5 58.12 -9.64 -39.26
C MET B 5 59.62 -9.64 -39.06
N ARG B 6 60.40 -9.80 -40.13
CA ARG B 6 61.84 -9.70 -39.95
C ARG B 6 62.28 -8.28 -39.63
N GLU B 7 61.56 -7.28 -40.16
CA GLU B 7 61.86 -5.91 -39.78
C GLU B 7 61.50 -5.65 -38.32
N ARG B 8 60.34 -6.13 -37.87
CA ARG B 8 59.97 -5.97 -36.47
C ARG B 8 60.99 -6.64 -35.56
N SER B 9 61.27 -7.92 -35.82
CA SER B 9 62.27 -8.65 -35.06
C SER B 9 63.58 -7.90 -35.00
N GLU B 10 64.05 -7.42 -36.16
CA GLU B 10 65.31 -6.71 -36.20
C GLU B 10 65.27 -5.43 -35.36
N LEU B 11 64.18 -4.66 -35.47
CA LEU B 11 64.07 -3.43 -34.69
C LEU B 11 64.15 -3.73 -33.21
N ALA B 12 63.46 -4.78 -32.77
CA ALA B 12 63.49 -5.15 -31.35
C ALA B 12 64.90 -5.60 -30.94
N ARG B 13 65.54 -6.43 -31.76
CA ARG B 13 66.87 -6.93 -31.42
C ARG B 13 67.88 -5.79 -31.28
N LYS B 14 67.87 -4.83 -32.21
CA LYS B 14 68.77 -3.69 -32.03
C LYS B 14 68.39 -2.87 -30.81
N GLY B 15 67.10 -2.63 -30.60
CA GLY B 15 66.69 -1.88 -29.42
C GLY B 15 67.23 -2.48 -28.14
N ILE B 16 67.14 -3.80 -28.01
CA ILE B 16 67.64 -4.47 -26.81
C ILE B 16 69.16 -4.44 -26.77
N ALA B 17 69.80 -4.60 -27.94
CA ALA B 17 71.25 -4.62 -28.00
C ALA B 17 71.87 -3.32 -27.49
N ARG B 18 71.16 -2.21 -27.64
CA ARG B 18 71.67 -0.91 -27.25
C ARG B 18 71.44 -0.58 -25.79
N ALA B 19 70.83 -1.46 -25.01
CA ALA B 19 70.45 -1.16 -23.64
C ALA B 19 71.35 -1.87 -22.65
N LYS B 20 71.24 -1.44 -21.39
CA LYS B 20 72.06 -1.99 -20.32
C LYS B 20 71.73 -3.47 -20.11
N SER B 21 72.67 -4.18 -19.49
CA SER B 21 72.55 -5.62 -19.30
C SER B 21 72.05 -5.94 -17.90
N VAL B 22 71.48 -7.15 -17.78
CA VAL B 22 70.84 -7.62 -16.56
C VAL B 22 71.18 -9.10 -16.43
N VAL B 23 71.46 -9.55 -15.22
CA VAL B 23 71.75 -10.95 -14.96
C VAL B 23 70.90 -11.43 -13.79
N ALA B 24 70.43 -12.66 -13.87
CA ALA B 24 69.69 -13.31 -12.81
C ALA B 24 70.23 -14.71 -12.67
N LEU B 25 70.62 -15.09 -11.45
CA LEU B 25 71.20 -16.42 -11.27
C LEU B 25 70.68 -17.02 -9.97
N ALA B 26 70.48 -18.34 -10.00
CA ALA B 26 70.01 -19.06 -8.83
C ALA B 26 71.18 -19.31 -7.89
N TYR B 27 70.99 -19.06 -6.60
CA TYR B 27 72.02 -19.36 -5.62
C TYR B 27 71.37 -20.01 -4.41
N ALA B 28 72.21 -20.34 -3.42
CA ALA B 28 71.75 -21.13 -2.29
C ALA B 28 70.63 -20.43 -1.52
N GLY B 29 70.60 -19.10 -1.54
CA GLY B 29 69.57 -18.40 -0.82
C GLY B 29 68.34 -18.08 -1.63
N GLY B 30 68.30 -18.41 -2.91
CA GLY B 30 67.16 -18.07 -3.74
C GLY B 30 67.56 -17.66 -5.14
N VAL B 31 67.17 -16.46 -5.56
CA VAL B 31 67.53 -15.93 -6.88
C VAL B 31 68.09 -14.54 -6.72
N LEU B 32 69.13 -14.21 -7.49
CA LEU B 32 69.77 -12.91 -7.42
C LEU B 32 69.62 -12.18 -8.73
N PHE B 33 69.16 -10.92 -8.66
CA PHE B 33 69.04 -10.01 -9.80
C PHE B 33 70.06 -8.89 -9.64
N VAL B 34 70.94 -8.76 -10.63
CA VAL B 34 71.92 -7.68 -10.67
C VAL B 34 71.85 -7.03 -12.04
N ALA B 35 71.69 -5.71 -12.07
CA ALA B 35 71.50 -5.00 -13.31
C ALA B 35 72.35 -3.74 -13.31
N GLU B 36 72.96 -3.46 -14.46
CA GLU B 36 73.62 -2.17 -14.63
C GLU B 36 72.55 -1.10 -14.78
N ASN B 37 72.49 -0.16 -13.84
CA ASN B 37 71.43 0.85 -13.81
C ASN B 37 71.96 2.09 -13.13
N PRO B 38 72.31 3.12 -13.91
CA PRO B 38 72.78 4.37 -13.30
C PRO B 38 71.68 5.17 -12.63
N SER B 39 70.42 4.98 -13.02
CA SER B 39 69.37 5.86 -12.56
C SER B 39 69.15 5.75 -11.06
N ARG B 40 68.75 6.87 -10.46
CA ARG B 40 68.55 6.96 -9.02
C ARG B 40 67.16 6.51 -8.59
N SER B 41 66.21 6.41 -9.51
CA SER B 41 64.83 6.13 -9.12
C SER B 41 64.04 5.32 -10.14
N LEU B 42 64.59 5.10 -11.34
CA LEU B 42 63.93 4.30 -12.37
C LEU B 42 64.49 2.89 -12.32
N GLN B 43 63.61 1.89 -12.16
CA GLN B 43 64.03 0.55 -11.77
C GLN B 43 63.72 -0.47 -12.85
N LYS B 44 64.65 -1.41 -13.04
CA LYS B 44 64.52 -2.49 -14.01
C LYS B 44 64.21 -3.83 -13.36
N ILE B 45 64.25 -3.92 -12.04
CA ILE B 45 63.98 -5.14 -11.30
C ILE B 45 62.81 -4.86 -10.36
N SER B 46 61.86 -5.78 -10.31
CA SER B 46 60.65 -5.50 -9.56
C SER B 46 60.08 -6.78 -8.97
N GLU B 47 59.30 -6.61 -7.91
CA GLU B 47 58.51 -7.67 -7.32
C GLU B 47 57.24 -7.88 -8.13
N LEU B 48 56.87 -9.13 -8.35
CA LEU B 48 55.57 -9.45 -8.93
C LEU B 48 54.60 -9.98 -7.89
N TYR B 49 54.99 -11.05 -7.19
CA TYR B 49 54.13 -11.64 -6.17
C TYR B 49 55.02 -12.17 -5.06
N ASP B 50 54.37 -12.76 -4.04
CA ASP B 50 55.06 -13.20 -2.82
C ASP B 50 56.41 -13.81 -3.11
N ARG B 51 56.44 -14.82 -4.00
CA ARG B 51 57.66 -15.55 -4.28
C ARG B 51 58.10 -15.37 -5.73
N VAL B 52 57.58 -14.37 -6.43
CA VAL B 52 57.86 -14.22 -7.86
C VAL B 52 58.39 -12.82 -8.11
N GLY B 53 59.54 -12.74 -8.79
CA GLY B 53 60.20 -11.49 -9.09
C GLY B 53 60.42 -11.31 -10.57
N PHE B 54 60.74 -10.06 -10.94
CA PHE B 54 60.72 -9.60 -12.32
C PHE B 54 61.98 -8.79 -12.62
N ALA B 55 62.57 -9.03 -13.79
CA ALA B 55 63.69 -8.24 -14.26
C ALA B 55 63.57 -8.05 -15.77
N ALA B 56 64.00 -6.88 -16.25
CA ALA B 56 63.79 -6.56 -17.66
C ALA B 56 64.97 -5.77 -18.22
N ALA B 57 65.13 -5.86 -19.55
CA ALA B 57 66.09 -5.06 -20.29
C ALA B 57 65.42 -4.45 -21.51
N GLY B 58 65.80 -3.23 -21.86
CA GLY B 58 65.24 -2.58 -23.04
C GLY B 58 64.72 -1.18 -22.82
N LYS B 59 63.65 -0.81 -23.53
CA LYS B 59 63.07 0.52 -23.42
C LYS B 59 62.24 0.64 -22.15
N PHE B 60 62.48 1.70 -21.37
CA PHE B 60 61.93 1.76 -20.02
C PHE B 60 60.41 1.73 -20.01
N ASN B 61 59.77 2.66 -20.73
CA ASN B 61 58.31 2.73 -20.67
C ASN B 61 57.65 1.43 -21.09
N GLU B 62 58.26 0.68 -21.99
CA GLU B 62 57.64 -0.55 -22.48
C GLU B 62 57.75 -1.69 -21.47
N PHE B 63 58.94 -1.96 -20.95
CA PHE B 63 59.01 -3.04 -19.97
C PHE B 63 58.40 -2.63 -18.65
N ASP B 64 58.25 -1.33 -18.39
CA ASP B 64 57.52 -0.91 -17.21
C ASP B 64 56.02 -1.13 -17.38
N ASN B 65 55.47 -0.83 -18.56
CA ASN B 65 54.09 -1.23 -18.82
C ASN B 65 53.91 -2.73 -18.63
N LEU B 66 54.82 -3.54 -19.18
CA LEU B 66 54.70 -4.98 -18.99
C LEU B 66 54.81 -5.36 -17.51
N ARG B 67 55.64 -4.64 -16.76
CA ARG B 67 55.76 -4.92 -15.32
C ARG B 67 54.46 -4.65 -14.59
N ARG B 68 53.87 -3.47 -14.81
CA ARG B 68 52.60 -3.15 -14.17
C ARG B 68 51.52 -4.13 -14.57
N GLY B 69 51.47 -4.51 -15.84
CA GLY B 69 50.51 -5.51 -16.28
C GLY B 69 50.72 -6.85 -15.60
N GLY B 70 51.98 -7.22 -15.37
CA GLY B 70 52.26 -8.46 -14.68
C GLY B 70 51.81 -8.44 -13.24
N ILE B 71 52.06 -7.32 -12.56
CA ILE B 71 51.59 -7.17 -11.19
C ILE B 71 50.07 -7.24 -11.15
N GLN B 72 49.42 -6.53 -12.06
CA GLN B 72 47.95 -6.55 -12.15
C GLN B 72 47.44 -7.97 -12.31
N PHE B 73 48.01 -8.72 -13.25
CA PHE B 73 47.62 -10.11 -13.43
C PHE B 73 47.82 -10.91 -12.16
N ALA B 74 49.00 -10.78 -11.54
CA ALA B 74 49.31 -11.60 -10.38
C ALA B 74 48.34 -11.35 -9.24
N ASP B 75 48.19 -10.08 -8.86
CA ASP B 75 47.30 -9.73 -7.76
C ASP B 75 45.87 -10.13 -8.07
N THR B 76 45.43 -9.95 -9.32
CA THR B 76 44.07 -10.35 -9.68
C THR B 76 43.87 -11.84 -9.52
N ARG B 77 44.82 -12.64 -10.03
CA ARG B 77 44.70 -14.09 -9.91
C ARG B 77 44.73 -14.52 -8.45
N GLY B 78 45.60 -13.90 -7.65
CA GLY B 78 45.63 -14.22 -6.23
C GLY B 78 44.33 -13.91 -5.52
N TYR B 79 43.66 -12.82 -5.92
CA TYR B 79 42.37 -12.48 -5.33
C TYR B 79 41.30 -13.46 -5.76
N ALA B 80 41.25 -13.79 -7.05
CA ALA B 80 40.19 -14.65 -7.59
C ALA B 80 40.24 -16.07 -7.02
N TYR B 81 41.44 -16.60 -6.78
CA TYR B 81 41.58 -17.94 -6.23
C TYR B 81 42.24 -17.90 -4.87
N ASP B 82 43.57 -17.87 -4.87
CA ASP B 82 44.35 -17.81 -3.63
C ASP B 82 45.79 -17.50 -3.97
N ARG B 83 46.49 -16.94 -2.99
CA ARG B 83 47.84 -16.48 -3.22
C ARG B 83 48.78 -17.63 -3.54
N ARG B 84 48.49 -18.84 -3.05
CA ARG B 84 49.38 -19.97 -3.31
C ARG B 84 49.29 -20.43 -4.75
N ASP B 85 48.21 -20.06 -5.45
CA ASP B 85 48.00 -20.48 -6.83
C ASP B 85 48.77 -19.64 -7.83
N VAL B 86 49.29 -18.48 -7.43
CA VAL B 86 50.11 -17.67 -8.32
C VAL B 86 51.49 -18.30 -8.39
N THR B 87 51.95 -18.59 -9.60
CA THR B 87 53.21 -19.27 -9.82
C THR B 87 54.03 -18.51 -10.84
N GLY B 88 55.34 -18.78 -10.82
CA GLY B 88 56.21 -18.18 -11.82
C GLY B 88 55.84 -18.61 -13.22
N ARG B 89 55.59 -19.91 -13.41
CA ARG B 89 55.26 -20.41 -14.74
C ARG B 89 54.08 -19.66 -15.33
N GLN B 90 53.04 -19.42 -14.52
CA GLN B 90 51.90 -18.64 -14.98
C GLN B 90 52.33 -17.28 -15.48
N LEU B 91 53.10 -16.54 -14.69
CA LEU B 91 53.49 -15.20 -15.08
C LEU B 91 54.34 -15.21 -16.35
N ALA B 92 55.26 -16.17 -16.47
CA ALA B 92 56.03 -16.30 -17.69
C ALA B 92 55.12 -16.57 -18.89
N ASN B 93 54.15 -17.47 -18.71
CA ASN B 93 53.24 -17.83 -19.80
C ASN B 93 52.40 -16.63 -20.25
N VAL B 94 51.84 -15.88 -19.31
CA VAL B 94 51.05 -14.72 -19.71
C VAL B 94 51.95 -13.67 -20.34
N TYR B 95 53.21 -13.56 -19.89
CA TYR B 95 54.13 -12.64 -20.54
C TYR B 95 54.45 -13.05 -21.98
N ALA B 96 54.64 -14.35 -22.21
CA ALA B 96 54.84 -14.83 -23.57
C ALA B 96 53.62 -14.51 -24.43
N GLN B 97 52.43 -14.79 -23.91
CA GLN B 97 51.22 -14.48 -24.65
C GLN B 97 51.16 -13.00 -25.00
N THR B 98 51.41 -12.15 -24.00
CA THR B 98 51.27 -10.72 -24.19
C THR B 98 52.27 -10.20 -25.22
N LEU B 99 53.54 -10.56 -25.06
CA LEU B 99 54.56 -10.09 -25.99
C LEU B 99 54.33 -10.65 -27.39
N GLY B 100 53.76 -11.84 -27.51
CA GLY B 100 53.37 -12.32 -28.82
C GLY B 100 52.34 -11.41 -29.47
N THR B 101 51.28 -11.09 -28.75
CA THR B 101 50.25 -10.20 -29.31
C THR B 101 50.85 -8.84 -29.64
N ILE B 102 51.63 -8.25 -28.73
CA ILE B 102 52.27 -6.97 -28.99
C ILE B 102 53.11 -7.05 -30.26
N PHE B 103 53.95 -8.08 -30.35
CA PHE B 103 54.90 -8.18 -31.44
C PHE B 103 54.21 -8.30 -32.79
N THR B 104 53.07 -9.00 -32.85
CA THR B 104 52.44 -9.17 -34.14
C THR B 104 51.41 -8.10 -34.46
N GLU B 105 50.85 -7.42 -33.46
CA GLU B 105 49.64 -6.64 -33.68
C GLU B 105 49.79 -5.14 -33.42
N GLN B 106 50.77 -4.72 -32.64
CA GLN B 106 50.89 -3.32 -32.27
C GLN B 106 51.63 -2.52 -33.33
N ALA B 107 51.54 -1.20 -33.19
CA ALA B 107 52.18 -0.30 -34.15
C ALA B 107 53.67 -0.56 -34.23
N LYS B 108 54.34 -0.70 -33.07
CA LYS B 108 55.75 -1.01 -32.99
C LYS B 108 55.93 -2.08 -31.93
N PRO B 109 56.75 -3.09 -32.20
CA PRO B 109 57.02 -4.11 -31.18
C PRO B 109 57.72 -3.52 -29.98
N TYR B 110 57.59 -4.21 -28.85
CA TYR B 110 58.26 -3.77 -27.63
C TYR B 110 59.73 -4.16 -27.68
N GLU B 111 60.61 -3.18 -27.44
CA GLU B 111 62.04 -3.43 -27.43
C GLU B 111 62.46 -3.85 -26.02
N VAL B 112 62.00 -5.03 -25.63
CA VAL B 112 62.22 -5.52 -24.26
C VAL B 112 62.56 -6.99 -24.27
N GLU B 113 63.19 -7.42 -23.18
CA GLU B 113 63.42 -8.82 -22.89
C GLU B 113 63.20 -8.99 -21.40
N LEU B 114 62.47 -10.05 -21.04
CA LEU B 114 61.98 -10.23 -19.69
C LEU B 114 62.55 -11.49 -19.06
N CYS B 115 62.70 -11.44 -17.74
CA CYS B 115 63.04 -12.58 -16.90
C CYS B 115 62.07 -12.62 -15.74
N VAL B 116 61.44 -13.77 -15.54
CA VAL B 116 60.54 -14.00 -14.42
C VAL B 116 61.11 -15.13 -13.60
N ALA B 117 61.28 -14.91 -12.30
CA ALA B 117 61.91 -15.89 -11.43
C ALA B 117 61.01 -16.20 -10.25
N GLU B 118 61.05 -17.46 -9.80
CA GLU B 118 60.27 -17.91 -8.65
C GLU B 118 61.14 -18.71 -7.70
N VAL B 119 61.01 -18.42 -6.41
CA VAL B 119 61.67 -19.20 -5.38
C VAL B 119 60.61 -19.97 -4.58
N ALA B 120 61.08 -20.89 -3.74
CA ALA B 120 60.18 -21.72 -2.97
C ALA B 120 59.45 -20.91 -1.92
N HIS B 121 58.32 -21.45 -1.47
CA HIS B 121 57.65 -20.86 -0.33
C HIS B 121 58.42 -21.22 0.93
N TYR B 122 58.21 -20.43 1.98
CA TYR B 122 58.98 -20.61 3.21
C TYR B 122 58.88 -22.04 3.70
N GLY B 123 60.04 -22.64 3.97
CA GLY B 123 60.08 -23.98 4.52
C GLY B 123 59.86 -25.10 3.54
N GLU B 124 59.66 -24.82 2.26
CA GLU B 124 59.51 -25.89 1.28
C GLU B 124 60.81 -26.07 0.52
N THR B 125 60.99 -27.27 -0.01
CA THR B 125 62.18 -27.64 -0.75
C THR B 125 61.84 -27.77 -2.23
N LYS B 126 62.30 -26.80 -3.02
CA LYS B 126 62.16 -26.87 -4.47
C LYS B 126 63.13 -25.87 -5.09
N ARG B 127 63.78 -26.29 -6.17
CA ARG B 127 64.78 -25.46 -6.80
C ARG B 127 64.14 -24.24 -7.43
N PRO B 128 64.84 -23.11 -7.45
CA PRO B 128 64.31 -21.91 -8.11
C PRO B 128 64.04 -22.15 -9.58
N GLU B 129 63.17 -21.31 -10.15
CA GLU B 129 62.87 -21.33 -11.57
C GLU B 129 63.16 -19.97 -12.20
N LEU B 130 63.80 -20.00 -13.37
CA LEU B 130 64.08 -18.80 -14.15
C LEU B 130 63.46 -18.98 -15.52
N TYR B 131 62.77 -17.95 -16.00
CA TYR B 131 62.16 -17.97 -17.32
C TYR B 131 62.59 -16.73 -18.08
N ARG B 132 62.87 -16.91 -19.37
CA ARG B 132 63.28 -15.84 -20.27
C ARG B 132 62.20 -15.72 -21.34
N ILE B 133 61.64 -14.52 -21.47
CA ILE B 133 60.62 -14.25 -22.49
C ILE B 133 61.17 -13.14 -23.36
N THR B 134 61.24 -13.38 -24.66
CA THR B 134 61.84 -12.44 -25.59
C THR B 134 60.78 -11.63 -26.31
N TYR B 135 61.26 -10.66 -27.09
CA TYR B 135 60.38 -9.67 -27.69
C TYR B 135 59.28 -10.27 -28.57
N ASP B 136 59.42 -11.53 -28.98
CA ASP B 136 58.46 -12.16 -29.88
C ASP B 136 57.55 -13.15 -29.17
N GLY B 137 57.64 -13.25 -27.85
CA GLY B 137 56.83 -14.19 -27.11
C GLY B 137 57.43 -15.56 -26.93
N SER B 138 58.63 -15.81 -27.44
CA SER B 138 59.32 -17.07 -27.18
C SER B 138 59.73 -17.13 -25.72
N ILE B 139 59.60 -18.30 -25.13
CA ILE B 139 59.81 -18.50 -23.71
C ILE B 139 60.78 -19.64 -23.53
N ALA B 140 61.64 -19.53 -22.51
CA ALA B 140 62.66 -20.52 -22.27
C ALA B 140 62.80 -20.74 -20.77
N ASP B 141 62.87 -22.01 -20.39
CA ASP B 141 63.03 -22.44 -19.01
C ASP B 141 64.52 -22.64 -18.77
N GLU B 142 65.08 -21.90 -17.82
CA GLU B 142 66.51 -21.94 -17.58
C GLU B 142 66.80 -22.41 -16.16
N PRO B 143 67.82 -23.24 -15.97
CA PRO B 143 68.03 -23.86 -14.65
C PRO B 143 69.02 -23.10 -13.80
N HIS B 144 69.90 -22.33 -14.42
CA HIS B 144 71.02 -21.74 -13.70
C HIS B 144 71.07 -20.22 -13.76
N PHE B 145 71.06 -19.63 -14.95
CA PHE B 145 71.16 -18.18 -15.01
C PHE B 145 70.59 -17.66 -16.34
N VAL B 146 70.24 -16.38 -16.32
CA VAL B 146 69.71 -15.66 -17.47
C VAL B 146 70.44 -14.34 -17.58
N VAL B 147 70.75 -13.94 -18.82
CA VAL B 147 71.37 -12.65 -19.10
C VAL B 147 70.55 -11.97 -20.20
N MET B 148 70.27 -10.68 -20.04
CA MET B 148 69.42 -9.98 -20.99
C MET B 148 69.97 -8.58 -21.25
N GLY B 149 69.87 -8.13 -22.49
CA GLY B 149 70.20 -6.78 -22.84
C GLY B 149 71.67 -6.59 -23.14
N GLY B 150 71.99 -5.75 -24.13
CA GLY B 150 73.37 -5.52 -24.51
C GLY B 150 74.00 -6.72 -25.21
N THR B 151 75.32 -6.81 -25.11
CA THR B 151 76.08 -7.91 -25.68
C THR B 151 76.11 -9.03 -24.64
N THR B 152 75.32 -10.07 -24.88
CA THR B 152 75.13 -11.09 -23.86
C THR B 152 76.30 -12.05 -23.80
N GLU B 153 76.74 -12.56 -24.94
CA GLU B 153 77.74 -13.65 -24.99
C GLU B 153 78.94 -13.45 -24.08
N PRO B 154 79.51 -12.25 -23.91
CA PRO B 154 80.59 -12.11 -22.91
C PRO B 154 80.12 -12.47 -21.51
N ILE B 155 78.93 -12.00 -21.14
CA ILE B 155 78.40 -12.27 -19.81
C ILE B 155 78.02 -13.74 -19.65
N ALA B 156 77.36 -14.30 -20.66
CA ALA B 156 77.01 -15.72 -20.61
C ALA B 156 78.26 -16.59 -20.50
N ASN B 157 79.29 -16.27 -21.28
CA ASN B 157 80.52 -17.05 -21.23
C ASN B 157 81.20 -16.91 -19.87
N ALA B 158 81.28 -15.68 -19.35
CA ALA B 158 81.84 -15.50 -18.02
C ALA B 158 81.11 -16.34 -17.00
N LEU B 159 79.78 -16.35 -17.07
CA LEU B 159 78.99 -17.13 -16.13
C LEU B 159 79.16 -18.64 -16.35
N LYS B 160 79.41 -19.07 -17.58
CA LYS B 160 79.48 -20.50 -17.84
C LYS B 160 80.71 -21.13 -17.17
N GLU B 161 81.82 -20.40 -17.07
CA GLU B 161 83.04 -20.90 -16.44
C GLU B 161 83.24 -20.39 -15.02
N SER B 162 82.27 -19.64 -14.48
CA SER B 162 82.40 -19.06 -13.15
C SER B 162 81.19 -19.32 -12.26
N TYR B 163 80.21 -20.08 -12.74
CA TYR B 163 78.99 -20.32 -11.99
C TYR B 163 79.12 -21.54 -11.07
N ALA B 164 78.69 -21.38 -9.83
CA ALA B 164 78.56 -22.47 -8.87
C ALA B 164 77.10 -22.57 -8.48
N GLU B 165 76.60 -23.81 -8.36
CA GLU B 165 75.17 -24.02 -8.17
C GLU B 165 74.68 -23.40 -6.86
N ASN B 166 75.19 -23.90 -5.73
CA ASN B 166 74.78 -23.41 -4.41
C ASN B 166 75.69 -22.31 -3.87
N ALA B 167 76.07 -21.34 -4.69
CA ALA B 167 76.94 -20.28 -4.20
C ALA B 167 76.24 -19.45 -3.13
N SER B 168 77.05 -18.72 -2.37
CA SER B 168 76.57 -17.80 -1.36
C SER B 168 76.19 -16.46 -1.99
N LEU B 169 75.51 -15.63 -1.20
CA LEU B 169 75.07 -14.33 -1.70
C LEU B 169 76.24 -13.47 -2.15
N THR B 170 77.27 -13.34 -1.32
CA THR B 170 78.43 -12.54 -1.71
C THR B 170 79.13 -13.16 -2.91
N ASP B 171 79.29 -14.47 -2.91
CA ASP B 171 79.96 -15.16 -4.01
C ASP B 171 79.20 -14.94 -5.31
N ALA B 172 77.90 -15.21 -5.30
CA ALA B 172 77.09 -15.05 -6.50
C ALA B 172 77.10 -13.60 -6.96
N LEU B 173 77.06 -12.66 -6.02
CA LEU B 173 77.09 -11.26 -6.38
C LEU B 173 78.40 -10.91 -7.08
N ARG B 174 79.53 -11.39 -6.55
CA ARG B 174 80.80 -11.06 -7.16
C ARG B 174 80.91 -11.64 -8.56
N ILE B 175 80.42 -12.87 -8.78
CA ILE B 175 80.51 -13.39 -10.14
C ILE B 175 79.54 -12.65 -11.04
N ALA B 176 78.41 -12.19 -10.50
CA ALA B 176 77.46 -11.47 -11.33
C ALA B 176 78.05 -10.14 -11.80
N VAL B 177 78.61 -9.34 -10.88
CA VAL B 177 79.19 -8.07 -11.29
C VAL B 177 80.39 -8.29 -12.19
N ALA B 178 81.20 -9.31 -11.88
CA ALA B 178 82.34 -9.64 -12.73
C ALA B 178 81.89 -9.98 -14.15
N ALA B 179 80.89 -10.85 -14.27
CA ALA B 179 80.37 -11.24 -15.58
C ALA B 179 79.79 -10.04 -16.31
N LEU B 180 79.13 -9.14 -15.59
CA LEU B 180 78.59 -7.95 -16.25
C LEU B 180 79.71 -7.11 -16.83
N ARG B 181 80.70 -6.78 -15.98
CA ARG B 181 81.85 -5.97 -16.40
C ARG B 181 82.54 -6.54 -17.64
N ALA B 182 82.51 -7.87 -17.81
CA ALA B 182 83.13 -8.50 -18.97
C ALA B 182 82.50 -8.03 -20.27
N LEU B 195 81.85 -0.31 -11.94
CA LEU B 195 80.56 -0.85 -11.51
C LEU B 195 80.47 -0.93 -9.99
N GLY B 196 79.77 0.04 -9.41
CA GLY B 196 79.65 0.12 -7.96
C GLY B 196 78.26 0.45 -7.48
N VAL B 197 78.13 0.71 -6.18
CA VAL B 197 76.84 0.86 -5.53
C VAL B 197 76.25 2.23 -5.86
N ALA B 198 76.60 2.77 -7.02
CA ALA B 198 75.86 3.92 -7.55
C ALA B 198 75.69 3.81 -9.06
N SER B 199 75.90 2.63 -9.62
CA SER B 199 75.61 2.37 -11.03
C SER B 199 74.92 1.02 -11.18
N LEU B 200 74.57 0.37 -10.07
CA LEU B 200 73.97 -0.95 -10.08
C LEU B 200 72.62 -0.92 -9.36
N GLU B 201 71.74 -1.80 -9.82
CA GLU B 201 70.48 -2.12 -9.15
C GLU B 201 70.54 -3.58 -8.78
N VAL B 202 70.37 -3.87 -7.49
CA VAL B 202 70.55 -5.22 -6.98
C VAL B 202 69.35 -5.58 -6.12
N ALA B 203 68.82 -6.78 -6.31
CA ALA B 203 67.73 -7.28 -5.49
C ALA B 203 67.79 -8.79 -5.47
N VAL B 204 67.06 -9.38 -4.53
CA VAL B 204 67.09 -10.82 -4.31
C VAL B 204 65.68 -11.34 -4.04
N LEU B 205 65.43 -12.55 -4.54
CA LEU B 205 64.35 -13.41 -4.06
C LEU B 205 64.93 -14.30 -2.98
N ASP B 206 64.68 -13.93 -1.73
CA ASP B 206 65.27 -14.58 -0.56
C ASP B 206 64.31 -15.64 -0.05
N ALA B 207 64.64 -16.92 -0.31
CA ALA B 207 63.79 -18.03 0.05
C ALA B 207 63.57 -18.15 1.56
N ASN B 208 64.23 -17.30 2.33
CA ASN B 208 64.11 -17.33 3.78
C ASN B 208 63.04 -16.39 4.32
N ARG B 209 62.45 -15.56 3.48
CA ARG B 209 61.41 -14.68 3.98
C ARG B 209 60.12 -15.46 4.20
N PRO B 210 59.37 -15.17 5.26
CA PRO B 210 58.16 -15.97 5.52
C PRO B 210 57.11 -15.81 4.43
N ARG B 211 56.85 -14.58 3.97
CA ARG B 211 55.92 -14.41 2.86
C ARG B 211 56.56 -13.72 1.66
N ARG B 212 56.76 -12.40 1.73
CA ARG B 212 57.25 -11.66 0.57
C ARG B 212 58.76 -11.80 0.49
N ALA B 213 59.23 -12.50 -0.54
CA ALA B 213 60.64 -12.81 -0.66
C ALA B 213 61.45 -11.68 -1.25
N PHE B 214 60.82 -10.79 -2.02
CA PHE B 214 61.56 -9.76 -2.74
C PHE B 214 62.17 -8.76 -1.78
N ARG B 215 63.50 -8.70 -1.77
CA ARG B 215 64.23 -7.76 -0.93
C ARG B 215 65.24 -7.02 -1.79
N ARG B 216 65.29 -5.69 -1.64
CA ARG B 216 66.32 -4.91 -2.30
C ARG B 216 67.55 -4.79 -1.41
N ILE B 217 68.70 -4.66 -2.06
CA ILE B 217 69.97 -4.46 -1.39
C ILE B 217 70.57 -3.18 -1.96
N THR B 218 70.63 -2.11 -1.15
CA THR B 218 71.04 -0.80 -1.66
C THR B 218 71.99 -0.13 -0.69
N GLY B 219 72.80 0.77 -1.25
CA GLY B 219 73.63 1.66 -0.44
C GLY B 219 74.59 0.91 0.45
N SER B 220 74.57 1.28 1.74
CA SER B 220 75.52 0.73 2.71
C SER B 220 75.47 -0.79 2.75
N ALA B 221 74.26 -1.36 2.78
CA ALA B 221 74.13 -2.81 2.79
C ALA B 221 74.79 -3.42 1.56
N LEU B 222 74.48 -2.88 0.38
CA LEU B 222 75.09 -3.37 -0.86
C LEU B 222 76.58 -3.13 -0.85
N GLN B 223 76.98 -1.94 -0.39
CA GLN B 223 78.39 -1.58 -0.29
C GLN B 223 79.14 -2.62 0.52
N ALA B 224 78.53 -3.09 1.61
CA ALA B 224 79.15 -4.10 2.45
C ALA B 224 79.52 -5.34 1.65
N LEU B 225 78.67 -5.73 0.71
CA LEU B 225 78.98 -6.89 -0.11
C LEU B 225 80.07 -6.55 -1.14
N LEU B 226 81.13 -5.90 -0.67
CA LEU B 226 82.35 -5.71 -1.44
C LEU B 226 83.60 -6.04 -0.64
N VAL B 227 83.46 -6.50 0.59
CA VAL B 227 84.60 -6.91 1.40
C VAL B 227 85.12 -8.27 0.92
N MET C 1 46.66 -11.53 -55.01
CA MET C 1 46.78 -11.70 -53.57
C MET C 1 47.18 -13.12 -53.21
N GLU C 2 47.18 -14.01 -54.21
CA GLU C 2 47.47 -15.41 -53.93
C GLU C 2 48.89 -15.60 -53.42
N GLN C 3 49.80 -14.67 -53.77
CA GLN C 3 51.13 -14.75 -53.18
C GLN C 3 51.15 -14.18 -51.77
N ALA C 4 50.33 -13.17 -51.48
CA ALA C 4 50.20 -12.73 -50.08
C ALA C 4 49.87 -13.93 -49.20
N MET C 5 48.91 -14.75 -49.64
CA MET C 5 48.61 -15.98 -48.93
C MET C 5 49.75 -16.97 -49.03
N ARG C 6 50.60 -16.83 -50.05
CA ARG C 6 51.75 -17.72 -50.16
C ARG C 6 52.88 -17.26 -49.25
N GLU C 7 53.08 -15.94 -49.11
CA GLU C 7 53.98 -15.47 -48.06
C GLU C 7 53.51 -15.95 -46.68
N ARG C 8 52.21 -15.87 -46.41
CA ARG C 8 51.72 -16.36 -45.13
C ARG C 8 51.98 -17.86 -44.97
N SER C 9 51.57 -18.65 -45.97
CA SER C 9 51.80 -20.09 -45.93
C SER C 9 53.27 -20.42 -45.67
N GLU C 10 54.17 -19.80 -46.41
CA GLU C 10 55.59 -20.06 -46.21
C GLU C 10 56.04 -19.70 -44.80
N LEU C 11 55.59 -18.55 -44.27
CA LEU C 11 55.98 -18.18 -42.93
C LEU C 11 55.60 -19.26 -41.92
N ALA C 12 54.36 -19.74 -42.01
CA ALA C 12 53.94 -20.78 -41.07
C ALA C 12 54.72 -22.07 -41.27
N ARG C 13 54.87 -22.49 -42.53
CA ARG C 13 55.56 -23.74 -42.84
C ARG C 13 56.98 -23.74 -42.30
N LYS C 14 57.70 -22.63 -42.51
CA LYS C 14 59.06 -22.52 -41.99
C LYS C 14 59.06 -22.53 -40.47
N GLY C 15 58.15 -21.78 -39.85
CA GLY C 15 58.08 -21.77 -38.41
C GLY C 15 57.91 -23.16 -37.83
N ILE C 16 57.06 -23.98 -38.44
CA ILE C 16 56.86 -25.34 -37.95
C ILE C 16 58.11 -26.16 -38.22
N ALA C 17 58.77 -25.92 -39.35
CA ALA C 17 59.98 -26.67 -39.67
C ALA C 17 61.07 -26.45 -38.63
N ARG C 18 61.23 -25.21 -38.16
CA ARG C 18 62.31 -24.90 -37.23
C ARG C 18 62.09 -25.46 -35.83
N ALA C 19 60.93 -26.02 -35.54
CA ALA C 19 60.57 -26.35 -34.16
C ALA C 19 60.65 -27.85 -33.93
N LYS C 20 60.64 -28.22 -32.65
CA LYS C 20 60.77 -29.62 -32.23
C LYS C 20 59.67 -30.48 -32.83
N SER C 21 59.91 -31.77 -32.85
CA SER C 21 59.00 -32.72 -33.49
C SER C 21 58.15 -33.44 -32.45
N VAL C 22 56.98 -33.92 -32.91
CA VAL C 22 56.00 -34.55 -32.04
C VAL C 22 55.38 -35.71 -32.81
N VAL C 23 55.15 -36.81 -32.11
CA VAL C 23 54.52 -37.99 -32.69
C VAL C 23 53.39 -38.44 -31.78
N ALA C 24 52.29 -38.86 -32.38
CA ALA C 24 51.16 -39.46 -31.66
C ALA C 24 50.70 -40.67 -32.46
N LEU C 25 50.64 -41.82 -31.80
CA LEU C 25 50.27 -43.03 -32.52
C LEU C 25 49.35 -43.88 -31.67
N ALA C 26 48.42 -44.55 -32.34
CA ALA C 26 47.44 -45.41 -31.68
C ALA C 26 48.04 -46.75 -31.34
N TYR C 27 47.80 -47.22 -30.11
CA TYR C 27 48.22 -48.54 -29.67
C TYR C 27 47.07 -49.22 -28.94
N ALA C 28 47.30 -50.46 -28.51
CA ALA C 28 46.22 -51.28 -28.00
C ALA C 28 45.55 -50.67 -26.78
N GLY C 29 46.29 -49.89 -26.00
CA GLY C 29 45.76 -49.28 -24.81
C GLY C 29 45.19 -47.91 -25.01
N GLY C 30 45.24 -47.37 -26.23
CA GLY C 30 44.75 -46.03 -26.48
C GLY C 30 45.60 -45.25 -27.45
N VAL C 31 46.07 -44.08 -27.04
CA VAL C 31 46.91 -43.25 -27.89
C VAL C 31 48.14 -42.83 -27.10
N LEU C 32 49.28 -42.77 -27.78
CA LEU C 32 50.55 -42.41 -27.16
C LEU C 32 51.06 -41.11 -27.77
N PHE C 33 51.44 -40.17 -26.91
CA PHE C 33 52.04 -38.90 -27.29
C PHE C 33 53.48 -38.87 -26.83
N VAL C 34 54.42 -38.70 -27.77
CA VAL C 34 55.83 -38.52 -27.44
C VAL C 34 56.34 -37.31 -28.21
N ALA C 35 56.98 -36.39 -27.52
CA ALA C 35 57.42 -35.14 -28.11
C ALA C 35 58.81 -34.80 -27.64
N GLU C 36 59.65 -34.30 -28.56
CA GLU C 36 60.93 -33.75 -28.15
C GLU C 36 60.69 -32.47 -27.36
N ASN C 37 61.07 -32.47 -26.09
CA ASN C 37 60.79 -31.35 -25.21
C ASN C 37 61.86 -31.32 -24.14
N PRO C 38 62.87 -30.45 -24.28
CA PRO C 38 63.87 -30.35 -23.22
C PRO C 38 63.33 -29.68 -21.98
N SER C 39 62.31 -28.83 -22.12
CA SER C 39 61.83 -28.05 -20.99
C SER C 39 61.20 -28.94 -19.94
N ARG C 40 61.31 -28.50 -18.69
CA ARG C 40 60.72 -29.20 -17.58
C ARG C 40 59.36 -28.66 -17.18
N SER C 41 58.99 -27.45 -17.65
CA SER C 41 57.73 -26.84 -17.25
C SER C 41 56.82 -26.46 -18.41
N LEU C 42 57.31 -26.44 -19.64
CA LEU C 42 56.50 -26.08 -20.79
C LEU C 42 56.02 -27.34 -21.48
N GLN C 43 54.70 -27.47 -21.63
CA GLN C 43 54.09 -28.71 -22.06
C GLN C 43 53.49 -28.54 -23.46
N LYS C 44 53.83 -29.47 -24.34
CA LYS C 44 53.30 -29.48 -25.69
C LYS C 44 52.14 -30.44 -25.87
N ILE C 45 51.87 -31.28 -24.88
CA ILE C 45 50.80 -32.26 -24.91
C ILE C 45 49.90 -32.01 -23.71
N SER C 46 48.60 -32.04 -23.96
CA SER C 46 47.65 -31.66 -22.91
C SER C 46 46.36 -32.44 -23.06
N GLU C 47 45.65 -32.49 -21.95
CA GLU C 47 44.29 -33.01 -21.93
C GLU C 47 43.34 -31.94 -22.41
N LEU C 48 42.39 -32.32 -23.26
CA LEU C 48 41.29 -31.45 -23.64
C LEU C 48 40.00 -31.83 -22.94
N TYR C 49 39.59 -33.08 -23.04
CA TYR C 49 38.39 -33.52 -22.36
C TYR C 49 38.59 -34.97 -21.93
N ASP C 50 37.58 -35.53 -21.27
CA ASP C 50 37.69 -36.84 -20.65
C ASP C 50 38.46 -37.81 -21.51
N ARG C 51 38.07 -37.97 -22.77
CA ARG C 51 38.68 -38.94 -23.66
C ARG C 51 39.38 -38.28 -24.83
N VAL C 52 39.69 -36.99 -24.73
CA VAL C 52 40.25 -36.24 -25.85
C VAL C 52 41.54 -35.58 -25.40
N GLY C 53 42.61 -35.81 -26.18
CA GLY C 53 43.91 -35.25 -25.89
C GLY C 53 44.45 -34.41 -27.03
N PHE C 54 45.46 -33.60 -26.73
CA PHE C 54 45.93 -32.54 -27.60
C PHE C 54 47.44 -32.55 -27.66
N ALA C 55 47.99 -32.43 -28.86
CA ALA C 55 49.42 -32.31 -29.03
C ALA C 55 49.71 -31.31 -30.13
N ALA C 56 50.79 -30.56 -29.98
CA ALA C 56 51.07 -29.51 -30.94
C ALA C 56 52.57 -29.36 -31.14
N ALA C 57 52.91 -28.83 -32.31
CA ALA C 57 54.29 -28.45 -32.59
C ALA C 57 54.29 -27.04 -33.17
N GLY C 58 55.32 -26.28 -32.84
CA GLY C 58 55.43 -24.93 -33.36
C GLY C 58 55.72 -23.88 -32.30
N LYS C 59 55.22 -22.67 -32.49
CA LYS C 59 55.49 -21.59 -31.56
C LYS C 59 54.66 -21.76 -30.30
N PHE C 60 55.32 -21.71 -29.13
CA PHE C 60 54.65 -22.10 -27.90
C PHE C 60 53.44 -21.22 -27.60
N ASN C 61 53.61 -19.90 -27.56
CA ASN C 61 52.51 -19.04 -27.16
C ASN C 61 51.29 -19.24 -28.05
N GLU C 62 51.51 -19.51 -29.33
CA GLU C 62 50.38 -19.63 -30.23
C GLU C 62 49.65 -20.95 -30.06
N PHE C 63 50.36 -22.09 -30.06
CA PHE C 63 49.61 -23.32 -29.90
C PHE C 63 49.11 -23.49 -28.47
N ASP C 64 49.68 -22.76 -27.52
CA ASP C 64 49.12 -22.73 -26.18
C ASP C 64 47.84 -21.93 -26.15
N ASN C 65 47.79 -20.81 -26.86
CA ASN C 65 46.51 -20.11 -27.05
C ASN C 65 45.46 -21.07 -27.61
N LEU C 66 45.82 -21.82 -28.66
CA LEU C 66 44.85 -22.75 -29.23
C LEU C 66 44.47 -23.85 -28.24
N ARG C 67 45.41 -24.28 -27.40
CA ARG C 67 45.07 -25.29 -26.42
C ARG C 67 44.04 -24.76 -25.43
N ARG C 68 44.27 -23.56 -24.88
CA ARG C 68 43.32 -22.97 -23.96
C ARG C 68 41.97 -22.75 -24.63
N GLY C 69 41.98 -22.28 -25.87
CA GLY C 69 40.73 -22.12 -26.58
C GLY C 69 39.99 -23.43 -26.75
N GLY C 70 40.72 -24.51 -27.00
CA GLY C 70 40.08 -25.81 -27.10
C GLY C 70 39.50 -26.28 -25.79
N ILE C 71 40.23 -26.06 -24.69
CA ILE C 71 39.71 -26.40 -23.37
C ILE C 71 38.45 -25.58 -23.07
N GLN C 72 38.47 -24.29 -23.37
CA GLN C 72 37.27 -23.47 -23.22
C GLN C 72 36.11 -24.05 -24.00
N PHE C 73 36.32 -24.32 -25.29
CA PHE C 73 35.24 -24.86 -26.10
C PHE C 73 34.70 -26.15 -25.51
N ALA C 74 35.60 -27.07 -25.15
CA ALA C 74 35.17 -28.37 -24.65
C ALA C 74 34.39 -28.23 -23.34
N ASP C 75 34.96 -27.55 -22.35
CA ASP C 75 34.27 -27.42 -21.08
C ASP C 75 32.94 -26.71 -21.25
N THR C 76 32.91 -25.66 -22.08
CA THR C 76 31.66 -24.92 -22.27
C THR C 76 30.60 -25.79 -22.89
N ARG C 77 30.94 -26.51 -23.97
CA ARG C 77 29.96 -27.36 -24.63
C ARG C 77 29.50 -28.48 -23.73
N GLY C 78 30.44 -29.10 -23.01
CA GLY C 78 30.10 -30.18 -22.11
C GLY C 78 29.15 -29.74 -21.01
N TYR C 79 29.32 -28.51 -20.54
CA TYR C 79 28.40 -27.94 -19.56
C TYR C 79 27.04 -27.63 -20.19
N ALA C 80 27.05 -26.99 -21.37
CA ALA C 80 25.82 -26.58 -22.01
C ALA C 80 24.94 -27.74 -22.43
N TYR C 81 25.54 -28.87 -22.82
CA TYR C 81 24.78 -30.05 -23.19
C TYR C 81 25.11 -31.15 -22.21
N ASP C 82 26.15 -31.95 -22.45
CA ASP C 82 26.58 -33.03 -21.58
C ASP C 82 27.96 -33.47 -22.05
N ARG C 83 28.71 -34.08 -21.13
CA ARG C 83 30.09 -34.40 -21.44
C ARG C 83 30.18 -35.38 -22.61
N ARG C 84 29.23 -36.31 -22.70
CA ARG C 84 29.28 -37.32 -23.74
C ARG C 84 29.11 -36.72 -25.12
N ASP C 85 28.62 -35.49 -25.20
CA ASP C 85 28.42 -34.81 -26.47
C ASP C 85 29.71 -34.21 -27.02
N VAL C 86 30.74 -34.09 -26.20
CA VAL C 86 32.04 -33.62 -26.63
C VAL C 86 32.75 -34.76 -27.35
N THR C 87 33.18 -34.52 -28.58
CA THR C 87 33.74 -35.55 -29.43
C THR C 87 35.06 -35.06 -30.02
N GLY C 88 35.86 -36.01 -30.49
CA GLY C 88 37.08 -35.65 -31.17
C GLY C 88 36.83 -34.87 -32.45
N ARG C 89 35.90 -35.38 -33.29
CA ARG C 89 35.59 -34.69 -34.54
C ARG C 89 35.23 -33.24 -34.27
N GLN C 90 34.52 -32.99 -33.17
CA GLN C 90 34.08 -31.64 -32.85
C GLN C 90 35.28 -30.73 -32.60
N LEU C 91 36.18 -31.14 -31.69
CA LEU C 91 37.33 -30.31 -31.37
C LEU C 91 38.22 -30.11 -32.60
N ALA C 92 38.44 -31.16 -33.38
CA ALA C 92 39.22 -30.99 -34.60
C ALA C 92 38.57 -30.00 -35.54
N ASN C 93 37.24 -30.11 -35.71
CA ASN C 93 36.51 -29.24 -36.62
C ASN C 93 36.60 -27.78 -36.18
N VAL C 94 36.43 -27.53 -34.88
CA VAL C 94 36.51 -26.14 -34.43
C VAL C 94 37.93 -25.65 -34.60
N TYR C 95 38.93 -26.53 -34.46
CA TYR C 95 40.30 -26.10 -34.70
C TYR C 95 40.52 -25.75 -36.16
N ALA C 96 39.94 -26.52 -37.08
CA ALA C 96 40.04 -26.16 -38.48
C ALA C 96 39.45 -24.78 -38.72
N GLN C 97 38.23 -24.55 -38.23
CA GLN C 97 37.60 -23.25 -38.40
C GLN C 97 38.46 -22.14 -37.82
N THR C 98 38.95 -22.32 -36.60
CA THR C 98 39.68 -21.28 -35.91
C THR C 98 40.99 -20.97 -36.61
N LEU C 99 41.79 -22.00 -36.90
CA LEU C 99 43.07 -21.77 -37.57
C LEU C 99 42.88 -21.20 -38.97
N GLY C 100 41.78 -21.56 -39.65
CA GLY C 100 41.47 -20.90 -40.90
C GLY C 100 41.26 -19.41 -40.73
N THR C 101 40.42 -19.03 -39.76
CA THR C 101 40.17 -17.62 -39.51
C THR C 101 41.46 -16.90 -39.15
N ILE C 102 42.26 -17.49 -38.28
CA ILE C 102 43.55 -16.92 -37.94
C ILE C 102 44.39 -16.74 -39.19
N PHE C 103 44.45 -17.77 -40.02
CA PHE C 103 45.35 -17.77 -41.17
C PHE C 103 45.01 -16.67 -42.15
N THR C 104 43.72 -16.40 -42.33
CA THR C 104 43.36 -15.36 -43.30
C THR C 104 43.21 -13.98 -42.68
N GLU C 105 42.99 -13.88 -41.37
CA GLU C 105 42.55 -12.62 -40.78
C GLU C 105 43.48 -12.01 -39.75
N GLN C 106 44.32 -12.80 -39.08
CA GLN C 106 45.13 -12.17 -38.06
C GLN C 106 46.39 -11.56 -38.67
N ALA C 107 47.06 -10.73 -37.86
CA ALA C 107 48.25 -10.02 -38.31
C ALA C 107 49.30 -10.98 -38.84
N LYS C 108 49.55 -12.07 -38.14
CA LYS C 108 50.52 -13.07 -38.54
C LYS C 108 49.89 -14.44 -38.41
N PRO C 109 50.04 -15.32 -39.40
CA PRO C 109 49.49 -16.67 -39.26
C PRO C 109 50.15 -17.41 -38.12
N TYR C 110 49.43 -18.36 -37.54
CA TYR C 110 49.96 -19.14 -36.45
C TYR C 110 50.93 -20.20 -36.96
N GLU C 111 52.12 -20.26 -36.36
CA GLU C 111 53.14 -21.24 -36.73
C GLU C 111 52.97 -22.49 -35.89
N VAL C 112 51.87 -23.20 -36.13
CA VAL C 112 51.51 -24.37 -35.32
C VAL C 112 50.99 -25.50 -36.19
N GLU C 113 51.05 -26.71 -35.64
CA GLU C 113 50.37 -27.88 -36.19
C GLU C 113 49.82 -28.67 -35.02
N LEU C 114 48.56 -29.08 -35.16
CA LEU C 114 47.79 -29.64 -34.04
C LEU C 114 47.37 -31.06 -34.35
N CYS C 115 47.26 -31.85 -33.28
CA CYS C 115 46.69 -33.19 -33.32
C CYS C 115 45.69 -33.32 -32.18
N VAL C 116 44.49 -33.77 -32.52
CA VAL C 116 43.43 -34.05 -31.55
C VAL C 116 43.14 -35.54 -31.62
N ALA C 117 43.20 -36.20 -30.48
CA ALA C 117 43.05 -37.65 -30.44
C ALA C 117 41.93 -38.04 -29.50
N GLU C 118 41.17 -39.06 -29.87
CA GLU C 118 40.10 -39.55 -29.02
C GLU C 118 40.16 -41.06 -28.92
N VAL C 119 39.98 -41.56 -27.70
CA VAL C 119 39.86 -42.98 -27.44
C VAL C 119 38.44 -43.26 -27.02
N ALA C 120 38.09 -44.54 -26.97
CA ALA C 120 36.73 -44.90 -26.61
C ALA C 120 36.48 -44.60 -25.14
N HIS C 121 35.21 -44.43 -24.80
CA HIS C 121 34.85 -44.32 -23.41
C HIS C 121 34.96 -45.69 -22.74
N TYR C 122 35.08 -45.67 -21.41
CA TYR C 122 35.33 -46.90 -20.67
C TYR C 122 34.28 -47.94 -21.01
N GLY C 123 34.73 -49.16 -21.30
CA GLY C 123 33.82 -50.24 -21.60
C GLY C 123 33.28 -50.27 -23.01
N GLU C 124 33.68 -49.31 -23.85
CA GLU C 124 33.25 -49.26 -25.24
C GLU C 124 34.36 -49.77 -26.14
N THR C 125 33.96 -50.33 -27.29
CA THR C 125 34.89 -50.83 -28.29
C THR C 125 34.82 -49.91 -29.50
N LYS C 126 35.85 -49.09 -29.68
CA LYS C 126 35.89 -48.13 -30.77
C LYS C 126 37.34 -47.84 -31.09
N ARG C 127 37.67 -47.86 -32.38
CA ARG C 127 39.06 -47.61 -32.77
C ARG C 127 39.43 -46.16 -32.49
N PRO C 128 40.60 -45.91 -31.92
CA PRO C 128 41.02 -44.53 -31.66
C PRO C 128 40.97 -43.68 -32.91
N GLU C 129 40.84 -42.37 -32.72
CA GLU C 129 40.78 -41.42 -33.81
C GLU C 129 41.88 -40.38 -33.66
N LEU C 130 42.55 -40.08 -34.76
CA LEU C 130 43.57 -39.05 -34.79
C LEU C 130 43.21 -38.03 -35.85
N TYR C 131 43.28 -36.75 -35.49
CA TYR C 131 43.00 -35.67 -36.41
C TYR C 131 44.19 -34.73 -36.42
N ARG C 132 44.58 -34.30 -37.62
CA ARG C 132 45.70 -33.38 -37.77
C ARG C 132 45.19 -32.12 -38.47
N ILE C 133 45.43 -30.98 -37.85
CA ILE C 133 44.99 -29.69 -38.38
C ILE C 133 46.21 -28.80 -38.58
N THR C 134 46.34 -28.24 -39.78
CA THR C 134 47.50 -27.43 -40.16
C THR C 134 47.19 -25.95 -40.10
N TYR C 135 48.25 -25.16 -40.29
CA TYR C 135 48.21 -23.72 -40.04
C TYR C 135 47.16 -22.99 -40.87
N ASP C 136 46.67 -23.59 -41.93
CA ASP C 136 45.71 -22.93 -42.80
C ASP C 136 44.29 -23.44 -42.61
N GLY C 137 44.08 -24.30 -41.62
CA GLY C 137 42.77 -24.86 -41.36
C GLY C 137 42.47 -26.13 -42.12
N SER C 138 43.41 -26.65 -42.90
CA SER C 138 43.21 -27.93 -43.53
C SER C 138 43.17 -29.00 -42.46
N ILE C 139 42.25 -29.93 -42.59
CA ILE C 139 42.01 -30.92 -41.55
C ILE C 139 42.10 -32.28 -42.20
N ALA C 140 42.70 -33.23 -41.48
CA ALA C 140 42.97 -34.54 -42.05
C ALA C 140 42.69 -35.62 -41.03
N ASP C 141 42.03 -36.67 -41.50
CA ASP C 141 41.65 -37.80 -40.67
C ASP C 141 42.73 -38.86 -40.83
N GLU C 142 43.40 -39.20 -39.74
CA GLU C 142 44.48 -40.16 -39.87
C GLU C 142 44.18 -41.39 -39.03
N PRO C 143 44.44 -42.59 -39.55
CA PRO C 143 43.95 -43.80 -38.88
C PRO C 143 44.98 -44.47 -37.98
N HIS C 144 46.26 -44.20 -38.22
CA HIS C 144 47.32 -44.97 -37.55
C HIS C 144 48.24 -44.11 -36.71
N PHE C 145 48.82 -43.05 -37.29
CA PHE C 145 49.74 -42.23 -36.54
C PHE C 145 49.81 -40.85 -37.19
N VAL C 146 50.26 -39.88 -36.41
CA VAL C 146 50.41 -38.51 -36.85
C VAL C 146 51.76 -38.00 -36.41
N VAL C 147 52.42 -37.28 -37.30
CA VAL C 147 53.74 -36.69 -37.09
C VAL C 147 53.64 -35.20 -37.41
N MET C 148 54.22 -34.38 -36.54
CA MET C 148 54.13 -32.94 -36.72
C MET C 148 55.45 -32.29 -36.31
N GLY C 149 55.83 -31.25 -37.06
CA GLY C 149 56.94 -30.40 -36.67
C GLY C 149 58.32 -30.86 -37.06
N GLY C 150 59.18 -29.91 -37.40
CA GLY C 150 60.52 -30.25 -37.81
C GLY C 150 60.54 -30.93 -39.16
N THR C 151 61.54 -31.78 -39.35
CA THR C 151 61.70 -32.56 -40.57
C THR C 151 60.88 -33.84 -40.42
N THR C 152 59.69 -33.84 -41.02
CA THR C 152 58.71 -34.89 -40.76
C THR C 152 58.91 -36.16 -41.58
N GLU C 153 59.47 -36.06 -42.79
CA GLU C 153 59.51 -37.23 -43.66
C GLU C 153 60.23 -38.42 -43.03
N PRO C 154 61.46 -38.29 -42.51
CA PRO C 154 62.15 -39.47 -41.96
C PRO C 154 61.40 -40.15 -40.82
N ILE C 155 60.80 -39.38 -39.93
CA ILE C 155 60.08 -39.99 -38.82
C ILE C 155 58.81 -40.68 -39.31
N ALA C 156 58.08 -40.05 -40.23
CA ALA C 156 56.86 -40.65 -40.76
C ALA C 156 57.13 -41.97 -41.49
N ASN C 157 58.06 -41.95 -42.46
CA ASN C 157 58.33 -43.20 -43.18
C ASN C 157 58.97 -44.22 -42.25
N ALA C 158 59.87 -43.74 -41.36
CA ALA C 158 60.48 -44.63 -40.37
C ALA C 158 59.41 -45.37 -39.60
N LEU C 159 58.33 -44.68 -39.22
CA LEU C 159 57.23 -45.36 -38.54
C LEU C 159 56.53 -46.34 -39.47
N LYS C 160 56.22 -45.90 -40.70
CA LYS C 160 55.39 -46.75 -41.55
C LYS C 160 56.09 -48.05 -41.94
N GLU C 161 57.42 -48.08 -41.93
CA GLU C 161 58.15 -49.33 -42.11
C GLU C 161 58.24 -50.14 -40.82
N SER C 162 57.71 -49.61 -39.73
CA SER C 162 57.93 -50.21 -38.42
C SER C 162 56.73 -50.14 -37.50
N TYR C 163 55.59 -49.59 -37.95
CA TYR C 163 54.40 -49.49 -37.13
C TYR C 163 53.56 -50.76 -37.27
N ALA C 164 53.19 -51.32 -36.13
CA ALA C 164 52.22 -52.41 -36.08
C ALA C 164 51.08 -52.00 -35.16
N GLU C 165 49.86 -52.29 -35.60
CA GLU C 165 48.68 -51.92 -34.83
C GLU C 165 48.64 -52.72 -33.52
N ASN C 166 47.89 -52.20 -32.56
CA ASN C 166 47.72 -52.84 -31.24
C ASN C 166 49.05 -53.20 -30.61
N ALA C 167 50.03 -52.31 -30.74
CA ALA C 167 51.32 -52.53 -30.10
C ALA C 167 51.17 -52.46 -28.58
N SER C 168 52.20 -52.93 -27.88
CA SER C 168 52.20 -52.78 -26.44
C SER C 168 52.67 -51.39 -26.06
N LEU C 169 52.44 -51.00 -24.80
CA LEU C 169 52.83 -49.67 -24.35
C LEU C 169 54.34 -49.47 -24.50
N THR C 170 55.14 -50.43 -24.03
CA THR C 170 56.59 -50.33 -24.21
C THR C 170 56.95 -50.40 -25.69
N ASP C 171 56.30 -51.32 -26.43
CA ASP C 171 56.56 -51.44 -27.86
C ASP C 171 56.23 -50.14 -28.58
N ALA C 172 55.05 -49.58 -28.32
CA ALA C 172 54.67 -48.32 -28.96
C ALA C 172 55.62 -47.20 -28.59
N LEU C 173 56.03 -47.16 -27.31
CA LEU C 173 56.95 -46.11 -26.88
C LEU C 173 58.28 -46.21 -27.62
N ARG C 174 58.86 -47.42 -27.69
CA ARG C 174 60.19 -47.52 -28.28
C ARG C 174 60.16 -47.43 -29.80
N ILE C 175 59.06 -47.83 -30.45
CA ILE C 175 58.96 -47.49 -31.86
C ILE C 175 58.83 -45.99 -32.01
N ALA C 176 58.16 -45.32 -31.07
CA ALA C 176 58.01 -43.88 -31.18
C ALA C 176 59.34 -43.16 -31.02
N VAL C 177 60.07 -43.44 -29.94
CA VAL C 177 61.34 -42.77 -29.70
C VAL C 177 62.35 -43.16 -30.78
N ALA C 178 62.33 -44.43 -31.20
CA ALA C 178 63.20 -44.86 -32.28
C ALA C 178 62.93 -44.06 -33.53
N ALA C 179 61.65 -43.96 -33.91
CA ALA C 179 61.31 -43.19 -35.10
C ALA C 179 61.73 -41.74 -34.95
N LEU C 180 61.56 -41.17 -33.75
CA LEU C 180 61.93 -39.78 -33.54
C LEU C 180 63.43 -39.57 -33.69
N ARG C 181 64.24 -40.56 -33.29
CA ARG C 181 65.68 -40.41 -33.40
C ARG C 181 66.13 -40.18 -34.84
N ALA C 182 65.31 -40.56 -35.82
CA ALA C 182 65.60 -40.23 -37.21
C ALA C 182 65.47 -38.72 -37.46
N GLY C 183 66.11 -37.92 -36.61
CA GLY C 183 66.06 -36.47 -36.70
C GLY C 183 67.16 -35.80 -35.91
N LEU C 195 67.00 -37.85 -27.03
CA LEU C 195 66.25 -39.09 -26.86
C LEU C 195 66.22 -39.48 -25.38
N GLY C 196 66.46 -38.52 -24.50
CA GLY C 196 66.54 -38.78 -23.08
C GLY C 196 65.29 -38.35 -22.32
N VAL C 197 65.19 -38.84 -21.09
CA VAL C 197 64.04 -38.53 -20.25
C VAL C 197 63.96 -37.03 -19.99
N ALA C 198 65.09 -36.40 -19.72
CA ALA C 198 65.08 -34.95 -19.51
C ALA C 198 65.05 -34.23 -20.84
N SER C 199 64.63 -34.93 -21.90
CA SER C 199 64.44 -34.31 -23.21
C SER C 199 63.15 -34.73 -23.88
N LEU C 200 62.28 -35.49 -23.20
CA LEU C 200 61.04 -35.97 -23.78
C LEU C 200 59.84 -35.56 -22.92
N GLU C 201 58.70 -35.39 -23.60
CA GLU C 201 57.41 -35.31 -22.94
C GLU C 201 56.54 -36.45 -23.45
N VAL C 202 56.01 -37.25 -22.53
CA VAL C 202 55.30 -38.47 -22.88
C VAL C 202 53.99 -38.50 -22.11
N ALA C 203 52.91 -38.83 -22.81
CA ALA C 203 51.61 -38.96 -22.15
C ALA C 203 50.76 -39.93 -22.97
N VAL C 204 49.68 -40.40 -22.36
CA VAL C 204 48.83 -41.40 -22.99
C VAL C 204 47.36 -41.05 -22.77
N LEU C 205 46.54 -41.30 -23.78
CA LEU C 205 45.11 -41.43 -23.63
C LEU C 205 44.86 -42.91 -23.38
N ASP C 206 44.65 -43.25 -22.11
CA ASP C 206 44.54 -44.63 -21.65
C ASP C 206 43.07 -45.01 -21.63
N ALA C 207 42.64 -45.77 -22.62
CA ALA C 207 41.24 -46.15 -22.76
C ALA C 207 40.76 -46.99 -21.59
N ASN C 208 41.66 -47.34 -20.68
CA ASN C 208 41.28 -48.15 -19.53
C ASN C 208 40.93 -47.32 -18.31
N ARG C 209 41.19 -46.03 -18.32
CA ARG C 209 40.78 -45.26 -17.15
C ARG C 209 39.28 -45.00 -17.22
N PRO C 210 38.59 -45.00 -16.07
CA PRO C 210 37.13 -44.86 -16.10
C PRO C 210 36.64 -43.57 -16.71
N ARG C 211 37.07 -42.41 -16.19
CA ARG C 211 36.64 -41.13 -16.73
C ARG C 211 37.76 -40.44 -17.51
N ARG C 212 38.78 -39.90 -16.84
CA ARG C 212 39.77 -39.08 -17.50
C ARG C 212 40.89 -39.99 -18.01
N ALA C 213 40.99 -40.11 -19.34
CA ALA C 213 41.93 -41.05 -19.93
C ALA C 213 43.34 -40.48 -20.00
N PHE C 214 43.48 -39.16 -19.97
CA PHE C 214 44.79 -38.55 -20.12
C PHE C 214 45.64 -38.87 -18.90
N ARG C 215 46.92 -39.16 -19.15
CA ARG C 215 47.82 -39.44 -18.04
C ARG C 215 49.25 -39.25 -18.53
N ARG C 216 50.04 -38.51 -17.77
CA ARG C 216 51.44 -38.33 -18.11
C ARG C 216 52.27 -39.50 -17.62
N ILE C 217 53.37 -39.76 -18.32
CA ILE C 217 54.34 -40.75 -17.91
C ILE C 217 55.65 -39.99 -17.77
N THR C 218 56.12 -39.84 -16.53
CA THR C 218 57.23 -38.95 -16.26
C THR C 218 58.23 -39.59 -15.29
N GLY C 219 59.45 -39.09 -15.36
CA GLY C 219 60.48 -39.41 -14.37
C GLY C 219 60.77 -40.89 -14.25
N SER C 220 60.78 -41.37 -13.00
CA SER C 220 61.17 -42.74 -12.72
C SER C 220 60.31 -43.73 -13.50
N ALA C 221 58.99 -43.52 -13.50
CA ALA C 221 58.08 -44.39 -14.24
C ALA C 221 58.43 -44.41 -15.72
N LEU C 222 58.72 -43.23 -16.29
CA LEU C 222 59.04 -43.15 -17.71
C LEU C 222 60.30 -43.93 -18.04
N GLN C 223 61.36 -43.75 -17.25
CA GLN C 223 62.58 -44.50 -17.50
C GLN C 223 62.36 -45.99 -17.38
N ALA C 224 61.66 -46.43 -16.33
CA ALA C 224 61.39 -47.85 -16.18
C ALA C 224 60.63 -48.39 -17.39
N LEU C 225 59.65 -47.63 -17.88
CA LEU C 225 58.90 -48.07 -19.04
C LEU C 225 59.70 -47.91 -20.32
N LEU C 226 60.85 -47.24 -20.27
CA LEU C 226 61.58 -46.89 -21.48
C LEU C 226 62.17 -48.14 -22.11
N VAL C 227 63.14 -48.76 -21.46
CA VAL C 227 63.70 -50.03 -21.91
C VAL C 227 63.27 -51.13 -20.94
N ASP C 228 63.92 -51.17 -19.78
CA ASP C 228 63.64 -52.18 -18.77
C ASP C 228 63.41 -51.54 -17.41
N MET D 1 41.21 -1.54 -59.36
CA MET D 1 40.56 -2.54 -58.53
C MET D 1 40.17 -3.78 -59.34
N GLU D 2 39.91 -3.59 -60.65
CA GLU D 2 39.58 -4.73 -61.50
C GLU D 2 40.66 -5.81 -61.43
N GLN D 3 41.91 -5.41 -61.24
CA GLN D 3 42.98 -6.38 -61.06
C GLN D 3 42.81 -7.15 -59.75
N ALA D 4 42.53 -6.44 -58.66
CA ALA D 4 42.32 -7.10 -57.38
C ALA D 4 41.22 -8.15 -57.48
N MET D 5 40.11 -7.80 -58.15
CA MET D 5 39.03 -8.76 -58.32
C MET D 5 39.47 -9.95 -59.15
N ARG D 6 40.18 -9.71 -60.26
CA ARG D 6 40.66 -10.84 -61.04
C ARG D 6 41.59 -11.74 -60.23
N GLU D 7 42.35 -11.15 -59.31
CA GLU D 7 43.25 -11.92 -58.47
C GLU D 7 42.47 -12.80 -57.49
N ARG D 8 41.44 -12.23 -56.86
CA ARG D 8 40.57 -13.04 -56.00
C ARG D 8 39.96 -14.18 -56.79
N SER D 9 39.38 -13.86 -57.94
CA SER D 9 38.79 -14.88 -58.80
C SER D 9 39.77 -16.01 -59.07
N GLU D 10 40.98 -15.68 -59.52
CA GLU D 10 41.96 -16.72 -59.81
C GLU D 10 42.27 -17.56 -58.58
N LEU D 11 42.47 -16.92 -57.42
CA LEU D 11 42.76 -17.69 -56.22
C LEU D 11 41.65 -18.69 -55.93
N ALA D 12 40.40 -18.25 -56.03
CA ALA D 12 39.29 -19.14 -55.76
C ALA D 12 39.22 -20.26 -56.78
N ARG D 13 39.31 -19.94 -58.08
CA ARG D 13 39.17 -20.96 -59.10
C ARG D 13 40.27 -22.00 -58.97
N LYS D 14 41.51 -21.59 -58.71
CA LYS D 14 42.56 -22.57 -58.51
C LYS D 14 42.27 -23.43 -57.29
N GLY D 15 41.87 -22.81 -56.18
CA GLY D 15 41.53 -23.57 -54.99
C GLY D 15 40.49 -24.64 -55.26
N ILE D 16 39.45 -24.29 -56.01
CA ILE D 16 38.40 -25.26 -56.30
C ILE D 16 38.92 -26.33 -57.27
N ALA D 17 39.69 -25.91 -58.26
CA ALA D 17 40.23 -26.84 -59.23
C ALA D 17 41.18 -27.83 -58.59
N ARG D 18 41.85 -27.42 -57.51
CA ARG D 18 42.79 -28.28 -56.80
C ARG D 18 42.12 -29.11 -55.71
N ALA D 19 40.84 -29.42 -55.84
CA ALA D 19 40.13 -30.17 -54.81
C ALA D 19 39.37 -31.31 -55.44
N LYS D 20 38.92 -32.23 -54.59
CA LYS D 20 38.19 -33.41 -55.05
C LYS D 20 36.88 -33.00 -55.70
N SER D 21 36.35 -33.89 -56.53
CA SER D 21 35.18 -33.60 -57.35
C SER D 21 33.91 -34.12 -56.67
N VAL D 22 32.78 -33.52 -57.03
CA VAL D 22 31.49 -33.86 -56.45
C VAL D 22 30.44 -33.77 -57.55
N VAL D 23 29.51 -34.71 -57.56
CA VAL D 23 28.44 -34.75 -58.55
C VAL D 23 27.11 -34.94 -57.84
N ALA D 24 26.07 -34.32 -58.39
CA ALA D 24 24.71 -34.50 -57.92
C ALA D 24 23.81 -34.66 -59.12
N LEU D 25 22.97 -35.70 -59.12
CA LEU D 25 22.11 -35.94 -60.28
C LEU D 25 20.74 -36.39 -59.81
N ALA D 26 19.72 -35.95 -60.54
CA ALA D 26 18.35 -36.33 -60.25
C ALA D 26 18.06 -37.71 -60.82
N TYR D 27 17.43 -38.57 -60.02
CA TYR D 27 17.03 -39.89 -60.48
C TYR D 27 15.62 -40.17 -60.01
N ALA D 28 15.10 -41.35 -60.36
CA ALA D 28 13.69 -41.64 -60.16
C ALA D 28 13.29 -41.55 -58.69
N GLY D 29 14.21 -41.80 -57.77
CA GLY D 29 13.88 -41.74 -56.37
C GLY D 29 14.13 -40.41 -55.70
N GLY D 30 14.68 -39.44 -56.41
CA GLY D 30 14.99 -38.17 -55.80
C GLY D 30 16.30 -37.58 -56.30
N VAL D 31 17.25 -37.31 -55.41
CA VAL D 31 18.53 -36.74 -55.81
C VAL D 31 19.66 -37.58 -55.21
N LEU D 32 20.72 -37.78 -55.99
CA LEU D 32 21.88 -38.53 -55.56
C LEU D 32 23.10 -37.63 -55.53
N PHE D 33 23.80 -37.65 -54.40
CA PHE D 33 25.06 -36.95 -54.17
C PHE D 33 26.16 -37.98 -54.08
N VAL D 34 27.17 -37.85 -54.95
CA VAL D 34 28.34 -38.71 -54.91
C VAL D 34 29.58 -37.82 -54.88
N ALA D 35 30.45 -38.06 -53.91
CA ALA D 35 31.61 -37.23 -53.69
C ALA D 35 32.84 -38.07 -53.43
N GLU D 36 33.97 -37.69 -54.03
CA GLU D 36 35.24 -38.28 -53.68
C GLU D 36 35.68 -37.77 -52.31
N ASN D 37 35.83 -38.67 -51.34
CA ASN D 37 36.16 -38.24 -49.99
C ASN D 37 36.90 -39.35 -49.26
N PRO D 38 38.21 -39.21 -49.06
CA PRO D 38 38.94 -40.23 -48.33
C PRO D 38 38.60 -40.28 -46.85
N SER D 39 38.10 -39.18 -46.29
CA SER D 39 37.91 -39.10 -44.85
C SER D 39 36.84 -40.09 -44.39
N ARG D 40 36.87 -40.38 -43.09
CA ARG D 40 35.94 -41.31 -42.48
C ARG D 40 34.85 -40.62 -41.66
N SER D 41 35.10 -39.40 -41.18
CA SER D 41 34.12 -38.70 -40.37
C SER D 41 33.89 -37.26 -40.78
N LEU D 42 34.70 -36.70 -41.68
CA LEU D 42 34.55 -35.33 -42.12
C LEU D 42 33.77 -35.33 -43.44
N GLN D 43 32.66 -34.61 -43.46
CA GLN D 43 31.62 -34.83 -44.45
C GLN D 43 31.49 -33.65 -45.39
N LYS D 44 31.36 -33.95 -46.67
CA LYS D 44 31.25 -32.95 -47.72
C LYS D 44 29.83 -32.82 -48.24
N ILE D 45 28.93 -33.70 -47.79
CA ILE D 45 27.51 -33.67 -48.14
C ILE D 45 26.69 -33.64 -46.86
N SER D 46 25.67 -32.79 -46.83
CA SER D 46 24.92 -32.64 -45.59
C SER D 46 23.47 -32.30 -45.89
N GLU D 47 22.62 -32.59 -44.91
CA GLU D 47 21.24 -32.18 -44.93
C GLU D 47 21.14 -30.72 -44.52
N LEU D 48 20.30 -29.96 -45.21
CA LEU D 48 19.96 -28.61 -44.80
C LEU D 48 18.59 -28.54 -44.15
N TYR D 49 17.58 -29.05 -44.82
CA TYR D 49 16.23 -29.06 -44.28
C TYR D 49 15.54 -30.33 -44.76
N ASP D 50 14.29 -30.49 -44.33
CA ASP D 50 13.52 -31.70 -44.56
C ASP D 50 13.78 -32.31 -45.94
N ARG D 51 13.58 -31.50 -46.97
CA ARG D 51 13.70 -31.97 -48.35
C ARG D 51 14.84 -31.28 -49.09
N VAL D 52 15.75 -30.64 -48.36
CA VAL D 52 16.79 -29.84 -48.99
C VAL D 52 18.14 -30.34 -48.52
N GLY D 53 19.02 -30.63 -49.48
CA GLY D 53 20.33 -31.15 -49.21
C GLY D 53 21.40 -30.27 -49.82
N PHE D 54 22.64 -30.49 -49.37
CA PHE D 54 23.78 -29.62 -49.59
C PHE D 54 24.99 -30.44 -49.98
N ALA D 55 25.73 -29.97 -50.98
CA ALA D 55 26.97 -30.59 -51.37
C ALA D 55 27.96 -29.49 -51.71
N ALA D 56 29.23 -29.73 -51.41
CA ALA D 56 30.21 -28.67 -51.58
C ALA D 56 31.52 -29.26 -52.06
N ALA D 57 32.32 -28.42 -52.71
CA ALA D 57 33.66 -28.77 -53.12
C ALA D 57 34.59 -27.64 -52.72
N GLY D 58 35.81 -27.99 -52.30
CA GLY D 58 36.78 -26.97 -51.98
C GLY D 58 37.41 -27.13 -50.63
N LYS D 59 37.74 -26.01 -50.00
CA LYS D 59 38.40 -26.02 -48.70
C LYS D 59 37.36 -26.35 -47.64
N PHE D 60 37.67 -27.36 -46.81
CA PHE D 60 36.65 -27.94 -45.93
C PHE D 60 36.09 -26.90 -44.96
N ASN D 61 36.95 -26.26 -44.17
CA ASN D 61 36.47 -25.36 -43.13
C ASN D 61 35.57 -24.27 -43.69
N GLU D 62 35.81 -23.83 -44.92
CA GLU D 62 35.02 -22.76 -45.47
C GLU D 62 33.62 -23.25 -45.87
N PHE D 63 33.54 -24.34 -46.63
CA PHE D 63 32.21 -24.79 -47.00
C PHE D 63 31.49 -25.43 -45.83
N ASP D 64 32.19 -25.82 -44.77
CA ASP D 64 31.50 -26.24 -43.56
C ASP D 64 30.91 -25.04 -42.83
N ASN D 65 31.66 -23.92 -42.79
CA ASN D 65 31.06 -22.68 -42.29
C ASN D 65 29.81 -22.33 -43.07
N LEU D 66 29.87 -22.37 -44.40
CA LEU D 66 28.69 -22.05 -45.20
C LEU D 66 27.57 -23.06 -44.96
N ARG D 67 27.93 -24.31 -44.73
CA ARG D 67 26.94 -25.33 -44.45
C ARG D 67 26.18 -24.98 -43.16
N ARG D 68 26.93 -24.67 -42.11
CA ARG D 68 26.30 -24.29 -40.84
C ARG D 68 25.45 -23.04 -41.00
N GLY D 69 25.93 -22.05 -41.75
CA GLY D 69 25.13 -20.87 -41.97
C GLY D 69 23.81 -21.19 -42.67
N GLY D 70 23.85 -22.13 -43.61
CA GLY D 70 22.62 -22.52 -44.29
C GLY D 70 21.66 -23.26 -43.37
N ILE D 71 22.18 -24.14 -42.52
CA ILE D 71 21.33 -24.82 -41.55
C ILE D 71 20.70 -23.81 -40.60
N GLN D 72 21.51 -22.85 -40.11
CA GLN D 72 21.01 -21.76 -39.29
C GLN D 72 19.88 -21.01 -40.00
N PHE D 73 20.10 -20.62 -41.24
CA PHE D 73 19.06 -19.91 -41.99
C PHE D 73 17.80 -20.76 -42.08
N ALA D 74 17.95 -22.02 -42.46
CA ALA D 74 16.80 -22.88 -42.69
C ALA D 74 16.00 -23.05 -41.41
N ASP D 75 16.67 -23.41 -40.31
CA ASP D 75 15.98 -23.60 -39.05
C ASP D 75 15.30 -22.31 -38.60
N THR D 76 15.96 -21.17 -38.79
CA THR D 76 15.36 -19.91 -38.39
C THR D 76 14.10 -19.62 -39.20
N ARG D 77 14.16 -19.79 -40.52
CA ARG D 77 12.98 -19.52 -41.34
C ARG D 77 11.85 -20.49 -41.01
N GLY D 78 12.18 -21.76 -40.82
CA GLY D 78 11.17 -22.74 -40.48
C GLY D 78 10.49 -22.44 -39.16
N TYR D 79 11.25 -21.92 -38.19
CA TYR D 79 10.66 -21.52 -36.92
C TYR D 79 9.81 -20.26 -37.07
N ALA D 80 10.37 -19.24 -37.72
CA ALA D 80 9.67 -17.97 -37.83
C ALA D 80 8.38 -18.06 -38.63
N TYR D 81 8.33 -18.92 -39.64
CA TYR D 81 7.11 -19.10 -40.41
C TYR D 81 6.55 -20.51 -40.27
N ASP D 82 7.02 -21.43 -41.09
CA ASP D 82 6.59 -22.83 -41.05
C ASP D 82 7.55 -23.64 -41.88
N ARG D 83 7.65 -24.93 -41.55
CA ARG D 83 8.67 -25.74 -42.17
C ARG D 83 8.47 -25.86 -43.66
N ARG D 84 7.23 -25.87 -44.13
CA ARG D 84 6.98 -26.00 -45.55
C ARG D 84 7.19 -24.69 -46.31
N ASP D 85 7.53 -23.63 -45.62
CA ASP D 85 7.89 -22.37 -46.26
C ASP D 85 9.37 -22.31 -46.64
N VAL D 86 10.19 -23.20 -46.08
CA VAL D 86 11.59 -23.29 -46.44
C VAL D 86 11.72 -24.04 -47.76
N THR D 87 12.42 -23.44 -48.71
CA THR D 87 12.58 -24.01 -50.04
C THR D 87 14.05 -24.05 -50.40
N GLY D 88 14.39 -24.93 -51.34
CA GLY D 88 15.74 -24.97 -51.85
C GLY D 88 16.11 -23.69 -52.58
N ARG D 89 15.18 -23.18 -53.40
CA ARG D 89 15.37 -21.88 -54.05
C ARG D 89 15.81 -20.82 -53.04
N GLN D 90 15.14 -20.79 -51.89
CA GLN D 90 15.44 -19.82 -50.86
C GLN D 90 16.89 -19.92 -50.41
N LEU D 91 17.32 -21.13 -50.01
CA LEU D 91 18.68 -21.33 -49.52
C LEU D 91 19.72 -21.05 -50.59
N ALA D 92 19.45 -21.44 -51.83
CA ALA D 92 20.37 -21.09 -52.91
C ALA D 92 20.52 -19.58 -53.01
N ASN D 93 19.41 -18.86 -52.90
CA ASN D 93 19.47 -17.40 -52.96
C ASN D 93 20.33 -16.85 -51.83
N VAL D 94 20.16 -17.37 -50.62
CA VAL D 94 20.96 -16.88 -49.50
C VAL D 94 22.43 -17.19 -49.72
N TYR D 95 22.72 -18.34 -50.32
CA TYR D 95 24.10 -18.70 -50.60
C TYR D 95 24.71 -17.78 -51.66
N ALA D 96 23.92 -17.41 -52.67
CA ALA D 96 24.37 -16.44 -53.66
C ALA D 96 24.71 -15.12 -52.99
N GLN D 97 23.78 -14.59 -52.18
CA GLN D 97 24.03 -13.33 -51.48
C GLN D 97 25.29 -13.42 -50.63
N THR D 98 25.39 -14.50 -49.85
CA THR D 98 26.49 -14.64 -48.91
C THR D 98 27.82 -14.75 -49.61
N LEU D 99 27.92 -15.62 -50.62
CA LEU D 99 29.19 -15.75 -51.33
C LEU D 99 29.54 -14.49 -52.09
N GLY D 100 28.55 -13.71 -52.52
CA GLY D 100 28.86 -12.40 -53.06
C GLY D 100 29.52 -11.51 -52.04
N THR D 101 28.92 -11.40 -50.85
CA THR D 101 29.49 -10.56 -49.80
C THR D 101 30.89 -11.04 -49.43
N ILE D 102 31.06 -12.35 -49.23
CA ILE D 102 32.38 -12.90 -48.93
C ILE D 102 33.38 -12.54 -50.00
N PHE D 103 33.00 -12.76 -51.27
CA PHE D 103 33.95 -12.59 -52.37
C PHE D 103 34.41 -11.16 -52.50
N THR D 104 33.52 -10.20 -52.29
CA THR D 104 33.93 -8.82 -52.49
C THR D 104 34.47 -8.17 -51.23
N GLU D 105 34.17 -8.71 -50.06
CA GLU D 105 34.41 -7.96 -48.82
C GLU D 105 35.37 -8.63 -47.85
N GLN D 106 35.56 -9.93 -47.91
CA GLN D 106 36.39 -10.60 -46.91
C GLN D 106 37.87 -10.53 -47.28
N ALA D 107 38.71 -10.86 -46.30
CA ALA D 107 40.16 -10.84 -46.49
C ALA D 107 40.57 -11.74 -47.63
N LYS D 108 40.04 -12.95 -47.68
CA LYS D 108 40.29 -13.90 -48.74
C LYS D 108 38.96 -14.51 -49.17
N PRO D 109 38.72 -14.64 -50.48
CA PRO D 109 37.48 -15.27 -50.92
C PRO D 109 37.41 -16.72 -50.48
N TYR D 110 36.19 -17.24 -50.39
CA TYR D 110 36.03 -18.63 -50.04
C TYR D 110 36.31 -19.49 -51.27
N GLU D 111 37.17 -20.49 -51.10
CA GLU D 111 37.52 -21.40 -52.18
C GLU D 111 36.54 -22.58 -52.18
N VAL D 112 35.29 -22.28 -52.54
CA VAL D 112 34.22 -23.27 -52.44
C VAL D 112 33.30 -23.18 -53.65
N GLU D 113 32.58 -24.28 -53.87
CA GLU D 113 31.50 -24.35 -54.86
C GLU D 113 30.38 -25.17 -54.24
N LEU D 114 29.14 -24.71 -54.36
CA LEU D 114 28.01 -25.27 -53.63
C LEU D 114 26.92 -25.80 -54.56
N CYS D 115 26.21 -26.80 -54.07
CA CYS D 115 25.02 -27.35 -54.70
C CYS D 115 23.93 -27.52 -53.66
N VAL D 116 22.74 -26.98 -53.95
CA VAL D 116 21.58 -27.09 -53.10
C VAL D 116 20.51 -27.83 -53.89
N ALA D 117 19.98 -28.90 -53.32
CA ALA D 117 19.03 -29.75 -54.03
C ALA D 117 17.74 -29.90 -53.22
N GLU D 118 16.62 -29.97 -53.93
CA GLU D 118 15.32 -30.16 -53.29
C GLU D 118 14.52 -31.21 -54.02
N VAL D 119 13.87 -32.10 -53.27
CA VAL D 119 12.93 -33.05 -53.83
C VAL D 119 11.53 -32.66 -53.37
N ALA D 120 10.54 -33.30 -53.96
CA ALA D 120 9.16 -32.99 -53.62
C ALA D 120 8.84 -33.43 -52.20
N HIS D 121 7.79 -32.86 -51.65
CA HIS D 121 7.30 -33.33 -50.37
C HIS D 121 6.59 -34.66 -50.55
N TYR D 122 6.48 -35.41 -49.46
CA TYR D 122 5.94 -36.77 -49.56
C TYR D 122 4.58 -36.77 -50.23
N GLY D 123 4.42 -37.63 -51.23
CA GLY D 123 3.17 -37.81 -51.92
C GLY D 123 2.85 -36.77 -52.97
N GLU D 124 3.71 -35.78 -53.15
CA GLU D 124 3.50 -34.75 -54.15
C GLU D 124 4.34 -35.04 -55.39
N THR D 125 3.89 -34.55 -56.53
CA THR D 125 4.57 -34.76 -57.80
C THR D 125 5.22 -33.44 -58.20
N LYS D 126 6.55 -33.39 -58.13
CA LYS D 126 7.29 -32.20 -58.47
C LYS D 126 8.70 -32.63 -58.85
N ARG D 127 9.21 -32.07 -59.94
CA ARG D 127 10.53 -32.47 -60.40
C ARG D 127 11.60 -31.91 -59.46
N PRO D 128 12.63 -32.69 -59.15
CA PRO D 128 13.70 -32.21 -58.29
C PRO D 128 14.32 -30.91 -58.83
N GLU D 129 14.93 -30.17 -57.92
CA GLU D 129 15.59 -28.92 -58.27
C GLU D 129 17.06 -28.98 -57.85
N LEU D 130 17.94 -28.52 -58.74
CA LEU D 130 19.36 -28.43 -58.46
C LEU D 130 19.84 -27.00 -58.67
N TYR D 131 20.60 -26.50 -57.71
CA TYR D 131 21.16 -25.17 -57.76
C TYR D 131 22.65 -25.24 -57.53
N ARG D 132 23.40 -24.47 -58.31
CA ARG D 132 24.85 -24.40 -58.20
C ARG D 132 25.24 -22.96 -57.91
N ILE D 133 25.99 -22.75 -56.83
CA ILE D 133 26.45 -21.43 -56.42
C ILE D 133 27.97 -21.44 -56.41
N THR D 134 28.57 -20.50 -57.12
CA THR D 134 30.02 -20.47 -57.22
C THR D 134 30.62 -19.42 -56.29
N TYR D 135 31.95 -19.41 -56.22
CA TYR D 135 32.68 -18.66 -55.20
C TYR D 135 32.39 -17.17 -55.22
N ASP D 136 31.84 -16.64 -56.31
CA ASP D 136 31.60 -15.21 -56.43
C ASP D 136 30.12 -14.83 -56.32
N GLY D 137 29.26 -15.78 -55.95
CA GLY D 137 27.85 -15.49 -55.85
C GLY D 137 27.05 -15.69 -57.11
N SER D 138 27.69 -16.14 -58.19
CA SER D 138 26.93 -16.49 -59.37
C SER D 138 26.10 -17.73 -59.07
N ILE D 139 24.87 -17.73 -59.54
CA ILE D 139 23.89 -18.76 -59.21
C ILE D 139 23.38 -19.31 -60.52
N ALA D 140 23.19 -20.63 -60.57
CA ALA D 140 22.79 -21.29 -61.80
C ALA D 140 21.79 -22.37 -61.48
N ASP D 141 20.73 -22.41 -62.28
CA ASP D 141 19.65 -23.36 -62.14
C ASP D 141 19.90 -24.52 -63.10
N GLU D 142 20.07 -25.73 -62.56
CA GLU D 142 20.38 -26.79 -63.52
C GLU D 142 19.37 -27.93 -63.40
N PRO D 143 18.98 -28.53 -64.52
CA PRO D 143 17.80 -29.42 -64.52
C PRO D 143 18.11 -30.89 -64.29
N HIS D 144 19.34 -31.30 -64.54
CA HIS D 144 19.68 -32.72 -64.52
C HIS D 144 20.81 -33.06 -63.57
N PHE D 145 21.94 -32.36 -63.64
CA PHE D 145 23.06 -32.73 -62.79
C PHE D 145 23.99 -31.54 -62.60
N VAL D 146 24.81 -31.63 -61.56
CA VAL D 146 25.78 -30.61 -61.19
C VAL D 146 27.10 -31.29 -60.90
N VAL D 147 28.18 -30.67 -61.37
CA VAL D 147 29.54 -31.13 -61.14
C VAL D 147 30.34 -29.96 -60.56
N MET D 148 31.10 -30.23 -59.50
CA MET D 148 31.83 -29.17 -58.83
C MET D 148 33.19 -29.67 -58.37
N GLY D 149 34.19 -28.83 -58.51
CA GLY D 149 35.51 -29.09 -57.95
C GLY D 149 36.38 -29.92 -58.88
N GLY D 150 37.67 -29.62 -58.85
CA GLY D 150 38.60 -30.34 -59.70
C GLY D 150 38.42 -30.02 -61.17
N THR D 151 38.77 -30.99 -62.01
CA THR D 151 38.63 -30.86 -63.46
C THR D 151 37.22 -31.32 -63.83
N THR D 152 36.34 -30.35 -64.08
CA THR D 152 34.91 -30.65 -64.23
C THR D 152 34.55 -31.13 -65.64
N GLU D 153 35.27 -30.67 -66.67
CA GLU D 153 34.83 -30.96 -68.04
C GLU D 153 34.76 -32.45 -68.36
N PRO D 154 35.75 -33.29 -68.02
CA PRO D 154 35.61 -34.72 -68.32
C PRO D 154 34.38 -35.35 -67.68
N ILE D 155 34.10 -35.00 -66.42
CA ILE D 155 32.95 -35.56 -65.72
C ILE D 155 31.66 -35.04 -66.32
N ALA D 156 31.60 -33.75 -66.61
CA ALA D 156 30.42 -33.17 -67.25
C ALA D 156 30.13 -33.85 -68.57
N ASN D 157 31.16 -34.09 -69.37
CA ASN D 157 30.96 -34.75 -70.66
C ASN D 157 30.48 -36.18 -70.46
N ALA D 158 31.11 -36.91 -69.52
CA ALA D 158 30.67 -38.27 -69.24
C ALA D 158 29.20 -38.32 -68.91
N LEU D 159 28.74 -37.40 -68.06
CA LEU D 159 27.32 -37.37 -67.71
C LEU D 159 26.47 -36.97 -68.91
N LYS D 160 26.94 -36.00 -69.69
CA LYS D 160 26.19 -35.57 -70.87
C LYS D 160 26.01 -36.72 -71.85
N GLU D 161 26.96 -37.65 -71.92
CA GLU D 161 26.90 -38.77 -72.84
C GLU D 161 26.25 -40.00 -72.24
N SER D 162 25.82 -39.93 -70.98
CA SER D 162 25.32 -41.14 -70.33
C SER D 162 24.12 -40.93 -69.43
N TYR D 163 23.64 -39.71 -69.24
CA TYR D 163 22.54 -39.45 -68.32
C TYR D 163 21.21 -39.61 -69.04
N ALA D 164 20.34 -40.43 -68.47
CA ALA D 164 18.95 -40.54 -68.88
C ALA D 164 18.06 -40.26 -67.69
N GLU D 165 16.97 -39.54 -67.94
CA GLU D 165 16.07 -39.14 -66.86
C GLU D 165 15.46 -40.37 -66.19
N ASN D 166 14.93 -40.15 -64.98
CA ASN D 166 14.25 -41.19 -64.19
C ASN D 166 15.02 -42.50 -64.17
N ALA D 167 16.33 -42.40 -64.04
CA ALA D 167 17.15 -43.60 -63.89
C ALA D 167 16.87 -44.26 -62.54
N SER D 168 17.29 -45.51 -62.41
CA SER D 168 17.18 -46.17 -61.13
C SER D 168 18.34 -45.74 -60.24
N LEU D 169 18.23 -46.06 -58.94
CA LEU D 169 19.29 -45.70 -58.02
C LEU D 169 20.62 -46.33 -58.41
N THR D 170 20.60 -47.63 -58.71
CA THR D 170 21.84 -48.32 -59.08
C THR D 170 22.43 -47.75 -60.36
N ASP D 171 21.58 -47.51 -61.36
CA ASP D 171 22.07 -46.94 -62.61
C ASP D 171 22.72 -45.59 -62.37
N ALA D 172 22.03 -44.73 -61.60
CA ALA D 172 22.55 -43.40 -61.30
C ALA D 172 23.85 -43.46 -60.52
N LEU D 173 23.96 -44.38 -59.57
CA LEU D 173 25.21 -44.53 -58.82
C LEU D 173 26.35 -44.95 -59.74
N ARG D 174 26.09 -45.94 -60.59
CA ARG D 174 27.10 -46.43 -61.53
C ARG D 174 27.55 -45.33 -62.48
N ILE D 175 26.62 -44.78 -63.27
CA ILE D 175 26.92 -43.66 -64.16
C ILE D 175 27.66 -42.55 -63.41
N ALA D 176 27.29 -42.33 -62.14
CA ALA D 176 27.91 -41.27 -61.37
C ALA D 176 29.38 -41.56 -61.11
N VAL D 177 29.69 -42.76 -60.62
CA VAL D 177 31.09 -43.11 -60.34
C VAL D 177 31.89 -43.13 -61.63
N ALA D 178 31.26 -43.61 -62.71
CA ALA D 178 31.91 -43.60 -64.02
C ALA D 178 32.29 -42.17 -64.40
N ALA D 179 31.35 -41.25 -64.26
CA ALA D 179 31.66 -39.86 -64.57
C ALA D 179 32.79 -39.36 -63.68
N LEU D 180 32.80 -39.77 -62.41
CA LEU D 180 33.85 -39.30 -61.51
C LEU D 180 35.23 -39.78 -61.95
N ARG D 181 35.32 -41.00 -62.48
CA ARG D 181 36.64 -41.53 -62.81
C ARG D 181 37.30 -40.75 -63.93
N ALA D 182 36.53 -40.06 -64.78
CA ALA D 182 37.12 -39.25 -65.85
C ALA D 182 37.90 -38.05 -65.30
N GLY D 183 37.66 -37.66 -64.06
CA GLY D 183 38.36 -36.52 -63.48
C GLY D 183 39.64 -36.89 -62.75
N LEU D 195 36.06 -46.58 -58.10
CA LEU D 195 36.62 -46.14 -56.83
C LEU D 195 36.15 -47.01 -55.70
N GLY D 196 36.35 -46.54 -54.48
CA GLY D 196 35.99 -47.33 -53.33
C GLY D 196 35.20 -46.66 -52.24
N VAL D 197 34.57 -47.49 -51.44
CA VAL D 197 33.73 -47.01 -50.37
C VAL D 197 34.49 -46.16 -49.39
N ALA D 198 35.72 -46.52 -49.05
CA ALA D 198 36.50 -45.69 -48.16
C ALA D 198 36.76 -44.33 -48.80
N SER D 199 37.05 -44.31 -50.09
CA SER D 199 37.29 -43.09 -50.82
C SER D 199 36.05 -42.37 -51.29
N LEU D 200 34.88 -42.90 -50.99
CA LEU D 200 33.64 -42.23 -51.41
C LEU D 200 32.70 -41.83 -50.30
N GLU D 201 31.89 -40.82 -50.58
CA GLU D 201 30.83 -40.38 -49.69
C GLU D 201 29.61 -40.29 -50.59
N VAL D 202 28.49 -40.87 -50.18
CA VAL D 202 27.29 -40.92 -51.02
C VAL D 202 26.06 -40.73 -50.14
N ALA D 203 25.10 -39.95 -50.63
CA ALA D 203 23.85 -39.76 -49.90
C ALA D 203 22.77 -39.41 -50.91
N VAL D 204 21.52 -39.46 -50.46
CA VAL D 204 20.38 -39.18 -51.34
C VAL D 204 19.37 -38.32 -50.61
N LEU D 205 18.70 -37.48 -51.38
CA LEU D 205 17.41 -36.92 -50.99
C LEU D 205 16.38 -37.90 -51.51
N ASP D 206 15.82 -38.70 -50.60
CA ASP D 206 14.92 -39.80 -50.94
C ASP D 206 13.50 -39.25 -50.90
N ALA D 207 12.93 -39.03 -52.06
CA ALA D 207 11.63 -38.43 -52.15
C ALA D 207 10.57 -39.25 -51.50
N ASN D 208 10.82 -40.53 -51.32
CA ASN D 208 9.81 -41.37 -50.70
C ASN D 208 9.83 -41.40 -49.19
N ARG D 209 10.83 -40.79 -48.57
CA ARG D 209 10.85 -40.74 -47.13
C ARG D 209 9.77 -39.76 -46.72
N PRO D 210 9.02 -40.12 -45.71
CA PRO D 210 7.92 -39.29 -45.26
C PRO D 210 8.27 -37.93 -44.70
N ARG D 211 9.26 -37.82 -43.85
CA ARG D 211 9.57 -36.50 -43.38
C ARG D 211 10.91 -35.94 -43.76
N ARG D 212 11.99 -36.61 -43.39
CA ARG D 212 13.29 -36.08 -43.74
C ARG D 212 13.74 -36.96 -44.85
N ALA D 213 14.13 -36.35 -45.95
CA ALA D 213 14.50 -37.09 -47.15
C ALA D 213 15.98 -37.47 -47.20
N PHE D 214 16.84 -36.78 -46.47
CA PHE D 214 18.27 -37.05 -46.54
C PHE D 214 18.56 -38.43 -45.96
N ARG D 215 19.47 -39.16 -46.61
CA ARG D 215 19.70 -40.56 -46.28
C ARG D 215 21.10 -40.94 -46.77
N ARG D 216 21.99 -41.28 -45.84
CA ARG D 216 23.33 -41.69 -46.21
C ARG D 216 23.36 -43.16 -46.61
N ILE D 217 24.31 -43.50 -47.49
CA ILE D 217 24.55 -44.87 -47.91
C ILE D 217 26.00 -45.18 -47.57
N THR D 218 26.21 -46.11 -46.64
CA THR D 218 27.54 -46.38 -46.11
C THR D 218 27.77 -47.87 -45.97
N GLY D 219 29.04 -48.25 -45.94
CA GLY D 219 29.45 -49.60 -45.59
C GLY D 219 28.87 -50.67 -46.48
N SER D 220 28.34 -51.72 -45.84
CA SER D 220 27.84 -52.87 -46.60
C SER D 220 26.78 -52.45 -47.61
N ALA D 221 25.85 -51.58 -47.21
CA ALA D 221 24.82 -51.11 -48.13
C ALA D 221 25.43 -50.48 -49.37
N LEU D 222 26.40 -49.57 -49.17
CA LEU D 222 27.01 -48.89 -50.30
C LEU D 222 27.77 -49.85 -51.19
N GLN D 223 28.58 -50.72 -50.59
CA GLN D 223 29.34 -51.68 -51.40
C GLN D 223 28.39 -52.55 -52.19
N ALA D 224 27.27 -52.97 -51.57
CA ALA D 224 26.26 -53.74 -52.28
C ALA D 224 25.72 -52.98 -53.48
N LEU D 225 25.50 -51.67 -53.31
CA LEU D 225 24.99 -50.87 -54.43
C LEU D 225 26.05 -50.69 -55.51
N LEU D 226 27.31 -50.56 -55.11
CA LEU D 226 28.41 -50.53 -56.07
C LEU D 226 28.62 -51.90 -56.68
N VAL D 227 28.42 -52.01 -58.00
CA VAL D 227 28.57 -53.26 -58.75
C VAL D 227 27.99 -54.47 -58.02
N MET E 1 42.28 8.30 -57.79
CA MET E 1 40.94 8.87 -57.71
C MET E 1 40.23 8.79 -59.06
N GLU E 2 40.67 9.63 -60.00
CA GLU E 2 40.11 9.60 -61.35
C GLU E 2 40.18 8.20 -61.93
N GLN E 3 41.34 7.56 -61.79
CA GLN E 3 41.49 6.20 -62.29
C GLN E 3 40.66 5.20 -61.48
N ALA E 4 40.46 5.46 -60.18
CA ALA E 4 39.65 4.56 -59.38
C ALA E 4 38.21 4.57 -59.89
N MET E 5 37.65 5.75 -60.13
CA MET E 5 36.29 5.83 -60.64
C MET E 5 36.18 5.32 -62.07
N ARG E 6 37.22 5.52 -62.88
CA ARG E 6 37.19 4.93 -64.22
C ARG E 6 37.19 3.42 -64.14
N GLU E 7 37.99 2.85 -63.24
CA GLU E 7 38.08 1.40 -63.14
C GLU E 7 36.78 0.81 -62.61
N ARG E 8 36.17 1.46 -61.63
CA ARG E 8 34.86 1.02 -61.17
C ARG E 8 33.84 1.06 -62.30
N SER E 9 33.73 2.22 -62.96
CA SER E 9 32.79 2.35 -64.07
C SER E 9 32.97 1.24 -65.10
N GLU E 10 34.20 1.06 -65.57
CA GLU E 10 34.44 0.02 -66.57
C GLU E 10 34.10 -1.36 -66.03
N LEU E 11 34.46 -1.65 -64.78
CA LEU E 11 34.14 -2.95 -64.22
C LEU E 11 32.64 -3.20 -64.27
N ALA E 12 31.85 -2.20 -63.89
CA ALA E 12 30.40 -2.33 -63.93
C ALA E 12 29.89 -2.50 -65.36
N ARG E 13 30.36 -1.65 -66.27
CA ARG E 13 29.92 -1.72 -67.66
C ARG E 13 30.22 -3.07 -68.28
N LYS E 14 31.43 -3.59 -68.05
CA LYS E 14 31.80 -4.89 -68.57
C LYS E 14 30.94 -5.99 -67.96
N GLY E 15 30.72 -5.94 -66.65
CA GLY E 15 29.84 -6.91 -66.02
C GLY E 15 28.46 -6.93 -66.65
N ILE E 16 27.89 -5.75 -66.90
CA ILE E 16 26.53 -5.68 -67.44
C ILE E 16 26.51 -6.18 -68.89
N ALA E 17 27.53 -5.86 -69.67
CA ALA E 17 27.54 -6.32 -71.06
C ALA E 17 27.51 -7.84 -71.17
N ARG E 18 27.95 -8.55 -70.13
CA ARG E 18 28.02 -10.00 -70.13
C ARG E 18 26.69 -10.67 -69.79
N ALA E 19 25.67 -9.92 -69.44
CA ALA E 19 24.43 -10.49 -68.94
C ALA E 19 23.37 -10.54 -70.03
N LYS E 20 22.42 -11.47 -69.87
CA LYS E 20 21.30 -11.56 -70.79
C LYS E 20 20.51 -10.26 -70.77
N SER E 21 19.77 -10.04 -71.84
CA SER E 21 19.11 -8.76 -72.06
C SER E 21 17.71 -8.75 -71.45
N VAL E 22 17.21 -7.54 -71.21
CA VAL E 22 15.90 -7.31 -70.60
C VAL E 22 15.28 -6.12 -71.31
N VAL E 23 13.99 -6.21 -71.59
CA VAL E 23 13.26 -5.16 -72.27
C VAL E 23 11.97 -4.87 -71.51
N ALA E 24 11.61 -3.60 -71.42
CA ALA E 24 10.33 -3.19 -70.85
C ALA E 24 9.74 -2.12 -71.76
N LEU E 25 8.50 -2.34 -72.21
CA LEU E 25 7.90 -1.38 -73.14
C LEU E 25 6.44 -1.18 -72.79
N ALA E 26 5.98 0.05 -72.98
CA ALA E 26 4.60 0.41 -72.67
C ALA E 26 3.66 -0.02 -73.79
N TYR E 27 2.53 -0.61 -73.40
CA TYR E 27 1.51 -0.96 -74.38
C TYR E 27 0.14 -0.54 -73.86
N ALA E 28 -0.88 -0.75 -74.69
CA ALA E 28 -2.21 -0.22 -74.40
C ALA E 28 -2.78 -0.76 -73.10
N GLY E 29 -2.38 -1.97 -72.71
CA GLY E 29 -2.88 -2.56 -71.48
C GLY E 29 -2.06 -2.28 -70.25
N GLY E 30 -0.95 -1.56 -70.39
CA GLY E 30 -0.08 -1.28 -69.27
C GLY E 30 1.38 -1.29 -69.64
N VAL E 31 2.21 -2.09 -68.97
CA VAL E 31 3.63 -2.17 -69.29
C VAL E 31 4.00 -3.64 -69.41
N LEU E 32 4.88 -3.96 -70.35
CA LEU E 32 5.30 -5.33 -70.62
C LEU E 32 6.78 -5.50 -70.33
N PHE E 33 7.12 -6.53 -69.55
CA PHE E 33 8.48 -6.92 -69.23
C PHE E 33 8.77 -8.26 -69.90
N VAL E 34 9.84 -8.29 -70.71
CA VAL E 34 10.31 -9.52 -71.33
C VAL E 34 11.81 -9.62 -71.09
N ALA E 35 12.25 -10.76 -70.57
CA ALA E 35 13.64 -10.95 -70.21
C ALA E 35 14.12 -12.31 -70.68
N GLU E 36 15.32 -12.36 -71.25
CA GLU E 36 15.94 -13.64 -71.57
C GLU E 36 16.37 -14.33 -70.28
N ASN E 37 15.76 -15.46 -69.98
CA ASN E 37 15.99 -16.14 -68.69
C ASN E 37 15.72 -17.62 -68.83
N PRO E 38 16.77 -18.45 -68.90
CA PRO E 38 16.56 -19.90 -69.00
C PRO E 38 16.04 -20.52 -67.72
N SER E 39 16.27 -19.90 -66.57
CA SER E 39 15.91 -20.52 -65.31
C SER E 39 14.40 -20.63 -65.18
N ARG E 40 13.96 -21.60 -64.38
CA ARG E 40 12.53 -21.70 -64.11
C ARG E 40 12.11 -20.80 -62.96
N SER E 41 12.97 -20.59 -61.97
CA SER E 41 12.55 -20.04 -60.69
C SER E 41 13.34 -18.83 -60.21
N LEU E 42 14.47 -18.49 -60.82
CA LEU E 42 15.24 -17.32 -60.41
C LEU E 42 14.86 -16.15 -61.30
N GLN E 43 14.28 -15.12 -60.70
CA GLN E 43 13.51 -14.13 -61.44
C GLN E 43 14.31 -12.84 -61.61
N LYS E 44 14.20 -12.26 -62.80
CA LYS E 44 14.76 -10.95 -63.09
C LYS E 44 13.71 -9.85 -63.07
N ILE E 45 12.44 -10.22 -62.99
CA ILE E 45 11.33 -9.27 -62.98
C ILE E 45 10.50 -9.56 -61.74
N SER E 46 10.11 -8.50 -61.02
CA SER E 46 9.39 -8.70 -59.78
C SER E 46 8.46 -7.53 -59.55
N GLU E 47 7.44 -7.79 -58.74
CA GLU E 47 6.53 -6.75 -58.30
C GLU E 47 7.17 -5.91 -57.21
N LEU E 48 6.97 -4.60 -57.29
CA LEU E 48 7.37 -3.70 -56.21
C LEU E 48 6.15 -3.26 -55.39
N TYR E 49 5.15 -2.69 -56.05
CA TYR E 49 3.97 -2.27 -55.33
C TYR E 49 2.78 -2.43 -56.27
N ASP E 50 1.59 -2.04 -55.78
CA ASP E 50 0.34 -2.24 -56.49
C ASP E 50 0.49 -2.01 -57.98
N ARG E 51 0.99 -0.83 -58.36
CA ARG E 51 1.10 -0.43 -59.75
C ARG E 51 2.54 -0.24 -60.19
N VAL E 52 3.51 -0.77 -59.45
CA VAL E 52 4.91 -0.51 -59.72
C VAL E 52 5.66 -1.83 -59.86
N GLY E 53 6.39 -1.98 -60.97
CA GLY E 53 7.17 -3.17 -61.29
C GLY E 53 8.63 -2.89 -61.52
N PHE E 54 9.44 -3.95 -61.47
CA PHE E 54 10.89 -3.86 -61.40
C PHE E 54 11.49 -4.89 -62.36
N ALA E 55 12.49 -4.47 -63.12
CA ALA E 55 13.22 -5.42 -63.97
C ALA E 55 14.68 -5.04 -63.98
N ALA E 56 15.56 -6.03 -64.00
CA ALA E 56 16.97 -5.74 -63.84
C ALA E 56 17.81 -6.63 -64.74
N ALA E 57 19.00 -6.15 -65.06
CA ALA E 57 19.98 -6.93 -65.80
C ALA E 57 21.31 -6.84 -65.08
N GLY E 58 22.06 -7.94 -65.09
CA GLY E 58 23.35 -7.96 -64.45
C GLY E 58 23.55 -9.12 -63.51
N LYS E 59 24.32 -8.89 -62.45
CA LYS E 59 24.65 -9.95 -61.51
C LYS E 59 23.47 -10.21 -60.60
N PHE E 60 23.07 -11.49 -60.47
CA PHE E 60 21.81 -11.81 -59.82
C PHE E 60 21.78 -11.35 -58.37
N ASN E 61 22.73 -11.82 -57.56
CA ASN E 61 22.67 -11.53 -56.13
C ASN E 61 22.61 -10.04 -55.85
N GLU E 62 23.24 -9.23 -56.70
CA GLU E 62 23.28 -7.80 -56.47
C GLU E 62 21.95 -7.13 -56.79
N PHE E 63 21.39 -7.40 -57.99
CA PHE E 63 20.11 -6.76 -58.30
C PHE E 63 18.96 -7.39 -57.52
N ASP E 64 19.12 -8.61 -57.01
CA ASP E 64 18.12 -9.16 -56.11
C ASP E 64 18.18 -8.47 -54.75
N ASN E 65 19.39 -8.18 -54.27
CA ASN E 65 19.52 -7.33 -53.09
C ASN E 65 18.78 -6.02 -53.30
N LEU E 66 19.03 -5.36 -54.44
CA LEU E 66 18.33 -4.10 -54.70
C LEU E 66 16.83 -4.30 -54.83
N ARG E 67 16.40 -5.43 -55.38
CA ARG E 67 14.97 -5.69 -55.50
C ARG E 67 14.31 -5.78 -54.13
N ARG E 68 14.88 -6.59 -53.25
CA ARG E 68 14.32 -6.71 -51.90
C ARG E 68 14.34 -5.37 -51.20
N GLY E 69 15.42 -4.61 -51.35
CA GLY E 69 15.45 -3.29 -50.73
C GLY E 69 14.34 -2.40 -51.23
N GLY E 70 14.03 -2.49 -52.53
CA GLY E 70 12.94 -1.69 -53.06
C GLY E 70 11.61 -2.11 -52.49
N ILE E 71 11.40 -3.42 -52.32
CA ILE E 71 10.18 -3.89 -51.70
C ILE E 71 10.06 -3.36 -50.26
N GLN E 72 11.15 -3.44 -49.48
CA GLN E 72 11.12 -2.88 -48.14
C GLN E 72 10.72 -1.42 -48.16
N PHE E 73 11.37 -0.63 -49.01
CA PHE E 73 11.05 0.79 -49.08
C PHE E 73 9.58 1.00 -49.40
N ALA E 74 9.07 0.33 -50.43
CA ALA E 74 7.70 0.55 -50.86
C ALA E 74 6.71 0.19 -49.76
N ASP E 75 6.81 -1.02 -49.21
CA ASP E 75 5.88 -1.41 -48.17
C ASP E 75 5.97 -0.48 -46.97
N THR E 76 7.19 -0.05 -46.61
CA THR E 76 7.36 0.83 -45.46
C THR E 76 6.69 2.18 -45.69
N ARG E 77 6.91 2.79 -46.85
CA ARG E 77 6.24 4.06 -47.13
C ARG E 77 4.73 3.89 -47.18
N GLY E 78 4.26 2.80 -47.79
CA GLY E 78 2.83 2.59 -47.85
C GLY E 78 2.19 2.45 -46.49
N TYR E 79 2.90 1.79 -45.56
CA TYR E 79 2.39 1.67 -44.20
C TYR E 79 2.47 3.01 -43.46
N ALA E 80 3.60 3.70 -43.57
CA ALA E 80 3.78 4.94 -42.83
C ALA E 80 2.81 6.01 -43.28
N TYR E 81 2.45 6.05 -44.57
CA TYR E 81 1.49 7.01 -45.09
C TYR E 81 0.24 6.34 -45.63
N ASP E 82 0.28 5.95 -46.89
CA ASP E 82 -0.86 5.30 -47.55
C ASP E 82 -0.38 4.71 -48.86
N ARG E 83 -1.10 3.68 -49.32
CA ARG E 83 -0.64 2.95 -50.49
C ARG E 83 -0.63 3.84 -51.73
N ARG E 84 -1.61 4.74 -51.84
CA ARG E 84 -1.69 5.63 -52.99
C ARG E 84 -0.59 6.68 -52.99
N ASP E 85 0.28 6.67 -52.00
CA ASP E 85 1.38 7.62 -51.88
C ASP E 85 2.69 7.06 -52.39
N VAL E 86 2.79 5.76 -52.55
CA VAL E 86 3.96 5.13 -53.18
C VAL E 86 3.84 5.28 -54.69
N THR E 87 4.87 5.83 -55.30
CA THR E 87 4.86 6.11 -56.73
C THR E 87 6.11 5.52 -57.36
N GLY E 88 6.05 5.31 -58.66
CA GLY E 88 7.23 4.83 -59.37
C GLY E 88 8.38 5.81 -59.30
N ARG E 89 8.09 7.10 -59.48
CA ARG E 89 9.11 8.14 -59.38
C ARG E 89 9.86 8.02 -58.06
N GLN E 90 9.13 7.73 -56.99
CA GLN E 90 9.73 7.60 -55.66
C GLN E 90 10.76 6.48 -55.64
N LEU E 91 10.34 5.29 -56.06
CA LEU E 91 11.24 4.14 -56.03
C LEU E 91 12.44 4.34 -56.95
N ALA E 92 12.20 4.92 -58.12
CA ALA E 92 13.32 5.22 -59.01
C ALA E 92 14.31 6.13 -58.31
N ASN E 93 13.80 7.14 -57.61
CA ASN E 93 14.66 8.09 -56.91
C ASN E 93 15.50 7.37 -55.85
N VAL E 94 14.88 6.47 -55.09
CA VAL E 94 15.64 5.74 -54.08
C VAL E 94 16.68 4.84 -54.71
N TYR E 95 16.38 4.26 -55.87
CA TYR E 95 17.37 3.42 -56.53
C TYR E 95 18.54 4.26 -57.05
N ALA E 96 18.26 5.46 -57.55
CA ALA E 96 19.35 6.37 -57.94
C ALA E 96 20.24 6.68 -56.75
N GLN E 97 19.63 7.08 -55.62
CA GLN E 97 20.42 7.37 -54.43
C GLN E 97 21.25 6.17 -54.00
N THR E 98 20.60 5.00 -53.95
CA THR E 98 21.25 3.80 -53.43
C THR E 98 22.40 3.40 -54.33
N LEU E 99 22.18 3.31 -55.63
CA LEU E 99 23.24 2.93 -56.55
C LEU E 99 24.35 3.97 -56.59
N GLY E 100 24.03 5.25 -56.36
CA GLY E 100 25.11 6.21 -56.20
C GLY E 100 26.00 5.85 -55.02
N THR E 101 25.38 5.59 -53.87
CA THR E 101 26.16 5.19 -52.70
C THR E 101 26.95 3.92 -52.96
N ILE E 102 26.30 2.91 -53.53
CA ILE E 102 26.98 1.66 -53.85
C ILE E 102 28.17 1.94 -54.75
N PHE E 103 27.94 2.72 -55.81
CA PHE E 103 28.96 2.92 -56.83
C PHE E 103 30.18 3.61 -56.27
N THR E 104 30.00 4.55 -55.35
CA THR E 104 31.18 5.26 -54.85
C THR E 104 31.77 4.68 -53.57
N GLU E 105 31.02 3.90 -52.79
CA GLU E 105 31.43 3.62 -51.42
C GLU E 105 31.68 2.15 -51.12
N GLN E 106 31.12 1.23 -51.86
CA GLN E 106 31.28 -0.18 -51.52
C GLN E 106 32.56 -0.76 -52.12
N ALA E 107 32.90 -1.96 -51.65
CA ALA E 107 34.11 -2.63 -52.09
C ALA E 107 34.17 -2.78 -53.60
N LYS E 108 33.05 -3.20 -54.20
CA LYS E 108 32.91 -3.35 -55.64
C LYS E 108 31.58 -2.74 -56.05
N PRO E 109 31.56 -1.97 -57.14
CA PRO E 109 30.28 -1.44 -57.63
C PRO E 109 29.36 -2.58 -58.07
N TYR E 110 28.07 -2.30 -58.03
CA TYR E 110 27.10 -3.31 -58.45
C TYR E 110 27.05 -3.35 -59.96
N GLU E 111 27.15 -4.55 -60.52
CA GLU E 111 27.06 -4.76 -61.97
C GLU E 111 25.60 -4.99 -62.34
N VAL E 112 24.80 -3.92 -62.20
CA VAL E 112 23.36 -4.01 -62.38
C VAL E 112 22.83 -2.81 -63.14
N GLU E 113 21.64 -3.00 -63.73
CA GLU E 113 20.83 -1.94 -64.32
C GLU E 113 19.37 -2.21 -64.00
N LEU E 114 18.65 -1.17 -63.60
CA LEU E 114 17.29 -1.31 -63.09
C LEU E 114 16.30 -0.53 -63.94
N CYS E 115 15.08 -1.04 -63.97
CA CYS E 115 13.94 -0.40 -64.59
C CYS E 115 12.79 -0.45 -63.59
N VAL E 116 12.20 0.71 -63.33
CA VAL E 116 11.04 0.83 -62.48
C VAL E 116 9.92 1.37 -63.34
N ALA E 117 8.78 0.67 -63.36
CA ALA E 117 7.69 1.02 -64.25
C ALA E 117 6.40 1.20 -63.45
N GLU E 118 5.57 2.15 -63.87
CA GLU E 118 4.31 2.41 -63.20
C GLU E 118 3.18 2.55 -64.21
N VAL E 119 2.05 1.93 -63.92
CA VAL E 119 0.84 2.12 -64.70
C VAL E 119 -0.16 2.87 -63.85
N ALA E 120 -1.24 3.31 -64.48
CA ALA E 120 -2.26 4.06 -63.79
C ALA E 120 -3.02 3.16 -62.81
N HIS E 121 -3.66 3.80 -61.84
CA HIS E 121 -4.56 3.09 -60.94
C HIS E 121 -5.86 2.77 -61.66
N TYR E 122 -6.59 1.78 -61.12
CA TYR E 122 -7.79 1.28 -61.78
C TYR E 122 -8.76 2.41 -62.07
N GLY E 123 -9.23 2.47 -63.32
CA GLY E 123 -10.19 3.46 -63.74
C GLY E 123 -9.60 4.81 -64.07
N GLU E 124 -8.30 5.00 -63.95
CA GLU E 124 -7.67 6.27 -64.24
C GLU E 124 -6.99 6.27 -65.60
N THR E 125 -6.88 7.46 -66.18
CA THR E 125 -6.20 7.66 -67.46
C THR E 125 -4.91 8.41 -67.17
N LYS E 126 -3.78 7.72 -67.31
CA LYS E 126 -2.48 8.32 -67.08
C LYS E 126 -1.45 7.46 -67.80
N ARG E 127 -0.63 8.10 -68.63
CA ARG E 127 0.30 7.35 -69.46
C ARG E 127 1.30 6.60 -68.59
N PRO E 128 1.69 5.39 -68.97
CA PRO E 128 2.68 4.65 -68.18
C PRO E 128 3.97 5.44 -68.04
N GLU E 129 4.73 5.11 -67.00
CA GLU E 129 6.01 5.73 -66.74
C GLU E 129 7.09 4.65 -66.68
N LEU E 130 8.22 4.91 -67.33
CA LEU E 130 9.36 4.02 -67.30
C LEU E 130 10.58 4.77 -66.81
N TYR E 131 11.32 4.16 -65.90
CA TYR E 131 12.54 4.74 -65.36
C TYR E 131 13.67 3.73 -65.47
N ARG E 132 14.84 4.23 -65.83
CA ARG E 132 16.06 3.45 -65.99
C ARG E 132 17.10 4.02 -65.03
N ILE E 133 17.66 3.16 -64.20
CA ILE E 133 18.69 3.55 -63.24
C ILE E 133 19.93 2.73 -63.54
N THR E 134 21.04 3.38 -63.77
CA THR E 134 22.27 2.69 -64.15
C THR E 134 23.18 2.55 -62.94
N TYR E 135 24.26 1.79 -63.11
CA TYR E 135 25.06 1.33 -61.99
C TYR E 135 25.63 2.47 -61.16
N ASP E 136 25.64 3.70 -61.67
CA ASP E 136 26.21 4.82 -60.93
C ASP E 136 25.15 5.73 -60.35
N GLY E 137 23.89 5.36 -60.42
CA GLY E 137 22.83 6.20 -59.91
C GLY E 137 22.27 7.19 -60.89
N SER E 138 22.75 7.18 -62.13
CA SER E 138 22.15 8.02 -63.15
C SER E 138 20.76 7.51 -63.44
N ILE E 139 19.82 8.43 -63.62
CA ILE E 139 18.42 8.07 -63.75
C ILE E 139 17.85 8.75 -64.99
N ALA E 140 17.00 8.03 -65.72
CA ALA E 140 16.40 8.55 -66.94
C ALA E 140 14.97 8.05 -67.04
N ASP E 141 14.05 8.94 -67.37
CA ASP E 141 12.66 8.56 -67.61
C ASP E 141 12.43 8.43 -69.11
N GLU E 142 11.94 7.25 -69.53
CA GLU E 142 11.78 6.97 -70.93
C GLU E 142 10.29 6.79 -71.22
N PRO E 143 9.81 7.28 -72.35
CA PRO E 143 8.36 7.33 -72.56
C PRO E 143 7.79 6.09 -73.26
N HIS E 144 8.63 5.34 -73.94
CA HIS E 144 8.18 4.23 -74.77
C HIS E 144 8.78 2.89 -74.36
N PHE E 145 10.10 2.79 -74.22
CA PHE E 145 10.68 1.52 -73.86
C PHE E 145 12.05 1.72 -73.23
N VAL E 146 12.50 0.71 -72.50
CA VAL E 146 13.79 0.66 -71.84
C VAL E 146 14.41 -0.69 -72.15
N VAL E 147 15.71 -0.68 -72.46
CA VAL E 147 16.46 -1.90 -72.76
C VAL E 147 17.69 -1.91 -71.87
N MET E 148 17.96 -3.05 -71.24
CA MET E 148 19.09 -3.13 -70.33
C MET E 148 19.80 -4.46 -70.46
N GLY E 149 21.12 -4.42 -70.34
CA GLY E 149 21.93 -5.63 -70.26
C GLY E 149 22.32 -6.18 -71.60
N GLY E 150 23.54 -6.71 -71.68
CA GLY E 150 24.04 -7.26 -72.92
C GLY E 150 24.32 -6.19 -73.97
N THR E 151 24.22 -6.59 -75.23
CA THR E 151 24.43 -5.67 -76.34
C THR E 151 23.11 -4.95 -76.59
N THR E 152 23.00 -3.73 -76.08
CA THR E 152 21.72 -3.06 -76.08
C THR E 152 21.42 -2.41 -77.42
N GLU E 153 22.44 -1.83 -78.06
CA GLU E 153 22.24 -1.09 -79.31
C GLU E 153 21.35 -1.81 -80.31
N PRO E 154 21.59 -3.09 -80.65
CA PRO E 154 20.70 -3.73 -81.63
C PRO E 154 19.26 -3.82 -81.18
N ILE E 155 19.02 -4.15 -79.90
CA ILE E 155 17.67 -4.26 -79.39
C ILE E 155 16.97 -2.91 -79.35
N ALA E 156 17.69 -1.89 -78.90
CA ALA E 156 17.13 -0.55 -78.87
C ALA E 156 16.71 -0.09 -80.25
N ASN E 157 17.55 -0.33 -81.26
CA ASN E 157 17.17 0.06 -82.63
C ASN E 157 16.00 -0.75 -83.14
N ALA E 158 16.03 -2.07 -82.92
CA ALA E 158 14.94 -2.93 -83.35
C ALA E 158 13.61 -2.41 -82.81
N LEU E 159 13.60 -2.07 -81.52
CA LEU E 159 12.38 -1.49 -80.96
C LEU E 159 12.15 -0.10 -81.52
N LYS E 160 13.22 0.61 -81.87
CA LYS E 160 13.09 1.98 -82.33
C LYS E 160 12.32 2.06 -83.64
N GLU E 161 12.45 1.07 -84.51
CA GLU E 161 11.67 1.07 -85.74
C GLU E 161 10.55 0.05 -85.75
N SER E 162 10.39 -0.74 -84.70
CA SER E 162 9.29 -1.70 -84.65
C SER E 162 8.24 -1.36 -83.59
N TYR E 163 8.43 -0.29 -82.83
CA TYR E 163 7.52 0.03 -81.73
C TYR E 163 6.39 0.94 -82.18
N ALA E 164 5.17 0.59 -81.79
CA ALA E 164 3.98 1.42 -81.95
C ALA E 164 3.44 1.69 -80.56
N GLU E 165 2.92 2.91 -80.36
CA GLU E 165 2.58 3.37 -79.03
C GLU E 165 1.53 2.49 -78.35
N ASN E 166 0.37 2.31 -78.98
CA ASN E 166 -0.71 1.55 -78.36
C ASN E 166 -0.86 0.15 -78.91
N ALA E 167 0.25 -0.58 -79.04
CA ALA E 167 0.17 -1.95 -79.53
C ALA E 167 -0.62 -2.82 -78.56
N SER E 168 -1.03 -3.99 -79.06
CA SER E 168 -1.72 -4.97 -78.26
C SER E 168 -0.73 -5.79 -77.44
N LEU E 169 -1.25 -6.56 -76.50
CA LEU E 169 -0.40 -7.42 -75.70
C LEU E 169 0.40 -8.37 -76.58
N THR E 170 -0.28 -9.03 -77.52
CA THR E 170 0.39 -9.96 -78.43
C THR E 170 1.37 -9.22 -79.32
N ASP E 171 0.98 -8.05 -79.84
CA ASP E 171 1.87 -7.28 -80.69
C ASP E 171 3.13 -6.88 -79.93
N ALA E 172 2.95 -6.30 -78.74
CA ALA E 172 4.09 -5.85 -77.96
C ALA E 172 5.02 -7.00 -77.62
N LEU E 173 4.45 -8.15 -77.24
CA LEU E 173 5.26 -9.32 -76.92
C LEU E 173 6.06 -9.77 -78.14
N ARG E 174 5.38 -9.90 -79.28
CA ARG E 174 6.02 -10.22 -80.55
C ARG E 174 7.20 -9.29 -80.84
N ILE E 175 6.97 -7.98 -80.78
CA ILE E 175 8.04 -7.01 -81.01
C ILE E 175 9.17 -7.18 -80.00
N ALA E 176 8.82 -7.47 -78.74
CA ALA E 176 9.83 -7.55 -77.70
C ALA E 176 10.77 -8.71 -77.95
N VAL E 177 10.22 -9.91 -78.20
CA VAL E 177 11.08 -11.06 -78.47
C VAL E 177 11.87 -10.85 -79.75
N ALA E 178 11.25 -10.21 -80.76
CA ALA E 178 11.99 -9.91 -81.98
C ALA E 178 13.23 -9.06 -81.67
N ALA E 179 13.03 -7.96 -80.95
CA ALA E 179 14.16 -7.10 -80.59
C ALA E 179 15.18 -7.83 -79.73
N LEU E 180 14.71 -8.70 -78.83
CA LEU E 180 15.63 -9.45 -77.98
C LEU E 180 16.52 -10.37 -78.80
N ARG E 181 15.95 -11.00 -79.83
CA ARG E 181 16.72 -11.93 -80.65
C ARG E 181 17.93 -11.24 -81.29
N ALA E 182 17.76 -9.99 -81.71
CA ALA E 182 18.88 -9.23 -82.25
C ALA E 182 19.90 -8.91 -81.15
N GLY E 183 20.48 -9.93 -80.54
CA GLY E 183 21.45 -9.72 -79.47
C GLY E 183 21.50 -10.83 -78.45
N THR E 194 14.56 -20.35 -81.16
CA THR E 194 15.67 -20.21 -80.21
C THR E 194 15.23 -19.48 -78.94
N LEU E 195 14.22 -18.64 -79.06
CA LEU E 195 13.66 -17.90 -77.92
C LEU E 195 12.20 -18.34 -77.74
N GLY E 196 11.96 -19.19 -76.75
CA GLY E 196 10.62 -19.69 -76.49
C GLY E 196 10.27 -19.62 -75.02
N VAL E 197 9.13 -20.20 -74.64
CA VAL E 197 8.66 -20.12 -73.26
C VAL E 197 9.74 -20.58 -72.28
N ALA E 198 10.46 -21.66 -72.62
CA ALA E 198 11.44 -22.19 -71.69
C ALA E 198 12.77 -21.44 -71.72
N SER E 199 12.81 -20.25 -72.32
CA SER E 199 14.01 -19.43 -72.24
C SER E 199 13.68 -17.96 -71.97
N LEU E 200 12.41 -17.64 -71.73
CA LEU E 200 12.00 -16.27 -71.44
C LEU E 200 11.23 -16.20 -70.12
N GLU E 201 11.33 -15.03 -69.50
CA GLU E 201 10.51 -14.64 -68.36
C GLU E 201 9.70 -13.43 -68.79
N VAL E 202 8.38 -13.51 -68.64
CA VAL E 202 7.48 -12.49 -69.16
C VAL E 202 6.48 -12.12 -68.08
N ALA E 203 6.27 -10.82 -67.89
CA ALA E 203 5.27 -10.37 -66.92
C ALA E 203 4.75 -9.00 -67.37
N VAL E 204 3.62 -8.61 -66.81
CA VAL E 204 2.92 -7.42 -67.25
C VAL E 204 2.41 -6.63 -66.04
N LEU E 205 2.46 -5.31 -66.16
CA LEU E 205 1.67 -4.40 -65.33
C LEU E 205 0.37 -4.14 -66.06
N ASP E 206 -0.69 -4.83 -65.62
CA ASP E 206 -2.00 -4.79 -66.28
C ASP E 206 -2.80 -3.69 -65.63
N ALA E 207 -2.90 -2.54 -66.31
CA ALA E 207 -3.59 -1.37 -65.78
C ALA E 207 -5.08 -1.64 -65.61
N ASN E 208 -5.54 -2.82 -66.03
CA ASN E 208 -6.94 -3.19 -65.94
C ASN E 208 -7.29 -3.94 -64.67
N ARG E 209 -6.28 -4.35 -63.88
CA ARG E 209 -6.54 -5.05 -62.64
C ARG E 209 -7.00 -4.08 -61.54
N PRO E 210 -7.90 -4.53 -60.66
CA PRO E 210 -8.44 -3.62 -59.64
C PRO E 210 -7.37 -3.10 -58.70
N ARG E 211 -6.54 -3.97 -58.13
CA ARG E 211 -5.52 -3.49 -57.21
C ARG E 211 -4.12 -3.84 -57.67
N ARG E 212 -3.71 -5.09 -57.54
CA ARG E 212 -2.33 -5.47 -57.84
C ARG E 212 -2.17 -5.72 -59.33
N ALA E 213 -1.43 -4.83 -60.00
CA ALA E 213 -1.31 -4.88 -61.46
C ALA E 213 -0.28 -5.89 -61.95
N PHE E 214 0.68 -6.28 -61.12
CA PHE E 214 1.71 -7.20 -61.59
C PHE E 214 1.10 -8.57 -61.82
N ARG E 215 1.42 -9.17 -62.97
CA ARG E 215 0.90 -10.49 -63.32
C ARG E 215 1.88 -11.17 -64.28
N ARG E 216 2.28 -12.39 -63.96
CA ARG E 216 3.20 -13.13 -64.82
C ARG E 216 2.47 -13.89 -65.91
N ILE E 217 3.19 -14.11 -67.01
CA ILE E 217 2.67 -14.87 -68.14
C ILE E 217 3.60 -16.07 -68.30
N THR E 218 3.08 -17.26 -68.03
CA THR E 218 3.90 -18.45 -67.98
C THR E 218 3.19 -19.62 -68.67
N GLY E 219 4.00 -20.57 -69.12
CA GLY E 219 3.50 -21.85 -69.60
C GLY E 219 2.55 -21.75 -70.78
N SER E 220 1.43 -22.46 -70.66
CA SER E 220 0.48 -22.60 -71.77
C SER E 220 -0.01 -21.25 -72.26
N ALA E 221 -0.40 -20.37 -71.34
CA ALA E 221 -0.85 -19.04 -71.72
C ALA E 221 0.23 -18.30 -72.51
N LEU E 222 1.46 -18.34 -72.01
CA LEU E 222 2.56 -17.67 -72.69
C LEU E 222 2.73 -18.24 -74.09
N GLN E 223 2.68 -19.56 -74.22
CA GLN E 223 2.79 -20.18 -75.53
C GLN E 223 1.71 -19.65 -76.46
N ALA E 224 0.48 -19.55 -75.97
CA ALA E 224 -0.60 -19.02 -76.78
C ALA E 224 -0.32 -17.59 -77.23
N LEU E 225 0.26 -16.77 -76.36
CA LEU E 225 0.56 -15.40 -76.75
C LEU E 225 1.71 -15.33 -77.74
N LEU E 226 2.62 -16.30 -77.69
CA LEU E 226 3.75 -16.29 -78.63
C LEU E 226 3.28 -16.62 -80.04
N VAL E 227 2.39 -17.60 -80.17
CA VAL E 227 1.88 -18.02 -81.47
C VAL E 227 0.49 -17.44 -81.72
N MET F 1 49.82 16.25 -51.12
CA MET F 1 48.40 15.92 -51.30
C MET F 1 47.71 17.03 -52.08
N GLU F 2 48.46 18.13 -52.31
CA GLU F 2 47.92 19.25 -53.07
C GLU F 2 47.42 18.81 -54.44
N GLN F 3 47.95 17.72 -54.97
CA GLN F 3 47.45 17.18 -56.22
C GLN F 3 46.21 16.32 -56.01
N ALA F 4 46.11 15.62 -54.88
CA ALA F 4 44.92 14.85 -54.58
C ALA F 4 43.66 15.69 -54.71
N MET F 5 43.69 16.92 -54.22
CA MET F 5 42.55 17.82 -54.37
C MET F 5 42.36 18.26 -55.82
N ARG F 6 43.41 18.22 -56.64
CA ARG F 6 43.23 18.63 -58.04
C ARG F 6 42.44 17.59 -58.81
N GLU F 7 42.63 16.31 -58.50
CA GLU F 7 41.84 15.29 -59.18
C GLU F 7 40.38 15.39 -58.77
N ARG F 8 40.11 15.63 -57.49
CA ARG F 8 38.74 15.83 -57.05
C ARG F 8 38.12 17.04 -57.74
N SER F 9 38.79 18.18 -57.66
CA SER F 9 38.32 19.39 -58.32
C SER F 9 38.05 19.15 -59.80
N GLU F 10 39.00 18.53 -60.48
CA GLU F 10 38.86 18.24 -61.90
C GLU F 10 37.66 17.34 -62.17
N LEU F 11 37.51 16.27 -61.39
CA LEU F 11 36.38 15.37 -61.60
C LEU F 11 35.06 16.11 -61.43
N ALA F 12 34.95 16.93 -60.38
CA ALA F 12 33.71 17.68 -60.16
C ALA F 12 33.47 18.68 -61.30
N ARG F 13 34.51 19.44 -61.64
CA ARG F 13 34.38 20.45 -62.68
C ARG F 13 33.96 19.82 -64.01
N LYS F 14 34.57 18.68 -64.35
CA LYS F 14 34.16 17.97 -65.56
C LYS F 14 32.73 17.48 -65.44
N GLY F 15 32.37 16.91 -64.29
CA GLY F 15 31.00 16.44 -64.09
C GLY F 15 29.98 17.54 -64.31
N ILE F 16 30.25 18.73 -63.80
CA ILE F 16 29.32 19.84 -63.99
C ILE F 16 29.33 20.28 -65.45
N ALA F 17 30.50 20.24 -66.09
CA ALA F 17 30.59 20.65 -67.48
C ALA F 17 29.73 19.78 -68.40
N ARG F 18 29.61 18.48 -68.10
CA ARG F 18 28.80 17.60 -68.94
C ARG F 18 27.30 17.77 -68.73
N ALA F 19 26.88 18.59 -67.78
CA ALA F 19 25.48 18.68 -67.41
C ALA F 19 24.83 19.91 -68.04
N LYS F 20 23.50 19.94 -68.00
CA LYS F 20 22.74 21.02 -68.63
C LYS F 20 22.65 22.24 -67.72
N SER F 21 22.41 23.39 -68.35
CA SER F 21 22.59 24.68 -67.71
C SER F 21 21.33 25.13 -66.97
N VAL F 22 21.53 26.05 -66.04
CA VAL F 22 20.50 26.59 -65.15
C VAL F 22 20.79 28.08 -64.96
N VAL F 23 19.74 28.89 -64.95
CA VAL F 23 19.87 30.33 -64.73
C VAL F 23 18.86 30.79 -63.69
N ALA F 24 19.28 31.78 -62.91
CA ALA F 24 18.44 32.43 -61.89
C ALA F 24 18.57 33.94 -62.03
N LEU F 25 17.43 34.64 -62.06
CA LEU F 25 17.42 36.07 -62.31
C LEU F 25 16.51 36.79 -61.33
N ALA F 26 16.95 37.96 -60.87
CA ALA F 26 16.10 38.79 -60.07
C ALA F 26 15.25 39.63 -61.02
N TYR F 27 13.95 39.69 -60.79
CA TYR F 27 13.10 40.55 -61.61
C TYR F 27 12.12 41.27 -60.70
N ALA F 28 11.28 42.11 -61.31
CA ALA F 28 10.41 42.99 -60.55
C ALA F 28 9.47 42.22 -59.64
N GLY F 29 9.10 41.01 -60.03
CA GLY F 29 8.21 40.19 -59.24
C GLY F 29 8.88 39.24 -58.26
N GLY F 30 10.21 39.18 -58.24
CA GLY F 30 10.89 38.25 -57.35
C GLY F 30 12.12 37.62 -57.97
N VAL F 31 12.15 36.29 -58.04
CA VAL F 31 13.26 35.58 -58.66
C VAL F 31 12.71 34.56 -59.64
N LEU F 32 13.40 34.39 -60.77
CA LEU F 32 13.03 33.47 -61.82
C LEU F 32 14.10 32.40 -61.96
N PHE F 33 13.66 31.15 -61.98
CA PHE F 33 14.50 29.99 -62.23
C PHE F 33 14.10 29.42 -63.58
N VAL F 34 15.06 29.33 -64.49
CA VAL F 34 14.84 28.67 -65.77
C VAL F 34 15.96 27.67 -65.98
N ALA F 35 15.59 26.43 -66.26
CA ALA F 35 16.57 25.37 -66.36
C ALA F 35 16.30 24.51 -67.57
N GLU F 36 17.36 24.17 -68.29
CA GLU F 36 17.24 23.19 -69.36
C GLU F 36 17.01 21.84 -68.74
N ASN F 37 15.85 21.22 -69.03
CA ASN F 37 15.49 19.96 -68.42
C ASN F 37 14.55 19.22 -69.36
N PRO F 38 15.04 18.21 -70.08
CA PRO F 38 14.15 17.42 -70.94
C PRO F 38 13.19 16.54 -70.17
N SER F 39 13.50 16.19 -68.93
CA SER F 39 12.74 15.21 -68.19
C SER F 39 11.32 15.69 -67.94
N ARG F 40 10.51 14.77 -67.40
CA ARG F 40 9.10 15.02 -67.11
C ARG F 40 8.79 15.01 -65.62
N SER F 41 9.48 14.18 -64.83
CA SER F 41 9.18 14.02 -63.43
C SER F 41 10.34 14.31 -62.50
N LEU F 42 11.56 14.49 -63.01
CA LEU F 42 12.72 14.74 -62.18
C LEU F 42 13.04 16.23 -62.14
N GLN F 43 13.08 16.80 -60.94
CA GLN F 43 13.18 18.24 -60.72
C GLN F 43 14.64 18.70 -60.63
N LYS F 44 14.92 19.86 -61.21
CA LYS F 44 16.14 20.59 -60.91
C LYS F 44 15.90 21.88 -60.14
N ILE F 45 14.65 22.30 -60.01
CA ILE F 45 14.29 23.51 -59.26
C ILE F 45 13.28 23.10 -58.20
N SER F 46 13.46 23.60 -56.99
CA SER F 46 12.58 23.15 -55.92
C SER F 46 12.41 24.24 -54.89
N GLU F 47 11.31 24.14 -54.15
CA GLU F 47 11.05 25.00 -53.02
C GLU F 47 11.83 24.51 -51.82
N LEU F 48 12.42 25.45 -51.07
CA LEU F 48 13.03 25.12 -49.78
C LEU F 48 12.17 25.58 -48.62
N TYR F 49 11.84 26.86 -48.55
CA TYR F 49 11.01 27.37 -47.48
C TYR F 49 10.16 28.51 -48.04
N ASP F 50 9.34 29.10 -47.17
CA ASP F 50 8.35 30.09 -47.57
C ASP F 50 8.87 31.02 -48.66
N ARG F 51 9.99 31.68 -48.40
CA ARG F 51 10.51 32.66 -49.34
C ARG F 51 11.85 32.24 -49.91
N VAL F 52 12.21 30.97 -49.81
CA VAL F 52 13.54 30.50 -50.21
C VAL F 52 13.40 29.37 -51.21
N GLY F 53 14.09 29.51 -52.34
CA GLY F 53 14.06 28.55 -53.42
C GLY F 53 15.43 28.02 -53.78
N PHE F 54 15.44 26.93 -54.53
CA PHE F 54 16.61 26.11 -54.77
C PHE F 54 16.68 25.73 -56.24
N ALA F 55 17.87 25.83 -56.83
CA ALA F 55 18.11 25.35 -58.18
C ALA F 55 19.50 24.75 -58.23
N ALA F 56 19.67 23.70 -59.03
CA ALA F 56 20.94 22.99 -59.04
C ALA F 56 21.27 22.50 -60.44
N ALA F 57 22.57 22.31 -60.68
CA ALA F 57 23.04 21.69 -61.90
C ALA F 57 24.05 20.61 -61.54
N GLY F 58 24.01 19.51 -62.29
CA GLY F 58 24.95 18.42 -62.06
C GLY F 58 24.33 17.05 -61.94
N LYS F 59 24.94 16.17 -61.14
CA LYS F 59 24.46 14.80 -61.02
C LYS F 59 23.19 14.76 -60.18
N PHE F 60 22.14 14.13 -60.72
CA PHE F 60 20.83 14.24 -60.11
C PHE F 60 20.81 13.69 -58.68
N ASN F 61 21.21 12.43 -58.50
CA ASN F 61 21.08 11.83 -57.19
C ASN F 61 21.79 12.65 -56.13
N GLU F 62 22.90 13.29 -56.49
CA GLU F 62 23.66 14.02 -55.51
C GLU F 62 22.99 15.35 -55.16
N PHE F 63 22.61 16.15 -56.17
CA PHE F 63 21.97 17.41 -55.80
C PHE F 63 20.56 17.21 -55.29
N ASP F 64 19.97 16.05 -55.55
CA ASP F 64 18.69 15.74 -54.91
C ASP F 64 18.90 15.42 -53.45
N ASN F 65 19.97 14.68 -53.14
CA ASN F 65 20.35 14.52 -51.74
C ASN F 65 20.52 15.87 -51.08
N LEU F 66 21.26 16.77 -51.72
CA LEU F 66 21.47 18.08 -51.11
C LEU F 66 20.16 18.84 -50.96
N ARG F 67 19.26 18.69 -51.92
CA ARG F 67 17.97 19.36 -51.85
C ARG F 67 17.18 18.87 -50.64
N ARG F 68 17.08 17.55 -50.50
CA ARG F 68 16.35 17.00 -49.37
C ARG F 68 16.97 17.42 -48.05
N GLY F 69 18.30 17.39 -47.97
CA GLY F 69 18.96 17.84 -46.76
C GLY F 69 18.63 19.28 -46.44
N GLY F 70 18.54 20.12 -47.46
CA GLY F 70 18.19 21.51 -47.24
C GLY F 70 16.77 21.69 -46.76
N ILE F 71 15.82 20.94 -47.34
CA ILE F 71 14.45 21.01 -46.85
C ILE F 71 14.38 20.56 -45.40
N GLN F 72 15.06 19.47 -45.07
CA GLN F 72 15.14 19.02 -43.69
C GLN F 72 15.65 20.13 -42.77
N PHE F 73 16.77 20.75 -43.14
CA PHE F 73 17.34 21.81 -42.31
C PHE F 73 16.34 22.94 -42.11
N ALA F 74 15.71 23.38 -43.20
CA ALA F 74 14.80 24.52 -43.13
C ALA F 74 13.60 24.21 -42.25
N ASP F 75 12.93 23.09 -42.51
CA ASP F 75 11.75 22.74 -41.72
C ASP F 75 12.12 22.54 -40.24
N THR F 76 13.26 21.90 -39.97
CA THR F 76 13.67 21.69 -38.58
C THR F 76 13.94 23.01 -37.89
N ARG F 77 14.71 23.90 -38.52
CA ARG F 77 14.99 25.19 -37.91
C ARG F 77 13.72 25.97 -37.67
N GLY F 78 12.83 26.00 -38.66
CA GLY F 78 11.59 26.73 -38.52
C GLY F 78 10.72 26.20 -37.41
N TYR F 79 10.69 24.88 -37.23
CA TYR F 79 9.92 24.31 -36.13
C TYR F 79 10.58 24.60 -34.79
N ALA F 80 11.89 24.42 -34.70
CA ALA F 80 12.60 24.60 -33.45
C ALA F 80 12.56 26.04 -32.96
N TYR F 81 12.54 27.01 -33.87
CA TYR F 81 12.41 28.42 -33.52
C TYR F 81 11.12 29.03 -34.06
N ASP F 82 11.15 29.54 -35.29
CA ASP F 82 9.97 30.14 -35.91
C ASP F 82 10.25 30.33 -37.38
N ARG F 83 9.16 30.36 -38.15
CA ARG F 83 9.30 30.32 -39.60
C ARG F 83 10.04 31.53 -40.14
N ARG F 84 9.93 32.67 -39.46
CA ARG F 84 10.58 33.87 -39.95
C ARG F 84 12.07 33.82 -39.73
N ASP F 85 12.53 32.93 -38.86
CA ASP F 85 13.95 32.83 -38.57
C ASP F 85 14.72 32.12 -39.66
N VAL F 86 14.04 31.37 -40.52
CA VAL F 86 14.70 30.66 -41.60
C VAL F 86 15.04 31.67 -42.70
N THR F 87 16.30 31.72 -43.09
CA THR F 87 16.76 32.69 -44.08
C THR F 87 17.53 31.99 -45.18
N GLY F 88 17.57 32.64 -46.34
CA GLY F 88 18.35 32.12 -47.44
C GLY F 88 19.83 32.08 -47.15
N ARG F 89 20.35 33.15 -46.50
CA ARG F 89 21.75 33.14 -46.10
C ARG F 89 22.06 31.92 -45.26
N GLN F 90 21.14 31.51 -44.39
CA GLN F 90 21.33 30.34 -43.55
C GLN F 90 21.50 29.07 -44.39
N LEU F 91 20.54 28.81 -45.27
CA LEU F 91 20.59 27.60 -46.09
C LEU F 91 21.83 27.61 -47.00
N ALA F 92 22.16 28.76 -47.56
CA ALA F 92 23.39 28.85 -48.34
C ALA F 92 24.59 28.49 -47.48
N ASN F 93 24.62 28.98 -46.24
CA ASN F 93 25.75 28.71 -45.34
C ASN F 93 25.87 27.22 -45.06
N VAL F 94 24.76 26.57 -44.70
CA VAL F 94 24.84 25.15 -44.40
C VAL F 94 25.16 24.35 -45.66
N TYR F 95 24.73 24.82 -46.83
CA TYR F 95 25.12 24.13 -48.05
C TYR F 95 26.61 24.26 -48.28
N ALA F 96 27.18 25.43 -48.01
CA ALA F 96 28.61 25.60 -48.12
C ALA F 96 29.35 24.63 -47.20
N GLN F 97 28.94 24.58 -45.93
CA GLN F 97 29.58 23.66 -45.00
C GLN F 97 29.47 22.23 -45.49
N THR F 98 28.27 21.85 -45.94
CA THR F 98 28.02 20.47 -46.33
C THR F 98 28.87 20.08 -47.53
N LEU F 99 28.85 20.90 -48.58
CA LEU F 99 29.62 20.59 -49.78
C LEU F 99 31.12 20.64 -49.51
N GLY F 100 31.57 21.50 -48.61
CA GLY F 100 32.97 21.45 -48.21
C GLY F 100 33.33 20.12 -47.61
N THR F 101 32.53 19.67 -46.64
CA THR F 101 32.79 18.38 -46.01
C THR F 101 32.76 17.25 -47.02
N ILE F 102 31.73 17.21 -47.88
CA ILE F 102 31.65 16.18 -48.91
C ILE F 102 32.89 16.20 -49.77
N PHE F 103 33.28 17.38 -50.23
CA PHE F 103 34.40 17.50 -51.15
C PHE F 103 35.69 17.01 -50.53
N THR F 104 35.86 17.20 -49.22
CA THR F 104 37.11 16.79 -48.59
C THR F 104 37.09 15.36 -48.05
N GLU F 105 35.94 14.80 -47.71
CA GLU F 105 35.89 13.58 -46.93
C GLU F 105 35.17 12.41 -47.59
N GLN F 106 34.34 12.64 -48.60
CA GLN F 106 33.65 11.50 -49.17
C GLN F 106 34.51 10.79 -50.19
N ALA F 107 34.07 9.58 -50.55
CA ALA F 107 34.81 8.76 -51.51
C ALA F 107 34.97 9.48 -52.84
N LYS F 108 33.91 10.14 -53.31
CA LYS F 108 33.90 10.94 -54.52
C LYS F 108 33.23 12.26 -54.23
N PRO F 109 33.79 13.38 -54.69
CA PRO F 109 33.14 14.67 -54.49
C PRO F 109 31.81 14.73 -55.23
N TYR F 110 30.93 15.61 -54.76
CA TYR F 110 29.65 15.79 -55.40
C TYR F 110 29.82 16.63 -56.65
N GLU F 111 29.29 16.15 -57.76
CA GLU F 111 29.36 16.85 -59.04
C GLU F 111 28.12 17.74 -59.17
N VAL F 112 28.08 18.80 -58.35
CA VAL F 112 26.93 19.66 -58.26
C VAL F 112 27.34 21.12 -58.15
N GLU F 113 26.41 21.99 -58.50
CA GLU F 113 26.49 23.43 -58.28
C GLU F 113 25.11 23.87 -57.84
N LEU F 114 25.03 24.69 -56.79
CA LEU F 114 23.77 25.02 -56.15
C LEU F 114 23.52 26.53 -56.16
N CYS F 115 22.25 26.89 -56.22
CA CYS F 115 21.80 28.27 -56.11
C CYS F 115 20.66 28.33 -55.12
N VAL F 116 20.78 29.22 -54.14
CA VAL F 116 19.74 29.45 -53.15
C VAL F 116 19.30 30.90 -53.25
N ALA F 117 18.00 31.13 -53.40
CA ALA F 117 17.48 32.47 -53.60
C ALA F 117 16.42 32.79 -52.58
N GLU F 118 16.39 34.05 -52.12
CA GLU F 118 15.40 34.48 -51.16
C GLU F 118 14.77 35.80 -51.63
N VAL F 119 13.46 35.88 -51.52
CA VAL F 119 12.72 37.09 -51.81
C VAL F 119 12.15 37.65 -50.52
N ALA F 120 11.59 38.85 -50.61
CA ALA F 120 11.02 39.48 -49.43
C ALA F 120 9.75 38.78 -49.00
N HIS F 121 9.39 38.96 -47.73
CA HIS F 121 8.10 38.48 -47.25
C HIS F 121 7.01 39.42 -47.73
N TYR F 122 5.78 38.90 -47.76
CA TYR F 122 4.66 39.65 -48.31
C TYR F 122 4.53 41.03 -47.69
N GLY F 123 4.43 42.03 -48.55
CA GLY F 123 4.27 43.40 -48.11
C GLY F 123 5.53 44.07 -47.63
N GLU F 124 6.65 43.37 -47.62
CA GLU F 124 7.92 43.92 -47.19
C GLU F 124 8.78 44.27 -48.39
N THR F 125 9.65 45.26 -48.22
CA THR F 125 10.51 45.73 -49.29
C THR F 125 11.95 45.33 -49.01
N LYS F 126 12.48 44.43 -49.82
CA LYS F 126 13.87 44.01 -49.74
C LYS F 126 14.28 43.46 -51.09
N ARG F 127 15.52 43.70 -51.46
CA ARG F 127 15.94 43.21 -52.77
C ARG F 127 16.17 41.70 -52.71
N PRO F 128 15.86 40.99 -53.78
CA PRO F 128 16.11 39.55 -53.81
C PRO F 128 17.57 39.22 -53.53
N GLU F 129 17.84 38.00 -53.07
CA GLU F 129 19.20 37.54 -52.83
C GLU F 129 19.44 36.24 -53.58
N LEU F 130 20.60 36.16 -54.23
CA LEU F 130 21.03 34.96 -54.92
C LEU F 130 22.37 34.51 -54.35
N TYR F 131 22.49 33.22 -54.10
CA TYR F 131 23.69 32.61 -53.56
C TYR F 131 24.12 31.45 -54.45
N ARG F 132 25.42 31.36 -54.67
CA ARG F 132 26.04 30.32 -55.47
C ARG F 132 26.95 29.49 -54.59
N ILE F 133 26.72 28.19 -54.54
CA ILE F 133 27.57 27.30 -53.77
C ILE F 133 28.15 26.29 -54.75
N THR F 134 29.48 26.19 -54.79
CA THR F 134 30.14 25.33 -55.77
C THR F 134 30.59 24.02 -55.12
N TYR F 135 31.10 23.13 -55.96
CA TYR F 135 31.36 21.75 -55.54
C TYR F 135 32.32 21.64 -54.37
N ASP F 136 33.09 22.69 -54.08
CA ASP F 136 34.09 22.64 -53.01
C ASP F 136 33.66 23.40 -51.78
N GLY F 137 32.42 23.88 -51.74
CA GLY F 137 31.92 24.63 -50.62
C GLY F 137 32.15 26.12 -50.71
N SER F 138 32.76 26.59 -51.80
CA SER F 138 32.89 28.03 -51.97
C SER F 138 31.52 28.62 -52.18
N ILE F 139 31.28 29.77 -51.56
CA ILE F 139 29.97 30.38 -51.57
C ILE F 139 30.12 31.82 -52.05
N ALA F 140 29.15 32.28 -52.81
CA ALA F 140 29.23 33.59 -53.45
C ALA F 140 27.90 34.29 -53.35
N ASP F 141 27.99 35.57 -53.02
CA ASP F 141 26.84 36.46 -52.89
C ASP F 141 26.69 37.20 -54.21
N GLU F 142 25.55 36.98 -54.88
CA GLU F 142 25.38 37.55 -56.21
C GLU F 142 24.20 38.49 -56.23
N PRO F 143 24.31 39.61 -56.93
CA PRO F 143 23.27 40.64 -56.84
C PRO F 143 22.23 40.55 -57.95
N HIS F 144 22.57 39.95 -59.09
CA HIS F 144 21.70 40.02 -60.24
C HIS F 144 21.30 38.67 -60.82
N PHE F 145 22.25 37.79 -61.11
CA PHE F 145 21.88 36.54 -61.76
C PHE F 145 22.94 35.49 -61.50
N VAL F 146 22.53 34.23 -61.67
CA VAL F 146 23.39 33.08 -61.47
C VAL F 146 23.26 32.14 -62.66
N VAL F 147 24.40 31.60 -63.10
CA VAL F 147 24.46 30.64 -64.19
C VAL F 147 25.23 29.43 -63.68
N MET F 148 24.70 28.24 -63.94
CA MET F 148 25.28 27.03 -63.39
C MET F 148 25.20 25.90 -64.39
N GLY F 149 26.24 25.10 -64.44
CA GLY F 149 26.19 23.87 -65.22
C GLY F 149 26.53 24.07 -66.69
N GLY F 150 27.23 23.09 -67.26
CA GLY F 150 27.60 23.19 -68.66
C GLY F 150 28.65 24.26 -68.89
N THR F 151 28.63 24.80 -70.11
CA THR F 151 29.53 25.88 -70.51
C THR F 151 28.86 27.18 -70.09
N THR F 152 29.35 27.77 -69.00
CA THR F 152 28.65 28.90 -68.40
C THR F 152 28.93 30.18 -69.15
N GLU F 153 30.15 30.35 -69.65
CA GLU F 153 30.59 31.63 -70.21
C GLU F 153 29.67 32.22 -71.26
N PRO F 154 29.24 31.50 -72.31
CA PRO F 154 28.31 32.12 -73.26
C PRO F 154 27.03 32.62 -72.62
N ILE F 155 26.46 31.85 -71.68
CA ILE F 155 25.21 32.25 -71.05
C ILE F 155 25.42 33.44 -70.12
N ALA F 156 26.48 33.41 -69.32
CA ALA F 156 26.78 34.51 -68.43
C ALA F 156 27.00 35.80 -69.21
N ASN F 157 27.78 35.71 -70.28
CA ASN F 157 28.03 36.88 -71.11
C ASN F 157 26.74 37.35 -71.76
N ALA F 158 25.94 36.42 -72.28
CA ALA F 158 24.67 36.76 -72.89
C ALA F 158 23.80 37.58 -71.95
N LEU F 159 23.70 37.14 -70.68
CA LEU F 159 22.91 37.90 -69.72
C LEU F 159 23.56 39.24 -69.41
N LYS F 160 24.89 39.28 -69.28
CA LYS F 160 25.56 40.55 -69.13
C LYS F 160 25.23 41.41 -70.35
N GLU F 161 24.90 42.68 -70.10
CA GLU F 161 24.49 43.65 -71.12
C GLU F 161 23.12 43.35 -71.71
N SER F 162 22.52 42.20 -71.39
CA SER F 162 21.15 41.95 -71.77
C SER F 162 20.20 41.92 -70.59
N TYR F 163 20.73 42.02 -69.37
CA TYR F 163 19.96 42.03 -68.14
C TYR F 163 19.73 43.47 -67.67
N ALA F 164 18.47 43.79 -67.36
CA ALA F 164 18.12 45.05 -66.72
C ALA F 164 17.34 44.78 -65.44
N GLU F 165 17.63 45.56 -64.40
CA GLU F 165 16.95 45.38 -63.12
C GLU F 165 15.47 45.67 -63.25
N ASN F 166 14.67 44.93 -62.49
CA ASN F 166 13.21 45.09 -62.45
C ASN F 166 12.55 44.79 -63.80
N ALA F 167 13.05 43.78 -64.49
CA ALA F 167 12.41 43.36 -65.72
C ALA F 167 11.05 42.71 -65.40
N SER F 168 10.23 42.57 -66.42
CA SER F 168 8.96 41.90 -66.25
C SER F 168 9.15 40.39 -66.28
N LEU F 169 8.10 39.67 -65.86
CA LEU F 169 8.17 38.22 -65.86
C LEU F 169 8.40 37.69 -67.27
N THR F 170 7.63 38.18 -68.24
CA THR F 170 7.82 37.73 -69.62
C THR F 170 9.19 38.14 -70.14
N ASP F 171 9.59 39.38 -69.87
CA ASP F 171 10.87 39.86 -70.36
C ASP F 171 12.02 39.07 -69.77
N ALA F 172 12.02 38.91 -68.44
CA ALA F 172 13.10 38.15 -67.80
C ALA F 172 13.10 36.72 -68.30
N LEU F 173 11.93 36.14 -68.51
CA LEU F 173 11.87 34.78 -69.04
C LEU F 173 12.55 34.72 -70.39
N ARG F 174 12.20 35.64 -71.28
CA ARG F 174 12.76 35.60 -72.63
C ARG F 174 14.26 35.80 -72.60
N ILE F 175 14.76 36.75 -71.79
CA ILE F 175 16.21 36.94 -71.73
C ILE F 175 16.89 35.69 -71.19
N ALA F 176 16.26 35.01 -70.24
CA ALA F 176 16.85 33.82 -69.66
C ALA F 176 16.95 32.71 -70.70
N VAL F 177 15.84 32.43 -71.41
CA VAL F 177 15.87 31.36 -72.41
C VAL F 177 16.83 31.70 -73.54
N ALA F 178 16.87 32.97 -73.93
CA ALA F 178 17.83 33.39 -74.96
C ALA F 178 19.25 33.12 -74.52
N ALA F 179 19.62 33.58 -73.32
CA ALA F 179 20.97 33.36 -72.84
C ALA F 179 21.28 31.87 -72.72
N LEU F 180 20.29 31.08 -72.29
CA LEU F 180 20.50 29.64 -72.18
C LEU F 180 20.80 29.04 -73.54
N ARG F 181 20.16 29.56 -74.59
CA ARG F 181 20.39 29.06 -75.94
C ARG F 181 21.83 29.30 -76.39
N ALA F 182 22.39 30.46 -76.03
CA ALA F 182 23.75 30.79 -76.48
C ALA F 182 24.77 29.77 -75.97
N GLY F 183 24.56 29.23 -74.77
CA GLY F 183 25.53 28.30 -74.20
C GLY F 183 25.56 26.96 -74.88
N SER F 184 24.48 26.57 -75.54
CA SER F 184 24.44 25.30 -76.27
C SER F 184 23.61 25.41 -77.53
N GLY F 196 12.69 25.10 -75.61
CA GLY F 196 11.25 25.18 -75.66
C GLY F 196 10.54 24.61 -74.46
N VAL F 197 9.22 24.71 -74.44
CA VAL F 197 8.40 24.26 -73.33
C VAL F 197 8.43 22.78 -72.98
N ALA F 198 8.81 21.93 -73.91
CA ALA F 198 8.88 20.50 -73.61
C ALA F 198 10.29 20.07 -73.28
N SER F 199 11.14 21.00 -72.92
CA SER F 199 12.49 20.71 -72.59
C SER F 199 12.97 21.83 -71.72
N LEU F 200 12.19 22.17 -70.70
CA LEU F 200 12.53 23.26 -69.80
C LEU F 200 11.76 23.14 -68.52
N GLU F 201 12.35 23.56 -67.42
CA GLU F 201 11.67 23.61 -66.13
C GLU F 201 11.77 25.03 -65.64
N VAL F 202 10.62 25.64 -65.32
CA VAL F 202 10.57 27.07 -65.01
C VAL F 202 9.75 27.28 -63.74
N ALA F 203 10.25 28.13 -62.85
CA ALA F 203 9.51 28.48 -61.65
C ALA F 203 9.99 29.84 -61.16
N VAL F 204 9.23 30.43 -60.24
CA VAL F 204 9.56 31.74 -59.70
C VAL F 204 9.31 31.74 -58.20
N LEU F 205 10.12 32.52 -57.49
CA LEU F 205 9.82 33.00 -56.15
C LEU F 205 9.07 34.30 -56.34
N ASP F 206 7.75 34.23 -56.15
CA ASP F 206 6.81 35.32 -56.43
C ASP F 206 6.63 36.13 -55.16
N ALA F 207 7.28 37.29 -55.09
CA ALA F 207 7.24 38.08 -53.87
C ALA F 207 5.84 38.57 -53.52
N ASN F 208 4.86 38.34 -54.37
CA ASN F 208 3.50 38.77 -54.10
C ASN F 208 2.64 37.69 -53.45
N ARG F 209 3.12 36.48 -53.33
CA ARG F 209 2.34 35.43 -52.70
C ARG F 209 2.31 35.66 -51.19
N PRO F 210 1.17 35.40 -50.53
CA PRO F 210 1.09 35.71 -49.10
C PRO F 210 2.09 34.93 -48.27
N ARG F 211 2.20 33.62 -48.49
CA ARG F 211 3.10 32.81 -47.67
C ARG F 211 4.13 32.08 -48.54
N ARG F 212 3.76 30.94 -49.10
CA ARG F 212 4.68 30.16 -49.92
C ARG F 212 4.90 30.88 -51.24
N ALA F 213 6.10 31.39 -51.45
CA ALA F 213 6.39 32.20 -52.62
C ALA F 213 6.68 31.37 -53.85
N PHE F 214 7.08 30.12 -53.67
CA PHE F 214 7.44 29.28 -54.80
C PHE F 214 6.23 28.92 -55.63
N ARG F 215 6.30 29.14 -56.94
CA ARG F 215 5.25 28.71 -57.84
C ARG F 215 5.88 28.29 -59.17
N ARG F 216 5.35 27.24 -59.76
CA ARG F 216 5.86 26.75 -61.04
C ARG F 216 5.07 27.36 -62.19
N ILE F 217 5.71 27.44 -63.35
CA ILE F 217 5.07 27.90 -64.57
C ILE F 217 5.19 26.77 -65.58
N THR F 218 4.04 26.17 -65.92
CA THR F 218 4.00 24.97 -66.74
C THR F 218 2.88 25.06 -67.77
N GLY F 219 3.05 24.27 -68.82
CA GLY F 219 1.98 24.06 -69.79
C GLY F 219 1.49 25.33 -70.45
N SER F 220 0.16 25.48 -70.48
CA SER F 220 -0.46 26.59 -71.19
C SER F 220 0.08 27.93 -70.70
N ALA F 221 0.21 28.09 -69.38
CA ALA F 221 0.74 29.32 -68.82
C ALA F 221 2.16 29.60 -69.34
N LEU F 222 3.04 28.59 -69.29
CA LEU F 222 4.40 28.79 -69.77
C LEU F 222 4.42 29.09 -71.25
N GLN F 223 3.62 28.36 -72.03
CA GLN F 223 3.57 28.61 -73.47
C GLN F 223 3.16 30.04 -73.75
N ALA F 224 2.16 30.55 -73.03
CA ALA F 224 1.74 31.93 -73.21
C ALA F 224 2.88 32.89 -72.95
N LEU F 225 3.70 32.60 -71.94
CA LEU F 225 4.83 33.44 -71.63
C LEU F 225 5.96 33.27 -72.66
N LEU F 226 5.90 32.21 -73.46
CA LEU F 226 6.87 31.95 -74.53
C LEU F 226 8.31 31.92 -74.00
N MET G 1 55.30 10.41 -44.31
CA MET G 1 55.23 11.17 -43.07
C MET G 1 55.79 12.58 -43.22
N GLU G 2 57.11 12.69 -43.40
CA GLU G 2 57.74 13.99 -43.50
C GLU G 2 57.29 14.72 -44.76
N GLN G 3 57.34 14.03 -45.91
CA GLN G 3 56.82 14.60 -47.13
C GLN G 3 55.33 14.91 -47.00
N ALA G 4 54.59 14.04 -46.33
CA ALA G 4 53.14 14.24 -46.20
C ALA G 4 52.84 15.54 -45.45
N MET G 5 53.54 15.77 -44.33
CA MET G 5 53.30 16.99 -43.58
C MET G 5 53.77 18.21 -44.37
N ARG G 6 54.91 18.10 -45.04
CA ARG G 6 55.37 19.20 -45.88
C ARG G 6 54.31 19.59 -46.91
N GLU G 7 53.64 18.59 -47.50
CA GLU G 7 52.66 18.90 -48.52
C GLU G 7 51.37 19.44 -47.94
N ARG G 8 50.91 18.92 -46.80
CA ARG G 8 49.75 19.53 -46.15
C ARG G 8 50.03 20.99 -45.86
N SER G 9 51.16 21.27 -45.20
CA SER G 9 51.55 22.66 -44.94
C SER G 9 51.52 23.49 -46.22
N GLU G 10 52.09 22.94 -47.30
CA GLU G 10 52.11 23.69 -48.55
C GLU G 10 50.70 24.01 -49.02
N LEU G 11 49.81 23.02 -48.97
CA LEU G 11 48.44 23.22 -49.41
C LEU G 11 47.77 24.34 -48.62
N ALA G 12 47.95 24.33 -47.30
CA ALA G 12 47.34 25.36 -46.47
C ALA G 12 47.95 26.74 -46.76
N ARG G 13 49.27 26.82 -46.85
CA ARG G 13 49.91 28.12 -47.06
C ARG G 13 49.45 28.74 -48.37
N LYS G 14 49.45 27.95 -49.44
CA LYS G 14 49.00 28.45 -50.74
C LYS G 14 47.53 28.81 -50.70
N GLY G 15 46.71 27.97 -50.07
CA GLY G 15 45.30 28.29 -49.93
C GLY G 15 45.08 29.64 -49.28
N ILE G 16 45.82 29.92 -48.21
CA ILE G 16 45.65 31.20 -47.51
C ILE G 16 46.21 32.36 -48.34
N ALA G 17 47.29 32.13 -49.08
CA ALA G 17 47.85 33.21 -49.89
C ALA G 17 46.88 33.72 -50.93
N ARG G 18 46.04 32.84 -51.48
CA ARG G 18 45.10 33.24 -52.52
C ARG G 18 43.90 34.02 -52.00
N ALA G 19 43.81 34.29 -50.70
CA ALA G 19 42.60 34.81 -50.10
C ALA G 19 42.73 36.29 -49.75
N LYS G 20 41.60 36.95 -49.60
CA LYS G 20 41.58 38.36 -49.22
C LYS G 20 42.26 38.54 -47.86
N SER G 21 42.87 39.70 -47.67
CA SER G 21 43.68 39.98 -46.49
C SER G 21 42.83 40.61 -45.39
N VAL G 22 43.32 40.49 -44.16
CA VAL G 22 42.61 40.93 -42.96
C VAL G 22 43.63 41.53 -42.02
N VAL G 23 43.25 42.63 -41.35
CA VAL G 23 44.11 43.36 -40.44
C VAL G 23 43.36 43.59 -39.13
N ALA G 24 44.08 43.47 -38.02
CA ALA G 24 43.55 43.80 -36.70
C ALA G 24 44.60 44.59 -35.94
N LEU G 25 44.25 45.76 -35.41
CA LEU G 25 45.24 46.58 -34.72
C LEU G 25 44.64 47.23 -33.49
N ALA G 26 45.46 47.35 -32.45
CA ALA G 26 45.04 47.96 -31.19
C ALA G 26 45.10 49.47 -31.29
N TYR G 27 44.04 50.14 -30.83
CA TYR G 27 44.02 51.59 -30.77
C TYR G 27 43.47 52.03 -29.44
N ALA G 28 43.43 53.36 -29.24
CA ALA G 28 43.10 53.91 -27.93
C ALA G 28 41.71 53.51 -27.47
N GLY G 29 40.80 53.25 -28.41
CA GLY G 29 39.45 52.85 -28.09
C GLY G 29 39.19 51.37 -28.00
N GLY G 30 40.20 50.54 -28.24
CA GLY G 30 40.02 49.11 -28.17
C GLY G 30 40.79 48.39 -29.26
N VAL G 31 40.11 47.58 -30.06
CA VAL G 31 40.75 46.87 -31.16
C VAL G 31 39.94 47.10 -32.43
N LEU G 32 40.63 47.23 -33.55
CA LEU G 32 40.02 47.49 -34.84
C LEU G 32 40.26 46.32 -35.78
N PHE G 33 39.18 45.88 -36.43
CA PHE G 33 39.20 44.85 -37.46
C PHE G 33 38.86 45.52 -38.78
N VAL G 34 39.74 45.39 -39.77
CA VAL G 34 39.50 45.86 -41.12
C VAL G 34 39.82 44.72 -42.07
N ALA G 35 38.89 44.37 -42.95
CA ALA G 35 39.06 43.21 -43.82
C ALA G 35 38.59 43.51 -45.23
N GLU G 36 39.33 43.04 -46.22
CA GLU G 36 38.85 43.08 -47.59
C GLU G 36 37.72 42.09 -47.74
N ASN G 37 36.51 42.59 -48.03
CA ASN G 37 35.33 41.71 -48.11
C ASN G 37 34.34 42.33 -49.08
N PRO G 38 34.28 41.83 -50.31
CA PRO G 38 33.31 42.35 -51.28
C PRO G 38 31.88 41.94 -50.98
N SER G 39 31.66 40.85 -50.25
CA SER G 39 30.32 40.32 -50.10
C SER G 39 29.41 41.29 -49.35
N ARG G 40 28.11 41.05 -49.47
CA ARG G 40 27.10 41.89 -48.84
C ARG G 40 26.59 41.32 -47.53
N SER G 41 26.81 40.03 -47.26
CA SER G 41 26.21 39.40 -46.09
C SER G 41 27.09 38.33 -45.47
N LEU G 42 28.18 37.95 -46.16
CA LEU G 42 29.10 36.93 -45.68
C LEU G 42 30.27 37.60 -44.98
N GLN G 43 30.44 37.31 -43.69
CA GLN G 43 31.29 38.10 -42.83
C GLN G 43 32.53 37.33 -42.41
N LYS G 44 33.66 38.04 -42.37
CA LYS G 44 34.95 37.51 -41.96
C LYS G 44 35.35 37.95 -40.56
N ILE G 45 34.60 38.85 -39.94
CA ILE G 45 34.87 39.36 -38.61
C ILE G 45 33.64 39.10 -37.75
N SER G 46 33.85 38.63 -36.53
CA SER G 46 32.71 38.25 -35.73
C SER G 46 32.98 38.46 -34.25
N GLU G 47 31.90 38.57 -33.49
CA GLU G 47 31.96 38.59 -32.04
C GLU G 47 32.06 37.16 -31.51
N LEU G 48 32.92 36.97 -30.51
CA LEU G 48 32.95 35.71 -29.78
C LEU G 48 32.33 35.81 -28.41
N TYR G 49 32.77 36.76 -27.59
CA TYR G 49 32.20 36.91 -26.27
C TYR G 49 32.20 38.39 -25.94
N ASP G 50 31.71 38.71 -24.73
CA ASP G 50 31.50 40.10 -24.32
C ASP G 50 32.62 41.02 -24.77
N ARG G 51 33.86 40.67 -24.44
CA ARG G 51 35.01 41.53 -24.75
C ARG G 51 35.95 40.85 -25.73
N VAL G 52 35.51 39.82 -26.44
CA VAL G 52 36.38 39.02 -27.27
C VAL G 52 35.84 38.98 -28.69
N GLY G 53 36.70 39.30 -29.66
CA GLY G 53 36.34 39.31 -31.06
C GLY G 53 37.23 38.41 -31.90
N PHE G 54 36.79 38.12 -33.12
CA PHE G 54 37.34 37.07 -33.96
C PHE G 54 37.45 37.59 -35.38
N ALA G 55 38.57 37.30 -36.04
CA ALA G 55 38.72 37.62 -37.45
C ALA G 55 39.47 36.49 -38.13
N ALA G 56 39.15 36.23 -39.40
CA ALA G 56 39.74 35.08 -40.07
C ALA G 56 40.01 35.40 -41.53
N ALA G 57 40.99 34.69 -42.10
CA ALA G 57 41.27 34.76 -43.51
C ALA G 57 41.41 33.35 -44.06
N GLY G 58 40.94 33.14 -45.28
CA GLY G 58 41.05 31.82 -45.88
C GLY G 58 39.74 31.32 -46.46
N LYS G 59 39.53 30.00 -46.39
CA LYS G 59 38.34 29.38 -46.94
C LYS G 59 37.16 29.61 -46.00
N PHE G 60 36.05 30.11 -46.55
CA PHE G 60 34.97 30.59 -45.71
C PHE G 60 34.39 29.48 -44.83
N ASN G 61 33.97 28.36 -45.43
CA ASN G 61 33.31 27.34 -44.65
C ASN G 61 34.18 26.86 -43.50
N GLU G 62 35.49 26.84 -43.71
CA GLU G 62 36.37 26.30 -42.68
C GLU G 62 36.52 27.27 -41.51
N PHE G 63 36.85 28.53 -41.78
CA PHE G 63 36.99 29.44 -40.65
C PHE G 63 35.65 29.81 -40.05
N ASP G 64 34.54 29.60 -40.77
CA ASP G 64 33.23 29.77 -40.16
C ASP G 64 32.92 28.62 -39.22
N ASN G 65 33.30 27.40 -39.61
CA ASN G 65 33.23 26.30 -38.65
C ASN G 65 33.99 26.66 -37.38
N LEU G 66 35.21 27.17 -37.53
CA LEU G 66 35.99 27.54 -36.36
C LEU G 66 35.33 28.66 -35.57
N ARG G 67 34.67 29.59 -36.26
CA ARG G 67 33.99 30.68 -35.57
C ARG G 67 32.85 30.16 -34.70
N ARG G 68 32.00 29.32 -35.29
CA ARG G 68 30.90 28.75 -34.53
C ARG G 68 31.40 27.92 -33.36
N GLY G 69 32.40 27.08 -33.59
CA GLY G 69 32.94 26.29 -32.50
C GLY G 69 33.48 27.16 -31.39
N GLY G 70 34.10 28.29 -31.75
CA GLY G 70 34.59 29.19 -30.73
C GLY G 70 33.47 29.82 -29.94
N ILE G 71 32.38 30.20 -30.60
CA ILE G 71 31.23 30.71 -29.87
C ILE G 71 30.68 29.67 -28.92
N GLN G 72 30.53 28.42 -29.40
CA GLN G 72 30.07 27.35 -28.53
C GLN G 72 30.96 27.20 -27.31
N PHE G 73 32.28 27.15 -27.53
CA PHE G 73 33.19 27.03 -26.40
C PHE G 73 33.01 28.17 -25.42
N ALA G 74 32.96 29.41 -25.94
CA ALA G 74 32.88 30.56 -25.05
C ALA G 74 31.59 30.56 -24.25
N ASP G 75 30.45 30.42 -24.92
CA ASP G 75 29.17 30.42 -24.22
C ASP G 75 29.09 29.28 -23.22
N THR G 76 29.60 28.11 -23.58
CA THR G 76 29.57 26.98 -22.64
C THR G 76 30.41 27.27 -21.41
N ARG G 77 31.62 27.82 -21.59
CA ARG G 77 32.45 28.14 -20.44
C ARG G 77 31.79 29.20 -19.57
N GLY G 78 31.22 30.23 -20.18
CA GLY G 78 30.55 31.26 -19.41
C GLY G 78 29.38 30.72 -18.61
N TYR G 79 28.66 29.76 -19.18
CA TYR G 79 27.56 29.14 -18.43
C TYR G 79 28.10 28.26 -17.31
N ALA G 80 29.12 27.45 -17.59
CA ALA G 80 29.63 26.52 -16.59
C ALA G 80 30.28 27.24 -15.41
N TYR G 81 30.96 28.35 -15.65
CA TYR G 81 31.61 29.10 -14.56
C TYR G 81 30.99 30.48 -14.41
N ASP G 82 31.46 31.45 -15.20
CA ASP G 82 30.91 32.79 -15.19
C ASP G 82 31.45 33.52 -16.40
N ARG G 83 30.73 34.57 -16.80
CA ARG G 83 31.08 35.28 -18.01
C ARG G 83 32.45 35.92 -17.89
N ARG G 84 32.83 36.33 -16.69
CA ARG G 84 34.10 37.03 -16.51
C ARG G 84 35.28 36.08 -16.65
N ASP G 85 35.07 34.79 -16.45
CA ASP G 85 36.14 33.81 -16.62
C ASP G 85 36.46 33.52 -18.08
N VAL G 86 35.61 33.93 -19.02
CA VAL G 86 35.89 33.76 -20.44
C VAL G 86 36.91 34.80 -20.86
N THR G 87 38.02 34.35 -21.45
CA THR G 87 39.13 35.22 -21.78
C THR G 87 39.56 35.01 -23.22
N GLY G 88 40.23 36.03 -23.76
CA GLY G 88 40.78 35.91 -25.10
C GLY G 88 41.84 34.84 -25.20
N ARG G 89 42.74 34.79 -24.22
CA ARG G 89 43.77 33.76 -24.23
C ARG G 89 43.17 32.37 -24.30
N GLN G 90 42.09 32.14 -23.55
CA GLN G 90 41.43 30.84 -23.58
C GLN G 90 41.04 30.47 -25.00
N LEU G 91 40.34 31.37 -25.68
CA LEU G 91 39.86 31.06 -27.01
C LEU G 91 41.01 30.86 -27.98
N ALA G 92 42.05 31.70 -27.91
CA ALA G 92 43.21 31.50 -28.76
C ALA G 92 43.85 30.14 -28.52
N ASN G 93 43.94 29.75 -27.24
CA ASN G 93 44.53 28.47 -26.87
C ASN G 93 43.71 27.31 -27.47
N VAL G 94 42.39 27.42 -27.38
CA VAL G 94 41.54 26.36 -27.93
C VAL G 94 41.69 26.29 -29.43
N TYR G 95 41.85 27.44 -30.08
CA TYR G 95 42.03 27.44 -31.52
C TYR G 95 43.35 26.80 -31.91
N ALA G 96 44.41 27.04 -31.14
CA ALA G 96 45.67 26.35 -31.39
C ALA G 96 45.50 24.84 -31.28
N GLN G 97 44.88 24.38 -30.18
CA GLN G 97 44.66 22.94 -30.00
C GLN G 97 43.85 22.35 -31.15
N THR G 98 42.76 23.02 -31.51
CA THR G 98 41.84 22.52 -32.51
C THR G 98 42.51 22.45 -33.88
N LEU G 99 43.12 23.55 -34.32
CA LEU G 99 43.76 23.55 -35.63
C LEU G 99 44.91 22.57 -35.67
N GLY G 100 45.59 22.33 -34.55
CA GLY G 100 46.57 21.27 -34.52
C GLY G 100 45.94 19.93 -34.85
N THR G 101 44.84 19.62 -34.17
CA THR G 101 44.15 18.35 -34.42
C THR G 101 43.70 18.24 -35.87
N ILE G 102 43.06 19.31 -36.39
CA ILE G 102 42.63 19.33 -37.79
C ILE G 102 43.82 19.10 -38.70
N PHE G 103 44.90 19.82 -38.47
CA PHE G 103 46.04 19.79 -39.38
C PHE G 103 46.66 18.41 -39.45
N THR G 104 46.69 17.69 -38.35
CA THR G 104 47.33 16.38 -38.41
C THR G 104 46.36 15.25 -38.73
N GLU G 105 45.07 15.42 -38.53
CA GLU G 105 44.16 14.28 -38.56
C GLU G 105 43.03 14.36 -39.59
N GLN G 106 42.69 15.54 -40.10
CA GLN G 106 41.59 15.58 -41.05
C GLN G 106 42.05 15.25 -42.46
N ALA G 107 41.06 14.97 -43.32
CA ALA G 107 41.35 14.62 -44.71
C ALA G 107 42.15 15.71 -45.42
N LYS G 108 41.76 16.97 -45.21
CA LYS G 108 42.49 18.10 -45.77
C LYS G 108 42.67 19.13 -44.65
N PRO G 109 43.86 19.69 -44.48
CA PRO G 109 44.04 20.72 -43.46
C PRO G 109 43.18 21.94 -43.75
N TYR G 110 42.86 22.68 -42.70
CA TYR G 110 42.07 23.88 -42.88
C TYR G 110 42.95 24.98 -43.46
N GLU G 111 42.51 25.59 -44.55
CA GLU G 111 43.24 26.69 -45.16
C GLU G 111 42.74 28.01 -44.57
N VAL G 112 43.07 28.20 -43.30
CA VAL G 112 42.58 29.33 -42.53
C VAL G 112 43.70 29.92 -41.69
N GLU G 113 43.51 31.17 -41.31
CA GLU G 113 44.35 31.90 -40.37
C GLU G 113 43.41 32.71 -39.49
N LEU G 114 43.67 32.69 -38.19
CA LEU G 114 42.77 33.24 -37.19
C LEU G 114 43.43 34.34 -36.36
N CYS G 115 42.60 35.28 -35.93
CA CYS G 115 42.99 36.30 -34.96
C CYS G 115 41.90 36.38 -33.91
N VAL G 116 42.32 36.29 -32.64
CA VAL G 116 41.43 36.45 -31.50
C VAL G 116 41.91 37.63 -30.71
N ALA G 117 41.02 38.58 -30.44
CA ALA G 117 41.39 39.82 -29.76
C ALA G 117 40.52 40.02 -28.54
N GLU G 118 41.09 40.60 -27.49
CA GLU G 118 40.39 40.89 -26.24
C GLU G 118 40.68 42.30 -25.79
N VAL G 119 39.65 43.02 -25.35
CA VAL G 119 39.81 44.33 -24.73
C VAL G 119 39.45 44.23 -23.26
N ALA G 120 39.72 45.31 -22.53
CA ALA G 120 39.45 45.34 -21.10
C ALA G 120 37.95 45.38 -20.85
N HIS G 121 37.56 45.00 -19.64
CA HIS G 121 36.16 45.20 -19.28
C HIS G 121 35.89 46.65 -18.96
N TYR G 122 34.63 47.04 -19.10
CA TYR G 122 34.24 48.44 -18.95
C TYR G 122 34.74 48.96 -17.61
N GLY G 123 35.42 50.10 -17.65
CA GLY G 123 35.92 50.69 -16.43
C GLY G 123 37.18 50.06 -15.91
N GLU G 124 37.70 49.04 -16.55
CA GLU G 124 38.95 48.42 -16.13
C GLU G 124 40.07 48.90 -17.05
N THR G 125 41.29 48.92 -16.52
CA THR G 125 42.46 49.36 -17.25
C THR G 125 43.31 48.14 -17.55
N LYS G 126 43.38 47.76 -18.82
CA LYS G 126 44.19 46.63 -19.25
C LYS G 126 44.43 46.77 -20.75
N ARG G 127 45.62 46.43 -21.17
CA ARG G 127 45.98 46.64 -22.56
C ARG G 127 45.31 45.60 -23.45
N PRO G 128 44.93 45.97 -24.67
CA PRO G 128 44.33 44.99 -25.57
C PRO G 128 45.29 43.86 -25.86
N GLU G 129 44.73 42.69 -26.19
CA GLU G 129 45.53 41.53 -26.53
C GLU G 129 45.11 41.01 -27.89
N LEU G 130 46.10 40.67 -28.70
CA LEU G 130 45.90 40.10 -30.02
C LEU G 130 46.63 38.78 -30.09
N TYR G 131 45.95 37.76 -30.59
CA TYR G 131 46.50 36.43 -30.74
C TYR G 131 46.30 35.99 -32.18
N ARG G 132 47.32 35.36 -32.74
CA ARG G 132 47.29 34.89 -34.11
C ARG G 132 47.53 33.38 -34.11
N ILE G 133 46.64 32.65 -34.77
CA ILE G 133 46.71 31.20 -34.87
C ILE G 133 46.77 30.83 -36.34
N THR G 134 47.77 30.03 -36.73
CA THR G 134 47.94 29.64 -38.12
C THR G 134 47.41 28.23 -38.35
N TYR G 135 47.45 27.80 -39.61
CA TYR G 135 46.77 26.58 -40.03
C TYR G 135 47.26 25.33 -39.30
N ASP G 136 48.43 25.38 -38.67
CA ASP G 136 49.00 24.20 -38.03
C ASP G 136 48.90 24.24 -36.52
N GLY G 137 48.19 25.21 -35.95
CA GLY G 137 48.09 25.33 -34.52
C GLY G 137 49.14 26.18 -33.88
N SER G 138 50.02 26.80 -34.66
CA SER G 138 50.98 27.73 -34.10
C SER G 138 50.26 28.98 -33.62
N ILE G 139 50.64 29.47 -32.45
CA ILE G 139 49.98 30.60 -31.82
C ILE G 139 51.01 31.63 -31.37
N ALA G 140 50.74 32.90 -31.60
CA ALA G 140 51.65 33.96 -31.18
C ALA G 140 50.84 35.20 -30.83
N ASP G 141 51.16 35.85 -29.73
CA ASP G 141 50.48 37.07 -29.30
C ASP G 141 51.30 38.31 -29.66
N GLU G 142 50.67 39.25 -30.34
CA GLU G 142 51.40 40.46 -30.70
C GLU G 142 50.74 41.70 -30.11
N PRO G 143 51.52 42.73 -29.77
CA PRO G 143 51.00 43.83 -28.95
C PRO G 143 50.37 44.95 -29.75
N HIS G 144 50.66 45.02 -31.05
CA HIS G 144 50.24 46.16 -31.86
C HIS G 144 49.30 45.77 -32.98
N PHE G 145 49.64 44.78 -33.80
CA PHE G 145 48.76 44.45 -34.91
C PHE G 145 49.01 43.04 -35.39
N VAL G 146 48.03 42.51 -36.12
CA VAL G 146 48.05 41.20 -36.75
C VAL G 146 47.59 41.36 -38.18
N VAL G 147 48.27 40.69 -39.09
CA VAL G 147 47.95 40.70 -40.51
C VAL G 147 47.83 39.26 -40.95
N MET G 148 46.77 38.94 -41.70
CA MET G 148 46.48 37.56 -42.07
C MET G 148 45.96 37.46 -43.49
N GLY G 149 46.38 36.40 -44.19
CA GLY G 149 45.78 36.08 -45.46
C GLY G 149 46.40 36.85 -46.61
N GLY G 150 46.51 36.21 -47.77
CA GLY G 150 47.09 36.89 -48.91
C GLY G 150 48.57 37.15 -48.71
N THR G 151 49.04 38.19 -49.39
CA THR G 151 50.45 38.60 -49.31
C THR G 151 50.61 39.54 -48.13
N THR G 152 51.12 39.01 -47.02
CA THR G 152 51.13 39.75 -45.77
C THR G 152 52.29 40.73 -45.67
N GLU G 153 53.48 40.33 -46.14
CA GLU G 153 54.70 41.10 -45.89
C GLU G 153 54.60 42.57 -46.28
N PRO G 154 54.04 42.95 -47.43
CA PRO G 154 53.91 44.40 -47.71
C PRO G 154 53.05 45.12 -46.70
N ILE G 155 51.93 44.50 -46.30
CA ILE G 155 51.01 45.12 -45.35
C ILE G 155 51.65 45.23 -43.98
N ALA G 156 52.33 44.16 -43.54
CA ALA G 156 53.03 44.20 -42.27
C ALA G 156 54.08 45.31 -42.26
N ASN G 157 54.85 45.43 -43.35
CA ASN G 157 55.87 46.47 -43.41
C ASN G 157 55.24 47.86 -43.38
N ALA G 158 54.16 48.06 -44.14
CA ALA G 158 53.47 49.35 -44.13
C ALA G 158 53.01 49.73 -42.73
N LEU G 159 52.41 48.78 -42.00
CA LEU G 159 51.98 49.09 -40.65
C LEU G 159 53.17 49.34 -39.74
N LYS G 160 54.24 48.56 -39.91
CA LYS G 160 55.47 48.82 -39.15
C LYS G 160 55.95 50.24 -39.38
N GLU G 161 55.79 50.77 -40.59
CA GLU G 161 56.17 52.15 -40.86
C GLU G 161 55.20 53.13 -40.22
N SER G 162 53.92 52.78 -40.14
CA SER G 162 52.89 53.78 -39.85
C SER G 162 52.11 53.59 -38.55
N TYR G 163 52.39 52.56 -37.76
CA TYR G 163 51.57 52.33 -36.57
C TYR G 163 52.11 53.13 -35.39
N ALA G 164 51.23 53.85 -34.72
CA ALA G 164 51.51 54.52 -33.47
C ALA G 164 50.53 54.07 -32.40
N GLU G 165 51.01 53.85 -31.19
CA GLU G 165 50.14 53.39 -30.12
C GLU G 165 49.08 54.45 -29.81
N ASN G 166 48.03 54.02 -29.13
CA ASN G 166 46.92 54.90 -28.74
C ASN G 166 46.49 55.80 -29.88
N ALA G 167 46.43 55.27 -31.09
CA ALA G 167 45.96 56.03 -32.21
C ALA G 167 44.47 56.34 -32.06
N SER G 168 44.00 57.30 -32.85
CA SER G 168 42.59 57.60 -32.86
C SER G 168 41.87 56.59 -33.74
N LEU G 169 40.54 56.54 -33.61
CA LEU G 169 39.78 55.62 -34.45
C LEU G 169 39.95 55.97 -35.91
N THR G 170 39.82 57.24 -36.25
CA THR G 170 40.00 57.66 -37.64
C THR G 170 41.41 57.36 -38.12
N ASP G 171 42.41 57.68 -37.29
CA ASP G 171 43.79 57.41 -37.65
C ASP G 171 44.02 55.91 -37.83
N ALA G 172 43.58 55.11 -36.88
CA ALA G 172 43.81 53.68 -36.98
C ALA G 172 43.15 53.10 -38.22
N LEU G 173 41.93 53.55 -38.52
CA LEU G 173 41.24 53.05 -39.70
C LEU G 173 41.99 53.41 -40.97
N ARG G 174 42.35 54.68 -41.15
CA ARG G 174 43.01 55.06 -42.41
C ARG G 174 44.37 54.41 -42.53
N ILE G 175 45.10 54.25 -41.42
CA ILE G 175 46.37 53.53 -41.44
C ILE G 175 46.14 52.08 -41.87
N ALA G 176 45.06 51.46 -41.38
CA ALA G 176 44.79 50.07 -41.73
C ALA G 176 44.43 49.92 -43.19
N VAL G 177 43.51 50.76 -43.68
CA VAL G 177 43.11 50.65 -45.08
C VAL G 177 44.29 50.94 -45.99
N ALA G 178 45.11 51.91 -45.63
CA ALA G 178 46.32 52.17 -46.40
C ALA G 178 47.19 50.93 -46.47
N ALA G 179 47.44 50.31 -45.31
CA ALA G 179 48.26 49.10 -45.31
C ALA G 179 47.64 48.02 -46.18
N LEU G 180 46.30 47.87 -46.13
CA LEU G 180 45.66 46.89 -46.98
C LEU G 180 45.81 47.22 -48.46
N ARG G 181 45.89 48.50 -48.79
CA ARG G 181 46.01 48.91 -50.18
C ARG G 181 47.28 48.35 -50.80
N ALA G 182 48.35 48.24 -50.01
CA ALA G 182 49.57 47.61 -50.48
C ALA G 182 49.44 46.09 -50.41
N GLY G 183 48.40 45.53 -51.01
CA GLY G 183 48.16 44.11 -50.87
C GLY G 183 47.39 43.42 -51.97
N SER G 184 47.18 44.08 -53.10
CA SER G 184 46.53 43.41 -54.24
C SER G 184 47.09 43.91 -55.58
N GLY G 196 37.61 50.53 -51.73
CA GLY G 196 36.37 51.26 -51.52
C GLY G 196 35.60 50.88 -50.28
N VAL G 197 34.45 51.53 -50.07
CA VAL G 197 33.64 51.27 -48.89
C VAL G 197 32.87 49.97 -49.04
N ALA G 198 32.12 49.82 -50.12
CA ALA G 198 31.34 48.62 -50.39
C ALA G 198 32.23 47.44 -50.75
N SER G 199 33.50 47.50 -50.33
CA SER G 199 34.44 46.41 -50.51
C SER G 199 35.21 46.11 -49.23
N LEU G 200 34.81 46.71 -48.12
CA LEU G 200 35.44 46.50 -46.83
C LEU G 200 34.43 46.02 -45.82
N GLU G 201 34.90 45.23 -44.86
CA GLU G 201 34.16 44.89 -43.65
C GLU G 201 34.97 45.42 -42.49
N VAL G 202 34.35 46.27 -41.66
CA VAL G 202 35.05 46.97 -40.61
C VAL G 202 34.26 46.82 -39.31
N ALA G 203 34.96 46.51 -38.22
CA ALA G 203 34.30 46.39 -36.94
C ALA G 203 35.30 46.68 -35.84
N VAL G 204 34.79 46.92 -34.63
CA VAL G 204 35.64 47.29 -33.50
C VAL G 204 35.20 46.55 -32.24
N LEU G 205 36.19 46.21 -31.42
CA LEU G 205 35.98 45.91 -30.01
C LEU G 205 36.15 47.23 -29.27
N ASP G 206 35.03 47.82 -28.87
CA ASP G 206 35.00 49.15 -28.25
C ASP G 206 35.07 48.97 -26.74
N ALA G 207 36.25 49.21 -26.16
CA ALA G 207 36.42 49.03 -24.73
C ALA G 207 35.55 49.96 -23.92
N ASN G 208 34.83 50.87 -24.58
CA ASN G 208 33.96 51.82 -23.91
C ASN G 208 32.51 51.34 -23.84
N ARG G 209 32.17 50.28 -24.54
CA ARG G 209 30.79 49.85 -24.40
C ARG G 209 30.61 49.08 -23.10
N PRO G 210 29.45 49.20 -22.44
CA PRO G 210 29.31 48.62 -21.10
C PRO G 210 29.51 47.11 -21.04
N ARG G 211 28.81 46.33 -21.88
CA ARG G 211 29.05 44.90 -21.87
C ARG G 211 29.58 44.38 -23.19
N ARG G 212 28.72 44.23 -24.19
CA ARG G 212 29.14 43.66 -25.47
C ARG G 212 29.92 44.72 -26.24
N ALA G 213 31.22 44.48 -26.42
CA ALA G 213 32.10 45.47 -27.03
C ALA G 213 32.05 45.47 -28.55
N PHE G 214 31.60 44.38 -29.16
CA PHE G 214 31.65 44.26 -30.61
C PHE G 214 30.66 45.21 -31.26
N ARG G 215 31.14 45.94 -32.26
CA ARG G 215 30.36 46.99 -32.92
C ARG G 215 30.77 47.05 -34.39
N ARG G 216 29.81 46.88 -35.29
CA ARG G 216 30.12 47.03 -36.71
C ARG G 216 29.99 48.49 -37.12
N ILE G 217 30.77 48.88 -38.13
CA ILE G 217 30.73 50.21 -38.70
C ILE G 217 30.42 50.07 -40.18
N THR G 218 29.24 50.53 -40.60
CA THR G 218 28.74 50.28 -41.95
C THR G 218 28.14 51.55 -42.53
N GLY G 219 28.07 51.56 -43.86
CA GLY G 219 27.34 52.61 -44.58
C GLY G 219 27.86 54.00 -44.31
N SER G 220 26.92 54.89 -43.99
CA SER G 220 27.27 56.30 -43.81
C SER G 220 28.37 56.47 -42.77
N ALA G 221 28.28 55.74 -41.66
CA ALA G 221 29.30 55.85 -40.62
C ALA G 221 30.69 55.55 -41.15
N LEU G 222 30.84 54.45 -41.90
CA LEU G 222 32.15 54.11 -42.45
C LEU G 222 32.59 55.14 -43.48
N GLN G 223 31.68 55.55 -44.36
CA GLN G 223 32.01 56.54 -45.38
C GLN G 223 32.51 57.83 -44.74
N ALA G 224 31.82 58.28 -43.70
CA ALA G 224 32.22 59.47 -42.95
C ALA G 224 33.58 59.30 -42.30
N LEU G 225 33.85 58.10 -41.76
CA LEU G 225 35.12 57.88 -41.08
C LEU G 225 36.30 57.89 -42.02
N LEU G 226 36.08 57.59 -43.30
CA LEU G 226 37.19 57.53 -44.23
C LEU G 226 37.63 58.93 -44.66
N VAL G 227 36.70 59.84 -44.82
CA VAL G 227 37.03 61.21 -45.23
C VAL G 227 36.50 62.18 -44.18
N THR H 1 24.86 20.44 14.38
CA THR H 1 25.88 21.22 13.68
C THR H 1 25.46 22.68 13.65
N THR H 2 26.42 23.59 13.80
CA THR H 2 26.17 24.99 13.53
C THR H 2 27.41 25.60 12.90
N ILE H 3 27.23 26.25 11.76
CA ILE H 3 28.29 26.99 11.09
C ILE H 3 27.82 28.44 10.98
N VAL H 4 28.70 29.37 11.34
CA VAL H 4 28.37 30.78 11.23
C VAL H 4 29.43 31.48 10.37
N ALA H 5 29.01 32.52 9.68
CA ALA H 5 29.92 33.36 8.93
C ALA H 5 29.39 34.78 8.97
N LEU H 6 30.28 35.75 9.14
CA LEU H 6 29.86 37.14 9.13
C LEU H 6 30.93 38.01 8.51
N LYS H 7 30.47 39.09 7.87
CA LYS H 7 31.35 40.09 7.28
C LYS H 7 31.73 41.10 8.34
N TYR H 8 32.99 41.49 8.35
CA TYR H 8 33.47 42.61 9.15
C TYR H 8 34.19 43.55 8.22
N PRO H 9 34.42 44.80 8.65
CA PRO H 9 35.11 45.76 7.78
C PRO H 9 36.44 45.22 7.26
N GLY H 10 36.49 44.93 5.97
CA GLY H 10 37.70 44.46 5.36
C GLY H 10 37.91 42.97 5.36
N GLY H 11 36.94 42.19 5.83
CA GLY H 11 37.15 40.76 5.85
C GLY H 11 35.90 39.99 6.19
N VAL H 12 36.10 38.69 6.40
CA VAL H 12 35.05 37.72 6.67
C VAL H 12 35.56 36.70 7.68
N VAL H 13 34.66 36.16 8.48
CA VAL H 13 35.03 35.13 9.44
C VAL H 13 33.99 34.01 9.39
N MET H 14 34.45 32.77 9.57
CA MET H 14 33.58 31.61 9.63
C MET H 14 34.04 30.69 10.75
N ALA H 15 33.09 30.15 11.50
CA ALA H 15 33.41 29.27 12.62
C ALA H 15 32.38 28.15 12.69
N GLY H 16 32.81 27.02 13.21
CA GLY H 16 31.93 25.85 13.30
C GLY H 16 32.23 25.05 14.54
N ASP H 17 31.21 24.33 15.01
CA ASP H 17 31.33 23.53 16.21
C ASP H 17 32.07 22.22 15.90
N ARG H 18 32.26 21.39 16.92
CA ARG H 18 33.14 20.25 16.84
C ARG H 18 32.45 18.91 17.11
N ARG H 19 31.13 18.88 17.14
CA ARG H 19 30.41 17.68 17.58
C ARG H 19 29.91 16.85 16.41
N SER H 20 30.01 15.53 16.56
CA SER H 20 29.45 14.56 15.62
C SER H 20 28.55 13.59 16.36
N THR H 21 27.35 13.38 15.84
CA THR H 21 26.37 12.50 16.46
C THR H 21 25.91 11.43 15.49
N GLN H 22 25.45 10.31 16.04
CA GLN H 22 24.64 9.33 15.34
C GLN H 22 23.35 9.24 16.13
N GLY H 23 22.32 9.95 15.67
CA GLY H 23 21.11 10.07 16.45
C GLY H 23 21.31 10.88 17.70
N ASN H 24 21.06 10.26 18.86
CA ASN H 24 21.28 10.91 20.14
C ASN H 24 22.68 10.69 20.68
N MET H 25 23.39 9.68 20.19
CA MET H 25 24.70 9.36 20.71
C MET H 25 25.74 10.30 20.14
N ILE H 26 26.64 10.76 21.01
CA ILE H 26 27.78 11.57 20.59
C ILE H 26 28.87 10.64 20.06
N SER H 27 29.20 10.79 18.78
CA SER H 27 30.21 9.97 18.13
C SER H 27 31.51 10.71 17.87
N GLY H 28 31.57 12.00 18.16
CA GLY H 28 32.80 12.75 17.98
C GLY H 28 32.82 14.08 18.70
N ARG H 29 33.98 14.45 19.23
CA ARG H 29 34.14 15.70 19.96
C ARG H 29 35.12 16.68 19.33
N ASP H 30 35.89 16.26 18.31
CA ASP H 30 36.97 17.08 17.78
C ASP H 30 36.87 17.29 16.28
N VAL H 31 35.71 17.04 15.67
CA VAL H 31 35.64 17.03 14.22
C VAL H 31 35.81 18.45 13.69
N ARG H 32 36.07 18.53 12.38
CA ARG H 32 36.41 19.79 11.71
C ARG H 32 35.42 19.98 10.57
N LYS H 33 34.65 21.07 10.63
CA LYS H 33 33.60 21.31 9.66
C LYS H 33 33.84 22.53 8.78
N VAL H 34 34.87 23.31 9.04
CA VAL H 34 35.18 24.50 8.25
C VAL H 34 36.54 24.28 7.61
N TYR H 35 36.58 24.32 6.29
CA TYR H 35 37.78 24.02 5.52
C TYR H 35 38.15 25.19 4.62
N ILE H 36 39.44 25.50 4.58
CA ILE H 36 39.94 26.49 3.64
C ILE H 36 40.01 25.81 2.27
N THR H 37 39.13 26.21 1.35
CA THR H 37 39.10 25.57 0.04
C THR H 37 39.96 26.28 -0.99
N ASP H 38 40.26 27.56 -0.79
CA ASP H 38 41.30 28.19 -1.59
C ASP H 38 41.79 29.42 -0.85
N ASP H 39 42.85 30.02 -1.39
CA ASP H 39 43.53 31.11 -0.69
C ASP H 39 42.58 32.19 -0.19
N TYR H 40 41.41 32.34 -0.82
CA TYR H 40 40.47 33.39 -0.44
C TYR H 40 39.07 32.88 -0.16
N THR H 41 38.87 31.58 0.03
CA THR H 41 37.54 31.07 0.33
C THR H 41 37.63 29.91 1.30
N ALA H 42 36.68 29.89 2.23
CA ALA H 42 36.47 28.80 3.17
C ALA H 42 35.03 28.31 3.06
N THR H 43 34.86 27.01 3.30
CA THR H 43 33.58 26.33 3.23
C THR H 43 33.31 25.62 4.55
N GLY H 44 32.11 25.82 5.09
CA GLY H 44 31.66 25.05 6.24
C GLY H 44 30.43 24.27 5.85
N ILE H 45 30.36 23.01 6.28
CA ILE H 45 29.30 22.14 5.77
C ILE H 45 28.58 21.44 6.90
N ALA H 46 27.27 21.30 6.76
CA ALA H 46 26.41 20.60 7.71
C ALA H 46 25.70 19.45 7.02
N GLY H 47 25.47 18.37 7.75
CA GLY H 47 24.78 17.23 7.19
C GLY H 47 25.58 15.96 7.42
N THR H 48 25.39 14.97 6.55
CA THR H 48 26.12 13.72 6.70
C THR H 48 27.62 13.97 6.54
N ALA H 49 28.39 13.44 7.48
CA ALA H 49 29.81 13.73 7.54
C ALA H 49 30.53 13.33 6.26
N ALA H 50 30.27 12.12 5.78
CA ALA H 50 30.92 11.65 4.56
C ALA H 50 30.68 12.62 3.41
N VAL H 51 29.43 13.01 3.22
CA VAL H 51 29.10 13.90 2.11
C VAL H 51 29.73 15.27 2.32
N ALA H 52 29.74 15.77 3.55
CA ALA H 52 30.32 17.08 3.82
C ALA H 52 31.80 17.09 3.49
N VAL H 53 32.54 16.11 4.00
CA VAL H 53 33.98 16.05 3.73
C VAL H 53 34.23 15.93 2.24
N GLU H 54 33.46 15.09 1.55
CA GLU H 54 33.67 14.96 0.11
C GLU H 54 33.41 16.29 -0.60
N PHE H 55 32.37 17.02 -0.20
CA PHE H 55 32.14 18.34 -0.77
C PHE H 55 33.36 19.23 -0.60
N ALA H 56 33.83 19.39 0.63
CA ALA H 56 34.94 20.29 0.87
C ALA H 56 36.17 19.90 0.06
N ARG H 57 36.53 18.62 0.12
CA ARG H 57 37.73 18.14 -0.55
C ARG H 57 37.61 18.32 -2.06
N LEU H 58 36.53 17.79 -2.63
CA LEU H 58 36.32 17.82 -4.07
C LEU H 58 36.24 19.26 -4.58
N TYR H 59 35.62 20.14 -3.81
CA TYR H 59 35.51 21.55 -4.20
C TYR H 59 36.88 22.20 -4.24
N ALA H 60 37.67 22.02 -3.19
CA ALA H 60 39.03 22.56 -3.20
C ALA H 60 39.80 22.07 -4.43
N VAL H 61 39.71 20.76 -4.71
CA VAL H 61 40.39 20.23 -5.89
C VAL H 61 39.87 20.89 -7.17
N GLU H 62 38.56 21.12 -7.27
CA GLU H 62 38.05 21.70 -8.50
C GLU H 62 38.58 23.11 -8.70
N LEU H 63 38.56 23.93 -7.64
CA LEU H 63 39.06 25.29 -7.76
C LEU H 63 40.51 25.31 -8.20
N GLU H 64 41.38 24.60 -7.47
CA GLU H 64 42.79 24.66 -7.84
C GLU H 64 43.05 23.98 -9.18
N HIS H 65 42.23 22.99 -9.54
CA HIS H 65 42.33 22.40 -10.86
C HIS H 65 42.14 23.45 -11.93
N TYR H 66 41.05 24.22 -11.85
CA TYR H 66 40.86 25.29 -12.82
C TYR H 66 42.04 26.24 -12.82
N GLU H 67 42.54 26.58 -11.63
CA GLU H 67 43.61 27.58 -11.55
C GLU H 67 44.89 27.09 -12.23
N LYS H 68 45.25 25.82 -12.06
CA LYS H 68 46.46 25.34 -12.70
C LYS H 68 46.26 25.12 -14.18
N LEU H 69 45.05 24.72 -14.60
CA LEU H 69 44.84 24.51 -16.03
C LEU H 69 44.87 25.83 -16.79
N GLU H 70 44.24 26.87 -16.24
CA GLU H 70 44.02 28.11 -16.97
C GLU H 70 44.91 29.26 -16.50
N GLY H 71 45.80 29.02 -15.54
CA GLY H 71 46.74 30.05 -15.12
C GLY H 71 46.16 31.19 -14.31
N VAL H 72 44.89 31.15 -13.97
CA VAL H 72 44.23 32.23 -13.23
C VAL H 72 43.10 31.63 -12.41
N PRO H 73 42.84 32.09 -11.20
CA PRO H 73 41.74 31.54 -10.41
C PRO H 73 40.39 32.01 -10.93
N LEU H 74 39.36 31.25 -10.57
CA LEU H 74 38.00 31.60 -10.92
C LEU H 74 37.60 32.92 -10.29
N THR H 75 36.75 33.67 -11.00
CA THR H 75 36.05 34.77 -10.38
C THR H 75 35.18 34.22 -9.26
N PHE H 76 34.83 35.09 -8.31
CA PHE H 76 34.04 34.60 -7.18
C PHE H 76 32.72 34.03 -7.66
N ALA H 77 32.06 34.70 -8.61
CA ALA H 77 30.83 34.16 -9.19
C ALA H 77 31.04 32.75 -9.71
N GLY H 78 32.18 32.49 -10.34
CA GLY H 78 32.45 31.15 -10.83
C GLY H 78 32.54 30.13 -9.71
N LYS H 79 33.26 30.47 -8.63
CA LYS H 79 33.34 29.58 -7.49
C LYS H 79 31.95 29.23 -6.96
N ILE H 80 31.12 30.27 -6.79
CA ILE H 80 29.74 30.05 -6.36
C ILE H 80 29.04 29.08 -7.30
N ASN H 81 29.13 29.34 -8.60
CA ASN H 81 28.42 28.50 -9.55
C ASN H 81 28.86 27.05 -9.44
N ARG H 82 30.15 26.81 -9.26
CA ARG H 82 30.60 25.42 -9.21
C ARG H 82 30.11 24.73 -7.94
N LEU H 83 30.16 25.42 -6.81
CA LEU H 83 29.63 24.82 -5.58
C LEU H 83 28.15 24.49 -5.73
N ALA H 84 27.39 25.41 -6.30
CA ALA H 84 25.97 25.17 -6.51
C ALA H 84 25.75 23.94 -7.39
N ILE H 85 26.49 23.86 -8.49
CA ILE H 85 26.35 22.72 -9.39
C ILE H 85 26.68 21.42 -8.66
N MET H 86 27.65 21.47 -7.74
CA MET H 86 27.99 20.27 -6.97
C MET H 86 26.82 19.85 -6.08
N VAL H 87 26.26 20.79 -5.33
CA VAL H 87 25.13 20.46 -4.45
C VAL H 87 23.97 19.89 -5.25
N ARG H 88 23.59 20.58 -6.32
CA ARG H 88 22.51 20.08 -7.17
C ARG H 88 22.83 18.68 -7.65
N GLY H 89 24.10 18.42 -7.95
CA GLY H 89 24.51 17.08 -8.33
C GLY H 89 24.23 16.08 -7.23
N ASN H 90 24.39 16.49 -5.97
CA ASN H 90 24.13 15.55 -4.90
C ASN H 90 22.65 15.43 -4.56
N LEU H 91 21.77 16.25 -5.17
CA LEU H 91 20.36 16.23 -4.78
C LEU H 91 19.79 14.82 -4.73
N ALA H 92 20.12 13.99 -5.72
CA ALA H 92 19.55 12.65 -5.77
C ALA H 92 19.85 11.88 -4.49
N ALA H 93 21.14 11.80 -4.11
CA ALA H 93 21.52 11.15 -2.86
C ALA H 93 20.95 11.85 -1.64
N ALA H 94 20.84 13.18 -1.69
CA ALA H 94 20.32 13.93 -0.55
C ALA H 94 18.90 13.49 -0.21
N MET H 95 18.04 13.38 -1.24
CA MET H 95 16.71 12.82 -1.03
C MET H 95 16.74 11.43 -0.43
N GLN H 96 17.89 10.76 -0.44
CA GLN H 96 17.99 9.42 0.11
C GLN H 96 18.64 9.41 1.48
N GLY H 97 18.98 10.58 2.03
CA GLY H 97 19.55 10.67 3.35
C GLY H 97 20.98 11.14 3.38
N LEU H 98 21.67 11.15 2.24
CA LEU H 98 23.03 11.64 2.18
C LEU H 98 23.04 13.14 1.88
N LEU H 99 22.46 13.90 2.79
CA LEU H 99 22.22 15.31 2.59
C LEU H 99 23.34 16.11 3.26
N ALA H 100 23.85 17.11 2.54
CA ALA H 100 24.84 18.02 3.10
C ALA H 100 24.70 19.37 2.42
N LEU H 101 24.67 20.44 3.21
CA LEU H 101 24.58 21.80 2.74
C LEU H 101 25.83 22.57 3.11
N PRO H 102 26.38 23.32 2.20
CA PRO H 102 27.53 24.16 2.53
C PRO H 102 27.14 25.60 2.77
N LEU H 103 28.07 26.30 3.39
CA LEU H 103 28.02 27.75 3.59
C LEU H 103 29.36 28.28 3.15
N LEU H 104 29.33 29.24 2.23
CA LEU H 104 30.53 29.73 1.57
C LEU H 104 30.86 31.11 2.09
N ALA H 105 32.12 31.29 2.46
CA ALA H 105 32.61 32.60 2.88
C ALA H 105 33.87 32.88 2.09
N GLY H 106 33.98 34.07 1.50
CA GLY H 106 35.14 34.40 0.71
C GLY H 106 35.43 35.88 0.74
N TYR H 107 36.61 36.23 0.23
CA TYR H 107 37.02 37.61 0.04
C TYR H 107 37.28 37.80 -1.45
N ASP H 108 36.52 38.67 -2.08
CA ASP H 108 36.62 38.85 -3.53
C ASP H 108 37.75 39.83 -3.82
N ILE H 109 38.86 39.32 -4.35
CA ILE H 109 40.00 40.20 -4.62
C ILE H 109 39.66 41.23 -5.69
N HIS H 110 38.68 40.95 -6.53
CA HIS H 110 38.30 41.85 -7.61
C HIS H 110 37.16 42.77 -7.24
N ALA H 111 36.73 42.77 -5.98
CA ALA H 111 35.64 43.63 -5.55
C ALA H 111 36.08 45.08 -5.60
N SER H 112 35.09 45.97 -5.76
CA SER H 112 35.40 47.39 -5.88
C SER H 112 35.93 47.95 -4.56
N ASP H 113 35.22 47.72 -3.46
CA ASP H 113 35.57 48.30 -2.17
C ASP H 113 36.25 47.25 -1.30
N PRO H 114 37.55 47.37 -1.02
CA PRO H 114 38.24 46.34 -0.24
C PRO H 114 37.69 46.14 1.17
N GLN H 115 36.91 47.09 1.69
CA GLN H 115 36.32 46.94 3.02
C GLN H 115 34.99 46.21 2.98
N SER H 116 34.32 46.18 1.82
CA SER H 116 33.11 45.40 1.63
C SER H 116 33.32 44.24 0.68
N ALA H 117 34.55 43.80 0.51
CA ALA H 117 34.89 42.67 -0.35
C ALA H 117 34.51 41.33 0.25
N GLY H 118 33.97 41.32 1.46
CA GLY H 118 33.50 40.08 2.03
C GLY H 118 32.28 39.53 1.32
N ARG H 119 32.20 38.20 1.29
CA ARG H 119 31.11 37.53 0.62
C ARG H 119 30.66 36.34 1.44
N ILE H 120 29.35 36.20 1.58
CA ILE H 120 28.73 35.10 2.29
C ILE H 120 27.61 34.56 1.40
N VAL H 121 27.69 33.30 1.03
CA VAL H 121 26.72 32.69 0.13
C VAL H 121 26.16 31.46 0.81
N SER H 122 24.83 31.35 0.82
CA SER H 122 24.15 30.18 1.36
C SER H 122 23.51 29.39 0.24
N PHE H 123 23.33 28.09 0.49
CA PHE H 123 22.85 27.15 -0.51
C PHE H 123 21.73 26.29 0.06
N ASP H 124 20.85 25.82 -0.81
CA ASP H 124 19.84 24.84 -0.45
C ASP H 124 20.11 23.50 -1.16
N ALA H 125 19.30 22.50 -0.82
CA ALA H 125 19.57 21.13 -1.26
C ALA H 125 19.56 20.99 -2.77
N ALA H 126 18.95 21.94 -3.48
CA ALA H 126 18.92 21.92 -4.93
C ALA H 126 19.99 22.80 -5.55
N GLY H 127 20.89 23.36 -4.72
CA GLY H 127 21.95 24.19 -5.22
C GLY H 127 21.62 25.65 -5.38
N GLY H 128 20.36 26.04 -5.18
CA GLY H 128 20.03 27.45 -5.22
C GLY H 128 20.83 28.20 -4.17
N TRP H 129 21.31 29.38 -4.54
CA TRP H 129 22.20 30.13 -3.68
C TRP H 129 21.71 31.55 -3.50
N ASN H 130 22.14 32.16 -2.40
CA ASN H 130 21.87 33.56 -2.13
C ASN H 130 23.12 34.20 -1.56
N ILE H 131 23.50 35.34 -2.13
CA ILE H 131 24.59 36.14 -1.60
C ILE H 131 24.02 37.02 -0.50
N GLU H 132 24.56 36.89 0.71
CA GLU H 132 23.96 37.50 1.88
C GLU H 132 24.37 38.96 1.97
N GLU H 133 23.42 39.85 1.76
CA GLU H 133 23.64 41.28 1.87
C GLU H 133 23.39 41.81 3.28
N GLU H 134 23.00 40.95 4.23
CA GLU H 134 22.72 41.45 5.56
C GLU H 134 23.85 41.20 6.56
N GLY H 135 24.96 40.61 6.14
CA GLY H 135 26.17 40.62 6.94
C GLY H 135 26.54 39.33 7.64
N TYR H 136 25.58 38.45 7.92
CA TYR H 136 25.89 37.20 8.62
C TYR H 136 24.95 36.12 8.15
N GLN H 137 25.32 34.87 8.44
CA GLN H 137 24.51 33.73 8.02
C GLN H 137 25.02 32.51 8.77
N ALA H 138 24.17 31.49 8.87
CA ALA H 138 24.52 30.26 9.56
C ALA H 138 23.80 29.09 8.91
N VAL H 139 24.30 27.88 9.17
CA VAL H 139 23.73 26.67 8.59
C VAL H 139 23.87 25.55 9.61
N GLY H 140 22.95 24.61 9.58
CA GLY H 140 22.95 23.49 10.48
C GLY H 140 21.74 23.48 11.38
N SER H 141 21.70 22.47 12.26
CA SER H 141 20.56 22.26 13.14
C SER H 141 20.43 23.36 14.18
N GLY H 142 21.51 24.09 14.47
CA GLY H 142 21.46 25.23 15.36
C GLY H 142 21.46 26.58 14.68
N SER H 143 21.24 26.62 13.37
CA SER H 143 21.48 27.86 12.62
C SER H 143 20.52 28.96 13.05
N LEU H 144 19.27 28.63 13.34
CA LEU H 144 18.32 29.67 13.72
C LEU H 144 18.75 30.36 15.00
N PHE H 145 19.20 29.59 15.99
CA PHE H 145 19.64 30.18 17.23
C PHE H 145 20.82 31.10 17.01
N ALA H 146 21.77 30.68 16.16
CA ALA H 146 22.93 31.51 15.90
C ALA H 146 22.55 32.78 15.16
N LYS H 147 21.71 32.67 14.13
CA LYS H 147 21.29 33.85 13.39
C LYS H 147 20.56 34.83 14.28
N SER H 148 19.66 34.34 15.11
CA SER H 148 18.92 35.25 15.98
C SER H 148 19.84 35.89 17.02
N SER H 149 20.90 35.19 17.43
CA SER H 149 21.88 35.79 18.32
C SER H 149 22.67 36.89 17.62
N MET H 150 23.22 36.58 16.46
CA MET H 150 23.98 37.58 15.71
C MET H 150 23.13 38.77 15.34
N LYS H 151 21.83 38.55 15.15
CA LYS H 151 20.94 39.66 14.84
C LYS H 151 21.00 40.73 15.92
N LYS H 152 21.23 40.33 17.17
CA LYS H 152 21.37 41.29 18.26
C LYS H 152 22.81 41.72 18.48
N LEU H 153 23.78 40.84 18.23
CA LEU H 153 25.16 41.16 18.54
C LEU H 153 25.93 41.82 17.40
N TYR H 154 25.33 41.98 16.22
CA TYR H 154 26.12 42.36 15.06
C TYR H 154 26.55 43.82 15.11
N SER H 155 25.76 44.69 15.76
CA SER H 155 26.14 46.09 15.87
C SER H 155 27.49 46.28 16.55
N GLN H 156 27.97 45.28 17.26
CA GLN H 156 29.24 45.34 17.95
C GLN H 156 30.43 44.98 17.07
N VAL H 157 30.19 44.65 15.81
CA VAL H 157 31.27 44.20 14.93
C VAL H 157 31.89 45.42 14.29
N THR H 158 33.14 45.71 14.66
CA THR H 158 33.88 46.82 14.10
C THR H 158 35.21 46.42 13.47
N ASP H 159 35.77 45.27 13.82
CA ASP H 159 37.02 44.81 13.23
C ASP H 159 37.03 43.29 13.22
N GLY H 160 38.15 42.70 12.84
CA GLY H 160 38.23 41.25 12.78
C GLY H 160 38.06 40.60 14.13
N ASP H 161 38.63 41.19 15.18
CA ASP H 161 38.58 40.55 16.49
C ASP H 161 37.17 40.56 17.05
N SER H 162 36.49 41.70 17.01
CA SER H 162 35.12 41.75 17.49
C SER H 162 34.22 40.83 16.68
N GLY H 163 34.44 40.77 15.37
CA GLY H 163 33.68 39.84 14.54
C GLY H 163 33.90 38.41 14.94
N LEU H 164 35.14 38.05 15.27
CA LEU H 164 35.41 36.71 15.75
C LEU H 164 34.67 36.43 17.04
N ARG H 165 34.64 37.42 17.94
CA ARG H 165 33.92 37.26 19.20
C ARG H 165 32.44 37.01 18.95
N VAL H 166 31.80 37.86 18.13
CA VAL H 166 30.38 37.66 17.85
C VAL H 166 30.15 36.28 17.25
N ALA H 167 31.04 35.83 16.37
CA ALA H 167 30.87 34.50 15.79
C ALA H 167 30.89 33.43 16.87
N VAL H 168 31.92 33.44 17.71
CA VAL H 168 32.03 32.41 18.75
C VAL H 168 30.83 32.46 19.70
N GLU H 169 30.33 33.66 19.98
CA GLU H 169 29.20 33.75 20.89
C GLU H 169 27.93 33.19 20.23
N ALA H 170 27.76 33.45 18.94
CA ALA H 170 26.65 32.84 18.21
C ALA H 170 26.71 31.32 18.27
N LEU H 171 27.91 30.76 18.07
CA LEU H 171 28.04 29.32 18.24
C LEU H 171 27.70 28.90 19.67
N TYR H 172 28.04 29.73 20.65
CA TYR H 172 27.72 29.39 22.03
C TYR H 172 26.21 29.31 22.24
N ASP H 173 25.47 30.30 21.76
CA ASP H 173 24.01 30.26 21.88
C ASP H 173 23.44 29.07 21.13
N ALA H 174 23.95 28.82 19.93
CA ALA H 174 23.48 27.67 19.16
C ALA H 174 23.64 26.38 19.94
N ALA H 175 24.83 26.14 20.48
CA ALA H 175 25.02 24.92 21.27
C ALA H 175 24.20 24.94 22.53
N ASP H 176 23.88 26.12 23.04
CA ASP H 176 23.08 26.24 24.26
C ASP H 176 21.67 25.74 24.03
N ASP H 177 21.12 25.98 22.83
CA ASP H 177 19.73 25.65 22.55
C ASP H 177 19.56 24.41 21.68
N ASP H 178 20.65 23.82 21.18
CA ASP H 178 20.59 22.67 20.29
C ASP H 178 21.52 21.56 20.77
N SER H 179 20.97 20.38 21.01
CA SER H 179 21.80 19.28 21.50
C SER H 179 22.69 18.73 20.41
N ALA H 180 22.41 19.04 19.16
CA ALA H 180 23.25 18.57 18.07
C ALA H 180 24.46 19.46 17.82
N THR H 181 24.56 20.60 18.50
CA THR H 181 25.72 21.47 18.40
C THR H 181 26.47 21.46 19.73
N GLY H 182 27.78 21.26 19.66
CA GLY H 182 28.59 21.14 20.86
C GLY H 182 29.23 22.46 21.23
N GLY H 183 29.11 22.83 22.49
CA GLY H 183 29.73 24.04 22.98
C GLY H 183 31.19 23.82 23.35
N PRO H 184 31.83 24.83 23.90
CA PRO H 184 33.24 24.69 24.29
C PRO H 184 33.39 23.69 25.43
N ASP H 185 34.33 22.76 25.26
CA ASP H 185 34.60 21.73 26.29
C ASP H 185 35.80 22.22 27.07
N LEU H 186 35.56 22.88 28.19
CA LEU H 186 36.68 23.42 28.94
C LEU H 186 37.48 22.33 29.64
N VAL H 187 36.90 21.16 29.87
CA VAL H 187 37.65 20.07 30.48
C VAL H 187 38.62 19.46 29.48
N ARG H 188 38.16 19.24 28.25
CA ARG H 188 39.02 18.63 27.24
C ARG H 188 39.79 19.65 26.42
N GLY H 189 39.44 20.94 26.52
CA GLY H 189 40.11 21.97 25.74
C GLY H 189 39.83 21.92 24.27
N ILE H 190 38.58 21.72 23.88
CA ILE H 190 38.18 21.63 22.48
C ILE H 190 37.20 22.77 22.22
N PHE H 191 37.51 23.59 21.23
CA PHE H 191 36.75 24.79 20.95
C PHE H 191 36.40 24.86 19.47
N PRO H 192 35.44 25.70 19.10
CA PRO H 192 35.07 25.79 17.69
C PRO H 192 36.27 26.12 16.81
N THR H 193 36.17 25.76 15.54
CA THR H 193 37.21 26.15 14.61
C THR H 193 36.78 27.44 13.94
N ALA H 194 37.75 28.29 13.63
CA ALA H 194 37.45 29.55 12.98
C ALA H 194 38.50 29.80 11.90
N VAL H 195 38.05 30.43 10.83
CA VAL H 195 38.89 30.87 9.72
C VAL H 195 38.55 32.32 9.45
N ILE H 196 39.58 33.13 9.23
CA ILE H 196 39.40 34.54 8.88
C ILE H 196 39.99 34.76 7.50
N ILE H 197 39.34 35.60 6.70
CA ILE H 197 39.74 35.88 5.33
C ILE H 197 39.74 37.38 5.16
N ASP H 198 40.88 37.94 4.74
CA ASP H 198 40.96 39.36 4.41
C ASP H 198 41.79 39.49 3.14
N ALA H 199 42.29 40.70 2.89
CA ALA H 199 43.05 40.94 1.66
C ALA H 199 44.31 40.10 1.59
N ASP H 200 44.85 39.69 2.73
CA ASP H 200 46.04 38.85 2.74
C ASP H 200 45.73 37.37 2.57
N GLY H 201 44.45 36.99 2.50
CA GLY H 201 44.13 35.59 2.30
C GLY H 201 43.31 34.97 3.42
N ALA H 202 43.26 33.64 3.43
CA ALA H 202 42.50 32.89 4.41
C ALA H 202 43.45 32.19 5.38
N VAL H 203 43.24 32.39 6.67
CA VAL H 203 44.07 31.74 7.68
C VAL H 203 43.18 31.11 8.74
N ASP H 204 43.66 30.00 9.30
CA ASP H 204 43.00 29.38 10.43
C ASP H 204 43.20 30.25 11.66
N VAL H 205 42.12 30.58 12.35
CA VAL H 205 42.25 31.33 13.60
C VAL H 205 42.82 30.40 14.67
N PRO H 206 43.84 30.80 15.41
CA PRO H 206 44.46 29.89 16.37
C PRO H 206 43.52 29.50 17.49
N GLU H 207 43.73 28.30 18.03
CA GLU H 207 42.84 27.76 19.04
C GLU H 207 42.90 28.58 20.33
N SER H 208 44.09 29.03 20.73
CA SER H 208 44.21 29.80 21.95
C SER H 208 43.29 31.02 21.95
N ARG H 209 43.23 31.73 20.83
CA ARG H 209 42.38 32.91 20.75
C ARG H 209 40.92 32.55 20.93
N ILE H 210 40.46 31.49 20.26
CA ILE H 210 39.08 31.06 20.41
C ILE H 210 38.79 30.67 21.85
N ALA H 211 39.74 29.99 22.49
CA ALA H 211 39.56 29.59 23.88
C ALA H 211 39.37 30.80 24.77
N GLU H 212 40.22 31.81 24.63
CA GLU H 212 40.09 32.99 25.46
C GLU H 212 38.75 33.67 25.23
N LEU H 213 38.33 33.79 23.98
CA LEU H 213 37.01 34.38 23.72
C LEU H 213 35.91 33.56 24.38
N ALA H 214 36.02 32.23 24.33
CA ALA H 214 35.04 31.37 24.97
C ALA H 214 34.95 31.65 26.46
N ARG H 215 36.06 31.50 27.17
CA ARG H 215 36.07 31.76 28.61
C ARG H 215 35.56 33.16 28.93
N ALA H 216 35.82 34.13 28.06
CA ALA H 216 35.25 35.45 28.29
C ALA H 216 33.73 35.41 28.26
N ILE H 217 33.15 34.70 27.28
CA ILE H 217 31.70 34.60 27.20
C ILE H 217 31.13 33.88 28.42
N ILE H 218 31.73 32.74 28.77
CA ILE H 218 31.27 31.96 29.91
C ILE H 218 31.29 32.80 31.17
N GLU H 219 32.44 33.39 31.48
CA GLU H 219 32.55 34.27 32.62
C GLU H 219 31.56 35.44 32.54
N SER H 220 31.21 35.85 31.33
CA SER H 220 30.25 36.94 31.16
C SER H 220 28.85 36.52 31.56
N ARG H 221 28.50 35.25 31.37
CA ARG H 221 27.17 34.78 31.70
C ARG H 221 27.04 34.20 33.10
N SER H 222 28.13 34.12 33.85
CA SER H 222 28.10 33.59 35.20
C SER H 222 27.93 34.69 36.24
N THR I 1 29.33 -9.09 18.00
CA THR I 1 30.71 -8.80 17.61
C THR I 1 31.21 -7.65 18.44
N THR I 2 32.47 -7.69 18.84
CA THR I 2 33.11 -6.52 19.43
C THR I 2 34.55 -6.46 18.96
N ILE I 3 34.94 -5.31 18.41
CA ILE I 3 36.32 -5.03 18.06
C ILE I 3 36.75 -3.79 18.84
N VAL I 4 37.91 -3.87 19.48
CA VAL I 4 38.47 -2.77 20.24
C VAL I 4 39.83 -2.41 19.68
N ALA I 5 40.20 -1.15 19.82
CA ALA I 5 41.53 -0.69 19.47
C ALA I 5 41.89 0.46 20.40
N LEU I 6 43.15 0.48 20.86
CA LEU I 6 43.58 1.59 21.69
C LEU I 6 45.05 1.89 21.41
N LYS I 7 45.40 3.16 21.57
CA LYS I 7 46.77 3.64 21.41
C LYS I 7 47.54 3.53 22.71
N TYR I 8 48.79 3.10 22.61
CA TYR I 8 49.71 3.13 23.73
C TYR I 8 51.01 3.81 23.29
N PRO I 9 51.83 4.25 24.24
CA PRO I 9 53.08 4.93 23.85
C PRO I 9 53.93 4.12 22.88
N GLY I 10 54.04 4.61 21.65
CA GLY I 10 54.86 3.97 20.66
C GLY I 10 54.18 2.91 19.83
N GLY I 11 52.87 2.70 20.01
CA GLY I 11 52.21 1.69 19.22
C GLY I 11 50.71 1.72 19.39
N VAL I 12 50.06 0.71 18.80
CA VAL I 12 48.61 0.58 18.82
C VAL I 12 48.28 -0.89 18.94
N VAL I 13 47.14 -1.20 19.55
CA VAL I 13 46.69 -2.58 19.72
C VAL I 13 45.22 -2.69 19.32
N MET I 14 44.86 -3.82 18.70
CA MET I 14 43.49 -4.10 18.28
C MET I 14 43.15 -5.53 18.63
N ALA I 15 41.94 -5.75 19.13
CA ALA I 15 41.54 -7.10 19.53
C ALA I 15 40.08 -7.29 19.18
N GLY I 16 39.72 -8.54 18.93
CA GLY I 16 38.37 -8.86 18.52
C GLY I 16 37.95 -10.21 19.07
N ASP I 17 36.64 -10.35 19.26
CA ASP I 17 36.06 -11.57 19.80
C ASP I 17 36.00 -12.67 18.73
N ARG I 18 35.53 -13.85 19.13
CA ARG I 18 35.62 -15.04 18.30
C ARG I 18 34.27 -15.66 17.99
N ARG I 19 33.17 -14.98 18.27
CA ARG I 19 31.85 -15.58 18.16
C ARG I 19 31.19 -15.20 16.85
N SER I 20 30.53 -16.17 16.22
CA SER I 20 29.73 -15.91 15.03
C SER I 20 28.33 -16.46 15.27
N THR I 21 27.32 -15.65 14.97
CA THR I 21 25.94 -16.03 15.20
C THR I 21 25.12 -15.91 13.92
N GLN I 22 24.05 -16.68 13.87
CA GLN I 22 22.93 -16.47 12.94
C GLN I 22 21.72 -16.28 13.83
N GLY I 23 21.36 -15.03 14.08
CA GLY I 23 20.31 -14.75 15.03
C GLY I 23 20.76 -15.09 16.44
N ASN I 24 20.02 -15.98 17.10
CA ASN I 24 20.40 -16.41 18.44
C ASN I 24 21.32 -17.62 18.43
N MET I 25 21.38 -18.34 17.32
CA MET I 25 22.17 -19.56 17.25
C MET I 25 23.64 -19.22 17.06
N ILE I 26 24.51 -19.90 17.78
CA ILE I 26 25.94 -19.73 17.59
C ILE I 26 26.38 -20.57 16.41
N SER I 27 26.90 -19.92 15.37
CA SER I 27 27.36 -20.58 14.17
C SER I 27 28.87 -20.64 14.08
N GLY I 28 29.58 -20.05 15.03
CA GLY I 28 31.02 -20.10 15.03
C GLY I 28 31.62 -19.77 16.38
N ARG I 29 32.71 -20.45 16.74
CA ARG I 29 33.37 -20.23 18.02
C ARG I 29 34.78 -19.72 17.89
N ASP I 30 35.40 -19.84 16.71
CA ASP I 30 36.82 -19.58 16.53
C ASP I 30 37.09 -18.58 15.42
N VAL I 31 36.11 -17.79 15.02
CA VAL I 31 36.29 -16.96 13.84
C VAL I 31 37.31 -15.87 14.14
N ARG I 32 37.83 -15.28 13.06
CA ARG I 32 38.89 -14.28 13.13
C ARG I 32 38.35 -13.00 12.51
N LYS I 33 38.19 -11.96 13.32
CA LYS I 33 37.61 -10.70 12.86
C LYS I 33 38.64 -9.58 12.77
N VAL I 34 39.87 -9.80 13.19
CA VAL I 34 40.91 -8.78 13.15
C VAL I 34 42.00 -9.29 12.21
N TYR I 35 42.26 -8.54 11.14
CA TYR I 35 43.19 -8.95 10.10
C TYR I 35 44.30 -7.92 9.94
N ILE I 36 45.53 -8.43 9.80
CA ILE I 36 46.67 -7.60 9.44
C ILE I 36 46.58 -7.32 7.95
N THR I 37 46.35 -6.06 7.59
CA THR I 37 46.19 -5.72 6.18
C THR I 37 47.49 -5.28 5.51
N ASP I 38 48.47 -4.78 6.26
CA ASP I 38 49.81 -4.57 5.71
C ASP I 38 50.78 -4.40 6.87
N ASP I 39 52.07 -4.29 6.53
CA ASP I 39 53.13 -4.30 7.53
C ASP I 39 52.88 -3.36 8.71
N TYR I 40 52.12 -2.29 8.50
CA TYR I 40 51.88 -1.31 9.56
C TYR I 40 50.41 -1.01 9.80
N THR I 41 49.49 -1.83 9.29
CA THR I 41 48.07 -1.58 9.55
C THR I 41 47.35 -2.90 9.70
N ALA I 42 46.45 -2.95 10.68
CA ALA I 42 45.51 -4.04 10.87
C ALA I 42 44.08 -3.50 10.87
N THR I 43 43.16 -4.32 10.40
CA THR I 43 41.75 -3.98 10.31
C THR I 43 40.91 -5.00 11.03
N GLY I 44 39.99 -4.54 11.86
CA GLY I 44 38.98 -5.41 12.47
C GLY I 44 37.62 -4.94 12.03
N ILE I 45 36.73 -5.89 11.72
CA ILE I 45 35.46 -5.54 11.10
C ILE I 45 34.31 -6.20 11.84
N ALA I 46 33.20 -5.48 11.96
CA ALA I 46 31.98 -6.02 12.55
C ALA I 46 30.85 -5.95 11.52
N GLY I 47 29.96 -6.93 11.56
CA GLY I 47 28.87 -6.95 10.61
C GLY I 47 28.76 -8.27 9.89
N THR I 48 28.19 -8.28 8.69
CA THR I 48 28.03 -9.53 7.95
C THR I 48 29.39 -10.12 7.62
N ALA I 49 29.54 -11.42 7.92
CA ALA I 49 30.83 -12.07 7.81
C ALA I 49 31.37 -12.04 6.39
N ALA I 50 30.52 -12.38 5.41
CA ALA I 50 30.95 -12.39 4.03
C ALA I 50 31.55 -11.05 3.63
N VAL I 51 30.83 -9.97 3.97
CA VAL I 51 31.30 -8.64 3.61
C VAL I 51 32.55 -8.27 4.39
N ALA I 52 32.61 -8.63 5.68
CA ALA I 52 33.77 -8.27 6.48
C ALA I 52 35.03 -8.88 5.91
N VAL I 53 35.01 -10.19 5.68
CA VAL I 53 36.19 -10.86 5.13
C VAL I 53 36.54 -10.28 3.77
N GLU I 54 35.54 -10.05 2.93
CA GLU I 54 35.85 -9.51 1.60
C GLU I 54 36.51 -8.14 1.71
N PHE I 55 36.02 -7.29 2.62
CA PHE I 55 36.67 -6.01 2.88
C PHE I 55 38.14 -6.22 3.24
N ALA I 56 38.41 -7.05 4.23
CA ALA I 56 39.79 -7.22 4.68
C ALA I 56 40.69 -7.71 3.54
N ARG I 57 40.27 -8.76 2.85
CA ARG I 57 41.09 -9.37 1.82
C ARG I 57 41.34 -8.39 0.68
N LEU I 58 40.26 -7.80 0.16
CA LEU I 58 40.37 -6.84 -0.93
C LEU I 58 41.21 -5.63 -0.53
N TYR I 59 41.06 -5.15 0.70
CA TYR I 59 41.81 -3.98 1.16
C TYR I 59 43.30 -4.26 1.21
N ALA I 60 43.69 -5.35 1.87
CA ALA I 60 45.09 -5.74 1.90
C ALA I 60 45.64 -5.85 0.48
N VAL I 61 44.86 -6.46 -0.41
CA VAL I 61 45.29 -6.56 -1.80
C VAL I 61 45.51 -5.18 -2.40
N GLU I 62 44.60 -4.23 -2.14
CA GLU I 62 44.75 -2.93 -2.77
C GLU I 62 46.01 -2.24 -2.30
N LEU I 63 46.26 -2.27 -0.98
CA LEU I 63 47.45 -1.63 -0.44
C LEU I 63 48.71 -2.22 -1.04
N GLU I 64 48.86 -3.55 -1.00
CA GLU I 64 50.10 -4.11 -1.51
C GLU I 64 50.22 -3.89 -3.02
N HIS I 65 49.07 -3.86 -3.72
CA HIS I 65 49.06 -3.56 -5.14
C HIS I 65 49.69 -2.21 -5.42
N TYR I 66 49.20 -1.16 -4.77
CA TYR I 66 49.81 0.16 -4.96
C TYR I 66 51.29 0.11 -4.61
N GLU I 67 51.65 -0.60 -3.55
CA GLU I 67 53.05 -0.62 -3.13
C GLU I 67 53.95 -1.23 -4.19
N LYS I 68 53.51 -2.29 -4.85
CA LYS I 68 54.33 -2.90 -5.90
C LYS I 68 54.28 -2.12 -7.21
N LEU I 69 53.15 -1.50 -7.54
CA LEU I 69 53.10 -0.75 -8.78
C LEU I 69 53.95 0.50 -8.70
N GLU I 70 53.90 1.20 -7.57
CA GLU I 70 54.56 2.49 -7.45
C GLU I 70 55.83 2.43 -6.61
N GLY I 71 56.21 1.25 -6.12
CA GLY I 71 57.47 1.12 -5.41
C GLY I 71 57.51 1.75 -4.04
N VAL I 72 56.40 2.28 -3.55
CA VAL I 72 56.36 2.98 -2.27
C VAL I 72 54.98 2.77 -1.68
N PRO I 73 54.84 2.60 -0.38
CA PRO I 73 53.51 2.44 0.21
C PRO I 73 52.73 3.74 0.25
N LEU I 74 51.41 3.58 0.36
CA LEU I 74 50.54 4.73 0.50
C LEU I 74 50.84 5.44 1.80
N THR I 75 50.67 6.76 1.79
CA THR I 75 50.62 7.50 3.03
C THR I 75 49.42 7.02 3.85
N PHE I 76 49.49 7.24 5.16
CA PHE I 76 48.39 6.76 5.99
C PHE I 76 47.07 7.39 5.56
N ALA I 77 47.10 8.69 5.23
CA ALA I 77 45.90 9.34 4.69
C ALA I 77 45.37 8.58 3.48
N GLY I 78 46.26 8.12 2.60
CA GLY I 78 45.81 7.37 1.45
C GLY I 78 45.14 6.05 1.83
N LYS I 79 45.72 5.34 2.78
CA LYS I 79 45.12 4.11 3.29
C LYS I 79 43.71 4.38 3.82
N ILE I 80 43.58 5.42 4.63
CA ILE I 80 42.27 5.83 5.15
C ILE I 80 41.31 6.06 4.00
N ASN I 81 41.71 6.87 3.03
CA ASN I 81 40.81 7.25 1.95
C ASN I 81 40.35 6.04 1.17
N ARG I 82 41.26 5.09 0.92
CA ARG I 82 40.86 3.93 0.13
C ARG I 82 39.88 3.07 0.91
N LEU I 83 40.11 2.88 2.21
CA LEU I 83 39.13 2.12 2.99
C LEU I 83 37.77 2.80 2.95
N ALA I 84 37.75 4.13 3.12
CA ALA I 84 36.49 4.86 3.08
C ALA I 84 35.78 4.64 1.75
N ILE I 85 36.51 4.78 0.65
CA ILE I 85 35.91 4.60 -0.67
C ILE I 85 35.34 3.18 -0.81
N MET I 86 36.01 2.19 -0.25
CA MET I 86 35.51 0.82 -0.32
C MET I 86 34.18 0.70 0.41
N VAL I 87 34.11 1.24 1.63
CA VAL I 87 32.87 1.19 2.40
C VAL I 87 31.74 1.90 1.65
N ARG I 88 31.99 3.13 1.20
CA ARG I 88 30.96 3.86 0.47
C ARG I 88 30.49 3.07 -0.73
N GLY I 89 31.42 2.37 -1.39
CA GLY I 89 31.02 1.48 -2.46
C GLY I 89 30.07 0.40 -2.00
N ASN I 90 30.23 -0.08 -0.76
CA ASN I 90 29.31 -1.11 -0.31
C ASN I 90 27.99 -0.55 0.19
N LEU I 91 27.83 0.77 0.30
CA LEU I 91 26.61 1.32 0.92
C LEU I 91 25.32 0.73 0.34
N ALA I 92 25.22 0.60 -0.98
CA ALA I 92 23.99 0.12 -1.58
C ALA I 92 23.62 -1.26 -1.05
N ALA I 93 24.54 -2.20 -1.13
CA ALA I 93 24.30 -3.53 -0.57
C ALA I 93 24.06 -3.47 0.93
N ALA I 94 24.74 -2.57 1.63
CA ALA I 94 24.55 -2.48 3.07
C ALA I 94 23.12 -2.08 3.41
N MET I 95 22.52 -1.23 2.59
CA MET I 95 21.14 -0.85 2.79
C MET I 95 20.19 -2.03 2.66
N GLN I 96 20.60 -3.09 1.98
CA GLN I 96 19.77 -4.27 1.77
C GLN I 96 20.11 -5.40 2.74
N GLY I 97 20.96 -5.15 3.73
CA GLY I 97 21.27 -6.11 4.77
C GLY I 97 22.70 -6.60 4.79
N LEU I 98 23.47 -6.37 3.73
CA LEU I 98 24.88 -6.78 3.72
C LEU I 98 25.78 -5.67 4.24
N LEU I 99 25.58 -5.32 5.50
CA LEU I 99 26.27 -4.19 6.11
C LEU I 99 27.48 -4.68 6.88
N ALA I 100 28.61 -3.99 6.72
CA ALA I 100 29.79 -4.29 7.51
C ALA I 100 30.59 -3.02 7.69
N LEU I 101 31.01 -2.75 8.92
CA LEU I 101 31.79 -1.57 9.25
C LEU I 101 33.18 -1.97 9.72
N PRO I 102 34.21 -1.31 9.23
CA PRO I 102 35.56 -1.60 9.72
C PRO I 102 36.05 -0.60 10.75
N LEU I 103 37.08 -1.01 11.46
CA LEU I 103 37.84 -0.18 12.37
C LEU I 103 39.30 -0.41 12.01
N LEU I 104 40.01 0.68 11.77
CA LEU I 104 41.37 0.65 11.27
C LEU I 104 42.33 1.06 12.37
N ALA I 105 43.41 0.29 12.54
CA ALA I 105 44.47 0.64 13.45
C ALA I 105 45.78 0.58 12.68
N GLY I 106 46.61 1.60 12.83
CA GLY I 106 47.84 1.64 12.08
C GLY I 106 48.93 2.35 12.84
N TYR I 107 50.14 2.26 12.30
CA TYR I 107 51.31 3.00 12.79
C TYR I 107 51.86 3.80 11.62
N ASP I 108 51.84 5.13 11.74
CA ASP I 108 52.25 6.01 10.65
C ASP I 108 53.76 6.19 10.68
N ILE I 109 54.46 5.59 9.70
CA ILE I 109 55.92 5.69 9.71
C ILE I 109 56.38 7.12 9.48
N HIS I 110 55.55 7.94 8.86
CA HIS I 110 55.91 9.31 8.53
C HIS I 110 55.46 10.31 9.59
N ALA I 111 54.92 9.84 10.71
CA ALA I 111 54.54 10.75 11.76
C ALA I 111 55.77 11.37 12.41
N SER I 112 55.58 12.59 12.94
CA SER I 112 56.68 13.32 13.56
C SER I 112 57.13 12.66 14.86
N ASP I 113 56.19 12.30 15.71
CA ASP I 113 56.49 11.83 17.05
C ASP I 113 56.40 10.30 17.09
N PRO I 114 57.52 9.58 17.20
CA PRO I 114 57.47 8.11 17.21
C PRO I 114 56.70 7.55 18.40
N GLN I 115 56.25 8.44 19.27
CA GLN I 115 55.51 8.09 20.47
C GLN I 115 54.01 8.06 20.22
N SER I 116 53.50 9.09 19.55
CA SER I 116 52.08 9.20 19.22
C SER I 116 51.81 8.85 17.75
N ALA I 117 52.71 8.09 17.11
CA ALA I 117 52.53 7.73 15.72
C ALA I 117 51.44 6.68 15.51
N GLY I 118 50.85 6.15 16.57
CA GLY I 118 49.71 5.26 16.41
C GLY I 118 48.49 6.00 15.89
N ARG I 119 47.65 5.29 15.15
CA ARG I 119 46.46 5.86 14.54
C ARG I 119 45.29 4.90 14.69
N ILE I 120 44.12 5.44 15.01
CA ILE I 120 42.88 4.67 15.13
C ILE I 120 41.79 5.41 14.36
N VAL I 121 41.20 4.74 13.38
CA VAL I 121 40.24 5.35 12.47
C VAL I 121 38.96 4.55 12.50
N SER I 122 37.83 5.22 12.71
CA SER I 122 36.53 4.57 12.66
C SER I 122 35.74 5.05 11.44
N PHE I 123 34.82 4.21 10.96
CA PHE I 123 34.10 4.48 9.73
C PHE I 123 32.61 4.24 9.94
N ASP I 124 31.78 4.94 9.18
CA ASP I 124 30.35 4.66 9.15
C ASP I 124 29.94 4.09 7.79
N ALA I 125 28.67 3.70 7.69
CA ALA I 125 28.19 2.99 6.52
C ALA I 125 28.30 3.79 5.23
N ALA I 126 28.41 5.11 5.32
CA ALA I 126 28.52 5.95 4.15
C ALA I 126 29.96 6.29 3.83
N GLY I 127 30.91 5.67 4.53
CA GLY I 127 32.31 5.91 4.33
C GLY I 127 32.90 7.04 5.15
N GLY I 128 32.08 7.79 5.88
CA GLY I 128 32.64 8.82 6.74
C GLY I 128 33.60 8.21 7.75
N TRP I 129 34.73 8.88 7.95
CA TRP I 129 35.76 8.37 8.83
C TRP I 129 36.18 9.43 9.81
N ASN I 130 36.66 8.99 10.96
CA ASN I 130 37.17 9.89 11.99
C ASN I 130 38.43 9.29 12.61
N ILE I 131 39.49 10.09 12.68
CA ILE I 131 40.71 9.68 13.37
C ILE I 131 40.54 9.97 14.85
N GLU I 132 40.65 8.94 15.67
CA GLU I 132 40.27 9.04 17.06
C GLU I 132 41.42 9.63 17.87
N GLU I 133 41.25 10.86 18.34
CA GLU I 133 42.29 11.53 19.11
C GLU I 133 42.17 11.30 20.61
N GLU I 134 41.19 10.52 21.05
CA GLU I 134 41.02 10.25 22.47
C GLU I 134 41.59 8.91 22.90
N GLY I 135 42.20 8.16 21.98
CA GLY I 135 43.03 7.04 22.34
C GLY I 135 42.43 5.67 22.12
N TYR I 136 41.11 5.53 22.09
CA TYR I 136 40.52 4.21 21.95
C TYR I 136 39.23 4.29 21.16
N GLN I 137 38.79 3.14 20.69
CA GLN I 137 37.59 3.04 19.89
C GLN I 137 37.18 1.59 19.81
N ALA I 138 35.90 1.38 19.51
CA ALA I 138 35.36 0.03 19.38
C ALA I 138 34.24 0.08 18.36
N VAL I 139 33.91 -1.10 17.82
CA VAL I 139 32.85 -1.21 16.83
C VAL I 139 32.21 -2.57 17.03
N GLY I 140 30.93 -2.66 16.73
CA GLY I 140 30.18 -3.88 16.88
C GLY I 140 29.08 -3.74 17.90
N SER I 141 28.35 -4.84 18.08
CA SER I 141 27.20 -4.84 18.96
C SER I 141 27.57 -4.66 20.42
N GLY I 142 28.80 -4.99 20.81
CA GLY I 142 29.24 -4.76 22.16
C GLY I 142 30.08 -3.52 22.33
N SER I 143 30.12 -2.66 21.31
CA SER I 143 31.07 -1.55 21.31
C SER I 143 30.78 -0.53 22.38
N LEU I 144 29.52 -0.35 22.77
CA LEU I 144 29.24 0.62 23.81
C LEU I 144 29.81 0.17 25.13
N PHE I 145 29.61 -1.09 25.48
CA PHE I 145 30.14 -1.59 26.74
C PHE I 145 31.66 -1.52 26.76
N ALA I 146 32.30 -1.87 25.65
CA ALA I 146 33.75 -1.86 25.58
C ALA I 146 34.30 -0.44 25.68
N LYS I 147 33.71 0.50 24.92
CA LYS I 147 34.17 1.88 25.00
C LYS I 147 33.99 2.44 26.41
N SER I 148 32.85 2.18 27.03
CA SER I 148 32.63 2.72 28.37
C SER I 148 33.55 2.06 29.39
N SER I 149 33.95 0.80 29.15
CA SER I 149 34.95 0.18 30.02
C SER I 149 36.32 0.81 29.84
N MET I 150 36.75 0.94 28.58
CA MET I 150 38.03 1.57 28.31
C MET I 150 38.06 3.00 28.82
N LYS I 151 36.91 3.66 28.85
CA LYS I 151 36.85 5.01 29.41
C LYS I 151 37.34 5.03 30.85
N LYS I 152 37.13 3.96 31.58
CA LYS I 152 37.60 3.92 32.95
C LYS I 152 38.99 3.32 33.07
N LEU I 153 39.36 2.38 32.20
CA LEU I 153 40.63 1.71 32.35
C LEU I 153 41.79 2.35 31.59
N TYR I 154 41.53 3.35 30.74
CA TYR I 154 42.56 3.81 29.82
C TYR I 154 43.68 4.55 30.53
N SER I 155 43.39 5.21 31.65
CA SER I 155 44.44 5.91 32.39
C SER I 155 45.56 4.99 32.84
N GLN I 156 45.31 3.68 32.89
CA GLN I 156 46.31 2.73 33.31
C GLN I 156 47.21 2.26 32.18
N VAL I 157 47.00 2.74 30.97
CA VAL I 157 47.76 2.25 29.82
C VAL I 157 49.03 3.08 29.68
N THR I 158 50.18 2.44 29.92
CA THR I 158 51.47 3.08 29.76
C THR I 158 52.40 2.37 28.80
N ASP I 159 52.13 1.12 28.45
CA ASP I 159 52.97 0.41 27.49
C ASP I 159 52.12 -0.56 26.71
N GLY I 160 52.76 -1.33 25.82
CA GLY I 160 52.02 -2.28 25.02
C GLY I 160 51.36 -3.35 25.86
N ASP I 161 52.04 -3.78 26.92
CA ASP I 161 51.53 -4.88 27.72
C ASP I 161 50.26 -4.46 28.46
N SER I 162 50.31 -3.32 29.15
CA SER I 162 49.12 -2.86 29.85
C SER I 162 48.00 -2.54 28.88
N GLY I 163 48.35 -1.99 27.71
CA GLY I 163 47.34 -1.73 26.70
C GLY I 163 46.62 -2.98 26.25
N LEU I 164 47.38 -4.07 26.08
CA LEU I 164 46.74 -5.35 25.77
C LEU I 164 45.85 -5.81 26.91
N ARG I 165 46.27 -5.59 28.16
CA ARG I 165 45.41 -5.92 29.30
C ARG I 165 44.08 -5.16 29.22
N VAL I 166 44.13 -3.85 29.04
CA VAL I 166 42.90 -3.07 28.98
C VAL I 166 42.05 -3.52 27.80
N ALA I 167 42.69 -3.83 26.66
CA ALA I 167 41.92 -4.30 25.51
C ALA I 167 41.17 -5.58 25.84
N VAL I 168 41.87 -6.58 26.34
CA VAL I 168 41.20 -7.85 26.65
C VAL I 168 40.12 -7.65 27.69
N GLU I 169 40.34 -6.75 28.65
CA GLU I 169 39.31 -6.55 29.67
C GLU I 169 38.09 -5.86 29.07
N ALA I 170 38.31 -4.91 28.17
CA ALA I 170 37.19 -4.28 27.47
C ALA I 170 36.38 -5.30 26.70
N LEU I 171 37.05 -6.21 25.99
CA LEU I 171 36.32 -7.29 25.33
C LEU I 171 35.59 -8.16 26.34
N TYR I 172 36.19 -8.36 27.52
CA TYR I 172 35.53 -9.18 28.53
C TYR I 172 34.22 -8.56 28.98
N ASP I 173 34.24 -7.26 29.31
CA ASP I 173 33.02 -6.57 29.70
C ASP I 173 31.99 -6.58 28.57
N ALA I 174 32.44 -6.35 27.35
CA ALA I 174 31.55 -6.41 26.20
C ALA I 174 30.84 -7.76 26.11
N ALA I 175 31.61 -8.85 26.16
CA ALA I 175 31.00 -10.16 26.10
C ALA I 175 30.12 -10.43 27.31
N ASP I 176 30.43 -9.77 28.42
CA ASP I 176 29.65 -9.93 29.64
C ASP I 176 28.25 -9.39 29.46
N ASP I 177 28.10 -8.30 28.72
CA ASP I 177 26.79 -7.67 28.56
C ASP I 177 26.15 -7.87 27.18
N ASP I 178 26.83 -8.53 26.25
CA ASP I 178 26.32 -8.70 24.90
C ASP I 178 26.39 -10.17 24.51
N SER I 179 25.24 -10.75 24.15
CA SER I 179 25.22 -12.17 23.83
C SER I 179 25.82 -12.46 22.47
N ALA I 180 25.92 -11.47 21.60
CA ALA I 180 26.51 -11.66 20.29
C ALA I 180 28.03 -11.56 20.31
N THR I 181 28.61 -11.21 21.45
CA THR I 181 30.04 -11.13 21.64
C THR I 181 30.47 -12.26 22.55
N GLY I 182 31.50 -12.99 22.15
CA GLY I 182 31.94 -14.17 22.87
C GLY I 182 33.09 -13.88 23.81
N GLY I 183 32.95 -14.36 25.06
CA GLY I 183 34.01 -14.26 26.03
C GLY I 183 35.01 -15.41 25.92
N PRO I 184 35.98 -15.46 26.83
CA PRO I 184 36.98 -16.53 26.78
C PRO I 184 36.34 -17.86 27.13
N ASP I 185 36.60 -18.88 26.31
CA ASP I 185 36.10 -20.23 26.55
C ASP I 185 37.25 -21.00 27.18
N LEU I 186 37.23 -21.09 28.52
CA LEU I 186 38.29 -21.80 29.21
C LEU I 186 38.22 -23.30 28.97
N VAL I 187 37.05 -23.83 28.61
CA VAL I 187 36.93 -25.25 28.34
C VAL I 187 37.56 -25.61 27.01
N ARG I 188 37.31 -24.82 25.97
CA ARG I 188 37.87 -25.11 24.65
C ARG I 188 39.20 -24.42 24.39
N GLY I 189 39.62 -23.48 25.24
CA GLY I 189 40.86 -22.78 24.98
C GLY I 189 40.80 -21.84 23.80
N ILE I 190 39.72 -21.06 23.70
CA ILE I 190 39.51 -20.10 22.62
C ILE I 190 39.44 -18.71 23.23
N PHE I 191 40.30 -17.82 22.78
CA PHE I 191 40.43 -16.49 23.33
C PHE I 191 40.40 -15.46 22.20
N PRO I 192 40.17 -14.19 22.52
CA PRO I 192 40.14 -13.17 21.47
C PRO I 192 41.43 -13.13 20.67
N THR I 193 41.34 -12.58 19.46
CA THR I 193 42.55 -12.37 18.68
C THR I 193 43.01 -10.94 18.88
N ALA I 194 44.32 -10.75 18.86
CA ALA I 194 44.87 -9.41 19.04
C ALA I 194 46.02 -9.23 18.07
N VAL I 195 46.16 -8.00 17.58
CA VAL I 195 47.25 -7.56 16.73
C VAL I 195 47.87 -6.35 17.39
N ILE I 196 49.19 -6.35 17.49
CA ILE I 196 49.91 -5.23 18.06
C ILE I 196 50.81 -4.66 16.97
N ILE I 197 50.93 -3.35 16.92
CA ILE I 197 51.70 -2.66 15.89
C ILE I 197 52.55 -1.60 16.55
N ASP I 198 53.85 -1.64 16.28
CA ASP I 198 54.74 -0.57 16.73
C ASP I 198 55.69 -0.27 15.59
N ALA I 199 56.82 0.38 15.91
CA ALA I 199 57.76 0.76 14.87
C ALA I 199 58.31 -0.45 14.12
N ASP I 200 58.29 -1.61 14.76
CA ASP I 200 58.78 -2.83 14.12
C ASP I 200 57.75 -3.47 13.20
N GLY I 201 56.52 -2.97 13.18
CA GLY I 201 55.49 -3.49 12.32
C GLY I 201 54.30 -4.02 13.10
N ALA I 202 53.46 -4.78 12.40
CA ALA I 202 52.26 -5.36 12.97
C ALA I 202 52.49 -6.85 13.12
N VAL I 203 52.29 -7.37 14.32
CA VAL I 203 52.44 -8.80 14.59
C VAL I 203 51.23 -9.29 15.37
N ASP I 204 50.92 -10.56 15.19
CA ASP I 204 49.87 -11.22 15.95
C ASP I 204 50.33 -11.46 17.39
N VAL I 205 49.49 -11.10 18.35
CA VAL I 205 49.77 -11.44 19.73
C VAL I 205 49.55 -12.93 19.94
N PRO I 206 50.50 -13.65 20.55
CA PRO I 206 50.33 -15.11 20.71
C PRO I 206 49.17 -15.45 21.64
N GLU I 207 48.44 -16.52 21.28
CA GLU I 207 47.30 -16.96 22.07
C GLU I 207 47.66 -17.16 23.53
N SER I 208 48.86 -17.67 23.80
CA SER I 208 49.29 -17.92 25.18
C SER I 208 49.10 -16.69 26.04
N ARG I 209 49.46 -15.53 25.49
CA ARG I 209 49.49 -14.29 26.25
C ARG I 209 48.09 -13.76 26.54
N ILE I 210 47.21 -13.78 25.53
CA ILE I 210 45.83 -13.37 25.73
C ILE I 210 45.12 -14.30 26.69
N ALA I 211 45.40 -15.60 26.59
CA ALA I 211 44.83 -16.55 27.54
C ALA I 211 45.24 -16.20 28.96
N GLU I 212 46.54 -15.94 29.16
CA GLU I 212 47.02 -15.54 30.48
C GLU I 212 46.27 -14.33 31.01
N LEU I 213 46.19 -13.26 30.21
CA LEU I 213 45.45 -12.08 30.65
C LEU I 213 44.00 -12.42 30.98
N ALA I 214 43.38 -13.28 30.17
CA ALA I 214 41.99 -13.67 30.43
C ALA I 214 41.85 -14.32 31.80
N ARG I 215 42.71 -15.29 32.10
CA ARG I 215 42.67 -15.92 33.41
C ARG I 215 42.87 -14.90 34.51
N ALA I 216 43.76 -13.93 34.31
CA ALA I 216 43.97 -12.90 35.31
C ALA I 216 42.70 -12.11 35.57
N ILE I 217 41.99 -11.74 34.51
CA ILE I 217 40.75 -10.99 34.66
C ILE I 217 39.70 -11.83 35.37
N ILE I 218 39.53 -13.08 34.93
CA ILE I 218 38.54 -13.97 35.53
C ILE I 218 38.83 -14.18 37.02
N GLU I 219 40.09 -14.34 37.39
CA GLU I 219 40.42 -14.46 38.81
C GLU I 219 40.10 -13.17 39.54
N SER I 220 40.51 -12.03 38.96
CA SER I 220 40.26 -10.74 39.59
C SER I 220 38.79 -10.50 39.83
N ARG I 221 37.92 -11.04 38.99
CA ARG I 221 36.49 -10.79 39.14
C ARG I 221 35.79 -11.80 40.05
N SER I 222 36.50 -12.82 40.52
CA SER I 222 35.89 -13.80 41.41
C SER I 222 36.14 -13.50 42.89
N THR J 1 15.89 -31.70 3.68
CA THR J 1 17.25 -32.05 3.33
C THR J 1 18.14 -32.00 4.55
N THR J 2 19.08 -32.94 4.64
CA THR J 2 20.14 -32.87 5.63
C THR J 2 21.40 -33.42 4.99
N ILE J 3 22.47 -32.65 5.06
CA ILE J 3 23.79 -33.06 4.58
C ILE J 3 24.73 -33.05 5.76
N VAL J 4 25.50 -34.11 5.94
CA VAL J 4 26.45 -34.17 7.04
C VAL J 4 27.86 -34.43 6.52
N ALA J 5 28.84 -33.94 7.26
CA ALA J 5 30.24 -34.20 6.99
C ALA J 5 30.99 -34.25 8.31
N LEU J 6 31.93 -35.19 8.42
CA LEU J 6 32.74 -35.31 9.63
C LEU J 6 34.14 -35.80 9.28
N LYS J 7 35.11 -35.37 10.07
CA LYS J 7 36.51 -35.76 9.95
C LYS J 7 36.77 -37.04 10.74
N TYR J 8 37.53 -37.94 10.15
CA TYR J 8 38.03 -39.11 10.86
C TYR J 8 39.53 -39.17 10.66
N PRO J 9 40.26 -39.93 11.50
CA PRO J 9 41.72 -40.00 11.32
C PRO J 9 42.11 -40.40 9.91
N GLY J 10 42.67 -39.45 9.16
CA GLY J 10 43.15 -39.70 7.82
C GLY J 10 42.15 -39.46 6.71
N GLY J 11 40.97 -38.94 6.99
CA GLY J 11 40.03 -38.70 5.92
C GLY J 11 38.81 -37.93 6.38
N VAL J 12 37.82 -37.83 5.49
CA VAL J 12 36.60 -37.08 5.73
C VAL J 12 35.45 -37.85 5.09
N VAL J 13 34.25 -37.69 5.65
CA VAL J 13 33.05 -38.39 5.19
C VAL J 13 31.90 -37.40 5.02
N MET J 14 31.09 -37.61 3.98
CA MET J 14 29.90 -36.80 3.77
C MET J 14 28.75 -37.71 3.33
N ALA J 15 27.56 -37.44 3.84
CA ALA J 15 26.39 -38.23 3.48
C ALA J 15 25.17 -37.33 3.41
N GLY J 16 24.21 -37.72 2.58
CA GLY J 16 23.02 -36.92 2.40
C GLY J 16 21.80 -37.79 2.16
N ASP J 17 20.63 -37.26 2.55
CA ASP J 17 19.37 -37.97 2.38
C ASP J 17 18.92 -37.90 0.93
N ARG J 18 17.80 -38.54 0.63
CA ARG J 18 17.37 -38.77 -0.75
C ARG J 18 16.00 -38.19 -1.06
N ARG J 19 15.45 -37.30 -0.23
CA ARG J 19 14.08 -36.84 -0.37
C ARG J 19 14.01 -35.50 -1.06
N SER J 20 13.03 -35.34 -1.95
CA SER J 20 12.73 -34.08 -2.61
C SER J 20 11.26 -33.75 -2.40
N THR J 21 10.98 -32.51 -1.98
CA THR J 21 9.60 -32.13 -1.68
C THR J 21 9.21 -30.87 -2.45
N GLN J 22 7.90 -30.71 -2.62
CA GLN J 22 7.26 -29.46 -3.02
C GLN J 22 6.25 -29.11 -1.93
N GLY J 23 6.66 -28.27 -0.99
CA GLY J 23 5.80 -28.01 0.14
C GLY J 23 5.69 -29.25 0.99
N ASN J 24 4.47 -29.76 1.17
CA ASN J 24 4.29 -30.99 1.91
C ASN J 24 4.36 -32.23 1.03
N MET J 25 4.22 -32.08 -0.28
CA MET J 25 4.20 -33.24 -1.16
C MET J 25 5.61 -33.77 -1.36
N ILE J 26 5.75 -35.10 -1.30
CA ILE J 26 7.00 -35.74 -1.62
C ILE J 26 7.10 -35.88 -3.13
N SER J 27 8.09 -35.21 -3.73
CA SER J 27 8.28 -35.27 -5.17
C SER J 27 9.45 -36.12 -5.61
N GLY J 28 10.23 -36.65 -4.68
CA GLY J 28 11.33 -37.51 -5.04
C GLY J 28 11.81 -38.35 -3.87
N ARG J 29 12.19 -39.59 -4.15
CA ARG J 29 12.67 -40.51 -3.13
C ARG J 29 14.11 -40.95 -3.33
N ASP J 30 14.70 -40.69 -4.50
CA ASP J 30 16.00 -41.24 -4.87
C ASP J 30 17.00 -40.16 -5.27
N VAL J 31 16.73 -38.89 -4.93
CA VAL J 31 17.57 -37.82 -5.45
C VAL J 31 18.96 -37.90 -4.83
N ARG J 32 19.92 -37.28 -5.50
CA ARG J 32 21.30 -37.25 -5.06
C ARG J 32 21.67 -35.82 -4.69
N LYS J 33 22.19 -35.65 -3.48
CA LYS J 33 22.54 -34.34 -2.99
C LYS J 33 24.03 -34.19 -2.68
N VAL J 34 24.80 -35.27 -2.74
CA VAL J 34 26.24 -35.25 -2.48
C VAL J 34 26.94 -35.69 -3.75
N TYR J 35 27.81 -34.84 -4.26
CA TYR J 35 28.47 -35.06 -5.54
C TYR J 35 29.98 -35.02 -5.38
N ILE J 36 30.68 -35.94 -6.05
CA ILE J 36 32.13 -35.82 -6.14
C ILE J 36 32.42 -34.74 -7.15
N THR J 37 32.89 -33.60 -6.67
CA THR J 37 33.18 -32.46 -7.53
C THR J 37 34.62 -32.42 -7.99
N ASP J 38 35.52 -33.11 -7.29
CA ASP J 38 36.91 -33.19 -7.74
C ASP J 38 37.56 -34.38 -7.02
N ASP J 39 38.74 -34.76 -7.51
CA ASP J 39 39.43 -35.96 -7.02
C ASP J 39 39.55 -35.97 -5.50
N TYR J 40 39.56 -34.79 -4.87
CA TYR J 40 39.71 -34.70 -3.44
C TYR J 40 38.65 -33.83 -2.78
N THR J 41 37.54 -33.56 -3.46
CA THR J 41 36.50 -32.76 -2.83
C THR J 41 35.12 -33.27 -3.25
N ALA J 42 34.21 -33.28 -2.28
CA ALA J 42 32.79 -33.53 -2.50
C ALA J 42 31.99 -32.37 -1.94
N THR J 43 30.86 -32.08 -2.58
CA THR J 43 29.95 -31.02 -2.19
C THR J 43 28.56 -31.59 -2.01
N GLY J 44 27.92 -31.24 -0.91
CA GLY J 44 26.51 -31.55 -0.70
C GLY J 44 25.75 -30.25 -0.56
N ILE J 45 24.56 -30.18 -1.16
CA ILE J 45 23.86 -28.91 -1.25
C ILE J 45 22.42 -29.08 -0.76
N ALA J 46 21.92 -28.06 -0.06
CA ALA J 46 20.54 -28.03 0.40
C ALA J 46 19.82 -26.83 -0.18
N GLY J 47 18.54 -26.99 -0.46
CA GLY J 47 17.77 -25.88 -0.97
C GLY J 47 17.04 -26.24 -2.23
N THR J 48 16.74 -25.23 -3.04
CA THR J 48 16.02 -25.46 -4.28
C THR J 48 16.87 -26.30 -5.24
N ALA J 49 16.25 -27.33 -5.80
CA ALA J 49 16.98 -28.34 -6.55
C ALA J 49 17.73 -27.75 -7.74
N ALA J 50 17.07 -26.92 -8.54
CA ALA J 50 17.70 -26.39 -9.75
C ALA J 50 19.01 -25.71 -9.41
N VAL J 51 19.00 -24.84 -8.39
CA VAL J 51 20.20 -24.11 -8.02
C VAL J 51 21.23 -25.05 -7.43
N ALA J 52 20.80 -26.05 -6.66
CA ALA J 52 21.77 -26.97 -6.06
C ALA J 52 22.53 -27.75 -7.13
N VAL J 53 21.80 -28.40 -8.04
CA VAL J 53 22.47 -29.18 -9.07
C VAL J 53 23.33 -28.28 -9.94
N GLU J 54 22.85 -27.07 -10.26
CA GLU J 54 23.69 -26.17 -11.03
C GLU J 54 24.98 -25.84 -10.29
N PHE J 55 24.88 -25.59 -8.98
CA PHE J 55 26.08 -25.35 -8.17
C PHE J 55 27.07 -26.49 -8.32
N ALA J 56 26.62 -27.72 -8.05
CA ALA J 56 27.53 -28.86 -8.08
C ALA J 56 28.17 -29.02 -9.46
N ARG J 57 27.34 -29.00 -10.50
CA ARG J 57 27.82 -29.26 -11.85
C ARG J 57 28.81 -28.19 -12.30
N LEU J 58 28.40 -26.93 -12.19
CA LEU J 58 29.26 -25.83 -12.62
C LEU J 58 30.54 -25.79 -11.82
N TYR J 59 30.46 -26.08 -10.51
CA TYR J 59 31.65 -26.06 -9.67
C TYR J 59 32.65 -27.11 -10.11
N ALA J 60 32.18 -28.35 -10.30
CA ALA J 60 33.06 -29.40 -10.81
C ALA J 60 33.71 -28.99 -12.13
N VAL J 61 32.91 -28.44 -13.04
CA VAL J 61 33.45 -27.99 -14.32
C VAL J 61 34.51 -26.92 -14.10
N GLU J 62 34.29 -26.01 -13.15
CA GLU J 62 35.24 -24.93 -12.91
C GLU J 62 36.57 -25.46 -12.43
N LEU J 63 36.52 -26.40 -11.47
CA LEU J 63 37.75 -26.99 -10.96
C LEU J 63 38.52 -27.72 -12.05
N GLU J 64 37.85 -28.61 -12.79
CA GLU J 64 38.59 -29.33 -13.83
C GLU J 64 39.06 -28.39 -14.93
N HIS J 65 38.31 -27.33 -15.20
CA HIS J 65 38.72 -26.32 -16.16
C HIS J 65 40.05 -25.70 -15.75
N TYR J 66 40.13 -25.17 -14.53
CA TYR J 66 41.39 -24.60 -14.06
C TYR J 66 42.50 -25.64 -14.11
N GLU J 67 42.20 -26.88 -13.72
CA GLU J 67 43.22 -27.91 -13.65
C GLU J 67 43.82 -28.18 -15.01
N LYS J 68 42.99 -28.19 -16.05
CA LYS J 68 43.50 -28.43 -17.39
C LYS J 68 44.18 -27.19 -17.99
N LEU J 69 43.69 -25.99 -17.66
CA LEU J 69 44.31 -24.79 -18.23
C LEU J 69 45.69 -24.56 -17.66
N GLU J 70 45.88 -24.74 -16.36
CA GLU J 70 47.14 -24.41 -15.72
C GLU J 70 47.97 -25.63 -15.36
N GLY J 71 47.52 -26.83 -15.71
CA GLY J 71 48.29 -28.03 -15.48
C GLY J 71 48.39 -28.48 -14.04
N VAL J 72 47.70 -27.83 -13.12
CA VAL J 72 47.80 -28.15 -11.70
C VAL J 72 46.47 -27.79 -11.04
N PRO J 73 45.99 -28.55 -10.07
CA PRO J 73 44.72 -28.21 -9.43
C PRO J 73 44.84 -27.03 -8.49
N LEU J 74 43.69 -26.40 -8.22
CA LEU J 74 43.66 -25.31 -7.26
C LEU J 74 44.03 -25.78 -5.87
N THR J 75 44.68 -24.91 -5.11
CA THR J 75 44.79 -25.12 -3.68
C THR J 75 43.42 -25.18 -3.04
N PHE J 76 43.34 -25.82 -1.87
CA PHE J 76 42.04 -25.95 -1.22
C PHE J 76 41.47 -24.58 -0.90
N ALA J 77 42.32 -23.65 -0.47
CA ALA J 77 41.87 -22.29 -0.26
C ALA J 77 41.19 -21.74 -1.51
N GLY J 78 41.79 -21.99 -2.67
CA GLY J 78 41.17 -21.52 -3.91
C GLY J 78 39.82 -22.15 -4.17
N LYS J 79 39.70 -23.47 -3.96
CA LYS J 79 38.43 -24.14 -4.13
C LYS J 79 37.35 -23.52 -3.24
N ILE J 80 37.71 -23.27 -1.97
CA ILE J 80 36.80 -22.60 -1.05
C ILE J 80 36.37 -21.26 -1.62
N ASN J 81 37.34 -20.45 -2.07
CA ASN J 81 37.01 -19.11 -2.55
C ASN J 81 36.09 -19.16 -3.76
N ARG J 82 36.32 -20.11 -4.68
CA ARG J 82 35.47 -20.13 -5.86
C ARG J 82 34.05 -20.55 -5.51
N LEU J 83 33.88 -21.58 -4.68
CA LEU J 83 32.53 -21.95 -4.28
C LEU J 83 31.83 -20.78 -3.58
N ALA J 84 32.55 -20.10 -2.69
CA ALA J 84 31.98 -18.95 -2.00
C ALA J 84 31.53 -17.89 -2.99
N ILE J 85 32.39 -17.54 -3.95
CA ILE J 85 32.02 -16.52 -4.93
C ILE J 85 30.78 -16.96 -5.69
N MET J 86 30.66 -18.26 -5.97
CA MET J 86 29.49 -18.77 -6.68
C MET J 86 28.21 -18.53 -5.87
N VAL J 87 28.23 -18.88 -4.59
CA VAL J 87 27.06 -18.65 -3.74
C VAL J 87 26.70 -17.16 -3.73
N ARG J 88 27.70 -16.30 -3.48
CA ARG J 88 27.47 -14.87 -3.47
C ARG J 88 26.85 -14.41 -4.78
N GLY J 89 27.30 -14.99 -5.89
CA GLY J 89 26.70 -14.69 -7.17
C GLY J 89 25.23 -15.07 -7.22
N ASN J 90 24.85 -16.15 -6.54
CA ASN J 90 23.46 -16.54 -6.54
C ASN J 90 22.61 -15.76 -5.55
N LEU J 91 23.23 -14.93 -4.71
CA LEU J 91 22.48 -14.24 -3.66
C LEU J 91 21.23 -13.53 -4.17
N ALA J 92 21.34 -12.82 -5.30
CA ALA J 92 20.21 -12.04 -5.78
C ALA J 92 19.00 -12.93 -6.02
N ALA J 93 19.17 -14.00 -6.79
CA ALA J 93 18.09 -14.95 -7.01
C ALA J 93 17.65 -15.61 -5.72
N ALA J 94 18.60 -15.87 -4.80
CA ALA J 94 18.24 -16.52 -3.55
C ALA J 94 17.24 -15.70 -2.78
N MET J 95 17.37 -14.37 -2.83
CA MET J 95 16.38 -13.52 -2.18
C MET J 95 14.99 -13.66 -2.78
N GLN J 96 14.88 -14.11 -4.03
CA GLN J 96 13.58 -14.36 -4.64
C GLN J 96 13.10 -15.78 -4.43
N GLY J 97 13.82 -16.59 -3.67
CA GLY J 97 13.39 -17.94 -3.35
C GLY J 97 14.27 -19.05 -3.89
N LEU J 98 15.18 -18.76 -4.82
CA LEU J 98 16.05 -19.79 -5.37
C LEU J 98 17.33 -19.93 -4.55
N LEU J 99 17.17 -20.37 -3.31
CA LEU J 99 18.26 -20.43 -2.35
C LEU J 99 18.85 -21.84 -2.27
N ALA J 100 20.18 -21.92 -2.24
CA ALA J 100 20.86 -23.19 -2.01
C ALA J 100 22.15 -22.94 -1.28
N LEU J 101 22.42 -23.74 -0.28
CA LEU J 101 23.64 -23.62 0.49
C LEU J 101 24.48 -24.87 0.30
N PRO J 102 25.77 -24.73 0.07
CA PRO J 102 26.63 -25.91 -0.03
C PRO J 102 27.38 -26.20 1.25
N LEU J 103 27.82 -27.44 1.35
CA LEU J 103 28.71 -27.92 2.39
C LEU J 103 29.83 -28.66 1.68
N LEU J 104 31.05 -28.25 1.96
CA LEU J 104 32.21 -28.73 1.25
C LEU J 104 33.02 -29.62 2.17
N ALA J 105 33.38 -30.80 1.67
CA ALA J 105 34.26 -31.69 2.40
C ALA J 105 35.39 -32.06 1.48
N GLY J 106 36.62 -31.97 1.97
CA GLY J 106 37.76 -32.25 1.13
C GLY J 106 38.91 -32.79 1.93
N TYR J 107 39.92 -33.25 1.20
CA TYR J 107 41.19 -33.69 1.76
C TYR J 107 42.27 -32.83 1.11
N ASP J 108 42.99 -32.05 1.89
CA ASP J 108 43.98 -31.13 1.35
C ASP J 108 45.26 -31.90 1.11
N ILE J 109 45.58 -32.15 -0.16
CA ILE J 109 46.73 -32.99 -0.46
C ILE J 109 48.02 -32.32 -0.01
N HIS J 110 48.03 -31.00 0.08
CA HIS J 110 49.20 -30.25 0.48
C HIS J 110 49.21 -29.91 1.96
N ALA J 111 48.28 -30.47 2.72
CA ALA J 111 48.27 -30.25 4.16
C ALA J 111 49.47 -30.93 4.79
N SER J 112 49.93 -30.36 5.91
CA SER J 112 51.12 -30.89 6.57
C SER J 112 50.87 -32.27 7.18
N ASP J 113 49.80 -32.40 7.97
CA ASP J 113 49.54 -33.64 8.68
C ASP J 113 48.46 -34.45 7.98
N PRO J 114 48.81 -35.54 7.29
CA PRO J 114 47.78 -36.32 6.57
C PRO J 114 46.73 -36.94 7.48
N GLN J 115 46.95 -36.95 8.79
CA GLN J 115 45.93 -37.50 9.68
C GLN J 115 44.79 -36.52 9.90
N SER J 116 45.09 -35.23 9.91
CA SER J 116 44.07 -34.19 10.06
C SER J 116 43.93 -33.35 8.79
N ALA J 117 44.32 -33.89 7.64
CA ALA J 117 44.21 -33.18 6.37
C ALA J 117 42.78 -33.05 5.89
N GLY J 118 41.82 -33.62 6.60
CA GLY J 118 40.43 -33.40 6.26
C GLY J 118 40.02 -31.96 6.50
N ARG J 119 39.09 -31.51 5.67
CA ARG J 119 38.58 -30.15 5.75
C ARG J 119 37.08 -30.19 5.55
N ILE J 120 36.36 -29.42 6.37
CA ILE J 120 34.92 -29.29 6.27
C ILE J 120 34.59 -27.81 6.35
N VAL J 121 33.96 -27.29 5.30
CA VAL J 121 33.69 -25.87 5.18
C VAL J 121 32.20 -25.66 4.96
N SER J 122 31.60 -24.75 5.72
CA SER J 122 30.20 -24.40 5.59
C SER J 122 30.06 -22.99 5.03
N PHE J 123 28.92 -22.73 4.38
CA PHE J 123 28.67 -21.47 3.70
C PHE J 123 27.32 -20.91 4.07
N ASP J 124 27.17 -19.59 3.99
CA ASP J 124 25.89 -18.93 4.12
C ASP J 124 25.46 -18.33 2.78
N ALA J 125 24.26 -17.78 2.76
CA ALA J 125 23.65 -17.32 1.52
C ALA J 125 24.44 -16.22 0.83
N ALA J 126 25.30 -15.52 1.56
CA ALA J 126 26.11 -14.47 0.97
C ALA J 126 27.52 -14.94 0.64
N GLY J 127 27.79 -16.23 0.77
CA GLY J 127 29.10 -16.74 0.46
C GLY J 127 30.08 -16.77 1.61
N GLY J 128 29.72 -16.22 2.77
CA GLY J 128 30.60 -16.35 3.92
C GLY J 128 30.82 -17.81 4.25
N TRP J 129 32.06 -18.15 4.57
CA TRP J 129 32.44 -19.54 4.81
C TRP J 129 33.15 -19.67 6.14
N ASN J 130 33.08 -20.88 6.71
CA ASN J 130 33.75 -21.23 7.95
C ASN J 130 34.35 -22.61 7.81
N ILE J 131 35.65 -22.74 8.11
CA ILE J 131 36.31 -24.03 8.16
C ILE J 131 36.11 -24.62 9.55
N GLU J 132 35.52 -25.81 9.60
CA GLU J 132 35.06 -26.37 10.85
C GLU J 132 36.23 -27.04 11.57
N GLU J 133 36.65 -26.44 12.68
CA GLU J 133 37.72 -27.01 13.47
C GLU J 133 37.21 -27.99 14.52
N GLU J 134 35.90 -28.19 14.60
CA GLU J 134 35.34 -29.06 15.61
C GLU J 134 34.97 -30.44 15.08
N GLY J 135 35.25 -30.73 13.81
CA GLY J 135 35.22 -32.08 13.31
C GLY J 135 34.02 -32.44 12.48
N TYR J 136 32.88 -31.78 12.67
CA TYR J 136 31.67 -32.14 11.95
C TYR J 136 30.86 -30.90 11.65
N GLN J 137 29.92 -31.06 10.72
CA GLN J 137 29.06 -29.97 10.30
C GLN J 137 27.92 -30.57 9.47
N ALA J 138 26.82 -29.84 9.39
CA ALA J 138 25.66 -30.27 8.63
C ALA J 138 24.93 -29.05 8.11
N VAL J 139 24.09 -29.26 7.11
CA VAL J 139 23.35 -28.17 6.48
C VAL J 139 22.00 -28.71 6.03
N GLY J 140 20.99 -27.86 6.05
CA GLY J 140 19.65 -28.23 5.65
C GLY J 140 18.66 -28.13 6.79
N SER J 141 17.41 -28.50 6.49
CA SER J 141 16.35 -28.37 7.46
C SER J 141 16.51 -29.30 8.65
N GLY J 142 17.24 -30.39 8.49
CA GLY J 142 17.54 -31.30 9.59
C GLY J 142 18.92 -31.12 10.18
N SER J 143 19.61 -30.04 9.83
CA SER J 143 21.01 -29.90 10.20
C SER J 143 21.19 -29.76 11.70
N LEU J 144 20.23 -29.16 12.39
CA LEU J 144 20.42 -28.96 13.83
C LEU J 144 20.34 -30.29 14.57
N PHE J 145 19.36 -31.12 14.23
CA PHE J 145 19.24 -32.42 14.87
C PHE J 145 20.47 -33.27 14.62
N ALA J 146 20.97 -33.26 13.40
CA ALA J 146 22.15 -34.05 13.05
C ALA J 146 23.37 -33.54 13.79
N LYS J 147 23.57 -32.22 13.82
CA LYS J 147 24.72 -31.67 14.54
C LYS J 147 24.66 -32.07 16.01
N SER J 148 23.50 -31.94 16.63
CA SER J 148 23.42 -32.26 18.04
C SER J 148 23.62 -33.75 18.29
N SER J 149 23.25 -34.60 17.32
CA SER J 149 23.54 -36.02 17.48
C SER J 149 25.03 -36.29 17.40
N MET J 150 25.68 -35.73 16.38
CA MET J 150 27.12 -35.92 16.22
C MET J 150 27.89 -35.36 17.41
N LYS J 151 27.36 -34.32 18.05
CA LYS J 151 28.02 -33.78 19.23
C LYS J 151 28.19 -34.87 20.29
N LYS J 152 27.25 -35.80 20.38
CA LYS J 152 27.33 -36.87 21.35
C LYS J 152 28.03 -38.11 20.81
N LEU J 153 27.88 -38.41 19.53
CA LEU J 153 28.45 -39.63 18.97
C LEU J 153 29.85 -39.45 18.42
N TYR J 154 30.39 -38.24 18.41
CA TYR J 154 31.63 -38.00 17.69
C TYR J 154 32.81 -38.69 18.35
N SER J 155 32.78 -38.87 19.67
CA SER J 155 33.85 -39.57 20.35
C SER J 155 34.03 -41.01 19.85
N GLN J 156 33.03 -41.58 19.18
CA GLN J 156 33.18 -42.95 18.68
C GLN J 156 33.89 -43.02 17.35
N VAL J 157 34.31 -41.89 16.77
CA VAL J 157 34.93 -41.90 15.45
C VAL J 157 36.41 -42.16 15.64
N THR J 158 36.86 -43.33 15.19
CA THR J 158 38.27 -43.69 15.24
C THR J 158 38.85 -44.11 13.89
N ASP J 159 38.01 -44.50 12.93
CA ASP J 159 38.45 -44.89 11.60
C ASP J 159 37.34 -44.59 10.61
N GLY J 160 37.53 -45.03 9.36
CA GLY J 160 36.53 -44.75 8.34
C GLY J 160 35.17 -45.37 8.61
N ASP J 161 35.17 -46.60 9.14
CA ASP J 161 33.90 -47.29 9.36
C ASP J 161 33.10 -46.63 10.47
N SER J 162 33.73 -46.35 11.61
CA SER J 162 33.01 -45.71 12.70
C SER J 162 32.53 -44.32 12.28
N GLY J 163 33.36 -43.59 11.53
CA GLY J 163 32.92 -42.29 11.04
C GLY J 163 31.73 -42.39 10.12
N LEU J 164 31.74 -43.38 9.22
CA LEU J 164 30.61 -43.57 8.33
C LEU J 164 29.35 -43.91 9.12
N ARG J 165 29.48 -44.77 10.14
CA ARG J 165 28.32 -45.10 10.97
C ARG J 165 27.77 -43.86 11.66
N VAL J 166 28.63 -43.06 12.26
CA VAL J 166 28.16 -41.85 12.92
C VAL J 166 27.43 -40.95 11.94
N ALA J 167 27.96 -40.84 10.72
CA ALA J 167 27.29 -40.03 9.71
C ALA J 167 25.89 -40.56 9.42
N VAL J 168 25.79 -41.85 9.13
CA VAL J 168 24.49 -42.42 8.79
C VAL J 168 23.51 -42.27 9.95
N GLU J 169 24.01 -42.39 11.17
CA GLU J 169 23.14 -42.28 12.34
C GLU J 169 22.67 -40.84 12.53
N ALA J 170 23.55 -39.87 12.31
CA ALA J 170 23.14 -38.48 12.37
C ALA J 170 22.06 -38.20 11.35
N LEU J 171 22.20 -38.73 10.14
CA LEU J 171 21.12 -38.64 9.17
C LEU J 171 19.86 -39.31 9.67
N TYR J 172 19.99 -40.41 10.42
CA TYR J 172 18.82 -41.08 10.95
C TYR J 172 18.06 -40.17 11.90
N ASP J 173 18.77 -39.54 12.84
CA ASP J 173 18.12 -38.63 13.77
C ASP J 173 17.51 -37.43 13.03
N ALA J 174 18.24 -36.89 12.05
CA ALA J 174 17.71 -35.77 11.27
C ALA J 174 16.37 -36.13 10.64
N ALA J 175 16.32 -37.24 9.92
CA ALA J 175 15.05 -37.63 9.31
C ALA J 175 14.02 -38.01 10.37
N ASP J 176 14.46 -38.41 11.55
CA ASP J 176 13.55 -38.78 12.63
C ASP J 176 12.76 -37.57 13.13
N ASP J 177 13.40 -36.40 13.17
CA ASP J 177 12.72 -35.21 13.66
C ASP J 177 12.36 -34.20 12.58
N ASP J 178 12.71 -34.45 11.31
CA ASP J 178 12.45 -33.50 10.23
C ASP J 178 11.73 -34.19 9.10
N SER J 179 10.53 -33.71 8.79
CA SER J 179 9.72 -34.35 7.76
C SER J 179 10.24 -34.05 6.35
N ALA J 180 11.05 -33.02 6.20
CA ALA J 180 11.64 -32.73 4.91
C ALA J 180 12.90 -33.54 4.64
N THR J 181 13.35 -34.33 5.61
CA THR J 181 14.50 -35.20 5.47
C THR J 181 14.02 -36.64 5.47
N GLY J 182 14.50 -37.41 4.50
CA GLY J 182 14.05 -38.78 4.31
C GLY J 182 14.98 -39.76 5.00
N GLY J 183 14.39 -40.67 5.76
CA GLY J 183 15.13 -41.74 6.39
C GLY J 183 15.32 -42.90 5.45
N PRO J 184 15.90 -43.99 5.95
CA PRO J 184 16.10 -45.17 5.10
C PRO J 184 14.75 -45.79 4.73
N ASP J 185 14.58 -46.07 3.45
CA ASP J 185 13.34 -46.65 2.93
C ASP J 185 13.56 -48.14 2.78
N LEU J 186 13.14 -48.90 3.80
CA LEU J 186 13.35 -50.33 3.76
C LEU J 186 12.43 -51.03 2.78
N VAL J 187 11.30 -50.41 2.42
CA VAL J 187 10.41 -51.04 1.46
C VAL J 187 10.98 -50.94 0.06
N ARG J 188 11.49 -49.77 -0.32
CA ARG J 188 12.05 -49.52 -1.64
C ARG J 188 13.56 -49.76 -1.70
N GLY J 189 14.22 -49.91 -0.55
CA GLY J 189 15.65 -50.11 -0.53
C GLY J 189 16.44 -48.89 -0.94
N ILE J 190 16.07 -47.73 -0.41
CA ILE J 190 16.72 -46.47 -0.73
C ILE J 190 17.35 -45.91 0.54
N PHE J 191 18.64 -45.63 0.48
CA PHE J 191 19.42 -45.21 1.63
C PHE J 191 20.19 -43.95 1.28
N PRO J 192 20.72 -43.24 2.29
CA PRO J 192 21.50 -42.04 2.01
C PRO J 192 22.67 -42.32 1.08
N THR J 193 23.14 -41.27 0.40
CA THR J 193 24.34 -41.39 -0.41
C THR J 193 25.50 -40.92 0.44
N ALA J 194 26.66 -41.56 0.24
CA ALA J 194 27.83 -41.19 1.00
C ALA J 194 29.05 -41.16 0.10
N VAL J 195 29.95 -40.24 0.41
CA VAL J 195 31.25 -40.12 -0.25
C VAL J 195 32.30 -40.09 0.85
N ILE J 196 33.35 -40.87 0.68
CA ILE J 196 34.47 -40.91 1.62
C ILE J 196 35.70 -40.44 0.87
N ILE J 197 36.55 -39.66 1.55
CA ILE J 197 37.73 -39.09 0.92
C ILE J 197 38.92 -39.26 1.84
N ASP J 198 40.00 -39.84 1.33
CA ASP J 198 41.24 -39.91 2.10
C ASP J 198 42.38 -39.58 1.15
N ALA J 199 43.60 -39.97 1.54
CA ALA J 199 44.78 -39.64 0.74
C ALA J 199 44.71 -40.25 -0.65
N ASP J 200 43.96 -41.34 -0.81
CA ASP J 200 43.82 -41.99 -2.11
C ASP J 200 42.79 -41.31 -3.00
N GLY J 201 42.04 -40.34 -2.50
CA GLY J 201 41.04 -39.66 -3.28
C GLY J 201 39.64 -39.79 -2.70
N ALA J 202 38.66 -39.45 -3.53
CA ALA J 202 37.25 -39.46 -3.16
C ALA J 202 36.53 -40.60 -3.88
N VAL J 203 35.80 -41.42 -3.12
CA VAL J 203 35.05 -42.54 -3.68
C VAL J 203 33.62 -42.52 -3.13
N ASP J 204 32.70 -43.04 -3.95
CA ASP J 204 31.32 -43.25 -3.53
C ASP J 204 31.26 -44.43 -2.58
N VAL J 205 30.61 -44.26 -1.44
CA VAL J 205 30.41 -45.42 -0.58
C VAL J 205 29.35 -46.31 -1.20
N PRO J 206 29.59 -47.60 -1.39
CA PRO J 206 28.59 -48.46 -2.03
C PRO J 206 27.34 -48.57 -1.18
N GLU J 207 26.18 -48.67 -1.85
CA GLU J 207 24.93 -48.59 -1.12
C GLU J 207 24.74 -49.77 -0.17
N SER J 208 25.36 -50.90 -0.46
CA SER J 208 25.22 -52.07 0.41
C SER J 208 25.77 -51.80 1.80
N ARG J 209 26.94 -51.14 1.88
CA ARG J 209 27.53 -50.82 3.17
C ARG J 209 26.62 -49.90 3.97
N ILE J 210 26.10 -48.86 3.32
CA ILE J 210 25.20 -47.94 4.02
C ILE J 210 23.95 -48.67 4.49
N ALA J 211 23.44 -49.57 3.67
CA ALA J 211 22.26 -50.35 4.07
C ALA J 211 22.56 -51.13 5.34
N GLU J 212 23.72 -51.80 5.39
CA GLU J 212 24.07 -52.53 6.60
C GLU J 212 24.11 -51.62 7.81
N LEU J 213 24.72 -50.43 7.67
CA LEU J 213 24.75 -49.52 8.81
C LEU J 213 23.35 -49.06 9.20
N ALA J 214 22.51 -48.80 8.22
CA ALA J 214 21.14 -48.39 8.50
C ALA J 214 20.40 -49.45 9.31
N ARG J 215 20.44 -50.70 8.84
CA ARG J 215 19.77 -51.77 9.56
C ARG J 215 20.34 -51.92 10.97
N ALA J 216 21.65 -51.75 11.12
CA ALA J 216 22.23 -51.79 12.46
C ALA J 216 21.62 -50.74 13.35
N ILE J 217 21.46 -49.51 12.84
CA ILE J 217 20.90 -48.42 13.63
C ILE J 217 19.44 -48.70 13.96
N ILE J 218 18.65 -49.09 12.96
CA ILE J 218 17.23 -49.35 13.16
C ILE J 218 17.02 -50.41 14.23
N GLU J 219 17.75 -51.51 14.11
CA GLU J 219 17.58 -52.58 15.10
C GLU J 219 18.07 -52.13 16.47
N SER J 220 19.16 -51.35 16.50
CA SER J 220 19.66 -50.81 17.77
C SER J 220 18.61 -49.98 18.49
N ARG J 221 17.71 -49.33 17.76
CA ARG J 221 16.70 -48.46 18.34
C ARG J 221 15.41 -49.19 18.69
N SER J 222 15.33 -50.48 18.39
CA SER J 222 14.13 -51.24 18.68
C SER J 222 14.18 -51.91 20.05
N THR K 1 -5.38 -29.44 -17.38
CA THR K 1 -4.49 -30.18 -18.26
C THR K 1 -3.96 -31.39 -17.53
N THR K 2 -3.81 -32.52 -18.21
CA THR K 2 -3.08 -33.65 -17.64
C THR K 2 -2.30 -34.36 -18.72
N ILE K 3 -1.00 -34.55 -18.47
CA ILE K 3 -0.10 -35.30 -19.33
C ILE K 3 0.45 -36.46 -18.52
N VAL K 4 0.45 -37.65 -19.11
CA VAL K 4 0.97 -38.83 -18.42
C VAL K 4 2.07 -39.46 -19.28
N ALA K 5 3.00 -40.11 -18.61
CA ALA K 5 4.05 -40.86 -19.29
C ALA K 5 4.41 -42.06 -18.43
N LEU K 6 4.64 -43.20 -19.08
CA LEU K 6 5.08 -44.37 -18.35
C LEU K 6 6.02 -45.21 -19.21
N LYS K 7 6.95 -45.87 -18.55
CA LYS K 7 7.89 -46.79 -19.16
C LYS K 7 7.24 -48.16 -19.25
N TYR K 8 7.42 -48.82 -20.38
CA TYR K 8 7.02 -50.20 -20.54
C TYR K 8 8.20 -51.00 -21.04
N PRO K 9 8.19 -52.32 -20.89
CA PRO K 9 9.31 -53.12 -21.38
C PRO K 9 9.60 -52.88 -22.85
N GLY K 10 10.73 -52.23 -23.11
CA GLY K 10 11.18 -51.97 -24.46
C GLY K 10 10.75 -50.64 -25.05
N GLY K 11 10.08 -49.78 -24.28
CA GLY K 11 9.68 -48.50 -24.81
C GLY K 11 9.09 -47.61 -23.74
N VAL K 12 8.52 -46.50 -24.19
CA VAL K 12 7.87 -45.52 -23.32
C VAL K 12 6.65 -44.96 -24.05
N VAL K 13 5.64 -44.54 -23.29
CA VAL K 13 4.43 -43.98 -23.86
C VAL K 13 4.04 -42.71 -23.12
N MET K 14 3.49 -41.73 -23.86
CA MET K 14 3.03 -40.47 -23.31
C MET K 14 1.70 -40.09 -23.93
N ALA K 15 0.79 -39.57 -23.11
CA ALA K 15 -0.55 -39.24 -23.56
C ALA K 15 -1.04 -37.96 -22.90
N GLY K 16 -1.95 -37.28 -23.56
CA GLY K 16 -2.46 -36.02 -23.04
C GLY K 16 -3.91 -35.81 -23.40
N ASP K 17 -4.60 -35.07 -22.54
CA ASP K 17 -6.01 -34.76 -22.74
C ASP K 17 -6.15 -33.64 -23.78
N ARG K 18 -7.38 -33.30 -24.10
CA ARG K 18 -7.65 -32.43 -25.24
C ARG K 18 -8.36 -31.13 -24.87
N ARG K 19 -8.42 -30.79 -23.59
CA ARG K 19 -9.26 -29.69 -23.14
C ARG K 19 -8.50 -28.39 -22.97
N SER K 20 -9.13 -27.30 -23.40
CA SER K 20 -8.63 -25.95 -23.21
C SER K 20 -9.70 -25.13 -22.50
N THR K 21 -9.30 -24.45 -21.43
CA THR K 21 -10.24 -23.68 -20.63
C THR K 21 -9.75 -22.24 -20.50
N GLN K 22 -10.71 -21.34 -20.28
CA GLN K 22 -10.46 -20.00 -19.80
C GLN K 22 -11.28 -19.85 -18.52
N GLY K 23 -10.65 -20.06 -17.38
CA GLY K 23 -11.41 -20.11 -16.15
C GLY K 23 -12.29 -21.34 -16.11
N ASN K 24 -13.60 -21.14 -15.98
CA ASN K 24 -14.53 -22.25 -16.01
C ASN K 24 -15.02 -22.57 -17.42
N MET K 25 -14.87 -21.64 -18.36
CA MET K 25 -15.38 -21.87 -19.70
C MET K 25 -14.47 -22.80 -20.46
N ILE K 26 -15.07 -23.74 -21.16
CA ILE K 26 -14.34 -24.61 -22.05
C ILE K 26 -14.12 -23.85 -23.36
N SER K 27 -12.86 -23.58 -23.67
CA SER K 27 -12.50 -22.82 -24.87
C SER K 27 -11.92 -23.70 -25.98
N GLY K 28 -11.73 -24.99 -25.72
CA GLY K 28 -11.23 -25.89 -26.74
C GLY K 28 -11.51 -27.32 -26.35
N ARG K 29 -11.84 -28.13 -27.35
CA ARG K 29 -12.14 -29.53 -27.14
C ARG K 29 -11.15 -30.45 -27.84
N ASP K 30 -10.31 -29.91 -28.73
CA ASP K 30 -9.52 -30.71 -29.65
C ASP K 30 -8.03 -30.41 -29.60
N VAL K 31 -7.54 -29.72 -28.56
CA VAL K 31 -6.16 -29.23 -28.60
C VAL K 31 -5.18 -30.40 -28.49
N ARG K 32 -4.00 -30.21 -29.06
CA ARG K 32 -2.94 -31.22 -29.01
C ARG K 32 -1.85 -30.70 -28.09
N LYS K 33 -1.60 -31.41 -26.99
CA LYS K 33 -0.63 -31.00 -25.99
C LYS K 33 0.62 -31.87 -25.96
N VAL K 34 0.67 -32.93 -26.77
CA VAL K 34 1.80 -33.84 -26.81
C VAL K 34 2.40 -33.77 -28.21
N TYR K 35 3.68 -33.42 -28.29
CA TYR K 35 4.35 -33.20 -29.55
C TYR K 35 5.57 -34.09 -29.67
N ILE K 36 5.77 -34.68 -30.85
CA ILE K 36 6.99 -35.42 -31.14
C ILE K 36 8.11 -34.42 -31.38
N THR K 37 9.08 -34.39 -30.47
CA THR K 37 10.14 -33.41 -30.60
C THR K 37 11.37 -33.92 -31.33
N ASP K 38 11.60 -35.24 -31.40
CA ASP K 38 12.60 -35.77 -32.31
C ASP K 38 12.35 -37.27 -32.46
N ASP K 39 13.15 -37.92 -33.32
CA ASP K 39 12.91 -39.31 -33.66
C ASP K 39 12.71 -40.20 -32.44
N TYR K 40 13.25 -39.82 -31.28
CA TYR K 40 13.15 -40.64 -30.09
C TYR K 40 12.62 -39.86 -28.88
N THR K 41 11.99 -38.73 -29.09
CA THR K 41 11.54 -37.94 -27.95
C THR K 41 10.22 -37.27 -28.23
N ALA K 42 9.35 -37.30 -27.22
CA ALA K 42 8.10 -36.56 -27.20
C ALA K 42 8.03 -35.69 -25.95
N THR K 43 7.38 -34.54 -26.10
CA THR K 43 7.19 -33.57 -25.03
C THR K 43 5.71 -33.25 -24.91
N GLY K 44 5.20 -33.27 -23.69
CA GLY K 44 3.85 -32.78 -23.40
C GLY K 44 3.95 -31.63 -22.43
N ILE K 45 3.15 -30.60 -22.64
CA ILE K 45 3.31 -29.39 -21.83
C ILE K 45 1.96 -28.99 -21.26
N ALA K 46 1.98 -28.52 -20.01
CA ALA K 46 0.81 -28.02 -19.32
C ALA K 46 1.03 -26.55 -18.96
N GLY K 47 -0.04 -25.78 -18.98
CA GLY K 47 0.02 -24.38 -18.62
C GLY K 47 -0.63 -23.53 -19.68
N THR K 48 -0.23 -22.26 -19.72
CA THR K 48 -0.77 -21.33 -20.71
C THR K 48 -0.38 -21.78 -22.11
N ALA K 49 -1.37 -21.80 -23.02
CA ALA K 49 -1.18 -22.41 -24.33
C ALA K 49 -0.03 -21.77 -25.10
N ALA K 50 0.04 -20.44 -25.12
CA ALA K 50 1.07 -19.77 -25.89
C ALA K 50 2.46 -20.25 -25.51
N VAL K 51 2.75 -20.28 -24.21
CA VAL K 51 4.07 -20.70 -23.75
C VAL K 51 4.28 -22.18 -24.01
N ALA K 52 3.26 -23.01 -23.83
CA ALA K 52 3.43 -24.45 -24.03
C ALA K 52 3.79 -24.75 -25.49
N VAL K 53 3.00 -24.24 -26.42
CA VAL K 53 3.29 -24.48 -27.83
C VAL K 53 4.65 -23.92 -28.20
N GLU K 54 4.98 -22.74 -27.67
CA GLU K 54 6.31 -22.19 -27.96
C GLU K 54 7.41 -23.11 -27.48
N PHE K 55 7.27 -23.66 -26.27
CA PHE K 55 8.25 -24.63 -25.77
C PHE K 55 8.42 -25.80 -26.73
N ALA K 56 7.32 -26.44 -27.11
CA ALA K 56 7.41 -27.62 -27.97
C ALA K 56 8.10 -27.27 -29.28
N ARG K 57 7.66 -26.19 -29.92
CA ARG K 57 8.18 -25.81 -31.22
C ARG K 57 9.67 -25.52 -31.15
N LEU K 58 10.04 -24.62 -30.25
CA LEU K 58 11.43 -24.19 -30.11
C LEU K 58 12.33 -25.35 -29.72
N TYR K 59 11.85 -26.22 -28.84
CA TYR K 59 12.67 -27.34 -28.40
C TYR K 59 12.98 -28.27 -29.55
N ALA K 60 11.94 -28.68 -30.29
CA ALA K 60 12.16 -29.55 -31.45
C ALA K 60 13.15 -28.93 -32.41
N VAL K 61 13.00 -27.63 -32.68
CA VAL K 61 13.95 -26.95 -33.56
C VAL K 61 15.37 -27.03 -33.01
N GLU K 62 15.54 -26.85 -31.69
CA GLU K 62 16.89 -26.86 -31.14
C GLU K 62 17.54 -28.22 -31.30
N LEU K 63 16.79 -29.28 -30.97
CA LEU K 63 17.33 -30.63 -31.07
C LEU K 63 17.77 -30.95 -32.49
N GLU K 64 16.86 -30.76 -33.44
CA GLU K 64 17.23 -31.10 -34.81
C GLU K 64 18.31 -30.18 -35.35
N HIS K 65 18.36 -28.93 -34.88
CA HIS K 65 19.42 -28.01 -35.24
C HIS K 65 20.79 -28.57 -34.87
N TYR K 66 20.95 -28.97 -33.60
CA TYR K 66 22.21 -29.58 -33.21
C TYR K 66 22.51 -30.81 -34.06
N GLU K 67 21.47 -31.62 -34.33
CA GLU K 67 21.72 -32.86 -35.07
C GLU K 67 22.24 -32.59 -36.48
N LYS K 68 21.70 -31.57 -37.16
CA LYS K 68 22.18 -31.28 -38.49
C LYS K 68 23.53 -30.55 -38.48
N LEU K 69 23.79 -29.74 -37.46
CA LEU K 69 25.06 -29.04 -37.41
C LEU K 69 26.21 -30.01 -37.17
N GLU K 70 26.03 -30.96 -36.25
CA GLU K 70 27.14 -31.78 -35.82
C GLU K 70 27.07 -33.20 -36.36
N GLY K 71 26.09 -33.50 -37.20
CA GLY K 71 26.01 -34.81 -37.83
C GLY K 71 25.62 -35.95 -36.93
N VAL K 72 25.27 -35.67 -35.67
CA VAL K 72 24.93 -36.69 -34.69
C VAL K 72 23.96 -36.07 -33.68
N PRO K 73 22.97 -36.79 -33.18
CA PRO K 73 22.06 -36.22 -32.20
C PRO K 73 22.68 -36.11 -30.82
N LEU K 74 22.07 -35.25 -30.00
CA LEU K 74 22.48 -35.11 -28.61
C LEU K 74 22.27 -36.41 -27.84
N THR K 75 23.13 -36.64 -26.86
CA THR K 75 22.83 -37.66 -25.86
C THR K 75 21.54 -37.26 -25.16
N PHE K 76 20.88 -38.25 -24.56
CA PHE K 76 19.64 -37.94 -23.90
C PHE K 76 19.85 -36.91 -22.81
N ALA K 77 20.94 -37.06 -22.05
CA ALA K 77 21.28 -36.08 -21.02
C ALA K 77 21.35 -34.67 -21.58
N GLY K 78 21.91 -34.52 -22.78
CA GLY K 78 21.93 -33.20 -23.38
C GLY K 78 20.55 -32.66 -23.66
N LYS K 79 19.66 -33.50 -24.19
CA LYS K 79 18.28 -33.07 -24.42
C LYS K 79 17.64 -32.60 -23.13
N ILE K 80 17.82 -33.37 -22.06
CA ILE K 80 17.32 -32.96 -20.75
C ILE K 80 17.86 -31.58 -20.38
N ASN K 81 19.16 -31.40 -20.52
CA ASN K 81 19.76 -30.15 -20.09
C ASN K 81 19.19 -28.98 -20.88
N ARG K 82 18.99 -29.17 -22.19
CA ARG K 82 18.51 -28.04 -22.99
C ARG K 82 17.08 -27.68 -22.63
N LEU K 83 16.21 -28.68 -22.45
CA LEU K 83 14.86 -28.37 -22.01
C LEU K 83 14.87 -27.66 -20.66
N ALA K 84 15.71 -28.14 -19.74
CA ALA K 84 15.82 -27.52 -18.42
C ALA K 84 16.20 -26.06 -18.54
N ILE K 85 17.22 -25.78 -19.34
CA ILE K 85 17.67 -24.41 -19.53
C ILE K 85 16.56 -23.55 -20.10
N MET K 86 15.75 -24.12 -20.99
CA MET K 86 14.64 -23.36 -21.56
C MET K 86 13.62 -22.98 -20.49
N VAL K 87 13.22 -23.94 -19.66
CA VAL K 87 12.27 -23.62 -18.59
C VAL K 87 12.83 -22.53 -17.68
N ARG K 88 14.07 -22.72 -17.21
CA ARG K 88 14.68 -21.72 -16.35
C ARG K 88 14.69 -20.36 -17.04
N GLY K 89 14.94 -20.35 -18.34
CA GLY K 89 14.87 -19.11 -19.09
C GLY K 89 13.50 -18.47 -19.06
N ASN K 90 12.44 -19.28 -19.05
CA ASN K 90 11.10 -18.70 -19.00
C ASN K 90 10.65 -18.35 -17.59
N LEU K 91 11.45 -18.69 -16.56
CA LEU K 91 10.99 -18.50 -15.17
C LEU K 91 10.42 -17.12 -14.90
N ALA K 92 11.06 -16.05 -15.40
CA ALA K 92 10.55 -14.71 -15.12
C ALA K 92 9.13 -14.53 -15.64
N ALA K 93 8.92 -14.83 -16.92
CA ALA K 93 7.59 -14.75 -17.51
C ALA K 93 6.62 -15.65 -16.77
N ALA K 94 7.07 -16.83 -16.34
CA ALA K 94 6.19 -17.72 -15.59
C ALA K 94 5.74 -17.06 -14.29
N MET K 95 6.67 -16.43 -13.58
CA MET K 95 6.32 -15.69 -12.37
C MET K 95 5.37 -14.55 -12.65
N GLN K 96 5.31 -14.05 -13.89
CA GLN K 96 4.28 -13.08 -14.21
C GLN K 96 2.98 -13.72 -14.73
N GLY K 97 2.88 -15.04 -14.74
CA GLY K 97 1.65 -15.70 -15.13
C GLY K 97 1.74 -16.53 -16.40
N LEU K 98 2.80 -16.35 -17.20
CA LEU K 98 2.99 -17.14 -18.41
C LEU K 98 3.79 -18.40 -18.09
N LEU K 99 3.19 -19.26 -17.27
CA LEU K 99 3.84 -20.43 -16.75
C LEU K 99 3.49 -21.66 -17.57
N ALA K 100 4.49 -22.48 -17.87
CA ALA K 100 4.27 -23.75 -18.54
C ALA K 100 5.33 -24.74 -18.10
N LEU K 101 4.89 -25.96 -17.77
CA LEU K 101 5.80 -27.02 -17.38
C LEU K 101 5.74 -28.15 -18.41
N PRO K 102 6.87 -28.66 -18.84
CA PRO K 102 6.86 -29.80 -19.76
C PRO K 102 7.12 -31.11 -19.04
N LEU K 103 6.82 -32.18 -19.73
CA LEU K 103 7.12 -33.55 -19.33
C LEU K 103 7.77 -34.21 -20.52
N LEU K 104 8.93 -34.83 -20.28
CA LEU K 104 9.79 -35.35 -21.32
C LEU K 104 9.74 -36.87 -21.31
N ALA K 105 9.50 -37.46 -22.48
CA ALA K 105 9.54 -38.91 -22.63
C ALA K 105 10.46 -39.25 -23.79
N GLY K 106 11.38 -40.18 -23.56
CA GLY K 106 12.32 -40.51 -24.61
C GLY K 106 12.76 -41.95 -24.55
N TYR K 107 13.44 -42.37 -25.61
CA TYR K 107 14.08 -43.67 -25.69
C TYR K 107 15.56 -43.42 -25.94
N ASP K 108 16.41 -43.85 -25.00
CA ASP K 108 17.84 -43.58 -25.10
C ASP K 108 18.48 -44.63 -25.99
N ILE K 109 18.86 -44.24 -27.21
CA ILE K 109 19.42 -45.20 -28.15
C ILE K 109 20.77 -45.72 -27.66
N HIS K 110 21.44 -45.00 -26.78
CA HIS K 110 22.74 -45.40 -26.26
C HIS K 110 22.66 -46.20 -24.96
N ALA K 111 21.45 -46.53 -24.49
CA ALA K 111 21.36 -47.36 -23.31
C ALA K 111 21.79 -48.79 -23.64
N SER K 112 22.34 -49.49 -22.65
CA SER K 112 22.80 -50.86 -22.86
C SER K 112 21.63 -51.81 -23.03
N ASP K 113 20.63 -51.70 -22.15
CA ASP K 113 19.52 -52.64 -22.07
C ASP K 113 18.30 -52.07 -22.76
N PRO K 114 17.90 -52.59 -23.93
CA PRO K 114 16.77 -51.99 -24.66
C PRO K 114 15.46 -52.00 -23.89
N GLN K 115 15.34 -52.80 -22.83
CA GLN K 115 14.09 -52.82 -22.09
C GLN K 115 13.97 -51.62 -21.17
N SER K 116 15.07 -51.25 -20.50
CA SER K 116 15.06 -50.11 -19.60
C SER K 116 15.59 -48.85 -20.25
N ALA K 117 15.61 -48.79 -21.58
CA ALA K 117 16.05 -47.59 -22.28
C ALA K 117 15.00 -46.48 -22.27
N GLY K 118 13.81 -46.74 -21.76
CA GLY K 118 12.82 -45.69 -21.64
C GLY K 118 13.24 -44.67 -20.61
N ARG K 119 12.86 -43.42 -20.85
CA ARG K 119 13.20 -42.34 -19.94
C ARG K 119 12.01 -41.42 -19.78
N ILE K 120 11.75 -41.03 -18.54
CA ILE K 120 10.67 -40.12 -18.18
C ILE K 120 11.26 -39.06 -17.26
N VAL K 121 11.20 -37.80 -17.69
CA VAL K 121 11.83 -36.71 -16.96
C VAL K 121 10.80 -35.63 -16.69
N SER K 122 10.73 -35.19 -15.43
CA SER K 122 9.83 -34.12 -15.02
C SER K 122 10.61 -32.86 -14.66
N PHE K 123 9.95 -31.70 -14.79
CA PHE K 123 10.58 -30.40 -14.62
C PHE K 123 9.73 -29.53 -13.71
N ASP K 124 10.39 -28.61 -13.02
CA ASP K 124 9.70 -27.57 -12.26
C ASP K 124 9.93 -26.21 -12.90
N ALA K 125 9.26 -25.20 -12.34
CA ALA K 125 9.27 -23.88 -12.95
C ALA K 125 10.65 -23.25 -12.99
N ALA K 126 11.59 -23.73 -12.18
CA ALA K 126 12.95 -23.22 -12.18
C ALA K 126 13.90 -24.05 -13.01
N GLY K 127 13.40 -25.06 -13.73
CA GLY K 127 14.24 -25.90 -14.55
C GLY K 127 14.81 -27.12 -13.88
N GLY K 128 14.63 -27.27 -12.57
CA GLY K 128 15.05 -28.51 -11.92
C GLY K 128 14.31 -29.70 -12.49
N TRP K 129 15.04 -30.78 -12.72
CA TRP K 129 14.49 -31.95 -13.38
C TRP K 129 14.78 -33.20 -12.57
N ASN K 130 13.96 -34.22 -12.79
CA ASN K 130 14.14 -35.51 -12.16
C ASN K 130 13.84 -36.60 -13.18
N ILE K 131 14.75 -37.56 -13.33
CA ILE K 131 14.52 -38.73 -14.16
C ILE K 131 13.79 -39.75 -13.30
N GLU K 132 12.58 -40.13 -13.72
CA GLU K 132 11.69 -40.90 -12.87
C GLU K 132 12.02 -42.39 -13.04
N GLU K 133 12.64 -42.97 -12.03
CA GLU K 133 12.96 -44.39 -12.07
C GLU K 133 11.85 -45.25 -11.49
N GLU K 134 10.72 -44.66 -11.13
CA GLU K 134 9.59 -45.42 -10.62
C GLU K 134 8.60 -45.76 -11.72
N GLY K 135 8.89 -45.38 -12.95
CA GLY K 135 8.22 -45.92 -14.12
C GLY K 135 7.18 -45.01 -14.74
N TYR K 136 6.61 -44.10 -13.98
CA TYR K 136 5.57 -43.23 -14.51
C TYR K 136 5.65 -41.85 -13.88
N GLN K 137 4.99 -40.91 -14.52
CA GLN K 137 4.97 -39.52 -14.05
C GLN K 137 3.88 -38.80 -14.82
N ALA K 138 3.38 -37.72 -14.23
CA ALA K 138 2.34 -36.93 -14.85
C ALA K 138 2.53 -35.48 -14.46
N VAL K 139 1.94 -34.58 -15.23
CA VAL K 139 2.05 -33.15 -14.99
C VAL K 139 0.75 -32.52 -15.43
N GLY K 140 0.38 -31.42 -14.80
CA GLY K 140 -0.86 -30.72 -15.08
C GLY K 140 -1.76 -30.69 -13.86
N SER K 141 -2.93 -30.08 -14.04
CA SER K 141 -3.80 -29.89 -12.89
C SER K 141 -4.35 -31.21 -12.38
N GLY K 142 -4.44 -32.22 -13.24
CA GLY K 142 -4.91 -33.52 -12.84
C GLY K 142 -3.82 -34.52 -12.59
N SER K 143 -2.56 -34.07 -12.51
CA SER K 143 -1.44 -34.99 -12.45
C SER K 143 -1.40 -35.79 -11.16
N LEU K 144 -1.98 -35.29 -10.08
CA LEU K 144 -1.93 -36.09 -8.85
C LEU K 144 -2.93 -37.22 -8.91
N PHE K 145 -4.11 -36.96 -9.47
CA PHE K 145 -5.06 -38.04 -9.69
C PHE K 145 -4.50 -39.08 -10.64
N ALA K 146 -3.85 -38.63 -11.71
CA ALA K 146 -3.28 -39.55 -12.68
C ALA K 146 -2.15 -40.37 -12.07
N LYS K 147 -1.27 -39.72 -11.31
CA LYS K 147 -0.18 -40.43 -10.65
C LYS K 147 -0.72 -41.47 -9.69
N SER K 148 -1.67 -41.08 -8.86
CA SER K 148 -2.17 -42.02 -7.86
C SER K 148 -2.92 -43.17 -8.53
N SER K 149 -3.54 -42.93 -9.68
CA SER K 149 -4.16 -44.02 -10.41
C SER K 149 -3.10 -44.98 -10.94
N MET K 150 -2.05 -44.44 -11.58
CA MET K 150 -1.00 -45.30 -12.10
C MET K 150 -0.29 -46.05 -10.99
N LYS K 151 -0.23 -45.49 -9.78
CA LYS K 151 0.38 -46.21 -8.67
C LYS K 151 -0.31 -47.55 -8.45
N LYS K 152 -1.60 -47.63 -8.73
CA LYS K 152 -2.34 -48.88 -8.58
C LYS K 152 -2.35 -49.70 -9.85
N LEU K 153 -2.37 -49.06 -11.02
CA LEU K 153 -2.51 -49.79 -12.28
C LEU K 153 -1.20 -50.18 -12.93
N TYR K 154 -0.04 -49.79 -12.37
CA TYR K 154 1.20 -49.93 -13.12
C TYR K 154 1.63 -51.38 -13.26
N SER K 155 1.27 -52.24 -12.30
CA SER K 155 1.61 -53.65 -12.40
C SER K 155 1.01 -54.31 -13.63
N GLN K 156 0.01 -53.70 -14.26
CA GLN K 156 -0.62 -54.27 -15.46
C GLN K 156 0.12 -53.90 -16.73
N VAL K 157 1.23 -53.18 -16.65
CA VAL K 157 1.97 -52.75 -17.82
C VAL K 157 2.93 -53.88 -18.19
N THR K 158 2.69 -54.52 -19.32
CA THR K 158 3.54 -55.59 -19.80
C THR K 158 4.11 -55.34 -21.19
N ASP K 159 3.49 -54.47 -21.98
CA ASP K 159 4.00 -54.13 -23.30
C ASP K 159 3.51 -52.72 -23.63
N GLY K 160 3.77 -52.30 -24.86
CA GLY K 160 3.33 -50.98 -25.29
C GLY K 160 1.82 -50.86 -25.28
N ASP K 161 1.12 -51.95 -25.63
CA ASP K 161 -0.34 -51.85 -25.72
C ASP K 161 -0.97 -51.71 -24.34
N SER K 162 -0.59 -52.56 -23.39
CA SER K 162 -1.14 -52.45 -22.05
C SER K 162 -0.71 -51.14 -21.40
N GLY K 163 0.52 -50.71 -21.66
CA GLY K 163 0.94 -49.42 -21.17
C GLY K 163 0.08 -48.30 -21.72
N LEU K 164 -0.29 -48.41 -22.99
CA LEU K 164 -1.22 -47.44 -23.56
C LEU K 164 -2.57 -47.47 -22.85
N ARG K 165 -3.06 -48.66 -22.53
CA ARG K 165 -4.32 -48.71 -21.79
C ARG K 165 -4.18 -48.02 -20.45
N VAL K 166 -3.10 -48.31 -19.72
CA VAL K 166 -2.93 -47.70 -18.41
C VAL K 166 -2.82 -46.19 -18.54
N ALA K 167 -2.12 -45.72 -19.57
CA ALA K 167 -2.02 -44.28 -19.79
C ALA K 167 -3.39 -43.66 -19.99
N VAL K 168 -4.16 -44.21 -20.93
CA VAL K 168 -5.47 -43.66 -21.23
C VAL K 168 -6.38 -43.72 -20.01
N GLU K 169 -6.27 -44.79 -19.22
CA GLU K 169 -7.12 -44.89 -18.04
C GLU K 169 -6.72 -43.88 -16.98
N ALA K 170 -5.42 -43.67 -16.81
CA ALA K 170 -4.96 -42.63 -15.89
C ALA K 170 -5.49 -41.27 -16.30
N LEU K 171 -5.43 -40.97 -17.60
CA LEU K 171 -6.05 -39.74 -18.08
C LEU K 171 -7.54 -39.75 -17.80
N TYR K 172 -8.16 -40.91 -17.86
CA TYR K 172 -9.59 -40.99 -17.57
C TYR K 172 -9.87 -40.58 -16.14
N ASP K 173 -9.12 -41.13 -15.18
CA ASP K 173 -9.29 -40.75 -13.78
C ASP K 173 -9.00 -39.28 -13.55
N ALA K 174 -7.93 -38.77 -14.16
CA ALA K 174 -7.62 -37.35 -14.05
C ALA K 174 -8.82 -36.51 -14.48
N ALA K 175 -9.38 -36.82 -15.65
CA ALA K 175 -10.55 -36.08 -16.12
C ALA K 175 -11.76 -36.32 -15.23
N ASP K 176 -11.80 -37.46 -14.54
CA ASP K 176 -12.91 -37.76 -13.66
C ASP K 176 -12.91 -36.85 -12.44
N ASP K 177 -11.73 -36.52 -11.91
CA ASP K 177 -11.66 -35.75 -10.67
C ASP K 177 -11.21 -34.30 -10.88
N ASP K 178 -10.87 -33.88 -12.09
CA ASP K 178 -10.40 -32.52 -12.34
C ASP K 178 -11.16 -31.94 -13.52
N SER K 179 -11.81 -30.80 -13.31
CA SER K 179 -12.62 -30.19 -14.36
C SER K 179 -11.79 -29.51 -15.43
N ALA K 180 -10.53 -29.22 -15.16
CA ALA K 180 -9.70 -28.59 -16.16
C ALA K 180 -9.10 -29.59 -17.14
N THR K 181 -9.32 -30.89 -16.93
CA THR K 181 -8.88 -31.95 -17.83
C THR K 181 -10.09 -32.60 -18.47
N GLY K 182 -10.04 -32.78 -19.79
CA GLY K 182 -11.17 -33.29 -20.54
C GLY K 182 -11.05 -34.78 -20.79
N GLY K 183 -12.14 -35.50 -20.52
CA GLY K 183 -12.21 -36.92 -20.77
C GLY K 183 -12.60 -37.25 -22.20
N PRO K 184 -12.78 -38.53 -22.50
CA PRO K 184 -13.16 -38.93 -23.86
C PRO K 184 -14.58 -38.47 -24.17
N ASP K 185 -14.75 -37.84 -25.33
CA ASP K 185 -16.05 -37.36 -25.78
C ASP K 185 -16.59 -38.38 -26.78
N LEU K 186 -17.42 -39.30 -26.30
CA LEU K 186 -17.95 -40.33 -27.20
C LEU K 186 -18.95 -39.76 -28.17
N VAL K 187 -19.54 -38.59 -27.88
CA VAL K 187 -20.48 -37.99 -28.82
C VAL K 187 -19.74 -37.39 -30.01
N ARG K 188 -18.65 -36.68 -29.75
CA ARG K 188 -17.89 -36.04 -30.81
C ARG K 188 -16.76 -36.90 -31.36
N GLY K 189 -16.43 -38.00 -30.70
CA GLY K 189 -15.35 -38.85 -31.14
C GLY K 189 -13.99 -38.22 -30.98
N ILE K 190 -13.73 -37.61 -29.83
CA ILE K 190 -12.47 -36.94 -29.53
C ILE K 190 -11.86 -37.62 -28.31
N PHE K 191 -10.63 -38.09 -28.45
CA PHE K 191 -9.97 -38.85 -27.40
C PHE K 191 -8.58 -38.28 -27.16
N PRO K 192 -7.93 -38.64 -26.05
CA PRO K 192 -6.58 -38.14 -25.80
C PRO K 192 -5.62 -38.51 -26.93
N THR K 193 -4.54 -37.74 -27.03
CA THR K 193 -3.48 -38.06 -27.98
C THR K 193 -2.40 -38.85 -27.28
N ALA K 194 -1.77 -39.76 -28.02
CA ALA K 194 -0.71 -40.56 -27.45
C ALA K 194 0.42 -40.70 -28.45
N VAL K 195 1.62 -40.78 -27.92
CA VAL K 195 2.84 -41.04 -28.67
C VAL K 195 3.54 -42.20 -27.98
N ILE K 196 4.01 -43.15 -28.77
CA ILE K 196 4.76 -44.29 -28.26
C ILE K 196 6.14 -44.25 -28.88
N ILE K 197 7.15 -44.61 -28.10
CA ILE K 197 8.55 -44.52 -28.51
C ILE K 197 9.25 -45.81 -28.15
N ASP K 198 9.84 -46.47 -29.13
CA ASP K 198 10.69 -47.63 -28.87
C ASP K 198 11.91 -47.52 -29.78
N ALA K 199 12.61 -48.64 -29.97
CA ALA K 199 13.85 -48.61 -30.75
C ALA K 199 13.61 -48.16 -32.19
N ASP K 200 12.41 -48.37 -32.72
CA ASP K 200 12.12 -47.95 -34.08
C ASP K 200 11.78 -46.47 -34.20
N GLY K 201 11.69 -45.75 -33.09
CA GLY K 201 11.42 -44.33 -33.11
C GLY K 201 10.17 -43.98 -32.34
N ALA K 202 9.70 -42.75 -32.58
CA ALA K 202 8.51 -42.20 -31.94
C ALA K 202 7.41 -42.08 -32.98
N VAL K 203 6.25 -42.66 -32.68
CA VAL K 203 5.11 -42.62 -33.58
C VAL K 203 3.86 -42.21 -32.81
N ASP K 204 2.97 -41.49 -33.51
CA ASP K 204 1.67 -41.16 -32.98
C ASP K 204 0.78 -42.40 -32.96
N VAL K 205 0.14 -42.64 -31.82
CA VAL K 205 -0.81 -43.76 -31.73
C VAL K 205 -2.09 -43.38 -32.48
N PRO K 206 -2.62 -44.24 -33.34
CA PRO K 206 -3.80 -43.87 -34.14
C PRO K 206 -5.03 -43.61 -33.28
N GLU K 207 -5.85 -42.65 -33.72
CA GLU K 207 -7.06 -42.28 -32.99
C GLU K 207 -7.92 -43.50 -32.66
N SER K 208 -8.04 -44.43 -33.61
CA SER K 208 -8.96 -45.55 -33.42
C SER K 208 -8.55 -46.45 -32.26
N ARG K 209 -7.25 -46.65 -32.06
CA ARG K 209 -6.80 -47.52 -30.99
C ARG K 209 -7.12 -46.93 -29.63
N ILE K 210 -6.87 -45.63 -29.46
CA ILE K 210 -7.24 -44.95 -28.23
C ILE K 210 -8.75 -45.00 -28.04
N ALA K 211 -9.51 -44.82 -29.12
CA ALA K 211 -10.96 -44.89 -29.03
C ALA K 211 -11.42 -46.23 -28.48
N GLU K 212 -10.93 -47.33 -29.08
CA GLU K 212 -11.21 -48.66 -28.56
C GLU K 212 -10.91 -48.74 -27.07
N LEU K 213 -9.70 -48.36 -26.67
CA LEU K 213 -9.34 -48.49 -25.26
C LEU K 213 -10.26 -47.65 -24.36
N ALA K 214 -10.62 -46.45 -24.82
CA ALA K 214 -11.51 -45.60 -24.05
C ALA K 214 -12.85 -46.29 -23.81
N ARG K 215 -13.48 -46.79 -24.87
CA ARG K 215 -14.75 -47.49 -24.68
C ARG K 215 -14.58 -48.71 -23.79
N ALA K 216 -13.43 -49.39 -23.89
CA ALA K 216 -13.18 -50.51 -23.00
C ALA K 216 -13.22 -50.07 -21.55
N ILE K 217 -12.58 -48.94 -21.24
CA ILE K 217 -12.56 -48.45 -19.87
C ILE K 217 -13.96 -48.07 -19.41
N ILE K 218 -14.68 -47.32 -20.25
CA ILE K 218 -16.02 -46.85 -19.90
C ILE K 218 -16.94 -48.03 -19.61
N GLU K 219 -17.08 -48.94 -20.59
CA GLU K 219 -17.91 -50.12 -20.35
C GLU K 219 -17.36 -50.97 -19.22
N SER K 220 -16.08 -50.83 -18.89
CA SER K 220 -15.54 -51.56 -17.74
C SER K 220 -16.02 -50.98 -16.43
N ARG K 221 -16.26 -49.67 -16.37
CA ARG K 221 -16.70 -49.08 -15.12
C ARG K 221 -18.20 -48.98 -14.98
N SER K 222 -18.97 -49.28 -16.03
CA SER K 222 -20.42 -49.31 -15.99
C SER K 222 -20.99 -50.72 -15.84
N GLY K 223 -20.59 -51.63 -16.72
CA GLY K 223 -21.13 -52.98 -16.71
C GLY K 223 -22.11 -53.24 -17.84
N THR L 1 -18.66 -5.81 -29.31
CA THR L 1 -18.17 -6.36 -30.57
C THR L 1 -18.53 -7.82 -30.67
N THR L 2 -18.88 -8.28 -31.86
CA THR L 2 -19.00 -9.71 -32.11
C THR L 2 -18.49 -9.98 -33.51
N ILE L 3 -17.57 -10.92 -33.61
CA ILE L 3 -17.05 -11.41 -34.88
C ILE L 3 -17.34 -12.90 -34.94
N VAL L 4 -17.90 -13.35 -36.06
CA VAL L 4 -18.23 -14.75 -36.26
C VAL L 4 -17.50 -15.27 -37.48
N ALA L 5 -17.23 -16.57 -37.47
CA ALA L 5 -16.69 -17.27 -38.62
C ALA L 5 -17.22 -18.68 -38.58
N LEU L 6 -17.57 -19.22 -39.75
CA LEU L 6 -18.03 -20.59 -39.84
C LEU L 6 -17.57 -21.18 -41.16
N LYS L 7 -17.32 -22.49 -41.14
CA LYS L 7 -16.98 -23.24 -42.34
C LYS L 7 -18.25 -23.73 -43.02
N TYR L 8 -18.28 -23.65 -44.34
CA TYR L 8 -19.33 -24.28 -45.12
C TYR L 8 -18.66 -25.12 -46.20
N PRO L 9 -19.40 -26.07 -46.81
CA PRO L 9 -18.80 -26.89 -47.87
C PRO L 9 -18.18 -26.06 -48.98
N GLY L 10 -16.85 -26.07 -49.04
CA GLY L 10 -16.12 -25.36 -50.07
C GLY L 10 -15.69 -23.95 -49.74
N GLY L 11 -15.94 -23.48 -48.52
CA GLY L 11 -15.54 -22.12 -48.19
C GLY L 11 -15.70 -21.80 -46.72
N VAL L 12 -15.52 -20.51 -46.42
CA VAL L 12 -15.57 -20.00 -45.07
C VAL L 12 -16.23 -18.62 -45.10
N VAL L 13 -16.87 -18.25 -43.98
CA VAL L 13 -17.57 -16.98 -43.87
C VAL L 13 -17.20 -16.32 -42.55
N MET L 14 -17.05 -15.00 -42.58
CA MET L 14 -16.78 -14.23 -41.39
C MET L 14 -17.63 -12.96 -41.45
N ALA L 15 -18.19 -12.58 -40.31
CA ALA L 15 -19.04 -11.40 -40.29
C ALA L 15 -18.85 -10.67 -38.98
N GLY L 16 -19.06 -9.37 -39.00
CA GLY L 16 -18.87 -8.55 -37.82
C GLY L 16 -19.86 -7.42 -37.78
N ASP L 17 -20.17 -6.99 -36.56
CA ASP L 17 -21.12 -5.92 -36.33
C ASP L 17 -20.45 -4.58 -36.65
N ARG L 18 -21.20 -3.50 -36.49
CA ARG L 18 -20.79 -2.19 -36.97
C ARG L 18 -20.71 -1.14 -35.87
N ARG L 19 -20.77 -1.54 -34.61
CA ARG L 19 -20.89 -0.60 -33.50
C ARG L 19 -19.54 -0.32 -32.85
N SER L 20 -19.32 0.94 -32.47
CA SER L 20 -18.16 1.35 -31.70
C SER L 20 -18.63 2.09 -30.47
N THR L 21 -18.11 1.74 -29.30
CA THR L 21 -18.55 2.36 -28.06
C THR L 21 -17.37 2.94 -27.29
N GLN L 22 -17.66 3.95 -26.47
CA GLN L 22 -16.77 4.45 -25.43
C GLN L 22 -17.54 4.36 -24.12
N GLY L 23 -17.29 3.31 -23.35
CA GLY L 23 -18.10 3.05 -22.18
C GLY L 23 -19.50 2.65 -22.58
N ASN L 24 -20.49 3.40 -22.14
CA ASN L 24 -21.86 3.15 -22.54
C ASN L 24 -22.27 3.94 -23.78
N MET L 25 -21.52 4.96 -24.16
CA MET L 25 -21.90 5.84 -25.26
C MET L 25 -21.59 5.19 -26.61
N ILE L 26 -22.51 5.36 -27.55
CA ILE L 26 -22.30 4.89 -28.91
C ILE L 26 -21.42 5.93 -29.60
N SER L 27 -20.21 5.53 -29.98
CA SER L 27 -19.28 6.41 -30.66
C SER L 27 -19.14 6.11 -32.14
N GLY L 28 -19.78 5.06 -32.63
CA GLY L 28 -19.74 4.75 -34.04
C GLY L 28 -20.83 3.79 -34.44
N ARG L 29 -21.40 3.98 -35.63
CA ARG L 29 -22.45 3.13 -36.13
C ARG L 29 -22.08 2.38 -37.41
N ASP L 30 -20.99 2.74 -38.07
CA ASP L 30 -20.68 2.23 -39.40
C ASP L 30 -19.31 1.59 -39.49
N VAL L 31 -18.69 1.25 -38.36
CA VAL L 31 -17.28 0.84 -38.38
C VAL L 31 -17.14 -0.50 -39.09
N ARG L 32 -15.90 -0.84 -39.43
CA ARG L 32 -15.57 -2.09 -40.13
C ARG L 32 -14.60 -2.87 -39.27
N LYS L 33 -15.01 -4.05 -38.83
CA LYS L 33 -14.18 -4.88 -37.97
C LYS L 33 -13.66 -6.14 -38.64
N VAL L 34 -14.05 -6.42 -39.88
CA VAL L 34 -13.61 -7.59 -40.62
C VAL L 34 -12.87 -7.09 -41.86
N TYR L 35 -11.62 -7.49 -42.01
CA TYR L 35 -10.77 -7.04 -43.09
C TYR L 35 -10.26 -8.22 -43.90
N ILE L 36 -10.27 -8.09 -45.22
CA ILE L 36 -9.61 -9.07 -46.09
C ILE L 36 -8.12 -8.83 -45.97
N THR L 37 -7.40 -9.75 -45.36
CA THR L 37 -5.97 -9.55 -45.13
C THR L 37 -5.11 -10.09 -46.25
N ASP L 38 -5.61 -11.04 -47.04
CA ASP L 38 -4.98 -11.39 -48.29
C ASP L 38 -5.99 -12.17 -49.11
N ASP L 39 -5.61 -12.49 -50.34
CA ASP L 39 -6.51 -13.12 -51.30
C ASP L 39 -7.26 -14.31 -50.73
N TYR L 40 -6.72 -14.97 -49.70
CA TYR L 40 -7.38 -16.15 -49.15
C TYR L 40 -7.57 -16.09 -47.64
N THR L 41 -7.44 -14.92 -47.02
CA THR L 41 -7.64 -14.84 -45.59
C THR L 41 -8.28 -13.51 -45.25
N ALA L 42 -9.20 -13.57 -44.29
CA ALA L 42 -9.78 -12.39 -43.68
C ALA L 42 -9.57 -12.47 -42.19
N THR L 43 -9.41 -11.30 -41.57
CA THR L 43 -9.20 -11.17 -40.14
C THR L 43 -10.26 -10.23 -39.57
N GLY L 44 -10.93 -10.66 -38.51
CA GLY L 44 -11.83 -9.80 -37.77
C GLY L 44 -11.31 -9.68 -36.35
N ILE L 45 -11.36 -8.47 -35.81
CA ILE L 45 -10.70 -8.22 -34.53
C ILE L 45 -11.66 -7.54 -33.57
N ALA L 46 -11.55 -7.88 -32.30
CA ALA L 46 -12.32 -7.24 -31.24
C ALA L 46 -11.36 -6.58 -30.27
N GLY L 47 -11.78 -5.47 -29.69
CA GLY L 47 -10.95 -4.80 -28.71
C GLY L 47 -10.80 -3.34 -29.05
N THR L 48 -9.73 -2.74 -28.55
CA THR L 48 -9.49 -1.33 -28.80
C THR L 48 -9.34 -1.09 -30.29
N ALA L 49 -10.06 -0.10 -30.80
CA ALA L 49 -10.15 0.12 -32.25
C ALA L 49 -8.77 0.36 -32.86
N ALA L 50 -7.99 1.26 -32.26
CA ALA L 50 -6.67 1.60 -32.80
C ALA L 50 -5.81 0.36 -32.96
N VAL L 51 -5.73 -0.48 -31.92
CA VAL L 51 -4.90 -1.67 -31.97
C VAL L 51 -5.45 -2.66 -33.00
N ALA L 52 -6.77 -2.79 -33.07
CA ALA L 52 -7.36 -3.72 -34.03
C ALA L 52 -7.02 -3.34 -35.46
N VAL L 53 -7.23 -2.07 -35.82
CA VAL L 53 -6.94 -1.61 -37.17
C VAL L 53 -5.45 -1.77 -37.45
N GLU L 54 -4.61 -1.43 -36.48
CA GLU L 54 -3.17 -1.62 -36.72
C GLU L 54 -2.85 -3.08 -36.97
N PHE L 55 -3.48 -3.99 -36.22
CA PHE L 55 -3.30 -5.41 -36.47
C PHE L 55 -3.64 -5.75 -37.92
N ALA L 56 -4.86 -5.42 -38.34
CA ALA L 56 -5.28 -5.80 -39.69
C ALA L 56 -4.33 -5.23 -40.75
N ARG L 57 -4.03 -3.94 -40.65
CA ARG L 57 -3.21 -3.29 -41.67
C ARG L 57 -1.81 -3.89 -41.70
N LEU L 58 -1.17 -3.95 -40.54
CA LEU L 58 0.20 -4.46 -40.46
C LEU L 58 0.27 -5.91 -40.91
N TYR L 59 -0.72 -6.72 -40.55
CA TYR L 59 -0.73 -8.13 -40.94
C TYR L 59 -0.85 -8.29 -42.44
N ALA L 60 -1.82 -7.61 -43.06
CA ALA L 60 -1.96 -7.68 -44.51
C ALA L 60 -0.65 -7.30 -45.18
N VAL L 61 -0.03 -6.21 -44.71
CA VAL L 61 1.25 -5.78 -45.26
C VAL L 61 2.31 -6.87 -45.09
N GLU L 62 2.33 -7.54 -43.95
CA GLU L 62 3.38 -8.54 -43.73
C GLU L 62 3.24 -9.69 -44.71
N LEU L 63 2.01 -10.18 -44.87
CA LEU L 63 1.77 -11.28 -45.79
C LEU L 63 2.18 -10.91 -47.22
N GLU L 64 1.69 -9.78 -47.72
CA GLU L 64 2.04 -9.42 -49.10
C GLU L 64 3.52 -9.11 -49.23
N HIS L 65 4.14 -8.62 -48.16
CA HIS L 65 5.59 -8.41 -48.13
C HIS L 65 6.33 -9.70 -48.40
N TYR L 66 6.04 -10.73 -47.60
CA TYR L 66 6.67 -12.02 -47.85
C TYR L 66 6.39 -12.51 -49.26
N GLU L 67 5.16 -12.32 -49.73
CA GLU L 67 4.79 -12.83 -51.04
C GLU L 67 5.61 -12.19 -52.14
N LYS L 68 5.89 -10.89 -52.03
CA LYS L 68 6.70 -10.25 -53.05
C LYS L 68 8.18 -10.55 -52.89
N LEU L 69 8.67 -10.69 -51.65
CA LEU L 69 10.09 -10.95 -51.46
C LEU L 69 10.47 -12.34 -51.93
N GLU L 70 9.65 -13.34 -51.60
CA GLU L 70 10.00 -14.72 -51.85
C GLU L 70 9.23 -15.31 -53.02
N GLY L 71 8.42 -14.52 -53.72
CA GLY L 71 7.75 -14.95 -54.91
C GLY L 71 6.62 -15.93 -54.72
N VAL L 72 6.28 -16.26 -53.48
CA VAL L 72 5.23 -17.24 -53.20
C VAL L 72 4.59 -16.86 -51.87
N PRO L 73 3.29 -17.01 -51.71
CA PRO L 73 2.68 -16.69 -50.43
C PRO L 73 3.01 -17.76 -49.40
N LEU L 74 2.89 -17.38 -48.14
CA LEU L 74 3.13 -18.29 -47.03
C LEU L 74 2.13 -19.43 -47.04
N THR L 75 2.56 -20.59 -46.56
CA THR L 75 1.60 -21.61 -46.21
C THR L 75 0.68 -21.05 -45.13
N PHE L 76 -0.52 -21.63 -45.03
CA PHE L 76 -1.46 -21.10 -44.04
C PHE L 76 -0.90 -21.17 -42.64
N ALA L 77 -0.27 -22.28 -42.28
CA ALA L 77 0.33 -22.40 -40.96
C ALA L 77 1.27 -21.24 -40.67
N GLY L 78 2.08 -20.85 -41.65
CA GLY L 78 2.97 -19.71 -41.46
C GLY L 78 2.20 -18.42 -41.19
N LYS L 79 1.10 -18.20 -41.92
CA LYS L 79 0.25 -17.06 -41.65
C LYS L 79 -0.22 -17.07 -40.20
N ILE L 80 -0.64 -18.25 -39.73
CA ILE L 80 -1.05 -18.40 -38.34
C ILE L 80 0.07 -17.94 -37.41
N ASN L 81 1.28 -18.45 -37.63
CA ASN L 81 2.39 -18.11 -36.73
C ASN L 81 2.65 -16.62 -36.74
N ARG L 82 2.52 -15.97 -37.89
CA ARG L 82 2.78 -14.54 -37.95
C ARG L 82 1.75 -13.75 -37.16
N LEU L 83 0.46 -14.05 -37.34
CA LEU L 83 -0.55 -13.35 -36.55
C LEU L 83 -0.33 -13.59 -35.07
N ALA L 84 -0.03 -14.83 -34.69
CA ALA L 84 0.22 -15.13 -33.30
C ALA L 84 1.38 -14.31 -32.76
N ILE L 85 2.48 -14.25 -33.50
CA ILE L 85 3.64 -13.48 -33.04
C ILE L 85 3.29 -12.00 -32.90
N MET L 86 2.46 -11.50 -33.81
CA MET L 86 2.04 -10.10 -33.72
C MET L 86 1.24 -9.86 -32.45
N VAL L 87 0.28 -10.74 -32.17
CA VAL L 87 -0.51 -10.63 -30.96
C VAL L 87 0.38 -10.69 -29.72
N ARG L 88 1.25 -11.70 -29.64
CA ARG L 88 2.15 -11.82 -28.50
C ARG L 88 3.01 -10.56 -28.32
N GLY L 89 3.45 -9.96 -29.43
CA GLY L 89 4.23 -8.74 -29.33
C GLY L 89 3.49 -7.63 -28.61
N ASN L 90 2.17 -7.60 -28.74
CA ASN L 90 1.36 -6.56 -28.12
C ASN L 90 1.02 -6.83 -26.66
N LEU L 91 1.41 -7.98 -26.10
CA LEU L 91 0.95 -8.37 -24.77
C LEU L 91 1.14 -7.27 -23.73
N ALA L 92 2.29 -6.60 -23.74
CA ALA L 92 2.56 -5.58 -22.73
C ALA L 92 1.51 -4.48 -22.79
N ALA L 93 1.30 -3.90 -23.96
CA ALA L 93 0.25 -2.90 -24.13
C ALA L 93 -1.12 -3.47 -23.81
N ALA L 94 -1.34 -4.75 -24.12
CA ALA L 94 -2.64 -5.35 -23.83
C ALA L 94 -2.93 -5.30 -22.34
N MET L 95 -1.90 -5.53 -21.53
CA MET L 95 -2.08 -5.48 -20.08
C MET L 95 -2.47 -4.08 -19.62
N GLN L 96 -1.91 -3.06 -20.26
CA GLN L 96 -2.18 -1.67 -19.89
C GLN L 96 -3.49 -1.16 -20.49
N GLY L 97 -4.27 -2.00 -21.17
CA GLY L 97 -5.57 -1.61 -21.68
C GLY L 97 -5.72 -1.61 -23.18
N LEU L 98 -4.65 -1.65 -23.97
CA LEU L 98 -4.75 -1.67 -25.44
C LEU L 98 -4.85 -3.10 -25.96
N LEU L 99 -5.94 -3.77 -25.58
CA LEU L 99 -6.12 -5.18 -25.87
C LEU L 99 -6.96 -5.35 -27.13
N ALA L 100 -6.53 -6.25 -28.00
CA ALA L 100 -7.30 -6.62 -29.19
C ALA L 100 -7.00 -8.06 -29.54
N LEU L 101 -8.04 -8.85 -29.80
CA LEU L 101 -7.93 -10.25 -30.18
C LEU L 101 -8.44 -10.45 -31.59
N PRO L 102 -7.71 -11.16 -32.42
CA PRO L 102 -8.21 -11.43 -33.77
C PRO L 102 -8.81 -12.81 -33.91
N LEU L 103 -9.57 -12.97 -34.98
CA LEU L 103 -10.14 -14.22 -35.44
C LEU L 103 -9.78 -14.32 -36.91
N LEU L 104 -9.14 -15.42 -37.27
CA LEU L 104 -8.60 -15.60 -38.61
C LEU L 104 -9.45 -16.63 -39.34
N ALA L 105 -9.87 -16.29 -40.55
CA ALA L 105 -10.59 -17.23 -41.38
C ALA L 105 -9.87 -17.29 -42.72
N GLY L 106 -9.64 -18.50 -43.21
CA GLY L 106 -8.91 -18.64 -44.45
C GLY L 106 -9.34 -19.85 -45.23
N TYR L 107 -8.86 -19.90 -46.47
CA TYR L 107 -9.03 -21.04 -47.36
C TYR L 107 -7.64 -21.50 -47.75
N ASP L 108 -7.27 -22.72 -47.34
CA ASP L 108 -5.93 -23.24 -47.58
C ASP L 108 -5.88 -23.85 -48.97
N ILE L 109 -5.16 -23.20 -49.88
CA ILE L 109 -5.11 -23.67 -51.25
C ILE L 109 -4.40 -25.02 -51.36
N HIS L 110 -3.56 -25.35 -50.39
CA HIS L 110 -2.78 -26.58 -50.43
C HIS L 110 -3.44 -27.73 -49.68
N ALA L 111 -4.66 -27.56 -49.24
CA ALA L 111 -5.35 -28.64 -48.54
C ALA L 111 -5.65 -29.77 -49.51
N SER L 112 -5.76 -30.99 -48.96
CA SER L 112 -6.05 -32.14 -49.81
C SER L 112 -7.46 -32.06 -50.37
N ASP L 113 -8.45 -31.77 -49.51
CA ASP L 113 -9.85 -31.80 -49.88
C ASP L 113 -10.35 -30.39 -50.15
N PRO L 114 -10.63 -30.03 -51.40
CA PRO L 114 -11.06 -28.65 -51.70
C PRO L 114 -12.37 -28.25 -51.04
N GLN L 115 -13.03 -29.18 -50.36
CA GLN L 115 -14.29 -28.87 -49.70
C GLN L 115 -14.13 -28.57 -48.22
N SER L 116 -13.19 -29.22 -47.55
CA SER L 116 -12.84 -28.92 -46.18
C SER L 116 -11.62 -28.02 -46.06
N ALA L 117 -11.31 -27.26 -47.12
CA ALA L 117 -10.16 -26.37 -47.09
C ALA L 117 -10.38 -25.13 -46.24
N GLY L 118 -11.58 -24.93 -45.72
CA GLY L 118 -11.80 -23.80 -44.83
C GLY L 118 -11.05 -23.96 -43.52
N ARG L 119 -10.62 -22.83 -42.96
CA ARG L 119 -9.87 -22.80 -41.73
C ARG L 119 -10.34 -21.65 -40.86
N ILE L 120 -10.48 -21.91 -39.57
CA ILE L 120 -10.86 -20.90 -38.59
C ILE L 120 -9.91 -21.03 -37.41
N VAL L 121 -9.19 -19.95 -37.11
CA VAL L 121 -8.17 -19.94 -36.07
C VAL L 121 -8.49 -18.83 -35.08
N SER L 122 -8.47 -19.17 -33.79
CA SER L 122 -8.69 -18.20 -32.72
C SER L 122 -7.41 -17.98 -31.92
N PHE L 123 -7.29 -16.79 -31.34
CA PHE L 123 -6.09 -16.36 -30.65
C PHE L 123 -6.44 -15.77 -29.29
N ASP L 124 -5.51 -15.85 -28.35
CA ASP L 124 -5.63 -15.15 -27.07
C ASP L 124 -4.59 -14.05 -26.97
N ALA L 125 -4.70 -13.26 -25.90
CA ALA L 125 -3.88 -12.06 -25.76
C ALA L 125 -2.39 -12.36 -25.71
N ALA L 126 -2.00 -13.59 -25.40
CA ALA L 126 -0.61 -13.98 -25.35
C ALA L 126 -0.16 -14.68 -26.63
N GLY L 127 -1.01 -14.72 -27.65
CA GLY L 127 -0.66 -15.33 -28.91
C GLY L 127 -0.96 -16.81 -29.05
N GLY L 128 -1.39 -17.49 -28.00
CA GLY L 128 -1.79 -18.87 -28.16
C GLY L 128 -2.92 -18.98 -29.18
N TRP L 129 -2.84 -19.99 -30.03
CA TRP L 129 -3.79 -20.13 -31.11
C TRP L 129 -4.36 -21.54 -31.14
N ASN L 130 -5.59 -21.65 -31.66
CA ASN L 130 -6.23 -22.94 -31.85
C ASN L 130 -6.98 -22.94 -33.17
N ILE L 131 -6.76 -23.98 -33.97
CA ILE L 131 -7.48 -24.17 -35.23
C ILE L 131 -8.79 -24.88 -34.91
N GLU L 132 -9.91 -24.26 -35.27
CA GLU L 132 -11.21 -24.73 -34.84
C GLU L 132 -11.66 -25.85 -35.76
N GLU L 133 -11.72 -27.06 -35.23
CA GLU L 133 -12.15 -28.24 -35.96
C GLU L 133 -13.65 -28.51 -35.84
N GLU L 134 -14.39 -27.65 -35.14
CA GLU L 134 -15.83 -27.83 -34.95
C GLU L 134 -16.70 -26.98 -35.86
N GLY L 135 -16.10 -26.17 -36.74
CA GLY L 135 -16.84 -25.56 -37.82
C GLY L 135 -17.17 -24.09 -37.64
N TYR L 136 -17.25 -23.59 -36.40
CA TYR L 136 -17.62 -22.21 -36.19
C TYR L 136 -16.86 -21.68 -34.98
N GLN L 137 -16.80 -20.35 -34.86
CA GLN L 137 -16.13 -19.69 -33.75
C GLN L 137 -16.51 -18.22 -33.78
N ALA L 138 -16.36 -17.56 -32.63
CA ALA L 138 -16.66 -16.13 -32.51
C ALA L 138 -15.78 -15.52 -31.44
N VAL L 139 -15.67 -14.19 -31.47
CA VAL L 139 -14.87 -13.46 -30.49
C VAL L 139 -15.54 -12.11 -30.26
N GLY L 140 -15.37 -11.57 -29.06
CA GLY L 140 -15.98 -10.30 -28.68
C GLY L 140 -16.93 -10.46 -27.51
N SER L 141 -17.52 -9.34 -27.11
CA SER L 141 -18.38 -9.33 -25.93
C SER L 141 -19.66 -10.11 -26.14
N GLY L 142 -20.11 -10.28 -27.38
CA GLY L 142 -21.28 -11.09 -27.68
C GLY L 142 -20.95 -12.47 -28.22
N SER L 143 -19.68 -12.89 -28.13
CA SER L 143 -19.23 -14.10 -28.78
C SER L 143 -19.85 -15.34 -28.18
N LEU L 144 -20.11 -15.33 -26.88
CA LEU L 144 -20.74 -16.46 -26.24
C LEU L 144 -22.14 -16.69 -26.79
N PHE L 145 -22.91 -15.62 -26.95
CA PHE L 145 -24.24 -15.74 -27.50
C PHE L 145 -24.19 -16.22 -28.94
N ALA L 146 -23.27 -15.67 -29.74
CA ALA L 146 -23.18 -16.07 -31.13
C ALA L 146 -22.80 -17.54 -31.24
N LYS L 147 -21.85 -17.98 -30.42
CA LYS L 147 -21.49 -19.39 -30.44
C LYS L 147 -22.67 -20.26 -30.06
N SER L 148 -23.40 -19.91 -29.01
CA SER L 148 -24.50 -20.76 -28.59
C SER L 148 -25.63 -20.77 -29.62
N SER L 149 -25.78 -19.69 -30.38
CA SER L 149 -26.76 -19.68 -31.46
C SER L 149 -26.32 -20.60 -32.59
N MET L 150 -25.07 -20.47 -33.01
CA MET L 150 -24.57 -21.32 -34.09
C MET L 150 -24.58 -22.78 -33.69
N LYS L 151 -24.41 -23.08 -32.40
CA LYS L 151 -24.47 -24.46 -31.97
C LYS L 151 -25.80 -25.09 -32.34
N LYS L 152 -26.87 -24.30 -32.37
CA LYS L 152 -28.18 -24.82 -32.72
C LYS L 152 -28.46 -24.72 -34.20
N LEU L 153 -27.97 -23.67 -34.86
CA LEU L 153 -28.32 -23.46 -36.27
C LEU L 153 -27.32 -24.08 -37.25
N TYR L 154 -26.22 -24.66 -36.78
CA TYR L 154 -25.14 -25.02 -37.68
C TYR L 154 -25.50 -26.19 -38.59
N SER L 155 -26.36 -27.09 -38.11
CA SER L 155 -26.77 -28.23 -38.93
C SER L 155 -27.44 -27.80 -40.24
N GLN L 156 -27.90 -26.55 -40.33
CA GLN L 156 -28.53 -26.03 -41.53
C GLN L 156 -27.54 -25.50 -42.55
N VAL L 157 -26.24 -25.62 -42.30
CA VAL L 157 -25.24 -25.06 -43.21
C VAL L 157 -24.94 -26.13 -44.27
N THR L 158 -25.35 -25.86 -45.51
CA THR L 158 -25.09 -26.76 -46.62
C THR L 158 -24.38 -26.11 -47.79
N ASP L 159 -24.40 -24.79 -47.91
CA ASP L 159 -23.74 -24.08 -49.00
C ASP L 159 -23.32 -22.71 -48.49
N GLY L 160 -22.83 -21.88 -49.39
CA GLY L 160 -22.42 -20.55 -48.98
C GLY L 160 -23.56 -19.71 -48.44
N ASP L 161 -24.73 -19.82 -49.06
CA ASP L 161 -25.85 -18.96 -48.68
C ASP L 161 -26.37 -19.30 -47.29
N SER L 162 -26.60 -20.58 -47.01
CA SER L 162 -27.08 -20.96 -45.68
C SER L 162 -26.06 -20.63 -44.61
N GLY L 163 -24.77 -20.86 -44.90
CA GLY L 163 -23.74 -20.51 -43.93
C GLY L 163 -23.71 -19.03 -43.64
N LEU L 164 -23.84 -18.21 -44.68
CA LEU L 164 -23.90 -16.77 -44.48
C LEU L 164 -25.13 -16.40 -43.65
N ARG L 165 -26.24 -17.10 -43.86
CA ARG L 165 -27.44 -16.85 -43.08
C ARG L 165 -27.23 -17.16 -41.60
N VAL L 166 -26.70 -18.34 -41.31
CA VAL L 166 -26.42 -18.69 -39.91
C VAL L 166 -25.49 -17.67 -39.29
N ALA L 167 -24.48 -17.21 -40.05
CA ALA L 167 -23.56 -16.21 -39.52
C ALA L 167 -24.30 -14.94 -39.13
N VAL L 168 -25.06 -14.38 -40.07
CA VAL L 168 -25.74 -13.12 -39.79
C VAL L 168 -26.73 -13.28 -38.64
N GLU L 169 -27.38 -14.45 -38.53
CA GLU L 169 -28.33 -14.66 -37.45
C GLU L 169 -27.62 -14.78 -36.11
N ALA L 170 -26.46 -15.43 -36.08
CA ALA L 170 -25.67 -15.44 -34.86
C ALA L 170 -25.30 -14.02 -34.44
N LEU L 171 -24.92 -13.18 -35.39
CA LEU L 171 -24.71 -11.76 -35.06
C LEU L 171 -25.99 -11.13 -34.55
N TYR L 172 -27.14 -11.53 -35.07
CA TYR L 172 -28.41 -10.99 -34.58
C TYR L 172 -28.64 -11.33 -33.12
N ASP L 173 -28.48 -12.60 -32.76
CA ASP L 173 -28.65 -13.00 -31.37
C ASP L 173 -27.62 -12.32 -30.47
N ALA L 174 -26.37 -12.23 -30.94
CA ALA L 174 -25.34 -11.53 -30.18
C ALA L 174 -25.74 -10.11 -29.86
N ALA L 175 -26.15 -9.35 -30.88
CA ALA L 175 -26.58 -7.97 -30.63
C ALA L 175 -27.84 -7.93 -29.80
N ASP L 176 -28.62 -9.00 -29.83
CA ASP L 176 -29.84 -9.07 -29.05
C ASP L 176 -29.53 -9.16 -27.56
N ASP L 177 -28.45 -9.85 -27.19
CA ASP L 177 -28.13 -10.04 -25.78
C ASP L 177 -26.93 -9.23 -25.29
N ASP L 178 -26.26 -8.48 -26.16
CA ASP L 178 -25.10 -7.68 -25.75
C ASP L 178 -25.25 -6.26 -26.27
N SER L 179 -25.19 -5.29 -25.36
CA SER L 179 -25.35 -3.89 -25.75
C SER L 179 -24.14 -3.35 -26.49
N ALA L 180 -22.99 -3.99 -26.36
CA ALA L 180 -21.81 -3.52 -27.06
C ALA L 180 -21.75 -4.02 -28.49
N THR L 181 -22.69 -4.84 -28.92
CA THR L 181 -22.79 -5.36 -30.28
C THR L 181 -24.01 -4.76 -30.97
N GLY L 182 -23.82 -4.27 -32.20
CA GLY L 182 -24.87 -3.59 -32.90
C GLY L 182 -25.65 -4.52 -33.82
N GLY L 183 -26.96 -4.47 -33.72
CA GLY L 183 -27.82 -5.21 -34.60
C GLY L 183 -28.06 -4.43 -35.87
N PRO L 184 -28.91 -4.95 -36.76
CA PRO L 184 -29.18 -4.24 -38.01
C PRO L 184 -29.95 -2.95 -37.75
N ASP L 185 -29.45 -1.86 -38.33
CA ASP L 185 -30.11 -0.56 -38.21
C ASP L 185 -30.90 -0.38 -39.50
N LEU L 186 -32.17 -0.77 -39.45
CA LEU L 186 -33.01 -0.68 -40.64
C LEU L 186 -33.36 0.76 -40.98
N VAL L 187 -33.26 1.67 -40.02
CA VAL L 187 -33.56 3.08 -40.28
C VAL L 187 -32.46 3.73 -41.10
N ARG L 188 -31.21 3.48 -40.74
CA ARG L 188 -30.07 4.06 -41.45
C ARG L 188 -29.54 3.15 -42.55
N GLY L 189 -30.00 1.91 -42.60
CA GLY L 189 -29.51 0.98 -43.60
C GLY L 189 -28.08 0.56 -43.34
N ILE L 190 -27.76 0.21 -42.10
CA ILE L 190 -26.43 -0.23 -41.71
C ILE L 190 -26.51 -1.65 -41.21
N PHE L 191 -25.76 -2.54 -41.83
CA PHE L 191 -25.79 -3.97 -41.55
C PHE L 191 -24.39 -4.50 -41.33
N PRO L 192 -24.26 -5.68 -40.74
CA PRO L 192 -22.93 -6.25 -40.52
C PRO L 192 -22.16 -6.39 -41.82
N THR L 193 -20.83 -6.44 -41.69
CA THR L 193 -19.97 -6.72 -42.82
C THR L 193 -19.67 -8.20 -42.84
N ALA L 194 -19.56 -8.75 -44.04
CA ALA L 194 -19.29 -10.17 -44.18
C ALA L 194 -18.28 -10.37 -45.28
N VAL L 195 -17.44 -11.38 -45.11
CA VAL L 195 -16.46 -11.80 -46.09
C VAL L 195 -16.65 -13.29 -46.32
N ILE L 196 -16.67 -13.68 -47.59
CA ILE L 196 -16.79 -15.08 -47.98
C ILE L 196 -15.53 -15.46 -48.74
N ILE L 197 -15.03 -16.67 -48.50
CA ILE L 197 -13.78 -17.12 -49.10
C ILE L 197 -13.98 -18.53 -49.62
N ASP L 198 -13.69 -18.74 -50.91
CA ASP L 198 -13.69 -20.08 -51.49
C ASP L 198 -12.46 -20.22 -52.36
N ALA L 199 -12.45 -21.23 -53.23
CA ALA L 199 -11.28 -21.46 -54.06
C ALA L 199 -11.01 -20.28 -54.98
N ASP L 200 -12.05 -19.51 -55.32
CA ASP L 200 -11.87 -18.35 -56.20
C ASP L 200 -11.36 -17.13 -55.46
N GLY L 201 -11.22 -17.19 -54.15
CA GLY L 201 -10.67 -16.08 -53.38
C GLY L 201 -11.63 -15.57 -52.34
N ALA L 202 -11.30 -14.39 -51.81
CA ALA L 202 -12.05 -13.73 -50.76
C ALA L 202 -12.76 -12.51 -51.33
N VAL L 203 -14.07 -12.43 -51.11
CA VAL L 203 -14.84 -11.31 -51.60
C VAL L 203 -15.66 -10.76 -50.44
N ASP L 204 -15.85 -9.44 -50.49
CA ASP L 204 -16.76 -8.78 -49.57
C ASP L 204 -18.18 -9.09 -49.98
N VAL L 205 -19.00 -9.52 -49.03
CA VAL L 205 -20.43 -9.69 -49.35
C VAL L 205 -21.06 -8.30 -49.45
N PRO L 206 -21.80 -8.00 -50.50
CA PRO L 206 -22.41 -6.67 -50.60
C PRO L 206 -23.44 -6.46 -49.50
N GLU L 207 -23.64 -5.19 -49.13
CA GLU L 207 -24.50 -4.91 -48.00
C GLU L 207 -25.94 -5.29 -48.29
N SER L 208 -26.35 -5.30 -49.56
CA SER L 208 -27.74 -5.60 -49.87
C SER L 208 -28.09 -7.05 -49.57
N ARG L 209 -27.18 -7.97 -49.86
CA ARG L 209 -27.38 -9.37 -49.48
C ARG L 209 -27.63 -9.51 -47.98
N ILE L 210 -26.74 -8.94 -47.18
CA ILE L 210 -26.91 -9.00 -45.74
C ILE L 210 -28.21 -8.33 -45.33
N ALA L 211 -28.57 -7.23 -45.98
CA ALA L 211 -29.82 -6.57 -45.67
C ALA L 211 -31.00 -7.52 -45.87
N GLU L 212 -30.99 -8.27 -46.98
CA GLU L 212 -32.04 -9.25 -47.22
C GLU L 212 -32.06 -10.30 -46.12
N LEU L 213 -30.88 -10.81 -45.74
CA LEU L 213 -30.86 -11.82 -44.68
C LEU L 213 -31.37 -11.25 -43.36
N ALA L 214 -30.99 -10.03 -43.04
CA ALA L 214 -31.44 -9.40 -41.80
C ALA L 214 -32.95 -9.28 -41.76
N ARG L 215 -33.53 -8.68 -42.80
CA ARG L 215 -34.98 -8.58 -42.86
C ARG L 215 -35.63 -9.97 -42.77
N ALA L 216 -34.99 -10.97 -43.35
CA ALA L 216 -35.52 -12.33 -43.29
C ALA L 216 -35.56 -12.84 -41.85
N ILE L 217 -34.48 -12.63 -41.10
CA ILE L 217 -34.44 -13.07 -39.71
C ILE L 217 -35.48 -12.33 -38.89
N ILE L 218 -35.56 -11.02 -39.08
CA ILE L 218 -36.54 -10.20 -38.35
C ILE L 218 -37.95 -10.72 -38.57
N GLU L 219 -38.44 -10.67 -39.81
CA GLU L 219 -39.81 -11.15 -39.98
C GLU L 219 -39.95 -12.64 -39.72
N SER L 220 -38.83 -13.37 -39.57
CA SER L 220 -38.89 -14.74 -39.10
C SER L 220 -39.19 -14.81 -37.61
N ARG L 221 -38.73 -13.83 -36.85
CA ARG L 221 -38.99 -13.81 -35.42
C ARG L 221 -40.24 -13.03 -35.08
N SER L 222 -40.88 -12.41 -36.08
CA SER L 222 -42.10 -11.66 -35.86
C SER L 222 -43.36 -12.50 -36.09
N GLY L 223 -43.32 -13.44 -37.04
CA GLY L 223 -44.48 -14.26 -37.34
C GLY L 223 -45.05 -14.00 -38.73
N THR M 1 -13.73 23.47 -23.84
CA THR M 1 -13.45 23.41 -25.27
C THR M 1 -14.60 22.73 -26.01
N THR M 2 -14.95 23.24 -27.18
CA THR M 2 -15.82 22.51 -28.09
C THR M 2 -15.43 22.87 -29.51
N ILE M 3 -15.21 21.85 -30.34
CA ILE M 3 -14.94 22.00 -31.76
C ILE M 3 -16.02 21.27 -32.52
N VAL M 4 -16.57 21.92 -33.53
CA VAL M 4 -17.60 21.30 -34.36
C VAL M 4 -17.12 21.33 -35.80
N ALA M 5 -17.54 20.34 -36.57
CA ALA M 5 -17.27 20.31 -38.00
C ALA M 5 -18.44 19.63 -38.66
N LEU M 6 -18.86 20.17 -39.81
CA LEU M 6 -19.98 19.59 -40.52
C LEU M 6 -19.77 19.76 -42.03
N LYS M 7 -20.32 18.81 -42.78
CA LYS M 7 -20.30 18.79 -44.23
C LYS M 7 -21.49 19.56 -44.78
N TYR M 8 -21.25 20.35 -45.81
CA TYR M 8 -22.33 20.95 -46.58
C TYR M 8 -22.08 20.66 -48.04
N PRO M 9 -23.10 20.78 -48.89
CA PRO M 9 -22.88 20.51 -50.32
C PRO M 9 -21.71 21.27 -50.90
N GLY M 10 -20.65 20.54 -51.22
CA GLY M 10 -19.48 21.11 -51.84
C GLY M 10 -18.39 21.57 -50.89
N GLY M 11 -18.54 21.35 -49.59
CA GLY M 11 -17.50 21.79 -48.69
C GLY M 11 -17.70 21.29 -47.27
N VAL M 12 -16.87 21.83 -46.39
CA VAL M 12 -16.88 21.46 -44.98
C VAL M 12 -16.61 22.72 -44.17
N VAL M 13 -17.11 22.76 -42.94
CA VAL M 13 -16.91 23.89 -42.06
C VAL M 13 -16.50 23.39 -40.68
N MET M 14 -15.61 24.13 -40.02
CA MET M 14 -15.18 23.80 -38.67
C MET M 14 -15.12 25.07 -37.84
N ALA M 15 -15.57 25.00 -36.60
CA ALA M 15 -15.56 26.17 -35.74
C ALA M 15 -15.25 25.75 -34.31
N GLY M 16 -14.64 26.65 -33.57
CA GLY M 16 -14.23 26.35 -32.21
C GLY M 16 -14.34 27.57 -31.34
N ASP M 17 -14.56 27.35 -30.04
CA ASP M 17 -14.71 28.40 -29.06
C ASP M 17 -13.36 28.99 -28.69
N ARG M 18 -13.38 29.96 -27.78
CA ARG M 18 -12.22 30.79 -27.49
C ARG M 18 -11.77 30.73 -26.03
N ARG M 19 -12.26 29.79 -25.25
CA ARG M 19 -12.03 29.79 -23.81
C ARG M 19 -10.89 28.86 -23.42
N SER M 20 -10.06 29.33 -22.49
CA SER M 20 -9.01 28.53 -21.90
C SER M 20 -9.17 28.60 -20.39
N THR M 21 -9.13 27.45 -19.72
CA THR M 21 -9.34 27.38 -18.29
C THR M 21 -8.19 26.66 -17.61
N GLN M 22 -8.00 26.95 -16.33
CA GLN M 22 -7.20 26.14 -15.41
C GLN M 22 -8.10 25.73 -14.26
N GLY M 23 -8.65 24.52 -14.34
CA GLY M 23 -9.65 24.13 -13.37
C GLY M 23 -10.92 24.91 -13.59
N ASN M 24 -11.34 25.66 -12.58
CA ASN M 24 -12.51 26.50 -12.70
C ASN M 24 -12.19 27.90 -13.20
N MET M 25 -10.93 28.32 -13.10
CA MET M 25 -10.57 29.68 -13.45
C MET M 25 -10.50 29.84 -14.95
N ILE M 26 -11.02 30.97 -15.45
CA ILE M 26 -10.84 31.31 -16.85
C ILE M 26 -9.44 31.92 -17.00
N SER M 27 -8.58 31.24 -17.74
CA SER M 27 -7.22 31.71 -17.99
C SER M 27 -7.04 32.25 -19.39
N GLY M 28 -8.06 32.20 -20.23
CA GLY M 28 -7.98 32.75 -21.56
C GLY M 28 -9.37 32.97 -22.14
N ARG M 29 -9.53 34.07 -22.88
CA ARG M 29 -10.80 34.41 -23.47
C ARG M 29 -10.77 34.47 -24.99
N ASP M 30 -9.59 34.45 -25.62
CA ASP M 30 -9.46 34.70 -27.04
C ASP M 30 -8.68 33.62 -27.80
N VAL M 31 -8.47 32.44 -27.21
CA VAL M 31 -7.54 31.50 -27.82
C VAL M 31 -8.11 30.97 -29.13
N ARG M 32 -7.24 30.42 -29.95
CA ARG M 32 -7.61 29.82 -31.22
C ARG M 32 -7.33 28.33 -31.17
N LYS M 33 -8.36 27.54 -31.45
CA LYS M 33 -8.28 26.10 -31.36
C LYS M 33 -8.49 25.42 -32.70
N VAL M 34 -8.80 26.17 -33.74
CA VAL M 34 -9.04 25.65 -35.08
C VAL M 34 -7.97 26.23 -35.98
N TYR M 35 -7.17 25.36 -36.61
CA TYR M 35 -6.02 25.77 -37.40
C TYR M 35 -6.10 25.23 -38.82
N ILE M 36 -5.77 26.07 -39.80
CA ILE M 36 -5.61 25.63 -41.17
C ILE M 36 -4.26 24.94 -41.27
N THR M 37 -4.28 23.62 -41.48
CA THR M 37 -3.04 22.86 -41.52
C THR M 37 -2.48 22.72 -42.92
N ASP M 38 -3.32 22.84 -43.94
CA ASP M 38 -2.82 22.96 -45.31
C ASP M 38 -3.96 23.48 -46.18
N ASP M 39 -3.62 23.76 -47.44
CA ASP M 39 -4.57 24.43 -48.34
C ASP M 39 -5.94 23.78 -48.36
N TYR M 40 -6.05 22.48 -48.03
CA TYR M 40 -7.34 21.81 -48.10
C TYR M 40 -7.70 21.09 -46.81
N THR M 41 -7.04 21.39 -45.68
CA THR M 41 -7.35 20.74 -44.42
C THR M 41 -7.20 21.71 -43.27
N ALA M 42 -8.13 21.64 -42.32
CA ALA M 42 -8.05 22.32 -41.04
C ALA M 42 -8.21 21.31 -39.91
N THR M 43 -7.54 21.60 -38.80
CA THR M 43 -7.56 20.76 -37.60
C THR M 43 -7.96 21.60 -36.40
N GLY M 44 -8.89 21.09 -35.61
CA GLY M 44 -9.25 21.71 -34.34
C GLY M 44 -8.96 20.73 -33.21
N ILE M 45 -8.47 21.24 -32.09
CA ILE M 45 -7.95 20.34 -31.06
C ILE M 45 -8.55 20.69 -29.70
N ALA M 46 -8.82 19.67 -28.89
CA ALA M 46 -9.31 19.82 -27.53
C ALA M 46 -8.34 19.18 -26.56
N GLY M 47 -8.17 19.77 -25.38
CA GLY M 47 -7.30 19.17 -24.39
C GLY M 47 -6.29 20.16 -23.86
N THR M 48 -5.19 19.63 -23.36
CA THR M 48 -4.14 20.48 -22.82
C THR M 48 -3.60 21.38 -23.92
N ALA M 49 -3.49 22.67 -23.61
CA ALA M 49 -3.16 23.65 -24.64
C ALA M 49 -1.82 23.35 -25.31
N ALA M 50 -0.78 23.08 -24.49
CA ALA M 50 0.55 22.82 -25.03
C ALA M 50 0.53 21.69 -26.04
N VAL M 51 -0.13 20.58 -25.69
CA VAL M 51 -0.18 19.44 -26.59
C VAL M 51 -0.98 19.79 -27.83
N ALA M 52 -2.06 20.55 -27.68
CA ALA M 52 -2.88 20.90 -28.84
C ALA M 52 -2.10 21.73 -29.85
N VAL M 53 -1.49 22.83 -29.39
CA VAL M 53 -0.73 23.68 -30.30
C VAL M 53 0.42 22.91 -30.91
N GLU M 54 1.08 22.07 -30.12
CA GLU M 54 2.16 21.26 -30.70
C GLU M 54 1.63 20.34 -31.79
N PHE M 55 0.47 19.72 -31.56
CA PHE M 55 -0.16 18.89 -32.59
C PHE M 55 -0.37 19.68 -33.87
N ALA M 56 -1.06 20.83 -33.77
CA ALA M 56 -1.38 21.61 -34.95
C ALA M 56 -0.12 22.01 -35.69
N ARG M 57 0.86 22.55 -34.94
CA ARG M 57 2.08 23.05 -35.55
C ARG M 57 2.89 21.95 -36.21
N LEU M 58 3.18 20.88 -35.46
CA LEU M 58 3.97 19.79 -36.01
C LEU M 58 3.26 19.12 -37.17
N TYR M 59 1.93 19.04 -37.10
CA TYR M 59 1.18 18.42 -38.18
C TYR M 59 1.31 19.22 -39.47
N ALA M 60 1.06 20.54 -39.39
CA ALA M 60 1.25 21.38 -40.57
C ALA M 60 2.66 21.25 -41.12
N VAL M 61 3.65 21.27 -40.23
CA VAL M 61 5.03 21.11 -40.67
C VAL M 61 5.23 19.78 -41.38
N GLU M 62 4.66 18.70 -40.85
CA GLU M 62 4.87 17.39 -41.45
C GLU M 62 4.28 17.32 -42.85
N LEU M 63 3.05 17.80 -43.00
CA LEU M 63 2.39 17.78 -44.31
C LEU M 63 3.20 18.56 -45.33
N GLU M 64 3.56 19.81 -45.00
CA GLU M 64 4.30 20.59 -45.98
C GLU M 64 5.67 19.98 -46.25
N HIS M 65 6.24 19.32 -45.24
CA HIS M 65 7.50 18.61 -45.41
C HIS M 65 7.40 17.55 -46.49
N TYR M 66 6.40 16.66 -46.37
CA TYR M 66 6.21 15.65 -47.42
C TYR M 66 5.96 16.32 -48.77
N GLU M 67 5.19 17.42 -48.78
CA GLU M 67 4.86 18.04 -50.06
C GLU M 67 6.10 18.58 -50.76
N LYS M 68 7.03 19.18 -50.00
CA LYS M 68 8.24 19.71 -50.61
C LYS M 68 9.25 18.63 -50.94
N LEU M 69 9.32 17.57 -50.13
CA LEU M 69 10.27 16.50 -50.41
C LEU M 69 9.86 15.71 -51.64
N GLU M 70 8.58 15.39 -51.77
CA GLU M 70 8.12 14.47 -52.78
C GLU M 70 7.40 15.16 -53.93
N GLY M 71 7.31 16.48 -53.93
CA GLY M 71 6.73 17.20 -55.06
C GLY M 71 5.23 17.07 -55.20
N VAL M 72 4.55 16.42 -54.27
CA VAL M 72 3.12 16.19 -54.31
C VAL M 72 2.60 16.07 -52.87
N PRO M 73 1.40 16.55 -52.56
CA PRO M 73 0.88 16.38 -51.21
C PRO M 73 0.45 14.94 -50.93
N LEU M 74 0.33 14.64 -49.65
CA LEU M 74 -0.17 13.34 -49.23
C LEU M 74 -1.61 13.17 -49.68
N THR M 75 -1.97 11.94 -50.02
CA THR M 75 -3.38 11.62 -50.16
C THR M 75 -4.08 11.86 -48.84
N PHE M 76 -5.39 12.10 -48.91
CA PHE M 76 -6.11 12.41 -47.68
C PHE M 76 -6.00 11.29 -46.67
N ALA M 77 -6.10 10.04 -47.14
CA ALA M 77 -5.89 8.91 -46.24
C ALA M 77 -4.55 9.01 -45.53
N GLY M 78 -3.51 9.40 -46.27
CA GLY M 78 -2.20 9.55 -45.65
C GLY M 78 -2.19 10.61 -44.58
N LYS M 79 -2.83 11.76 -44.84
CA LYS M 79 -2.94 12.80 -43.82
C LYS M 79 -3.61 12.26 -42.56
N ILE M 80 -4.70 11.51 -42.74
CA ILE M 80 -5.35 10.86 -41.60
C ILE M 80 -4.34 10.02 -40.84
N ASN M 81 -3.60 9.18 -41.57
CA ASN M 81 -2.67 8.26 -40.90
C ASN M 81 -1.61 9.02 -40.12
N ARG M 82 -1.10 10.12 -40.66
CA ARG M 82 -0.04 10.80 -39.95
C ARG M 82 -0.55 11.42 -38.67
N LEU M 83 -1.73 12.07 -38.73
CA LEU M 83 -2.29 12.64 -37.52
C LEU M 83 -2.54 11.57 -36.46
N ALA M 84 -3.11 10.43 -36.89
CA ALA M 84 -3.36 9.33 -35.97
C ALA M 84 -2.07 8.86 -35.31
N ILE M 85 -1.03 8.65 -36.12
CA ILE M 85 0.25 8.21 -35.57
C ILE M 85 0.78 9.21 -34.56
N MET M 86 0.56 10.50 -34.80
CA MET M 86 1.01 11.50 -33.85
C MET M 86 0.31 11.32 -32.50
N VAL M 87 -1.02 11.17 -32.53
CA VAL M 87 -1.77 10.96 -31.29
C VAL M 87 -1.25 9.73 -30.55
N ARG M 88 -1.15 8.61 -31.26
CA ARG M 88 -0.65 7.39 -30.65
C ARG M 88 0.71 7.61 -30.03
N GLY M 89 1.54 8.42 -30.71
CA GLY M 89 2.83 8.77 -30.15
C GLY M 89 2.73 9.49 -28.83
N ASN M 90 1.70 10.31 -28.67
CA ASN M 90 1.53 11.03 -27.41
C ASN M 90 0.86 10.20 -26.32
N LEU M 91 0.41 8.97 -26.62
CA LEU M 91 -0.42 8.24 -25.66
C LEU M 91 0.16 8.19 -24.24
N ALA M 92 1.46 7.94 -24.09
CA ALA M 92 2.03 7.80 -22.74
C ALA M 92 1.86 9.08 -21.93
N ALA M 93 2.33 10.21 -22.49
CA ALA M 93 2.14 11.48 -21.82
C ALA M 93 0.67 11.76 -21.59
N ALA M 94 -0.19 11.36 -22.52
CA ALA M 94 -1.62 11.57 -22.33
C ALA M 94 -2.10 10.83 -21.09
N MET M 95 -1.60 9.63 -20.87
CA MET M 95 -1.94 8.90 -19.66
C MET M 95 -1.40 9.58 -18.42
N GLN M 96 -0.34 10.37 -18.53
CA GLN M 96 0.02 11.18 -17.36
C GLN M 96 -0.80 12.45 -17.20
N GLY M 97 -1.80 12.70 -18.04
CA GLY M 97 -2.65 13.86 -17.89
C GLY M 97 -2.55 14.89 -19.00
N LEU M 98 -1.52 14.82 -19.85
CA LEU M 98 -1.34 15.76 -20.97
C LEU M 98 -2.05 15.25 -22.22
N LEU M 99 -3.38 15.19 -22.14
CA LEU M 99 -4.20 14.59 -23.19
C LEU M 99 -4.74 15.67 -24.13
N ALA M 100 -4.70 15.38 -25.43
CA ALA M 100 -5.30 16.25 -26.44
C ALA M 100 -5.80 15.38 -27.59
N LEU M 101 -7.02 15.64 -28.03
CA LEU M 101 -7.63 14.93 -29.14
C LEU M 101 -7.89 15.91 -30.28
N PRO M 102 -7.57 15.55 -31.51
CA PRO M 102 -7.88 16.43 -32.63
C PRO M 102 -9.15 16.02 -33.35
N LEU M 103 -9.66 16.96 -34.16
CA LEU M 103 -10.76 16.74 -35.09
C LEU M 103 -10.32 17.30 -36.42
N LEU M 104 -10.40 16.49 -37.47
CA LEU M 104 -9.85 16.82 -38.78
C LEU M 104 -10.98 17.08 -39.75
N ALA M 105 -10.88 18.19 -40.48
CA ALA M 105 -11.83 18.53 -41.53
C ALA M 105 -11.04 18.82 -42.79
N GLY M 106 -11.46 18.24 -43.91
CA GLY M 106 -10.72 18.44 -45.14
C GLY M 106 -11.61 18.36 -46.35
N TYR M 107 -11.03 18.75 -47.48
CA TYR M 107 -11.64 18.63 -48.80
C TYR M 107 -10.70 17.77 -49.64
N ASP M 108 -11.21 16.63 -50.11
CA ASP M 108 -10.40 15.67 -50.85
C ASP M 108 -10.41 16.03 -52.33
N ILE M 109 -9.31 16.59 -52.85
CA ILE M 109 -9.31 16.98 -54.25
C ILE M 109 -9.32 15.76 -55.18
N HIS M 110 -8.92 14.59 -54.68
CA HIS M 110 -8.92 13.36 -55.47
C HIS M 110 -10.23 12.60 -55.34
N ALA M 111 -11.24 13.19 -54.70
CA ALA M 111 -12.52 12.52 -54.48
C ALA M 111 -13.27 12.31 -55.78
N SER M 112 -14.10 11.28 -55.78
CA SER M 112 -14.89 10.95 -56.97
C SER M 112 -15.95 12.01 -57.24
N ASP M 113 -16.74 12.37 -56.23
CA ASP M 113 -17.82 13.34 -56.38
C ASP M 113 -17.47 14.67 -55.72
N PRO M 114 -17.24 15.75 -56.47
CA PRO M 114 -16.86 17.03 -55.85
C PRO M 114 -17.91 17.58 -54.89
N GLN M 115 -19.16 17.15 -54.97
CA GLN M 115 -20.17 17.68 -54.06
C GLN M 115 -20.02 17.08 -52.66
N SER M 116 -19.74 15.79 -52.57
CA SER M 116 -19.62 15.09 -51.31
C SER M 116 -18.17 14.86 -50.91
N ALA M 117 -17.25 15.65 -51.44
CA ALA M 117 -15.82 15.51 -51.16
C ALA M 117 -15.41 16.00 -49.79
N GLY M 118 -16.32 16.55 -48.98
CA GLY M 118 -15.95 16.92 -47.63
C GLY M 118 -15.64 15.70 -46.79
N ARG M 119 -14.71 15.86 -45.85
CA ARG M 119 -14.27 14.77 -45.00
C ARG M 119 -14.13 15.27 -43.56
N ILE M 120 -14.63 14.47 -42.63
CA ILE M 120 -14.54 14.77 -41.19
C ILE M 120 -14.08 13.52 -40.48
N VAL M 121 -12.95 13.61 -39.78
CA VAL M 121 -12.31 12.48 -39.13
C VAL M 121 -12.13 12.80 -37.65
N SER M 122 -12.56 11.87 -36.79
CA SER M 122 -12.36 12.04 -35.36
C SER M 122 -11.36 11.02 -34.83
N PHE M 123 -10.71 11.36 -33.73
CA PHE M 123 -9.63 10.55 -33.17
C PHE M 123 -9.83 10.36 -31.67
N ASP M 124 -9.33 9.23 -31.17
CA ASP M 124 -9.25 8.98 -29.74
C ASP M 124 -7.79 8.95 -29.29
N ALA M 125 -7.60 8.85 -27.97
CA ALA M 125 -6.28 8.99 -27.38
C ALA M 125 -5.29 7.94 -27.85
N ALA M 126 -5.76 6.85 -28.45
CA ALA M 126 -4.88 5.80 -28.93
C ALA M 126 -4.57 5.92 -30.40
N GLY M 127 -4.98 7.00 -31.04
CA GLY M 127 -4.74 7.16 -32.47
C GLY M 127 -5.80 6.56 -33.35
N GLY M 128 -6.77 5.83 -32.77
CA GLY M 128 -7.88 5.36 -33.56
C GLY M 128 -8.65 6.52 -34.18
N TRP M 129 -9.09 6.32 -35.41
CA TRP M 129 -9.78 7.35 -36.15
C TRP M 129 -11.06 6.78 -36.76
N ASN M 130 -12.03 7.66 -36.99
CA ASN M 130 -13.24 7.28 -37.70
C ASN M 130 -13.65 8.39 -38.64
N ILE M 131 -13.90 8.02 -39.89
CA ILE M 131 -14.44 8.94 -40.89
C ILE M 131 -15.95 8.94 -40.78
N GLU M 132 -16.52 10.13 -40.54
CA GLU M 132 -17.94 10.27 -40.23
C GLU M 132 -18.76 10.34 -41.51
N GLU M 133 -19.57 9.32 -41.74
CA GLU M 133 -20.45 9.33 -42.90
C GLU M 133 -21.76 10.03 -42.61
N GLU M 134 -21.96 10.51 -41.38
CA GLU M 134 -23.23 11.09 -40.99
C GLU M 134 -23.25 12.63 -41.01
N GLY M 135 -22.17 13.28 -41.42
CA GLY M 135 -22.24 14.66 -41.79
C GLY M 135 -21.69 15.65 -40.78
N TYR M 136 -21.66 15.32 -39.50
CA TYR M 136 -21.20 16.26 -38.49
C TYR M 136 -20.48 15.52 -37.40
N GLN M 137 -19.70 16.27 -36.61
CA GLN M 137 -18.94 15.67 -35.53
C GLN M 137 -18.40 16.80 -34.66
N ALA M 138 -18.07 16.47 -33.41
CA ALA M 138 -17.57 17.45 -32.46
C ALA M 138 -16.61 16.81 -31.48
N VAL M 139 -15.83 17.63 -30.80
CA VAL M 139 -14.86 17.15 -29.83
C VAL M 139 -14.72 18.18 -28.71
N GLY M 140 -14.45 17.71 -27.51
CA GLY M 140 -14.29 18.56 -26.35
C GLY M 140 -15.35 18.28 -25.29
N SER M 141 -15.26 19.05 -24.21
CA SER M 141 -16.13 18.85 -23.06
C SER M 141 -17.59 19.19 -23.35
N GLY M 142 -17.87 20.02 -24.34
CA GLY M 142 -19.23 20.28 -24.74
C GLY M 142 -19.69 19.56 -25.99
N SER M 143 -18.92 18.59 -26.49
CA SER M 143 -19.20 17.99 -27.79
C SER M 143 -20.48 17.17 -27.82
N LEU M 144 -20.93 16.67 -26.67
CA LEU M 144 -22.20 15.95 -26.61
C LEU M 144 -23.35 16.90 -26.86
N PHE M 145 -23.34 18.05 -26.20
CA PHE M 145 -24.39 19.02 -26.43
C PHE M 145 -24.38 19.51 -27.87
N ALA M 146 -23.20 19.75 -28.42
CA ALA M 146 -23.11 20.21 -29.80
C ALA M 146 -23.59 19.16 -30.79
N LYS M 147 -23.17 17.90 -30.61
CA LYS M 147 -23.64 16.84 -31.49
C LYS M 147 -25.15 16.71 -31.42
N SER M 148 -25.70 16.69 -30.20
CA SER M 148 -27.14 16.51 -30.05
C SER M 148 -27.91 17.71 -30.59
N SER M 149 -27.30 18.90 -30.57
CA SER M 149 -27.93 20.06 -31.21
C SER M 149 -27.94 19.89 -32.72
N MET M 150 -26.78 19.54 -33.30
CA MET M 150 -26.70 19.35 -34.75
C MET M 150 -27.60 18.22 -35.21
N LYS M 151 -27.84 17.21 -34.38
CA LYS M 151 -28.74 16.13 -34.76
C LYS M 151 -30.10 16.68 -35.14
N LYS M 152 -30.52 17.79 -34.52
CA LYS M 152 -31.78 18.43 -34.83
C LYS M 152 -31.64 19.52 -35.87
N LEU M 153 -30.51 20.22 -35.92
CA LEU M 153 -30.37 21.36 -36.82
C LEU M 153 -29.77 21.00 -38.17
N TYR M 154 -29.31 19.77 -38.39
CA TYR M 154 -28.52 19.48 -39.57
C TYR M 154 -29.37 19.46 -40.84
N SER M 155 -30.63 19.08 -40.74
CA SER M 155 -31.50 19.08 -41.91
C SER M 155 -31.63 20.47 -42.53
N GLN M 156 -31.25 21.51 -41.78
CA GLN M 156 -31.30 22.88 -42.28
C GLN M 156 -30.06 23.27 -43.06
N VAL M 157 -29.11 22.37 -43.24
CA VAL M 157 -27.86 22.70 -43.93
C VAL M 157 -28.06 22.47 -45.41
N THR M 158 -28.05 23.54 -46.21
CA THR M 158 -28.18 23.46 -47.66
C THR M 158 -27.05 24.13 -48.43
N ASP M 159 -26.30 25.04 -47.82
CA ASP M 159 -25.19 25.71 -48.49
C ASP M 159 -24.13 26.08 -47.45
N GLY M 160 -23.13 26.85 -47.88
CA GLY M 160 -22.08 27.25 -46.96
C GLY M 160 -22.59 28.11 -45.82
N ASP M 161 -23.52 29.03 -46.11
CA ASP M 161 -23.97 29.95 -45.07
C ASP M 161 -24.81 29.23 -44.02
N SER M 162 -25.78 28.43 -44.46
CA SER M 162 -26.60 27.71 -43.49
C SER M 162 -25.75 26.76 -42.66
N GLY M 163 -24.75 26.12 -43.28
CA GLY M 163 -23.84 25.27 -42.54
C GLY M 163 -23.04 26.03 -41.51
N LEU M 164 -22.54 27.22 -41.87
CA LEU M 164 -21.80 28.02 -40.91
C LEU M 164 -22.70 28.43 -39.74
N ARG M 165 -23.95 28.81 -40.03
CA ARG M 165 -24.86 29.16 -38.94
C ARG M 165 -25.09 27.97 -38.04
N VAL M 166 -25.38 26.80 -38.62
CA VAL M 166 -25.62 25.62 -37.80
C VAL M 166 -24.43 25.34 -36.90
N ALA M 167 -23.20 25.48 -37.43
CA ALA M 167 -22.03 25.26 -36.61
C ALA M 167 -22.01 26.22 -35.42
N VAL M 168 -22.18 27.51 -35.71
CA VAL M 168 -22.12 28.51 -34.65
C VAL M 168 -23.20 28.25 -33.60
N GLU M 169 -24.38 27.78 -34.04
CA GLU M 169 -25.46 27.52 -33.08
C GLU M 169 -25.16 26.31 -32.21
N ALA M 170 -24.58 25.26 -32.79
CA ALA M 170 -24.15 24.13 -32.00
C ALA M 170 -23.13 24.56 -30.95
N LEU M 171 -22.17 25.41 -31.33
CA LEU M 171 -21.28 25.97 -30.33
C LEU M 171 -22.04 26.76 -29.28
N TYR M 172 -23.12 27.44 -29.67
CA TYR M 172 -23.88 28.20 -28.70
C TYR M 172 -24.50 27.27 -27.66
N ASP M 173 -25.14 26.19 -28.12
CA ASP M 173 -25.71 25.24 -27.18
C ASP M 173 -24.63 24.61 -26.29
N ALA M 174 -23.49 24.26 -26.89
CA ALA M 174 -22.38 23.71 -26.12
C ALA M 174 -21.99 24.64 -24.99
N ALA M 175 -21.75 25.91 -25.30
CA ALA M 175 -21.39 26.86 -24.27
C ALA M 175 -22.53 27.06 -23.28
N ASP M 176 -23.76 26.84 -23.72
CA ASP M 176 -24.92 27.00 -22.87
C ASP M 176 -24.94 25.96 -21.77
N ASP M 177 -24.54 24.73 -22.08
CA ASP M 177 -24.62 23.65 -21.11
C ASP M 177 -23.26 23.25 -20.54
N ASP M 178 -22.17 23.87 -21.00
CA ASP M 178 -20.82 23.51 -20.56
C ASP M 178 -20.06 24.76 -20.13
N SER M 179 -19.60 24.76 -18.88
CA SER M 179 -18.88 25.92 -18.37
C SER M 179 -17.48 26.02 -18.93
N ALA M 180 -16.93 24.93 -19.46
CA ALA M 180 -15.60 24.93 -20.05
C ALA M 180 -15.60 25.37 -21.51
N THR M 181 -16.77 25.60 -22.09
CA THR M 181 -16.91 26.12 -23.43
C THR M 181 -17.43 27.54 -23.34
N GLY M 182 -16.78 28.45 -24.06
CA GLY M 182 -17.11 29.86 -24.00
C GLY M 182 -18.04 30.25 -25.13
N GLY M 183 -19.11 30.95 -24.76
CA GLY M 183 -20.03 31.47 -25.73
C GLY M 183 -19.58 32.82 -26.26
N PRO M 184 -20.41 33.44 -27.08
CA PRO M 184 -20.06 34.75 -27.64
C PRO M 184 -20.01 35.82 -26.56
N ASP M 185 -18.95 36.61 -26.55
CA ASP M 185 -18.76 37.70 -25.61
C ASP M 185 -19.12 38.99 -26.32
N LEU M 186 -20.38 39.43 -26.16
CA LEU M 186 -20.78 40.65 -26.84
C LEU M 186 -20.16 41.89 -26.21
N VAL M 187 -19.70 41.82 -24.96
CA VAL M 187 -19.08 42.98 -24.32
C VAL M 187 -17.69 43.22 -24.90
N ARG M 188 -16.89 42.15 -25.04
CA ARG M 188 -15.52 42.26 -25.54
C ARG M 188 -15.42 42.06 -27.04
N GLY M 189 -16.49 41.61 -27.68
CA GLY M 189 -16.50 41.37 -29.11
C GLY M 189 -15.65 40.18 -29.54
N ILE M 190 -15.75 39.06 -28.82
CA ILE M 190 -14.99 37.86 -29.11
C ILE M 190 -15.96 36.74 -29.43
N PHE M 191 -15.78 36.13 -30.58
CA PHE M 191 -16.67 35.12 -31.12
C PHE M 191 -15.88 33.90 -31.52
N PRO M 192 -16.54 32.76 -31.73
CA PRO M 192 -15.82 31.57 -32.14
C PRO M 192 -15.05 31.81 -33.44
N THR M 193 -14.02 31.00 -33.65
CA THR M 193 -13.30 31.03 -34.92
C THR M 193 -13.83 29.93 -35.82
N ALA M 194 -13.86 30.20 -37.13
CA ALA M 194 -14.34 29.22 -38.09
C ALA M 194 -13.47 29.22 -39.33
N VAL M 195 -13.35 28.04 -39.93
CA VAL M 195 -12.64 27.81 -41.17
C VAL M 195 -13.60 27.10 -42.11
N ILE M 196 -13.63 27.54 -43.36
CA ILE M 196 -14.46 26.94 -44.39
C ILE M 196 -13.55 26.37 -45.47
N ILE M 197 -13.90 25.21 -46.00
CA ILE M 197 -13.07 24.51 -46.97
C ILE M 197 -13.95 24.03 -48.12
N ASP M 198 -13.62 24.45 -49.33
CA ASP M 198 -14.30 23.94 -50.52
C ASP M 198 -13.23 23.70 -51.59
N ALA M 199 -13.67 23.59 -52.84
CA ALA M 199 -12.72 23.30 -53.92
C ALA M 199 -11.67 24.39 -54.07
N ASP M 200 -11.98 25.63 -53.69
CA ASP M 200 -11.03 26.71 -53.78
C ASP M 200 -10.02 26.71 -52.65
N GLY M 201 -10.19 25.84 -51.67
CA GLY M 201 -9.27 25.72 -50.56
C GLY M 201 -9.94 26.02 -49.24
N ALA M 202 -9.10 26.23 -48.23
CA ALA M 202 -9.53 26.51 -46.88
C ALA M 202 -9.21 27.95 -46.53
N VAL M 203 -10.22 28.69 -46.07
CA VAL M 203 -10.05 30.08 -45.68
C VAL M 203 -10.67 30.31 -44.30
N ASP M 204 -10.10 31.28 -43.58
CA ASP M 204 -10.66 31.70 -42.31
C ASP M 204 -11.98 32.43 -42.54
N VAL M 205 -13.01 32.06 -41.80
CA VAL M 205 -14.24 32.85 -41.89
C VAL M 205 -14.02 34.17 -41.18
N PRO M 206 -14.31 35.30 -41.81
CA PRO M 206 -14.06 36.59 -41.16
C PRO M 206 -14.92 36.79 -39.93
N GLU M 207 -14.39 37.53 -38.97
CA GLU M 207 -15.05 37.68 -37.68
C GLU M 207 -16.45 38.26 -37.82
N SER M 208 -16.61 39.27 -38.68
CA SER M 208 -17.88 39.97 -38.78
C SER M 208 -19.06 39.03 -38.99
N ARG M 209 -18.91 38.06 -39.90
CA ARG M 209 -20.04 37.20 -40.23
C ARG M 209 -20.41 36.29 -39.06
N ILE M 210 -19.41 35.82 -38.30
CA ILE M 210 -19.72 35.02 -37.12
C ILE M 210 -20.38 35.88 -36.07
N ALA M 211 -19.93 37.12 -35.90
CA ALA M 211 -20.57 38.02 -34.96
C ALA M 211 -22.05 38.20 -35.30
N GLU M 212 -22.34 38.47 -36.57
CA GLU M 212 -23.72 38.58 -37.03
C GLU M 212 -24.50 37.32 -36.70
N LEU M 213 -24.01 36.16 -37.12
CA LEU M 213 -24.74 34.92 -36.89
C LEU M 213 -25.03 34.72 -35.41
N ALA M 214 -24.04 35.00 -34.56
CA ALA M 214 -24.23 34.87 -33.12
C ALA M 214 -25.35 35.78 -32.63
N ARG M 215 -25.31 37.06 -33.01
CA ARG M 215 -26.35 37.98 -32.56
C ARG M 215 -27.72 37.55 -33.08
N ALA M 216 -27.78 36.94 -34.26
CA ALA M 216 -29.04 36.43 -34.77
C ALA M 216 -29.57 35.30 -33.91
N ILE M 217 -28.69 34.38 -33.51
CA ILE M 217 -29.11 33.27 -32.65
C ILE M 217 -29.59 33.80 -31.31
N ILE M 218 -28.82 34.73 -30.74
CA ILE M 218 -29.17 35.32 -29.45
C ILE M 218 -30.54 35.96 -29.52
N GLU M 219 -30.72 36.93 -30.42
CA GLU M 219 -32.02 37.57 -30.57
C GLU M 219 -33.12 36.55 -30.88
N SER M 220 -32.76 35.44 -31.53
CA SER M 220 -33.77 34.44 -31.85
C SER M 220 -34.23 33.69 -30.62
N ARG M 221 -33.37 33.49 -29.64
CA ARG M 221 -33.76 32.75 -28.45
C ARG M 221 -34.27 33.65 -27.34
N SER M 222 -34.18 34.97 -27.50
CA SER M 222 -34.71 35.90 -26.53
C SER M 222 -36.10 36.37 -26.95
N THR N 1 5.67 34.56 -4.04
CA THR N 1 6.20 35.22 -5.22
C THR N 1 5.08 35.82 -6.04
N THR N 2 5.29 37.00 -6.60
CA THR N 2 4.39 37.54 -7.60
C THR N 2 5.21 38.34 -8.59
N ILE N 3 5.00 38.07 -9.87
CA ILE N 3 5.61 38.81 -10.97
C ILE N 3 4.48 39.41 -11.77
N VAL N 4 4.59 40.70 -12.10
CA VAL N 4 3.56 41.35 -12.89
C VAL N 4 4.21 41.92 -14.15
N ALA N 5 3.42 42.01 -15.20
CA ALA N 5 3.84 42.67 -16.43
C ALA N 5 2.62 43.29 -17.08
N LEU N 6 2.77 44.49 -17.61
CA LEU N 6 1.66 45.13 -18.29
C LEU N 6 2.19 45.94 -19.47
N LYS N 7 1.35 46.04 -20.49
CA LYS N 7 1.65 46.85 -21.67
C LYS N 7 1.19 48.27 -21.42
N TYR N 8 2.00 49.23 -21.83
CA TYR N 8 1.62 50.62 -21.85
C TYR N 8 1.91 51.15 -23.24
N PRO N 9 1.32 52.28 -23.62
CA PRO N 9 1.56 52.82 -24.97
C PRO N 9 3.04 52.97 -25.31
N GLY N 10 3.51 52.14 -26.23
CA GLY N 10 4.88 52.20 -26.70
C GLY N 10 5.87 51.32 -25.94
N GLY N 11 5.41 50.51 -25.00
CA GLY N 11 6.34 49.67 -24.28
C GLY N 11 5.65 48.68 -23.36
N VAL N 12 6.47 48.02 -22.54
CA VAL N 12 6.01 47.01 -21.60
C VAL N 12 6.82 47.15 -20.31
N VAL N 13 6.21 46.76 -19.20
CA VAL N 13 6.88 46.83 -17.89
C VAL N 13 6.67 45.52 -17.12
N MET N 14 7.70 45.12 -16.38
CA MET N 14 7.65 43.92 -15.54
C MET N 14 8.30 44.20 -14.20
N ALA N 15 7.69 43.72 -13.12
CA ALA N 15 8.22 43.94 -11.79
C ALA N 15 7.96 42.71 -10.95
N GLY N 16 8.81 42.49 -9.96
CA GLY N 16 8.69 41.31 -9.11
C GLY N 16 9.12 41.59 -7.69
N ASP N 17 8.56 40.83 -6.76
CA ASP N 17 8.86 41.01 -5.35
C ASP N 17 10.24 40.47 -5.02
N ARG N 18 10.63 40.60 -3.75
CA ARG N 18 12.00 40.33 -3.32
C ARG N 18 12.10 39.26 -2.26
N ARG N 19 11.03 38.52 -1.99
CA ARG N 19 10.99 37.63 -0.83
C ARG N 19 11.31 36.20 -1.20
N SER N 20 12.05 35.52 -0.32
CA SER N 20 12.33 34.10 -0.45
C SER N 20 11.97 33.37 0.84
N THR N 21 11.19 32.29 0.73
CA THR N 21 10.73 31.55 1.90
C THR N 21 11.09 30.08 1.77
N GLN N 22 11.20 29.42 2.92
CA GLN N 22 11.21 27.96 3.02
C GLN N 22 10.08 27.57 3.97
N GLY N 23 8.94 27.18 3.44
CA GLY N 23 7.80 26.95 4.28
C GLY N 23 7.26 28.26 4.84
N ASN N 24 7.23 28.40 6.16
CA ASN N 24 6.81 29.65 6.76
C ASN N 24 7.96 30.62 6.98
N MET N 25 9.20 30.13 6.98
CA MET N 25 10.35 30.96 7.29
C MET N 25 10.75 31.83 6.11
N ILE N 26 11.08 33.08 6.39
CA ILE N 26 11.65 33.97 5.40
C ILE N 26 13.15 33.69 5.31
N SER N 27 13.61 33.24 4.15
CA SER N 27 15.02 32.93 3.95
C SER N 27 15.76 33.95 3.10
N GLY N 28 15.06 34.95 2.57
CA GLY N 28 15.70 35.98 1.79
C GLY N 28 14.82 37.20 1.68
N ARG N 29 15.42 38.40 1.69
CA ARG N 29 14.65 39.63 1.64
C ARG N 29 14.90 40.46 0.39
N ASP N 30 15.98 40.21 -0.34
CA ASP N 30 16.37 41.09 -1.43
C ASP N 30 16.56 40.36 -2.75
N VAL N 31 16.06 39.13 -2.87
CA VAL N 31 16.37 38.32 -4.03
C VAL N 31 15.74 38.94 -5.26
N ARG N 32 16.31 38.67 -6.42
CA ARG N 32 15.92 39.28 -7.67
C ARG N 32 15.29 38.22 -8.55
N LYS N 33 14.04 38.44 -8.95
CA LYS N 33 13.27 37.46 -9.70
C LYS N 33 12.95 37.90 -11.11
N VAL N 34 13.31 39.13 -11.49
CA VAL N 34 13.05 39.65 -12.82
C VAL N 34 14.40 39.95 -13.46
N TYR N 35 14.66 39.34 -14.61
CA TYR N 35 15.96 39.43 -15.26
C TYR N 35 15.84 39.98 -16.67
N ILE N 36 16.77 40.87 -17.02
CA ILE N 36 16.90 41.30 -18.40
C ILE N 36 17.53 40.14 -19.16
N THR N 37 16.74 39.47 -19.99
CA THR N 37 17.28 38.31 -20.69
C THR N 37 17.82 38.65 -22.07
N ASP N 38 17.40 39.78 -22.64
CA ASP N 38 17.93 40.21 -23.93
C ASP N 38 17.63 41.69 -24.07
N ASP N 39 18.30 42.32 -25.06
CA ASP N 39 18.20 43.77 -25.25
C ASP N 39 16.75 44.24 -25.34
N TYR N 40 15.82 43.37 -25.73
CA TYR N 40 14.42 43.75 -25.85
C TYR N 40 13.48 42.81 -25.12
N THR N 41 13.98 41.98 -24.21
CA THR N 41 13.10 41.08 -23.46
C THR N 41 13.60 40.94 -22.02
N ALA N 42 12.65 40.90 -21.11
CA ALA N 42 12.91 40.59 -19.73
C ALA N 42 12.05 39.40 -19.34
N THR N 43 12.58 38.58 -18.44
CA THR N 43 11.91 37.39 -17.95
C THR N 43 11.86 37.43 -16.45
N GLY N 44 10.68 37.19 -15.89
CA GLY N 44 10.52 37.01 -14.44
C GLY N 44 9.99 35.62 -14.17
N ILE N 45 10.51 34.98 -13.14
CA ILE N 45 10.19 33.57 -12.91
C ILE N 45 9.75 33.35 -11.46
N ALA N 46 8.80 32.45 -11.27
CA ALA N 46 8.30 32.04 -9.96
C ALA N 46 8.54 30.55 -9.76
N GLY N 47 8.80 30.15 -8.51
CA GLY N 47 9.00 28.75 -8.25
C GLY N 47 10.27 28.51 -7.45
N THR N 48 10.79 27.29 -7.60
CA THR N 48 12.00 26.91 -6.88
C THR N 48 13.18 27.78 -7.32
N ALA N 49 13.90 28.32 -6.34
CA ALA N 49 14.91 29.34 -6.63
C ALA N 49 15.97 28.82 -7.58
N ALA N 50 16.49 27.63 -7.31
CA ALA N 50 17.51 27.05 -8.17
C ALA N 50 17.02 26.96 -9.61
N VAL N 51 15.81 26.43 -9.80
CA VAL N 51 15.27 26.23 -11.14
C VAL N 51 14.97 27.56 -11.82
N ALA N 52 14.44 28.53 -11.07
CA ALA N 52 14.12 29.82 -11.68
C ALA N 52 15.38 30.50 -12.19
N VAL N 53 16.40 30.61 -11.33
CA VAL N 53 17.62 31.27 -11.76
C VAL N 53 18.27 30.50 -12.92
N GLU N 54 18.25 29.17 -12.85
CA GLU N 54 18.83 28.42 -13.95
C GLU N 54 18.11 28.71 -15.26
N PHE N 55 16.77 28.75 -15.23
CA PHE N 55 16.01 29.12 -16.42
C PHE N 55 16.45 30.46 -16.97
N ALA N 56 16.44 31.50 -16.12
CA ALA N 56 16.76 32.83 -16.62
C ALA N 56 18.13 32.87 -17.26
N ARG N 57 19.13 32.32 -16.57
CA ARG N 57 20.49 32.40 -17.06
C ARG N 57 20.64 31.62 -18.37
N LEU N 58 20.19 30.38 -18.38
CA LEU N 58 20.31 29.54 -19.57
C LEU N 58 19.57 30.15 -20.75
N TYR N 59 18.40 30.72 -20.51
CA TYR N 59 17.62 31.33 -21.57
C TYR N 59 18.36 32.51 -22.19
N ALA N 60 18.86 33.42 -21.34
CA ALA N 60 19.64 34.53 -21.85
C ALA N 60 20.82 34.05 -22.70
N VAL N 61 21.54 33.05 -22.20
CA VAL N 61 22.65 32.50 -22.97
C VAL N 61 22.17 31.92 -24.29
N GLU N 62 21.02 31.23 -24.29
CA GLU N 62 20.54 30.60 -25.51
C GLU N 62 20.22 31.65 -26.57
N LEU N 63 19.50 32.71 -26.18
CA LEU N 63 19.17 33.77 -27.13
C LEU N 63 20.43 34.40 -27.70
N GLU N 64 21.34 34.86 -26.82
CA GLU N 64 22.51 35.55 -27.37
C GLU N 64 23.41 34.61 -28.14
N HIS N 65 23.43 33.33 -27.77
CA HIS N 65 24.15 32.33 -28.56
C HIS N 65 23.64 32.31 -29.98
N TYR N 66 22.31 32.17 -30.15
CA TYR N 66 21.77 32.23 -31.50
C TYR N 66 22.17 33.51 -32.21
N GLU N 67 22.12 34.63 -31.50
CA GLU N 67 22.40 35.92 -32.14
C GLU N 67 23.83 35.99 -32.64
N LYS N 68 24.79 35.45 -31.88
CA LYS N 68 26.16 35.50 -32.35
C LYS N 68 26.41 34.48 -33.45
N LEU N 69 25.76 33.33 -33.41
CA LEU N 69 25.98 32.32 -34.45
C LEU N 69 25.43 32.79 -35.78
N GLU N 70 24.25 33.40 -35.79
CA GLU N 70 23.56 33.68 -37.04
C GLU N 70 23.56 35.15 -37.42
N GLY N 71 24.20 36.01 -36.64
CA GLY N 71 24.27 37.41 -37.03
C GLY N 71 22.98 38.19 -36.94
N VAL N 72 21.92 37.60 -36.41
CA VAL N 72 20.62 38.25 -36.32
C VAL N 72 19.89 37.69 -35.10
N PRO N 73 19.16 38.49 -34.34
CA PRO N 73 18.45 37.95 -33.18
C PRO N 73 17.24 37.16 -33.62
N LEU N 74 16.77 36.31 -32.71
CA LEU N 74 15.56 35.55 -32.98
C LEU N 74 14.37 36.49 -33.12
N THR N 75 13.43 36.10 -33.96
CA THR N 75 12.11 36.70 -33.93
C THR N 75 11.48 36.47 -32.58
N PHE N 76 10.54 37.35 -32.20
CA PHE N 76 9.92 37.21 -30.88
C PHE N 76 9.22 35.88 -30.75
N ALA N 77 8.55 35.45 -31.82
CA ALA N 77 7.95 34.12 -31.81
C ALA N 77 8.99 33.06 -31.48
N GLY N 78 10.18 33.17 -32.06
CA GLY N 78 11.22 32.20 -31.76
C GLY N 78 11.60 32.20 -30.29
N LYS N 79 11.74 33.40 -29.72
CA LYS N 79 12.03 33.51 -28.30
C LYS N 79 10.96 32.81 -27.47
N ILE N 80 9.70 33.06 -27.80
CA ILE N 80 8.59 32.39 -27.11
C ILE N 80 8.77 30.88 -27.20
N ASN N 81 9.00 30.37 -28.40
CA ASN N 81 9.09 28.93 -28.58
C ASN N 81 10.22 28.34 -27.74
N ARG N 82 11.36 29.03 -27.68
CA ARG N 82 12.47 28.47 -26.92
C ARG N 82 12.16 28.44 -25.42
N LEU N 83 11.58 29.52 -24.89
CA LEU N 83 11.21 29.49 -23.48
C LEU N 83 10.20 28.36 -23.21
N ALA N 84 9.23 28.20 -24.11
CA ALA N 84 8.25 27.13 -23.97
C ALA N 84 8.93 25.76 -23.95
N ILE N 85 9.83 25.52 -24.91
CA ILE N 85 10.52 24.23 -24.98
C ILE N 85 11.31 23.99 -23.71
N MET N 86 11.90 25.04 -23.14
CA MET N 86 12.65 24.89 -21.90
C MET N 86 11.76 24.44 -20.75
N VAL N 87 10.62 25.11 -20.58
CA VAL N 87 9.69 24.73 -19.51
C VAL N 87 9.22 23.28 -19.70
N ARG N 88 8.76 22.96 -20.90
CA ARG N 88 8.30 21.61 -21.16
C ARG N 88 9.39 20.60 -20.84
N GLY N 89 10.64 20.95 -21.14
CA GLY N 89 11.74 20.09 -20.78
C GLY N 89 11.84 19.87 -19.29
N ASN N 90 11.52 20.91 -18.51
CA ASN N 90 11.63 20.74 -17.06
C ASN N 90 10.43 20.04 -16.44
N LEU N 91 9.37 19.76 -17.19
CA LEU N 91 8.14 19.22 -16.59
C LEU N 91 8.40 18.02 -15.67
N ALA N 92 9.27 17.09 -16.10
CA ALA N 92 9.50 15.89 -15.30
C ALA N 92 10.01 16.25 -13.91
N ALA N 93 11.06 17.06 -13.84
CA ALA N 93 11.58 17.50 -12.55
C ALA N 93 10.54 18.32 -11.79
N ALA N 94 9.73 19.11 -12.50
CA ALA N 94 8.73 19.94 -11.84
C ALA N 94 7.72 19.09 -11.09
N MET N 95 7.34 17.94 -11.65
CA MET N 95 6.47 17.02 -10.92
C MET N 95 7.14 16.54 -9.64
N GLN N 96 8.45 16.38 -9.62
CA GLN N 96 9.13 15.96 -8.39
C GLN N 96 9.42 17.10 -7.43
N GLY N 97 8.96 18.31 -7.70
CA GLY N 97 9.11 19.43 -6.79
C GLY N 97 9.98 20.56 -7.29
N LEU N 98 10.77 20.35 -8.35
CA LEU N 98 11.63 21.41 -8.90
C LEU N 98 10.87 22.20 -9.97
N LEU N 99 9.85 22.91 -9.52
CA LEU N 99 8.90 23.61 -10.39
C LEU N 99 9.27 25.07 -10.55
N ALA N 100 9.20 25.57 -11.79
CA ALA N 100 9.39 26.99 -12.05
C ALA N 100 8.60 27.40 -13.29
N LEU N 101 7.85 28.49 -13.20
CA LEU N 101 7.08 29.06 -14.29
C LEU N 101 7.60 30.43 -14.65
N PRO N 102 7.83 30.72 -15.92
CA PRO N 102 8.25 32.07 -16.30
C PRO N 102 7.13 32.93 -16.84
N LEU N 103 7.38 34.23 -16.86
CA LEU N 103 6.55 35.23 -17.49
C LEU N 103 7.48 36.09 -18.33
N LEU N 104 7.11 36.26 -19.61
CA LEU N 104 7.95 36.91 -20.60
C LEU N 104 7.36 38.26 -20.97
N ALA N 105 8.20 39.29 -20.97
CA ALA N 105 7.78 40.61 -21.44
C ALA N 105 8.79 41.09 -22.46
N GLY N 106 8.30 41.58 -23.61
CA GLY N 106 9.22 42.01 -24.65
C GLY N 106 8.68 43.13 -25.51
N TYR N 107 9.58 43.67 -26.33
CA TYR N 107 9.26 44.67 -27.34
C TYR N 107 9.64 44.11 -28.70
N ASP N 108 8.65 43.93 -29.57
CA ASP N 108 8.88 43.31 -30.88
C ASP N 108 9.33 44.38 -31.86
N ILE N 109 10.63 44.37 -32.19
CA ILE N 109 11.15 45.41 -33.05
C ILE N 109 10.59 45.32 -34.46
N HIS N 110 10.15 44.14 -34.89
CA HIS N 110 9.64 43.96 -36.23
C HIS N 110 8.12 44.08 -36.31
N ALA N 111 7.47 44.48 -35.22
CA ALA N 111 6.03 44.68 -35.27
C ALA N 111 5.72 45.88 -36.16
N SER N 112 4.54 45.87 -36.75
CA SER N 112 4.16 46.94 -37.65
C SER N 112 3.98 48.25 -36.89
N ASP N 113 3.27 48.23 -35.76
CA ASP N 113 2.95 49.44 -35.02
C ASP N 113 3.91 49.59 -33.85
N PRO N 114 4.87 50.53 -33.90
CA PRO N 114 5.85 50.66 -32.81
C PRO N 114 5.28 51.05 -31.45
N GLN N 115 3.97 51.09 -31.29
CA GLN N 115 3.39 51.42 -29.99
C GLN N 115 2.57 50.29 -29.39
N SER N 116 2.00 49.41 -30.21
CA SER N 116 1.43 48.16 -29.73
C SER N 116 2.40 47.00 -29.90
N ALA N 117 3.68 47.31 -30.06
CA ALA N 117 4.74 46.32 -30.20
C ALA N 117 5.10 45.66 -28.88
N GLY N 118 4.51 46.09 -27.78
CA GLY N 118 4.72 45.40 -26.52
C GLY N 118 4.09 44.02 -26.55
N ARG N 119 4.72 43.10 -25.82
CA ARG N 119 4.26 41.71 -25.77
C ARG N 119 4.37 41.17 -24.36
N ILE N 120 3.35 40.43 -23.94
CA ILE N 120 3.33 39.76 -22.65
C ILE N 120 2.89 38.32 -22.88
N VAL N 121 3.74 37.37 -22.50
CA VAL N 121 3.52 35.96 -22.76
C VAL N 121 3.59 35.21 -21.43
N SER N 122 2.56 34.42 -21.15
CA SER N 122 2.52 33.61 -19.95
C SER N 122 2.61 32.13 -20.29
N PHE N 123 3.12 31.34 -19.35
CA PHE N 123 3.40 29.93 -19.58
C PHE N 123 2.87 29.08 -18.45
N ASP N 124 2.53 27.82 -18.77
CA ASP N 124 2.20 26.82 -17.77
C ASP N 124 3.27 25.73 -17.72
N ALA N 125 3.11 24.85 -16.75
CA ALA N 125 4.15 23.87 -16.45
C ALA N 125 4.45 22.94 -17.62
N ALA N 126 3.55 22.85 -18.58
CA ALA N 126 3.73 22.00 -19.75
C ALA N 126 4.29 22.77 -20.94
N GLY N 127 4.70 24.02 -20.75
CA GLY N 127 5.23 24.79 -21.84
C GLY N 127 4.20 25.53 -22.66
N GLY N 128 2.92 25.31 -22.39
CA GLY N 128 1.90 26.09 -23.09
C GLY N 128 2.06 27.57 -22.82
N TRP N 129 1.86 28.36 -23.87
CA TRP N 129 2.07 29.79 -23.80
C TRP N 129 0.83 30.51 -24.31
N ASN N 130 0.66 31.73 -23.83
CA ASN N 130 -0.42 32.61 -24.25
C ASN N 130 0.14 34.01 -24.39
N ILE N 131 -0.08 34.63 -25.54
CA ILE N 131 0.25 36.04 -25.71
C ILE N 131 -0.95 36.83 -25.23
N GLU N 132 -0.76 37.63 -24.19
CA GLU N 132 -1.89 38.24 -23.52
C GLU N 132 -2.28 39.49 -24.28
N GLU N 133 -3.42 39.45 -24.93
CA GLU N 133 -3.90 40.57 -25.72
C GLU N 133 -4.73 41.53 -24.89
N GLU N 134 -4.86 41.27 -23.59
CA GLU N 134 -5.62 42.12 -22.70
C GLU N 134 -4.75 43.05 -21.85
N GLY N 135 -3.43 43.03 -22.03
CA GLY N 135 -2.58 44.09 -21.55
C GLY N 135 -1.76 43.80 -20.30
N TYR N 136 -2.19 42.87 -19.45
CA TYR N 136 -1.44 42.63 -18.23
C TYR N 136 -1.51 41.15 -17.88
N GLN N 137 -0.58 40.73 -17.02
CA GLN N 137 -0.50 39.32 -16.65
C GLN N 137 0.43 39.23 -15.45
N ALA N 138 0.26 38.15 -14.68
CA ALA N 138 1.07 37.97 -13.49
C ALA N 138 1.24 36.48 -13.26
N VAL N 139 2.23 36.15 -12.42
CA VAL N 139 2.52 34.75 -12.11
C VAL N 139 3.02 34.67 -10.68
N GLY N 140 2.77 33.54 -10.04
CA GLY N 140 3.18 33.31 -8.67
C GLY N 140 2.00 33.09 -7.74
N SER N 141 2.32 32.88 -6.46
CA SER N 141 1.31 32.57 -5.46
C SER N 141 0.39 33.75 -5.19
N GLY N 142 0.83 34.97 -5.48
CA GLY N 142 0.02 36.15 -5.39
C GLY N 142 -0.51 36.64 -6.71
N SER N 143 -0.43 35.83 -7.77
CA SER N 143 -0.73 36.32 -9.11
C SER N 143 -2.19 36.69 -9.27
N LEU N 144 -3.11 35.99 -8.59
CA LEU N 144 -4.51 36.29 -8.80
C LEU N 144 -4.89 37.62 -8.18
N PHE N 145 -4.29 37.96 -7.03
CA PHE N 145 -4.50 39.28 -6.45
C PHE N 145 -4.00 40.38 -7.38
N ALA N 146 -2.84 40.16 -7.98
CA ALA N 146 -2.28 41.16 -8.89
C ALA N 146 -3.15 41.31 -10.13
N LYS N 147 -3.57 40.20 -10.73
CA LYS N 147 -4.42 40.31 -11.91
C LYS N 147 -5.71 41.03 -11.59
N SER N 148 -6.33 40.69 -10.45
CA SER N 148 -7.60 41.33 -10.12
C SER N 148 -7.42 42.80 -9.76
N SER N 149 -6.27 43.17 -9.19
CA SER N 149 -5.98 44.59 -8.92
C SER N 149 -5.76 45.36 -10.21
N MET N 150 -4.94 44.82 -11.11
CA MET N 150 -4.73 45.46 -12.39
C MET N 150 -6.02 45.54 -13.20
N LYS N 151 -6.94 44.59 -13.00
CA LYS N 151 -8.22 44.65 -13.70
C LYS N 151 -8.92 45.97 -13.45
N LYS N 152 -8.77 46.53 -12.26
CA LYS N 152 -9.38 47.80 -11.92
C LYS N 152 -8.45 48.98 -12.18
N LEU N 153 -7.14 48.80 -12.04
CA LEU N 153 -6.25 49.95 -12.20
C LEU N 153 -5.75 50.14 -13.62
N TYR N 154 -6.05 49.24 -14.55
CA TYR N 154 -5.40 49.27 -15.84
C TYR N 154 -5.86 50.45 -16.69
N SER N 155 -7.10 50.90 -16.52
CA SER N 155 -7.57 52.04 -17.29
C SER N 155 -6.76 53.31 -17.03
N GLN N 156 -6.03 53.37 -15.91
CA GLN N 156 -5.23 54.56 -15.61
C GLN N 156 -3.87 54.56 -16.28
N VAL N 157 -3.54 53.55 -17.08
CA VAL N 157 -2.22 53.43 -17.67
C VAL N 157 -2.23 54.21 -18.98
N THR N 158 -1.47 55.31 -19.05
CA THR N 158 -1.35 56.09 -20.27
C THR N 158 0.08 56.26 -20.76
N ASP N 159 1.09 56.07 -19.91
CA ASP N 159 2.48 56.18 -20.34
C ASP N 159 3.32 55.26 -19.47
N GLY N 160 4.65 55.35 -19.63
CA GLY N 160 5.53 54.48 -18.87
C GLY N 160 5.41 54.70 -17.38
N ASP N 161 5.22 55.95 -16.96
CA ASP N 161 5.17 56.25 -15.54
C ASP N 161 3.91 55.65 -14.91
N SER N 162 2.75 55.87 -15.54
CA SER N 162 1.51 55.33 -14.99
C SER N 162 1.50 53.81 -14.98
N GLY N 163 2.01 53.20 -16.04
CA GLY N 163 2.09 51.75 -16.06
C GLY N 163 2.99 51.22 -14.95
N LEU N 164 4.11 51.88 -14.72
CA LEU N 164 4.99 51.45 -13.63
C LEU N 164 4.28 51.56 -12.29
N ARG N 165 3.58 52.69 -12.04
CA ARG N 165 2.82 52.80 -10.81
C ARG N 165 1.85 51.63 -10.66
N VAL N 166 1.06 51.35 -11.70
CA VAL N 166 0.07 50.29 -11.59
C VAL N 166 0.75 48.96 -11.28
N ALA N 167 1.90 48.69 -11.90
CA ALA N 167 2.60 47.45 -11.63
C ALA N 167 2.99 47.34 -10.17
N VAL N 168 3.66 48.37 -9.65
CA VAL N 168 4.09 48.32 -8.26
C VAL N 168 2.88 48.17 -7.33
N GLU N 169 1.76 48.80 -7.68
CA GLU N 169 0.59 48.70 -6.82
C GLU N 169 -0.03 47.31 -6.86
N ALA N 170 -0.02 46.67 -8.03
CA ALA N 170 -0.46 45.28 -8.11
C ALA N 170 0.41 44.39 -7.23
N LEU N 171 1.73 44.60 -7.25
CA LEU N 171 2.57 43.86 -6.33
C LEU N 171 2.22 44.18 -4.88
N TYR N 172 1.83 45.42 -4.60
CA TYR N 172 1.47 45.76 -3.23
C TYR N 172 0.25 44.96 -2.79
N ASP N 173 -0.79 44.93 -3.62
CA ASP N 173 -1.98 44.15 -3.28
C ASP N 173 -1.66 42.66 -3.13
N ALA N 174 -0.86 42.12 -4.05
CA ALA N 174 -0.46 40.72 -3.93
C ALA N 174 0.22 40.45 -2.60
N ALA N 175 1.21 41.26 -2.23
CA ALA N 175 1.88 41.05 -0.96
C ALA N 175 0.95 41.28 0.21
N ASP N 176 -0.07 42.11 0.02
CA ASP N 176 -1.04 42.39 1.07
C ASP N 176 -1.87 41.16 1.38
N ASP N 177 -2.21 40.38 0.35
CA ASP N 177 -3.07 39.22 0.52
C ASP N 177 -2.31 37.89 0.46
N ASP N 178 -1.01 37.91 0.21
CA ASP N 178 -0.21 36.69 0.11
C ASP N 178 1.06 36.81 0.95
N SER N 179 1.22 35.89 1.90
CA SER N 179 2.38 35.93 2.77
C SER N 179 3.63 35.42 2.07
N ALA N 180 3.48 34.74 0.94
CA ALA N 180 4.62 34.30 0.18
C ALA N 180 5.16 35.39 -0.73
N THR N 181 4.49 36.53 -0.81
CA THR N 181 4.94 37.67 -1.58
C THR N 181 5.31 38.78 -0.61
N GLY N 182 6.49 39.38 -0.81
CA GLY N 182 7.01 40.37 0.10
C GLY N 182 6.70 41.77 -0.39
N GLY N 183 6.17 42.59 0.51
CA GLY N 183 5.90 43.97 0.20
C GLY N 183 7.12 44.83 0.40
N PRO N 184 6.95 46.13 0.22
CA PRO N 184 8.08 47.06 0.36
C PRO N 184 8.55 47.11 1.80
N ASP N 185 9.85 46.97 2.00
CA ASP N 185 10.46 46.97 3.32
C ASP N 185 11.02 48.35 3.56
N LEU N 186 10.24 49.21 4.21
CA LEU N 186 10.68 50.58 4.43
C LEU N 186 11.80 50.72 5.44
N VAL N 187 11.97 49.76 6.34
CA VAL N 187 13.06 49.87 7.30
C VAL N 187 14.40 49.57 6.65
N ARG N 188 14.44 48.54 5.81
CA ARG N 188 15.66 48.14 5.12
C ARG N 188 15.83 48.78 3.75
N GLY N 189 14.80 49.42 3.22
CA GLY N 189 14.88 50.01 1.90
C GLY N 189 14.95 48.99 0.79
N ILE N 190 14.08 47.98 0.85
CA ILE N 190 14.05 46.91 -0.14
C ILE N 190 12.70 46.96 -0.83
N PHE N 191 12.72 47.10 -2.15
CA PHE N 191 11.53 47.31 -2.95
C PHE N 191 11.56 46.36 -4.14
N PRO N 192 10.43 46.15 -4.81
CA PRO N 192 10.42 45.25 -5.97
C PRO N 192 11.44 45.66 -7.01
N THR N 193 11.82 44.71 -7.85
CA THR N 193 12.67 45.05 -8.99
C THR N 193 11.76 45.29 -10.19
N ALA N 194 12.14 46.23 -11.03
CA ALA N 194 11.33 46.54 -12.19
C ALA N 194 12.20 46.77 -13.40
N VAL N 195 11.69 46.33 -14.54
CA VAL N 195 12.31 46.49 -15.84
C VAL N 195 11.30 47.14 -16.76
N ILE N 196 11.76 48.14 -17.51
CA ILE N 196 10.95 48.83 -18.49
C ILE N 196 11.58 48.59 -19.85
N ILE N 197 10.74 48.37 -20.86
CA ILE N 197 11.19 48.04 -22.21
C ILE N 197 10.41 48.89 -23.20
N ASP N 198 11.10 49.64 -24.03
CA ASP N 198 10.46 50.35 -25.14
C ASP N 198 11.38 50.22 -26.35
N ALA N 199 11.17 51.08 -27.35
CA ALA N 199 11.95 51.00 -28.58
C ALA N 199 13.43 51.24 -28.34
N ASP N 200 13.78 51.96 -27.28
CA ASP N 200 15.18 52.22 -26.96
C ASP N 200 15.83 51.05 -26.24
N GLY N 201 15.08 50.02 -25.91
CA GLY N 201 15.61 48.82 -25.30
C GLY N 201 15.00 48.57 -23.94
N ALA N 202 15.61 47.65 -23.21
CA ALA N 202 15.17 47.24 -21.89
C ALA N 202 16.18 47.72 -20.86
N VAL N 203 15.69 48.46 -19.87
CA VAL N 203 16.55 48.98 -18.81
C VAL N 203 15.92 48.67 -17.47
N ASP N 204 16.79 48.50 -16.46
CA ASP N 204 16.34 48.35 -15.09
C ASP N 204 15.83 49.67 -14.56
N VAL N 205 14.66 49.66 -13.97
CA VAL N 205 14.17 50.86 -13.37
C VAL N 205 15.01 51.05 -12.13
N PRO N 206 15.45 52.26 -11.86
CA PRO N 206 16.29 52.50 -10.70
C PRO N 206 15.51 52.31 -9.42
N GLU N 207 16.22 51.96 -8.36
CA GLU N 207 15.66 51.66 -7.05
C GLU N 207 14.91 52.80 -6.47
N SER N 208 15.41 54.00 -6.68
CA SER N 208 14.77 55.19 -6.17
C SER N 208 13.39 55.38 -6.71
N ARG N 209 13.18 55.08 -7.98
CA ARG N 209 11.85 55.27 -8.55
C ARG N 209 10.78 54.39 -7.94
N ILE N 210 11.10 53.13 -7.69
CA ILE N 210 10.14 52.22 -7.08
C ILE N 210 9.82 52.65 -5.68
N ALA N 211 10.83 53.11 -4.97
CA ALA N 211 10.68 53.56 -3.60
C ALA N 211 9.75 54.72 -3.54
N GLU N 212 9.86 55.65 -4.47
CA GLU N 212 8.94 56.75 -4.48
C GLU N 212 7.57 56.20 -4.71
N LEU N 213 7.41 55.26 -5.63
CA LEU N 213 6.06 54.78 -5.91
C LEU N 213 5.50 53.98 -4.74
N ALA N 214 6.35 53.16 -4.10
CA ALA N 214 5.90 52.37 -2.96
C ALA N 214 5.41 53.27 -1.84
N ARG N 215 6.25 54.22 -1.42
CA ARG N 215 5.83 55.17 -0.39
C ARG N 215 4.55 55.88 -0.82
N ALA N 216 4.42 56.17 -2.12
CA ALA N 216 3.22 56.84 -2.60
C ALA N 216 1.98 55.99 -2.38
N ILE N 217 2.06 54.70 -2.68
CA ILE N 217 0.91 53.81 -2.48
C ILE N 217 0.56 53.70 -1.01
N ILE N 218 1.59 53.55 -0.16
CA ILE N 218 1.37 53.44 1.28
C ILE N 218 0.63 54.67 1.80
N GLU N 219 1.19 55.87 1.57
CA GLU N 219 0.49 57.09 1.95
C GLU N 219 -0.93 57.10 1.38
N SER N 220 -1.08 56.63 0.14
CA SER N 220 -2.39 56.58 -0.48
C SER N 220 -3.37 55.77 0.34
N ARG N 221 -2.91 54.71 1.00
CA ARG N 221 -3.81 53.87 1.75
C ARG N 221 -3.90 54.22 3.23
N SER N 222 -3.09 55.15 3.73
CA SER N 222 -3.16 55.54 5.14
C SER N 222 -4.09 56.73 5.32
N GLY N 223 -3.71 57.89 4.80
CA GLY N 223 -4.52 59.08 4.94
C GLY N 223 -4.91 59.71 3.61
N MET O 1 -49.66 -13.91 50.03
CA MET O 1 -48.96 -14.88 49.20
C MET O 1 -49.78 -16.12 48.89
N GLU O 2 -50.02 -16.95 49.92
CA GLU O 2 -50.78 -18.18 49.73
C GLU O 2 -52.17 -17.87 49.17
N GLN O 3 -52.85 -16.89 49.75
CA GLN O 3 -54.17 -16.52 49.27
C GLN O 3 -54.12 -15.95 47.86
N ALA O 4 -53.03 -15.25 47.52
CA ALA O 4 -52.91 -14.69 46.18
C ALA O 4 -52.92 -15.78 45.12
N MET O 5 -52.19 -16.88 45.37
CA MET O 5 -52.18 -17.97 44.40
C MET O 5 -53.54 -18.65 44.31
N ARG O 6 -54.31 -18.65 45.41
CA ARG O 6 -55.66 -19.22 45.33
C ARG O 6 -56.60 -18.28 44.60
N GLU O 7 -56.37 -16.96 44.67
CA GLU O 7 -57.18 -16.04 43.90
C GLU O 7 -56.88 -16.14 42.42
N ARG O 8 -55.59 -16.24 42.07
CA ARG O 8 -55.21 -16.47 40.68
C ARG O 8 -55.82 -17.77 40.17
N SER O 9 -55.62 -18.84 40.93
CA SER O 9 -56.21 -20.13 40.56
C SER O 9 -57.70 -20.00 40.29
N GLU O 10 -58.44 -19.38 41.22
CA GLU O 10 -59.87 -19.24 41.04
C GLU O 10 -60.20 -18.45 39.78
N LEU O 11 -59.50 -17.33 39.54
CA LEU O 11 -59.78 -16.53 38.36
C LEU O 11 -59.58 -17.35 37.09
N ALA O 12 -58.47 -18.10 37.01
CA ALA O 12 -58.22 -18.88 35.82
C ALA O 12 -59.25 -19.99 35.65
N ARG O 13 -59.51 -20.77 36.71
CA ARG O 13 -60.44 -21.88 36.60
C ARG O 13 -61.84 -21.40 36.22
N LYS O 14 -62.30 -20.31 36.85
CA LYS O 14 -63.59 -19.75 36.53
C LYS O 14 -63.62 -19.24 35.09
N GLY O 15 -62.57 -18.54 34.68
CA GLY O 15 -62.48 -18.09 33.30
C GLY O 15 -62.61 -19.22 32.30
N ILE O 16 -61.92 -20.34 32.56
CA ILE O 16 -61.98 -21.48 31.64
C ILE O 16 -63.36 -22.10 31.67
N ALA O 17 -63.96 -22.19 32.87
CA ALA O 17 -65.29 -22.77 32.99
C ALA O 17 -66.34 -22.00 32.22
N ARG O 18 -66.08 -20.73 31.90
CA ARG O 18 -67.03 -19.86 31.23
C ARG O 18 -66.89 -19.83 29.71
N ALA O 19 -66.01 -20.63 29.13
CA ALA O 19 -65.79 -20.60 27.70
C ALA O 19 -66.10 -21.95 27.08
N LYS O 20 -66.31 -21.96 25.76
CA LYS O 20 -66.78 -23.14 25.06
C LYS O 20 -65.74 -24.27 25.13
N SER O 21 -66.23 -25.49 24.92
CA SER O 21 -65.50 -26.71 25.21
C SER O 21 -64.75 -27.23 23.97
N VAL O 22 -63.77 -28.09 24.24
CA VAL O 22 -62.89 -28.65 23.22
C VAL O 22 -62.64 -30.10 23.55
N VAL O 23 -62.61 -30.96 22.52
CA VAL O 23 -62.35 -32.38 22.68
C VAL O 23 -61.28 -32.78 21.68
N ALA O 24 -60.36 -33.64 22.11
CA ALA O 24 -59.37 -34.23 21.23
C ALA O 24 -59.25 -35.70 21.58
N LEU O 25 -59.40 -36.60 20.61
CA LEU O 25 -59.38 -38.02 20.92
C LEU O 25 -58.61 -38.78 19.85
N ALA O 26 -57.92 -39.83 20.29
CA ALA O 26 -57.15 -40.67 19.40
C ALA O 26 -58.05 -41.66 18.68
N TYR O 27 -57.85 -41.81 17.37
CA TYR O 27 -58.58 -42.80 16.59
C TYR O 27 -57.60 -43.51 15.67
N ALA O 28 -58.13 -44.47 14.90
CA ALA O 28 -57.29 -45.36 14.10
C ALA O 28 -56.44 -44.59 13.10
N GLY O 29 -56.93 -43.46 12.62
CA GLY O 29 -56.20 -42.68 11.64
C GLY O 29 -55.30 -41.62 12.22
N GLY O 30 -55.27 -41.46 13.54
CA GLY O 30 -54.45 -40.43 14.14
C GLY O 30 -55.12 -39.78 15.33
N VAL O 31 -55.27 -38.46 15.30
CA VAL O 31 -55.92 -37.73 16.39
C VAL O 31 -56.98 -36.82 15.79
N LEU O 32 -58.10 -36.67 16.48
CA LEU O 32 -59.21 -35.84 16.03
C LEU O 32 -59.43 -34.71 17.03
N PHE O 33 -59.51 -33.49 16.51
CA PHE O 33 -59.81 -32.28 17.28
C PHE O 33 -61.19 -31.78 16.86
N VAL O 34 -62.10 -31.67 17.83
CA VAL O 34 -63.42 -31.09 17.60
C VAL O 34 -63.72 -30.09 18.71
N ALA O 35 -64.12 -28.89 18.33
CA ALA O 35 -64.34 -27.80 19.27
C ALA O 35 -65.61 -27.04 18.94
N GLU O 36 -66.34 -26.64 19.99
CA GLU O 36 -67.44 -25.71 19.81
C GLU O 36 -66.90 -24.33 19.47
N ASN O 37 -67.19 -23.84 18.27
CA ASN O 37 -66.61 -22.57 17.86
C ASN O 37 -67.54 -21.89 16.86
N PRO O 38 -68.25 -20.84 17.27
CA PRO O 38 -69.14 -20.17 16.33
C PRO O 38 -68.43 -19.35 15.26
N SER O 39 -67.22 -18.88 15.54
CA SER O 39 -66.58 -17.91 14.65
C SER O 39 -66.24 -18.52 13.29
N ARG O 40 -66.31 -17.69 12.26
CA ARG O 40 -66.00 -18.14 10.91
C ARG O 40 -64.51 -18.18 10.66
N SER O 41 -63.75 -17.28 11.30
CA SER O 41 -62.34 -17.11 10.97
C SER O 41 -61.40 -17.18 12.16
N LEU O 42 -61.90 -17.22 13.39
CA LEU O 42 -61.03 -17.29 14.56
C LEU O 42 -60.93 -18.75 15.01
N GLN O 43 -59.71 -19.27 14.98
CA GLN O 43 -59.40 -20.69 15.14
C GLN O 43 -58.97 -20.99 16.58
N LYS O 44 -59.45 -22.11 17.12
CA LYS O 44 -59.00 -22.61 18.40
C LYS O 44 -58.11 -23.84 18.29
N ILE O 45 -58.01 -24.45 17.11
CA ILE O 45 -57.21 -25.63 16.89
C ILE O 45 -56.21 -25.29 15.79
N SER O 46 -54.96 -25.67 15.97
CA SER O 46 -53.96 -25.22 15.03
C SER O 46 -52.86 -26.26 14.88
N GLU O 47 -52.17 -26.16 13.76
CA GLU O 47 -50.98 -26.94 13.51
C GLU O 47 -49.81 -26.30 14.24
N LEU O 48 -48.99 -27.14 14.89
CA LEU O 48 -47.74 -26.68 15.48
C LEU O 48 -46.54 -27.10 14.66
N TYR O 49 -46.40 -28.40 14.39
CA TYR O 49 -45.31 -28.88 13.57
C TYR O 49 -45.82 -30.06 12.77
N ASP O 50 -44.95 -30.63 11.95
CA ASP O 50 -45.33 -31.66 10.98
C ASP O 50 -46.33 -32.65 11.56
N ARG O 51 -46.02 -33.24 12.71
CA ARG O 51 -46.87 -34.26 13.31
C ARG O 51 -47.45 -33.83 14.64
N VAL O 52 -47.44 -32.54 14.95
CA VAL O 52 -47.84 -32.06 16.26
C VAL O 52 -48.90 -30.98 16.09
N GLY O 53 -50.02 -31.15 16.81
CA GLY O 53 -51.14 -30.23 16.74
C GLY O 53 -51.50 -29.67 18.09
N PHE O 54 -52.32 -28.63 18.06
CA PHE O 54 -52.60 -27.77 19.19
C PHE O 54 -54.08 -27.52 19.29
N ALA O 55 -54.62 -27.60 20.51
CA ALA O 55 -56.01 -27.26 20.75
C ALA O 55 -56.09 -26.54 22.09
N ALA O 56 -56.96 -25.55 22.18
CA ALA O 56 -57.00 -24.73 23.37
C ALA O 56 -58.42 -24.32 23.71
N ALA O 57 -58.64 -24.05 24.98
CA ALA O 57 -59.89 -23.50 25.45
C ALA O 57 -59.58 -22.34 26.38
N GLY O 58 -60.43 -21.32 26.33
CA GLY O 58 -60.28 -20.18 27.20
C GLY O 58 -60.33 -18.86 26.46
N LYS O 59 -59.59 -17.87 26.95
CA LYS O 59 -59.60 -16.53 26.38
C LYS O 59 -58.73 -16.52 25.12
N PHE O 60 -59.28 -16.01 24.02
CA PHE O 60 -58.63 -16.19 22.71
C PHE O 60 -57.25 -15.57 22.67
N ASN O 61 -57.13 -14.28 23.00
CA ASN O 61 -55.84 -13.61 22.82
C ASN O 61 -54.73 -14.33 23.58
N GLU O 62 -55.04 -14.95 24.70
CA GLU O 62 -54.02 -15.60 25.50
C GLU O 62 -53.59 -16.94 24.88
N PHE O 63 -54.54 -17.80 24.52
CA PHE O 63 -54.10 -19.06 23.92
C PHE O 63 -53.60 -18.85 22.50
N ASP O 64 -53.92 -17.72 21.88
CA ASP O 64 -53.31 -17.38 20.60
C ASP O 64 -51.86 -16.93 20.79
N ASN O 65 -51.59 -16.15 21.83
CA ASN O 65 -50.20 -15.88 22.20
C ASN O 65 -49.44 -17.17 22.43
N LEU O 66 -50.01 -18.09 23.22
CA LEU O 66 -49.31 -19.36 23.45
C LEU O 66 -49.17 -20.17 22.17
N ARG O 67 -50.16 -20.11 21.29
CA ARG O 67 -50.08 -20.84 20.03
C ARG O 67 -48.92 -20.33 19.20
N ARG O 68 -48.84 -19.01 19.02
CA ARG O 68 -47.73 -18.43 18.28
C ARG O 68 -46.39 -18.72 18.95
N GLY O 69 -46.33 -18.61 20.28
CA GLY O 69 -45.09 -18.91 20.96
C GLY O 69 -44.64 -20.33 20.76
N GLY O 70 -45.59 -21.27 20.76
CA GLY O 70 -45.24 -22.66 20.51
C GLY O 70 -44.77 -22.90 19.10
N ILE O 71 -45.41 -22.25 18.13
CA ILE O 71 -44.96 -22.36 16.75
C ILE O 71 -43.54 -21.80 16.62
N GLN O 72 -43.30 -20.64 17.22
CA GLN O 72 -41.96 -20.06 17.22
C GLN O 72 -40.94 -21.06 17.76
N PHE O 73 -41.24 -21.64 18.92
CA PHE O 73 -40.33 -22.62 19.51
C PHE O 73 -40.10 -23.79 18.57
N ALA O 74 -41.17 -24.34 18.01
CA ALA O 74 -41.05 -25.54 17.18
C ALA O 74 -40.20 -25.28 15.94
N ASP O 75 -40.53 -24.24 15.18
CA ASP O 75 -39.76 -23.93 13.99
C ASP O 75 -38.31 -23.66 14.33
N THR O 76 -38.06 -22.96 15.45
CA THR O 76 -36.69 -22.66 15.82
C THR O 76 -35.91 -23.94 16.12
N ARG O 77 -36.50 -24.85 16.89
CA ARG O 77 -35.79 -26.10 17.17
C ARG O 77 -35.54 -26.92 15.91
N GLY O 78 -36.54 -27.01 15.04
CA GLY O 78 -36.34 -27.77 13.81
C GLY O 78 -35.25 -27.19 12.95
N TYR O 79 -35.13 -25.86 12.94
CA TYR O 79 -34.07 -25.22 12.19
C TYR O 79 -32.72 -25.44 12.85
N ALA O 80 -32.65 -25.27 14.16
CA ALA O 80 -31.39 -25.39 14.88
C ALA O 80 -30.81 -26.78 14.80
N TYR O 81 -31.68 -27.80 14.77
CA TYR O 81 -31.25 -29.19 14.65
C TYR O 81 -31.77 -29.84 13.37
N ASP O 82 -32.98 -30.38 13.43
CA ASP O 82 -33.63 -31.05 12.32
C ASP O 82 -35.09 -31.23 12.68
N ARG O 83 -35.91 -31.35 11.65
CA ARG O 83 -37.36 -31.36 11.85
C ARG O 83 -37.79 -32.56 12.67
N ARG O 84 -37.16 -33.71 12.47
CA ARG O 84 -37.58 -34.91 13.19
C ARG O 84 -37.13 -34.89 14.65
N ASP O 85 -36.43 -33.84 15.09
CA ASP O 85 -36.07 -33.70 16.49
C ASP O 85 -37.15 -33.01 17.30
N VAL O 86 -38.09 -32.33 16.64
CA VAL O 86 -39.22 -31.72 17.33
C VAL O 86 -40.25 -32.78 17.65
N THR O 87 -40.64 -32.86 18.92
CA THR O 87 -41.55 -33.89 19.40
C THR O 87 -42.69 -33.23 20.16
N GLY O 88 -43.79 -33.98 20.30
CA GLY O 88 -44.89 -33.50 21.10
C GLY O 88 -44.50 -33.31 22.56
N ARG O 89 -43.80 -34.29 23.13
CA ARG O 89 -43.37 -34.19 24.52
C ARG O 89 -42.63 -32.87 24.76
N GLN O 90 -41.81 -32.44 23.80
CA GLN O 90 -41.08 -31.19 23.96
C GLN O 90 -42.05 -30.02 24.06
N LEU O 91 -42.94 -29.88 23.09
CA LEU O 91 -43.85 -28.74 23.10
C LEU O 91 -44.71 -28.74 24.36
N ALA O 92 -45.16 -29.91 24.79
CA ALA O 92 -45.89 -29.98 26.05
C ALA O 92 -45.01 -29.46 27.18
N ASN O 93 -43.74 -29.84 27.18
CA ASN O 93 -42.84 -29.40 28.24
C ASN O 93 -42.68 -27.89 28.24
N VAL O 94 -42.51 -27.28 27.05
CA VAL O 94 -42.34 -25.84 26.95
C VAL O 94 -43.61 -25.13 27.36
N TYR O 95 -44.77 -25.71 27.05
CA TYR O 95 -46.03 -25.11 27.48
C TYR O 95 -46.18 -25.17 28.99
N ALA O 96 -45.73 -26.26 29.61
CA ALA O 96 -45.71 -26.34 31.07
C ALA O 96 -44.83 -25.25 31.66
N GLN O 97 -43.59 -25.15 31.18
CA GLN O 97 -42.69 -24.11 31.68
C GLN O 97 -43.29 -22.72 31.50
N THR O 98 -43.84 -22.46 30.32
CA THR O 98 -44.36 -21.15 29.98
C THR O 98 -45.57 -20.80 30.84
N LEU O 99 -46.55 -21.70 30.89
CA LEU O 99 -47.76 -21.41 31.67
C LEU O 99 -47.46 -21.35 33.16
N GLY O 100 -46.50 -22.12 33.65
CA GLY O 100 -46.06 -21.93 35.03
C GLY O 100 -45.53 -20.54 35.27
N THR O 101 -44.62 -20.09 34.40
CA THR O 101 -44.06 -18.76 34.54
C THR O 101 -45.15 -17.69 34.48
N ILE O 102 -46.04 -17.80 33.50
CA ILE O 102 -47.15 -16.86 33.38
C ILE O 102 -47.99 -16.87 34.65
N PHE O 103 -48.33 -18.06 35.13
CA PHE O 103 -49.25 -18.16 36.26
C PHE O 103 -48.67 -17.50 37.50
N THR O 104 -47.35 -17.63 37.69
CA THR O 104 -46.76 -17.09 38.90
C THR O 104 -46.26 -15.65 38.75
N GLU O 105 -46.04 -15.18 37.53
CA GLU O 105 -45.31 -13.92 37.32
C GLU O 105 -46.08 -12.83 36.60
N GLN O 106 -47.09 -13.15 35.81
CA GLN O 106 -47.70 -12.08 35.04
C GLN O 106 -48.74 -11.35 35.85
N ALA O 107 -49.14 -10.18 35.35
CA ALA O 107 -50.12 -9.35 36.04
C ALA O 107 -51.39 -10.14 36.27
N LYS O 108 -51.84 -10.88 35.28
CA LYS O 108 -53.01 -11.73 35.40
C LYS O 108 -52.68 -13.08 34.80
N PRO O 109 -53.03 -14.18 35.47
CA PRO O 109 -52.78 -15.50 34.90
C PRO O 109 -53.56 -15.71 33.62
N TYR O 110 -53.06 -16.61 32.78
CA TYR O 110 -53.74 -16.91 31.54
C TYR O 110 -54.93 -17.83 31.81
N GLU O 111 -56.10 -17.46 31.30
CA GLU O 111 -57.31 -18.26 31.45
C GLU O 111 -57.39 -19.25 30.29
N VAL O 112 -56.48 -20.22 30.29
CA VAL O 112 -56.33 -21.14 29.17
C VAL O 112 -56.14 -22.57 29.66
N GLU O 113 -56.47 -23.50 28.77
CA GLU O 113 -56.16 -24.90 28.95
C GLU O 113 -55.77 -25.45 27.58
N LEU O 114 -54.66 -26.19 27.52
CA LEU O 114 -54.04 -26.59 26.26
C LEU O 114 -53.97 -28.10 26.12
N CYS O 115 -54.02 -28.54 24.87
CA CYS O 115 -53.78 -29.93 24.49
C CYS O 115 -52.79 -29.94 23.34
N VAL O 116 -51.73 -30.73 23.49
CA VAL O 116 -50.70 -30.89 22.49
C VAL O 116 -50.73 -32.36 22.07
N ALA O 117 -50.83 -32.60 20.77
CA ALA O 117 -51.00 -33.96 20.27
C ALA O 117 -49.95 -34.29 19.23
N GLU O 118 -49.50 -35.54 19.22
CA GLU O 118 -48.55 -36.00 18.22
C GLU O 118 -48.99 -37.34 17.66
N VAL O 119 -48.87 -37.49 16.35
CA VAL O 119 -49.10 -38.76 15.69
C VAL O 119 -47.78 -39.27 15.13
N ALA O 120 -47.78 -40.51 14.68
CA ALA O 120 -46.57 -41.13 14.17
C ALA O 120 -46.16 -40.49 12.85
N HIS O 121 -44.89 -40.63 12.52
CA HIS O 121 -44.43 -40.19 11.22
C HIS O 121 -44.88 -41.20 10.17
N TYR O 122 -44.95 -40.74 8.92
CA TYR O 122 -45.49 -41.58 7.86
C TYR O 122 -44.74 -42.90 7.79
N GLY O 123 -45.49 -43.99 7.74
CA GLY O 123 -44.90 -45.30 7.63
C GLY O 123 -44.40 -45.87 8.94
N GLU O 124 -44.54 -45.12 10.03
CA GLU O 124 -44.08 -45.58 11.34
C GLU O 124 -45.27 -46.04 12.16
N THR O 125 -45.01 -46.96 13.08
CA THR O 125 -46.03 -47.52 13.94
C THR O 125 -45.81 -47.01 15.36
N LYS O 126 -46.76 -46.25 15.87
CA LYS O 126 -46.66 -45.67 17.21
C LYS O 126 -48.00 -45.09 17.58
N ARG O 127 -48.41 -45.33 18.82
CA ARG O 127 -49.70 -44.83 19.26
C ARG O 127 -49.64 -43.31 19.43
N PRO O 128 -50.71 -42.59 19.11
CA PRO O 128 -50.73 -41.14 19.29
C PRO O 128 -50.46 -40.75 20.74
N GLU O 129 -50.04 -39.50 20.92
CA GLU O 129 -49.81 -38.93 22.24
C GLU O 129 -50.65 -37.68 22.44
N LEU O 130 -51.29 -37.59 23.59
CA LEU O 130 -52.06 -36.41 23.97
C LEU O 130 -51.54 -35.90 25.31
N TYR O 131 -51.32 -34.60 25.39
CA TYR O 131 -50.84 -33.97 26.60
C TYR O 131 -51.80 -32.84 26.92
N ARG O 132 -52.13 -32.68 28.20
CA ARG O 132 -53.04 -31.64 28.67
C ARG O 132 -52.28 -30.77 29.66
N ILE O 133 -52.25 -29.47 29.40
CA ILE O 133 -51.54 -28.50 30.24
C ILE O 133 -52.55 -27.47 30.73
N THR O 134 -52.61 -27.29 32.05
CA THR O 134 -53.58 -26.39 32.65
C THR O 134 -52.95 -25.05 32.98
N TYR O 135 -53.80 -24.11 33.42
CA TYR O 135 -53.43 -22.71 33.56
C TYR O 135 -52.23 -22.49 34.47
N ASP O 136 -51.89 -23.44 35.34
CA ASP O 136 -50.82 -23.24 36.30
C ASP O 136 -49.55 -23.99 35.92
N GLY O 137 -49.50 -24.56 34.73
CA GLY O 137 -48.34 -25.31 34.30
C GLY O 137 -48.35 -26.76 34.67
N SER O 138 -49.41 -27.24 35.31
CA SER O 138 -49.51 -28.67 35.55
C SER O 138 -49.71 -29.37 34.22
N ILE O 139 -49.02 -30.50 34.06
CA ILE O 139 -49.00 -31.21 32.79
C ILE O 139 -49.42 -32.64 33.04
N ALA O 140 -50.19 -33.20 32.13
CA ALA O 140 -50.76 -34.52 32.30
C ALA O 140 -50.69 -35.28 30.99
N ASP O 141 -50.27 -36.52 31.07
CA ASP O 141 -50.14 -37.40 29.91
C ASP O 141 -51.43 -38.22 29.83
N GLU O 142 -52.18 -38.07 28.74
CA GLU O 142 -53.45 -38.75 28.66
C GLU O 142 -53.45 -39.70 27.45
N PRO O 143 -53.99 -40.91 27.59
CA PRO O 143 -53.77 -41.93 26.56
C PRO O 143 -54.85 -42.05 25.50
N HIS O 144 -56.06 -41.58 25.80
CA HIS O 144 -57.20 -41.83 24.92
C HIS O 144 -57.86 -40.56 24.43
N PHE O 145 -58.19 -39.63 25.33
CA PHE O 145 -58.87 -38.41 24.92
C PHE O 145 -58.60 -37.33 25.97
N VAL O 146 -58.81 -36.08 25.54
CA VAL O 146 -58.67 -34.90 26.36
C VAL O 146 -59.90 -34.03 26.13
N VAL O 147 -60.42 -33.46 27.22
CA VAL O 147 -61.55 -32.54 27.18
C VAL O 147 -61.16 -31.31 27.98
N MET O 148 -61.43 -30.13 27.43
CA MET O 148 -61.03 -28.90 28.09
C MET O 148 -62.11 -27.83 27.93
N GLY O 149 -62.27 -27.02 28.96
CA GLY O 149 -63.11 -25.84 28.89
C GLY O 149 -64.57 -26.07 29.20
N GLY O 150 -65.20 -25.09 29.84
CA GLY O 150 -66.59 -25.23 30.17
C GLY O 150 -66.77 -26.29 31.25
N THR O 151 -67.95 -26.88 31.26
CA THR O 151 -68.29 -27.96 32.19
C THR O 151 -67.83 -29.28 31.55
N THR O 152 -66.69 -29.79 31.97
CA THR O 152 -66.06 -30.90 31.26
C THR O 152 -66.67 -32.24 31.62
N GLU O 153 -66.95 -32.47 32.90
CA GLU O 153 -67.27 -33.82 33.38
C GLU O 153 -68.45 -34.49 32.66
N PRO O 154 -69.52 -33.81 32.26
CA PRO O 154 -70.51 -34.50 31.41
C PRO O 154 -69.93 -34.99 30.09
N ILE O 155 -69.11 -34.18 29.42
CA ILE O 155 -68.53 -34.56 28.14
C ILE O 155 -67.52 -35.68 28.33
N ALA O 156 -66.64 -35.54 29.33
CA ALA O 156 -65.66 -36.58 29.62
C ALA O 156 -66.36 -37.90 29.96
N ASN O 157 -67.41 -37.84 30.76
CA ASN O 157 -68.14 -39.07 31.11
C ASN O 157 -68.76 -39.69 29.87
N ALA O 158 -69.39 -38.87 29.03
CA ALA O 158 -69.96 -39.38 27.78
C ALA O 158 -68.92 -40.12 26.96
N LEU O 159 -67.72 -39.55 26.85
CA LEU O 159 -66.67 -40.26 26.12
C LEU O 159 -66.24 -41.52 26.86
N LYS O 160 -66.27 -41.50 28.19
CA LYS O 160 -65.95 -42.70 28.96
C LYS O 160 -66.89 -43.85 28.59
N GLU O 161 -68.18 -43.57 28.47
CA GLU O 161 -69.10 -44.61 28.07
C GLU O 161 -69.09 -44.90 26.57
N SER O 162 -68.51 -44.02 25.75
CA SER O 162 -68.67 -44.13 24.31
C SER O 162 -67.37 -44.25 23.51
N TYR O 163 -66.20 -44.24 24.15
CA TYR O 163 -64.95 -44.26 23.41
C TYR O 163 -64.52 -45.70 23.12
N ALA O 164 -64.23 -45.97 21.85
CA ALA O 164 -63.62 -47.23 21.44
C ALA O 164 -62.32 -46.94 20.70
N GLU O 165 -61.29 -47.71 21.01
CA GLU O 165 -60.00 -47.51 20.38
C GLU O 165 -60.09 -47.84 18.90
N ASN O 166 -59.24 -47.20 18.11
CA ASN O 166 -59.19 -47.40 16.66
C ASN O 166 -60.56 -47.21 16.02
N ALA O 167 -61.30 -46.22 16.49
CA ALA O 167 -62.57 -45.93 15.83
C ALA O 167 -62.29 -45.38 14.44
N SER O 168 -63.32 -45.39 13.60
CA SER O 168 -63.13 -44.77 12.30
C SER O 168 -63.27 -43.26 12.43
N LEU O 169 -62.82 -42.55 11.39
CA LEU O 169 -62.90 -41.09 11.43
C LEU O 169 -64.33 -40.63 11.60
N THR O 170 -65.24 -41.17 10.80
CA THR O 170 -66.64 -40.80 10.92
C THR O 170 -67.21 -41.24 12.25
N ASP O 171 -66.91 -42.47 12.67
CA ASP O 171 -67.40 -42.95 13.97
C ASP O 171 -66.84 -42.09 15.11
N ALA O 172 -65.53 -41.86 15.12
CA ALA O 172 -64.93 -41.08 16.20
C ALA O 172 -65.49 -39.67 16.25
N LEU O 173 -65.68 -39.04 15.08
CA LEU O 173 -66.26 -37.70 15.07
C LEU O 173 -67.67 -37.72 15.65
N ARG O 174 -68.49 -38.67 15.21
CA ARG O 174 -69.86 -38.71 15.69
C ARG O 174 -69.91 -38.90 17.21
N ILE O 175 -69.11 -39.84 17.72
CA ILE O 175 -69.00 -40.01 19.18
C ILE O 175 -68.60 -38.71 19.85
N ALA O 176 -67.68 -37.98 19.20
CA ALA O 176 -67.18 -36.74 19.79
C ALA O 176 -68.27 -35.69 19.89
N VAL O 177 -69.03 -35.49 18.80
CA VAL O 177 -70.09 -34.49 18.83
C VAL O 177 -71.15 -34.86 19.85
N ALA O 178 -71.47 -36.16 19.94
CA ALA O 178 -72.42 -36.60 20.95
C ALA O 178 -71.95 -36.22 22.35
N ALA O 179 -70.69 -36.54 22.66
CA ALA O 179 -70.17 -36.18 23.98
C ALA O 179 -70.20 -34.67 24.20
N LEU O 180 -69.86 -33.91 23.16
CA LEU O 180 -69.82 -32.46 23.28
C LEU O 180 -71.19 -31.88 23.60
N ARG O 181 -72.26 -32.52 23.11
CA ARG O 181 -73.59 -31.98 23.35
C ARG O 181 -73.98 -31.98 24.83
N ALA O 182 -73.33 -32.81 25.64
CA ALA O 182 -73.71 -32.90 27.05
C ALA O 182 -73.51 -31.57 27.78
N GLY O 183 -72.42 -30.87 27.46
CA GLY O 183 -72.05 -29.65 28.18
C GLY O 183 -73.09 -28.55 28.25
N THR O 194 -79.45 -30.11 20.39
CA THR O 194 -79.72 -28.73 20.03
C THR O 194 -78.44 -28.01 19.60
N LEU O 195 -77.42 -28.80 19.27
CA LEU O 195 -76.12 -28.30 18.83
C LEU O 195 -76.01 -28.47 17.32
N GLY O 196 -75.18 -27.64 16.70
CA GLY O 196 -75.11 -27.49 15.27
C GLY O 196 -73.94 -28.20 14.63
N VAL O 197 -73.58 -27.75 13.43
CA VAL O 197 -72.50 -28.33 12.64
C VAL O 197 -71.65 -27.21 12.05
N ALA O 198 -72.30 -26.21 11.45
CA ALA O 198 -71.63 -25.01 10.98
C ALA O 198 -71.31 -24.10 12.16
N SER O 199 -71.20 -24.71 13.34
CA SER O 199 -70.82 -24.05 14.59
C SER O 199 -69.67 -24.79 15.25
N LEU O 200 -69.04 -25.70 14.54
CA LEU O 200 -67.95 -26.52 15.06
C LEU O 200 -66.69 -26.25 14.25
N GLU O 201 -65.55 -26.41 14.90
CA GLU O 201 -64.25 -26.41 14.24
C GLU O 201 -63.62 -27.78 14.46
N VAL O 202 -63.29 -28.45 13.38
CA VAL O 202 -62.80 -29.82 13.44
C VAL O 202 -61.59 -29.97 12.53
N ALA O 203 -60.58 -30.69 13.00
CA ALA O 203 -59.40 -30.99 12.22
C ALA O 203 -58.81 -32.30 12.73
N VAL O 204 -57.89 -32.87 11.96
CA VAL O 204 -57.29 -34.15 12.30
C VAL O 204 -55.79 -34.10 12.11
N LEU O 205 -55.08 -34.83 12.98
CA LEU O 205 -53.72 -35.26 12.72
C LEU O 205 -53.82 -36.61 12.03
N ASP O 206 -53.62 -36.58 10.72
CA ASP O 206 -53.81 -37.73 9.84
C ASP O 206 -52.46 -38.42 9.67
N ALA O 207 -52.29 -39.54 10.35
CA ALA O 207 -51.02 -40.28 10.31
C ALA O 207 -50.72 -40.81 8.92
N ASN O 208 -51.63 -40.62 7.97
CA ASN O 208 -51.39 -41.10 6.62
C ASN O 208 -50.73 -40.07 5.73
N ARG O 209 -50.68 -38.82 6.15
CA ARG O 209 -50.02 -37.82 5.32
C ARG O 209 -48.51 -38.01 5.41
N PRO O 210 -47.79 -37.84 4.31
CA PRO O 210 -46.34 -38.10 4.35
C PRO O 210 -45.61 -37.16 5.29
N ARG O 211 -45.96 -35.89 5.27
CA ARG O 211 -45.32 -34.93 6.13
C ARG O 211 -46.23 -34.15 7.07
N ARG O 212 -46.76 -33.03 6.62
CA ARG O 212 -47.63 -32.25 7.50
C ARG O 212 -48.95 -32.98 7.74
N ALA O 213 -49.15 -33.45 8.97
CA ALA O 213 -50.31 -34.27 9.28
C ALA O 213 -51.56 -33.46 9.54
N PHE O 214 -51.43 -32.20 9.93
CA PHE O 214 -52.59 -31.40 10.29
C PHE O 214 -53.46 -31.13 9.07
N ARG O 215 -54.76 -31.33 9.23
CA ARG O 215 -55.71 -31.17 8.14
C ARG O 215 -57.02 -30.65 8.69
N ARG O 216 -57.51 -29.53 8.18
CA ARG O 216 -58.82 -29.07 8.60
C ARG O 216 -59.90 -29.79 7.80
N ILE O 217 -61.04 -29.99 8.43
CA ILE O 217 -62.20 -30.59 7.80
C ILE O 217 -63.32 -29.56 7.91
N THR O 218 -63.67 -28.93 6.78
CA THR O 218 -64.59 -27.80 6.84
C THR O 218 -65.56 -27.84 5.67
N GLY O 219 -66.67 -27.14 5.84
CA GLY O 219 -67.59 -26.92 4.74
C GLY O 219 -68.15 -28.21 4.18
N SER O 220 -68.04 -28.35 2.85
CA SER O 220 -68.64 -29.49 2.17
C SER O 220 -68.18 -30.81 2.78
N ALA O 221 -66.88 -30.95 3.00
CA ALA O 221 -66.35 -32.17 3.61
C ALA O 221 -66.94 -32.40 5.00
N LEU O 222 -66.92 -31.35 5.84
CA LEU O 222 -67.39 -31.52 7.21
C LEU O 222 -68.87 -31.90 7.26
N GLN O 223 -69.72 -31.14 6.58
CA GLN O 223 -71.15 -31.46 6.60
C GLN O 223 -71.38 -32.84 6.00
N ALA O 224 -70.72 -33.12 4.88
CA ALA O 224 -70.84 -34.42 4.23
C ALA O 224 -70.47 -35.56 5.17
N LEU O 225 -69.51 -35.34 6.08
CA LEU O 225 -69.05 -36.39 6.97
C LEU O 225 -70.11 -36.81 7.98
N LEU O 226 -71.07 -35.95 8.27
CA LEU O 226 -72.18 -36.31 9.15
C LEU O 226 -73.37 -36.74 8.30
N VAL O 227 -73.68 -38.04 8.31
CA VAL O 227 -74.75 -38.59 7.47
C VAL O 227 -75.93 -39.07 8.32
N MET P 1 -42.58 -9.39 56.15
CA MET P 1 -41.33 -10.10 56.00
C MET P 1 -41.40 -11.54 56.49
N GLU P 2 -41.35 -11.76 57.81
CA GLU P 2 -41.50 -13.12 58.32
C GLU P 2 -42.79 -13.74 57.84
N GLN P 3 -43.83 -12.93 57.69
CA GLN P 3 -45.09 -13.41 57.13
C GLN P 3 -44.88 -14.03 55.76
N ALA P 4 -44.27 -13.29 54.85
CA ALA P 4 -44.06 -13.78 53.50
C ALA P 4 -43.25 -15.07 53.49
N MET P 5 -42.17 -15.12 54.28
CA MET P 5 -41.33 -16.32 54.27
C MET P 5 -42.04 -17.53 54.87
N ARG P 6 -42.78 -17.36 55.96
CA ARG P 6 -43.52 -18.49 56.49
C ARG P 6 -44.55 -18.98 55.48
N GLU P 7 -45.21 -18.05 54.80
CA GLU P 7 -46.18 -18.43 53.78
C GLU P 7 -45.51 -19.23 52.67
N ARG P 8 -44.33 -18.77 52.23
CA ARG P 8 -43.61 -19.49 51.19
C ARG P 8 -43.26 -20.91 51.62
N SER P 9 -42.61 -21.04 52.78
CA SER P 9 -42.28 -22.36 53.29
C SER P 9 -43.51 -23.26 53.33
N GLU P 10 -44.61 -22.74 53.87
CA GLU P 10 -45.82 -23.53 53.95
C GLU P 10 -46.33 -23.94 52.57
N LEU P 11 -46.34 -23.01 51.61
CA LEU P 11 -46.81 -23.34 50.27
C LEU P 11 -46.00 -24.48 49.68
N ALA P 12 -44.68 -24.41 49.82
CA ALA P 12 -43.83 -25.46 49.29
C ALA P 12 -44.09 -26.77 50.02
N ARG P 13 -44.16 -26.73 51.35
CA ARG P 13 -44.37 -27.96 52.13
C ARG P 13 -45.67 -28.64 51.74
N LYS P 14 -46.73 -27.87 51.57
CA LYS P 14 -48.00 -28.45 51.13
C LYS P 14 -47.86 -29.04 49.74
N GLY P 15 -47.23 -28.31 48.83
CA GLY P 15 -47.02 -28.84 47.49
C GLY P 15 -46.29 -30.17 47.48
N ILE P 16 -45.24 -30.29 48.28
CA ILE P 16 -44.48 -31.54 48.30
C ILE P 16 -45.30 -32.65 48.95
N ALA P 17 -46.08 -32.31 50.00
CA ALA P 17 -46.89 -33.32 50.65
C ALA P 17 -47.91 -33.92 49.70
N ARG P 18 -48.41 -33.13 48.75
CA ARG P 18 -49.46 -33.54 47.83
C ARG P 18 -48.94 -34.28 46.61
N ALA P 19 -47.65 -34.63 46.58
CA ALA P 19 -47.02 -35.15 45.37
C ALA P 19 -46.55 -36.59 45.58
N LYS P 20 -46.35 -37.28 44.46
CA LYS P 20 -45.92 -38.67 44.51
C LYS P 20 -44.55 -38.77 45.17
N SER P 21 -44.28 -39.93 45.78
CA SER P 21 -43.09 -40.15 46.58
C SER P 21 -41.98 -40.79 45.77
N VAL P 22 -40.75 -40.60 46.25
CA VAL P 22 -39.55 -41.04 45.57
C VAL P 22 -38.57 -41.55 46.61
N VAL P 23 -37.87 -42.63 46.28
CA VAL P 23 -36.87 -43.22 47.17
C VAL P 23 -35.59 -43.44 46.38
N ALA P 24 -34.46 -43.26 47.06
CA ALA P 24 -33.14 -43.52 46.51
C ALA P 24 -32.35 -44.30 47.55
N LEU P 25 -31.73 -45.40 47.12
CA LEU P 25 -31.08 -46.30 48.06
C LEU P 25 -29.72 -46.73 47.56
N ALA P 26 -28.77 -46.84 48.47
CA ALA P 26 -27.46 -47.36 48.12
C ALA P 26 -27.51 -48.88 48.17
N TYR P 27 -26.98 -49.54 47.15
CA TYR P 27 -26.89 -50.99 47.19
C TYR P 27 -25.52 -51.42 46.65
N ALA P 28 -25.28 -52.73 46.68
CA ALA P 28 -23.96 -53.25 46.34
C ALA P 28 -23.55 -52.90 44.93
N GLY P 29 -24.52 -52.74 44.03
CA GLY P 29 -24.24 -52.40 42.66
C GLY P 29 -24.23 -50.93 42.35
N GLY P 30 -24.50 -50.07 43.33
CA GLY P 30 -24.53 -48.64 43.07
C GLY P 30 -25.64 -47.91 43.82
N VAL P 31 -26.51 -47.23 43.09
CA VAL P 31 -27.64 -46.51 43.68
C VAL P 31 -28.89 -46.88 42.89
N LEU P 32 -30.02 -47.02 43.59
CA LEU P 32 -31.30 -47.35 42.99
C LEU P 32 -32.29 -46.22 43.21
N PHE P 33 -32.94 -45.79 42.12
CA PHE P 33 -33.99 -44.78 42.12
C PHE P 33 -35.32 -45.45 41.83
N VAL P 34 -36.30 -45.27 42.72
CA VAL P 34 -37.65 -45.77 42.52
C VAL P 34 -38.64 -44.63 42.78
N ALA P 35 -39.53 -44.40 41.82
CA ALA P 35 -40.49 -43.29 41.91
C ALA P 35 -41.86 -43.75 41.47
N GLU P 36 -42.88 -43.35 42.23
CA GLU P 36 -44.26 -43.56 41.77
C GLU P 36 -44.56 -42.59 40.63
N ASN P 37 -44.83 -43.14 39.45
CA ASN P 37 -45.01 -42.29 38.27
C ASN P 37 -45.91 -42.97 37.25
N PRO P 38 -47.16 -42.53 37.13
CA PRO P 38 -48.05 -43.12 36.12
C PRO P 38 -47.69 -42.75 34.69
N SER P 39 -46.94 -41.67 34.48
CA SER P 39 -46.75 -41.15 33.13
C SER P 39 -45.99 -42.15 32.25
N ARG P 40 -46.04 -41.89 30.96
CA ARG P 40 -45.36 -42.70 29.96
C ARG P 40 -44.15 -42.02 29.36
N SER P 41 -44.06 -40.70 29.43
CA SER P 41 -42.93 -39.98 28.87
C SER P 41 -42.35 -38.91 29.78
N LEU P 42 -43.00 -38.57 30.88
CA LEU P 42 -42.51 -37.57 31.82
C LEU P 42 -41.80 -38.27 32.97
N GLN P 43 -40.54 -37.94 33.19
CA GLN P 43 -39.68 -38.70 34.08
C GLN P 43 -39.20 -37.83 35.22
N LYS P 44 -39.30 -38.34 36.45
CA LYS P 44 -38.78 -37.67 37.65
C LYS P 44 -37.33 -38.00 37.96
N ILE P 45 -36.73 -38.97 37.29
CA ILE P 45 -35.37 -39.41 37.56
C ILE P 45 -34.56 -39.25 36.29
N SER P 46 -33.37 -38.69 36.43
CA SER P 46 -32.59 -38.35 35.24
C SER P 46 -31.11 -38.47 35.53
N GLU P 47 -30.35 -38.59 34.46
CA GLU P 47 -28.90 -38.53 34.52
C GLU P 47 -28.45 -37.08 34.59
N LEU P 48 -27.45 -36.81 35.42
CA LEU P 48 -26.79 -35.51 35.43
C LEU P 48 -25.43 -35.59 34.76
N TYR P 49 -24.56 -36.47 35.23
CA TYR P 49 -23.24 -36.62 34.63
C TYR P 49 -22.84 -38.08 34.73
N ASP P 50 -21.63 -38.39 34.24
CA ASP P 50 -21.18 -39.77 34.09
C ASP P 50 -21.61 -40.66 35.26
N ARG P 51 -21.28 -40.24 36.48
CA ARG P 51 -21.56 -41.04 37.66
C ARG P 51 -22.54 -40.36 38.60
N VAL P 52 -23.27 -39.34 38.14
CA VAL P 52 -24.12 -38.55 39.03
C VAL P 52 -25.54 -38.55 38.49
N GLY P 53 -26.49 -38.86 39.37
CA GLY P 53 -27.89 -38.94 39.03
C GLY P 53 -28.74 -38.02 39.89
N PHE P 54 -29.99 -37.82 39.43
CA PHE P 54 -30.90 -36.81 39.92
C PHE P 54 -32.29 -37.40 40.08
N ALA P 55 -32.95 -37.10 41.20
CA ALA P 55 -34.33 -37.51 41.43
C ALA P 55 -35.08 -36.40 42.15
N ALA P 56 -36.36 -36.23 41.84
CA ALA P 56 -37.09 -35.09 42.38
C ALA P 56 -38.53 -35.46 42.69
N ALA P 57 -39.12 -34.72 43.62
CA ALA P 57 -40.54 -34.84 43.92
C ALA P 57 -41.16 -33.45 43.98
N GLY P 58 -42.40 -33.34 43.49
CA GLY P 58 -43.10 -32.07 43.53
C GLY P 58 -43.69 -31.66 42.19
N LYS P 59 -43.73 -30.36 41.94
CA LYS P 59 -44.32 -29.85 40.71
C LYS P 59 -43.39 -30.13 39.54
N PHE P 60 -43.91 -30.73 38.47
CA PHE P 60 -43.03 -31.25 37.41
C PHE P 60 -42.22 -30.15 36.76
N ASN P 61 -42.88 -29.12 36.24
CA ASN P 61 -42.16 -28.09 35.49
C ASN P 61 -41.04 -27.48 36.30
N GLU P 62 -41.21 -27.38 37.62
CA GLU P 62 -40.21 -26.73 38.46
C GLU P 62 -39.00 -27.63 38.68
N PHE P 63 -39.21 -28.88 39.07
CA PHE P 63 -38.03 -29.72 39.26
C PHE P 63 -37.41 -30.09 37.92
N ASP P 64 -38.15 -29.94 36.82
CA ASP P 64 -37.55 -30.11 35.50
C ASP P 64 -36.65 -28.92 35.17
N ASN P 65 -37.08 -27.69 35.47
CA ASN P 65 -36.18 -26.56 35.35
C ASN P 65 -34.90 -26.80 36.14
N LEU P 66 -35.02 -27.21 37.41
CA LEU P 66 -33.81 -27.46 38.19
C LEU P 66 -32.96 -28.58 37.58
N ARG P 67 -33.61 -29.59 36.99
CA ARG P 67 -32.86 -30.67 36.36
C ARG P 67 -32.04 -30.15 35.19
N ARG P 68 -32.67 -29.37 34.31
CA ARG P 68 -31.95 -28.81 33.16
C ARG P 68 -30.82 -27.91 33.62
N GLY P 69 -31.06 -27.09 34.64
CA GLY P 69 -30.00 -26.25 35.16
C GLY P 69 -28.85 -27.07 35.70
N GLY P 70 -29.14 -28.21 36.32
CA GLY P 70 -28.09 -29.08 36.81
C GLY P 70 -27.28 -29.70 35.68
N ILE P 71 -27.95 -30.15 34.62
CA ILE P 71 -27.21 -30.65 33.46
C ILE P 71 -26.34 -29.55 32.86
N GLN P 72 -26.90 -28.34 32.74
CA GLN P 72 -26.14 -27.20 32.24
C GLN P 72 -24.87 -27.00 33.06
N PHE P 73 -25.01 -26.93 34.37
CA PHE P 73 -23.86 -26.73 35.24
C PHE P 73 -22.85 -27.87 35.09
N ALA P 74 -23.33 -29.11 35.15
CA ALA P 74 -22.40 -30.25 35.11
C ALA P 74 -21.63 -30.28 33.80
N ASP P 75 -22.33 -30.18 32.67
CA ASP P 75 -21.64 -30.20 31.39
C ASP P 75 -20.66 -29.03 31.27
N THR P 76 -21.06 -27.84 31.74
CA THR P 76 -20.17 -26.69 31.63
C THR P 76 -18.91 -26.86 32.47
N ARG P 77 -19.06 -27.28 33.73
CA ARG P 77 -17.88 -27.49 34.57
C ARG P 77 -17.00 -28.58 33.99
N GLY P 78 -17.60 -29.68 33.53
CA GLY P 78 -16.81 -30.74 32.95
C GLY P 78 -16.02 -30.29 31.74
N TYR P 79 -16.61 -29.40 30.94
CA TYR P 79 -15.90 -28.86 29.79
C TYR P 79 -14.79 -27.91 30.23
N ALA P 80 -15.09 -27.00 31.15
CA ALA P 80 -14.11 -26.01 31.55
C ALA P 80 -12.91 -26.63 32.25
N TYR P 81 -13.12 -27.72 33.01
CA TYR P 81 -12.02 -28.38 33.68
C TYR P 81 -11.84 -29.77 33.10
N ASP P 82 -12.53 -30.78 33.61
CA ASP P 82 -12.43 -32.15 33.11
C ASP P 82 -13.57 -32.94 33.70
N ARG P 83 -13.95 -34.02 33.03
CA ARG P 83 -15.13 -34.75 33.46
C ARG P 83 -14.95 -35.30 34.86
N ARG P 84 -13.73 -35.67 35.21
CA ARG P 84 -13.46 -36.28 36.50
C ARG P 84 -13.60 -35.29 37.64
N ASP P 85 -13.62 -33.99 37.34
CA ASP P 85 -13.79 -32.96 38.36
C ASP P 85 -15.24 -32.71 38.75
N VAL P 86 -16.20 -33.17 37.95
CA VAL P 86 -17.60 -33.03 38.30
C VAL P 86 -17.94 -34.09 39.33
N THR P 87 -18.49 -33.67 40.47
CA THR P 87 -18.80 -34.55 41.58
C THR P 87 -20.23 -34.31 42.02
N GLY P 88 -20.78 -35.31 42.70
CA GLY P 88 -22.12 -35.14 43.24
C GLY P 88 -22.18 -34.04 44.27
N ARG P 89 -21.18 -33.97 45.15
CA ARG P 89 -21.15 -32.92 46.16
C ARG P 89 -21.34 -31.56 45.50
N GLN P 90 -20.66 -31.33 44.37
CA GLN P 90 -20.79 -30.05 43.67
C GLN P 90 -22.23 -29.78 43.27
N LEU P 91 -22.86 -30.74 42.60
CA LEU P 91 -24.23 -30.52 42.14
C LEU P 91 -25.15 -30.27 43.34
N ALA P 92 -24.96 -31.01 44.43
CA ALA P 92 -25.75 -30.75 45.62
C ALA P 92 -25.54 -29.33 46.12
N ASN P 93 -24.29 -28.86 46.12
CA ASN P 93 -23.99 -27.53 46.62
C ASN P 93 -24.65 -26.46 45.76
N VAL P 94 -24.53 -26.58 44.43
CA VAL P 94 -25.14 -25.58 43.56
C VAL P 94 -26.66 -25.65 43.63
N TYR P 95 -27.22 -26.85 43.85
CA TYR P 95 -28.67 -26.95 44.05
C TYR P 95 -29.11 -26.28 45.34
N ALA P 96 -28.34 -26.45 46.41
CA ALA P 96 -28.65 -25.73 47.63
C ALA P 96 -28.66 -24.23 47.39
N GLN P 97 -27.60 -23.72 46.74
CA GLN P 97 -27.52 -22.29 46.44
C GLN P 97 -28.72 -21.84 45.63
N THR P 98 -29.05 -22.59 44.57
CA THR P 98 -30.10 -22.18 43.65
C THR P 98 -31.47 -22.19 44.33
N LEU P 99 -31.80 -23.28 45.01
CA LEU P 99 -33.11 -23.33 45.66
C LEU P 99 -33.21 -22.29 46.75
N GLY P 100 -32.10 -21.93 47.40
CA GLY P 100 -32.14 -20.81 48.30
C GLY P 100 -32.53 -19.51 47.60
N THR P 101 -31.86 -19.21 46.49
CA THR P 101 -32.18 -17.99 45.76
C THR P 101 -33.63 -17.99 45.27
N ILE P 102 -34.05 -19.09 44.65
CA ILE P 102 -35.43 -19.21 44.19
C ILE P 102 -36.38 -19.00 45.36
N PHE P 103 -36.10 -19.67 46.48
CA PHE P 103 -37.02 -19.64 47.60
C PHE P 103 -37.20 -18.25 48.16
N THR P 104 -36.15 -17.44 48.17
CA THR P 104 -36.33 -16.11 48.73
C THR P 104 -36.71 -15.05 47.71
N GLU P 105 -36.45 -15.27 46.42
CA GLU P 105 -36.50 -14.20 45.44
C GLU P 105 -37.50 -14.38 44.31
N GLN P 106 -37.95 -15.58 44.03
CA GLN P 106 -38.85 -15.71 42.89
C GLN P 106 -40.28 -15.39 43.28
N ALA P 107 -41.12 -15.19 42.27
CA ALA P 107 -42.52 -14.86 42.52
C ALA P 107 -43.19 -15.92 43.39
N LYS P 108 -42.93 -17.20 43.10
CA LYS P 108 -43.44 -18.30 43.88
C LYS P 108 -42.29 -19.28 44.12
N PRO P 109 -42.10 -19.76 45.36
CA PRO P 109 -41.05 -20.74 45.61
C PRO P 109 -41.33 -22.03 44.86
N TYR P 110 -40.27 -22.79 44.62
CA TYR P 110 -40.41 -24.06 43.95
C TYR P 110 -40.92 -25.10 44.93
N GLU P 111 -41.98 -25.80 44.55
CA GLU P 111 -42.56 -26.87 45.37
C GLU P 111 -41.87 -28.18 45.00
N VAL P 112 -40.60 -28.28 45.38
CA VAL P 112 -39.78 -29.41 44.98
C VAL P 112 -38.92 -29.89 46.12
N GLU P 113 -38.46 -31.13 46.00
CA GLU P 113 -37.46 -31.74 46.85
C GLU P 113 -36.55 -32.54 45.94
N LEU P 114 -35.23 -32.43 46.14
CA LEU P 114 -34.24 -33.00 45.23
C LEU P 114 -33.33 -33.99 45.94
N CYS P 115 -32.85 -34.96 45.17
CA CYS P 115 -31.85 -35.93 45.58
C CYS P 115 -30.78 -36.02 44.50
N VAL P 116 -29.52 -35.88 44.91
CA VAL P 116 -28.37 -36.04 44.02
C VAL P 116 -27.54 -37.20 44.53
N ALA P 117 -27.24 -38.15 43.65
CA ALA P 117 -26.54 -39.36 44.05
C ALA P 117 -25.30 -39.55 43.19
N GLU P 118 -24.23 -40.05 43.80
CA GLU P 118 -23.00 -40.31 43.08
C GLU P 118 -22.46 -41.68 43.45
N VAL P 119 -22.03 -42.41 42.43
CA VAL P 119 -21.37 -43.70 42.62
C VAL P 119 -19.92 -43.57 42.23
N ALA P 120 -19.15 -44.62 42.49
CA ALA P 120 -17.74 -44.60 42.17
C ALA P 120 -17.52 -44.68 40.66
N HIS P 121 -16.35 -44.23 40.22
CA HIS P 121 -15.94 -44.42 38.85
C HIS P 121 -15.50 -45.87 38.64
N TYR P 122 -15.52 -46.30 37.37
CA TYR P 122 -15.28 -47.70 37.06
C TYR P 122 -13.97 -48.19 37.65
N GLY P 123 -14.02 -49.31 38.34
CA GLY P 123 -12.83 -49.91 38.89
C GLY P 123 -12.33 -49.28 40.17
N GLU P 124 -13.01 -48.27 40.67
CA GLU P 124 -12.61 -47.62 41.90
C GLU P 124 -13.50 -48.08 43.05
N THR P 125 -12.96 -48.01 44.26
CA THR P 125 -13.70 -48.39 45.45
C THR P 125 -14.00 -47.13 46.23
N LYS P 126 -15.29 -46.81 46.34
CA LYS P 126 -15.77 -45.60 46.98
C LYS P 126 -17.26 -45.77 47.23
N ARG P 127 -17.67 -45.72 48.50
CA ARG P 127 -19.08 -45.92 48.81
C ARG P 127 -19.91 -44.82 48.18
N PRO P 128 -21.12 -45.14 47.74
CA PRO P 128 -22.01 -44.13 47.16
C PRO P 128 -22.24 -42.96 48.09
N GLU P 129 -22.61 -41.83 47.50
CA GLU P 129 -22.99 -40.63 48.25
C GLU P 129 -24.40 -40.21 47.86
N LEU P 130 -25.20 -39.86 48.86
CA LEU P 130 -26.54 -39.34 48.65
C LEU P 130 -26.69 -37.99 49.32
N TYR P 131 -27.27 -37.03 48.61
CA TYR P 131 -27.52 -35.70 49.12
C TYR P 131 -28.98 -35.35 48.90
N ARG P 132 -29.59 -34.72 49.91
CA ARG P 132 -30.98 -34.29 49.81
C ARG P 132 -31.07 -32.78 49.99
N ILE P 133 -31.73 -32.11 49.05
CA ILE P 133 -31.90 -30.66 49.08
C ILE P 133 -33.38 -30.34 49.08
N THR P 134 -33.83 -29.56 50.06
CA THR P 134 -35.24 -29.23 50.18
C THR P 134 -35.52 -27.84 49.62
N TYR P 135 -36.81 -27.50 49.57
CA TYR P 135 -37.27 -26.33 48.82
C TYR P 135 -36.61 -25.03 49.25
N ASP P 136 -36.00 -24.97 50.43
CA ASP P 136 -35.43 -23.73 50.93
C ASP P 136 -33.91 -23.71 50.83
N GLY P 137 -33.32 -24.71 50.18
CA GLY P 137 -31.88 -24.77 50.05
C GLY P 137 -31.19 -25.52 51.16
N SER P 138 -31.92 -26.09 52.11
CA SER P 138 -31.31 -26.91 53.12
C SER P 138 -30.77 -28.17 52.47
N ILE P 139 -29.58 -28.57 52.85
CA ILE P 139 -28.89 -29.69 52.23
C ILE P 139 -28.46 -30.64 53.32
N ALA P 140 -28.54 -31.94 53.04
CA ALA P 140 -28.22 -32.93 54.05
C ALA P 140 -27.47 -34.08 53.39
N ASP P 141 -26.46 -34.55 54.12
CA ASP P 141 -25.61 -35.65 53.69
C ASP P 141 -26.20 -36.93 54.26
N GLU P 142 -26.59 -37.85 53.38
CA GLU P 142 -27.26 -39.03 53.90
C GLU P 142 -26.49 -40.27 53.51
N PRO P 143 -26.38 -41.25 54.40
CA PRO P 143 -25.47 -42.38 54.16
C PRO P 143 -26.11 -43.59 53.50
N HIS P 144 -27.41 -43.76 53.64
CA HIS P 144 -28.07 -44.98 53.19
C HIS P 144 -29.20 -44.75 52.22
N PHE P 145 -30.13 -43.84 52.52
CA PHE P 145 -31.30 -43.69 51.66
C PHE P 145 -31.89 -42.31 51.80
N VAL P 146 -32.66 -41.92 50.79
CA VAL P 146 -33.36 -40.64 50.75
C VAL P 146 -34.81 -40.90 50.37
N VAL P 147 -35.71 -40.21 51.07
CA VAL P 147 -37.14 -40.30 50.85
C VAL P 147 -37.64 -38.89 50.61
N MET P 148 -38.47 -38.71 49.58
CA MET P 148 -38.94 -37.39 49.22
C MET P 148 -40.38 -37.43 48.74
N GLY P 149 -41.15 -36.43 49.13
CA GLY P 149 -42.49 -36.26 48.58
C GLY P 149 -43.54 -37.07 49.30
N GLY P 150 -44.75 -36.50 49.39
CA GLY P 150 -45.83 -37.18 50.06
C GLY P 150 -45.62 -37.27 51.55
N THR P 151 -46.19 -38.30 52.15
CA THR P 151 -46.04 -38.58 53.58
C THR P 151 -44.78 -39.44 53.75
N THR P 152 -43.69 -38.80 54.16
CA THR P 152 -42.39 -39.47 54.14
C THR P 152 -42.20 -40.39 55.33
N GLU P 153 -42.67 -40.00 56.52
CA GLU P 153 -42.41 -40.73 57.76
C GLU P 153 -42.58 -42.24 57.63
N PRO P 154 -43.70 -42.78 57.12
CA PRO P 154 -43.84 -44.25 57.08
C PRO P 154 -42.79 -44.92 56.23
N ILE P 155 -42.48 -44.35 55.06
CA ILE P 155 -41.51 -44.95 54.15
C ILE P 155 -40.11 -44.85 54.71
N ALA P 156 -39.75 -43.69 55.26
CA ALA P 156 -38.43 -43.55 55.85
C ALA P 156 -38.24 -44.53 56.99
N ASN P 157 -39.26 -44.65 57.84
CA ASN P 157 -39.20 -45.59 58.95
C ASN P 157 -39.12 -47.02 58.43
N ALA P 158 -39.94 -47.32 57.42
CA ALA P 158 -39.94 -48.64 56.81
C ALA P 158 -38.55 -49.03 56.33
N LEU P 159 -37.85 -48.12 55.65
CA LEU P 159 -36.51 -48.43 55.19
C LEU P 159 -35.53 -48.52 56.35
N LYS P 160 -35.73 -47.73 57.40
CA LYS P 160 -34.82 -47.78 58.55
C LYS P 160 -34.69 -49.20 59.08
N GLU P 161 -35.80 -49.92 59.18
CA GLU P 161 -35.77 -51.34 59.50
C GLU P 161 -35.72 -52.13 58.20
N SER P 162 -34.93 -53.22 58.21
CA SER P 162 -34.82 -54.14 57.07
C SER P 162 -34.03 -53.55 55.90
N TYR P 163 -33.16 -52.59 56.16
CA TYR P 163 -32.25 -52.08 55.14
C TYR P 163 -30.96 -52.90 55.19
N ALA P 164 -30.46 -53.32 54.03
CA ALA P 164 -29.18 -53.99 53.96
C ALA P 164 -28.21 -53.15 53.14
N GLU P 165 -26.98 -53.03 53.65
CA GLU P 165 -26.00 -52.14 53.07
C GLU P 165 -25.59 -52.57 51.67
N ASN P 166 -25.34 -53.86 51.47
CA ASN P 166 -24.88 -54.40 50.19
C ASN P 166 -25.88 -55.40 49.62
N ALA P 167 -27.17 -55.05 49.66
CA ALA P 167 -28.18 -55.92 49.09
C ALA P 167 -28.00 -56.05 47.58
N SER P 168 -28.66 -57.05 47.00
CA SER P 168 -28.65 -57.22 45.56
C SER P 168 -29.67 -56.28 44.93
N LEU P 169 -29.57 -56.14 43.60
CA LEU P 169 -30.48 -55.26 42.89
C LEU P 169 -31.94 -55.65 43.11
N THR P 170 -32.24 -56.93 42.97
CA THR P 170 -33.61 -57.39 43.16
C THR P 170 -34.07 -57.15 44.59
N ASP P 171 -33.21 -57.44 45.56
CA ASP P 171 -33.56 -57.21 46.96
C ASP P 171 -33.86 -55.74 47.22
N ALA P 172 -32.95 -54.86 46.78
CA ALA P 172 -33.12 -53.44 47.03
C ALA P 172 -34.38 -52.92 46.36
N LEU P 173 -34.66 -53.37 45.14
CA LEU P 173 -35.88 -52.93 44.47
C LEU P 173 -37.10 -53.36 45.28
N ARG P 174 -37.11 -54.60 45.76
CA ARG P 174 -38.29 -55.07 46.48
C ARG P 174 -38.50 -54.31 47.78
N ILE P 175 -37.44 -54.17 48.60
CA ILE P 175 -37.60 -53.40 49.83
C ILE P 175 -38.04 -51.98 49.51
N ALA P 176 -37.57 -51.43 48.39
CA ALA P 176 -37.95 -50.06 48.03
C ALA P 176 -39.44 -49.96 47.73
N VAL P 177 -39.96 -50.85 46.90
CA VAL P 177 -41.39 -50.81 46.56
C VAL P 177 -42.25 -51.11 47.79
N ALA P 178 -41.80 -52.04 48.63
CA ALA P 178 -42.52 -52.32 49.87
C ALA P 178 -42.61 -51.08 50.72
N ALA P 179 -41.48 -50.40 50.92
CA ALA P 179 -41.49 -49.16 51.69
C ALA P 179 -42.40 -48.13 51.05
N LEU P 180 -42.43 -48.09 49.72
CA LEU P 180 -43.30 -47.14 49.03
C LEU P 180 -44.77 -47.39 49.33
N ARG P 181 -45.18 -48.66 49.41
CA ARG P 181 -46.57 -48.93 49.75
C ARG P 181 -46.85 -48.71 51.24
N ALA P 182 -45.84 -48.88 52.10
CA ALA P 182 -46.03 -48.74 53.53
C ALA P 182 -46.79 -47.47 53.88
N GLY P 183 -46.43 -46.36 53.24
CA GLY P 183 -47.19 -45.14 53.34
C GLY P 183 -47.75 -44.73 51.99
N SER P 184 -49.07 -44.69 51.87
CA SER P 184 -49.71 -44.32 50.62
C SER P 184 -51.18 -43.95 50.84
N THR P 194 -48.28 -55.41 43.67
CA THR P 194 -48.03 -54.22 44.46
C THR P 194 -48.39 -52.98 43.65
N LEU P 195 -47.40 -52.20 43.21
CA LEU P 195 -47.64 -51.05 42.33
C LEU P 195 -47.65 -51.49 40.88
N GLY P 196 -46.50 -51.90 40.35
CA GLY P 196 -46.40 -52.48 39.04
C GLY P 196 -45.65 -51.60 38.06
N VAL P 197 -45.39 -52.19 36.89
CA VAL P 197 -44.55 -51.54 35.88
C VAL P 197 -45.23 -50.32 35.29
N ALA P 198 -46.55 -50.33 35.15
CA ALA P 198 -47.22 -49.15 34.61
C ALA P 198 -47.50 -48.10 35.66
N SER P 199 -46.82 -48.16 36.80
CA SER P 199 -46.93 -47.13 37.82
C SER P 199 -45.59 -46.74 38.43
N LEU P 200 -44.48 -47.25 37.89
CA LEU P 200 -43.17 -46.97 38.45
C LEU P 200 -42.23 -46.40 37.40
N GLU P 201 -41.31 -45.57 37.88
CA GLU P 201 -40.13 -45.17 37.14
C GLU P 201 -38.93 -45.62 37.94
N VAL P 202 -38.06 -46.40 37.32
CA VAL P 202 -36.97 -47.07 38.02
C VAL P 202 -35.69 -46.85 37.24
N ALA P 203 -34.61 -46.55 37.96
CA ALA P 203 -33.30 -46.42 37.32
C ALA P 203 -32.21 -46.73 38.33
N VAL P 204 -30.99 -46.90 37.82
CA VAL P 204 -29.84 -47.23 38.67
C VAL P 204 -28.64 -46.39 38.23
N LEU P 205 -27.84 -45.99 39.21
CA LEU P 205 -26.47 -45.57 38.98
C LEU P 205 -25.64 -46.83 39.19
N ASP P 206 -25.26 -47.46 38.08
CA ASP P 206 -24.60 -48.77 38.09
C ASP P 206 -23.10 -48.56 38.05
N ALA P 207 -22.44 -48.75 39.20
CA ALA P 207 -21.01 -48.52 39.28
C ALA P 207 -20.21 -49.44 38.38
N ASN P 208 -20.84 -50.40 37.72
CA ASN P 208 -20.13 -51.28 36.81
C ASN P 208 -20.16 -50.81 35.36
N ARG P 209 -20.96 -49.82 35.04
CA ARG P 209 -20.81 -49.40 33.66
C ARG P 209 -19.54 -48.57 33.53
N PRO P 210 -18.76 -48.78 32.47
CA PRO P 210 -17.46 -48.08 32.39
C PRO P 210 -17.57 -46.57 32.29
N ARG P 211 -18.49 -46.07 31.46
CA ARG P 211 -18.55 -44.65 31.14
C ARG P 211 -19.73 -43.99 31.82
N ARG P 212 -20.92 -44.12 31.23
CA ARG P 212 -22.12 -43.49 31.75
C ARG P 212 -22.86 -44.46 32.66
N ALA P 213 -22.95 -44.11 33.95
CA ALA P 213 -23.49 -45.02 34.95
C ALA P 213 -25.01 -45.06 34.99
N PHE P 214 -25.69 -44.02 34.50
CA PHE P 214 -27.14 -43.99 34.59
C PHE P 214 -27.74 -45.02 33.64
N ARG P 215 -28.72 -45.79 34.13
CA ARG P 215 -29.37 -46.80 33.33
C ARG P 215 -30.82 -46.95 33.78
N ARG P 216 -31.74 -46.90 32.82
CA ARG P 216 -33.16 -47.09 33.14
C ARG P 216 -33.56 -48.55 33.05
N ILE P 217 -34.55 -48.92 33.85
CA ILE P 217 -35.09 -50.27 33.91
C ILE P 217 -36.57 -50.18 33.57
N THR P 218 -36.97 -50.76 32.44
CA THR P 218 -38.32 -50.60 31.95
C THR P 218 -38.88 -51.94 31.47
N GLY P 219 -40.21 -52.01 31.46
CA GLY P 219 -40.89 -53.11 30.79
C GLY P 219 -40.53 -54.49 31.28
N SER P 220 -40.19 -55.35 30.31
CA SER P 220 -39.97 -56.76 30.59
C SER P 220 -38.93 -56.97 31.67
N ALA P 221 -37.81 -56.24 31.58
CA ALA P 221 -36.76 -56.36 32.59
C ALA P 221 -37.29 -56.00 33.97
N LEU P 222 -38.00 -54.89 34.08
CA LEU P 222 -38.47 -54.42 35.38
C LEU P 222 -39.38 -55.45 36.04
N GLN P 223 -40.36 -55.94 35.29
CA GLN P 223 -41.24 -56.97 35.83
C GLN P 223 -40.43 -58.19 36.21
N ALA P 224 -39.45 -58.56 35.37
CA ALA P 224 -38.64 -59.73 35.64
C ALA P 224 -37.94 -59.63 36.99
N LEU P 225 -37.36 -58.49 37.32
CA LEU P 225 -36.78 -58.41 38.66
C LEU P 225 -37.82 -58.14 39.74
N LEU P 226 -39.08 -57.86 39.37
CA LEU P 226 -40.12 -57.70 40.38
C LEU P 226 -40.81 -59.01 40.77
N VAL P 227 -40.78 -60.05 39.93
CA VAL P 227 -41.54 -61.27 40.17
C VAL P 227 -40.63 -62.48 40.39
N ASP P 228 -39.50 -62.57 39.70
CA ASP P 228 -38.68 -63.79 39.64
C ASP P 228 -39.50 -64.99 39.15
N MET Q 1 -40.88 1.05 58.44
CA MET Q 1 -39.43 1.04 58.54
C MET Q 1 -38.96 0.26 59.77
N GLU Q 2 -39.43 0.65 60.95
CA GLU Q 2 -39.05 -0.12 62.13
C GLU Q 2 -39.62 -1.53 62.08
N GLN Q 3 -40.81 -1.70 61.50
CA GLN Q 3 -41.38 -3.04 61.41
C GLN Q 3 -40.50 -3.94 60.57
N ALA Q 4 -40.06 -3.45 59.40
CA ALA Q 4 -39.26 -4.28 58.52
C ALA Q 4 -37.93 -4.65 59.17
N MET Q 5 -37.27 -3.67 59.81
CA MET Q 5 -36.00 -3.97 60.46
C MET Q 5 -36.17 -4.87 61.68
N ARG Q 6 -37.19 -4.62 62.49
CA ARG Q 6 -37.50 -5.55 63.58
C ARG Q 6 -37.64 -6.96 63.06
N GLU Q 7 -38.33 -7.11 61.93
CA GLU Q 7 -38.64 -8.45 61.41
C GLU Q 7 -37.44 -9.10 60.77
N ARG Q 8 -36.65 -8.35 60.00
CA ARG Q 8 -35.43 -8.90 59.43
C ARG Q 8 -34.49 -9.34 60.54
N SER Q 9 -34.22 -8.44 61.49
CA SER Q 9 -33.38 -8.78 62.63
C SER Q 9 -33.89 -10.03 63.34
N GLU Q 10 -35.18 -10.05 63.65
CA GLU Q 10 -35.74 -11.19 64.37
C GLU Q 10 -35.63 -12.48 63.57
N LEU Q 11 -35.94 -12.43 62.28
CA LEU Q 11 -35.85 -13.64 61.46
C LEU Q 11 -34.43 -14.18 61.47
N ALA Q 12 -33.44 -13.31 61.32
CA ALA Q 12 -32.05 -13.76 61.32
C ALA Q 12 -31.67 -14.34 62.69
N ARG Q 13 -31.99 -13.63 63.77
CA ARG Q 13 -31.65 -14.10 65.10
C ARG Q 13 -32.29 -15.45 65.41
N LYS Q 14 -33.57 -15.61 65.06
CA LYS Q 14 -34.24 -16.88 65.27
C LYS Q 14 -33.59 -17.98 64.44
N GLY Q 15 -33.29 -17.68 63.17
CA GLY Q 15 -32.63 -18.66 62.33
C GLY Q 15 -31.31 -19.12 62.90
N ILE Q 16 -30.50 -18.20 63.39
CA ILE Q 16 -29.19 -18.56 63.93
C ILE Q 16 -29.35 -19.35 65.22
N ALA Q 17 -30.36 -19.01 66.02
CA ALA Q 17 -30.58 -19.72 67.27
C ALA Q 17 -30.86 -21.21 67.04
N ARG Q 18 -31.47 -21.55 65.91
CA ARG Q 18 -31.79 -22.94 65.62
C ARG Q 18 -30.62 -23.71 65.01
N ALA Q 19 -29.51 -23.06 64.69
CA ALA Q 19 -28.39 -23.74 64.07
C ALA Q 19 -27.54 -24.44 65.13
N LYS Q 20 -26.59 -25.25 64.67
CA LYS Q 20 -25.64 -25.87 65.57
C LYS Q 20 -24.46 -24.93 65.81
N SER Q 21 -23.76 -25.15 66.91
CA SER Q 21 -22.82 -24.18 67.45
C SER Q 21 -21.39 -24.43 66.97
N VAL Q 22 -20.60 -23.36 67.02
CA VAL Q 22 -19.21 -23.35 66.54
C VAL Q 22 -18.38 -22.51 67.48
N VAL Q 23 -17.16 -22.94 67.76
CA VAL Q 23 -16.24 -22.19 68.61
C VAL Q 23 -14.91 -22.07 67.90
N ALA Q 24 -14.26 -20.92 68.09
CA ALA Q 24 -12.90 -20.70 67.59
C ALA Q 24 -12.11 -20.07 68.72
N LEU Q 25 -10.98 -20.66 69.07
CA LEU Q 25 -10.24 -20.15 70.22
C LEU Q 25 -8.75 -20.19 69.96
N ALA Q 26 -8.05 -19.21 70.49
CA ALA Q 26 -6.62 -19.12 70.32
C ALA Q 26 -5.92 -20.06 71.27
N TYR Q 27 -4.91 -20.76 70.77
CA TYR Q 27 -4.05 -21.59 71.60
C TYR Q 27 -2.61 -21.36 71.16
N ALA Q 28 -1.68 -22.05 71.84
CA ALA Q 28 -0.26 -21.78 71.64
C ALA Q 28 0.18 -22.04 70.20
N GLY Q 29 -0.48 -22.95 69.51
CA GLY Q 29 -0.09 -23.21 68.14
C GLY Q 29 -0.81 -22.40 67.10
N GLY Q 30 -1.74 -21.54 67.50
CA GLY Q 30 -2.48 -20.76 66.54
C GLY Q 30 -3.94 -20.60 66.90
N VAL Q 31 -4.84 -21.02 66.01
CA VAL Q 31 -6.28 -20.90 66.25
C VAL Q 31 -6.92 -22.26 66.00
N LEU Q 32 -7.90 -22.60 66.83
CA LEU Q 32 -8.59 -23.87 66.71
C LEU Q 32 -10.06 -23.61 66.40
N PHE Q 33 -10.56 -24.29 65.38
CA PHE Q 33 -11.97 -24.26 64.98
C PHE Q 33 -12.57 -25.62 65.30
N VAL Q 34 -13.63 -25.62 66.11
CA VAL Q 34 -14.39 -26.82 66.44
C VAL Q 34 -15.87 -26.54 66.20
N ALA Q 35 -16.53 -27.42 65.45
CA ALA Q 35 -17.92 -27.24 65.08
C ALA Q 35 -18.70 -28.53 65.22
N GLU Q 36 -19.93 -28.42 65.74
CA GLU Q 36 -20.86 -29.55 65.69
C GLU Q 36 -21.31 -29.74 64.25
N ASN Q 37 -21.01 -30.90 63.66
CA ASN Q 37 -21.32 -31.12 62.25
C ASN Q 37 -21.49 -32.61 61.99
N PRO Q 38 -22.72 -33.09 61.86
CA PRO Q 38 -22.93 -34.52 61.58
C PRO Q 38 -22.50 -34.93 60.18
N SER Q 39 -22.49 -33.99 59.23
CA SER Q 39 -22.26 -34.33 57.84
C SER Q 39 -20.84 -34.88 57.66
N ARG Q 40 -20.62 -35.51 56.50
CA ARG Q 40 -19.32 -36.07 56.17
C ARG Q 40 -18.66 -35.40 54.98
N SER Q 41 -19.31 -34.42 54.36
CA SER Q 41 -18.71 -33.72 53.23
C SER Q 41 -19.06 -32.24 53.17
N LEU Q 42 -19.98 -31.75 53.99
CA LEU Q 42 -20.36 -30.34 53.99
C LEU Q 42 -19.58 -29.61 55.08
N GLN Q 43 -18.97 -28.49 54.72
CA GLN Q 43 -17.99 -27.82 55.56
C GLN Q 43 -18.58 -26.56 56.16
N LYS Q 44 -18.40 -26.39 57.48
CA LYS Q 44 -18.66 -25.14 58.18
C LYS Q 44 -17.37 -24.38 58.46
N ILE Q 45 -16.22 -24.99 58.25
CA ILE Q 45 -14.92 -24.39 58.48
C ILE Q 45 -14.11 -24.50 57.20
N SER Q 46 -13.44 -23.42 56.82
CA SER Q 46 -12.75 -23.40 55.55
C SER Q 46 -11.53 -22.50 55.62
N GLU Q 47 -10.57 -22.76 54.73
CA GLU Q 47 -9.44 -21.89 54.55
C GLU Q 47 -9.86 -20.71 53.69
N LEU Q 48 -9.41 -19.51 54.06
CA LEU Q 48 -9.59 -18.33 53.21
C LEU Q 48 -8.30 -17.94 52.51
N TYR Q 49 -7.23 -17.76 53.26
CA TYR Q 49 -5.94 -17.42 52.68
C TYR Q 49 -4.86 -18.05 53.54
N ASP Q 50 -3.60 -17.82 53.14
CA ASP Q 50 -2.45 -18.48 53.73
C ASP Q 50 -2.56 -18.63 55.25
N ARG Q 51 -2.79 -17.52 55.94
CA ARG Q 51 -2.84 -17.54 57.40
C ARG Q 51 -4.22 -17.15 57.93
N VAL Q 52 -5.24 -17.18 57.08
CA VAL Q 52 -6.56 -16.67 57.46
C VAL Q 52 -7.57 -17.78 57.22
N GLY Q 53 -8.38 -18.05 58.24
CA GLY Q 53 -9.39 -19.07 58.18
C GLY Q 53 -10.77 -18.51 58.48
N PHE Q 54 -11.77 -19.32 58.16
CA PHE Q 54 -13.18 -18.93 58.13
C PHE Q 54 -13.98 -19.99 58.85
N ALA Q 55 -14.92 -19.55 59.67
CA ALA Q 55 -15.85 -20.46 60.31
C ALA Q 55 -17.21 -19.80 60.37
N ALA Q 56 -18.27 -20.59 60.20
CA ALA Q 56 -19.59 -20.00 60.11
C ALA Q 56 -20.63 -20.90 60.77
N ALA Q 57 -21.71 -20.27 61.22
CA ALA Q 57 -22.86 -20.99 61.74
C ALA Q 57 -24.12 -20.41 61.13
N GLY Q 58 -25.10 -21.27 60.87
CA GLY Q 58 -26.36 -20.82 60.32
C GLY Q 58 -26.82 -21.61 59.11
N LYS Q 59 -27.48 -20.95 58.17
CA LYS Q 59 -28.00 -21.63 56.98
C LYS Q 59 -26.85 -21.91 56.01
N PHE Q 60 -26.74 -23.17 55.56
CA PHE Q 60 -25.54 -23.60 54.84
C PHE Q 60 -25.33 -22.80 53.55
N ASN Q 61 -26.33 -22.78 52.67
CA ASN Q 61 -26.13 -22.14 51.38
C ASN Q 61 -25.71 -20.68 51.53
N GLU Q 62 -26.17 -20.01 52.58
CA GLU Q 62 -25.88 -18.60 52.76
C GLU Q 62 -24.44 -18.37 53.23
N PHE Q 63 -24.01 -19.06 54.29
CA PHE Q 63 -22.64 -18.84 54.71
C PHE Q 63 -21.65 -19.50 53.75
N ASP Q 64 -22.11 -20.42 52.91
CA ASP Q 64 -21.26 -20.93 51.84
C ASP Q 64 -21.07 -19.89 50.75
N ASN Q 65 -22.15 -19.18 50.39
CA ASN Q 65 -21.99 -18.02 49.50
C ASN Q 65 -20.98 -17.03 50.08
N LEU Q 66 -21.13 -16.67 51.35
CA LEU Q 66 -20.17 -15.73 51.92
C LEU Q 66 -18.78 -16.32 51.94
N ARG Q 67 -18.65 -17.62 52.15
CA ARG Q 67 -17.34 -18.24 52.16
C ARG Q 67 -16.68 -18.11 50.80
N ARG Q 68 -17.40 -18.45 49.73
CA ARG Q 68 -16.85 -18.34 48.38
C ARG Q 68 -16.53 -16.88 48.05
N GLY Q 69 -17.42 -15.96 48.39
CA GLY Q 69 -17.14 -14.56 48.14
C GLY Q 69 -15.90 -14.11 48.86
N GLY Q 70 -15.67 -14.63 50.06
CA GLY Q 70 -14.46 -14.31 50.79
C GLY Q 70 -13.21 -14.88 50.12
N ILE Q 71 -13.29 -16.11 49.62
CA ILE Q 71 -12.15 -16.66 48.91
C ILE Q 71 -11.86 -15.84 47.66
N GLN Q 72 -12.90 -15.49 46.90
CA GLN Q 72 -12.73 -14.60 45.76
C GLN Q 72 -12.03 -13.32 46.17
N PHE Q 73 -12.53 -12.69 47.23
CA PHE Q 73 -11.95 -11.41 47.66
C PHE Q 73 -10.47 -11.58 47.98
N ALA Q 74 -10.13 -12.60 48.76
CA ALA Q 74 -8.75 -12.78 49.18
C ALA Q 74 -7.85 -13.05 47.98
N ASP Q 75 -8.23 -14.02 47.14
CA ASP Q 75 -7.40 -14.35 45.99
C ASP Q 75 -7.24 -13.16 45.04
N THR Q 76 -8.32 -12.43 44.80
CA THR Q 76 -8.25 -11.30 43.89
C THR Q 76 -7.37 -10.20 44.45
N ARG Q 77 -7.55 -9.84 45.72
CA ARG Q 77 -6.74 -8.79 46.33
C ARG Q 77 -5.27 -9.20 46.38
N GLY Q 78 -5.00 -10.45 46.75
CA GLY Q 78 -3.63 -10.92 46.76
C GLY Q 78 -2.99 -10.90 45.38
N TYR Q 79 -3.78 -11.19 44.34
CA TYR Q 79 -3.26 -11.13 42.98
C TYR Q 79 -3.02 -9.69 42.55
N ALA Q 80 -3.97 -8.80 42.85
CA ALA Q 80 -3.84 -7.42 42.42
C ALA Q 80 -2.67 -6.73 43.11
N TYR Q 81 -2.41 -7.08 44.37
CA TYR Q 81 -1.30 -6.48 45.12
C TYR Q 81 -0.26 -7.54 45.43
N ASP Q 82 -0.38 -8.25 46.55
CA ASP Q 82 0.56 -9.29 46.93
C ASP Q 82 -0.03 -10.07 48.08
N ARG Q 83 0.45 -11.30 48.23
CA ARG Q 83 -0.14 -12.20 49.21
C ARG Q 83 0.01 -11.65 50.63
N ARG Q 84 1.07 -10.91 50.89
CA ARG Q 84 1.30 -10.40 52.23
C ARG Q 84 0.41 -9.21 52.57
N ASP Q 85 -0.33 -8.70 51.59
CA ASP Q 85 -1.23 -7.57 51.79
C ASP Q 85 -2.62 -7.98 52.24
N VAL Q 86 -2.97 -9.25 52.07
CA VAL Q 86 -4.24 -9.80 52.52
C VAL Q 86 -4.15 -10.05 54.02
N THR Q 87 -5.10 -9.50 54.77
CA THR Q 87 -5.10 -9.59 56.22
C THR Q 87 -6.44 -10.12 56.70
N GLY Q 88 -6.44 -10.67 57.91
CA GLY Q 88 -7.70 -11.05 58.51
C GLY Q 88 -8.59 -9.85 58.77
N ARG Q 89 -8.00 -8.75 59.21
CA ARG Q 89 -8.76 -7.51 59.42
C ARG Q 89 -9.46 -7.08 58.15
N GLN Q 90 -8.81 -7.25 56.99
CA GLN Q 90 -9.44 -6.89 55.73
C GLN Q 90 -10.66 -7.75 55.44
N LEU Q 91 -10.50 -9.08 55.51
CA LEU Q 91 -11.61 -9.96 55.20
C LEU Q 91 -12.76 -9.74 56.16
N ALA Q 92 -12.46 -9.55 57.45
CA ALA Q 92 -13.51 -9.25 58.40
C ALA Q 92 -14.23 -7.96 58.02
N ASN Q 93 -13.47 -6.94 57.62
CA ASN Q 93 -14.08 -5.66 57.29
C ASN Q 93 -15.03 -5.81 56.10
N VAL Q 94 -14.58 -6.51 55.05
CA VAL Q 94 -15.44 -6.68 53.88
C VAL Q 94 -16.64 -7.56 54.20
N TYR Q 95 -16.49 -8.53 55.09
CA TYR Q 95 -17.64 -9.34 55.48
C TYR Q 95 -18.67 -8.46 56.19
N ALA Q 96 -18.20 -7.54 57.03
CA ALA Q 96 -19.12 -6.60 57.66
C ALA Q 96 -19.87 -5.78 56.62
N GLN Q 97 -19.14 -5.22 55.65
CA GLN Q 97 -19.80 -4.43 54.61
C GLN Q 97 -20.85 -5.26 53.89
N THR Q 98 -20.48 -6.47 53.49
CA THR Q 98 -21.35 -7.31 52.69
C THR Q 98 -22.60 -7.67 53.46
N LEU Q 99 -22.44 -8.16 54.69
CA LEU Q 99 -23.59 -8.56 55.49
C LEU Q 99 -24.47 -7.36 55.82
N GLY Q 100 -23.89 -6.17 55.95
CA GLY Q 100 -24.73 -5.00 56.08
C GLY Q 100 -25.62 -4.82 54.86
N THR Q 101 -25.03 -4.89 53.67
CA THR Q 101 -25.81 -4.74 52.44
C THR Q 101 -26.87 -5.83 52.31
N ILE Q 102 -26.51 -7.10 52.56
CA ILE Q 102 -27.49 -8.18 52.51
C ILE Q 102 -28.62 -7.90 53.48
N PHE Q 103 -28.26 -7.58 54.73
CA PHE Q 103 -29.27 -7.42 55.77
C PHE Q 103 -30.24 -6.31 55.42
N THR Q 104 -29.75 -5.27 54.78
CA THR Q 104 -30.58 -4.12 54.48
C THR Q 104 -31.30 -4.21 53.15
N GLU Q 105 -30.78 -4.98 52.19
CA GLU Q 105 -31.20 -4.86 50.81
C GLU Q 105 -31.70 -6.14 50.16
N GLN Q 106 -31.34 -7.32 50.66
CA GLN Q 106 -31.76 -8.52 49.95
C GLN Q 106 -33.18 -8.91 50.34
N ALA Q 107 -33.74 -9.84 49.55
CA ALA Q 107 -35.11 -10.28 49.80
C ALA Q 107 -35.30 -10.79 51.21
N LYS Q 108 -34.34 -11.59 51.69
CA LYS Q 108 -34.31 -12.12 53.05
C LYS Q 108 -32.91 -11.95 53.62
N PRO Q 109 -32.79 -11.50 54.87
CA PRO Q 109 -31.46 -11.40 55.47
C PRO Q 109 -30.84 -12.77 55.61
N TYR Q 110 -29.50 -12.80 55.64
CA TYR Q 110 -28.78 -14.05 55.80
C TYR Q 110 -28.80 -14.46 57.26
N GLU Q 111 -29.17 -15.72 57.50
CA GLU Q 111 -29.22 -16.28 58.84
C GLU Q 111 -27.87 -16.93 59.16
N VAL Q 112 -26.85 -16.09 59.34
CA VAL Q 112 -25.49 -16.56 59.53
C VAL Q 112 -24.76 -15.75 60.59
N GLU Q 113 -23.68 -16.35 61.10
CA GLU Q 113 -22.70 -15.69 61.95
C GLU Q 113 -21.32 -16.18 61.53
N LEU Q 114 -20.39 -15.24 61.41
CA LEU Q 114 -19.07 -15.52 60.84
C LEU Q 114 -17.97 -15.24 61.85
N CYS Q 115 -16.90 -16.00 61.71
CA CYS Q 115 -15.65 -15.80 62.42
C CYS Q 115 -14.51 -15.87 61.42
N VAL Q 116 -13.65 -14.87 61.45
CA VAL Q 116 -12.45 -14.82 60.63
C VAL Q 116 -11.25 -14.77 61.56
N ALA Q 117 -10.30 -15.67 61.37
CA ALA Q 117 -9.16 -15.76 62.26
C ALA Q 117 -7.86 -15.66 61.48
N GLU Q 118 -6.87 -15.01 62.08
CA GLU Q 118 -5.57 -14.87 61.44
C GLU Q 118 -4.47 -15.21 62.43
N VAL Q 119 -3.49 -15.98 61.98
CA VAL Q 119 -2.31 -16.28 62.76
C VAL Q 119 -1.11 -15.61 62.11
N ALA Q 120 0.01 -15.62 62.84
CA ALA Q 120 1.21 -14.97 62.35
C ALA Q 120 1.77 -15.74 61.16
N HIS Q 121 2.59 -15.04 60.36
CA HIS Q 121 3.32 -15.72 59.31
C HIS Q 121 4.48 -16.48 59.91
N TYR Q 122 4.96 -17.48 59.16
CA TYR Q 122 5.99 -18.37 59.67
C TYR Q 122 7.19 -17.56 60.16
N GLY Q 123 7.63 -17.85 61.38
CA GLY Q 123 8.75 -17.15 61.96
C GLY Q 123 8.42 -15.81 62.57
N GLU Q 124 7.16 -15.39 62.56
CA GLU Q 124 6.76 -14.14 63.16
C GLU Q 124 6.11 -14.39 64.52
N THR Q 125 6.22 -13.40 65.39
CA THR Q 125 5.64 -13.45 66.73
C THR Q 125 4.49 -12.46 66.75
N LYS Q 126 3.28 -12.93 66.43
CA LYS Q 126 2.12 -12.07 66.37
C LYS Q 126 0.94 -12.79 67.01
N ARG Q 127 0.26 -12.11 67.92
CA ARG Q 127 -0.89 -12.69 68.59
C ARG Q 127 -1.99 -12.99 67.57
N PRO Q 128 -2.64 -14.15 67.67
CA PRO Q 128 -3.78 -14.43 66.80
C PRO Q 128 -4.85 -13.36 66.86
N GLU Q 129 -5.65 -13.25 65.81
CA GLU Q 129 -6.76 -12.31 65.77
C GLU Q 129 -8.04 -13.07 65.49
N LEU Q 130 -9.09 -12.76 66.24
CA LEU Q 130 -10.40 -13.35 66.00
C LEU Q 130 -11.39 -12.24 65.72
N TYR Q 131 -12.21 -12.42 64.69
CA TYR Q 131 -13.21 -11.44 64.32
C TYR Q 131 -14.55 -12.13 64.23
N ARG Q 132 -15.58 -11.47 64.75
CA ARG Q 132 -16.94 -11.99 64.76
C ARG Q 132 -17.84 -11.00 64.02
N ILE Q 133 -18.54 -11.49 63.00
CA ILE Q 133 -19.45 -10.66 62.22
C ILE Q 133 -20.84 -11.28 62.27
N THR Q 134 -21.83 -10.49 62.67
CA THR Q 134 -23.18 -10.98 62.85
C THR Q 134 -24.06 -10.63 61.67
N TYR Q 135 -25.28 -11.17 61.68
CA TYR Q 135 -26.16 -11.17 60.52
C TYR Q 135 -26.42 -9.78 59.98
N ASP Q 136 -26.21 -8.74 60.77
CA ASP Q 136 -26.52 -7.38 60.37
C ASP Q 136 -25.29 -6.58 60.00
N GLY Q 137 -24.13 -7.21 59.98
CA GLY Q 137 -22.90 -6.52 59.68
C GLY Q 137 -22.19 -5.92 60.87
N SER Q 138 -22.70 -6.11 62.08
CA SER Q 138 -21.95 -5.67 63.26
C SER Q 138 -20.71 -6.54 63.41
N ILE Q 139 -19.60 -5.90 63.76
CA ILE Q 139 -18.30 -6.58 63.80
C ILE Q 139 -17.66 -6.34 65.16
N ALA Q 140 -16.98 -7.36 65.66
CA ALA Q 140 -16.38 -7.34 66.98
C ALA Q 140 -15.02 -8.02 66.93
N ASP Q 141 -14.05 -7.42 67.62
CA ASP Q 141 -12.68 -7.90 67.70
C ASP Q 141 -12.50 -8.70 68.99
N GLU Q 142 -12.12 -9.98 68.86
CA GLU Q 142 -11.95 -10.86 70.00
C GLU Q 142 -10.55 -11.45 70.09
N PRO Q 143 -10.02 -11.55 71.33
CA PRO Q 143 -8.63 -11.97 71.56
C PRO Q 143 -8.49 -13.44 71.94
N HIS Q 144 -9.58 -14.03 72.43
CA HIS Q 144 -9.51 -15.35 73.06
C HIS Q 144 -10.39 -16.39 72.40
N PHE Q 145 -11.67 -16.13 72.22
CA PHE Q 145 -12.55 -17.14 71.66
C PHE Q 145 -13.80 -16.48 71.07
N VAL Q 146 -14.44 -17.20 70.17
CA VAL Q 146 -15.67 -16.81 69.51
C VAL Q 146 -16.63 -17.98 69.57
N VAL Q 147 -17.90 -17.68 69.86
CA VAL Q 147 -18.95 -18.68 69.91
C VAL Q 147 -20.07 -18.20 69.01
N MET Q 148 -20.59 -19.10 68.16
CA MET Q 148 -21.60 -18.70 67.20
C MET Q 148 -22.61 -19.81 67.01
N GLY Q 149 -23.89 -19.42 66.88
CA GLY Q 149 -24.92 -20.35 66.49
C GLY Q 149 -25.50 -21.12 67.66
N GLY Q 150 -26.80 -21.40 67.61
CA GLY Q 150 -27.42 -22.13 68.69
C GLY Q 150 -27.47 -21.30 69.96
N THR Q 151 -27.47 -21.99 71.09
CA THR Q 151 -27.49 -21.34 72.40
C THR Q 151 -26.05 -21.02 72.79
N THR Q 152 -25.64 -19.76 72.61
CA THR Q 152 -24.25 -19.40 72.78
C THR Q 152 -23.87 -19.15 74.24
N GLU Q 153 -24.83 -18.86 75.11
CA GLU Q 153 -24.48 -18.46 76.48
C GLU Q 153 -23.85 -19.60 77.29
N PRO Q 154 -24.41 -20.81 77.32
CA PRO Q 154 -23.74 -21.88 78.09
C PRO Q 154 -22.31 -22.13 77.63
N ILE Q 155 -22.09 -22.14 76.31
CA ILE Q 155 -20.78 -22.41 75.76
C ILE Q 155 -19.83 -21.26 76.08
N ALA Q 156 -20.29 -20.03 75.92
CA ALA Q 156 -19.46 -18.89 76.24
C ALA Q 156 -19.03 -18.92 77.70
N ASN Q 157 -19.96 -19.22 78.61
CA ASN Q 157 -19.58 -19.29 80.02
C ASN Q 157 -18.62 -20.43 80.28
N ALA Q 158 -18.85 -21.61 79.68
CA ALA Q 158 -17.93 -22.71 79.88
C ALA Q 158 -16.50 -22.32 79.49
N LEU Q 159 -16.35 -21.64 78.35
CA LEU Q 159 -15.01 -21.23 77.92
C LEU Q 159 -14.44 -20.17 78.85
N LYS Q 160 -15.24 -19.15 79.18
CA LYS Q 160 -14.79 -18.12 80.10
C LYS Q 160 -14.31 -18.71 81.41
N GLU Q 161 -14.97 -19.78 81.86
CA GLU Q 161 -14.59 -20.47 83.10
C GLU Q 161 -13.33 -21.29 82.93
N SER Q 162 -13.06 -21.80 81.72
CA SER Q 162 -11.97 -22.76 81.58
C SER Q 162 -10.93 -22.43 80.52
N TYR Q 163 -10.99 -21.26 79.88
CA TYR Q 163 -10.02 -20.94 78.85
C TYR Q 163 -8.78 -20.32 79.48
N ALA Q 164 -7.62 -20.87 79.15
CA ALA Q 164 -6.34 -20.30 79.52
C ALA Q 164 -5.53 -20.05 78.25
N GLU Q 165 -4.85 -18.91 78.21
CA GLU Q 165 -4.10 -18.57 77.02
C GLU Q 165 -2.97 -19.57 76.80
N ASN Q 166 -2.57 -19.71 75.54
CA ASN Q 166 -1.47 -20.59 75.15
C ASN Q 166 -1.69 -22.02 75.63
N ALA Q 167 -2.93 -22.49 75.55
CA ALA Q 167 -3.21 -23.86 75.90
C ALA Q 167 -2.56 -24.80 74.88
N SER Q 168 -2.49 -26.08 75.24
CA SER Q 168 -1.99 -27.04 74.28
C SER Q 168 -3.08 -27.38 73.27
N LEU Q 169 -2.68 -28.00 72.16
CA LEU Q 169 -3.67 -28.36 71.14
C LEU Q 169 -4.71 -29.30 71.73
N THR Q 170 -4.25 -30.36 72.40
CA THR Q 170 -5.18 -31.30 73.00
C THR Q 170 -6.02 -30.64 74.08
N ASP Q 171 -5.39 -29.79 74.90
CA ASP Q 171 -6.13 -29.10 75.96
C ASP Q 171 -7.23 -28.22 75.36
N ALA Q 172 -6.86 -27.40 74.37
CA ALA Q 172 -7.83 -26.52 73.76
C ALA Q 172 -8.97 -27.30 73.13
N LEU Q 173 -8.65 -28.44 72.50
CA LEU Q 173 -9.70 -29.26 71.93
C LEU Q 173 -10.63 -29.77 73.03
N ARG Q 174 -10.07 -30.21 74.16
CA ARG Q 174 -10.91 -30.73 75.24
C ARG Q 174 -11.84 -29.65 75.78
N ILE Q 175 -11.30 -28.48 76.12
CA ILE Q 175 -12.16 -27.41 76.62
C ILE Q 175 -13.18 -27.00 75.56
N ALA Q 176 -12.80 -27.04 74.28
CA ALA Q 176 -13.75 -26.65 73.25
C ALA Q 176 -14.95 -27.60 73.21
N VAL Q 177 -14.67 -28.92 73.15
CA VAL Q 177 -15.76 -29.89 73.09
C VAL Q 177 -16.58 -29.85 74.36
N ALA Q 178 -15.92 -29.65 75.51
CA ALA Q 178 -16.65 -29.52 76.76
C ALA Q 178 -17.64 -28.36 76.69
N ALA Q 179 -17.16 -27.19 76.26
CA ALA Q 179 -18.03 -26.04 76.15
C ALA Q 179 -19.19 -26.30 75.20
N LEU Q 180 -18.93 -27.03 74.12
CA LEU Q 180 -20.00 -27.31 73.18
C LEU Q 180 -21.07 -28.20 73.82
N ARG Q 181 -20.67 -29.23 74.57
CA ARG Q 181 -21.65 -30.12 75.17
C ARG Q 181 -22.63 -29.39 76.09
N ALA Q 182 -22.27 -28.23 76.61
CA ALA Q 182 -23.14 -27.46 77.48
C ALA Q 182 -24.48 -27.15 76.82
N LEU Q 195 -20.66 -36.92 71.54
CA LEU Q 195 -20.03 -35.84 70.76
C LEU Q 195 -18.62 -36.24 70.34
N GLY Q 196 -18.52 -37.33 69.59
CA GLY Q 196 -17.24 -37.90 69.19
C GLY Q 196 -16.72 -37.38 67.87
N VAL Q 197 -15.98 -38.25 67.17
CA VAL Q 197 -15.36 -37.84 65.91
C VAL Q 197 -16.41 -37.69 64.81
N ALA Q 198 -17.26 -38.70 64.63
CA ALA Q 198 -18.16 -38.71 63.51
C ALA Q 198 -19.34 -37.75 63.70
N SER Q 199 -19.18 -36.80 64.62
CA SER Q 199 -20.16 -35.75 64.81
C SER Q 199 -19.52 -34.37 64.94
N LEU Q 200 -18.22 -34.26 64.71
CA LEU Q 200 -17.49 -32.99 64.80
C LEU Q 200 -16.77 -32.70 63.50
N GLU Q 201 -16.59 -31.41 63.23
CA GLU Q 201 -15.67 -30.93 62.22
C GLU Q 201 -14.65 -30.05 62.93
N VAL Q 202 -13.37 -30.38 62.77
CA VAL Q 202 -12.30 -29.71 63.51
C VAL Q 202 -11.19 -29.36 62.52
N ALA Q 203 -10.67 -28.14 62.63
CA ALA Q 203 -9.56 -27.72 61.81
C ALA Q 203 -8.80 -26.67 62.58
N VAL Q 204 -7.58 -26.38 62.13
CA VAL Q 204 -6.67 -25.52 62.86
C VAL Q 204 -5.97 -24.57 61.91
N LEU Q 205 -5.73 -23.35 62.39
CA LEU Q 205 -4.71 -22.46 61.82
C LEU Q 205 -3.42 -22.70 62.59
N ASP Q 206 -2.52 -23.45 61.96
CA ASP Q 206 -1.27 -23.90 62.57
C ASP Q 206 -0.18 -22.89 62.22
N ALA Q 207 0.17 -22.03 63.18
CA ALA Q 207 1.13 -20.96 62.96
C ALA Q 207 2.53 -21.50 62.65
N ASN Q 208 2.70 -22.81 62.70
CA ASN Q 208 3.99 -23.41 62.40
C ASN Q 208 4.12 -23.86 60.96
N ARG Q 209 3.04 -23.87 60.18
CA ARG Q 209 3.20 -24.27 58.79
C ARG Q 209 3.84 -23.13 58.01
N PRO Q 210 4.76 -23.43 57.07
CA PRO Q 210 5.51 -22.35 56.40
C PRO Q 210 4.65 -21.42 55.57
N ARG Q 211 3.59 -21.92 54.95
CA ARG Q 211 2.81 -21.07 54.05
C ARG Q 211 1.32 -21.12 54.39
N ARG Q 212 0.65 -22.20 54.03
CA ARG Q 212 -0.78 -22.34 54.24
C ARG Q 212 -0.99 -22.92 55.63
N ALA Q 213 -1.56 -22.12 56.53
CA ALA Q 213 -1.67 -22.51 57.93
C ALA Q 213 -2.83 -23.45 58.19
N PHE Q 214 -3.84 -23.48 57.33
CA PHE Q 214 -5.02 -24.28 57.55
C PHE Q 214 -4.70 -25.76 57.48
N ARG Q 215 -5.28 -26.54 58.39
CA ARG Q 215 -5.00 -27.97 58.48
C ARG Q 215 -6.17 -28.65 59.20
N ARG Q 216 -6.84 -29.57 58.54
CA ARG Q 216 -7.93 -30.30 59.19
C ARG Q 216 -7.38 -31.43 60.03
N ILE Q 217 -8.12 -31.77 61.09
CA ILE Q 217 -7.79 -32.86 61.99
C ILE Q 217 -9.00 -33.79 61.95
N THR Q 218 -8.82 -34.99 61.37
CA THR Q 218 -9.95 -35.86 61.09
C THR Q 218 -9.67 -37.30 61.49
N GLY Q 219 -10.77 -38.03 61.70
CA GLY Q 219 -10.73 -39.49 61.83
C GLY Q 219 -9.84 -39.99 62.94
N SER Q 220 -9.01 -40.99 62.61
CA SER Q 220 -8.16 -41.63 63.61
C SER Q 220 -7.28 -40.61 64.31
N ALA Q 221 -6.69 -39.69 63.54
CA ALA Q 221 -5.88 -38.63 64.11
C ALA Q 221 -6.68 -37.85 65.15
N LEU Q 222 -7.92 -37.49 64.80
CA LEU Q 222 -8.76 -36.75 65.73
C LEU Q 222 -9.06 -37.54 66.99
N GLN Q 223 -9.40 -38.83 66.83
CA GLN Q 223 -9.70 -39.67 67.99
C GLN Q 223 -8.51 -39.70 68.95
N ALA Q 224 -7.29 -39.78 68.42
CA ALA Q 224 -6.13 -39.78 69.29
C ALA Q 224 -6.10 -38.53 70.16
N LEU Q 225 -6.48 -37.37 69.59
CA LEU Q 225 -6.50 -36.15 70.37
C LEU Q 225 -7.66 -36.09 71.37
N LEU Q 226 -8.79 -36.72 71.04
CA LEU Q 226 -9.91 -36.66 71.97
C LEU Q 226 -9.65 -37.47 73.24
N VAL Q 227 -8.83 -38.52 73.16
CA VAL Q 227 -8.47 -39.30 74.35
C VAL Q 227 -7.24 -38.68 75.02
N MET R 1 -45.83 9.47 54.11
CA MET R 1 -44.66 10.31 53.84
C MET R 1 -44.04 10.84 55.11
N GLU R 2 -44.76 11.70 55.84
CA GLU R 2 -44.29 12.10 57.15
C GLU R 2 -44.11 10.89 58.05
N GLN R 3 -44.94 9.87 57.84
CA GLN R 3 -44.73 8.59 58.49
C GLN R 3 -43.33 8.05 58.22
N ALA R 4 -42.99 7.88 56.94
CA ALA R 4 -41.73 7.23 56.60
C ALA R 4 -40.54 8.01 57.11
N MET R 5 -40.53 9.33 56.94
CA MET R 5 -39.40 10.12 57.40
C MET R 5 -39.32 10.15 58.92
N ARG R 6 -40.47 10.15 59.60
CA ARG R 6 -40.46 10.04 61.05
C ARG R 6 -39.82 8.72 61.49
N GLU R 7 -40.23 7.62 60.85
CA GLU R 7 -39.71 6.31 61.23
C GLU R 7 -38.22 6.21 60.95
N ARG R 8 -37.79 6.69 59.79
CA ARG R 8 -36.36 6.69 59.46
C ARG R 8 -35.56 7.51 60.45
N SER R 9 -35.95 8.76 60.66
CA SER R 9 -35.28 9.62 61.61
C SER R 9 -35.14 8.94 62.96
N GLU R 10 -36.25 8.38 63.46
CA GLU R 10 -36.18 7.71 64.76
C GLU R 10 -35.23 6.53 64.74
N LEU R 11 -35.27 5.72 63.68
CA LEU R 11 -34.37 4.57 63.61
C LEU R 11 -32.92 5.01 63.68
N ALA R 12 -32.56 6.02 62.89
CA ALA R 12 -31.18 6.48 62.88
C ALA R 12 -30.77 7.07 64.23
N ARG R 13 -31.60 7.97 64.77
CA ARG R 13 -31.26 8.63 66.03
C ARG R 13 -31.13 7.63 67.17
N LYS R 14 -32.04 6.65 67.23
CA LYS R 14 -31.93 5.59 68.23
C LYS R 14 -30.66 4.80 68.04
N GLY R 15 -30.35 4.42 66.80
CA GLY R 15 -29.11 3.70 66.53
C GLY R 15 -27.89 4.45 67.01
N ILE R 16 -27.84 5.76 66.74
CA ILE R 16 -26.67 6.55 67.12
C ILE R 16 -26.58 6.69 68.63
N ALA R 17 -27.73 6.84 69.30
CA ALA R 17 -27.70 6.98 70.74
C ALA R 17 -27.11 5.75 71.42
N ARG R 18 -27.21 4.59 70.78
CA ARG R 18 -26.78 3.34 71.39
C ARG R 18 -25.30 3.07 71.18
N ALA R 19 -24.55 3.99 70.60
CA ALA R 19 -23.17 3.72 70.22
C ALA R 19 -22.20 4.54 71.08
N LYS R 20 -20.94 4.12 71.04
CA LYS R 20 -19.89 4.79 71.80
C LYS R 20 -19.74 6.23 71.36
N SER R 21 -19.35 7.08 72.29
CA SER R 21 -19.27 8.52 72.03
C SER R 21 -17.87 8.90 71.56
N VAL R 22 -17.79 10.01 70.84
CA VAL R 22 -16.57 10.46 70.20
C VAL R 22 -16.50 11.97 70.36
N VAL R 23 -15.29 12.49 70.60
CA VAL R 23 -15.06 13.91 70.79
C VAL R 23 -13.94 14.35 69.86
N ALA R 24 -14.08 15.56 69.34
CA ALA R 24 -13.07 16.23 68.52
C ALA R 24 -12.93 17.63 69.08
N LEU R 25 -11.70 18.03 69.36
CA LEU R 25 -11.46 19.27 70.08
C LEU R 25 -10.31 20.04 69.45
N ALA R 26 -10.48 21.35 69.31
CA ALA R 26 -9.42 22.16 68.74
C ALA R 26 -8.43 22.55 69.85
N TYR R 27 -7.13 22.37 69.58
CA TYR R 27 -6.12 22.79 70.54
C TYR R 27 -5.00 23.51 69.81
N ALA R 28 -4.04 24.00 70.60
CA ALA R 28 -2.99 24.87 70.06
C ALA R 28 -2.20 24.18 68.97
N GLY R 29 -2.09 22.86 69.01
CA GLY R 29 -1.36 22.11 68.01
C GLY R 29 -2.16 21.59 66.83
N GLY R 30 -3.47 21.82 66.81
CA GLY R 30 -4.29 21.33 65.72
C GLY R 30 -5.65 20.83 66.19
N VAL R 31 -5.98 19.58 65.88
CA VAL R 31 -7.25 19.00 66.30
C VAL R 31 -6.96 17.66 66.96
N LEU R 32 -7.71 17.36 68.02
CA LEU R 32 -7.58 16.14 68.79
C LEU R 32 -8.85 15.32 68.65
N PHE R 33 -8.68 14.05 68.28
CA PHE R 33 -9.77 13.10 68.20
C PHE R 33 -9.57 12.09 69.31
N VAL R 34 -10.59 11.96 70.17
CA VAL R 34 -10.60 10.96 71.22
C VAL R 34 -11.93 10.23 71.13
N ALA R 35 -11.86 8.91 71.08
CA ALA R 35 -13.05 8.11 70.89
C ALA R 35 -13.01 6.94 71.85
N GLU R 36 -14.15 6.65 72.47
CA GLU R 36 -14.25 5.43 73.25
C GLU R 36 -14.25 4.27 72.26
N ASN R 37 -13.21 3.43 72.33
CA ASN R 37 -13.01 2.38 71.33
C ASN R 37 -12.25 1.24 71.98
N PRO R 38 -12.94 0.15 72.33
CA PRO R 38 -12.25 -1.01 72.91
C PRO R 38 -11.41 -1.78 71.92
N SER R 39 -11.71 -1.69 70.62
CA SER R 39 -11.04 -2.55 69.66
C SER R 39 -9.55 -2.23 69.53
N ARG R 40 -8.83 -3.17 68.94
CA ARG R 40 -7.40 -3.02 68.68
C ARG R 40 -7.12 -2.58 67.25
N SER R 41 -7.98 -2.95 66.31
CA SER R 41 -7.73 -2.72 64.90
C SER R 41 -8.89 -2.07 64.16
N LEU R 42 -10.05 -1.92 64.78
CA LEU R 42 -11.20 -1.28 64.15
C LEU R 42 -11.22 0.18 64.56
N GLN R 43 -11.22 1.08 63.59
CA GLN R 43 -10.95 2.48 63.85
C GLN R 43 -12.13 3.36 63.48
N LYS R 44 -12.48 4.25 64.43
CA LYS R 44 -13.49 5.28 64.27
C LYS R 44 -12.90 6.62 63.84
N ILE R 45 -11.57 6.74 63.84
CA ILE R 45 -10.90 7.98 63.50
C ILE R 45 -9.94 7.69 62.34
N SER R 46 -9.94 8.55 61.33
CA SER R 46 -9.18 8.26 60.13
C SER R 46 -8.70 9.54 59.49
N GLU R 47 -7.64 9.39 58.69
CA GLU R 47 -7.16 10.46 57.84
C GLU R 47 -8.00 10.52 56.57
N LEU R 48 -8.28 11.74 56.11
CA LEU R 48 -8.87 11.96 54.80
C LEU R 48 -7.86 12.50 53.80
N TYR R 49 -7.20 13.61 54.12
CA TYR R 49 -6.21 14.16 53.22
C TYR R 49 -5.11 14.79 54.07
N ASP R 50 -4.14 15.42 53.40
CA ASP R 50 -2.97 15.98 54.07
C ASP R 50 -3.31 16.66 55.39
N ARG R 51 -4.25 17.60 55.34
CA ARG R 51 -4.65 18.42 56.48
C ARG R 51 -6.10 18.19 56.92
N VAL R 52 -6.74 17.10 56.49
CA VAL R 52 -8.14 16.87 56.78
C VAL R 52 -8.29 15.50 57.43
N GLY R 53 -8.99 15.48 58.58
CA GLY R 53 -9.18 14.27 59.34
C GLY R 53 -10.66 13.97 59.56
N PHE R 54 -10.92 12.75 60.01
CA PHE R 54 -12.26 12.17 60.03
C PHE R 54 -12.51 11.47 61.35
N ALA R 55 -13.71 11.65 61.91
CA ALA R 55 -14.13 10.93 63.10
C ALA R 55 -15.60 10.56 62.94
N ALA R 56 -15.99 9.40 63.45
CA ALA R 56 -17.36 8.95 63.20
C ALA R 56 -17.91 8.22 64.42
N ALA R 57 -19.23 8.28 64.55
CA ALA R 57 -19.96 7.55 65.57
C ALA R 57 -21.14 6.83 64.92
N GLY R 58 -21.43 5.64 65.41
CA GLY R 58 -22.57 4.88 64.90
C GLY R 58 -22.20 3.47 64.50
N LYS R 59 -22.88 2.95 63.48
CA LYS R 59 -22.65 1.59 63.04
C LYS R 59 -21.36 1.51 62.22
N PHE R 60 -20.49 0.56 62.56
CA PHE R 60 -19.15 0.55 62.00
C PHE R 60 -19.15 0.41 60.48
N ASN R 61 -19.79 -0.64 59.96
CA ASN R 61 -19.72 -0.86 58.53
C ASN R 61 -20.21 0.34 57.74
N GLU R 62 -21.20 1.07 58.27
CA GLU R 62 -21.77 2.19 57.54
C GLU R 62 -20.85 3.41 57.57
N PHE R 63 -20.36 3.81 58.73
CA PHE R 63 -19.48 4.97 58.72
C PHE R 63 -18.13 4.63 58.13
N ASP R 64 -17.79 3.35 58.04
CA ASP R 64 -16.60 2.96 57.29
C ASP R 64 -16.84 3.10 55.79
N ASN R 65 -18.03 2.73 55.30
CA ASN R 65 -18.39 3.02 53.92
C ASN R 65 -18.26 4.52 53.63
N LEU R 66 -18.84 5.35 54.49
CA LEU R 66 -18.73 6.79 54.28
C LEU R 66 -17.29 7.25 54.36
N ARG R 67 -16.49 6.61 55.20
CA ARG R 67 -15.07 6.96 55.31
C ARG R 67 -14.35 6.69 54.01
N ARG R 68 -14.48 5.48 53.48
CA ARG R 68 -13.82 5.15 52.22
C ARG R 68 -14.32 6.03 51.09
N GLY R 69 -15.62 6.32 51.06
CA GLY R 69 -16.11 7.23 50.05
C GLY R 69 -15.46 8.59 50.16
N GLY R 70 -15.22 9.05 51.39
CA GLY R 70 -14.56 10.33 51.57
C GLY R 70 -13.13 10.30 51.09
N ILE R 71 -12.41 9.22 51.36
CA ILE R 71 -11.06 9.10 50.86
C ILE R 71 -11.05 9.09 49.33
N GLN R 72 -11.95 8.31 48.73
CA GLN R 72 -12.06 8.31 47.27
C GLN R 72 -12.29 9.72 46.75
N PHE R 73 -13.26 10.43 47.32
CA PHE R 73 -13.54 11.78 46.88
C PHE R 73 -12.30 12.66 46.99
N ALA R 74 -11.65 12.63 48.15
CA ALA R 74 -10.52 13.51 48.39
C ALA R 74 -9.38 13.22 47.42
N ASP R 75 -8.99 11.95 47.32
CA ASP R 75 -7.90 11.57 46.43
C ASP R 75 -8.21 11.91 44.98
N THR R 76 -9.46 11.67 44.56
CA THR R 76 -9.84 11.96 43.17
C THR R 76 -9.77 13.45 42.88
N ARG R 77 -10.35 14.29 43.74
CA ARG R 77 -10.31 15.74 43.50
C ARG R 77 -8.88 16.24 43.55
N GLY R 78 -8.10 15.76 44.50
CA GLY R 78 -6.71 16.18 44.58
C GLY R 78 -5.92 15.79 43.34
N TYR R 79 -6.22 14.65 42.77
CA TYR R 79 -5.61 14.26 41.54
C TYR R 79 -6.01 15.07 40.35
N ALA R 80 -7.29 15.37 40.23
CA ALA R 80 -7.81 16.13 39.12
C ALA R 80 -7.36 17.54 39.05
N TYR R 81 -7.28 18.19 40.21
CA TYR R 81 -6.81 19.56 40.33
C TYR R 81 -5.48 19.53 41.05
N ASP R 82 -5.47 19.83 42.33
CA ASP R 82 -4.25 19.76 43.11
C ASP R 82 -4.53 19.48 44.56
N ARG R 83 -3.55 19.02 45.28
CA ARG R 83 -3.76 18.67 46.67
C ARG R 83 -4.20 19.88 47.47
N ARG R 84 -3.70 21.06 47.14
CA ARG R 84 -4.06 22.25 47.89
C ARG R 84 -5.54 22.60 47.73
N ASP R 85 -6.16 22.15 46.64
CA ASP R 85 -7.56 22.45 46.38
C ASP R 85 -8.53 21.64 47.23
N VAL R 86 -8.06 20.58 47.88
CA VAL R 86 -8.91 19.79 48.76
C VAL R 86 -9.06 20.52 50.08
N THR R 87 -10.30 20.70 50.52
CA THR R 87 -10.59 21.44 51.74
C THR R 87 -11.48 20.60 52.65
N GLY R 88 -11.43 20.90 53.94
CA GLY R 88 -12.37 20.26 54.86
C GLY R 88 -13.80 20.66 54.58
N ARG R 89 -14.02 21.93 54.20
CA ARG R 89 -15.36 22.35 53.84
C ARG R 89 -15.91 21.47 52.73
N GLN R 90 -15.12 21.23 51.68
CA GLN R 90 -15.58 20.43 50.56
C GLN R 90 -16.07 19.06 51.03
N LEU R 91 -15.22 18.36 51.80
CA LEU R 91 -15.58 17.02 52.24
C LEU R 91 -16.82 17.04 53.12
N ALA R 92 -16.92 18.01 54.02
CA ALA R 92 -18.14 18.10 54.81
C ALA R 92 -19.34 18.32 53.92
N ASN R 93 -19.20 19.15 52.90
CA ASN R 93 -20.30 19.43 51.98
C ASN R 93 -20.75 18.14 51.29
N VAL R 94 -19.79 17.35 50.82
CA VAL R 94 -20.13 16.10 50.15
C VAL R 94 -20.75 15.10 51.12
N TYR R 95 -20.29 15.09 52.37
CA TYR R 95 -20.90 14.20 53.34
C TYR R 95 -22.34 14.60 53.61
N ALA R 96 -22.61 15.91 53.65
CA ALA R 96 -23.98 16.37 53.77
C ALA R 96 -24.83 15.90 52.60
N GLN R 97 -24.33 16.09 51.38
CA GLN R 97 -25.07 15.68 50.20
C GLN R 97 -25.34 14.18 50.24
N THR R 98 -24.30 13.42 50.53
CA THR R 98 -24.37 11.96 50.48
C THR R 98 -25.33 11.46 51.53
N LEU R 99 -25.16 11.88 52.77
CA LEU R 99 -26.03 11.40 53.85
C LEU R 99 -27.46 11.84 53.63
N GLY R 100 -27.68 13.00 53.01
CA GLY R 100 -29.03 13.35 52.64
C GLY R 100 -29.64 12.33 51.69
N THR R 101 -28.91 12.02 50.62
CA THR R 101 -29.41 11.04 49.66
C THR R 101 -29.63 9.69 50.32
N ILE R 102 -28.67 9.23 51.12
CA ILE R 102 -28.81 7.96 51.82
C ILE R 102 -30.08 7.98 52.66
N PHE R 103 -30.27 9.04 53.43
CA PHE R 103 -31.36 9.10 54.39
C PHE R 103 -32.70 9.06 53.69
N THR R 104 -32.82 9.69 52.53
CA THR R 104 -34.11 9.72 51.86
C THR R 104 -34.33 8.56 50.89
N GLU R 105 -33.27 7.92 50.41
CA GLU R 105 -33.39 7.04 49.26
C GLU R 105 -32.98 5.60 49.51
N GLN R 106 -32.16 5.31 50.51
CA GLN R 106 -31.67 3.95 50.68
C GLN R 106 -32.66 3.12 51.50
N ALA R 107 -32.44 1.80 51.45
CA ALA R 107 -33.33 0.87 52.13
C ALA R 107 -33.42 1.16 53.62
N LYS R 108 -32.29 1.42 54.26
CA LYS R 108 -32.26 1.79 55.66
C LYS R 108 -31.32 2.98 55.78
N PRO R 109 -31.71 4.04 56.49
CA PRO R 109 -30.81 5.17 56.67
C PRO R 109 -29.57 4.75 57.45
N TYR R 110 -28.49 5.49 57.25
CA TYR R 110 -27.25 5.19 57.94
C TYR R 110 -27.34 5.69 59.37
N GLU R 111 -26.99 4.81 60.31
CA GLU R 111 -26.96 5.14 61.73
C GLU R 111 -25.58 5.69 62.07
N VAL R 112 -25.30 6.90 61.59
CA VAL R 112 -23.98 7.51 61.73
C VAL R 112 -24.08 9.00 62.04
N GLU R 113 -22.99 9.51 62.58
CA GLU R 113 -22.72 10.93 62.76
C GLU R 113 -21.25 11.16 62.45
N LEU R 114 -20.94 12.18 61.66
CA LEU R 114 -19.60 12.40 61.14
C LEU R 114 -19.05 13.73 61.61
N CYS R 115 -17.74 13.77 61.77
CA CYS R 115 -17.01 15.00 62.02
C CYS R 115 -15.83 15.05 61.08
N VAL R 116 -15.69 16.16 60.36
CA VAL R 116 -14.59 16.39 59.44
C VAL R 116 -13.83 17.61 59.94
N ALA R 117 -12.52 17.47 60.10
CA ALA R 117 -11.72 18.53 60.69
C ALA R 117 -10.59 18.94 59.76
N GLU R 118 -10.27 20.23 59.78
CA GLU R 118 -9.17 20.74 58.98
C GLU R 118 -8.26 21.63 59.82
N VAL R 119 -6.95 21.41 59.67
CA VAL R 119 -5.94 22.25 60.28
C VAL R 119 -5.21 23.00 59.17
N ALA R 120 -4.42 23.99 59.55
CA ALA R 120 -3.72 24.81 58.59
C ALA R 120 -2.61 24.02 57.89
N HIS R 121 -2.19 24.53 56.74
CA HIS R 121 -1.03 23.97 56.08
C HIS R 121 0.22 24.41 56.83
N TYR R 122 1.32 23.67 56.66
CA TYR R 122 2.52 23.95 57.42
C TYR R 122 2.98 25.39 57.23
N GLY R 123 3.20 26.09 58.35
CA GLY R 123 3.68 27.45 58.36
C GLY R 123 2.65 28.51 58.09
N GLU R 124 1.40 28.15 57.84
CA GLU R 124 0.34 29.14 57.65
C GLU R 124 -0.48 29.24 58.92
N THR R 125 -1.10 30.40 59.12
CA THR R 125 -1.89 30.67 60.31
C THR R 125 -3.37 30.65 59.93
N LYS R 126 -4.02 29.54 60.26
CA LYS R 126 -5.45 29.37 60.00
C LYS R 126 -6.02 28.54 61.15
N ARG R 127 -6.96 29.13 61.86
CA ARG R 127 -7.56 28.44 62.98
C ARG R 127 -8.32 27.20 62.49
N PRO R 128 -8.23 26.10 63.20
CA PRO R 128 -8.89 24.86 62.75
C PRO R 128 -10.38 25.01 62.46
N GLU R 129 -10.91 24.11 61.65
CA GLU R 129 -12.34 24.07 61.37
C GLU R 129 -12.87 22.72 61.76
N LEU R 130 -14.03 22.69 62.43
CA LEU R 130 -14.66 21.41 62.73
C LEU R 130 -16.04 21.39 62.10
N TYR R 131 -16.39 20.28 61.48
CA TYR R 131 -17.67 20.13 60.82
C TYR R 131 -18.38 18.89 61.35
N ARG R 132 -19.67 19.03 61.58
CA ARG R 132 -20.52 17.98 62.08
C ARG R 132 -21.61 17.72 61.06
N ILE R 133 -21.73 16.47 60.60
CA ILE R 133 -22.75 16.05 59.64
C ILE R 133 -23.55 14.93 60.28
N THR R 134 -24.87 15.09 60.36
CA THR R 134 -25.70 14.09 61.01
C THR R 134 -26.41 13.21 59.98
N TYR R 135 -27.10 12.18 60.50
CA TYR R 135 -27.61 11.09 59.69
C TYR R 135 -28.55 11.54 58.58
N ASP R 136 -29.10 12.75 58.67
CA ASP R 136 -30.06 13.21 57.67
C ASP R 136 -29.45 14.23 56.73
N GLY R 137 -28.14 14.47 56.81
CA GLY R 137 -27.49 15.44 55.97
C GLY R 137 -27.43 16.83 56.54
N SER R 138 -27.89 17.04 57.76
CA SER R 138 -27.75 18.34 58.40
C SER R 138 -26.27 18.61 58.65
N ILE R 139 -25.86 19.85 58.46
CA ILE R 139 -24.46 20.22 58.50
C ILE R 139 -24.30 21.35 59.50
N ALA R 140 -23.23 21.32 60.28
CA ALA R 140 -23.01 22.31 61.32
C ALA R 140 -21.55 22.67 61.36
N ASP R 141 -21.28 23.97 61.41
CA ASP R 141 -19.93 24.51 61.44
C ASP R 141 -19.59 24.80 62.90
N GLU R 142 -18.58 24.14 63.43
CA GLU R 142 -18.26 24.26 64.83
C GLU R 142 -16.84 24.77 65.05
N PRO R 143 -16.67 25.70 66.03
CA PRO R 143 -15.40 26.42 66.20
C PRO R 143 -14.50 25.85 67.27
N HIS R 144 -15.06 25.12 68.23
CA HIS R 144 -14.33 24.70 69.41
C HIS R 144 -14.27 23.19 69.59
N PHE R 145 -15.41 22.51 69.57
CA PHE R 145 -15.40 21.07 69.77
C PHE R 145 -16.67 20.47 69.19
N VAL R 146 -16.61 19.17 68.92
CA VAL R 146 -17.72 18.40 68.38
C VAL R 146 -17.84 17.12 69.20
N VAL R 147 -19.08 16.76 69.52
CA VAL R 147 -19.40 15.56 70.27
C VAL R 147 -20.40 14.76 69.46
N MET R 148 -20.17 13.45 69.33
CA MET R 148 -21.05 12.64 68.50
C MET R 148 -21.27 11.28 69.13
N GLY R 149 -22.49 10.78 69.04
CA GLY R 149 -22.73 9.42 69.46
C GLY R 149 -22.99 9.30 70.95
N GLY R 150 -23.86 8.36 71.30
CA GLY R 150 -24.18 8.13 72.69
C GLY R 150 -24.98 9.28 73.27
N THR R 151 -24.85 9.47 74.58
CA THR R 151 -25.55 10.56 75.27
C THR R 151 -24.66 11.79 75.20
N THR R 152 -24.99 12.70 74.28
CA THR R 152 -24.10 13.81 74.01
C THR R 152 -24.22 14.91 75.06
N GLU R 153 -25.44 15.18 75.52
CA GLU R 153 -25.70 16.32 76.40
C GLU R 153 -24.72 16.42 77.57
N PRO R 154 -24.50 15.37 78.38
CA PRO R 154 -23.57 15.53 79.50
C PRO R 154 -22.15 15.84 79.07
N ILE R 155 -21.65 15.19 78.00
CA ILE R 155 -20.29 15.41 77.54
C ILE R 155 -20.13 16.80 76.96
N ALA R 156 -21.10 17.24 76.16
CA ALA R 156 -21.07 18.58 75.64
C ALA R 156 -21.04 19.59 76.77
N ASN R 157 -21.86 19.37 77.79
CA ASN R 157 -21.87 20.27 78.93
C ASN R 157 -20.52 20.26 79.64
N ALA R 158 -19.94 19.07 79.83
CA ALA R 158 -18.63 18.97 80.44
C ALA R 158 -17.61 19.83 79.71
N LEU R 159 -17.61 19.76 78.37
CA LEU R 159 -16.68 20.59 77.61
C LEU R 159 -17.02 22.07 77.72
N LYS R 160 -18.30 22.41 77.66
CA LYS R 160 -18.71 23.81 77.67
C LYS R 160 -18.16 24.54 78.90
N GLU R 161 -18.17 23.87 80.04
CA GLU R 161 -17.69 24.46 81.29
C GLU R 161 -16.20 24.24 81.50
N SER R 162 -15.49 23.59 80.57
CA SER R 162 -14.11 23.20 80.80
C SER R 162 -13.17 23.42 79.62
N TYR R 163 -13.64 23.92 78.49
CA TYR R 163 -12.81 24.11 77.32
C TYR R 163 -12.17 25.49 77.31
N ALA R 164 -10.85 25.52 77.09
CA ALA R 164 -10.12 26.76 76.87
C ALA R 164 -9.41 26.68 75.53
N GLU R 165 -9.45 27.79 74.79
CA GLU R 165 -8.81 27.82 73.49
C GLU R 165 -7.30 27.68 73.62
N ASN R 166 -6.70 27.00 72.64
CA ASN R 166 -5.25 26.86 72.55
C ASN R 166 -4.66 26.17 73.78
N ALA R 167 -5.34 25.14 74.27
CA ALA R 167 -4.82 24.34 75.37
C ALA R 167 -3.59 23.56 74.92
N SER R 168 -2.87 23.02 75.90
CA SER R 168 -1.77 22.14 75.55
C SER R 168 -2.30 20.77 75.18
N LEU R 169 -1.47 19.98 74.49
CA LEU R 169 -1.91 18.65 74.08
C LEU R 169 -2.26 17.79 75.27
N THR R 170 -1.38 17.75 76.27
CA THR R 170 -1.63 16.94 77.47
C THR R 170 -2.88 17.43 78.18
N ASP R 171 -3.00 18.75 78.34
CA ASP R 171 -4.16 19.32 79.00
C ASP R 171 -5.44 18.98 78.23
N ALA R 172 -5.41 19.18 76.92
CA ALA R 172 -6.59 18.91 76.10
C ALA R 172 -7.00 17.44 76.19
N LEU R 173 -6.03 16.53 76.18
CA LEU R 173 -6.36 15.11 76.30
C LEU R 173 -7.04 14.82 77.62
N ARG R 174 -6.49 15.34 78.73
CA ARG R 174 -7.14 15.16 80.02
C ARG R 174 -8.59 15.68 79.99
N ILE R 175 -8.78 16.90 79.50
CA ILE R 175 -10.11 17.48 79.43
C ILE R 175 -11.04 16.59 78.59
N ALA R 176 -10.50 16.01 77.52
CA ALA R 176 -11.32 15.19 76.62
C ALA R 176 -11.79 13.92 77.31
N VAL R 177 -10.87 13.18 77.93
CA VAL R 177 -11.27 11.94 78.58
C VAL R 177 -12.24 12.23 79.72
N ALA R 178 -12.01 13.34 80.44
CA ALA R 178 -12.94 13.74 81.49
C ALA R 178 -14.34 13.93 80.94
N ALA R 179 -14.47 14.71 79.86
CA ALA R 179 -15.78 14.93 79.27
C ALA R 179 -16.40 13.61 78.80
N LEU R 180 -15.58 12.71 78.25
CA LEU R 180 -16.13 11.44 77.80
C LEU R 180 -16.69 10.63 78.96
N ARG R 181 -15.98 10.61 80.08
CA ARG R 181 -16.44 9.81 81.22
C ARG R 181 -17.80 10.27 81.72
N ALA R 182 -18.05 11.58 81.72
CA ALA R 182 -19.34 12.08 82.17
C ALA R 182 -20.46 11.74 81.19
N GLY R 183 -20.64 10.45 80.90
CA GLY R 183 -21.68 10.04 79.97
C GLY R 183 -21.47 8.66 79.38
N LEU R 195 -11.80 4.45 82.00
CA LEU R 195 -11.41 4.83 80.64
C LEU R 195 -9.91 5.00 80.50
N GLY R 196 -9.22 3.93 80.15
CA GLY R 196 -7.78 3.91 80.08
C GLY R 196 -7.24 3.87 78.66
N VAL R 197 -5.97 3.51 78.55
CA VAL R 197 -5.30 3.50 77.25
C VAL R 197 -5.93 2.47 76.33
N ALA R 198 -5.95 1.20 76.76
CA ALA R 198 -6.43 0.12 75.90
C ALA R 198 -7.95 0.14 75.75
N SER R 199 -8.57 1.29 75.99
CA SER R 199 -10.00 1.48 75.79
C SER R 199 -10.30 2.76 75.03
N LEU R 200 -9.27 3.45 74.55
CA LEU R 200 -9.42 4.70 73.81
C LEU R 200 -8.73 4.58 72.47
N GLU R 201 -9.25 5.35 71.51
CA GLU R 201 -8.58 5.59 70.24
C GLU R 201 -8.33 7.08 70.15
N VAL R 202 -7.07 7.46 69.96
CA VAL R 202 -6.67 8.85 70.00
C VAL R 202 -5.78 9.17 68.81
N ALA R 203 -6.04 10.31 68.17
CA ALA R 203 -5.20 10.76 67.07
C ALA R 203 -5.33 12.28 66.99
N VAL R 204 -4.40 12.89 66.26
CA VAL R 204 -4.37 14.35 66.13
C VAL R 204 -4.09 14.73 64.69
N LEU R 205 -4.71 15.83 64.28
CA LEU R 205 -4.29 16.59 63.12
C LEU R 205 -3.30 17.61 63.65
N ASP R 206 -2.02 17.32 63.43
CA ASP R 206 -0.89 18.08 63.99
C ASP R 206 -0.46 19.15 63.00
N ALA R 207 -0.80 20.40 63.28
CA ALA R 207 -0.47 21.50 62.38
C ALA R 207 1.02 21.70 62.22
N ASN R 208 1.84 20.96 62.97
CA ASN R 208 3.29 21.09 62.90
C ASN R 208 3.96 20.10 61.95
N ARG R 209 3.25 19.10 61.47
CA ARG R 209 3.94 18.21 60.55
C ARG R 209 4.00 18.82 59.16
N PRO R 210 5.08 18.59 58.43
CA PRO R 210 5.25 19.29 57.13
C PRO R 210 4.18 18.97 56.11
N ARG R 211 3.81 17.70 55.93
CA ARG R 211 2.77 17.41 54.96
C ARG R 211 1.56 16.73 55.59
N ARG R 212 1.61 15.41 55.77
CA ARG R 212 0.47 14.68 56.31
C ARG R 212 0.35 14.92 57.82
N ALA R 213 -0.71 15.62 58.22
CA ALA R 213 -0.87 16.03 59.61
C ALA R 213 -1.44 14.94 60.51
N PHE R 214 -2.13 13.95 59.95
CA PHE R 214 -2.75 12.92 60.76
C PHE R 214 -1.70 12.03 61.39
N ARG R 215 -1.66 11.98 62.73
CA ARG R 215 -0.85 11.00 63.43
C ARG R 215 -1.62 10.45 64.59
N ARG R 216 -1.39 9.17 64.91
CA ARG R 216 -2.06 8.50 66.01
C ARG R 216 -1.18 8.52 67.25
N ILE R 217 -1.82 8.50 68.41
CA ILE R 217 -1.14 8.46 69.69
C ILE R 217 -1.58 7.17 70.37
N THR R 218 -0.65 6.22 70.50
CA THR R 218 -1.01 4.88 70.92
C THR R 218 0.00 4.33 71.93
N GLY R 219 -0.49 3.36 72.70
CA GLY R 219 0.34 2.57 73.61
C GLY R 219 1.07 3.38 74.65
N SER R 220 2.36 3.07 74.84
CA SER R 220 3.13 3.70 75.90
C SER R 220 3.11 5.21 75.75
N ALA R 221 3.27 5.69 74.51
CA ALA R 221 3.22 7.13 74.26
C ALA R 221 1.89 7.70 74.75
N LEU R 222 0.78 7.04 74.44
CA LEU R 222 -0.52 7.53 74.88
C LEU R 222 -0.61 7.53 76.40
N GLN R 223 -0.18 6.45 77.04
CA GLN R 223 -0.24 6.37 78.49
C GLN R 223 0.52 7.52 79.12
N ALA R 224 1.66 7.89 78.54
CA ALA R 224 2.43 9.02 79.06
C ALA R 224 1.60 10.30 79.10
N LEU R 225 0.75 10.52 78.09
CA LEU R 225 -0.06 11.74 78.07
C LEU R 225 -1.16 11.76 79.12
N LEU R 226 -1.48 10.63 79.72
CA LEU R 226 -2.55 10.56 80.71
C LEU R 226 -2.03 10.60 82.15
N MET S 1 -52.50 9.71 46.68
CA MET S 1 -52.50 10.74 45.65
C MET S 1 -53.02 12.07 46.19
N GLU S 2 -54.23 12.03 46.75
CA GLU S 2 -54.80 13.21 47.39
C GLU S 2 -54.09 13.52 48.70
N GLN S 3 -53.94 12.52 49.56
CA GLN S 3 -53.25 12.74 50.83
C GLN S 3 -51.74 12.75 50.66
N ALA S 4 -51.21 11.96 49.74
CA ALA S 4 -49.77 11.94 49.52
C ALA S 4 -49.24 13.35 49.24
N MET S 5 -49.92 14.08 48.37
CA MET S 5 -49.49 15.44 48.07
C MET S 5 -49.70 16.36 49.27
N ARG S 6 -50.78 16.15 50.03
CA ARG S 6 -50.98 16.93 51.25
C ARG S 6 -49.81 16.75 52.22
N GLU S 7 -49.34 15.52 52.37
CA GLU S 7 -48.25 15.25 53.30
C GLU S 7 -46.93 15.78 52.77
N ARG S 8 -46.68 15.62 51.47
CA ARG S 8 -45.47 16.19 50.90
C ARG S 8 -45.42 17.69 51.07
N SER S 9 -46.46 18.37 50.61
CA SER S 9 -46.55 19.82 50.77
C SER S 9 -46.38 20.22 52.23
N GLU S 10 -47.09 19.54 53.13
CA GLU S 10 -47.02 19.86 54.54
C GLU S 10 -45.59 19.69 55.08
N LEU S 11 -44.95 18.58 54.72
CA LEU S 11 -43.58 18.32 55.16
C LEU S 11 -42.62 19.40 54.70
N ALA S 12 -42.72 19.78 53.43
CA ALA S 12 -41.84 20.81 52.90
C ALA S 12 -42.11 22.16 53.55
N ARG S 13 -43.39 22.55 53.64
CA ARG S 13 -43.69 23.86 54.20
C ARG S 13 -43.21 23.97 55.64
N LYS S 14 -43.43 22.93 56.44
CA LYS S 14 -42.92 22.93 57.79
C LYS S 14 -41.40 22.95 57.81
N GLY S 15 -40.76 22.19 56.93
CA GLY S 15 -39.31 22.21 56.85
C GLY S 15 -38.77 23.62 56.64
N ILE S 16 -39.39 24.36 55.72
CA ILE S 16 -38.95 25.73 55.45
C ILE S 16 -39.28 26.64 56.64
N ALA S 17 -40.42 26.41 57.28
CA ALA S 17 -40.80 27.23 58.43
C ALA S 17 -39.78 27.14 59.55
N ARG S 18 -39.31 25.94 59.86
CA ARG S 18 -38.38 25.79 60.97
C ARG S 18 -36.99 26.38 60.69
N ALA S 19 -36.77 26.97 59.51
CA ALA S 19 -35.45 27.36 59.07
C ALA S 19 -35.22 28.85 59.25
N LYS S 20 -33.94 29.22 59.39
CA LYS S 20 -33.51 30.61 59.47
C LYS S 20 -34.05 31.40 58.29
N SER S 21 -34.21 32.71 58.46
CA SER S 21 -34.84 33.54 57.44
C SER S 21 -33.81 34.18 56.53
N VAL S 22 -34.27 34.57 55.35
CA VAL S 22 -33.43 35.17 54.31
C VAL S 22 -34.25 36.26 53.65
N VAL S 23 -33.58 37.37 53.34
CA VAL S 23 -34.22 38.49 52.71
C VAL S 23 -33.40 38.99 51.55
N ALA S 24 -34.05 39.34 50.46
CA ALA S 24 -33.39 39.89 49.31
C ALA S 24 -34.13 41.12 48.89
N LEU S 25 -33.49 42.28 48.83
CA LEU S 25 -34.18 43.46 48.39
C LEU S 25 -33.41 44.39 47.52
N ALA S 26 -34.12 45.00 46.59
CA ALA S 26 -33.52 45.92 45.69
C ALA S 26 -33.26 47.26 46.32
N TYR S 27 -32.12 47.84 45.97
CA TYR S 27 -31.74 49.17 46.41
C TYR S 27 -31.08 49.90 45.24
N ALA S 28 -30.68 51.15 45.50
CA ALA S 28 -30.22 52.03 44.43
C ALA S 28 -29.01 51.48 43.70
N GLY S 29 -28.18 50.71 44.39
CA GLY S 29 -26.99 50.13 43.80
C GLY S 29 -27.17 48.76 43.22
N GLY S 30 -28.36 48.18 43.31
CA GLY S 30 -28.57 46.85 42.79
C GLY S 30 -29.50 46.01 43.65
N VAL S 31 -29.02 44.84 44.10
CA VAL S 31 -29.83 43.97 44.95
C VAL S 31 -29.01 43.54 46.16
N LEU S 32 -29.66 43.47 47.31
CA LEU S 32 -29.03 43.12 48.58
C LEU S 32 -29.60 41.82 49.14
N PHE S 33 -28.72 40.89 49.49
CA PHE S 33 -29.05 39.62 50.12
C PHE S 33 -28.55 39.66 51.56
N VAL S 34 -29.46 39.44 52.51
CA VAL S 34 -29.12 39.32 53.92
C VAL S 34 -29.76 38.05 54.45
N ALA S 35 -28.97 37.22 55.12
CA ALA S 35 -29.45 35.94 55.61
C ALA S 35 -28.93 35.73 57.03
N GLU S 36 -29.80 35.25 57.91
CA GLU S 36 -29.36 34.84 59.22
C GLU S 36 -28.60 33.53 59.07
N ASN S 37 -27.31 33.55 59.44
CA ASN S 37 -26.43 32.41 59.21
C ASN S 37 -25.29 32.37 60.21
N PRO S 38 -25.32 31.44 61.17
CA PRO S 38 -24.21 31.36 62.14
C PRO S 38 -22.89 30.86 61.56
N SER S 39 -22.91 30.12 60.45
CA SER S 39 -21.69 29.48 59.96
C SER S 39 -20.68 30.50 59.46
N ARG S 40 -19.41 30.08 59.45
CA ARG S 40 -18.35 30.90 58.89
C ARG S 40 -18.11 30.64 57.40
N SER S 41 -18.45 29.44 56.93
CA SER S 41 -18.08 29.01 55.58
C SER S 41 -19.20 28.32 54.81
N LEU S 42 -20.33 28.02 55.44
CA LEU S 42 -21.45 27.37 54.77
C LEU S 42 -22.42 28.43 54.31
N GLN S 43 -22.65 28.50 53.01
CA GLN S 43 -23.25 29.65 52.37
C GLN S 43 -24.69 29.37 51.97
N LYS S 44 -25.52 30.42 52.08
CA LYS S 44 -26.89 30.40 51.59
C LYS S 44 -27.10 31.33 50.41
N ILE S 45 -26.11 32.16 50.09
CA ILE S 45 -26.20 33.12 49.01
C ILE S 45 -25.06 32.85 48.04
N SER S 46 -25.35 32.89 46.75
CA SER S 46 -24.35 32.48 45.78
C SER S 46 -24.48 33.29 44.51
N GLU S 47 -23.37 33.34 43.79
CA GLU S 47 -23.37 33.87 42.45
C GLU S 47 -23.86 32.77 41.52
N LEU S 48 -24.70 33.14 40.58
CA LEU S 48 -25.08 32.22 39.52
C LEU S 48 -24.41 32.57 38.21
N TYR S 49 -24.57 33.80 37.75
CA TYR S 49 -23.91 34.24 36.55
C TYR S 49 -23.58 35.72 36.70
N ASP S 50 -22.99 36.29 35.66
CA ASP S 50 -22.48 37.66 35.68
C ASP S 50 -23.38 38.60 36.45
N ARG S 51 -24.66 38.64 36.10
CA ARG S 51 -25.60 39.56 36.72
C ARG S 51 -26.71 38.84 37.48
N VAL S 52 -26.54 37.56 37.82
CA VAL S 52 -27.62 36.77 38.43
C VAL S 52 -27.11 36.15 39.71
N GLY S 53 -27.85 36.35 40.81
CA GLY S 53 -27.51 35.83 42.11
C GLY S 53 -28.64 35.00 42.69
N PHE S 54 -28.29 34.24 43.73
CA PHE S 54 -29.10 33.16 44.26
C PHE S 54 -29.12 33.23 45.77
N ALA S 55 -30.29 33.02 46.38
CA ALA S 55 -30.41 32.92 47.82
C ALA S 55 -31.44 31.87 48.16
N ALA S 56 -31.23 31.13 49.24
CA ALA S 56 -32.11 30.01 49.55
C ALA S 56 -32.34 29.89 51.04
N ALA S 57 -33.48 29.28 51.39
CA ALA S 57 -33.80 28.96 52.77
C ALA S 57 -34.26 27.52 52.83
N GLY S 58 -33.91 26.84 53.91
CA GLY S 58 -34.34 25.46 54.07
C GLY S 58 -33.20 24.53 54.42
N LYS S 59 -33.28 23.28 53.94
CA LYS S 59 -32.27 22.28 54.23
C LYS S 59 -31.04 22.51 53.37
N PHE S 60 -29.85 22.54 54.01
CA PHE S 60 -28.66 22.99 53.30
C PHE S 60 -28.36 22.13 52.09
N ASN S 61 -28.22 20.82 52.28
CA ASN S 61 -27.81 19.97 51.17
C ASN S 61 -28.76 20.06 50.00
N GLU S 62 -30.04 20.29 50.27
CA GLU S 62 -30.99 20.33 49.17
C GLU S 62 -30.89 21.62 48.37
N PHE S 63 -30.90 22.78 49.04
CA PHE S 63 -30.77 24.00 48.25
C PHE S 63 -29.35 24.19 47.73
N ASP S 64 -28.37 23.50 48.31
CA ASP S 64 -27.03 23.52 47.75
C ASP S 64 -26.95 22.66 46.49
N ASN S 65 -27.61 21.50 46.49
CA ASN S 65 -27.78 20.76 45.25
C ASN S 65 -28.43 21.63 44.18
N LEU S 66 -29.53 22.30 44.54
CA LEU S 66 -30.19 23.17 43.56
C LEU S 66 -29.29 24.32 43.13
N ARG S 67 -28.47 24.82 44.04
CA ARG S 67 -27.55 25.90 43.69
C ARG S 67 -26.56 25.42 42.66
N ARG S 68 -25.94 24.26 42.91
CA ARG S 68 -24.97 23.71 41.97
C ARG S 68 -25.63 23.42 40.62
N GLY S 69 -26.84 22.88 40.65
CA GLY S 69 -27.54 22.66 39.38
C GLY S 69 -27.77 23.96 38.64
N GLY S 70 -28.07 25.03 39.37
CA GLY S 70 -28.27 26.31 38.71
C GLY S 70 -26.99 26.84 38.11
N ILE S 71 -25.87 26.69 38.81
CA ILE S 71 -24.59 27.11 38.25
C ILE S 71 -24.28 26.32 36.98
N GLN S 72 -24.48 24.99 37.04
CA GLN S 72 -24.28 24.16 35.86
C GLN S 72 -25.13 24.64 34.69
N PHE S 73 -26.43 24.83 34.92
CA PHE S 73 -27.30 25.29 33.84
C PHE S 73 -26.80 26.62 33.27
N ALA S 74 -26.46 27.55 34.15
CA ALA S 74 -26.05 28.87 33.68
C ALA S 74 -24.80 28.78 32.81
N ASP S 75 -23.75 28.14 33.33
CA ASP S 75 -22.50 28.05 32.57
C ASP S 75 -22.70 27.31 31.26
N THR S 76 -23.51 26.25 31.26
CA THR S 76 -23.74 25.52 30.01
C THR S 76 -24.43 26.40 28.99
N ARG S 77 -25.51 27.09 29.39
CA ARG S 77 -26.20 27.93 28.43
C ARG S 77 -25.32 29.05 27.91
N GLY S 78 -24.55 29.70 28.79
CA GLY S 78 -23.65 30.74 28.35
C GLY S 78 -22.60 30.22 27.38
N TYR S 79 -22.15 28.99 27.60
CA TYR S 79 -21.19 28.39 26.67
C TYR S 79 -21.84 28.06 25.33
N ALA S 80 -23.02 27.45 25.36
CA ALA S 80 -23.66 27.00 24.13
C ALA S 80 -24.05 28.17 23.23
N TYR S 81 -24.45 29.30 23.82
CA TYR S 81 -24.86 30.49 23.08
C TYR S 81 -23.93 31.66 23.33
N ASP S 82 -24.18 32.41 24.40
CA ASP S 82 -23.34 33.55 24.78
C ASP S 82 -23.74 33.98 26.17
N ARG S 83 -22.81 34.62 26.87
CA ARG S 83 -23.06 34.96 28.27
C ARG S 83 -24.21 35.96 28.39
N ARG S 84 -24.44 36.76 27.36
CA ARG S 84 -25.50 37.75 27.39
C ARG S 84 -26.87 37.12 27.21
N ASP S 85 -26.94 35.87 26.76
CA ASP S 85 -28.20 35.16 26.58
C ASP S 85 -28.73 34.55 27.88
N VAL S 86 -27.89 34.45 28.90
CA VAL S 86 -28.32 33.95 30.21
C VAL S 86 -29.05 35.07 30.94
N THR S 87 -30.26 34.77 31.40
CA THR S 87 -31.08 35.75 32.08
C THR S 87 -31.59 35.15 33.38
N GLY S 88 -31.93 36.03 34.32
CA GLY S 88 -32.53 35.55 35.56
C GLY S 88 -33.86 34.89 35.33
N ARG S 89 -34.67 35.44 34.43
CA ARG S 89 -35.91 34.78 34.04
C ARG S 89 -35.65 33.33 33.70
N GLN S 90 -34.58 33.05 32.96
CA GLN S 90 -34.25 31.69 32.59
C GLN S 90 -33.99 30.82 33.82
N LEU S 91 -33.10 31.27 34.71
CA LEU S 91 -32.78 30.46 35.88
C LEU S 91 -34.02 30.22 36.73
N ALA S 92 -34.84 31.23 36.92
CA ALA S 92 -36.07 31.02 37.66
C ALA S 92 -36.93 29.97 36.97
N ASN S 93 -37.07 30.07 35.65
CA ASN S 93 -37.93 29.14 34.92
C ASN S 93 -37.44 27.71 35.05
N VAL S 94 -36.14 27.49 34.90
CA VAL S 94 -35.63 26.14 35.03
C VAL S 94 -35.78 25.68 36.48
N TYR S 95 -35.65 26.59 37.45
CA TYR S 95 -35.84 26.21 38.84
C TYR S 95 -37.28 25.79 39.11
N ALA S 96 -38.25 26.48 38.51
CA ALA S 96 -39.64 26.07 38.63
C ALA S 96 -39.83 24.67 38.09
N GLN S 97 -39.31 24.41 36.88
CA GLN S 97 -39.41 23.08 36.31
C GLN S 97 -38.80 22.03 37.24
N THR S 98 -37.59 22.31 37.74
CA THR S 98 -36.84 21.35 38.52
C THR S 98 -37.54 21.04 39.83
N LEU S 99 -37.91 22.07 40.59
CA LEU S 99 -38.58 21.84 41.86
C LEU S 99 -39.95 21.20 41.67
N GLY S 100 -40.62 21.47 40.55
CA GLY S 100 -41.83 20.72 40.27
C GLY S 100 -41.58 19.24 40.16
N THR S 101 -40.59 18.86 39.34
CA THR S 101 -40.28 17.44 39.17
C THR S 101 -39.86 16.82 40.50
N ILE S 102 -38.96 17.48 41.23
CA ILE S 102 -38.52 16.97 42.53
C ILE S 102 -39.72 16.75 43.44
N PHE S 103 -40.59 17.75 43.53
CA PHE S 103 -41.70 17.70 44.47
C PHE S 103 -42.65 16.55 44.17
N THR S 104 -42.85 16.23 42.90
CA THR S 104 -43.78 15.14 42.61
C THR S 104 -43.13 13.77 42.54
N GLU S 105 -41.81 13.69 42.31
CA GLU S 105 -41.20 12.42 41.94
C GLU S 105 -40.13 11.91 42.89
N GLN S 106 -39.51 12.75 43.71
CA GLN S 106 -38.44 12.20 44.53
C GLN S 106 -38.99 11.54 45.78
N ALA S 107 -38.12 10.78 46.45
CA ALA S 107 -38.51 10.07 47.65
C ALA S 107 -39.06 11.03 48.69
N LYS S 108 -38.39 12.16 48.88
CA LYS S 108 -38.82 13.20 49.80
C LYS S 108 -38.74 14.53 49.08
N PRO S 109 -39.76 15.39 49.16
CA PRO S 109 -39.67 16.69 48.52
C PRO S 109 -38.56 17.53 49.13
N TYR S 110 -38.09 18.50 48.35
CA TYR S 110 -37.04 19.39 48.83
C TYR S 110 -37.64 20.45 49.73
N GLU S 111 -37.06 20.61 50.92
CA GLU S 111 -37.50 21.61 51.88
C GLU S 111 -36.73 22.90 51.65
N VAL S 112 -37.02 23.55 50.52
CA VAL S 112 -36.28 24.74 50.13
C VAL S 112 -37.23 25.80 49.59
N GLU S 113 -36.76 27.04 49.64
CA GLU S 113 -37.41 28.16 48.98
C GLU S 113 -36.29 29.00 48.39
N LEU S 114 -36.44 29.40 47.14
CA LEU S 114 -35.35 30.02 46.39
C LEU S 114 -35.73 31.42 45.93
N CYS S 115 -34.71 32.25 45.82
CA CYS S 115 -34.80 33.57 45.22
C CYS S 115 -33.71 33.71 44.19
N VAL S 116 -34.08 34.10 42.98
CA VAL S 116 -33.15 34.36 41.90
C VAL S 116 -33.30 35.82 41.54
N ALA S 117 -32.21 36.56 41.57
CA ALA S 117 -32.26 38.01 41.35
C ALA S 117 -31.31 38.41 40.24
N GLU S 118 -31.72 39.41 39.46
CA GLU S 118 -30.91 39.92 38.37
C GLU S 118 -30.89 41.44 38.40
N VAL S 119 -29.71 42.01 38.19
CA VAL S 119 -29.53 43.44 38.04
C VAL S 119 -29.15 43.71 36.59
N ALA S 120 -29.13 44.99 36.24
CA ALA S 120 -28.81 45.37 34.89
C ALA S 120 -27.34 45.11 34.58
N HIS S 121 -27.04 45.01 33.28
CA HIS S 121 -25.67 44.96 32.83
C HIS S 121 -25.03 46.34 32.94
N TYR S 122 -23.71 46.37 32.99
CA TYR S 122 -22.99 47.61 33.21
C TYR S 122 -23.43 48.65 32.18
N GLY S 123 -23.81 49.83 32.65
CA GLY S 123 -24.21 50.89 31.77
C GLY S 123 -25.63 50.80 31.27
N GLU S 124 -26.39 49.78 31.66
CA GLU S 124 -27.77 49.66 31.23
C GLU S 124 -28.71 50.13 32.33
N THR S 125 -29.87 50.63 31.94
CA THR S 125 -30.88 51.15 32.85
C THR S 125 -32.04 50.16 32.87
N LYS S 126 -32.07 49.30 33.88
CA LYS S 126 -33.09 48.27 34.00
C LYS S 126 -33.36 48.05 35.48
N ARG S 127 -34.62 48.05 35.86
CA ARG S 127 -34.98 47.80 37.24
C ARG S 127 -34.64 46.36 37.61
N PRO S 128 -34.09 46.13 38.80
CA PRO S 128 -33.79 44.75 39.22
C PRO S 128 -35.00 43.84 39.13
N GLU S 129 -34.75 42.54 39.02
CA GLU S 129 -35.79 41.54 38.98
C GLU S 129 -35.56 40.54 40.10
N LEU S 130 -36.63 40.19 40.79
CA LEU S 130 -36.61 39.19 41.85
C LEU S 130 -37.61 38.10 41.54
N TYR S 131 -37.19 36.85 41.71
CA TYR S 131 -38.04 35.70 41.48
C TYR S 131 -38.04 34.81 42.72
N ARG S 132 -39.21 34.31 43.06
CA ARG S 132 -39.41 33.42 44.20
C ARG S 132 -39.90 32.08 43.68
N ILE S 133 -39.19 31.01 44.02
CA ILE S 133 -39.58 29.67 43.62
C ILE S 133 -39.77 28.85 44.89
N THR S 134 -40.94 28.23 45.03
CA THR S 134 -41.27 27.52 46.26
C THR S 134 -41.06 26.02 46.08
N TYR S 135 -41.22 25.28 47.17
CA TYR S 135 -40.86 23.87 47.23
C TYR S 135 -41.59 23.03 46.20
N ASP S 136 -42.71 23.51 45.65
CA ASP S 136 -43.51 22.74 44.73
C ASP S 136 -43.37 23.21 43.29
N GLY S 137 -42.46 24.13 43.02
CA GLY S 137 -42.31 24.64 41.68
C GLY S 137 -43.16 25.86 41.35
N SER S 138 -43.91 26.39 42.30
CA SER S 138 -44.61 27.63 42.05
C SER S 138 -43.60 28.75 41.90
N ILE S 139 -43.84 29.63 40.95
CA ILE S 139 -42.89 30.69 40.64
C ILE S 139 -43.65 32.00 40.70
N ALA S 140 -42.99 33.02 41.23
CA ALA S 140 -43.63 34.30 41.47
C ALA S 140 -42.65 35.42 41.14
N ASP S 141 -43.18 36.43 40.48
CA ASP S 141 -42.42 37.61 40.09
C ASP S 141 -42.64 38.65 41.18
N GLU S 142 -41.55 39.07 41.84
CA GLU S 142 -41.73 39.94 43.00
C GLU S 142 -41.11 41.31 42.69
N PRO S 143 -41.77 42.41 43.10
CA PRO S 143 -41.36 43.72 42.58
C PRO S 143 -40.39 44.51 43.43
N HIS S 144 -40.40 44.29 44.73
CA HIS S 144 -39.64 45.13 45.64
C HIS S 144 -38.70 44.32 46.51
N PHE S 145 -39.19 43.24 47.10
CA PHE S 145 -38.37 42.44 47.99
C PHE S 145 -38.95 41.04 48.04
N VAL S 146 -38.09 40.10 48.46
CA VAL S 146 -38.45 38.70 48.64
C VAL S 146 -37.95 38.29 50.01
N VAL S 147 -38.79 37.56 50.72
CA VAL S 147 -38.46 37.04 52.04
C VAL S 147 -38.78 35.55 52.06
N MET S 148 -37.87 34.76 52.62
CA MET S 148 -38.02 33.31 52.60
C MET S 148 -37.60 32.71 53.92
N GLY S 149 -38.32 31.70 54.37
CA GLY S 149 -37.91 30.93 55.54
C GLY S 149 -38.39 31.52 56.84
N GLY S 150 -38.70 30.63 57.78
CA GLY S 150 -39.20 31.02 59.08
C GLY S 150 -40.60 31.59 58.98
N THR S 151 -40.94 32.43 59.95
CA THR S 151 -42.23 33.11 59.96
C THR S 151 -42.05 34.40 59.18
N THR S 152 -42.51 34.41 57.93
CA THR S 152 -42.20 35.52 57.04
C THR S 152 -43.11 36.73 57.22
N GLU S 153 -44.31 36.56 57.77
CA GLU S 153 -45.23 37.69 57.88
C GLU S 153 -44.65 38.88 58.65
N PRO S 154 -44.00 38.71 59.80
CA PRO S 154 -43.53 39.91 60.52
C PRO S 154 -42.46 40.68 59.76
N ILE S 155 -41.49 39.97 59.19
CA ILE S 155 -40.40 40.60 58.46
C ILE S 155 -40.91 41.20 57.15
N ALA S 156 -41.83 40.51 56.49
CA ALA S 156 -42.44 41.08 55.30
C ALA S 156 -43.14 42.39 55.62
N ASN S 157 -43.91 42.43 56.72
CA ASN S 157 -44.56 43.68 57.10
C ASN S 157 -43.53 44.74 57.47
N ALA S 158 -42.51 44.37 58.23
CA ALA S 158 -41.46 45.32 58.59
C ALA S 158 -40.88 45.96 57.34
N LEU S 159 -40.59 45.15 56.32
CA LEU S 159 -40.07 45.69 55.08
C LEU S 159 -41.12 46.52 54.36
N LYS S 160 -42.39 46.13 54.45
CA LYS S 160 -43.42 46.71 53.60
C LYS S 160 -43.62 48.19 53.88
N GLU S 161 -43.51 48.61 55.14
CA GLU S 161 -43.61 50.03 55.47
C GLU S 161 -42.27 50.74 55.33
N SER S 162 -41.19 50.09 55.73
CA SER S 162 -39.89 50.77 55.76
C SER S 162 -39.23 50.81 54.38
N TYR S 163 -39.43 49.79 53.55
CA TYR S 163 -38.71 49.72 52.30
C TYR S 163 -38.88 50.98 51.47
N ALA S 164 -37.75 51.54 51.07
CA ALA S 164 -37.73 52.57 50.06
C ALA S 164 -36.81 52.07 48.97
N GLU S 165 -37.28 52.11 47.73
CA GLU S 165 -36.38 51.83 46.65
C GLU S 165 -35.37 52.97 46.61
N ASN S 166 -34.25 52.73 45.93
CA ASN S 166 -33.22 53.75 45.80
C ASN S 166 -32.64 54.13 47.17
N ALA S 167 -32.59 53.18 48.09
CA ALA S 167 -31.91 53.37 49.36
C ALA S 167 -30.41 53.26 49.16
N SER S 168 -29.65 53.69 50.16
CA SER S 168 -28.22 53.45 50.07
C SER S 168 -27.94 52.02 50.51
N LEU S 169 -26.73 51.54 50.19
CA LEU S 169 -26.39 50.17 50.56
C LEU S 169 -26.49 50.02 52.07
N THR S 170 -25.91 50.96 52.81
CA THR S 170 -25.97 50.90 54.27
C THR S 170 -27.41 51.03 54.77
N ASP S 171 -28.19 51.96 54.21
CA ASP S 171 -29.57 52.13 54.62
C ASP S 171 -30.37 50.85 54.38
N ALA S 172 -30.27 50.31 53.16
CA ALA S 172 -31.00 49.09 52.84
C ALA S 172 -30.57 47.96 53.75
N LEU S 173 -29.28 47.88 54.04
CA LEU S 173 -28.79 46.84 54.94
C LEU S 173 -29.44 46.96 56.31
N ARG S 174 -29.39 48.15 56.90
CA ARG S 174 -29.92 48.30 58.26
C ARG S 174 -31.42 48.07 58.29
N ILE S 175 -32.14 48.49 57.25
CA ILE S 175 -33.57 48.16 57.16
C ILE S 175 -33.77 46.65 57.10
N ALA S 176 -32.91 45.95 56.37
CA ALA S 176 -33.04 44.51 56.24
C ALA S 176 -32.78 43.80 57.57
N VAL S 177 -31.70 44.16 58.24
CA VAL S 177 -31.37 43.53 59.53
C VAL S 177 -32.46 43.84 60.55
N ALA S 178 -32.98 45.07 60.52
CA ALA S 178 -34.10 45.42 61.38
C ALA S 178 -35.28 44.52 61.12
N ALA S 179 -35.63 44.34 59.83
CA ALA S 179 -36.74 43.47 59.51
C ALA S 179 -36.50 42.05 60.01
N LEU S 180 -35.25 41.57 59.90
CA LEU S 180 -34.97 40.21 60.36
C LEU S 180 -35.17 40.09 61.87
N ARG S 181 -34.71 41.07 62.65
CA ARG S 181 -34.92 41.00 64.10
C ARG S 181 -36.39 40.94 64.46
N ALA S 182 -37.27 41.42 63.58
CA ALA S 182 -38.71 41.27 63.80
C ALA S 182 -39.20 39.84 63.57
N GLY S 183 -38.29 38.90 63.29
CA GLY S 183 -38.66 37.50 63.14
C GLY S 183 -38.24 36.66 64.33
N SER S 184 -36.97 36.30 64.38
CA SER S 184 -36.43 35.52 65.50
C SER S 184 -36.60 36.25 66.83
N LEU S 195 -27.82 40.84 66.51
CA LEU S 195 -27.80 40.32 65.14
C LEU S 195 -26.75 41.05 64.34
N GLY S 196 -25.48 40.73 64.60
CA GLY S 196 -24.35 41.46 64.05
C GLY S 196 -23.58 40.72 62.97
N VAL S 197 -22.28 40.96 62.90
CA VAL S 197 -21.46 40.38 61.83
C VAL S 197 -21.46 38.86 61.90
N ALA S 198 -21.10 38.31 63.07
CA ALA S 198 -20.90 36.88 63.20
C ALA S 198 -22.19 36.08 63.24
N SER S 199 -23.31 36.66 62.78
CA SER S 199 -24.56 35.94 62.65
C SER S 199 -25.24 36.24 61.32
N LEU S 200 -24.59 36.97 60.42
CA LEU S 200 -25.17 37.35 59.15
C LEU S 200 -24.30 36.91 57.99
N GLU S 201 -24.97 36.61 56.88
CA GLU S 201 -24.33 36.47 55.57
C GLU S 201 -24.98 37.47 54.64
N VAL S 202 -24.18 38.36 54.05
CA VAL S 202 -24.70 39.43 53.22
C VAL S 202 -23.88 39.50 51.94
N ALA S 203 -24.57 39.72 50.82
CA ALA S 203 -23.88 39.88 49.56
C ALA S 203 -24.76 40.76 48.68
N VAL S 204 -24.18 41.28 47.61
CA VAL S 204 -24.91 42.19 46.73
C VAL S 204 -24.67 41.85 45.28
N LEU S 205 -25.69 42.08 44.48
CA LEU S 205 -25.55 42.23 43.04
C LEU S 205 -25.36 43.73 42.79
N ASP S 206 -24.11 44.12 42.55
CA ASP S 206 -23.71 45.52 42.43
C ASP S 206 -23.77 45.91 40.96
N ALA S 207 -24.81 46.65 40.58
CA ALA S 207 -24.99 47.01 39.18
C ALA S 207 -23.86 47.87 38.63
N ASN S 208 -22.93 48.29 39.47
CA ASN S 208 -21.82 49.10 39.00
C ASN S 208 -20.57 48.28 38.70
N ARG S 209 -20.53 47.01 39.05
CA ARG S 209 -19.32 46.29 38.72
C ARG S 209 -19.33 45.98 37.23
N PRO S 210 -18.18 46.06 36.55
CA PRO S 210 -18.21 45.95 35.09
C PRO S 210 -18.72 44.61 34.58
N ARG S 211 -18.20 43.50 35.11
CA ARG S 211 -18.50 42.18 34.58
C ARG S 211 -19.32 41.36 35.57
N ARG S 212 -18.74 40.97 36.70
CA ARG S 212 -19.40 40.09 37.66
C ARG S 212 -19.96 40.94 38.80
N ALA S 213 -21.29 40.96 38.91
CA ALA S 213 -21.94 41.84 39.87
C ALA S 213 -21.93 41.31 41.30
N PHE S 214 -21.80 40.00 41.47
CA PHE S 214 -21.87 39.41 42.81
C PHE S 214 -20.63 39.77 43.63
N ARG S 215 -20.84 40.27 44.85
CA ARG S 215 -19.73 40.42 45.77
C ARG S 215 -20.23 40.35 47.22
N ARG S 216 -19.41 39.76 48.08
CA ARG S 216 -19.73 39.55 49.48
C ARG S 216 -19.21 40.71 50.34
N ILE S 217 -19.89 40.92 51.46
CA ILE S 217 -19.56 41.97 52.42
C ILE S 217 -19.26 41.27 53.75
N THR S 218 -18.00 41.34 54.19
CA THR S 218 -17.56 40.51 55.31
C THR S 218 -16.73 41.28 56.32
N GLY S 219 -16.73 40.76 57.54
CA GLY S 219 -15.82 41.19 58.59
C GLY S 219 -15.92 42.67 58.92
N SER S 220 -14.75 43.30 58.96
CA SER S 220 -14.68 44.71 59.34
C SER S 220 -15.54 45.57 58.42
N ALA S 221 -15.51 45.28 57.10
CA ALA S 221 -16.32 46.04 56.16
C ALA S 221 -17.80 45.96 56.53
N LEU S 222 -18.30 44.74 56.77
CA LEU S 222 -19.69 44.58 57.15
C LEU S 222 -19.98 45.30 58.46
N GLN S 223 -19.08 45.16 59.44
CA GLN S 223 -19.26 45.85 60.72
C GLN S 223 -19.41 47.35 60.51
N ALA S 224 -18.59 47.93 59.63
CA ALA S 224 -18.72 49.33 59.30
C ALA S 224 -20.10 49.62 58.72
N LEU S 225 -20.61 48.71 57.90
CA LEU S 225 -21.95 48.94 57.35
C LEU S 225 -23.04 48.77 58.40
N LEU S 226 -22.76 48.09 59.52
CA LEU S 226 -23.83 47.76 60.46
C LEU S 226 -24.14 48.92 61.40
N VAL S 227 -23.14 49.37 62.16
CA VAL S 227 -23.24 50.59 62.97
C VAL S 227 -21.92 51.33 62.85
N ASP S 228 -21.97 52.57 62.36
CA ASP S 228 -20.76 53.35 62.12
C ASP S 228 -20.26 54.05 63.37
N MET T 1 -58.76 1.57 42.03
CA MET T 1 -58.69 1.99 40.64
C MET T 1 -59.56 3.22 40.36
N GLU T 2 -60.88 3.05 40.39
CA GLU T 2 -61.78 4.17 40.17
C GLU T 2 -61.53 5.28 41.17
N GLN T 3 -61.33 4.90 42.44
CA GLN T 3 -61.03 5.89 43.48
C GLN T 3 -59.80 6.70 43.12
N ALA T 4 -58.70 6.01 42.78
CA ALA T 4 -57.46 6.71 42.44
C ALA T 4 -57.67 7.70 41.30
N MET T 5 -58.39 7.28 40.25
CA MET T 5 -58.64 8.20 39.14
C MET T 5 -59.55 9.33 39.56
N ARG T 6 -60.49 9.06 40.47
CA ARG T 6 -61.32 10.11 41.02
C ARG T 6 -60.47 11.16 41.72
N GLU T 7 -59.49 10.71 42.50
CA GLU T 7 -58.65 11.64 43.26
C GLU T 7 -57.75 12.45 42.33
N ARG T 8 -57.18 11.80 41.31
CA ARG T 8 -56.39 12.55 40.33
C ARG T 8 -57.23 13.62 39.67
N SER T 9 -58.39 13.23 39.15
CA SER T 9 -59.30 14.19 38.53
C SER T 9 -59.59 15.36 39.47
N GLU T 10 -59.92 15.06 40.72
CA GLU T 10 -60.24 16.13 41.65
C GLU T 10 -59.05 17.05 41.89
N LEU T 11 -57.86 16.48 42.10
CA LEU T 11 -56.69 17.32 42.36
C LEU T 11 -56.43 18.25 41.19
N ALA T 12 -56.47 17.73 39.97
CA ALA T 12 -56.26 18.59 38.82
C ALA T 12 -57.36 19.63 38.70
N ARG T 13 -58.62 19.22 38.88
CA ARG T 13 -59.74 20.14 38.73
C ARG T 13 -59.63 21.28 39.74
N LYS T 14 -59.30 20.96 40.99
CA LYS T 14 -59.14 21.99 42.00
C LYS T 14 -57.98 22.90 41.65
N GLY T 15 -56.87 22.34 41.17
CA GLY T 15 -55.77 23.16 40.72
C GLY T 15 -56.18 24.17 39.67
N ILE T 16 -56.98 23.73 38.69
CA ILE T 16 -57.43 24.63 37.63
C ILE T 16 -58.40 25.68 38.18
N ALA T 17 -59.25 25.28 39.13
CA ALA T 17 -60.20 26.24 39.71
C ALA T 17 -59.48 27.38 40.41
N ARG T 18 -58.34 27.09 41.04
CA ARG T 18 -57.62 28.08 41.83
C ARG T 18 -56.86 29.10 40.99
N ALA T 19 -56.78 28.93 39.69
CA ALA T 19 -55.88 29.73 38.86
C ALA T 19 -56.62 30.84 38.14
N LYS T 20 -55.86 31.85 37.74
CA LYS T 20 -56.41 32.97 36.98
C LYS T 20 -56.98 32.49 35.66
N SER T 21 -58.00 33.19 35.17
CA SER T 21 -58.75 32.74 34.01
C SER T 21 -58.21 33.36 32.72
N VAL T 22 -58.49 32.65 31.62
CA VAL T 22 -58.01 33.02 30.29
C VAL T 22 -59.09 32.67 29.27
N VAL T 23 -59.27 33.53 28.28
CA VAL T 23 -60.24 33.32 27.22
C VAL T 23 -59.58 33.57 25.88
N ALA T 24 -60.01 32.81 24.87
CA ALA T 24 -59.60 33.00 23.49
C ALA T 24 -60.85 32.93 22.63
N LEU T 25 -61.06 33.93 21.78
CA LEU T 25 -62.28 33.97 21.00
C LEU T 25 -61.96 34.38 19.58
N ALA T 26 -62.69 33.83 18.64
CA ALA T 26 -62.47 34.12 17.23
C ALA T 26 -63.08 35.47 16.87
N TYR T 27 -62.34 36.30 16.15
CA TYR T 27 -62.86 37.56 15.68
C TYR T 27 -62.45 37.73 14.22
N ALA T 28 -62.91 38.84 13.63
CA ALA T 28 -62.75 39.04 12.19
C ALA T 28 -61.29 39.07 11.77
N GLY T 29 -60.40 39.50 12.65
CA GLY T 29 -59.00 39.58 12.33
C GLY T 29 -58.20 38.34 12.66
N GLY T 30 -58.84 37.32 13.23
CA GLY T 30 -58.13 36.12 13.59
C GLY T 30 -58.62 35.53 14.89
N VAL T 31 -57.72 35.33 15.84
CA VAL T 31 -58.08 34.80 17.14
C VAL T 31 -57.46 35.68 18.22
N LEU T 32 -58.22 35.91 19.30
CA LEU T 32 -57.78 36.78 20.37
C LEU T 32 -57.57 35.98 21.64
N PHE T 33 -56.40 36.18 22.25
CA PHE T 33 -56.05 35.61 23.54
C PHE T 33 -55.99 36.75 24.55
N VAL T 34 -56.79 36.63 25.60
CA VAL T 34 -56.76 37.56 26.72
C VAL T 34 -56.66 36.75 27.99
N ALA T 35 -55.66 37.05 28.83
CA ALA T 35 -55.44 36.29 30.04
C ALA T 35 -55.16 37.24 31.19
N GLU T 36 -55.77 36.96 32.32
CA GLU T 36 -55.46 37.69 33.54
C GLU T 36 -54.10 37.24 34.05
N ASN T 37 -53.14 38.15 34.07
CA ASN T 37 -51.77 37.78 34.42
C ASN T 37 -51.05 38.99 35.01
N PRO T 38 -50.85 39.02 36.33
CA PRO T 38 -50.14 40.15 36.94
C PRO T 38 -48.68 40.21 36.59
N SER T 39 -48.07 39.09 36.21
CA SER T 39 -46.62 39.03 36.09
C SER T 39 -46.12 39.95 34.98
N ARG T 40 -44.88 40.39 35.13
CA ARG T 40 -44.22 41.24 34.15
C ARG T 40 -43.43 40.45 33.11
N SER T 41 -43.07 39.20 33.40
CA SER T 41 -42.20 38.44 32.50
C SER T 41 -42.58 36.98 32.32
N LEU T 42 -43.49 36.43 33.10
CA LEU T 42 -43.92 35.05 32.94
C LEU T 42 -45.24 35.04 32.17
N GLN T 43 -45.33 34.18 31.15
CA GLN T 43 -46.38 34.27 30.15
C GLN T 43 -47.22 33.01 30.08
N LYS T 44 -48.52 33.20 29.88
CA LYS T 44 -49.48 32.12 29.71
C LYS T 44 -49.92 31.94 28.28
N ILE T 45 -49.57 32.87 27.39
CA ILE T 45 -49.96 32.81 25.99
C ILE T 45 -48.69 32.84 25.16
N SER T 46 -48.61 31.98 24.15
CA SER T 46 -47.37 31.83 23.42
C SER T 46 -47.66 31.44 21.98
N GLU T 47 -46.67 31.70 21.14
CA GLU T 47 -46.68 31.23 19.77
C GLU T 47 -46.24 29.77 19.77
N LEU T 48 -46.91 28.96 18.96
CA LEU T 48 -46.47 27.58 18.70
C LEU T 48 -45.83 27.44 17.33
N TYR T 49 -46.53 27.82 16.29
CA TYR T 49 -46.02 27.75 14.93
C TYR T 49 -46.57 28.94 14.15
N ASP T 50 -46.22 29.00 12.87
CA ASP T 50 -46.53 30.15 12.03
C ASP T 50 -47.93 30.70 12.29
N ARG T 51 -48.94 29.83 12.20
CA ARG T 51 -50.33 30.23 12.36
C ARG T 51 -50.97 29.57 13.59
N VAL T 52 -50.18 29.06 14.52
CA VAL T 52 -50.72 28.28 15.63
C VAL T 52 -50.27 28.88 16.94
N GLY T 53 -51.23 29.15 17.82
CA GLY T 53 -50.94 29.74 19.12
C GLY T 53 -51.45 28.92 20.29
N PHE T 54 -50.94 29.23 21.48
CA PHE T 54 -51.08 28.39 22.66
C PHE T 54 -51.46 29.25 23.86
N ALA T 55 -52.44 28.81 24.63
CA ALA T 55 -52.77 29.49 25.87
C ALA T 55 -53.16 28.45 26.90
N ALA T 56 -52.83 28.70 28.16
CA ALA T 56 -52.99 27.69 29.18
C ALA T 56 -53.43 28.29 30.50
N ALA T 57 -54.04 27.46 31.34
CA ALA T 57 -54.38 27.82 32.71
C ALA T 57 -53.88 26.76 33.65
N GLY T 58 -53.41 27.19 34.83
CA GLY T 58 -52.95 26.24 35.81
C GLY T 58 -51.57 26.51 36.37
N LYS T 59 -50.84 25.44 36.70
CA LYS T 59 -49.51 25.56 37.28
C LYS T 59 -48.51 25.96 36.21
N PHE T 60 -47.73 27.01 36.47
CA PHE T 60 -46.89 27.57 35.43
C PHE T 60 -45.92 26.54 34.90
N ASN T 61 -45.15 25.91 35.80
CA ASN T 61 -44.13 24.98 35.34
C ASN T 61 -44.72 23.86 34.49
N GLU T 62 -45.95 23.44 34.79
CA GLU T 62 -46.53 22.34 34.03
C GLU T 62 -46.99 22.78 32.64
N PHE T 63 -47.77 23.85 32.55
CA PHE T 63 -48.19 24.24 31.21
C PHE T 63 -47.06 24.87 30.41
N ASP T 64 -46.01 25.32 31.07
CA ASP T 64 -44.80 25.74 30.37
C ASP T 64 -44.05 24.53 29.83
N ASN T 65 -43.98 23.45 30.60
CA ASN T 65 -43.47 22.19 30.04
C ASN T 65 -44.25 21.81 28.79
N LEU T 66 -45.57 21.83 28.86
CA LEU T 66 -46.36 21.47 27.68
C LEU T 66 -46.15 22.44 26.53
N ARG T 67 -45.95 23.72 26.83
CA ARG T 67 -45.70 24.70 25.79
C ARG T 67 -44.41 24.38 25.06
N ARG T 68 -43.34 24.15 25.82
CA ARG T 68 -42.05 23.81 25.20
C ARG T 68 -42.16 22.52 24.41
N GLY T 69 -42.85 21.52 24.96
CA GLY T 69 -43.02 20.28 24.22
C GLY T 69 -43.77 20.47 22.92
N GLY T 70 -44.80 21.32 22.95
CA GLY T 70 -45.54 21.59 21.73
C GLY T 70 -44.69 22.30 20.70
N ILE T 71 -43.88 23.25 21.16
CA ILE T 71 -42.95 23.92 20.25
C ILE T 71 -41.98 22.93 19.65
N GLN T 72 -41.41 22.04 20.47
CA GLN T 72 -40.52 21.01 19.96
C GLN T 72 -41.19 20.17 18.88
N PHE T 73 -42.39 19.67 19.18
CA PHE T 73 -43.12 18.85 18.23
C PHE T 73 -43.34 19.60 16.91
N ALA T 74 -43.79 20.86 17.02
CA ALA T 74 -44.09 21.62 15.82
C ALA T 74 -42.85 21.84 14.97
N ASP T 75 -41.78 22.36 15.58
CA ASP T 75 -40.57 22.65 14.82
C ASP T 75 -40.02 21.38 14.19
N THR T 76 -40.05 20.26 14.92
CA THR T 76 -39.54 19.01 14.36
C THR T 76 -40.36 18.57 13.16
N ARG T 77 -41.70 18.58 13.29
CA ARG T 77 -42.52 18.16 12.16
C ARG T 77 -42.31 19.06 10.95
N GLY T 78 -42.24 20.36 11.18
CA GLY T 78 -42.01 21.26 10.07
C GLY T 78 -40.68 21.00 9.39
N TYR T 79 -39.66 20.62 10.17
CA TYR T 79 -38.36 20.31 9.57
C TYR T 79 -38.41 19.00 8.80
N ALA T 80 -39.00 17.96 9.39
CA ALA T 80 -39.03 16.65 8.74
C ALA T 80 -39.82 16.68 7.45
N TYR T 81 -40.87 17.50 7.39
CA TYR T 81 -41.67 17.64 6.18
C TYR T 81 -41.60 19.06 5.61
N ASP T 82 -42.50 19.93 6.05
CA ASP T 82 -42.53 21.32 5.58
C ASP T 82 -43.49 22.09 6.47
N ARG T 83 -43.29 23.40 6.51
CA ARG T 83 -44.02 24.23 7.47
C ARG T 83 -45.51 24.20 7.21
N ARG T 84 -45.91 24.08 5.95
CA ARG T 84 -47.33 24.04 5.60
C ARG T 84 -47.98 22.72 5.99
N ASP T 85 -47.24 21.80 6.61
CA ASP T 85 -47.78 20.53 7.07
C ASP T 85 -48.14 20.53 8.55
N VAL T 86 -47.64 21.49 9.31
CA VAL T 86 -47.99 21.62 10.71
C VAL T 86 -49.35 22.29 10.80
N THR T 87 -50.27 21.67 11.53
CA THR T 87 -51.61 22.18 11.69
C THR T 87 -51.94 22.27 13.16
N GLY T 88 -52.89 23.14 13.49
CA GLY T 88 -53.34 23.23 14.87
C GLY T 88 -54.02 21.95 15.34
N ARG T 89 -54.69 21.25 14.42
CA ARG T 89 -55.27 19.97 14.77
C ARG T 89 -54.20 19.00 15.23
N GLN T 90 -53.06 18.97 14.52
CA GLN T 90 -51.96 18.08 14.89
C GLN T 90 -51.48 18.36 16.31
N LEU T 91 -51.19 19.61 16.61
CA LEU T 91 -50.70 19.96 17.93
C LEU T 91 -51.75 19.68 19.00
N ALA T 92 -53.01 19.97 18.70
CA ALA T 92 -54.05 19.65 19.67
C ALA T 92 -54.09 18.16 19.95
N ASN T 93 -53.99 17.34 18.90
CA ASN T 93 -54.03 15.89 19.07
C ASN T 93 -52.84 15.42 19.90
N VAL T 94 -51.65 15.93 19.62
CA VAL T 94 -50.48 15.50 20.38
C VAL T 94 -50.60 15.94 21.82
N TYR T 95 -51.23 17.10 22.07
CA TYR T 95 -51.48 17.51 23.45
C TYR T 95 -52.47 16.57 24.12
N ALA T 96 -53.49 16.13 23.39
CA ALA T 96 -54.45 15.18 23.94
C ALA T 96 -53.74 13.91 24.38
N GLN T 97 -52.93 13.34 23.49
CA GLN T 97 -52.19 12.12 23.82
C GLN T 97 -51.28 12.36 25.03
N THR T 98 -50.56 13.48 25.02
CA THR T 98 -49.58 13.75 26.06
C THR T 98 -50.26 13.89 27.42
N LEU T 99 -51.28 14.73 27.50
CA LEU T 99 -51.98 14.92 28.76
C LEU T 99 -52.68 13.65 29.21
N GLY T 100 -53.12 12.81 28.27
CA GLY T 100 -53.63 11.51 28.66
C GLY T 100 -52.58 10.68 29.38
N THR T 101 -51.39 10.58 28.78
CA THR T 101 -50.32 9.82 29.42
C THR T 101 -49.95 10.41 30.77
N ILE T 102 -49.80 11.73 30.85
CA ILE T 102 -49.50 12.37 32.13
C ILE T 102 -50.56 12.02 33.16
N PHE T 103 -51.83 12.14 32.79
CA PHE T 103 -52.90 11.95 33.75
C PHE T 103 -52.91 10.52 34.28
N THR T 104 -52.61 9.53 33.42
CA THR T 104 -52.70 8.15 33.88
C THR T 104 -51.40 7.60 34.46
N GLU T 105 -50.25 8.16 34.14
CA GLU T 105 -48.99 7.48 34.41
C GLU T 105 -48.04 8.22 35.33
N GLN T 106 -48.15 9.54 35.45
CA GLN T 106 -47.18 10.30 36.23
C GLN T 106 -47.56 10.28 37.71
N ALA T 107 -46.61 10.71 38.54
CA ALA T 107 -46.84 10.74 39.98
C ALA T 107 -48.05 11.59 40.33
N LYS T 108 -48.16 12.77 39.71
CA LYS T 108 -49.26 13.70 39.88
C LYS T 108 -49.72 14.19 38.52
N PRO T 109 -51.03 14.25 38.29
CA PRO T 109 -51.51 14.82 37.04
C PRO T 109 -51.16 16.29 36.91
N TYR T 110 -51.10 16.74 35.66
CA TYR T 110 -50.81 18.15 35.40
C TYR T 110 -52.07 18.96 35.66
N GLU T 111 -51.92 20.01 36.46
CA GLU T 111 -53.04 20.90 36.77
C GLU T 111 -53.09 22.01 35.72
N VAL T 112 -53.45 21.62 34.50
CA VAL T 112 -53.45 22.55 33.37
C VAL T 112 -54.68 22.35 32.50
N GLU T 113 -54.98 23.38 31.74
CA GLU T 113 -55.96 23.32 30.66
C GLU T 113 -55.37 24.11 29.51
N LEU T 114 -55.47 23.55 28.31
CA LEU T 114 -54.80 24.09 27.14
C LEU T 114 -55.81 24.49 26.08
N CYS T 115 -55.42 25.51 25.32
CA CYS T 115 -56.14 25.95 24.14
C CYS T 115 -55.13 26.10 23.02
N VAL T 116 -55.43 25.46 21.90
CA VAL T 116 -54.61 25.54 20.69
C VAL T 116 -55.47 26.20 19.64
N ALA T 117 -54.96 27.27 19.05
CA ALA T 117 -55.76 28.03 18.10
C ALA T 117 -55.01 28.15 16.79
N GLU T 118 -55.74 28.10 15.68
CA GLU T 118 -55.15 28.27 14.37
C GLU T 118 -55.98 29.21 13.52
N VAL T 119 -55.31 30.12 12.83
CA VAL T 119 -55.96 30.99 11.86
C VAL T 119 -55.48 30.59 10.46
N ALA T 120 -56.13 31.16 9.46
CA ALA T 120 -55.82 30.81 8.09
C ALA T 120 -54.42 31.32 7.70
N HIS T 121 -53.88 30.71 6.66
CA HIS T 121 -52.64 31.20 6.08
C HIS T 121 -52.90 32.44 5.26
N TYR T 122 -51.85 33.24 5.06
CA TYR T 122 -52.01 34.53 4.39
C TYR T 122 -52.66 34.34 3.02
N GLY T 123 -53.70 35.13 2.75
CA GLY T 123 -54.39 35.09 1.48
C GLY T 123 -55.37 33.96 1.33
N GLU T 124 -55.50 33.10 2.33
CA GLU T 124 -56.43 31.98 2.28
C GLU T 124 -57.68 32.32 3.08
N THR T 125 -58.79 31.69 2.72
CA THR T 125 -60.06 31.89 3.39
C THR T 125 -60.35 30.66 4.22
N LYS T 126 -60.26 30.79 5.54
CA LYS T 126 -60.49 29.66 6.42
C LYS T 126 -60.92 30.20 7.77
N ARG T 127 -62.00 29.67 8.31
CA ARG T 127 -62.44 30.19 9.58
C ARG T 127 -61.53 29.67 10.69
N PRO T 128 -61.24 30.50 11.69
CA PRO T 128 -60.35 30.08 12.78
C PRO T 128 -60.79 28.79 13.46
N GLU T 129 -59.84 28.11 14.09
CA GLU T 129 -60.10 26.87 14.82
C GLU T 129 -59.63 27.00 16.26
N LEU T 130 -60.45 26.55 17.19
CA LEU T 130 -60.12 26.54 18.61
C LEU T 130 -60.25 25.13 19.16
N TYR T 131 -59.25 24.71 19.91
CA TYR T 131 -59.24 23.41 20.55
C TYR T 131 -58.98 23.55 22.04
N ARG T 132 -59.72 22.77 22.82
CA ARG T 132 -59.60 22.73 24.27
C ARG T 132 -59.13 21.36 24.69
N ILE T 133 -58.04 21.30 25.42
CA ILE T 133 -57.51 20.04 25.93
C ILE T 133 -57.48 20.14 27.45
N THR T 134 -58.11 19.20 28.12
CA THR T 134 -58.21 19.25 29.57
C THR T 134 -57.19 18.29 30.18
N TYR T 135 -57.09 18.35 31.51
CA TYR T 135 -56.01 17.70 32.23
C TYR T 135 -55.94 16.19 32.01
N ASP T 136 -57.01 15.56 31.52
CA ASP T 136 -57.03 14.12 31.34
C ASP T 136 -56.90 13.69 29.90
N GLY T 137 -56.60 14.62 29.00
CA GLY T 137 -56.49 14.31 27.60
C GLY T 137 -57.76 14.42 26.81
N SER T 138 -58.86 14.82 27.44
CA SER T 138 -60.08 15.05 26.70
C SER T 138 -59.89 16.26 25.79
N ILE T 139 -60.39 16.15 24.58
CA ILE T 139 -60.16 17.18 23.57
C ILE T 139 -61.52 17.59 23.04
N ALA T 140 -61.68 18.89 22.79
CA ALA T 140 -62.97 19.43 22.41
C ALA T 140 -62.75 20.45 21.31
N ASP T 141 -63.58 20.38 20.27
CA ASP T 141 -63.51 21.25 19.12
C ASP T 141 -64.54 22.36 19.30
N GLU T 142 -64.08 23.61 19.42
CA GLU T 142 -65.06 24.66 19.63
C GLU T 142 -64.92 25.76 18.59
N PRO T 143 -66.05 26.33 18.14
CA PRO T 143 -66.01 27.21 16.97
C PRO T 143 -65.93 28.70 17.27
N HIS T 144 -66.30 29.14 18.47
CA HIS T 144 -66.43 30.57 18.73
C HIS T 144 -65.53 31.07 19.84
N PHE T 145 -65.52 30.42 21.00
CA PHE T 145 -64.69 30.90 22.09
C PHE T 145 -64.37 29.76 23.03
N VAL T 146 -63.30 29.94 23.80
CA VAL T 146 -62.84 29.01 24.81
C VAL T 146 -62.52 29.79 26.07
N VAL T 147 -62.90 29.25 27.21
CA VAL T 147 -62.60 29.82 28.52
C VAL T 147 -61.98 28.72 29.37
N MET T 148 -60.91 29.08 30.08
CA MET T 148 -60.17 28.12 30.88
C MET T 148 -59.72 28.75 32.19
N GLY T 149 -59.78 27.98 33.26
CA GLY T 149 -59.20 28.41 34.52
C GLY T 149 -60.16 29.24 35.35
N GLY T 150 -60.07 29.07 36.66
CA GLY T 150 -60.91 29.81 37.58
C GLY T 150 -62.37 29.38 37.48
N THR T 151 -63.25 30.31 37.80
CA THR T 151 -64.69 30.07 37.73
C THR T 151 -65.12 30.36 36.31
N THR T 152 -65.31 29.29 35.53
CA THR T 152 -65.53 29.48 34.11
C THR T 152 -66.96 29.87 33.79
N GLU T 153 -67.94 29.29 34.49
CA GLU T 153 -69.33 29.46 34.07
C GLU T 153 -69.81 30.91 34.05
N PRO T 154 -69.48 31.79 35.02
CA PRO T 154 -69.85 33.20 34.83
C PRO T 154 -69.26 33.81 33.57
N ILE T 155 -67.99 33.51 33.27
CA ILE T 155 -67.34 34.07 32.09
C ILE T 155 -67.95 33.50 30.82
N ALA T 156 -68.17 32.19 30.78
CA ALA T 156 -68.78 31.54 29.64
C ALA T 156 -70.17 32.10 29.37
N ASN T 157 -70.95 32.31 30.44
CA ASN T 157 -72.28 32.88 30.26
C ASN T 157 -72.18 34.31 29.74
N ALA T 158 -71.24 35.10 30.27
CA ALA T 158 -71.04 36.46 29.76
C ALA T 158 -70.74 36.46 28.27
N LEU T 159 -69.84 35.58 27.83
CA LEU T 159 -69.49 35.52 26.40
C LEU T 159 -70.65 35.03 25.56
N LYS T 160 -71.23 33.88 25.93
CA LYS T 160 -72.40 33.35 25.23
C LYS T 160 -73.52 34.36 25.16
N GLU T 161 -73.55 35.31 26.09
CA GLU T 161 -74.51 36.41 26.04
C GLU T 161 -74.05 37.53 25.12
N SER T 162 -72.74 37.76 25.02
CA SER T 162 -72.22 38.95 24.38
C SER T 162 -71.37 38.70 23.14
N TYR T 163 -71.14 37.45 22.73
CA TYR T 163 -70.26 37.20 21.60
C TYR T 163 -71.06 37.20 20.30
N ALA T 164 -70.57 37.98 19.34
CA ALA T 164 -71.07 37.98 17.98
C ALA T 164 -69.92 37.67 17.03
N GLU T 165 -70.19 36.88 16.01
CA GLU T 165 -69.14 36.49 15.08
C GLU T 165 -68.59 37.69 14.34
N ASN T 166 -67.33 37.59 13.94
CA ASN T 166 -66.67 38.62 13.13
C ASN T 166 -66.58 39.96 13.86
N ALA T 167 -66.33 39.92 15.16
CA ALA T 167 -66.15 41.17 15.86
C ALA T 167 -64.85 41.84 15.43
N SER T 168 -64.74 43.13 15.71
CA SER T 168 -63.50 43.84 15.47
C SER T 168 -62.55 43.62 16.66
N LEU T 169 -61.29 44.03 16.47
CA LEU T 169 -60.30 43.84 17.52
C LEU T 169 -60.71 44.55 18.81
N THR T 170 -61.09 45.82 18.71
CA THR T 170 -61.50 46.57 19.90
C THR T 170 -62.75 45.97 20.53
N ASP T 171 -63.74 45.63 19.70
CA ASP T 171 -64.98 45.07 20.22
C ASP T 171 -64.73 43.76 20.95
N ALA T 172 -64.02 42.84 20.29
CA ALA T 172 -63.75 41.55 20.88
C ALA T 172 -62.93 41.67 22.16
N LEU T 173 -61.95 42.58 22.17
CA LEU T 173 -61.19 42.77 23.38
C LEU T 173 -62.09 43.23 24.52
N ARG T 174 -62.97 44.20 24.25
CA ARG T 174 -63.85 44.72 25.29
C ARG T 174 -64.75 43.63 25.85
N ILE T 175 -65.46 42.91 24.97
CA ILE T 175 -66.30 41.82 25.46
C ILE T 175 -65.46 40.83 26.26
N ALA T 176 -64.21 40.62 25.86
CA ALA T 176 -63.36 39.66 26.54
C ALA T 176 -63.04 40.09 27.97
N VAL T 177 -62.61 41.34 28.14
CA VAL T 177 -62.28 41.81 29.49
C VAL T 177 -63.54 41.84 30.35
N ALA T 178 -64.68 42.21 29.76
CA ALA T 178 -65.93 42.19 30.50
C ALA T 178 -66.25 40.80 31.02
N ALA T 179 -66.21 39.80 30.14
CA ALA T 179 -66.49 38.43 30.55
C ALA T 179 -65.50 37.94 31.60
N LEU T 180 -64.23 38.32 31.47
CA LEU T 180 -63.23 37.89 32.43
C LEU T 180 -63.51 38.45 33.82
N ARG T 181 -63.72 39.77 33.91
CA ARG T 181 -63.86 40.39 35.22
C ARG T 181 -65.05 39.81 35.99
N ALA T 182 -66.07 39.34 35.28
CA ALA T 182 -67.23 38.73 35.92
C ALA T 182 -66.91 37.33 36.42
N GLY T 183 -65.82 37.16 37.15
CA GLY T 183 -65.42 35.85 37.65
C GLY T 183 -63.98 35.80 38.13
N THR T 194 -61.41 46.57 38.00
CA THR T 194 -59.98 46.29 37.88
C THR T 194 -59.67 45.98 36.41
N LEU T 195 -58.67 45.13 36.18
CA LEU T 195 -58.25 44.67 34.85
C LEU T 195 -57.66 45.80 34.01
N GLY T 196 -56.53 46.33 34.43
CA GLY T 196 -55.82 47.35 33.68
C GLY T 196 -54.87 46.76 32.67
N VAL T 197 -53.85 47.54 32.31
CA VAL T 197 -52.83 47.04 31.41
C VAL T 197 -51.81 46.22 32.18
N ALA T 198 -51.39 46.69 33.35
CA ALA T 198 -50.46 45.96 34.20
C ALA T 198 -51.12 44.79 34.93
N SER T 199 -52.26 44.32 34.44
CA SER T 199 -52.90 43.12 34.96
C SER T 199 -53.38 42.20 33.84
N LEU T 200 -53.06 42.50 32.59
CA LEU T 200 -53.47 41.68 31.47
C LEU T 200 -52.27 41.25 30.63
N GLU T 201 -52.39 40.07 30.05
CA GLU T 201 -51.53 39.58 28.98
C GLU T 201 -52.41 39.34 27.78
N VAL T 202 -52.12 40.01 26.66
CA VAL T 202 -52.99 39.96 25.50
C VAL T 202 -52.14 39.73 24.26
N ALA T 203 -52.60 38.82 23.41
CA ALA T 203 -51.93 38.55 22.16
C ALA T 203 -52.97 38.09 21.16
N VAL T 204 -52.62 38.13 19.89
CA VAL T 204 -53.55 37.82 18.82
C VAL T 204 -52.84 36.97 17.78
N LEU T 205 -53.59 36.04 17.19
CA LEU T 205 -53.23 35.43 15.93
C LEU T 205 -53.87 36.27 14.84
N ASP T 206 -53.05 37.09 14.20
CA ASP T 206 -53.49 38.06 13.19
C ASP T 206 -53.35 37.41 11.84
N ALA T 207 -54.47 36.96 11.27
CA ALA T 207 -54.46 36.24 10.00
C ALA T 207 -53.98 37.09 8.83
N ASN T 208 -53.72 38.38 9.04
CA ASN T 208 -53.26 39.25 7.97
C ASN T 208 -51.74 39.36 7.93
N ARG T 209 -51.04 38.80 8.90
CA ARG T 209 -49.58 38.83 8.83
C ARG T 209 -49.11 37.81 7.80
N PRO T 210 -48.06 38.12 7.04
CA PRO T 210 -47.68 37.20 5.94
C PRO T 210 -47.29 35.81 6.42
N ARG T 211 -46.47 35.70 7.46
CA ARG T 211 -46.08 34.38 7.93
C ARG T 211 -46.43 34.17 9.40
N ARG T 212 -45.64 34.73 10.30
CA ARG T 212 -45.84 34.50 11.73
C ARG T 212 -47.01 35.36 12.19
N ALA T 213 -48.11 34.73 12.56
CA ALA T 213 -49.33 35.43 12.91
C ALA T 213 -49.33 35.92 14.35
N PHE T 214 -48.49 35.35 15.21
CA PHE T 214 -48.51 35.69 16.62
C PHE T 214 -48.01 37.11 16.84
N ARG T 215 -48.82 37.90 17.55
CA ARG T 215 -48.53 39.30 17.84
C ARG T 215 -48.92 39.56 19.29
N ARG T 216 -48.18 40.41 19.97
CA ARG T 216 -48.58 40.84 21.31
C ARG T 216 -49.09 42.26 21.32
N ILE T 217 -49.99 42.53 22.27
CA ILE T 217 -50.57 43.85 22.47
C ILE T 217 -50.19 44.28 23.87
N THR T 218 -49.31 45.27 23.98
CA THR T 218 -48.75 45.64 25.27
C THR T 218 -48.68 47.15 25.42
N GLY T 219 -48.68 47.59 26.68
CA GLY T 219 -48.37 48.96 27.03
C GLY T 219 -49.27 49.99 26.37
N SER T 220 -48.63 51.02 25.79
CA SER T 220 -49.37 52.14 25.22
C SER T 220 -50.34 51.69 24.16
N ALA T 221 -49.90 50.81 23.25
CA ALA T 221 -50.79 50.28 22.23
C ALA T 221 -51.99 49.58 22.87
N LEU T 222 -51.71 48.73 23.87
CA LEU T 222 -52.78 48.05 24.56
C LEU T 222 -53.69 49.04 25.27
N GLN T 223 -53.10 50.05 25.92
CA GLN T 223 -53.89 51.05 26.63
C GLN T 223 -54.85 51.74 25.68
N ALA T 224 -54.36 52.15 24.52
CA ALA T 224 -55.20 52.78 23.52
C ALA T 224 -56.30 51.84 23.04
N LEU T 225 -55.99 50.54 22.92
CA LEU T 225 -56.98 49.59 22.45
C LEU T 225 -58.08 49.38 23.47
N LEU T 226 -57.72 49.32 24.76
CA LEU T 226 -58.69 49.05 25.81
C LEU T 226 -59.84 50.06 25.79
N VAL T 227 -59.53 51.32 25.54
CA VAL T 227 -60.53 52.37 25.52
C VAL T 227 -60.40 53.21 24.25
N MET U 1 -57.12 -9.43 43.63
CA MET U 1 -56.88 -9.93 42.29
C MET U 1 -58.19 -9.81 41.51
N GLU U 2 -59.16 -10.65 41.89
CA GLU U 2 -60.46 -10.63 41.22
C GLU U 2 -61.20 -9.32 41.44
N GLN U 3 -61.05 -8.72 42.62
CA GLN U 3 -61.64 -7.40 42.85
C GLN U 3 -60.92 -6.34 42.02
N ALA U 4 -59.61 -6.47 41.86
CA ALA U 4 -58.86 -5.52 41.03
C ALA U 4 -59.29 -5.60 39.57
N MET U 5 -59.41 -6.81 39.04
CA MET U 5 -59.81 -6.95 37.65
C MET U 5 -61.26 -6.50 37.45
N ARG U 6 -62.14 -6.88 38.39
CA ARG U 6 -63.53 -6.44 38.32
C ARG U 6 -63.61 -4.92 38.35
N GLU U 7 -62.78 -4.28 39.17
CA GLU U 7 -62.82 -2.84 39.26
C GLU U 7 -62.32 -2.18 37.97
N ARG U 8 -61.24 -2.72 37.38
CA ARG U 8 -60.77 -2.20 36.11
C ARG U 8 -61.85 -2.34 35.03
N SER U 9 -62.40 -3.56 34.91
CA SER U 9 -63.48 -3.81 33.97
C SER U 9 -64.58 -2.78 34.13
N GLU U 10 -65.01 -2.53 35.37
CA GLU U 10 -66.05 -1.55 35.61
C GLU U 10 -65.65 -0.15 35.14
N LEU U 11 -64.43 0.28 35.45
CA LEU U 11 -63.99 1.61 35.03
C LEU U 11 -64.05 1.75 33.52
N ALA U 12 -63.57 0.75 32.80
CA ALA U 12 -63.60 0.80 31.34
C ALA U 12 -65.04 0.80 30.83
N ARG U 13 -65.87 -0.09 31.36
CA ARG U 13 -67.25 -0.19 30.90
C ARG U 13 -67.99 1.12 31.09
N LYS U 14 -67.80 1.76 32.25
CA LYS U 14 -68.43 3.05 32.48
C LYS U 14 -67.90 4.09 31.50
N GLY U 15 -66.59 4.09 31.28
CA GLY U 15 -66.03 5.01 30.31
C GLY U 15 -66.67 4.89 28.94
N ILE U 16 -66.86 3.65 28.47
CA ILE U 16 -67.48 3.45 27.16
C ILE U 16 -68.95 3.84 27.17
N ALA U 17 -69.63 3.55 28.28
CA ALA U 17 -71.05 3.87 28.38
C ALA U 17 -71.31 5.36 28.25
N ARG U 18 -70.36 6.19 28.65
CA ARG U 18 -70.53 7.64 28.60
C ARG U 18 -70.19 8.24 27.24
N ALA U 19 -69.78 7.44 26.27
CA ALA U 19 -69.32 7.96 24.99
C ALA U 19 -70.40 7.86 23.93
N LYS U 20 -70.21 8.62 22.85
CA LYS U 20 -71.13 8.59 21.72
C LYS U 20 -71.12 7.22 21.05
N SER U 21 -72.23 6.88 20.40
CA SER U 21 -72.41 5.54 19.85
C SER U 21 -71.96 5.47 18.40
N VAL U 22 -71.63 4.25 17.98
CA VAL U 22 -71.09 3.97 16.66
C VAL U 22 -71.67 2.66 16.18
N VAL U 23 -72.03 2.59 14.89
CA VAL U 23 -72.55 1.36 14.31
C VAL U 23 -71.82 1.09 13.01
N ALA U 24 -71.61 -0.19 12.73
CA ALA U 24 -71.07 -0.64 11.46
C ALA U 24 -71.91 -1.80 10.97
N LEU U 25 -72.38 -1.73 9.73
CA LEU U 25 -73.25 -2.78 9.24
C LEU U 25 -72.90 -3.10 7.80
N ALA U 26 -73.01 -4.39 7.47
CA ALA U 26 -72.70 -4.88 6.14
C ALA U 26 -73.88 -4.61 5.20
N TYR U 27 -73.58 -4.10 4.01
CA TYR U 27 -74.61 -3.90 3.01
C TYR U 27 -74.08 -4.36 1.65
N ALA U 28 -74.95 -4.28 0.64
CA ALA U 28 -74.65 -4.87 -0.66
C ALA U 28 -73.40 -4.27 -1.29
N GLY U 29 -73.09 -3.01 -0.98
CA GLY U 29 -71.93 -2.36 -1.53
C GLY U 29 -70.68 -2.47 -0.70
N GLY U 30 -70.74 -3.11 0.46
CA GLY U 30 -69.57 -3.22 1.31
C GLY U 30 -69.88 -3.09 2.79
N VAL U 31 -69.24 -2.14 3.47
CA VAL U 31 -69.49 -1.92 4.89
C VAL U 31 -69.76 -0.45 5.14
N LEU U 32 -70.70 -0.17 6.01
CA LEU U 32 -71.11 1.19 6.34
C LEU U 32 -70.78 1.48 7.79
N PHE U 33 -70.13 2.61 8.02
CA PHE U 33 -69.82 3.13 9.34
C PHE U 33 -70.63 4.40 9.53
N VAL U 34 -71.45 4.43 10.58
CA VAL U 34 -72.19 5.62 10.95
C VAL U 34 -71.95 5.85 12.43
N ALA U 35 -71.50 7.06 12.78
CA ALA U 35 -71.14 7.39 14.14
C ALA U 35 -71.70 8.74 14.50
N GLU U 36 -72.26 8.85 15.70
CA GLU U 36 -72.64 10.16 16.21
C GLU U 36 -71.40 10.94 16.57
N ASN U 37 -71.17 12.05 15.88
CA ASN U 37 -69.94 12.83 16.07
C ASN U 37 -70.25 14.29 15.73
N PRO U 38 -70.41 15.14 16.75
CA PRO U 38 -70.63 16.57 16.48
C PRO U 38 -69.39 17.30 15.97
N SER U 39 -68.20 16.74 16.19
CA SER U 39 -66.96 17.45 15.92
C SER U 39 -66.82 17.78 14.44
N ARG U 40 -65.79 18.58 14.14
CA ARG U 40 -65.49 19.02 12.79
C ARG U 40 -64.21 18.42 12.22
N SER U 41 -63.22 18.12 13.07
CA SER U 41 -61.95 17.61 12.62
C SER U 41 -61.43 16.40 13.38
N LEU U 42 -62.07 16.01 14.48
CA LEU U 42 -61.63 14.86 15.27
C LEU U 42 -62.45 13.64 14.88
N GLN U 43 -61.80 12.68 14.24
CA GLN U 43 -62.46 11.54 13.62
C GLN U 43 -62.43 10.32 14.54
N LYS U 44 -63.51 9.55 14.53
CA LYS U 44 -63.54 8.25 15.17
C LYS U 44 -63.65 7.10 14.19
N ILE U 45 -63.78 7.39 12.89
CA ILE U 45 -63.81 6.37 11.85
C ILE U 45 -62.69 6.69 10.88
N SER U 46 -61.89 5.68 10.54
CA SER U 46 -60.71 5.93 9.73
C SER U 46 -60.34 4.71 8.91
N GLU U 47 -59.53 4.96 7.89
CA GLU U 47 -58.95 3.91 7.06
C GLU U 47 -57.75 3.26 7.77
N LEU U 48 -57.67 1.93 7.67
CA LEU U 48 -56.51 1.17 8.10
C LEU U 48 -55.66 0.70 6.93
N TYR U 49 -56.25 -0.02 5.98
CA TYR U 49 -55.51 -0.47 4.82
C TYR U 49 -56.47 -0.50 3.64
N ASP U 50 -55.95 -0.93 2.48
CA ASP U 50 -56.70 -0.89 1.23
C ASP U 50 -58.15 -1.28 1.44
N ARG U 51 -58.37 -2.45 2.03
CA ARG U 51 -59.71 -2.99 2.19
C ARG U 51 -60.11 -3.11 3.66
N VAL U 52 -59.41 -2.43 4.57
CA VAL U 52 -59.66 -2.60 6.00
C VAL U 52 -59.93 -1.22 6.60
N GLY U 53 -61.03 -1.11 7.35
CA GLY U 53 -61.42 0.12 7.98
C GLY U 53 -61.59 -0.06 9.49
N PHE U 54 -61.63 1.07 10.19
CA PHE U 54 -61.53 1.12 11.64
C PHE U 54 -62.57 2.09 12.17
N ALA U 55 -63.27 1.68 13.22
CA ALA U 55 -64.18 2.58 13.90
C ALA U 55 -64.11 2.29 15.39
N ALA U 56 -64.22 3.32 16.21
CA ALA U 56 -64.02 3.14 17.65
C ALA U 56 -64.97 4.04 18.42
N ALA U 57 -65.28 3.63 19.64
CA ALA U 57 -66.05 4.45 20.56
C ALA U 57 -65.35 4.48 21.91
N GLY U 58 -65.41 5.63 22.59
CA GLY U 58 -64.78 5.73 23.89
C GLY U 58 -63.90 6.96 24.03
N LYS U 59 -62.81 6.84 24.81
CA LYS U 59 -61.94 7.98 25.04
C LYS U 59 -61.10 8.24 23.79
N PHE U 60 -61.13 9.48 23.30
CA PHE U 60 -60.55 9.76 21.98
C PHE U 60 -59.07 9.44 21.94
N ASN U 61 -58.29 10.05 22.83
CA ASN U 61 -56.84 9.88 22.76
C ASN U 61 -56.43 8.42 22.81
N GLU U 62 -57.20 7.59 23.51
CA GLU U 62 -56.83 6.19 23.65
C GLU U 62 -57.10 5.43 22.35
N PHE U 63 -58.31 5.56 21.81
CA PHE U 63 -58.57 4.83 20.58
C PHE U 63 -57.86 5.45 19.39
N ASP U 64 -57.44 6.71 19.49
CA ASP U 64 -56.61 7.27 18.43
C ASP U 64 -55.20 6.69 18.50
N ASN U 65 -54.68 6.49 19.72
CA ASN U 65 -53.46 5.70 19.86
C ASN U 65 -53.62 4.35 19.18
N LEU U 66 -54.72 3.65 19.47
CA LEU U 66 -54.92 2.34 18.84
C LEU U 66 -55.07 2.45 17.33
N ARG U 67 -55.68 3.53 16.83
CA ARG U 67 -55.81 3.70 15.39
C ARG U 67 -54.45 3.86 14.74
N ARG U 68 -53.62 4.74 15.28
CA ARG U 68 -52.29 4.95 14.72
C ARG U 68 -51.47 3.67 14.79
N GLY U 69 -51.53 2.97 15.91
CA GLY U 69 -50.81 1.72 16.01
C GLY U 69 -51.26 0.72 14.97
N GLY U 70 -52.56 0.69 14.68
CA GLY U 70 -53.05 -0.21 13.66
C GLY U 70 -52.53 0.16 12.28
N ILE U 71 -52.49 1.45 11.98
CA ILE U 71 -51.93 1.89 10.70
C ILE U 71 -50.47 1.50 10.59
N GLN U 72 -49.69 1.73 11.66
CA GLN U 72 -48.30 1.31 11.65
C GLN U 72 -48.16 -0.18 11.38
N PHE U 73 -48.94 -1.00 12.10
CA PHE U 73 -48.87 -2.44 11.88
C PHE U 73 -49.19 -2.79 10.43
N ALA U 74 -50.27 -2.24 9.91
CA ALA U 74 -50.71 -2.59 8.56
C ALA U 74 -49.65 -2.21 7.53
N ASP U 75 -49.21 -0.96 7.56
CA ASP U 75 -48.22 -0.51 6.59
C ASP U 75 -46.94 -1.33 6.67
N THR U 76 -46.49 -1.63 7.90
CA THR U 76 -45.27 -2.41 8.05
C THR U 76 -45.45 -3.81 7.46
N ARG U 77 -46.58 -4.47 7.74
CA ARG U 77 -46.81 -5.79 7.16
C ARG U 77 -46.85 -5.74 5.64
N GLY U 78 -47.54 -4.74 5.10
CA GLY U 78 -47.62 -4.64 3.65
C GLY U 78 -46.26 -4.42 3.01
N TYR U 79 -45.39 -3.66 3.66
CA TYR U 79 -44.05 -3.46 3.13
C TYR U 79 -43.21 -4.72 3.26
N ALA U 80 -43.24 -5.34 4.45
CA ALA U 80 -42.38 -6.49 4.72
C ALA U 80 -42.76 -7.69 3.86
N TYR U 81 -44.05 -7.88 3.60
CA TYR U 81 -44.50 -8.98 2.75
C TYR U 81 -45.15 -8.46 1.47
N ASP U 82 -46.46 -8.18 1.53
CA ASP U 82 -47.18 -7.67 0.37
C ASP U 82 -48.52 -7.14 0.84
N ARG U 83 -49.07 -6.19 0.06
CA ARG U 83 -50.26 -5.50 0.49
C ARG U 83 -51.44 -6.46 0.63
N ARG U 84 -51.43 -7.54 -0.13
CA ARG U 84 -52.52 -8.49 -0.12
C ARG U 84 -52.32 -9.57 0.93
N ASP U 85 -51.29 -9.44 1.76
CA ASP U 85 -51.12 -10.28 2.93
C ASP U 85 -51.73 -9.65 4.17
N VAL U 86 -52.01 -8.36 4.12
CA VAL U 86 -52.68 -7.66 5.22
C VAL U 86 -54.17 -7.96 5.15
N THR U 87 -54.72 -8.48 6.24
CA THR U 87 -56.11 -8.86 6.30
C THR U 87 -56.74 -8.26 7.56
N GLY U 88 -58.06 -8.11 7.53
CA GLY U 88 -58.76 -7.63 8.71
C GLY U 88 -58.67 -8.59 9.87
N ARG U 89 -58.61 -9.89 9.60
CA ARG U 89 -58.41 -10.85 10.67
C ARG U 89 -57.11 -10.55 11.39
N GLN U 90 -56.09 -10.12 10.67
CA GLN U 90 -54.80 -9.80 11.26
C GLN U 90 -54.91 -8.57 12.15
N LEU U 91 -55.46 -7.49 11.62
CA LEU U 91 -55.55 -6.26 12.42
C LEU U 91 -56.41 -6.50 13.66
N ALA U 92 -57.52 -7.20 13.51
CA ALA U 92 -58.34 -7.52 14.67
C ALA U 92 -57.54 -8.33 15.69
N ASN U 93 -56.78 -9.31 15.21
CA ASN U 93 -56.02 -10.15 16.13
C ASN U 93 -55.00 -9.32 16.91
N VAL U 94 -54.26 -8.44 16.23
CA VAL U 94 -53.29 -7.63 16.93
C VAL U 94 -53.97 -6.65 17.89
N TYR U 95 -55.17 -6.17 17.55
CA TYR U 95 -55.89 -5.31 18.49
C TYR U 95 -56.31 -6.09 19.73
N ALA U 96 -56.77 -7.33 19.55
CA ALA U 96 -57.10 -8.16 20.70
C ALA U 96 -55.89 -8.34 21.59
N GLN U 97 -54.75 -8.73 21.00
CA GLN U 97 -53.54 -8.92 21.78
C GLN U 97 -53.17 -7.64 22.52
N THR U 98 -53.20 -6.51 21.81
CA THR U 98 -52.78 -5.25 22.39
C THR U 98 -53.67 -4.83 23.54
N LEU U 99 -54.99 -4.79 23.30
CA LEU U 99 -55.91 -4.35 24.35
C LEU U 99 -55.90 -5.32 25.53
N GLY U 100 -55.67 -6.60 25.29
CA GLY U 100 -55.48 -7.51 26.41
C GLY U 100 -54.31 -7.08 27.26
N THR U 101 -53.17 -6.83 26.61
CA THR U 101 -51.98 -6.42 27.35
C THR U 101 -52.23 -5.13 28.13
N ILE U 102 -52.84 -4.13 27.48
CA ILE U 102 -53.16 -2.88 28.17
C ILE U 102 -54.04 -3.15 29.38
N PHE U 103 -55.09 -3.95 29.18
CA PHE U 103 -56.08 -4.14 30.24
C PHE U 103 -55.44 -4.79 31.45
N THR U 104 -54.48 -5.68 31.25
CA THR U 104 -53.87 -6.34 32.40
C THR U 104 -52.63 -5.65 32.95
N GLU U 105 -51.95 -4.80 32.18
CA GLU U 105 -50.61 -4.37 32.53
C GLU U 105 -50.42 -2.88 32.70
N GLN U 106 -51.25 -2.05 32.09
CA GLN U 106 -51.03 -0.62 32.13
C GLN U 106 -51.61 0.00 33.40
N ALA U 107 -51.27 1.26 33.62
CA ALA U 107 -51.75 1.96 34.80
C ALA U 107 -53.28 2.00 34.84
N LYS U 108 -53.91 2.33 33.72
CA LYS U 108 -55.36 2.38 33.58
C LYS U 108 -55.79 1.67 32.31
N PRO U 109 -56.82 0.83 32.36
CA PRO U 109 -57.30 0.18 31.15
C PRO U 109 -57.83 1.19 30.15
N TYR U 110 -57.82 0.81 28.88
CA TYR U 110 -58.32 1.69 27.84
C TYR U 110 -59.84 1.65 27.83
N GLU U 111 -60.44 2.84 27.89
CA GLU U 111 -61.89 2.95 27.83
C GLU U 111 -62.29 3.10 26.37
N VAL U 112 -62.09 2.01 25.62
CA VAL U 112 -62.32 2.01 24.18
C VAL U 112 -63.02 0.73 23.78
N GLU U 113 -63.69 0.79 22.63
CA GLU U 113 -64.25 -0.38 22.00
C GLU U 113 -64.02 -0.21 20.50
N LEU U 114 -63.53 -1.26 19.85
CA LEU U 114 -63.06 -1.17 18.47
C LEU U 114 -63.85 -2.08 17.55
N CYS U 115 -63.96 -1.65 16.29
CA CYS U 115 -64.49 -2.45 15.20
C CYS U 115 -63.55 -2.34 14.02
N VAL U 116 -63.15 -3.48 13.49
CA VAL U 116 -62.31 -3.57 12.31
C VAL U 116 -63.11 -4.29 11.23
N ALA U 117 -63.23 -3.69 10.06
CA ALA U 117 -64.08 -4.25 9.02
C ALA U 117 -63.27 -4.45 7.74
N GLU U 118 -63.60 -5.50 7.01
CA GLU U 118 -62.93 -5.76 5.75
C GLU U 118 -63.96 -6.10 4.68
N VAL U 119 -63.79 -5.51 3.50
CA VAL U 119 -64.58 -5.84 2.32
C VAL U 119 -63.68 -6.54 1.33
N ALA U 120 -64.29 -7.08 0.27
CA ALA U 120 -63.53 -7.85 -0.69
C ALA U 120 -62.59 -6.94 -1.49
N HIS U 121 -61.57 -7.55 -2.07
CA HIS U 121 -60.71 -6.83 -2.99
C HIS U 121 -61.44 -6.65 -4.31
N TYR U 122 -61.02 -5.65 -5.08
CA TYR U 122 -61.75 -5.32 -6.30
C TYR U 122 -61.91 -6.55 -7.18
N GLY U 123 -63.14 -6.78 -7.60
CA GLY U 123 -63.40 -7.89 -8.49
C GLY U 123 -63.47 -9.25 -7.82
N GLU U 124 -63.30 -9.33 -6.51
CA GLU U 124 -63.41 -10.60 -5.79
C GLU U 124 -64.73 -10.66 -5.05
N THR U 125 -65.21 -11.88 -4.83
CA THR U 125 -66.45 -12.09 -4.09
C THR U 125 -66.12 -12.71 -2.74
N LYS U 126 -66.39 -11.96 -1.69
CA LYS U 126 -66.13 -12.41 -0.32
C LYS U 126 -67.00 -11.55 0.57
N ARG U 127 -67.83 -12.19 1.40
CA ARG U 127 -68.75 -11.45 2.24
C ARG U 127 -67.95 -10.61 3.23
N PRO U 128 -68.39 -9.39 3.52
CA PRO U 128 -67.64 -8.54 4.46
C PRO U 128 -67.45 -9.21 5.81
N GLU U 129 -66.44 -8.74 6.54
CA GLU U 129 -66.15 -9.23 7.87
C GLU U 129 -66.21 -8.08 8.83
N LEU U 130 -66.86 -8.29 9.98
CA LEU U 130 -66.87 -7.28 11.03
C LEU U 130 -66.25 -7.89 12.26
N TYR U 131 -65.36 -7.15 12.91
CA TYR U 131 -64.73 -7.62 14.12
C TYR U 131 -64.89 -6.58 15.22
N ARG U 132 -65.20 -7.05 16.42
CA ARG U 132 -65.41 -6.22 17.58
C ARG U 132 -64.42 -6.64 18.66
N ILE U 133 -63.61 -5.69 19.12
CA ILE U 133 -62.64 -5.93 20.17
C ILE U 133 -62.99 -5.01 21.32
N THR U 134 -63.18 -5.59 22.50
CA THR U 134 -63.62 -4.83 23.67
C THR U 134 -62.44 -4.50 24.56
N TYR U 135 -62.72 -3.71 25.60
CA TYR U 135 -61.66 -3.10 26.40
C TYR U 135 -60.71 -4.11 27.02
N ASP U 136 -61.10 -5.38 27.14
CA ASP U 136 -60.26 -6.38 27.79
C ASP U 136 -59.60 -7.30 26.79
N GLY U 137 -59.70 -7.00 25.51
CA GLY U 137 -59.10 -7.81 24.47
C GLY U 137 -59.95 -8.92 23.93
N SER U 138 -61.18 -9.05 24.40
CA SER U 138 -62.08 -10.05 23.84
C SER U 138 -62.44 -9.65 22.41
N ILE U 139 -62.51 -10.64 21.53
CA ILE U 139 -62.72 -10.41 20.10
C ILE U 139 -63.88 -11.25 19.61
N ALA U 140 -64.69 -10.68 18.71
CA ALA U 140 -65.85 -11.37 18.17
C ALA U 140 -66.06 -10.99 16.71
N ASP U 141 -66.34 -11.98 15.87
CA ASP U 141 -66.61 -11.73 14.45
C ASP U 141 -68.11 -11.71 14.19
N GLU U 142 -68.58 -10.66 13.53
CA GLU U 142 -69.97 -10.43 13.24
C GLU U 142 -70.23 -10.37 11.74
N PRO U 143 -71.35 -10.97 11.29
CA PRO U 143 -71.65 -11.06 9.87
C PRO U 143 -72.57 -9.94 9.40
N HIS U 144 -73.28 -9.30 10.32
CA HIS U 144 -74.30 -8.34 9.94
C HIS U 144 -74.03 -6.93 10.46
N PHE U 145 -73.89 -6.74 11.77
CA PHE U 145 -73.64 -5.40 12.28
C PHE U 145 -73.04 -5.47 13.66
N VAL U 146 -72.36 -4.39 14.03
CA VAL U 146 -71.78 -4.24 15.36
C VAL U 146 -72.16 -2.84 15.85
N VAL U 147 -72.48 -2.75 17.13
CA VAL U 147 -72.88 -1.51 17.76
C VAL U 147 -71.97 -1.33 18.97
N MET U 148 -71.42 -0.12 19.14
CA MET U 148 -70.46 0.11 20.21
C MET U 148 -70.67 1.49 20.81
N GLY U 149 -70.52 1.57 22.13
CA GLY U 149 -70.50 2.86 22.81
C GLY U 149 -71.87 3.38 23.20
N GLY U 150 -71.95 4.05 24.34
CA GLY U 150 -73.24 4.56 24.78
C GLY U 150 -74.16 3.43 25.21
N THR U 151 -75.45 3.68 25.07
CA THR U 151 -76.50 2.71 25.39
C THR U 151 -76.70 1.83 24.17
N THR U 152 -76.13 0.62 24.21
CA THR U 152 -76.10 -0.20 23.00
C THR U 152 -77.42 -0.93 22.76
N GLU U 153 -77.97 -1.58 23.79
CA GLU U 153 -79.13 -2.46 23.60
C GLU U 153 -80.29 -1.84 22.83
N PRO U 154 -80.69 -0.58 23.02
CA PRO U 154 -81.74 -0.03 22.16
C PRO U 154 -81.37 -0.04 20.69
N ILE U 155 -80.13 0.33 20.36
CA ILE U 155 -79.68 0.35 18.97
C ILE U 155 -79.56 -1.06 18.43
N ALA U 156 -78.99 -1.97 19.22
CA ALA U 156 -78.88 -3.36 18.79
C ALA U 156 -80.25 -3.96 18.50
N ASN U 157 -81.23 -3.70 19.36
CA ASN U 157 -82.58 -4.20 19.12
C ASN U 157 -83.19 -3.56 17.89
N ALA U 158 -83.05 -2.24 17.76
CA ALA U 158 -83.58 -1.52 16.62
C ALA U 158 -83.07 -2.11 15.31
N LEU U 159 -81.77 -2.38 15.24
CA LEU U 159 -81.21 -3.00 14.04
C LEU U 159 -81.68 -4.45 13.91
N LYS U 160 -81.70 -5.17 15.03
CA LYS U 160 -82.13 -6.57 15.06
C LYS U 160 -83.52 -6.75 14.48
N GLU U 161 -84.34 -5.70 14.47
CA GLU U 161 -85.64 -5.77 13.83
C GLU U 161 -85.75 -4.90 12.59
N SER U 162 -84.66 -4.29 12.13
CA SER U 162 -84.73 -3.48 10.92
C SER U 162 -83.63 -3.79 9.91
N TYR U 163 -82.70 -4.68 10.23
CA TYR U 163 -81.60 -4.98 9.33
C TYR U 163 -81.98 -6.12 8.39
N ALA U 164 -81.77 -5.90 7.10
CA ALA U 164 -81.91 -6.93 6.07
C ALA U 164 -80.60 -7.04 5.30
N GLU U 165 -80.22 -8.26 4.98
CA GLU U 165 -78.94 -8.49 4.32
C GLU U 165 -78.91 -7.81 2.96
N ASN U 166 -77.71 -7.41 2.54
CA ASN U 166 -77.45 -6.83 1.23
C ASN U 166 -78.37 -5.65 0.92
N ALA U 167 -78.61 -4.81 1.92
CA ALA U 167 -79.38 -3.62 1.69
C ALA U 167 -78.62 -2.66 0.80
N SER U 168 -79.32 -1.65 0.28
CA SER U 168 -78.69 -0.60 -0.50
C SER U 168 -78.04 0.43 0.42
N LEU U 169 -77.21 1.30 -0.16
CA LEU U 169 -76.51 2.31 0.61
C LEU U 169 -77.49 3.24 1.34
N THR U 170 -78.49 3.76 0.62
CA THR U 170 -79.46 4.64 1.28
C THR U 170 -80.24 3.88 2.34
N ASP U 171 -80.66 2.65 2.04
CA ASP U 171 -81.41 1.86 3.02
C ASP U 171 -80.58 1.62 4.27
N ALA U 172 -79.35 1.15 4.11
CA ALA U 172 -78.50 0.85 5.25
C ALA U 172 -78.22 2.11 6.07
N LEU U 173 -77.96 3.23 5.39
CA LEU U 173 -77.75 4.48 6.10
C LEU U 173 -79.00 4.87 6.90
N ARG U 174 -80.17 4.76 6.28
CA ARG U 174 -81.41 5.14 6.96
C ARG U 174 -81.65 4.28 8.19
N ILE U 175 -81.67 2.95 8.04
CA ILE U 175 -81.92 2.10 9.20
C ILE U 175 -80.87 2.36 10.28
N ALA U 176 -79.63 2.64 9.86
CA ALA U 176 -78.57 2.87 10.84
C ALA U 176 -78.83 4.13 11.65
N VAL U 177 -79.14 5.24 10.98
CA VAL U 177 -79.39 6.49 11.69
C VAL U 177 -80.64 6.35 12.55
N ALA U 178 -81.65 5.64 12.05
CA ALA U 178 -82.84 5.38 12.86
C ALA U 178 -82.49 4.63 14.14
N ALA U 179 -81.72 3.55 14.01
CA ALA U 179 -81.31 2.79 15.18
C ALA U 179 -80.49 3.65 16.13
N LEU U 180 -79.66 4.54 15.58
CA LEU U 180 -78.87 5.41 16.44
C LEU U 180 -79.77 6.35 17.24
N ARG U 181 -80.79 6.92 16.59
CA ARG U 181 -81.72 7.79 17.30
C ARG U 181 -82.48 7.04 18.41
N ALA U 182 -82.52 5.71 18.35
CA ALA U 182 -83.14 4.94 19.42
C ALA U 182 -82.32 5.04 20.70
N GLY U 183 -82.26 6.23 21.30
CA GLY U 183 -81.54 6.45 22.53
C GLY U 183 -80.07 6.07 22.47
N LEU U 195 -80.84 12.42 12.79
CA LEU U 195 -79.84 13.44 13.01
C LEU U 195 -79.38 14.04 11.68
N GLY U 196 -78.67 15.16 11.73
CA GLY U 196 -78.25 15.87 10.54
C GLY U 196 -76.80 15.63 10.19
N VAL U 197 -76.34 16.37 9.19
CA VAL U 197 -74.96 16.20 8.73
C VAL U 197 -73.97 16.70 9.77
N ALA U 198 -74.31 17.78 10.49
CA ALA U 198 -73.41 18.29 11.51
C ALA U 198 -73.51 17.55 12.82
N SER U 199 -74.06 16.32 12.80
CA SER U 199 -74.10 15.46 13.96
C SER U 199 -73.66 14.05 13.63
N LEU U 200 -73.25 13.79 12.40
CA LEU U 200 -72.83 12.46 11.99
C LEU U 200 -71.46 12.49 11.35
N GLU U 201 -70.72 11.40 11.56
CA GLU U 201 -69.53 11.07 10.79
C GLU U 201 -69.84 9.74 10.13
N VAL U 202 -69.78 9.73 8.80
CA VAL U 202 -70.25 8.58 8.02
C VAL U 202 -69.20 8.25 6.97
N ALA U 203 -68.92 6.95 6.82
CA ALA U 203 -67.98 6.51 5.79
C ALA U 203 -68.32 5.07 5.40
N VAL U 204 -67.73 4.63 4.29
CA VAL U 204 -67.99 3.31 3.74
C VAL U 204 -66.68 2.66 3.30
N LEU U 205 -66.61 1.36 3.48
CA LEU U 205 -65.67 0.51 2.75
C LEU U 205 -66.41 0.03 1.51
N ASP U 206 -66.09 0.66 0.37
CA ASP U 206 -66.76 0.44 -0.90
C ASP U 206 -66.01 -0.64 -1.68
N ALA U 207 -66.57 -1.84 -1.72
CA ALA U 207 -65.92 -2.96 -2.39
C ALA U 207 -65.75 -2.71 -3.88
N ASN U 208 -66.27 -1.59 -4.37
CA ASN U 208 -66.17 -1.27 -5.79
C ASN U 208 -64.97 -0.41 -6.15
N ARG U 209 -64.28 0.16 -5.18
CA ARG U 209 -63.15 0.96 -5.61
C ARG U 209 -61.95 0.07 -5.93
N PRO U 210 -61.15 0.47 -6.94
CA PRO U 210 -60.09 -0.43 -7.41
C PRO U 210 -59.05 -0.78 -6.37
N ARG U 211 -58.49 0.20 -5.65
CA ARG U 211 -57.50 -0.10 -4.63
C ARG U 211 -58.01 0.26 -3.24
N ARG U 212 -58.20 1.55 -2.95
CA ARG U 212 -58.51 1.99 -1.60
C ARG U 212 -60.02 2.09 -1.41
N ALA U 213 -60.56 1.24 -0.55
CA ALA U 213 -62.00 1.15 -0.38
C ALA U 213 -62.57 2.22 0.54
N PHE U 214 -61.77 2.77 1.45
CA PHE U 214 -62.31 3.73 2.42
C PHE U 214 -62.68 5.04 1.75
N ARG U 215 -63.93 5.46 1.94
CA ARG U 215 -64.39 6.74 1.42
C ARG U 215 -65.39 7.36 2.39
N ARG U 216 -65.24 8.66 2.63
CA ARG U 216 -66.12 9.39 3.53
C ARG U 216 -67.27 9.98 2.73
N ILE U 217 -68.42 10.14 3.39
CA ILE U 217 -69.60 10.74 2.77
C ILE U 217 -69.97 11.95 3.62
N THR U 218 -69.79 13.15 3.08
CA THR U 218 -69.96 14.37 3.85
C THR U 218 -70.73 15.40 3.05
N GLY U 219 -71.35 16.33 3.79
CA GLY U 219 -71.96 17.50 3.18
C GLY U 219 -73.07 17.14 2.20
N SER U 220 -72.98 17.72 1.01
CA SER U 220 -74.05 17.62 0.02
C SER U 220 -74.42 16.17 -0.26
N ALA U 221 -73.40 15.32 -0.47
CA ALA U 221 -73.65 13.92 -0.74
C ALA U 221 -74.41 13.26 0.41
N LEU U 222 -73.96 13.47 1.63
CA LEU U 222 -74.62 12.85 2.77
C LEU U 222 -76.05 13.34 2.91
N GLN U 223 -76.26 14.65 2.75
CA GLN U 223 -77.60 15.19 2.82
C GLN U 223 -78.50 14.55 1.78
N ALA U 224 -77.99 14.40 0.57
CA ALA U 224 -78.76 13.74 -0.48
C ALA U 224 -79.11 12.31 -0.10
N LEU U 225 -78.18 11.59 0.53
CA LEU U 225 -78.46 10.21 0.88
C LEU U 225 -79.46 10.09 2.02
N LEU U 226 -79.56 11.09 2.90
CA LEU U 226 -80.55 10.99 3.95
C LEU U 226 -81.97 11.11 3.41
N VAL U 227 -82.19 11.96 2.42
CA VAL U 227 -83.52 12.18 1.86
C VAL U 227 -83.90 11.11 0.82
N THR V 1 -22.01 -24.44 -11.67
CA THR V 1 -23.40 -24.65 -11.32
C THR V 1 -24.31 -24.09 -12.39
N THR V 2 -25.40 -24.78 -12.70
CA THR V 2 -26.44 -24.22 -13.55
C THR V 2 -27.80 -24.68 -13.06
N ILE V 3 -28.71 -23.74 -12.88
CA ILE V 3 -30.11 -24.00 -12.56
C ILE V 3 -30.95 -23.39 -13.68
N VAL V 4 -31.90 -24.15 -14.20
CA VAL V 4 -32.79 -23.63 -15.24
C VAL V 4 -34.21 -23.77 -14.74
N ALA V 5 -35.07 -22.89 -15.24
CA ALA V 5 -36.49 -22.93 -14.95
C ALA V 5 -37.22 -22.45 -16.19
N LEU V 6 -38.33 -23.10 -16.52
CA LEU V 6 -39.12 -22.65 -17.65
C LEU V 6 -40.58 -22.91 -17.36
N LYS V 7 -41.43 -22.05 -17.91
CA LYS V 7 -42.88 -22.18 -17.81
C LYS V 7 -43.41 -23.06 -18.93
N TYR V 8 -44.34 -23.94 -18.58
CA TYR V 8 -45.07 -24.73 -19.58
C TYR V 8 -46.55 -24.59 -19.31
N PRO V 9 -47.40 -24.96 -20.28
CA PRO V 9 -48.84 -24.83 -20.06
C PRO V 9 -49.32 -25.49 -18.79
N GLY V 10 -49.76 -24.68 -17.83
CA GLY V 10 -50.31 -25.19 -16.60
C GLY V 10 -49.31 -25.43 -15.50
N GLY V 11 -48.05 -25.07 -15.69
CA GLY V 11 -47.09 -25.31 -14.64
C GLY V 11 -45.73 -24.72 -14.92
N VAL V 12 -44.79 -25.11 -14.09
CA VAL V 12 -43.41 -24.64 -14.18
C VAL V 12 -42.50 -25.83 -13.88
N VAL V 13 -41.30 -25.80 -14.44
CA VAL V 13 -40.30 -26.84 -14.21
C VAL V 13 -38.97 -26.19 -13.89
N MET V 14 -38.23 -26.80 -12.96
CA MET V 14 -36.91 -26.32 -12.58
C MET V 14 -35.97 -27.51 -12.45
N ALA V 15 -34.74 -27.36 -12.93
CA ALA V 15 -33.77 -28.44 -12.88
C ALA V 15 -32.40 -27.86 -12.58
N GLY V 16 -31.56 -28.68 -11.98
CA GLY V 16 -30.21 -28.26 -11.62
C GLY V 16 -29.23 -29.39 -11.76
N ASP V 17 -27.97 -29.03 -12.00
CA ASP V 17 -26.92 -30.01 -12.16
C ASP V 17 -26.50 -30.54 -10.80
N ARG V 18 -25.55 -31.46 -10.80
CA ARG V 18 -25.19 -32.20 -9.59
C ARG V 18 -23.74 -32.05 -9.18
N ARG V 19 -23.00 -31.10 -9.76
CA ARG V 19 -21.56 -31.02 -9.56
C ARG V 19 -21.19 -30.00 -8.50
N SER V 20 -20.20 -30.35 -7.68
CA SER V 20 -19.64 -29.44 -6.70
C SER V 20 -18.13 -29.39 -6.90
N THR V 21 -17.57 -28.18 -6.95
CA THR V 21 -16.14 -28.04 -7.18
C THR V 21 -15.48 -27.20 -6.09
N GLN V 22 -14.18 -27.42 -5.93
CA GLN V 22 -13.27 -26.53 -5.20
C GLN V 22 -12.21 -26.11 -6.19
N GLY V 23 -12.38 -24.94 -6.79
CA GLY V 23 -11.49 -24.52 -7.85
C GLY V 23 -11.70 -25.40 -9.07
N ASN V 24 -10.65 -26.11 -9.48
CA ASN V 24 -10.76 -27.06 -10.57
C ASN V 24 -11.11 -28.46 -10.10
N MET V 25 -10.97 -28.74 -8.80
CA MET V 25 -11.17 -30.08 -8.31
C MET V 25 -12.66 -30.39 -8.22
N ILE V 26 -13.03 -31.59 -8.66
CA ILE V 26 -14.40 -32.04 -8.50
C ILE V 26 -14.53 -32.53 -7.06
N SER V 27 -15.37 -31.85 -6.27
CA SER V 27 -15.57 -32.19 -4.88
C SER V 27 -16.92 -32.84 -4.62
N GLY V 28 -17.77 -32.94 -5.63
CA GLY V 28 -19.05 -33.58 -5.48
C GLY V 28 -19.67 -33.95 -6.80
N ARG V 29 -20.33 -35.11 -6.86
CA ARG V 29 -20.95 -35.60 -8.08
C ARG V 29 -22.45 -35.77 -7.98
N ASP V 30 -23.01 -35.71 -6.77
CA ASP V 30 -24.39 -36.09 -6.49
C ASP V 30 -25.18 -34.96 -5.83
N VAL V 31 -24.67 -33.74 -5.89
CA VAL V 31 -25.24 -32.63 -5.13
C VAL V 31 -26.62 -32.27 -5.64
N ARG V 32 -27.52 -31.89 -4.73
CA ARG V 32 -28.85 -31.42 -5.08
C ARG V 32 -28.92 -29.92 -4.81
N LYS V 33 -29.25 -29.16 -5.86
CA LYS V 33 -29.28 -27.71 -5.78
C LYS V 33 -30.67 -27.13 -5.93
N VAL V 34 -31.68 -27.96 -6.19
CA VAL V 34 -33.05 -27.50 -6.36
C VAL V 34 -33.86 -28.07 -5.21
N TYR V 35 -34.47 -27.18 -4.43
CA TYR V 35 -35.17 -27.57 -3.21
C TYR V 35 -36.63 -27.15 -3.31
N ILE V 36 -37.52 -28.05 -2.90
CA ILE V 36 -38.92 -27.70 -2.76
C ILE V 36 -39.06 -26.92 -1.47
N THR V 37 -39.38 -25.63 -1.58
CA THR V 37 -39.46 -24.79 -0.41
C THR V 37 -40.87 -24.69 0.16
N ASP V 38 -41.91 -24.97 -0.62
CA ASP V 38 -43.25 -25.14 -0.07
C ASP V 38 -44.13 -25.84 -1.10
N ASP V 39 -45.36 -26.14 -0.71
CA ASP V 39 -46.26 -26.93 -1.55
C ASP V 39 -46.33 -26.43 -2.99
N TYR V 40 -46.07 -25.15 -3.23
CA TYR V 40 -46.16 -24.59 -4.57
C TYR V 40 -44.92 -23.80 -4.98
N THR V 41 -43.78 -24.04 -4.33
CA THR V 41 -42.58 -23.28 -4.63
C THR V 41 -41.33 -24.15 -4.51
N ALA V 42 -40.43 -23.97 -5.49
CA ALA V 42 -39.09 -24.53 -5.47
C ALA V 42 -38.06 -23.41 -5.65
N THR V 43 -36.91 -23.57 -5.02
CA THR V 43 -35.78 -22.65 -5.10
C THR V 43 -34.55 -23.42 -5.52
N GLY V 44 -33.85 -22.95 -6.55
CA GLY V 44 -32.57 -23.52 -6.93
C GLY V 44 -31.50 -22.45 -6.80
N ILE V 45 -30.35 -22.82 -6.24
CA ILE V 45 -29.38 -21.82 -5.83
C ILE V 45 -28.00 -22.16 -6.38
N ALA V 46 -27.25 -21.12 -6.77
CA ALA V 46 -25.88 -21.24 -7.22
C ALA V 46 -24.96 -20.44 -6.30
N GLY V 47 -23.74 -20.95 -6.11
CA GLY V 47 -22.80 -20.23 -5.26
C GLY V 47 -22.18 -21.09 -4.19
N THR V 48 -21.75 -20.49 -3.09
CA THR V 48 -21.16 -21.24 -1.99
C THR V 48 -22.18 -22.21 -1.41
N ALA V 49 -21.75 -23.47 -1.23
CA ALA V 49 -22.69 -24.51 -0.81
C ALA V 49 -23.32 -24.16 0.53
N ALA V 50 -22.50 -23.74 1.51
CA ALA V 50 -23.01 -23.42 2.83
C ALA V 50 -24.10 -22.37 2.74
N VAL V 51 -23.83 -21.30 2.00
CA VAL V 51 -24.80 -20.21 1.90
C VAL V 51 -26.04 -20.67 1.13
N ALA V 52 -25.86 -21.45 0.07
CA ALA V 52 -26.99 -21.90 -0.74
C ALA V 52 -27.94 -22.76 0.08
N VAL V 53 -27.40 -23.80 0.73
CA VAL V 53 -28.26 -24.67 1.53
C VAL V 53 -28.89 -23.87 2.65
N GLU V 54 -28.13 -22.97 3.27
CA GLU V 54 -28.69 -22.17 4.34
C GLU V 54 -29.88 -21.34 3.85
N PHE V 55 -29.74 -20.73 2.68
CA PHE V 55 -30.85 -20.01 2.05
C PHE V 55 -32.07 -20.90 1.91
N ALA V 56 -31.90 -22.07 1.28
CA ALA V 56 -33.05 -22.94 1.04
C ALA V 56 -33.75 -23.30 2.33
N ARG V 57 -32.98 -23.73 3.32
CA ARG V 57 -33.54 -24.21 4.57
C ARG V 57 -34.28 -23.09 5.31
N LEU V 58 -33.59 -21.96 5.50
CA LEU V 58 -34.18 -20.83 6.20
C LEU V 58 -35.41 -20.29 5.47
N TYR V 59 -35.38 -20.29 4.13
CA TYR V 59 -36.52 -19.80 3.36
C TYR V 59 -37.73 -20.69 3.54
N ALA V 60 -37.56 -22.01 3.38
CA ALA V 60 -38.67 -22.93 3.62
C ALA V 60 -39.26 -22.74 5.01
N VAL V 61 -38.39 -22.65 6.01
CA VAL V 61 -38.86 -22.44 7.37
C VAL V 61 -39.64 -21.13 7.48
N GLU V 62 -39.17 -20.06 6.82
CA GLU V 62 -39.86 -18.78 6.94
C GLU V 62 -41.25 -18.84 6.34
N LEU V 63 -41.37 -19.41 5.14
CA LEU V 63 -42.67 -19.50 4.48
C LEU V 63 -43.65 -20.31 5.32
N GLU V 64 -43.27 -21.51 5.71
CA GLU V 64 -44.22 -22.33 6.47
C GLU V 64 -44.48 -21.74 7.84
N HIS V 65 -43.50 -21.02 8.40
CA HIS V 65 -43.69 -20.30 9.65
C HIS V 65 -44.85 -19.31 9.51
N TYR V 66 -44.80 -18.45 8.50
CA TYR V 66 -45.91 -17.53 8.28
C TYR V 66 -47.21 -18.29 8.06
N GLU V 67 -47.15 -19.40 7.32
CA GLU V 67 -48.38 -20.12 7.01
C GLU V 67 -49.05 -20.65 8.27
N LYS V 68 -48.26 -21.14 9.23
CA LYS V 68 -48.89 -21.61 10.47
C LYS V 68 -49.29 -20.47 11.38
N LEU V 69 -48.53 -19.37 11.40
CA LEU V 69 -48.88 -18.26 12.28
C LEU V 69 -50.17 -17.59 11.86
N GLU V 70 -50.37 -17.39 10.56
CA GLU V 70 -51.49 -16.61 10.09
C GLU V 70 -52.59 -17.46 9.46
N GLY V 71 -52.43 -18.78 9.44
CA GLY V 71 -53.46 -19.65 8.92
C GLY V 71 -53.63 -19.64 7.42
N VAL V 72 -52.76 -18.94 6.70
CA VAL V 72 -52.87 -18.78 5.25
C VAL V 72 -51.45 -18.60 4.71
N PRO V 73 -51.12 -19.13 3.54
CA PRO V 73 -49.77 -18.91 3.00
C PRO V 73 -49.61 -17.50 2.49
N LEU V 74 -48.35 -17.10 2.32
CA LEU V 74 -48.09 -15.80 1.74
C LEU V 74 -48.59 -15.76 0.30
N THR V 75 -49.03 -14.58 -0.13
CA THR V 75 -49.19 -14.38 -1.56
C THR V 75 -47.83 -14.53 -2.23
N PHE V 76 -47.87 -14.84 -3.53
CA PHE V 76 -46.61 -15.09 -4.23
C PHE V 76 -45.70 -13.88 -4.17
N ALA V 77 -46.26 -12.68 -4.33
CA ALA V 77 -45.47 -11.48 -4.19
C ALA V 77 -44.75 -11.45 -2.85
N GLY V 78 -45.43 -11.87 -1.79
CA GLY V 78 -44.80 -11.91 -0.48
C GLY V 78 -43.62 -12.86 -0.43
N LYS V 79 -43.77 -14.05 -1.02
CA LYS V 79 -42.65 -14.98 -1.10
C LYS V 79 -41.46 -14.35 -1.82
N ILE V 80 -41.72 -13.70 -2.95
CA ILE V 80 -40.67 -12.99 -3.67
C ILE V 80 -39.97 -11.99 -2.76
N ASN V 81 -40.76 -11.15 -2.08
CA ASN V 81 -40.17 -10.11 -1.24
C ASN V 81 -39.31 -10.70 -0.14
N ARG V 82 -39.77 -11.79 0.47
CA ARG V 82 -39.00 -12.34 1.58
C ARG V 82 -37.70 -12.92 1.08
N LEU V 83 -37.73 -13.61 -0.06
CA LEU V 83 -36.49 -14.13 -0.63
C LEU V 83 -35.53 -12.99 -0.96
N ALA V 84 -36.04 -11.92 -1.58
CA ALA V 84 -35.19 -10.78 -1.91
C ALA V 84 -34.55 -10.20 -0.67
N ILE V 85 -35.34 -9.99 0.39
CA ILE V 85 -34.79 -9.43 1.62
C ILE V 85 -33.71 -10.35 2.18
N MET V 86 -33.92 -11.66 2.08
CA MET V 86 -32.92 -12.60 2.56
C MET V 86 -31.62 -12.45 1.79
N VAL V 87 -31.71 -12.38 0.47
CA VAL V 87 -30.51 -12.18 -0.35
C VAL V 87 -29.81 -10.89 0.04
N ARG V 88 -30.55 -9.79 0.13
CA ARG V 88 -29.96 -8.50 0.48
C ARG V 88 -29.26 -8.54 1.83
N GLY V 89 -29.82 -9.26 2.79
CA GLY V 89 -29.18 -9.37 4.09
C GLY V 89 -27.79 -9.94 4.02
N ASN V 90 -27.55 -10.86 3.10
CA ASN V 90 -26.26 -11.52 2.93
C ASN V 90 -25.28 -10.71 2.09
N LEU V 91 -25.67 -9.57 1.54
CA LEU V 91 -24.79 -8.83 0.62
C LEU V 91 -23.41 -8.62 1.22
N ALA V 92 -23.33 -8.26 2.50
CA ALA V 92 -22.05 -7.99 3.13
C ALA V 92 -21.14 -9.22 3.07
N ALA V 93 -21.62 -10.35 3.56
CA ALA V 93 -20.84 -11.58 3.51
C ALA V 93 -20.54 -11.99 2.07
N ALA V 94 -21.48 -11.76 1.16
CA ALA V 94 -21.24 -12.12 -0.24
C ALA V 94 -20.05 -11.35 -0.79
N MET V 95 -19.97 -10.05 -0.49
CA MET V 95 -18.83 -9.25 -0.94
C MET V 95 -17.49 -9.81 -0.46
N GLN V 96 -17.48 -10.61 0.58
CA GLN V 96 -16.26 -11.22 1.09
C GLN V 96 -16.08 -12.66 0.59
N GLY V 97 -16.95 -13.12 -0.29
CA GLY V 97 -16.81 -14.44 -0.88
C GLY V 97 -17.93 -15.42 -0.57
N LEU V 98 -18.80 -15.17 0.40
CA LEU V 98 -19.90 -16.10 0.67
C LEU V 98 -21.13 -15.73 -0.16
N LEU V 99 -20.96 -15.84 -1.49
CA LEU V 99 -21.95 -15.36 -2.45
C LEU V 99 -22.85 -16.49 -2.90
N ALA V 100 -24.15 -16.22 -2.94
CA ALA V 100 -25.11 -17.19 -3.46
C ALA V 100 -26.30 -16.47 -4.05
N LEU V 101 -26.74 -16.90 -5.22
CA LEU V 101 -27.94 -16.35 -5.83
C LEU V 101 -29.00 -17.43 -5.98
N PRO V 102 -30.24 -17.12 -5.66
CA PRO V 102 -31.32 -18.10 -5.89
C PRO V 102 -32.08 -17.81 -7.17
N LEU V 103 -32.82 -18.82 -7.61
CA LEU V 103 -33.76 -18.75 -8.72
C LEU V 103 -35.04 -19.36 -8.21
N LEU V 104 -36.14 -18.63 -8.36
CA LEU V 104 -37.41 -19.01 -7.76
C LEU V 104 -38.37 -19.48 -8.84
N ALA V 105 -38.99 -20.63 -8.62
CA ALA V 105 -40.04 -21.11 -9.51
C ALA V 105 -41.24 -21.46 -8.66
N GLY V 106 -42.42 -20.98 -9.06
CA GLY V 106 -43.60 -21.23 -8.26
C GLY V 106 -44.84 -21.30 -9.13
N TYR V 107 -45.93 -21.73 -8.52
CA TYR V 107 -47.25 -21.76 -9.13
C TYR V 107 -48.17 -20.90 -8.28
N ASP V 108 -48.70 -19.83 -8.86
CA ASP V 108 -49.52 -18.87 -8.13
C ASP V 108 -50.95 -19.38 -8.07
N ILE V 109 -51.39 -19.86 -6.90
CA ILE V 109 -52.72 -20.43 -6.80
C ILE V 109 -53.80 -19.38 -7.00
N HIS V 110 -53.47 -18.11 -6.80
CA HIS V 110 -54.43 -17.03 -6.94
C HIS V 110 -54.45 -16.40 -8.32
N ALA V 111 -53.71 -16.96 -9.28
CA ALA V 111 -53.74 -16.42 -10.62
C ALA V 111 -55.08 -16.70 -11.28
N SER V 112 -55.50 -15.78 -12.15
CA SER V 112 -56.76 -15.94 -12.87
C SER V 112 -56.68 -17.03 -13.92
N ASP V 113 -55.59 -17.06 -14.69
CA ASP V 113 -55.42 -17.96 -15.82
C ASP V 113 -54.60 -19.16 -15.40
N PRO V 114 -55.20 -20.35 -15.25
CA PRO V 114 -54.42 -21.52 -14.82
C PRO V 114 -53.32 -21.92 -15.78
N GLN V 115 -53.42 -21.51 -17.04
CA GLN V 115 -52.41 -21.92 -18.01
C GLN V 115 -51.08 -21.22 -17.74
N SER V 116 -51.13 -19.93 -17.42
CA SER V 116 -49.94 -19.11 -17.24
C SER V 116 -49.64 -18.83 -15.78
N ALA V 117 -50.16 -19.65 -14.87
CA ALA V 117 -49.92 -19.43 -13.44
C ALA V 117 -48.49 -19.76 -13.02
N GLY V 118 -47.66 -20.28 -13.92
CA GLY V 118 -46.28 -20.48 -13.57
C GLY V 118 -45.58 -19.15 -13.38
N ARG V 119 -44.60 -19.15 -12.50
CA ARG V 119 -43.84 -17.95 -12.18
C ARG V 119 -42.38 -18.31 -12.05
N ILE V 120 -41.52 -17.48 -12.64
CA ILE V 120 -40.07 -17.64 -12.56
C ILE V 120 -39.48 -16.29 -12.22
N VAL V 121 -38.75 -16.21 -11.11
CA VAL V 121 -38.20 -14.95 -10.61
C VAL V 121 -36.70 -15.13 -10.44
N SER V 122 -35.94 -14.17 -10.96
CA SER V 122 -34.48 -14.15 -10.81
C SER V 122 -34.05 -13.02 -9.89
N PHE V 123 -32.90 -13.21 -9.25
CA PHE V 123 -32.39 -12.31 -8.24
C PHE V 123 -30.92 -12.00 -8.53
N ASP V 124 -30.48 -10.83 -8.09
CA ASP V 124 -29.08 -10.46 -8.12
C ASP V 124 -28.54 -10.36 -6.69
N ALA V 125 -27.23 -10.08 -6.60
CA ALA V 125 -26.57 -10.12 -5.31
C ALA V 125 -27.13 -9.06 -4.33
N ALA V 126 -27.79 -8.02 -4.84
CA ALA V 126 -28.34 -6.97 -4.01
C ALA V 126 -29.82 -7.17 -3.70
N GLY V 127 -30.41 -8.29 -4.09
CA GLY V 127 -31.80 -8.56 -3.85
C GLY V 127 -32.75 -8.08 -4.92
N GLY V 128 -32.28 -7.33 -5.91
CA GLY V 128 -33.15 -6.95 -7.00
C GLY V 128 -33.69 -8.18 -7.70
N TRP V 129 -34.97 -8.13 -8.05
CA TRP V 129 -35.65 -9.28 -8.60
C TRP V 129 -36.36 -8.91 -9.90
N ASN V 130 -36.54 -9.91 -10.75
CA ASN V 130 -37.26 -9.77 -12.00
C ASN V 130 -38.13 -10.99 -12.21
N ILE V 131 -39.42 -10.76 -12.45
CA ILE V 131 -40.31 -11.84 -12.85
C ILE V 131 -40.22 -11.98 -14.37
N GLU V 132 -39.79 -13.15 -14.82
CA GLU V 132 -39.44 -13.33 -16.23
C GLU V 132 -40.69 -13.63 -17.04
N GLU V 133 -41.10 -12.70 -17.89
CA GLU V 133 -42.28 -12.90 -18.72
C GLU V 133 -41.98 -13.55 -20.06
N GLU V 134 -40.74 -13.92 -20.32
CA GLU V 134 -40.40 -14.57 -21.59
C GLU V 134 -40.32 -16.09 -21.48
N GLY V 135 -40.62 -16.65 -20.31
CA GLY V 135 -40.89 -18.06 -20.21
C GLY V 135 -39.80 -18.92 -19.59
N TYR V 136 -38.54 -18.50 -19.63
CA TYR V 136 -37.46 -19.32 -19.11
C TYR V 136 -36.42 -18.42 -18.47
N GLN V 137 -35.55 -19.03 -17.67
CA GLN V 137 -34.51 -18.29 -16.97
C GLN V 137 -33.53 -19.30 -16.41
N ALA V 138 -32.31 -18.84 -16.13
CA ALA V 138 -31.28 -19.71 -15.57
C ALA V 138 -30.34 -18.89 -14.69
N VAL V 139 -29.57 -19.59 -13.86
CA VAL V 139 -28.60 -18.94 -12.99
C VAL V 139 -27.42 -19.90 -12.80
N GLY V 140 -26.24 -19.33 -12.57
CA GLY V 140 -25.04 -20.10 -12.36
C GLY V 140 -23.98 -19.82 -13.41
N SER V 141 -22.86 -20.52 -13.27
CA SER V 141 -21.73 -20.30 -14.15
C SER V 141 -22.02 -20.72 -15.58
N GLY V 142 -22.99 -21.61 -15.79
CA GLY V 142 -23.42 -22.00 -17.11
C GLY V 142 -24.70 -21.36 -17.58
N SER V 143 -25.18 -20.32 -16.90
CA SER V 143 -26.52 -19.79 -17.14
C SER V 143 -26.66 -19.18 -18.52
N LEU V 144 -25.59 -18.60 -19.05
CA LEU V 144 -25.71 -17.98 -20.36
C LEU V 144 -25.82 -19.03 -21.45
N PHE V 145 -25.04 -20.11 -21.34
CA PHE V 145 -25.17 -21.18 -22.30
C PHE V 145 -26.57 -21.78 -22.28
N ALA V 146 -27.11 -22.02 -21.09
CA ALA V 146 -28.44 -22.60 -20.96
C ALA V 146 -29.52 -21.66 -21.48
N LYS V 147 -29.45 -20.38 -21.13
CA LYS V 147 -30.42 -19.43 -21.65
C LYS V 147 -30.37 -19.40 -23.17
N SER V 148 -29.16 -19.36 -23.74
CA SER V 148 -29.06 -19.28 -25.18
C SER V 148 -29.56 -20.55 -25.85
N SER V 149 -29.46 -21.70 -25.19
CA SER V 149 -30.05 -22.92 -25.74
C SER V 149 -31.57 -22.86 -25.68
N MET V 150 -32.11 -22.50 -24.52
CA MET V 150 -33.57 -22.42 -24.40
C MET V 150 -34.14 -21.37 -25.35
N LYS V 151 -33.37 -20.35 -25.69
CA LYS V 151 -33.81 -19.38 -26.68
C LYS V 151 -34.15 -20.04 -28.00
N LYS V 152 -33.45 -21.12 -28.34
CA LYS V 152 -33.72 -21.84 -29.57
C LYS V 152 -34.72 -22.98 -29.38
N LEU V 153 -34.72 -23.64 -28.24
CA LEU V 153 -35.59 -24.80 -28.05
C LEU V 153 -36.94 -24.50 -27.41
N TYR V 154 -37.22 -23.26 -26.99
CA TYR V 154 -38.40 -23.05 -26.16
C TYR V 154 -39.69 -23.23 -26.93
N SER V 155 -39.71 -22.93 -28.22
CA SER V 155 -40.92 -23.09 -29.01
C SER V 155 -41.42 -24.53 -29.05
N GLN V 156 -40.59 -25.51 -28.70
CA GLN V 156 -41.00 -26.90 -28.72
C GLN V 156 -41.72 -27.32 -27.44
N VAL V 157 -41.92 -26.41 -26.50
CA VAL V 157 -42.50 -26.73 -25.21
C VAL V 157 -44.01 -26.61 -25.30
N THR V 158 -44.71 -27.75 -25.16
CA THR V 158 -46.15 -27.78 -25.16
C THR V 158 -46.76 -28.42 -23.92
N ASP V 159 -45.99 -29.19 -23.16
CA ASP V 159 -46.52 -29.80 -21.95
C ASP V 159 -45.39 -29.96 -20.95
N GLY V 160 -45.69 -30.61 -19.83
CA GLY V 160 -44.67 -30.85 -18.82
C GLY V 160 -43.55 -31.71 -19.33
N ASP V 161 -43.88 -32.68 -20.17
CA ASP V 161 -42.88 -33.62 -20.65
C ASP V 161 -41.89 -32.93 -21.61
N SER V 162 -42.42 -32.19 -22.59
CA SER V 162 -41.53 -31.49 -23.51
C SER V 162 -40.74 -30.41 -22.77
N GLY V 163 -41.37 -29.70 -21.85
CA GLY V 163 -40.66 -28.70 -21.07
C GLY V 163 -39.54 -29.30 -20.24
N LEU V 164 -39.79 -30.45 -19.62
CA LEU V 164 -38.73 -31.13 -18.87
C LEU V 164 -37.58 -31.52 -19.80
N ARG V 165 -37.90 -31.94 -21.02
CA ARG V 165 -36.84 -32.31 -21.94
C ARG V 165 -36.02 -31.08 -22.36
N VAL V 166 -36.68 -29.96 -22.65
CA VAL V 166 -35.95 -28.75 -23.01
C VAL V 166 -35.08 -28.30 -21.85
N ALA V 167 -35.58 -28.42 -20.62
CA ALA V 167 -34.78 -28.08 -19.45
C ALA V 167 -33.54 -28.94 -19.37
N VAL V 168 -33.71 -30.26 -19.45
CA VAL V 168 -32.55 -31.14 -19.36
C VAL V 168 -31.57 -30.87 -20.49
N GLU V 169 -32.06 -30.55 -21.68
CA GLU V 169 -31.16 -30.28 -22.78
C GLU V 169 -30.40 -28.98 -22.55
N ALA V 170 -31.07 -27.98 -21.99
CA ALA V 170 -30.39 -26.74 -21.62
C ALA V 170 -29.26 -27.01 -20.63
N LEU V 171 -29.54 -27.82 -19.60
CA LEU V 171 -28.48 -28.17 -18.69
C LEU V 171 -27.36 -28.92 -19.41
N TYR V 172 -27.70 -29.73 -20.41
CA TYR V 172 -26.69 -30.46 -21.15
C TYR V 172 -25.75 -29.49 -21.86
N ASP V 173 -26.29 -28.48 -22.54
CA ASP V 173 -25.45 -27.49 -23.21
C ASP V 173 -24.61 -26.70 -22.20
N ALA V 174 -25.20 -26.33 -21.07
CA ALA V 174 -24.43 -25.65 -20.04
C ALA V 174 -23.23 -26.48 -19.62
N ALA V 175 -23.46 -27.73 -19.24
CA ALA V 175 -22.36 -28.60 -18.83
C ALA V 175 -21.39 -28.87 -19.96
N ASP V 176 -21.86 -28.77 -21.21
CA ASP V 176 -21.01 -28.95 -22.36
C ASP V 176 -20.00 -27.82 -22.48
N ASP V 177 -20.42 -26.60 -22.18
CA ASP V 177 -19.56 -25.43 -22.36
C ASP V 177 -19.03 -24.87 -21.06
N ASP V 178 -19.42 -25.44 -19.92
CA ASP V 178 -18.99 -24.96 -18.62
C ASP V 178 -18.41 -26.12 -17.82
N SER V 179 -17.16 -25.97 -17.39
CA SER V 179 -16.53 -27.03 -16.61
C SER V 179 -17.05 -27.09 -15.19
N ALA V 180 -17.69 -26.03 -14.72
CA ALA V 180 -18.26 -26.00 -13.38
C ALA V 180 -19.65 -26.59 -13.30
N THR V 181 -20.26 -26.93 -14.43
CA THR V 181 -21.56 -27.57 -14.47
C THR V 181 -21.39 -29.00 -14.93
N GLY V 182 -22.02 -29.94 -14.23
CA GLY V 182 -21.85 -31.35 -14.50
C GLY V 182 -22.96 -31.89 -15.38
N GLY V 183 -22.56 -32.60 -16.43
CA GLY V 183 -23.53 -33.25 -17.29
C GLY V 183 -23.94 -34.60 -16.74
N PRO V 184 -24.77 -35.30 -17.50
CA PRO V 184 -25.26 -36.60 -17.04
C PRO V 184 -24.14 -37.64 -16.99
N ASP V 185 -24.08 -38.36 -15.88
CA ASP V 185 -23.07 -39.38 -15.65
C ASP V 185 -23.72 -40.72 -15.94
N LEU V 186 -23.55 -41.21 -17.17
CA LEU V 186 -24.14 -42.49 -17.52
C LEU V 186 -23.42 -43.66 -16.89
N VAL V 187 -22.15 -43.49 -16.50
CA VAL V 187 -21.43 -44.58 -15.86
C VAL V 187 -21.93 -44.77 -14.43
N ARG V 188 -22.12 -43.68 -13.71
CA ARG V 188 -22.59 -43.74 -12.33
C ARG V 188 -24.10 -43.66 -12.21
N GLY V 189 -24.80 -43.32 -13.29
CA GLY V 189 -26.24 -43.20 -13.20
C GLY V 189 -26.66 -42.01 -12.36
N ILE V 190 -26.02 -40.87 -12.56
CA ILE V 190 -26.30 -39.65 -11.83
C ILE V 190 -26.78 -38.62 -12.84
N PHE V 191 -27.97 -38.08 -12.61
CA PHE V 191 -28.59 -37.17 -13.55
C PHE V 191 -29.07 -35.93 -12.83
N PRO V 192 -29.36 -34.85 -13.56
CA PRO V 192 -29.81 -33.62 -12.91
C PRO V 192 -31.04 -33.86 -12.05
N THR V 193 -31.27 -32.94 -11.11
CA THR V 193 -32.48 -32.96 -10.31
C THR V 193 -33.51 -32.06 -10.94
N ALA V 194 -34.78 -32.46 -10.85
CA ALA V 194 -35.85 -31.67 -11.43
C ALA V 194 -37.04 -31.67 -10.48
N VAL V 195 -37.76 -30.55 -10.48
CA VAL V 195 -38.99 -30.36 -9.74
C VAL V 195 -40.03 -29.82 -10.70
N ILE V 196 -41.24 -30.38 -10.63
CA ILE V 196 -42.36 -29.94 -11.44
C ILE V 196 -43.40 -29.37 -10.50
N ILE V 197 -44.04 -28.28 -10.91
CA ILE V 197 -45.02 -27.61 -10.08
C ILE V 197 -46.22 -27.29 -10.94
N ASP V 198 -47.38 -27.79 -10.55
CA ASP V 198 -48.64 -27.44 -11.22
C ASP V 198 -49.70 -27.25 -10.15
N ALA V 199 -50.97 -27.29 -10.56
CA ALA V 199 -52.06 -27.09 -9.61
C ALA V 199 -52.06 -28.14 -8.52
N ASP V 200 -51.52 -29.32 -8.80
CA ASP V 200 -51.45 -30.39 -7.81
C ASP V 200 -50.27 -30.24 -6.85
N GLY V 201 -49.41 -29.27 -7.05
CA GLY V 201 -48.33 -29.02 -6.12
C GLY V 201 -46.97 -29.16 -6.77
N ALA V 202 -45.96 -29.25 -5.92
CA ALA V 202 -44.58 -29.40 -6.33
C ALA V 202 -44.13 -30.80 -5.98
N VAL V 203 -43.63 -31.53 -6.97
CA VAL V 203 -43.13 -32.89 -6.76
C VAL V 203 -41.77 -33.02 -7.43
N ASP V 204 -40.95 -33.90 -6.85
CA ASP V 204 -39.68 -34.26 -7.44
C ASP V 204 -39.90 -35.14 -8.66
N VAL V 205 -39.28 -34.79 -9.77
CA VAL V 205 -39.36 -35.65 -10.96
C VAL V 205 -38.52 -36.90 -10.72
N PRO V 206 -39.04 -38.10 -10.98
CA PRO V 206 -38.28 -39.31 -10.70
C PRO V 206 -37.02 -39.39 -11.56
N GLU V 207 -35.93 -39.83 -10.94
CA GLU V 207 -34.64 -39.88 -11.62
C GLU V 207 -34.70 -40.64 -12.93
N SER V 208 -35.59 -41.64 -13.01
CA SER V 208 -35.62 -42.50 -14.18
C SER V 208 -36.06 -41.74 -15.43
N ARG V 209 -37.04 -40.84 -15.30
CA ARG V 209 -37.49 -40.10 -16.46
C ARG V 209 -36.42 -39.14 -16.96
N ILE V 210 -35.72 -38.47 -16.04
CA ILE V 210 -34.61 -37.63 -16.44
C ILE V 210 -33.56 -38.46 -17.15
N ALA V 211 -33.30 -39.67 -16.66
CA ALA V 211 -32.34 -40.55 -17.33
C ALA V 211 -32.77 -40.82 -18.77
N GLU V 212 -34.02 -41.22 -18.95
CA GLU V 212 -34.57 -41.47 -20.28
C GLU V 212 -34.32 -40.27 -21.20
N LEU V 213 -34.66 -39.08 -20.72
CA LEU V 213 -34.50 -37.89 -21.55
C LEU V 213 -33.03 -37.62 -21.87
N ALA V 214 -32.15 -37.82 -20.89
CA ALA V 214 -30.73 -37.61 -21.10
C ALA V 214 -30.21 -38.51 -22.20
N ARG V 215 -30.55 -39.79 -22.14
CA ARG V 215 -30.13 -40.70 -23.20
C ARG V 215 -30.71 -40.29 -24.54
N ALA V 216 -31.96 -39.81 -24.56
CA ALA V 216 -32.52 -39.34 -25.82
C ALA V 216 -31.69 -38.19 -26.39
N ILE V 217 -31.30 -37.23 -25.54
CA ILE V 217 -30.52 -36.09 -26.02
C ILE V 217 -29.16 -36.56 -26.55
N ILE V 218 -28.49 -37.41 -25.77
CA ILE V 218 -27.18 -37.92 -26.16
C ILE V 218 -27.27 -38.63 -27.51
N GLU V 219 -28.28 -39.49 -27.68
CA GLU V 219 -28.39 -40.26 -28.90
C GLU V 219 -28.73 -39.38 -30.09
N SER V 220 -29.58 -38.38 -29.89
CA SER V 220 -29.87 -37.45 -30.98
C SER V 220 -28.63 -36.67 -31.37
N ARG V 221 -27.72 -36.41 -30.45
CA ARG V 221 -26.53 -35.62 -30.78
C ARG V 221 -25.35 -36.45 -31.25
N SER V 222 -25.38 -37.77 -31.13
CA SER V 222 -24.28 -38.56 -31.64
C SER V 222 -24.53 -39.12 -33.04
N GLY V 223 -25.79 -39.16 -33.46
CA GLY V 223 -26.14 -39.74 -34.74
C GLY V 223 -27.36 -40.64 -34.67
N THR W 1 -1.64 -34.32 7.73
CA THR W 1 -2.74 -35.03 8.36
C THR W 1 -3.53 -35.76 7.30
N THR W 2 -4.01 -36.97 7.60
CA THR W 2 -4.98 -37.61 6.73
C THR W 2 -5.99 -38.37 7.56
N ILE W 3 -7.27 -38.10 7.30
CA ILE W 3 -8.37 -38.85 7.90
C ILE W 3 -9.17 -39.47 6.76
N VAL W 4 -9.47 -40.76 6.89
CA VAL W 4 -10.27 -41.46 5.90
C VAL W 4 -11.50 -42.04 6.58
N ALA W 5 -12.56 -42.20 5.80
CA ALA W 5 -13.76 -42.87 6.27
C ALA W 5 -14.41 -43.56 5.08
N LEU W 6 -14.92 -44.77 5.29
CA LEU W 6 -15.64 -45.45 4.21
C LEU W 6 -16.75 -46.28 4.79
N LYS W 7 -17.81 -46.44 3.99
CA LYS W 7 -18.96 -47.28 4.32
C LYS W 7 -18.70 -48.71 3.87
N TYR W 8 -19.09 -49.66 4.71
CA TYR W 8 -19.12 -51.06 4.32
C TYR W 8 -20.50 -51.59 4.65
N PRO W 9 -20.90 -52.71 4.06
CA PRO W 9 -22.23 -53.24 4.35
C PRO W 9 -22.48 -53.40 5.84
N GLY W 10 -23.37 -52.57 6.36
CA GLY W 10 -23.77 -52.62 7.75
C GLY W 10 -22.98 -51.75 8.71
N GLY W 11 -22.08 -50.91 8.20
CA GLY W 11 -21.34 -50.06 9.12
C GLY W 11 -20.47 -49.04 8.41
N VAL W 12 -19.63 -48.38 9.20
CA VAL W 12 -18.73 -47.33 8.72
C VAL W 12 -17.41 -47.46 9.47
N VAL W 13 -16.33 -47.03 8.83
CA VAL W 13 -15.00 -47.05 9.43
C VAL W 13 -14.33 -45.70 9.20
N MET W 14 -13.55 -45.26 10.18
CA MET W 14 -12.77 -44.03 10.06
C MET W 14 -11.40 -44.27 10.66
N ALA W 15 -10.36 -43.74 10.03
CA ALA W 15 -9.01 -43.93 10.55
C ALA W 15 -8.19 -42.68 10.30
N GLY W 16 -7.22 -42.45 11.17
CA GLY W 16 -6.39 -41.26 11.06
C GLY W 16 -4.98 -41.53 11.52
N ASP W 17 -4.04 -40.77 10.95
CA ASP W 17 -2.63 -40.92 11.25
C ASP W 17 -2.30 -40.30 12.59
N ARG W 18 -1.02 -40.38 12.97
CA ARG W 18 -0.58 -40.05 14.31
C ARG W 18 0.47 -38.94 14.36
N ARG W 19 0.69 -38.22 13.27
CA ARG W 19 1.81 -37.27 13.20
C ARG W 19 1.35 -35.84 13.48
N SER W 20 2.18 -35.10 14.22
CA SER W 20 1.96 -33.69 14.49
C SER W 20 3.20 -32.91 14.11
N THR W 21 3.01 -31.82 13.37
CA THR W 21 4.12 -31.03 12.85
C THR W 21 3.97 -29.56 13.22
N GLN W 22 5.11 -28.86 13.27
CA GLN W 22 5.17 -27.41 13.22
C GLN W 22 6.06 -27.05 12.03
N GLY W 23 5.43 -26.75 10.90
CA GLY W 23 6.20 -26.58 9.70
C GLY W 23 6.78 -27.90 9.26
N ASN W 24 8.10 -27.99 9.18
CA ASN W 24 8.77 -29.21 8.79
C ASN W 24 9.10 -30.11 9.97
N MET W 25 9.11 -29.59 11.17
CA MET W 25 9.54 -30.34 12.35
C MET W 25 8.46 -31.28 12.83
N ILE W 26 8.85 -32.48 13.23
CA ILE W 26 7.93 -33.43 13.83
C ILE W 26 7.75 -32.99 15.28
N SER W 27 6.55 -32.58 15.64
CA SER W 27 6.29 -32.16 17.01
C SER W 27 5.46 -33.17 17.77
N GLY W 28 5.03 -34.24 17.13
CA GLY W 28 4.30 -35.30 17.82
C GLY W 28 4.26 -36.57 17.00
N ARG W 29 4.34 -37.72 17.66
CA ARG W 29 4.29 -38.99 16.95
C ARG W 29 3.12 -39.87 17.33
N ASP W 30 2.39 -39.56 18.40
CA ASP W 30 1.36 -40.47 18.89
C ASP W 30 -0.01 -39.81 19.00
N VAL W 31 -0.23 -38.67 18.35
CA VAL W 31 -1.44 -37.90 18.62
C VAL W 31 -2.66 -38.64 18.09
N ARG W 32 -3.82 -38.30 18.64
CA ARG W 32 -5.08 -38.90 18.26
C ARG W 32 -5.93 -37.84 17.55
N LYS W 33 -6.29 -38.13 16.31
CA LYS W 33 -7.07 -37.21 15.50
C LYS W 33 -8.49 -37.70 15.21
N VAL W 34 -8.82 -38.92 15.62
CA VAL W 34 -10.14 -39.49 15.42
C VAL W 34 -10.75 -39.75 16.78
N TYR W 35 -11.92 -39.17 17.03
CA TYR W 35 -12.55 -39.25 18.32
C TYR W 35 -13.95 -39.84 18.19
N ILE W 36 -14.29 -40.74 19.09
CA ILE W 36 -15.65 -41.22 19.21
C ILE W 36 -16.44 -40.11 19.91
N THR W 37 -17.33 -39.46 19.18
CA THR W 37 -18.05 -38.32 19.75
C THR W 37 -19.37 -38.70 20.41
N ASP W 38 -19.96 -39.84 20.06
CA ASP W 38 -21.08 -40.38 20.83
C ASP W 38 -21.25 -41.84 20.46
N ASP W 39 -22.21 -42.49 21.12
CA ASP W 39 -22.37 -43.95 21.02
C ASP W 39 -22.38 -44.43 19.57
N TYR W 40 -22.80 -43.59 18.63
CA TYR W 40 -22.90 -43.99 17.24
C TYR W 40 -22.22 -43.02 16.29
N THR W 41 -21.30 -42.18 16.78
CA THR W 41 -20.65 -41.23 15.91
C THR W 41 -19.20 -41.03 16.31
N ALA W 42 -18.34 -40.94 15.29
CA ALA W 42 -16.96 -40.53 15.46
C ALA W 42 -16.65 -39.36 14.52
N THR W 43 -15.75 -38.48 14.98
CA THR W 43 -15.30 -37.32 14.21
C THR W 43 -13.79 -37.32 14.13
N GLY W 44 -13.26 -37.15 12.93
CA GLY W 44 -11.83 -36.96 12.75
C GLY W 44 -11.61 -35.59 12.16
N ILE W 45 -10.59 -34.89 12.62
CA ILE W 45 -10.41 -33.49 12.26
C ILE W 45 -8.98 -33.25 11.81
N ALA W 46 -8.83 -32.39 10.80
CA ALA W 46 -7.54 -31.96 10.28
C ALA W 46 -7.40 -30.47 10.46
N GLY W 47 -6.18 -30.01 10.71
CA GLY W 47 -5.97 -28.59 10.86
C GLY W 47 -5.24 -28.30 12.15
N THR W 48 -5.42 -27.07 12.65
CA THR W 48 -4.73 -26.65 13.85
C THR W 48 -5.16 -27.50 15.03
N ALA W 49 -4.18 -28.02 15.78
CA ALA W 49 -4.46 -29.02 16.80
C ALA W 49 -5.39 -28.49 17.88
N ALA W 50 -5.12 -27.30 18.40
CA ALA W 50 -5.98 -26.73 19.43
C ALA W 50 -7.41 -26.66 18.95
N VAL W 51 -7.61 -26.16 17.74
CA VAL W 51 -8.95 -26.02 17.19
C VAL W 51 -9.59 -27.38 16.93
N ALA W 52 -8.81 -28.33 16.42
CA ALA W 52 -9.37 -29.66 16.13
C ALA W 52 -9.86 -30.34 17.40
N VAL W 53 -8.99 -30.39 18.42
CA VAL W 53 -9.37 -31.02 19.68
C VAL W 53 -10.54 -30.31 20.31
N GLU W 54 -10.57 -28.98 20.27
CA GLU W 54 -11.71 -28.27 20.83
C GLU W 54 -13.00 -28.64 20.09
N PHE W 55 -12.94 -28.72 18.75
CA PHE W 55 -14.11 -29.17 18.01
C PHE W 55 -14.60 -30.51 18.52
N ALA W 56 -13.71 -31.50 18.56
CA ALA W 56 -14.13 -32.84 18.97
C ALA W 56 -14.74 -32.81 20.36
N ARG W 57 -14.06 -32.16 21.30
CA ARG W 57 -14.49 -32.15 22.69
C ARG W 57 -15.83 -31.44 22.85
N LEU W 58 -15.92 -30.22 22.35
CA LEU W 58 -17.15 -29.45 22.47
C LEU W 58 -18.30 -30.13 21.76
N TYR W 59 -18.03 -30.76 20.62
CA TYR W 59 -19.07 -31.43 19.86
C TYR W 59 -19.64 -32.61 20.63
N ALA W 60 -18.77 -33.48 21.14
CA ALA W 60 -19.25 -34.57 21.97
C ALA W 60 -20.06 -34.05 23.15
N VAL W 61 -19.56 -32.99 23.80
CA VAL W 61 -20.30 -32.39 24.90
C VAL W 61 -21.67 -31.91 24.45
N GLU W 62 -21.76 -31.31 23.26
CA GLU W 62 -23.06 -30.81 22.81
C GLU W 62 -24.04 -31.95 22.59
N LEU W 63 -23.58 -33.02 21.93
CA LEU W 63 -24.44 -34.17 21.67
C LEU W 63 -24.96 -34.77 22.97
N GLU W 64 -24.06 -35.07 23.91
CA GLU W 64 -24.55 -35.68 25.14
C GLU W 64 -25.39 -34.69 25.95
N HIS W 65 -25.12 -33.41 25.81
CA HIS W 65 -25.97 -32.38 26.43
C HIS W 65 -27.40 -32.49 25.95
N TYR W 66 -27.60 -32.48 24.62
CA TYR W 66 -28.96 -32.64 24.11
C TYR W 66 -29.57 -33.95 24.59
N GLU W 67 -28.79 -35.03 24.59
CA GLU W 67 -29.36 -36.32 24.98
C GLU W 67 -29.86 -36.30 26.41
N LYS W 68 -29.10 -35.68 27.31
CA LYS W 68 -29.52 -35.65 28.70
C LYS W 68 -30.66 -34.68 28.91
N LEU W 69 -30.69 -33.58 28.16
CA LEU W 69 -31.77 -32.62 28.34
C LEU W 69 -33.09 -33.19 27.85
N GLU W 70 -33.09 -33.85 26.69
CA GLU W 70 -34.32 -34.25 26.04
C GLU W 70 -34.62 -35.74 26.11
N GLY W 71 -33.78 -36.53 26.80
CA GLY W 71 -34.07 -37.93 26.98
C GLY W 71 -33.93 -38.78 25.73
N VAL W 72 -33.48 -38.21 24.62
CA VAL W 72 -33.35 -38.92 23.34
C VAL W 72 -32.21 -38.28 22.58
N PRO W 73 -31.41 -39.04 21.83
CA PRO W 73 -30.32 -38.43 21.08
C PRO W 73 -30.84 -37.68 19.86
N LEU W 74 -30.01 -36.78 19.36
CA LEU W 74 -30.36 -36.06 18.15
C LEU W 74 -30.47 -37.03 16.98
N THR W 75 -31.38 -36.72 16.06
CA THR W 75 -31.33 -37.40 14.78
C THR W 75 -30.01 -37.09 14.09
N PHE W 76 -29.59 -37.98 13.19
CA PHE W 76 -28.30 -37.79 12.54
C PHE W 76 -28.24 -36.47 11.80
N ALA W 77 -29.31 -36.11 11.09
CA ALA W 77 -29.35 -34.80 10.45
C ALA W 77 -29.08 -33.70 11.45
N GLY W 78 -29.64 -33.80 12.65
CA GLY W 78 -29.36 -32.81 13.67
C GLY W 78 -27.90 -32.77 14.06
N LYS W 79 -27.29 -33.94 14.22
CA LYS W 79 -25.86 -33.99 14.51
C LYS W 79 -25.07 -33.27 13.43
N ILE W 80 -25.40 -33.52 12.17
CA ILE W 80 -24.78 -32.80 11.07
C ILE W 80 -24.94 -31.31 11.26
N ASN W 81 -26.17 -30.85 11.49
CA ASN W 81 -26.39 -29.42 11.55
C ASN W 81 -25.58 -28.79 12.67
N ARG W 82 -25.47 -29.45 13.81
CA ARG W 82 -24.72 -28.82 14.89
C ARG W 82 -23.24 -28.75 14.56
N LEU W 83 -22.68 -29.82 13.98
CA LEU W 83 -21.27 -29.75 13.59
C LEU W 83 -21.04 -28.64 12.57
N ALA W 84 -21.94 -28.54 11.58
CA ALA W 84 -21.80 -27.49 10.58
C ALA W 84 -21.81 -26.12 11.22
N ILE W 85 -22.77 -25.85 12.10
CA ILE W 85 -22.84 -24.56 12.75
C ILE W 85 -21.57 -24.28 13.55
N MET W 86 -20.98 -25.32 14.16
CA MET W 86 -19.73 -25.12 14.88
C MET W 86 -18.60 -24.67 13.95
N VAL W 87 -18.44 -25.37 12.83
CA VAL W 87 -17.41 -24.99 11.85
C VAL W 87 -17.63 -23.55 11.36
N ARG W 88 -18.85 -23.25 10.92
CA ARG W 88 -19.14 -21.90 10.46
C ARG W 88 -18.84 -20.88 11.55
N GLY W 89 -19.13 -21.23 12.79
CA GLY W 89 -18.78 -20.35 13.89
C GLY W 89 -17.29 -20.08 13.96
N ASN W 90 -16.47 -21.08 13.61
CA ASN W 90 -15.03 -20.85 13.65
C ASN W 90 -14.49 -20.13 12.41
N LEU W 91 -15.32 -19.90 11.38
CA LEU W 91 -14.80 -19.39 10.11
C LEU W 91 -13.89 -18.17 10.24
N ALA W 92 -14.28 -17.19 11.03
CA ALA W 92 -13.47 -15.97 11.12
C ALA W 92 -12.06 -16.27 11.60
N ALA W 93 -11.95 -16.97 12.73
CA ALA W 93 -10.63 -17.37 13.21
C ALA W 93 -9.91 -18.22 12.20
N ALA W 94 -10.66 -19.03 11.43
CA ALA W 94 -10.02 -19.87 10.42
C ALA W 94 -9.28 -19.01 9.40
N MET W 95 -9.90 -17.91 8.96
CA MET W 95 -9.20 -17.13 7.94
C MET W 95 -8.02 -16.36 8.49
N GLN W 96 -7.69 -16.51 9.77
CA GLN W 96 -6.45 -15.98 10.33
C GLN W 96 -5.45 -17.09 10.64
N GLY W 97 -5.75 -18.33 10.27
CA GLY W 97 -4.83 -19.44 10.44
C GLY W 97 -5.29 -20.53 11.38
N LEU W 98 -6.30 -20.27 12.21
CA LEU W 98 -6.82 -21.28 13.13
C LEU W 98 -7.91 -22.13 12.46
N LEU W 99 -7.49 -22.84 11.42
CA LEU W 99 -8.39 -23.58 10.55
C LEU W 99 -8.46 -25.04 10.98
N ALA W 100 -9.66 -25.59 10.99
CA ALA W 100 -9.85 -27.02 11.23
C ALA W 100 -11.09 -27.49 10.47
N LEU W 101 -10.96 -28.61 9.77
CA LEU W 101 -12.05 -29.22 9.06
C LEU W 101 -12.32 -30.61 9.64
N PRO W 102 -13.58 -30.94 9.92
CA PRO W 102 -13.89 -32.28 10.40
C PRO W 102 -14.41 -33.17 9.29
N LEU W 103 -14.38 -34.46 9.57
CA LEU W 103 -14.97 -35.51 8.76
C LEU W 103 -15.77 -36.34 9.73
N LEU W 104 -17.04 -36.54 9.41
CA LEU W 104 -18.00 -37.13 10.32
C LEU W 104 -18.35 -38.52 9.81
N ALA W 105 -18.28 -39.51 10.69
CA ALA W 105 -18.71 -40.85 10.36
C ALA W 105 -19.70 -41.30 11.42
N GLY W 106 -20.84 -41.85 10.97
CA GLY W 106 -21.85 -42.26 11.92
C GLY W 106 -22.63 -43.44 11.39
N TYR W 107 -23.42 -44.02 12.28
CA TYR W 107 -24.36 -45.08 11.96
C TYR W 107 -25.75 -44.58 12.33
N ASP W 108 -26.63 -44.45 11.35
CA ASP W 108 -27.95 -43.88 11.61
C ASP W 108 -28.86 -45.00 12.08
N ILE W 109 -29.12 -45.04 13.39
CA ILE W 109 -29.94 -46.11 13.91
C ILE W 109 -31.39 -45.98 13.46
N HIS W 110 -31.82 -44.81 13.01
CA HIS W 110 -33.20 -44.62 12.57
C HIS W 110 -33.39 -44.84 11.08
N ALA W 111 -32.35 -45.28 10.38
CA ALA W 111 -32.50 -45.56 8.96
C ALA W 111 -33.35 -46.80 8.73
N SER W 112 -34.01 -46.84 7.57
CA SER W 112 -34.87 -47.98 7.25
C SER W 112 -34.05 -49.24 7.00
N ASP W 113 -32.98 -49.12 6.20
CA ASP W 113 -32.17 -50.28 5.80
C ASP W 113 -30.93 -50.35 6.69
N PRO W 114 -30.85 -51.27 7.64
CA PRO W 114 -29.71 -51.30 8.56
C PRO W 114 -28.37 -51.59 7.87
N GLN W 115 -28.38 -52.13 6.65
CA GLN W 115 -27.14 -52.50 6.00
C GLN W 115 -26.55 -51.37 5.15
N SER W 116 -27.27 -50.28 4.94
CA SER W 116 -26.73 -49.09 4.30
C SER W 116 -26.90 -47.87 5.20
N ALA W 117 -27.07 -48.07 6.50
CA ALA W 117 -27.22 -47.01 7.48
C ALA W 117 -25.92 -46.28 7.78
N GLY W 118 -24.80 -46.70 7.21
CA GLY W 118 -23.57 -45.96 7.40
C GLY W 118 -23.66 -44.59 6.77
N ARG W 119 -23.01 -43.62 7.40
CA ARG W 119 -23.06 -42.25 6.93
C ARG W 119 -21.70 -41.61 7.04
N ILE W 120 -21.33 -40.88 6.00
CA ILE W 120 -20.07 -40.14 5.94
C ILE W 120 -20.38 -38.73 5.47
N VAL W 121 -20.03 -37.74 6.27
CA VAL W 121 -20.35 -36.34 6.00
C VAL W 121 -19.05 -35.56 5.98
N SER W 122 -18.84 -34.77 4.93
CA SER W 122 -17.67 -33.91 4.84
C SER W 122 -18.09 -32.45 4.93
N PHE W 123 -17.17 -31.63 5.40
CA PHE W 123 -17.44 -30.23 5.68
C PHE W 123 -16.35 -29.36 5.06
N ASP W 124 -16.71 -28.13 4.73
CA ASP W 124 -15.74 -27.13 4.32
C ASP W 124 -15.65 -26.04 5.37
N ALA W 125 -14.73 -25.10 5.14
CA ALA W 125 -14.44 -24.08 6.12
C ALA W 125 -15.63 -23.16 6.41
N ALA W 126 -16.62 -23.13 5.53
CA ALA W 126 -17.80 -22.29 5.73
C ALA W 126 -18.97 -23.06 6.32
N GLY W 127 -18.77 -24.31 6.72
CA GLY W 127 -19.82 -25.10 7.29
C GLY W 127 -20.65 -25.87 6.29
N GLY W 128 -20.46 -25.64 4.99
CA GLY W 128 -21.16 -26.44 4.01
C GLY W 128 -20.82 -27.90 4.18
N TRP W 129 -21.83 -28.75 4.06
CA TRP W 129 -21.66 -30.17 4.31
C TRP W 129 -22.22 -30.96 3.16
N ASN W 130 -21.70 -32.16 2.97
CA ASN W 130 -22.22 -33.09 1.99
C ASN W 130 -22.21 -34.49 2.56
N ILE W 131 -23.32 -35.19 2.43
CA ILE W 131 -23.39 -36.60 2.81
C ILE W 131 -22.88 -37.40 1.61
N GLU W 132 -21.81 -38.16 1.82
CA GLU W 132 -21.07 -38.77 0.73
C GLU W 132 -21.79 -40.04 0.29
N GLU W 133 -22.35 -40.01 -0.91
CA GLU W 133 -23.09 -41.14 -1.44
C GLU W 133 -22.21 -42.11 -2.22
N GLU W 134 -20.92 -41.85 -2.34
CA GLU W 134 -20.03 -42.70 -3.11
C GLU W 134 -19.17 -43.63 -2.26
N GLY W 135 -19.36 -43.65 -0.95
CA GLY W 135 -18.83 -44.71 -0.10
C GLY W 135 -17.60 -44.36 0.72
N TYR W 136 -16.80 -43.38 0.30
CA TYR W 136 -15.59 -43.06 1.04
C TYR W 136 -15.32 -41.56 0.93
N GLN W 137 -14.46 -41.07 1.81
CA GLN W 137 -14.08 -39.65 1.84
C GLN W 137 -12.86 -39.51 2.72
N ALA W 138 -12.12 -38.42 2.52
CA ALA W 138 -10.92 -38.15 3.30
C ALA W 138 -10.74 -36.64 3.44
N VAL W 139 -9.92 -36.24 4.41
CA VAL W 139 -9.65 -34.83 4.67
C VAL W 139 -8.22 -34.70 5.17
N GLY W 140 -7.58 -33.58 4.86
CA GLY W 140 -6.22 -33.31 5.26
C GLY W 140 -5.30 -33.13 4.06
N SER W 141 -4.04 -32.90 4.37
CA SER W 141 -3.05 -32.64 3.32
C SER W 141 -2.79 -33.87 2.46
N GLY W 142 -3.02 -35.06 2.99
CA GLY W 142 -2.89 -36.27 2.21
C GLY W 142 -4.19 -36.81 1.70
N SER W 143 -5.26 -36.04 1.77
CA SER W 143 -6.60 -36.55 1.49
C SER W 143 -6.77 -36.91 0.03
N LEU W 144 -6.07 -36.24 -0.87
CA LEU W 144 -6.26 -36.53 -2.29
C LEU W 144 -5.56 -37.83 -2.68
N PHE W 145 -4.39 -38.09 -2.10
CA PHE W 145 -3.75 -39.38 -2.31
C PHE W 145 -4.61 -40.51 -1.75
N ALA W 146 -5.17 -40.30 -0.55
CA ALA W 146 -5.98 -41.33 0.07
C ALA W 146 -7.25 -41.60 -0.74
N LYS W 147 -7.92 -40.54 -1.17
CA LYS W 147 -9.11 -40.72 -1.98
C LYS W 147 -8.79 -41.44 -3.28
N SER W 148 -7.70 -41.03 -3.95
CA SER W 148 -7.38 -41.70 -5.21
C SER W 148 -7.00 -43.16 -4.99
N SER W 149 -6.45 -43.49 -3.82
CA SER W 149 -6.19 -44.89 -3.50
C SER W 149 -7.49 -45.66 -3.27
N MET W 150 -8.37 -45.11 -2.44
CA MET W 150 -9.63 -45.79 -2.15
C MET W 150 -10.48 -45.95 -3.41
N LYS W 151 -10.33 -45.05 -4.38
CA LYS W 151 -11.04 -45.21 -5.63
C LYS W 151 -10.72 -46.55 -6.28
N LYS W 152 -9.50 -47.03 -6.11
CA LYS W 152 -9.08 -48.30 -6.67
C LYS W 152 -9.33 -49.48 -5.73
N LEU W 153 -9.23 -49.27 -4.43
CA LEU W 153 -9.37 -50.39 -3.51
C LEU W 153 -10.79 -50.61 -3.04
N TYR W 154 -11.73 -49.73 -3.39
CA TYR W 154 -13.03 -49.76 -2.72
C TYR W 154 -13.84 -50.96 -3.16
N SER W 155 -13.65 -51.42 -4.40
CA SER W 155 -14.37 -52.61 -4.87
C SER W 155 -14.07 -53.84 -4.03
N GLN W 156 -12.99 -53.83 -3.24
CA GLN W 156 -12.65 -54.94 -2.38
C GLN W 156 -13.35 -54.89 -1.03
N VAL W 157 -14.15 -53.87 -0.77
CA VAL W 157 -14.77 -53.71 0.55
C VAL W 157 -16.08 -54.48 0.54
N THR W 158 -16.15 -55.55 1.34
CA THR W 158 -17.36 -56.33 1.48
C THR W 158 -17.83 -56.45 2.91
N ASP W 159 -16.98 -56.19 3.90
CA ASP W 159 -17.37 -56.28 5.30
C ASP W 159 -16.49 -55.33 6.10
N GLY W 160 -16.60 -55.41 7.42
CA GLY W 160 -15.83 -54.52 8.28
C GLY W 160 -14.33 -54.69 8.15
N ASP W 161 -13.88 -55.94 7.98
CA ASP W 161 -12.45 -56.20 7.92
C ASP W 161 -11.85 -55.64 6.64
N SER W 162 -12.48 -55.92 5.50
CA SER W 162 -11.97 -55.39 4.24
C SER W 162 -12.04 -53.87 4.23
N GLY W 163 -13.10 -53.31 4.82
CA GLY W 163 -13.16 -51.86 4.92
C GLY W 163 -12.04 -51.30 5.76
N LEU W 164 -11.75 -51.94 6.89
CA LEU W 164 -10.65 -51.48 7.74
C LEU W 164 -9.32 -51.55 6.99
N ARG W 165 -9.05 -52.68 6.32
CA ARG W 165 -7.77 -52.79 5.63
C ARG W 165 -7.67 -51.74 4.53
N VAL W 166 -8.74 -51.57 3.75
CA VAL W 166 -8.71 -50.55 2.70
C VAL W 166 -8.42 -49.18 3.29
N ALA W 167 -9.03 -48.86 4.43
CA ALA W 167 -8.75 -47.58 5.08
C ALA W 167 -7.28 -47.45 5.47
N VAL W 168 -6.75 -48.45 6.17
CA VAL W 168 -5.37 -48.38 6.64
C VAL W 168 -4.41 -48.27 5.46
N GLU W 169 -4.73 -48.94 4.36
CA GLU W 169 -3.87 -48.86 3.19
C GLU W 169 -3.96 -47.49 2.54
N ALA W 170 -5.15 -46.91 2.51
CA ALA W 170 -5.29 -45.54 2.01
C ALA W 170 -4.44 -44.58 2.83
N LEU W 171 -4.47 -44.71 4.15
CA LEU W 171 -3.58 -43.93 4.99
C LEU W 171 -2.12 -44.22 4.67
N TYR W 172 -1.81 -45.46 4.31
CA TYR W 172 -0.44 -45.79 3.95
C TYR W 172 0.01 -45.01 2.72
N ASP W 173 -0.83 -44.99 1.68
CA ASP W 173 -0.50 -44.24 0.47
C ASP W 173 -0.41 -42.75 0.76
N ALA W 174 -1.35 -42.22 1.54
CA ALA W 174 -1.29 -40.82 1.91
C ALA W 174 0.04 -40.49 2.56
N ALA W 175 0.43 -41.27 3.56
CA ALA W 175 1.71 -41.02 4.22
C ALA W 175 2.88 -41.27 3.27
N ASP W 176 2.70 -42.11 2.27
CA ASP W 176 3.75 -42.38 1.30
C ASP W 176 4.05 -41.17 0.44
N ASP W 177 3.02 -40.40 0.08
CA ASP W 177 3.18 -39.27 -0.81
C ASP W 177 3.08 -37.92 -0.12
N ASP W 178 2.84 -37.88 1.18
CA ASP W 178 2.66 -36.63 1.92
C ASP W 178 3.55 -36.66 3.16
N SER W 179 4.46 -35.70 3.26
CA SER W 179 5.36 -35.68 4.41
C SER W 179 4.66 -35.20 5.67
N ALA W 180 3.53 -34.54 5.54
CA ALA W 180 2.79 -34.09 6.71
C ALA W 180 1.90 -35.18 7.29
N THR W 181 1.80 -36.33 6.64
CA THR W 181 1.04 -37.46 7.13
C THR W 181 2.00 -38.57 7.52
N GLY W 182 1.81 -39.14 8.71
CA GLY W 182 2.73 -40.13 9.24
C GLY W 182 2.28 -41.56 8.97
N GLY W 183 3.19 -42.35 8.44
CA GLY W 183 2.95 -43.75 8.19
C GLY W 183 3.19 -44.60 9.42
N PRO W 184 3.11 -45.92 9.27
CA PRO W 184 3.31 -46.79 10.43
C PRO W 184 4.76 -46.72 10.90
N ASP W 185 4.94 -46.53 12.20
CA ASP W 185 6.28 -46.49 12.79
C ASP W 185 6.51 -47.85 13.41
N LEU W 186 7.18 -48.73 12.65
CA LEU W 186 7.43 -50.07 13.16
C LEU W 186 8.47 -50.08 14.27
N VAL W 187 9.32 -49.06 14.33
CA VAL W 187 10.34 -49.01 15.37
C VAL W 187 9.71 -48.67 16.72
N ARG W 188 8.78 -47.71 16.74
CA ARG W 188 8.19 -47.25 17.98
C ARG W 188 6.90 -47.99 18.32
N GLY W 189 6.34 -48.73 17.37
CA GLY W 189 5.06 -49.38 17.57
C GLY W 189 3.92 -48.39 17.58
N ILE W 190 3.92 -47.45 16.64
CA ILE W 190 2.90 -46.41 16.55
C ILE W 190 2.21 -46.52 15.20
N PHE W 191 0.89 -46.71 15.22
CA PHE W 191 0.08 -46.97 14.04
C PHE W 191 -1.14 -46.07 14.06
N PRO W 192 -1.82 -45.92 12.92
CA PRO W 192 -3.02 -45.09 12.88
C PRO W 192 -4.06 -45.55 13.89
N THR W 193 -4.96 -44.64 14.25
CA THR W 193 -6.11 -44.98 15.07
C THR W 193 -7.31 -45.21 14.17
N ALA W 194 -8.16 -46.15 14.55
CA ALA W 194 -9.33 -46.45 13.75
C ALA W 194 -10.52 -46.64 14.66
N VAL W 195 -11.68 -46.28 14.15
CA VAL W 195 -12.96 -46.47 14.82
C VAL W 195 -13.87 -47.20 13.85
N ILE W 196 -14.58 -48.20 14.37
CA ILE W 196 -15.57 -48.96 13.61
C ILE W 196 -16.92 -48.69 14.24
N ILE W 197 -17.95 -48.52 13.41
CA ILE W 197 -19.28 -48.19 13.92
C ILE W 197 -20.30 -49.04 13.18
N ASP W 198 -21.10 -49.79 13.92
CA ASP W 198 -22.20 -50.55 13.34
C ASP W 198 -23.39 -50.44 14.29
N ALA W 199 -24.35 -51.36 14.14
CA ALA W 199 -25.55 -51.30 14.96
C ALA W 199 -25.24 -51.47 16.44
N ASP W 200 -24.15 -52.13 16.79
CA ASP W 200 -23.80 -52.29 18.19
C ASP W 200 -23.10 -51.07 18.76
N GLY W 201 -22.79 -50.06 17.94
CA GLY W 201 -22.16 -48.86 18.41
C GLY W 201 -20.81 -48.56 17.77
N ALA W 202 -20.07 -47.65 18.37
CA ALA W 202 -18.75 -47.24 17.90
C ALA W 202 -17.69 -47.71 18.87
N VAL W 203 -16.67 -48.41 18.36
CA VAL W 203 -15.58 -48.87 19.20
C VAL W 203 -14.25 -48.55 18.53
N ASP W 204 -13.25 -48.30 19.37
CA ASP W 204 -11.88 -48.14 18.88
C ASP W 204 -11.33 -49.49 18.47
N VAL W 205 -10.75 -49.56 17.29
CA VAL W 205 -10.08 -50.80 16.88
C VAL W 205 -8.78 -50.93 17.67
N PRO W 206 -8.50 -52.08 18.27
CA PRO W 206 -7.30 -52.20 19.09
C PRO W 206 -6.04 -52.05 18.26
N GLU W 207 -4.97 -51.55 18.90
CA GLU W 207 -3.73 -51.28 18.19
C GLU W 207 -3.22 -52.53 17.47
N SER W 208 -3.42 -53.71 18.06
CA SER W 208 -2.88 -54.95 17.50
C SER W 208 -3.42 -55.21 16.10
N ARG W 209 -4.73 -55.04 15.92
CA ARG W 209 -5.34 -55.27 14.62
C ARG W 209 -4.77 -54.34 13.56
N ILE W 210 -4.62 -53.06 13.91
CA ILE W 210 -4.12 -52.08 12.95
C ILE W 210 -2.67 -52.40 12.59
N ALA W 211 -1.86 -52.78 13.57
CA ALA W 211 -0.49 -53.18 13.31
C ALA W 211 -0.44 -54.38 12.37
N GLU W 212 -1.29 -55.37 12.61
CA GLU W 212 -1.37 -56.53 11.74
C GLU W 212 -1.60 -56.09 10.30
N LEU W 213 -2.62 -55.26 10.08
CA LEU W 213 -2.91 -54.80 8.73
C LEU W 213 -1.74 -54.01 8.15
N ALA W 214 -1.06 -53.21 8.98
CA ALA W 214 0.08 -52.43 8.50
C ALA W 214 1.17 -53.35 7.97
N ARG W 215 1.55 -54.36 8.75
CA ARG W 215 2.58 -55.30 8.28
C ARG W 215 2.13 -56.00 7.01
N ALA W 216 0.87 -56.41 6.94
CA ALA W 216 0.37 -57.03 5.72
C ALA W 216 0.60 -56.12 4.52
N ILE W 217 0.30 -54.83 4.67
CA ILE W 217 0.45 -53.88 3.58
C ILE W 217 1.91 -53.74 3.19
N ILE W 218 2.79 -53.59 4.19
CA ILE W 218 4.21 -53.43 3.90
C ILE W 218 4.74 -54.62 3.12
N GLU W 219 4.53 -55.84 3.62
CA GLU W 219 5.03 -57.01 2.90
C GLU W 219 4.40 -57.11 1.52
N SER W 220 3.14 -56.69 1.39
CA SER W 220 2.53 -56.63 0.07
C SER W 220 3.30 -55.69 -0.86
N ARG W 221 3.88 -54.63 -0.31
CA ARG W 221 4.57 -53.67 -1.16
C ARG W 221 6.05 -53.99 -1.33
N SER W 222 6.60 -54.93 -0.57
CA SER W 222 8.00 -55.30 -0.69
C SER W 222 8.21 -56.56 -1.54
N GLY W 223 7.65 -57.69 -1.10
CA GLY W 223 7.82 -58.95 -1.79
C GLY W 223 8.06 -60.12 -0.85
N THR X 1 16.24 -18.70 25.98
CA THR X 1 15.63 -19.38 27.11
C THR X 1 15.63 -20.87 26.84
N THR X 2 15.85 -21.68 27.88
CA THR X 2 15.65 -23.12 27.74
C THR X 2 15.08 -23.68 29.03
N ILE X 3 13.98 -24.41 28.91
CA ILE X 3 13.37 -25.15 30.01
C ILE X 3 13.36 -26.61 29.61
N VAL X 4 13.78 -27.47 30.52
CA VAL X 4 13.79 -28.92 30.28
C VAL X 4 12.97 -29.60 31.36
N ALA X 5 12.36 -30.73 30.99
CA ALA X 5 11.65 -31.57 31.93
C ALA X 5 11.80 -33.02 31.48
N LEU X 6 12.00 -33.92 32.45
CA LEU X 6 12.13 -35.32 32.10
C LEU X 6 11.57 -36.18 33.22
N LYS X 7 11.06 -37.36 32.82
CA LYS X 7 10.54 -38.34 33.77
C LYS X 7 11.66 -39.23 34.26
N TYR X 8 11.65 -39.51 35.55
CA TYR X 8 12.51 -40.54 36.12
C TYR X 8 11.63 -41.47 36.93
N PRO X 9 12.12 -42.68 37.25
CA PRO X 9 11.30 -43.61 38.02
C PRO X 9 10.78 -43.01 39.31
N GLY X 10 9.47 -42.76 39.35
CA GLY X 10 8.83 -42.23 40.53
C GLY X 10 8.74 -40.73 40.62
N GLY X 11 9.15 -39.99 39.58
CA GLY X 11 9.06 -38.55 39.67
C GLY X 11 9.38 -37.87 38.35
N VAL X 12 9.50 -36.54 38.44
CA VAL X 12 9.74 -35.68 37.30
C VAL X 12 10.74 -34.61 37.73
N VAL X 13 11.47 -34.07 36.76
CA VAL X 13 12.44 -33.01 37.00
C VAL X 13 12.19 -31.89 36.00
N MET X 14 12.34 -30.65 36.44
CA MET X 14 12.26 -29.51 35.53
C MET X 14 13.35 -28.52 35.90
N ALA X 15 14.02 -27.96 34.89
CA ALA X 15 15.10 -27.02 35.12
C ALA X 15 15.08 -25.94 34.05
N GLY X 16 15.56 -24.75 34.39
CA GLY X 16 15.55 -23.64 33.46
C GLY X 16 16.73 -22.74 33.67
N ASP X 17 17.17 -22.07 32.60
CA ASP X 17 18.33 -21.21 32.67
C ASP X 17 17.96 -19.90 33.36
N ARG X 18 18.95 -19.02 33.50
CA ARG X 18 18.83 -17.83 34.34
C ARG X 18 18.99 -16.53 33.57
N ARG X 19 18.95 -16.56 32.24
CA ARG X 19 19.30 -15.40 31.42
C ARG X 19 18.07 -14.65 30.91
N SER X 20 18.15 -13.32 30.91
CA SER X 20 17.14 -12.47 30.30
C SER X 20 17.81 -11.51 29.34
N THR X 21 17.28 -11.40 28.12
CA THR X 21 17.88 -10.56 27.10
C THR X 21 16.86 -9.57 26.56
N GLN X 22 17.37 -8.45 26.05
CA GLN X 22 16.63 -7.53 25.19
C GLN X 22 17.38 -7.44 23.87
N GLY X 23 16.94 -8.19 22.88
CA GLY X 23 17.68 -8.30 21.66
C GLY X 23 18.96 -9.05 21.92
N ASN X 24 20.09 -8.45 21.61
CA ASN X 24 21.39 -9.07 21.86
C ASN X 24 21.92 -8.75 23.24
N MET X 25 21.36 -7.75 23.90
CA MET X 25 21.86 -7.29 25.18
C MET X 25 21.38 -8.20 26.29
N ILE X 26 22.28 -8.51 27.22
CA ILE X 26 21.92 -9.25 28.43
C ILE X 26 21.36 -8.28 29.45
N SER X 27 20.09 -8.46 29.81
CA SER X 27 19.42 -7.61 30.80
C SER X 27 19.19 -8.33 32.12
N GLY X 28 19.53 -9.61 32.23
CA GLY X 28 19.37 -10.31 33.49
C GLY X 28 20.19 -11.58 33.56
N ARG X 29 20.76 -11.87 34.72
CA ARG X 29 21.59 -13.04 34.93
C ARG X 29 21.06 -14.02 35.96
N ASP X 30 20.07 -13.64 36.75
CA ASP X 30 19.61 -14.43 37.88
C ASP X 30 18.11 -14.73 37.81
N VAL X 31 17.48 -14.55 36.65
CA VAL X 31 16.02 -14.63 36.60
C VAL X 31 15.57 -16.06 36.83
N ARG X 32 14.35 -16.20 37.34
CA ARG X 32 13.76 -17.50 37.64
C ARG X 32 12.70 -17.80 36.60
N LYS X 33 12.85 -18.92 35.90
CA LYS X 33 11.89 -19.28 34.86
C LYS X 33 11.08 -20.53 35.19
N VAL X 34 11.39 -21.23 36.28
CA VAL X 34 10.67 -22.42 36.69
C VAL X 34 10.03 -22.13 38.03
N TYR X 35 8.71 -22.26 38.10
CA TYR X 35 7.96 -21.92 39.29
C TYR X 35 7.18 -23.13 39.78
N ILE X 36 7.18 -23.32 41.10
CA ILE X 36 6.31 -24.30 41.74
C ILE X 36 4.92 -23.71 41.78
N THR X 37 4.00 -24.29 41.02
CA THR X 37 2.64 -23.77 40.94
C THR X 37 1.67 -24.43 41.91
N ASP X 38 1.95 -25.66 42.36
CA ASP X 38 1.18 -26.23 43.47
C ASP X 38 1.96 -27.42 43.99
N ASP X 39 1.45 -28.01 45.07
CA ASP X 39 2.17 -29.07 45.77
C ASP X 39 2.67 -30.18 44.83
N TYR X 40 2.00 -30.37 43.70
CA TYR X 40 2.37 -31.46 42.80
C TYR X 40 2.55 -30.98 41.37
N THR X 41 2.76 -29.68 41.16
CA THR X 41 2.91 -29.15 39.81
C THR X 41 3.93 -28.03 39.78
N ALA X 42 4.80 -28.07 38.76
CA ALA X 42 5.73 -26.99 38.44
C ALA X 42 5.56 -26.57 37.00
N THR X 43 5.75 -25.28 36.75
CA THR X 43 5.64 -24.70 35.42
C THR X 43 6.90 -23.90 35.10
N GLY X 44 7.46 -24.12 33.93
CA GLY X 44 8.56 -23.31 33.43
C GLY X 44 8.11 -22.63 32.16
N ILE X 45 8.49 -21.37 31.97
CA ILE X 45 7.94 -20.61 30.87
C ILE X 45 9.05 -19.94 30.06
N ALA X 46 8.88 -19.90 28.74
CA ALA X 46 9.77 -19.19 27.86
C ALA X 46 8.98 -18.14 27.09
N GLY X 47 9.60 -17.00 26.79
CA GLY X 47 8.93 -15.97 26.05
C GLY X 47 9.06 -14.64 26.74
N THR X 48 8.13 -13.73 26.45
CA THR X 48 8.18 -12.40 27.05
C THR X 48 8.02 -12.50 28.56
N ALA X 49 8.91 -11.80 29.28
CA ALA X 49 8.98 -11.96 30.73
C ALA X 49 7.67 -11.58 31.40
N ALA X 50 7.11 -10.44 31.05
CA ALA X 50 5.88 -9.99 31.69
C ALA X 50 4.79 -11.03 31.56
N VAL X 51 4.59 -11.55 30.34
CA VAL X 51 3.56 -12.55 30.13
C VAL X 51 3.92 -13.85 30.84
N ALA X 52 5.19 -14.23 30.84
CA ALA X 52 5.56 -15.48 31.50
C ALA X 52 5.23 -15.43 32.98
N VAL X 53 5.72 -14.40 33.67
CA VAL X 53 5.47 -14.28 35.11
C VAL X 53 3.99 -14.18 35.38
N GLU X 54 3.25 -13.44 34.55
CA GLU X 54 1.81 -13.38 34.75
C GLU X 54 1.19 -14.76 34.63
N PHE X 55 1.64 -15.54 33.65
CA PHE X 55 1.17 -16.91 33.51
C PHE X 55 1.38 -17.70 34.78
N ALA X 56 2.62 -17.74 35.27
CA ALA X 56 2.92 -18.56 36.43
C ALA X 56 2.10 -18.15 37.65
N ARG X 57 2.10 -16.84 37.94
CA ARG X 57 1.44 -16.35 39.14
C ARG X 57 -0.06 -16.57 39.07
N LEU X 58 -0.68 -16.12 37.98
CA LEU X 58 -2.13 -16.25 37.85
C LEU X 58 -2.54 -17.71 37.83
N TYR X 59 -1.73 -18.58 37.23
CA TYR X 59 -2.04 -20.00 37.17
C TYR X 59 -2.05 -20.61 38.57
N ALA X 60 -0.97 -20.40 39.34
CA ALA X 60 -0.93 -20.92 40.70
C ALA X 60 -2.11 -20.41 41.52
N VAL X 61 -2.41 -19.11 41.41
CA VAL X 61 -3.56 -18.57 42.11
C VAL X 61 -4.84 -19.29 41.67
N GLU X 62 -4.98 -19.57 40.39
CA GLU X 62 -6.20 -20.19 39.88
C GLU X 62 -6.38 -21.62 40.42
N LEU X 63 -5.31 -22.42 40.37
CA LEU X 63 -5.39 -23.77 40.91
C LEU X 63 -5.75 -23.75 42.38
N GLU X 64 -5.02 -22.97 43.18
CA GLU X 64 -5.34 -22.95 44.60
C GLU X 64 -6.73 -22.38 44.86
N HIS X 65 -7.18 -21.49 43.97
CA HIS X 65 -8.54 -20.97 44.05
C HIS X 65 -9.55 -22.09 43.95
N TYR X 66 -9.47 -22.91 42.90
CA TYR X 66 -10.37 -24.05 42.79
C TYR X 66 -10.27 -24.95 44.02
N GLU X 67 -9.04 -25.15 44.51
CA GLU X 67 -8.87 -26.04 45.66
C GLU X 67 -9.60 -25.51 46.89
N LYS X 68 -9.51 -24.19 47.15
CA LYS X 68 -10.17 -23.68 48.34
C LYS X 68 -11.67 -23.58 48.16
N LEU X 69 -12.14 -23.29 46.94
CA LEU X 69 -13.57 -23.21 46.73
C LEU X 69 -14.23 -24.58 46.85
N GLU X 70 -13.60 -25.61 46.29
CA GLU X 70 -14.22 -26.92 46.19
C GLU X 70 -13.64 -27.95 47.14
N GLY X 71 -12.70 -27.58 48.00
CA GLY X 71 -12.19 -28.50 49.01
C GLY X 71 -11.34 -29.63 48.50
N VAL X 72 -11.04 -29.67 47.21
CA VAL X 72 -10.27 -30.76 46.60
C VAL X 72 -9.52 -30.16 45.41
N PRO X 73 -8.31 -30.59 45.11
CA PRO X 73 -7.59 -30.02 43.97
C PRO X 73 -8.14 -30.55 42.64
N LEU X 74 -7.84 -29.79 41.60
CA LEU X 74 -8.25 -30.20 40.26
C LEU X 74 -7.59 -31.51 39.88
N THR X 75 -8.30 -32.31 39.09
CA THR X 75 -7.63 -33.42 38.44
C THR X 75 -6.52 -32.87 37.55
N PHE X 76 -5.50 -33.69 37.32
CA PHE X 76 -4.38 -33.22 36.52
C PHE X 76 -4.84 -32.79 35.13
N ALA X 77 -5.74 -33.56 34.53
CA ALA X 77 -6.34 -33.15 33.26
C ALA X 77 -6.93 -31.76 33.36
N GLY X 78 -7.59 -31.46 34.48
CA GLY X 78 -8.12 -30.11 34.66
C GLY X 78 -7.05 -29.05 34.69
N LYS X 79 -5.94 -29.34 35.38
CA LYS X 79 -4.82 -28.41 35.37
C LYS X 79 -4.36 -28.14 33.95
N ILE X 80 -4.24 -29.19 33.17
CA ILE X 80 -3.78 -29.02 31.83
C ILE X 80 -4.73 -28.19 31.04
N ASN X 81 -6.02 -28.41 31.18
CA ASN X 81 -6.98 -27.64 30.43
C ASN X 81 -6.98 -26.20 30.80
N ARG X 82 -6.85 -25.90 32.07
CA ARG X 82 -6.84 -24.53 32.52
C ARG X 82 -5.66 -23.80 32.00
N LEU X 83 -4.51 -24.44 31.99
CA LEU X 83 -3.31 -23.82 31.50
C LEU X 83 -3.43 -23.53 30.05
N ALA X 84 -3.99 -24.46 29.30
CA ALA X 84 -4.15 -24.30 27.87
C ALA X 84 -5.06 -23.18 27.55
N ILE X 85 -6.12 -23.05 28.30
CA ILE X 85 -7.07 -21.99 28.08
C ILE X 85 -6.42 -20.66 28.31
N MET X 86 -5.57 -20.60 29.29
CA MET X 86 -4.87 -19.33 29.54
C MET X 86 -3.98 -18.95 28.36
N VAL X 87 -3.22 -19.90 27.83
CA VAL X 87 -2.39 -19.62 26.66
C VAL X 87 -3.26 -19.12 25.50
N ARG X 88 -4.33 -19.87 25.20
CA ARG X 88 -5.23 -19.45 24.13
C ARG X 88 -5.79 -18.06 24.39
N GLY X 89 -6.08 -17.75 25.65
CA GLY X 89 -6.52 -16.42 25.99
C GLY X 89 -5.49 -15.37 25.61
N ASN X 90 -4.21 -15.72 25.75
CA ASN X 90 -3.17 -14.77 25.39
C ASN X 90 -2.86 -14.72 23.90
N LEU X 91 -3.44 -15.60 23.08
CA LEU X 91 -3.05 -15.66 21.67
C LEU X 91 -3.06 -14.29 20.98
N ALA X 92 -4.08 -13.48 21.26
CA ALA X 92 -4.22 -12.18 20.57
C ALA X 92 -2.99 -11.30 20.80
N ALA X 93 -2.61 -11.09 22.06
CA ALA X 93 -1.39 -10.37 22.35
C ALA X 93 -0.17 -11.10 21.80
N ALA X 94 -0.20 -12.43 21.84
CA ALA X 94 0.94 -13.20 21.36
C ALA X 94 1.25 -12.89 19.90
N MET X 95 0.22 -12.60 19.10
CA MET X 95 0.49 -12.15 17.74
C MET X 95 1.20 -10.81 17.73
N GLN X 96 0.79 -9.88 18.60
CA GLN X 96 1.44 -8.58 18.66
C GLN X 96 2.84 -8.62 19.25
N GLY X 97 3.36 -9.79 19.59
CA GLY X 97 4.72 -9.91 20.09
C GLY X 97 4.86 -10.33 21.54
N LEU X 98 3.79 -10.28 22.34
CA LEU X 98 3.87 -10.67 23.74
C LEU X 98 3.62 -12.17 23.91
N LEU X 99 4.51 -12.97 23.33
CA LEU X 99 4.31 -14.41 23.26
C LEU X 99 5.03 -15.09 24.40
N ALA X 100 4.37 -16.09 25.00
CA ALA X 100 4.98 -16.93 26.02
C ALA X 100 4.37 -18.31 25.94
N LEU X 101 5.23 -19.33 26.00
CA LEU X 101 4.85 -20.73 26.00
C LEU X 101 5.26 -21.37 27.31
N PRO X 102 4.39 -22.15 27.94
CA PRO X 102 4.77 -22.86 29.16
C PRO X 102 5.12 -24.32 28.88
N LEU X 103 5.80 -24.92 29.85
CA LEU X 103 6.09 -26.34 29.90
C LEU X 103 5.67 -26.79 31.29
N LEU X 104 4.84 -27.82 31.35
CA LEU X 104 4.21 -28.27 32.58
C LEU X 104 4.80 -29.60 33.00
N ALA X 105 5.18 -29.71 34.26
CA ALA X 105 5.64 -30.97 34.82
C ALA X 105 4.88 -31.23 36.11
N GLY X 106 4.37 -32.45 36.27
CA GLY X 106 3.61 -32.74 37.46
C GLY X 106 3.71 -34.20 37.86
N TYR X 107 3.21 -34.48 39.06
CA TYR X 107 3.07 -35.84 39.56
C TYR X 107 1.59 -36.05 39.85
N ASP X 108 0.96 -37.00 39.15
CA ASP X 108 -0.47 -37.22 39.26
C ASP X 108 -0.73 -38.15 40.44
N ILE X 109 -1.29 -37.61 41.53
CA ILE X 109 -1.51 -38.42 42.71
C ILE X 109 -2.54 -39.52 42.46
N HIS X 110 -3.37 -39.36 41.45
CA HIS X 110 -4.41 -40.34 41.15
C HIS X 110 -3.98 -41.33 40.07
N ALA X 111 -2.73 -41.28 39.63
CA ALA X 111 -2.25 -42.21 38.61
C ALA X 111 -2.18 -43.63 39.17
N SER X 112 -2.34 -44.60 38.26
CA SER X 112 -2.36 -45.99 38.68
C SER X 112 -0.99 -46.45 39.14
N ASP X 113 0.04 -46.24 38.33
CA ASP X 113 1.37 -46.75 38.63
C ASP X 113 2.23 -45.61 39.16
N PRO X 114 2.51 -45.55 40.46
CA PRO X 114 3.30 -44.44 41.00
C PRO X 114 4.71 -44.38 40.45
N GLN X 115 5.07 -45.33 39.59
CA GLN X 115 6.32 -45.27 38.87
C GLN X 115 6.21 -44.37 37.66
N SER X 116 5.13 -44.53 36.88
CA SER X 116 4.90 -43.75 35.68
C SER X 116 3.93 -42.59 35.91
N ALA X 117 3.76 -42.17 37.16
CA ALA X 117 2.86 -41.06 37.46
C ALA X 117 3.41 -39.70 37.06
N GLY X 118 4.65 -39.65 36.58
CA GLY X 118 5.18 -38.39 36.10
C GLY X 118 4.50 -37.94 34.82
N ARG X 119 4.35 -36.63 34.68
CA ARG X 119 3.67 -36.08 33.52
C ARG X 119 4.40 -34.84 33.03
N ILE X 120 4.55 -34.75 31.71
CA ILE X 120 5.17 -33.61 31.06
C ILE X 120 4.27 -33.19 29.92
N VAL X 121 3.82 -31.93 29.95
CA VAL X 121 2.87 -31.41 28.98
C VAL X 121 3.46 -30.17 28.33
N SER X 122 3.47 -30.14 27.00
CA SER X 122 3.95 -28.99 26.24
C SER X 122 2.78 -28.31 25.53
N PHE X 123 2.94 -27.03 25.26
CA PHE X 123 1.86 -26.20 24.73
C PHE X 123 2.37 -25.39 23.55
N ASP X 124 1.46 -25.04 22.62
CA ASP X 124 1.77 -24.11 21.56
C ASP X 124 1.01 -22.80 21.76
N ALA X 125 1.29 -21.84 20.88
CA ALA X 125 0.76 -20.50 21.06
C ALA X 125 -0.76 -20.46 21.03
N ALA X 126 -1.41 -21.50 20.51
CA ALA X 126 -2.86 -21.55 20.46
C ALA X 126 -3.47 -22.33 21.61
N GLY X 127 -2.67 -22.78 22.57
CA GLY X 127 -3.19 -23.54 23.66
C GLY X 127 -3.26 -25.03 23.41
N GLY X 128 -2.98 -25.48 22.19
CA GLY X 128 -2.90 -26.90 21.96
C GLY X 128 -1.83 -27.50 22.85
N TRP X 129 -2.13 -28.66 23.42
CA TRP X 129 -1.24 -29.29 24.38
C TRP X 129 -0.96 -30.72 23.96
N ASN X 130 0.19 -31.23 24.40
CA ASN X 130 0.59 -32.61 24.17
C ASN X 130 1.22 -33.15 25.43
N ILE X 131 0.73 -34.32 25.86
CA ILE X 131 1.33 -35.06 26.98
C ILE X 131 2.43 -35.94 26.40
N GLU X 132 3.66 -35.73 26.86
CA GLU X 132 4.80 -36.39 26.23
C GLU X 132 4.97 -37.78 26.80
N GLU X 133 4.71 -38.78 25.97
CA GLU X 133 4.89 -40.17 26.36
C GLU X 133 6.30 -40.66 26.08
N GLU X 134 7.17 -39.80 25.60
CA GLU X 134 8.54 -40.19 25.27
C GLU X 134 9.54 -39.81 26.36
N GLY X 135 9.09 -39.22 27.46
CA GLY X 135 9.89 -39.11 28.66
C GLY X 135 10.51 -37.76 28.94
N TYR X 136 10.74 -36.95 27.92
CA TYR X 136 11.40 -35.66 28.11
C TYR X 136 10.82 -34.65 27.14
N GLN X 137 11.07 -33.38 27.44
CA GLN X 137 10.53 -32.30 26.63
C GLN X 137 11.23 -31.02 27.04
N ALA X 138 11.24 -30.05 26.13
CA ALA X 138 11.87 -28.77 26.40
C ALA X 138 11.17 -27.66 25.64
N VAL X 139 11.38 -26.43 26.08
CA VAL X 139 10.76 -25.27 25.44
C VAL X 139 11.71 -24.10 25.53
N GLY X 140 11.67 -23.23 24.54
CA GLY X 140 12.53 -22.06 24.48
C GLY X 140 13.43 -22.10 23.25
N SER X 141 14.25 -21.06 23.15
CA SER X 141 15.11 -20.88 21.99
C SER X 141 16.19 -21.94 21.89
N GLY X 142 16.55 -22.57 23.01
CA GLY X 142 17.51 -23.66 23.00
C GLY X 142 16.88 -25.05 23.11
N SER X 143 15.57 -25.15 22.95
CA SER X 143 14.87 -26.39 23.25
C SER X 143 15.25 -27.52 22.31
N LEU X 144 15.58 -27.21 21.05
CA LEU X 144 15.93 -28.30 20.15
C LEU X 144 17.30 -28.87 20.48
N PHE X 145 18.23 -28.02 20.91
CA PHE X 145 19.52 -28.54 21.36
C PHE X 145 19.34 -29.40 22.61
N ALA X 146 18.51 -28.93 23.55
CA ALA X 146 18.31 -29.67 24.78
C ALA X 146 17.63 -31.01 24.51
N LYS X 147 16.58 -31.02 23.69
CA LYS X 147 15.93 -32.28 23.36
C LYS X 147 16.89 -33.23 22.66
N SER X 148 17.63 -32.72 21.67
CA SER X 148 18.53 -33.61 20.96
C SER X 148 19.63 -34.13 21.87
N SER X 149 19.99 -33.39 22.91
CA SER X 149 20.92 -33.92 23.91
C SER X 149 20.26 -35.02 24.74
N MET X 150 19.07 -34.76 25.26
CA MET X 150 18.38 -35.75 26.08
C MET X 150 18.08 -37.02 25.29
N LYS X 151 17.88 -36.92 23.98
CA LYS X 151 17.66 -38.11 23.18
C LYS X 151 18.80 -39.09 23.34
N LYS X 152 20.02 -38.58 23.54
CA LYS X 152 21.20 -39.40 23.72
C LYS X 152 21.49 -39.73 25.17
N LEU X 153 21.17 -38.82 26.09
CA LEU X 153 21.49 -39.01 27.50
C LEU X 153 20.37 -39.65 28.32
N TYR X 154 19.20 -39.92 27.76
CA TYR X 154 18.09 -40.33 28.60
C TYR X 154 18.30 -41.73 29.18
N SER X 155 19.01 -42.59 28.45
CA SER X 155 19.30 -43.94 28.92
C SER X 155 20.07 -43.97 30.22
N GLN X 156 20.72 -42.88 30.60
CA GLN X 156 21.47 -42.83 31.84
C GLN X 156 20.60 -42.46 33.03
N VAL X 157 19.30 -42.25 32.81
CA VAL X 157 18.41 -41.82 33.87
C VAL X 157 17.86 -43.07 34.54
N THR X 158 18.26 -43.31 35.79
CA THR X 158 17.75 -44.44 36.56
C THR X 158 17.12 -44.03 37.88
N ASP X 159 17.41 -42.85 38.39
CA ASP X 159 16.83 -42.40 39.65
C ASP X 159 16.72 -40.88 39.59
N GLY X 160 16.33 -40.28 40.71
CA GLY X 160 16.18 -38.83 40.74
C GLY X 160 17.47 -38.10 40.46
N ASP X 161 18.59 -38.61 40.99
CA ASP X 161 19.84 -37.89 40.82
C ASP X 161 20.32 -37.93 39.37
N SER X 162 20.29 -39.11 38.75
CA SER X 162 20.73 -39.18 37.36
C SER X 162 19.84 -38.33 36.48
N GLY X 163 18.54 -38.31 36.76
CA GLY X 163 17.65 -37.44 36.00
C GLY X 163 18.00 -35.98 36.15
N LEU X 164 18.31 -35.55 37.37
CA LEU X 164 18.71 -34.17 37.56
C LEU X 164 19.98 -33.86 36.78
N ARG X 165 20.93 -34.80 36.74
CA ARG X 165 22.17 -34.57 36.02
C ARG X 165 21.92 -34.47 34.52
N VAL X 166 21.10 -35.38 33.97
CA VAL X 166 20.80 -35.31 32.54
C VAL X 166 20.11 -33.99 32.21
N ALA X 167 19.22 -33.54 33.10
CA ALA X 167 18.57 -32.25 32.88
C ALA X 167 19.59 -31.12 32.83
N VAL X 168 20.45 -31.03 33.84
CA VAL X 168 21.43 -29.95 33.88
C VAL X 168 22.36 -30.00 32.69
N GLU X 169 22.71 -31.21 32.23
CA GLU X 169 23.61 -31.32 31.10
C GLU X 169 22.92 -30.86 29.82
N ALA X 170 21.64 -31.22 29.65
CA ALA X 170 20.88 -30.73 28.51
C ALA X 170 20.85 -29.21 28.51
N LEU X 171 20.64 -28.59 29.66
CA LEU X 171 20.74 -27.14 29.72
C LEU X 171 22.13 -26.68 29.33
N TYR X 172 23.16 -27.45 29.67
CA TYR X 172 24.52 -27.06 29.29
C TYR X 172 24.68 -27.02 27.78
N ASP X 173 24.25 -28.07 27.09
CA ASP X 173 24.33 -28.06 25.62
C ASP X 173 23.49 -26.94 25.01
N ALA X 174 22.28 -26.73 25.53
CA ALA X 174 21.46 -25.63 25.04
C ALA X 174 22.21 -24.31 25.13
N ALA X 175 22.79 -24.03 26.30
CA ALA X 175 23.55 -22.79 26.45
C ALA X 175 24.79 -22.79 25.57
N ASP X 176 25.31 -23.97 25.25
CA ASP X 176 26.50 -24.06 24.41
C ASP X 176 26.18 -23.60 23.00
N ASP X 177 24.99 -23.92 22.50
CA ASP X 177 24.65 -23.61 21.11
C ASP X 177 23.65 -22.47 20.93
N ASP X 178 23.12 -21.88 22.01
CA ASP X 178 22.12 -20.83 21.90
C ASP X 178 22.55 -19.62 22.74
N SER X 179 22.69 -18.47 22.10
CA SER X 179 23.16 -17.28 22.81
C SER X 179 22.10 -16.68 23.70
N ALA X 180 20.84 -17.02 23.50
CA ALA X 180 19.77 -16.54 24.36
C ALA X 180 19.57 -17.39 25.61
N THR X 181 20.31 -18.48 25.75
CA THR X 181 20.26 -19.34 26.93
C THR X 181 21.58 -19.23 27.68
N GLY X 182 21.50 -19.05 29.00
CA GLY X 182 22.66 -18.82 29.82
C GLY X 182 23.18 -20.10 30.46
N GLY X 183 24.48 -20.32 30.33
CA GLY X 183 25.14 -21.44 30.96
C GLY X 183 25.56 -21.13 32.38
N PRO X 184 26.24 -22.07 33.03
CA PRO X 184 26.67 -21.84 34.41
C PRO X 184 27.72 -20.74 34.47
N ASP X 185 27.51 -19.78 35.36
CA ASP X 185 28.41 -18.66 35.54
C ASP X 185 29.27 -18.97 36.75
N LEU X 186 30.46 -19.52 36.51
CA LEU X 186 31.34 -19.89 37.61
C LEU X 186 31.94 -18.68 38.33
N VAL X 187 32.00 -17.52 37.67
CA VAL X 187 32.54 -16.34 38.32
C VAL X 187 31.57 -15.81 39.35
N ARG X 188 30.28 -15.74 39.00
CA ARG X 188 29.25 -15.21 39.87
C ARG X 188 28.55 -16.25 40.73
N GLY X 189 28.72 -17.54 40.42
CA GLY X 189 28.05 -18.59 41.16
C GLY X 189 26.55 -18.65 40.91
N ILE X 190 26.14 -18.56 39.65
CA ILE X 190 24.73 -18.59 39.27
C ILE X 190 24.50 -19.80 38.37
N PHE X 191 23.55 -20.64 38.75
CA PHE X 191 23.29 -21.88 38.04
C PHE X 191 21.81 -22.01 37.74
N PRO X 192 21.42 -22.89 36.83
CA PRO X 192 20.01 -23.05 36.50
C PRO X 192 19.19 -23.39 37.75
N THR X 193 17.88 -23.13 37.65
CA THR X 193 16.98 -23.53 38.73
C THR X 193 16.37 -24.88 38.39
N ALA X 194 16.12 -25.68 39.42
CA ALA X 194 15.53 -27.00 39.22
C ALA X 194 14.49 -27.27 40.29
N VAL X 195 13.45 -28.01 39.90
CA VAL X 195 12.40 -28.48 40.78
C VAL X 195 12.25 -29.97 40.55
N ILE X 196 12.11 -30.72 41.65
CA ILE X 196 11.91 -32.16 41.62
C ILE X 196 10.53 -32.45 42.22
N ILE X 197 9.82 -33.41 41.61
CA ILE X 197 8.49 -33.76 42.08
C ILE X 197 8.37 -35.27 42.14
N ASP X 198 7.98 -35.79 43.30
CA ASP X 198 7.69 -37.22 43.47
C ASP X 198 6.43 -37.35 44.31
N ALA X 199 6.20 -38.53 44.86
CA ALA X 199 4.97 -38.76 45.63
C ALA X 199 4.90 -37.86 46.85
N ASP X 200 6.04 -37.42 47.37
CA ASP X 200 6.07 -36.53 48.53
C ASP X 200 5.84 -35.08 48.17
N GLY X 201 5.69 -34.75 46.89
CA GLY X 201 5.40 -33.39 46.50
C GLY X 201 6.45 -32.77 45.61
N ALA X 202 6.40 -31.45 45.46
CA ALA X 202 7.34 -30.71 44.65
C ALA X 202 8.22 -29.87 45.56
N VAL X 203 9.54 -30.01 45.40
CA VAL X 203 10.49 -29.25 46.19
C VAL X 203 11.55 -28.68 45.26
N ASP X 204 12.10 -27.53 45.65
CA ASP X 204 13.22 -26.94 44.95
C ASP X 204 14.49 -27.73 45.19
N VAL X 205 15.21 -28.05 44.13
CA VAL X 205 16.54 -28.64 44.30
C VAL X 205 17.48 -27.56 44.80
N PRO X 206 18.23 -27.80 45.87
CA PRO X 206 19.13 -26.77 46.40
C PRO X 206 20.22 -26.40 45.41
N GLU X 207 20.67 -25.15 45.50
CA GLU X 207 21.62 -24.64 44.51
C GLU X 207 22.91 -25.44 44.51
N SER X 208 23.41 -25.81 45.69
CA SER X 208 24.70 -26.48 45.79
C SER X 208 24.76 -27.74 44.93
N ARG X 209 23.67 -28.50 44.90
CA ARG X 209 23.66 -29.74 44.13
C ARG X 209 23.79 -29.46 42.64
N ILE X 210 23.09 -28.45 42.14
CA ILE X 210 23.19 -28.08 40.74
C ILE X 210 24.59 -27.55 40.44
N ALA X 211 25.17 -26.79 41.36
CA ALA X 211 26.53 -26.31 41.16
C ALA X 211 27.50 -27.48 41.00
N GLU X 212 27.39 -28.47 41.89
CA GLU X 212 28.25 -29.64 41.80
C GLU X 212 28.07 -30.36 40.46
N LEU X 213 26.82 -30.55 40.04
CA LEU X 213 26.59 -31.24 38.78
C LEU X 213 27.18 -30.45 37.61
N ALA X 214 27.00 -29.13 37.64
CA ALA X 214 27.56 -28.29 36.57
C ALA X 214 29.07 -28.44 36.51
N ARG X 215 29.75 -28.24 37.65
CA ARG X 215 31.21 -28.36 37.65
C ARG X 215 31.66 -29.73 37.14
N ALA X 216 30.91 -30.78 37.48
CA ALA X 216 31.24 -32.09 36.93
C ALA X 216 31.14 -32.10 35.42
N ILE X 217 30.07 -31.50 34.87
CA ILE X 217 29.91 -31.48 33.42
C ILE X 217 31.04 -30.68 32.77
N ILE X 218 31.37 -29.53 33.34
CA ILE X 218 32.44 -28.69 32.81
C ILE X 218 33.74 -29.48 32.76
N GLU X 219 34.17 -30.03 33.89
CA GLU X 219 35.44 -30.74 33.91
C GLU X 219 35.41 -32.00 33.05
N SER X 220 34.23 -32.59 32.81
CA SER X 220 34.15 -33.73 31.90
C SER X 220 34.48 -33.34 30.47
N ARG X 221 34.14 -32.12 30.07
CA ARG X 221 34.33 -31.64 28.71
C ARG X 221 35.66 -30.93 28.50
N SER X 222 36.48 -30.83 29.54
CA SER X 222 37.79 -30.21 29.43
C SER X 222 38.86 -31.27 29.16
N THR Y 1 17.59 11.29 28.37
CA THR Y 1 17.25 11.06 29.77
C THR Y 1 18.09 9.94 30.33
N THR Y 2 18.53 10.09 31.58
CA THR Y 2 19.17 9.01 32.32
C THR Y 2 18.73 9.10 33.77
N ILE Y 3 18.26 7.99 34.30
CA ILE Y 3 17.93 7.83 35.71
C ILE Y 3 18.80 6.71 36.24
N VAL Y 4 19.44 6.91 37.37
CA VAL Y 4 20.27 5.88 37.95
C VAL Y 4 19.76 5.59 39.37
N ALA Y 5 19.97 4.35 39.80
CA ALA Y 5 19.65 3.95 41.16
C ALA Y 5 20.66 2.92 41.61
N LEU Y 6 21.11 3.03 42.85
CA LEU Y 6 22.06 2.06 43.38
C LEU Y 6 21.80 1.84 44.87
N LYS Y 7 22.11 0.63 45.32
CA LYS Y 7 22.02 0.26 46.73
C LYS Y 7 23.32 0.59 47.43
N TYR Y 8 23.21 1.11 48.64
CA TYR Y 8 24.37 1.26 49.51
C TYR Y 8 24.02 0.66 50.85
N PRO Y 9 25.01 0.37 51.71
CA PRO Y 9 24.70 -0.22 53.01
C PRO Y 9 23.67 0.58 53.79
N GLY Y 10 22.48 0.01 53.95
CA GLY Y 10 21.45 0.64 54.72
C GLY Y 10 20.50 1.54 53.96
N GLY Y 11 20.62 1.63 52.64
CA GLY Y 11 19.72 2.48 51.90
C GLY Y 11 19.89 2.37 50.40
N VAL Y 12 19.24 3.28 49.70
CA VAL Y 12 19.30 3.36 48.24
C VAL Y 12 19.34 4.82 47.87
N VAL Y 13 19.93 5.09 46.71
CA VAL Y 13 19.99 6.45 46.19
C VAL Y 13 19.58 6.39 44.72
N MET Y 14 18.88 7.43 44.28
CA MET Y 14 18.42 7.55 42.91
C MET Y 14 18.68 8.98 42.46
N ALA Y 15 19.10 9.15 41.22
CA ALA Y 15 19.38 10.48 40.70
C ALA Y 15 18.98 10.54 39.24
N GLY Y 16 18.63 11.72 38.78
CA GLY Y 16 18.20 11.90 37.41
C GLY Y 16 18.64 13.24 36.87
N ASP Y 17 18.84 13.30 35.56
CA ASP Y 17 19.27 14.50 34.89
C ASP Y 17 18.11 15.47 34.75
N ARG Y 18 18.41 16.63 34.17
CA ARG Y 18 17.49 17.76 34.15
C ARG Y 18 17.12 18.22 32.76
N ARG Y 19 17.42 17.47 31.71
CA ARG Y 19 17.24 17.98 30.37
C ARG Y 19 15.92 17.48 29.79
N SER Y 20 15.25 18.35 29.06
CA SER Y 20 14.05 18.00 28.31
C SER Y 20 14.26 18.43 26.87
N THR Y 21 13.99 17.53 25.94
CA THR Y 21 14.22 17.78 24.53
C THR Y 21 12.95 17.56 23.71
N GLN Y 22 12.89 18.24 22.57
CA GLN Y 22 11.97 17.91 21.49
C GLN Y 22 12.83 17.69 20.25
N GLY Y 23 13.12 16.44 19.94
CA GLY Y 23 14.05 16.16 18.86
C GLY Y 23 15.45 16.57 19.23
N ASN Y 24 16.05 17.47 18.46
CA ASN Y 24 17.36 18.00 18.82
C ASN Y 24 17.29 19.25 19.68
N MET Y 25 16.15 19.92 19.71
CA MET Y 25 16.05 21.18 20.43
C MET Y 25 15.91 20.92 21.92
N ILE Y 26 16.64 21.69 22.71
CA ILE Y 26 16.49 21.64 24.15
C ILE Y 26 15.30 22.50 24.55
N SER Y 27 14.28 21.88 25.11
CA SER Y 27 13.08 22.57 25.53
C SER Y 27 12.98 22.74 27.04
N GLY Y 28 13.94 22.21 27.80
CA GLY Y 28 13.92 22.42 29.23
C GLY Y 28 15.25 22.13 29.87
N ARG Y 29 15.62 22.92 30.88
CA ARG Y 29 16.91 22.77 31.54
C ARG Y 29 16.82 22.39 33.00
N ASP Y 30 15.63 22.47 33.61
CA ASP Y 30 15.49 22.31 35.06
C ASP Y 30 14.50 21.23 35.43
N VAL Y 31 14.13 20.34 34.49
CA VAL Y 31 13.01 19.45 34.74
C VAL Y 31 13.36 18.49 35.87
N ARG Y 32 12.33 17.86 36.43
CA ARG Y 32 12.51 16.92 37.53
C ARG Y 32 11.96 15.58 37.10
N LYS Y 33 12.79 14.55 37.18
CA LYS Y 33 12.41 13.22 36.75
C LYS Y 33 12.41 12.20 37.86
N VAL Y 34 12.86 12.54 39.06
CA VAL Y 34 12.89 11.63 40.20
C VAL Y 34 11.95 12.20 41.23
N TYR Y 35 10.95 11.41 41.61
CA TYR Y 35 9.90 11.84 42.50
C TYR Y 35 9.86 10.92 43.71
N ILE Y 36 9.68 11.50 44.89
CA ILE Y 36 9.41 10.70 46.08
C ILE Y 36 7.96 10.25 45.99
N THR Y 37 7.73 8.95 45.84
CA THR Y 37 6.38 8.45 45.67
C THR Y 37 5.72 8.03 46.99
N ASP Y 38 6.51 7.71 48.01
CA ASP Y 38 5.99 7.55 49.36
C ASP Y 38 7.15 7.60 50.34
N ASP Y 39 6.83 7.58 51.64
CA ASP Y 39 7.86 7.77 52.67
C ASP Y 39 9.09 6.90 52.46
N TYR Y 40 8.96 5.76 51.75
CA TYR Y 40 10.10 4.88 51.57
C TYR Y 40 10.36 4.49 50.12
N THR Y 41 9.79 5.19 49.14
CA THR Y 41 10.06 4.85 47.76
C THR Y 41 10.11 6.10 46.89
N ALA Y 42 11.07 6.10 45.96
CA ALA Y 42 11.16 7.09 44.91
C ALA Y 42 11.15 6.40 43.55
N THR Y 43 10.56 7.10 42.58
CA THR Y 43 10.43 6.61 41.21
C THR Y 43 10.99 7.65 40.25
N GLY Y 44 11.84 7.24 39.33
CA GLY Y 44 12.29 8.10 38.26
C GLY Y 44 11.88 7.51 36.93
N ILE Y 45 11.40 8.36 36.01
CA ILE Y 45 10.79 7.86 34.79
C ILE Y 45 11.46 8.50 33.58
N ALA Y 46 11.61 7.74 32.51
CA ALA Y 46 12.14 8.19 31.24
C ALA Y 46 11.09 8.03 30.16
N GLY Y 47 11.12 8.92 29.17
CA GLY Y 47 10.19 8.83 28.07
C GLY Y 47 9.51 10.16 27.82
N THR Y 48 8.34 10.10 27.20
CA THR Y 48 7.58 11.32 26.92
C THR Y 48 7.16 11.96 28.25
N ALA Y 49 7.35 13.27 28.35
CA ALA Y 49 7.20 13.95 29.62
C ALA Y 49 5.80 13.77 30.20
N ALA Y 50 4.76 13.98 29.39
CA ALA Y 50 3.40 13.89 29.89
C ALA Y 50 3.14 12.54 30.55
N VAL Y 51 3.51 11.46 29.88
CA VAL Y 51 3.24 10.15 30.43
C VAL Y 51 4.08 9.90 31.68
N ALA Y 52 5.34 10.36 31.68
CA ALA Y 52 6.19 10.15 32.85
C ALA Y 52 5.60 10.83 34.09
N VAL Y 53 5.27 12.11 33.98
CA VAL Y 53 4.72 12.80 35.14
C VAL Y 53 3.40 12.17 35.56
N GLU Y 54 2.54 11.82 34.60
CA GLU Y 54 1.27 11.21 34.98
C GLU Y 54 1.49 9.91 35.75
N PHE Y 55 2.45 9.10 35.29
CA PHE Y 55 2.82 7.90 36.03
C PHE Y 55 3.21 8.24 37.45
N ALA Y 56 4.13 9.18 37.62
CA ALA Y 56 4.62 9.46 38.96
C ALA Y 56 3.51 9.88 39.90
N ARG Y 57 2.72 10.89 39.52
CA ARG Y 57 1.71 11.40 40.45
C ARG Y 57 0.60 10.37 40.67
N LEU Y 58 0.11 9.77 39.59
CA LEU Y 58 -0.95 8.78 39.75
C LEU Y 58 -0.49 7.62 40.65
N TYR Y 59 0.79 7.23 40.53
CA TYR Y 59 1.32 6.17 41.39
C TYR Y 59 1.35 6.60 42.85
N ALA Y 60 1.89 7.80 43.11
CA ALA Y 60 1.91 8.29 44.49
C ALA Y 60 0.50 8.30 45.09
N VAL Y 61 -0.46 8.81 44.33
CA VAL Y 61 -1.84 8.83 44.78
C VAL Y 61 -2.34 7.42 45.06
N GLU Y 62 -1.97 6.45 44.20
CA GLU Y 62 -2.46 5.09 44.42
C GLU Y 62 -1.90 4.51 45.72
N LEU Y 63 -0.60 4.68 45.94
CA LEU Y 63 0.02 4.14 47.15
C LEU Y 63 -0.61 4.72 48.41
N GLU Y 64 -0.66 6.04 48.49
CA GLU Y 64 -1.23 6.65 49.68
C GLU Y 64 -2.73 6.37 49.79
N HIS Y 65 -3.40 6.19 48.66
CA HIS Y 65 -4.80 5.80 48.65
C HIS Y 65 -5.00 4.47 49.37
N TYR Y 66 -4.27 3.43 48.94
CA TYR Y 66 -4.36 2.16 49.65
C TYR Y 66 -4.02 2.33 51.12
N GLU Y 67 -3.00 3.13 51.43
CA GLU Y 67 -2.59 3.28 52.82
C GLU Y 67 -3.69 3.87 53.69
N LYS Y 68 -4.41 4.86 53.17
CA LYS Y 68 -5.49 5.47 53.94
C LYS Y 68 -6.74 4.59 53.96
N LEU Y 69 -6.99 3.84 52.89
CA LEU Y 69 -8.16 2.97 52.88
C LEU Y 69 -7.99 1.79 53.82
N GLU Y 70 -6.82 1.18 53.83
CA GLU Y 70 -6.61 -0.04 54.59
C GLU Y 70 -5.77 0.18 55.84
N GLY Y 71 -5.40 1.43 56.13
CA GLY Y 71 -4.68 1.72 57.35
C GLY Y 71 -3.25 1.22 57.40
N VAL Y 72 -2.75 0.67 56.30
CA VAL Y 72 -1.42 0.07 56.24
C VAL Y 72 -0.87 0.27 54.84
N PRO Y 73 0.40 0.59 54.66
CA PRO Y 73 0.94 0.73 53.30
C PRO Y 73 1.11 -0.63 52.65
N LEU Y 74 1.19 -0.62 51.33
CA LEU Y 74 1.39 -1.86 50.60
C LEU Y 74 2.76 -2.44 50.93
N THR Y 75 2.82 -3.78 50.93
CA THR Y 75 4.11 -4.43 50.94
C THR Y 75 4.89 -4.02 49.70
N PHE Y 76 6.21 -4.09 49.79
CA PHE Y 76 7.02 -3.62 48.67
C PHE Y 76 6.69 -4.39 47.40
N ALA Y 77 6.54 -5.72 47.53
CA ALA Y 77 6.12 -6.51 46.39
C ALA Y 77 4.84 -5.95 45.78
N GLY Y 78 3.89 -5.56 46.62
CA GLY Y 78 2.66 -4.97 46.11
C GLY Y 78 2.90 -3.68 45.36
N LYS Y 79 3.76 -2.82 45.90
CA LYS Y 79 4.11 -1.57 45.20
C LYS Y 79 4.67 -1.87 43.81
N ILE Y 80 5.58 -2.85 43.75
CA ILE Y 80 6.11 -3.28 42.46
C ILE Y 80 4.98 -3.67 41.53
N ASN Y 81 4.10 -4.55 42.00
CA ASN Y 81 3.05 -5.07 41.15
C ASN Y 81 2.16 -3.94 40.63
N ARG Y 82 1.86 -2.96 41.46
CA ARG Y 82 0.97 -1.90 41.00
C ARG Y 82 1.64 -1.05 39.94
N LEU Y 83 2.92 -0.70 40.13
CA LEU Y 83 3.61 0.05 39.10
C LEU Y 83 3.64 -0.72 37.78
N ALA Y 84 3.94 -2.02 37.86
CA ALA Y 84 3.96 -2.87 36.68
C ALA Y 84 2.61 -2.85 35.97
N ILE Y 85 1.54 -2.99 36.75
CA ILE Y 85 0.19 -2.98 36.17
C ILE Y 85 -0.07 -1.66 35.46
N MET Y 86 0.43 -0.55 36.03
CA MET Y 86 0.23 0.74 35.39
C MET Y 86 0.94 0.80 34.03
N VAL Y 87 2.20 0.38 34.01
CA VAL Y 87 2.94 0.38 32.74
C VAL Y 87 2.24 -0.48 31.70
N ARG Y 88 1.92 -1.71 32.07
CA ARG Y 88 1.23 -2.59 31.13
C ARG Y 88 -0.04 -1.93 30.64
N GLY Y 89 -0.73 -1.22 31.51
CA GLY Y 89 -1.90 -0.49 31.08
C GLY Y 89 -1.57 0.53 30.02
N ASN Y 90 -0.39 1.15 30.10
CA ASN Y 90 -0.03 2.14 29.09
C ASN Y 90 0.51 1.54 27.81
N LEU Y 91 0.72 0.22 27.75
CA LEU Y 91 1.39 -0.36 26.58
C LEU Y 91 0.77 0.08 25.24
N ALA Y 92 -0.55 0.10 25.15
CA ALA Y 92 -1.20 0.42 23.88
C ALA Y 92 -0.77 1.79 23.36
N ALA Y 93 -0.92 2.83 24.19
CA ALA Y 93 -0.43 4.15 23.85
C ALA Y 93 1.08 4.16 23.64
N ALA Y 94 1.82 3.35 24.40
CA ALA Y 94 3.27 3.32 24.26
C ALA Y 94 3.69 2.92 22.84
N MET Y 95 2.94 2.00 22.22
CA MET Y 95 3.20 1.68 20.82
C MET Y 95 2.99 2.88 19.90
N GLN Y 96 2.24 3.89 20.33
CA GLN Y 96 1.90 5.02 19.47
C GLN Y 96 2.75 6.25 19.75
N GLY Y 97 3.75 6.16 20.63
CA GLY Y 97 4.65 7.25 20.92
C GLY Y 97 4.57 7.80 22.32
N LEU Y 98 3.52 7.48 23.08
CA LEU Y 98 3.39 7.93 24.46
C LEU Y 98 4.04 6.94 25.42
N LEU Y 99 5.35 6.77 25.27
CA LEU Y 99 6.08 5.73 25.99
C LEU Y 99 6.73 6.30 27.24
N ALA Y 100 6.63 5.57 28.35
CA ALA Y 100 7.31 5.94 29.58
C ALA Y 100 7.67 4.69 30.36
N LEU Y 101 8.92 4.63 30.82
CA LEU Y 101 9.44 3.55 31.64
C LEU Y 101 9.86 4.07 33.00
N PRO Y 102 9.47 3.42 34.07
CA PRO Y 102 9.93 3.85 35.39
C PRO Y 102 11.10 3.01 35.89
N LEU Y 103 11.78 3.56 36.88
CA LEU Y 103 12.80 2.88 37.66
C LEU Y 103 12.46 3.15 39.11
N LEU Y 104 12.36 2.08 39.89
CA LEU Y 104 11.87 2.15 41.25
C LEU Y 104 12.99 1.88 42.23
N ALA Y 105 13.15 2.75 43.23
CA ALA Y 105 14.10 2.51 44.30
C ALA Y 105 13.37 2.69 45.61
N GLY Y 106 13.53 1.73 46.52
CA GLY Y 106 12.81 1.79 47.77
C GLY Y 106 13.59 1.16 48.90
N TYR Y 107 13.09 1.35 50.12
CA TYR Y 107 13.64 0.73 51.32
C TYR Y 107 12.54 -0.11 51.94
N ASP Y 108 12.74 -1.42 51.98
CA ASP Y 108 11.72 -2.35 52.47
C ASP Y 108 11.85 -2.47 53.98
N ILE Y 109 10.91 -1.86 54.71
CA ILE Y 109 10.99 -1.87 56.16
C ILE Y 109 10.78 -3.28 56.72
N HIS Y 110 10.16 -4.17 55.96
CA HIS Y 110 9.88 -5.51 56.46
C HIS Y 110 10.96 -6.50 56.08
N ALA Y 111 12.06 -6.05 55.48
CA ALA Y 111 13.15 -6.95 55.16
C ALA Y 111 13.83 -7.42 56.43
N SER Y 112 14.39 -8.62 56.39
CA SER Y 112 15.02 -9.17 57.57
C SER Y 112 16.28 -8.39 57.93
N ASP Y 113 17.15 -8.15 56.94
CA ASP Y 113 18.44 -7.55 57.19
C ASP Y 113 18.42 -6.07 56.83
N PRO Y 114 18.42 -5.15 57.81
CA PRO Y 114 18.33 -3.72 57.48
C PRO Y 114 19.48 -3.18 56.66
N GLN Y 115 20.55 -3.94 56.50
CA GLN Y 115 21.68 -3.47 55.71
C GLN Y 115 21.43 -3.67 54.22
N SER Y 116 20.64 -4.68 53.86
CA SER Y 116 20.29 -4.96 52.47
C SER Y 116 18.81 -4.74 52.21
N ALA Y 117 18.14 -3.92 53.02
CA ALA Y 117 16.73 -3.64 52.81
C ALA Y 117 16.47 -2.71 51.65
N GLY Y 118 17.52 -2.18 51.01
CA GLY Y 118 17.33 -1.42 49.80
C GLY Y 118 16.89 -2.29 48.65
N ARG Y 119 16.09 -1.72 47.75
CA ARG Y 119 15.54 -2.44 46.60
C ARG Y 119 15.57 -1.57 45.35
N ILE Y 120 15.92 -2.18 44.23
CA ILE Y 120 15.96 -1.52 42.93
C ILE Y 120 15.24 -2.39 41.91
N VAL Y 121 14.19 -1.83 41.29
CA VAL Y 121 13.34 -2.57 40.38
C VAL Y 121 13.28 -1.83 39.04
N SER Y 122 13.56 -2.56 37.95
CA SER Y 122 13.49 -2.01 36.60
C SER Y 122 12.33 -2.63 35.83
N PHE Y 123 11.82 -1.89 34.85
CA PHE Y 123 10.61 -2.27 34.12
C PHE Y 123 10.80 -2.10 32.61
N ASP Y 124 10.05 -2.89 31.84
CA ASP Y 124 9.96 -2.71 30.39
C ASP Y 124 8.56 -2.25 30.01
N ALA Y 125 8.40 -1.95 28.72
CA ALA Y 125 7.17 -1.36 28.22
C ALA Y 125 5.95 -2.27 28.43
N ALA Y 126 6.18 -3.56 28.65
CA ALA Y 126 5.08 -4.49 28.88
C ALA Y 126 4.82 -4.73 30.35
N GLY Y 127 5.50 -4.01 31.24
CA GLY Y 127 5.28 -4.17 32.65
C GLY Y 127 6.13 -5.23 33.31
N GLY Y 128 6.89 -6.01 32.55
CA GLY Y 128 7.81 -6.94 33.17
C GLY Y 128 8.81 -6.21 34.04
N TRP Y 129 9.08 -6.76 35.21
CA TRP Y 129 9.96 -6.11 36.18
C TRP Y 129 11.04 -7.08 36.63
N ASN Y 130 12.17 -6.52 37.04
CA ASN Y 130 13.23 -7.31 37.63
C ASN Y 130 13.83 -6.56 38.80
N ILE Y 131 13.94 -7.26 39.92
CA ILE Y 131 14.62 -6.74 41.10
C ILE Y 131 16.10 -7.03 40.96
N GLU Y 132 16.92 -5.98 40.98
CA GLU Y 132 18.35 -6.11 40.70
C GLU Y 132 19.09 -6.51 41.94
N GLU Y 133 19.64 -7.73 41.94
CA GLU Y 133 20.45 -8.18 43.06
C GLU Y 133 21.91 -7.78 42.89
N GLU Y 134 22.24 -7.06 41.82
CA GLU Y 134 23.60 -6.64 41.56
C GLU Y 134 23.89 -5.20 41.96
N GLY Y 135 22.92 -4.49 42.55
CA GLY Y 135 23.21 -3.29 43.28
C GLY Y 135 22.90 -1.98 42.58
N TYR Y 136 22.87 -1.97 41.25
CA TYR Y 136 22.65 -0.72 40.53
C TYR Y 136 21.85 -1.00 39.28
N GLN Y 137 21.28 0.06 38.71
CA GLN Y 137 20.45 -0.04 37.53
C GLN Y 137 20.24 1.37 37.02
N ALA Y 138 19.90 1.49 35.75
CA ALA Y 138 19.64 2.79 35.14
C ALA Y 138 18.62 2.62 34.03
N VAL Y 139 18.01 3.74 33.62
CA VAL Y 139 17.01 3.73 32.57
C VAL Y 139 17.12 5.04 31.82
N GLY Y 140 16.80 5.02 30.53
CA GLY Y 140 16.86 6.17 29.68
C GLY Y 140 17.86 6.00 28.55
N SER Y 141 17.96 7.04 27.72
CA SER Y 141 18.81 6.97 26.55
C SER Y 141 20.28 6.89 26.90
N GLY Y 142 20.67 7.36 28.08
CA GLY Y 142 22.02 7.27 28.55
C GLY Y 142 22.24 6.14 29.53
N SER Y 143 21.29 5.22 29.66
CA SER Y 143 21.34 4.23 30.71
C SER Y 143 22.48 3.26 30.52
N LEU Y 144 22.86 2.98 29.27
CA LEU Y 144 23.94 2.01 29.07
C LEU Y 144 25.28 2.59 29.46
N PHE Y 145 25.50 3.88 29.15
CA PHE Y 145 26.71 4.54 29.61
C PHE Y 145 26.75 4.62 31.13
N ALA Y 146 25.63 4.98 31.74
CA ALA Y 146 25.59 5.11 33.20
C ALA Y 146 25.82 3.76 33.87
N LYS Y 147 25.14 2.72 33.40
CA LYS Y 147 25.35 1.39 33.96
C LYS Y 147 26.79 0.94 33.78
N SER Y 148 27.36 1.17 32.60
CA SER Y 148 28.74 0.73 32.38
C SER Y 148 29.73 1.51 33.22
N SER Y 149 29.43 2.77 33.54
CA SER Y 149 30.28 3.51 34.46
C SER Y 149 30.16 2.95 35.86
N MET Y 150 28.92 2.74 36.33
CA MET Y 150 28.71 2.17 37.66
C MET Y 150 29.31 0.77 37.76
N LYS Y 151 29.38 0.02 36.67
CA LYS Y 151 30.00 -1.29 36.72
C LYS Y 151 31.43 -1.19 37.23
N LYS Y 152 32.11 -0.09 36.94
CA LYS Y 152 33.47 0.12 37.42
C LYS Y 152 33.50 0.87 38.75
N LEU Y 153 32.57 1.79 38.99
CA LEU Y 153 32.64 2.60 40.20
C LEU Y 153 31.93 2.00 41.39
N TYR Y 154 31.21 0.91 41.23
CA TYR Y 154 30.33 0.44 42.29
C TYR Y 154 31.10 -0.12 43.47
N SER Y 155 32.28 -0.68 43.22
CA SER Y 155 33.09 -1.20 44.31
C SER Y 155 33.47 -0.12 45.32
N GLN Y 156 33.40 1.14 44.94
CA GLN Y 156 33.71 2.23 45.85
C GLN Y 156 32.53 2.67 46.70
N VAL Y 157 31.37 2.03 46.55
CA VAL Y 157 30.17 2.43 47.27
C VAL Y 157 30.16 1.71 48.61
N THR Y 158 30.31 2.47 49.68
CA THR Y 158 30.26 1.93 51.03
C THR Y 158 29.26 2.62 51.94
N ASP Y 159 28.79 3.83 51.62
CA ASP Y 159 27.80 4.52 52.44
C ASP Y 159 26.99 5.45 51.54
N GLY Y 160 26.16 6.28 52.16
CA GLY Y 160 25.33 7.19 51.40
C GLY Y 160 26.13 8.22 50.61
N ASP Y 161 27.21 8.74 51.19
CA ASP Y 161 27.96 9.78 50.51
C ASP Y 161 28.69 9.24 49.30
N SER Y 162 29.39 8.11 49.46
CA SER Y 162 30.08 7.51 48.32
C SER Y 162 29.10 7.03 47.27
N GLY Y 163 27.99 6.43 47.70
CA GLY Y 163 26.99 5.99 46.75
C GLY Y 163 26.40 7.15 45.97
N LEU Y 164 26.14 8.26 46.64
CA LEU Y 164 25.67 9.44 45.94
C LEU Y 164 26.71 9.94 44.95
N ARG Y 165 27.99 9.91 45.31
CA ARG Y 165 28.99 10.30 44.33
C ARG Y 165 28.93 9.40 43.11
N VAL Y 166 28.96 8.09 43.31
CA VAL Y 166 28.97 7.19 42.18
C VAL Y 166 27.74 7.42 41.30
N ALA Y 167 26.58 7.67 41.91
CA ALA Y 167 25.39 7.96 41.12
C ALA Y 167 25.58 9.21 40.28
N VAL Y 168 25.99 10.31 40.92
CA VAL Y 168 26.14 11.56 40.19
C VAL Y 168 27.18 11.42 39.09
N GLU Y 169 28.23 10.64 39.33
CA GLU Y 169 29.27 10.48 38.33
C GLU Y 169 28.79 9.65 37.15
N ALA Y 170 28.01 8.61 37.43
CA ALA Y 170 27.41 7.88 36.33
C ALA Y 170 26.54 8.80 35.49
N LEU Y 171 25.77 9.67 36.13
CA LEU Y 171 24.99 10.65 35.37
C LEU Y 171 25.90 11.55 34.55
N TYR Y 172 27.08 11.87 35.08
CA TYR Y 172 28.03 12.70 34.34
C TYR Y 172 28.49 11.99 33.08
N ASP Y 173 28.86 10.72 33.20
CA ASP Y 173 29.30 9.94 32.04
C ASP Y 173 28.17 9.81 31.03
N ALA Y 174 26.96 9.53 31.50
CA ALA Y 174 25.82 9.46 30.61
C ALA Y 174 25.68 10.75 29.82
N ALA Y 175 25.70 11.89 30.50
CA ALA Y 175 25.59 13.16 29.81
C ALA Y 175 26.79 13.42 28.90
N ASP Y 176 27.94 12.82 29.23
CA ASP Y 176 29.14 12.98 28.42
C ASP Y 176 28.99 12.30 27.07
N ASP Y 177 28.35 11.13 27.04
CA ASP Y 177 28.24 10.35 25.81
C ASP Y 177 26.85 10.38 25.17
N ASP Y 178 25.87 11.06 25.76
CA ASP Y 178 24.51 11.11 25.26
C ASP Y 178 24.04 12.55 25.18
N SER Y 179 23.65 12.99 23.97
CA SER Y 179 23.24 14.37 23.82
C SER Y 179 21.86 14.62 24.39
N ALA Y 180 21.08 13.57 24.64
CA ALA Y 180 19.76 13.72 25.25
C ALA Y 180 19.80 13.77 26.77
N THR Y 181 20.96 13.58 27.37
CA THR Y 181 21.12 13.68 28.82
C THR Y 181 21.97 14.88 29.15
N GLY Y 182 21.49 15.71 30.08
CA GLY Y 182 22.13 16.97 30.40
C GLY Y 182 23.05 16.83 31.60
N GLY Y 183 24.27 17.35 31.45
CA GLY Y 183 25.22 17.38 32.53
C GLY Y 183 25.06 18.60 33.41
N PRO Y 184 25.97 18.78 34.37
CA PRO Y 184 25.87 19.93 35.27
C PRO Y 184 26.11 21.23 34.53
N ASP Y 185 25.21 22.19 34.71
CA ASP Y 185 25.30 23.51 34.10
C ASP Y 185 25.82 24.47 35.16
N LEU Y 186 27.14 24.66 35.18
CA LEU Y 186 27.74 25.54 36.17
C LEU Y 186 27.46 27.01 35.90
N VAL Y 187 27.08 27.39 34.68
CA VAL Y 187 26.74 28.79 34.45
C VAL Y 187 25.41 29.11 35.11
N ARG Y 188 24.42 28.22 34.98
CA ARG Y 188 23.09 28.43 35.54
C ARG Y 188 22.91 27.82 36.92
N GLY Y 189 23.81 26.95 37.37
CA GLY Y 189 23.60 26.30 38.64
C GLY Y 189 22.48 25.30 38.65
N ILE Y 190 22.40 24.45 37.64
CA ILE Y 190 21.37 23.43 37.52
C ILE Y 190 22.07 22.07 37.52
N PHE Y 191 21.71 21.23 38.47
CA PHE Y 191 22.38 19.96 38.71
C PHE Y 191 21.36 18.85 38.82
N PRO Y 192 21.79 17.60 38.71
CA PRO Y 192 20.85 16.48 38.81
C PRO Y 192 20.04 16.52 40.09
N THR Y 193 18.89 15.85 40.06
CA THR Y 193 18.09 15.67 41.26
C THR Y 193 18.43 14.32 41.86
N ALA Y 194 18.46 14.25 43.19
CA ALA Y 194 18.78 13.00 43.85
C ALA Y 194 17.89 12.83 45.07
N VAL Y 195 17.53 11.58 45.35
CA VAL Y 195 16.75 11.20 46.52
C VAL Y 195 17.48 10.04 47.19
N ILE Y 196 17.58 10.10 48.51
CA ILE Y 196 18.18 9.03 49.30
C ILE Y 196 17.11 8.48 50.23
N ILE Y 197 17.10 7.16 50.41
CA ILE Y 197 16.09 6.49 51.21
C ILE Y 197 16.79 5.53 52.14
N ASP Y 198 16.54 5.68 53.44
CA ASP Y 198 17.04 4.75 54.45
C ASP Y 198 15.95 4.52 55.48
N ALA Y 199 16.32 4.01 56.65
CA ALA Y 199 15.33 3.67 57.67
C ALA Y 199 14.53 4.88 58.11
N ASP Y 200 15.11 6.08 58.02
CA ASP Y 200 14.38 7.28 58.43
C ASP Y 200 13.44 7.77 57.35
N GLY Y 201 13.44 7.18 56.17
CA GLY Y 201 12.55 7.60 55.11
C GLY Y 201 13.28 8.07 53.87
N ALA Y 202 12.57 8.78 53.02
CA ALA Y 202 13.08 9.28 51.76
C ALA Y 202 13.24 10.79 51.86
N VAL Y 203 14.42 11.28 51.51
CA VAL Y 203 14.69 12.71 51.53
C VAL Y 203 15.28 13.12 50.19
N ASP Y 204 14.95 14.35 49.80
CA ASP Y 204 15.54 15.00 48.66
C ASP Y 204 16.93 15.48 49.02
N VAL Y 205 17.92 15.18 48.17
CA VAL Y 205 19.27 15.71 48.40
C VAL Y 205 19.28 17.20 48.06
N PRO Y 206 19.77 18.07 48.93
CA PRO Y 206 19.77 19.49 48.61
C PRO Y 206 20.69 19.73 47.42
N GLU Y 207 20.30 20.66 46.56
CA GLU Y 207 21.01 20.80 45.29
C GLU Y 207 22.47 21.14 45.50
N SER Y 208 22.79 21.91 46.55
CA SER Y 208 24.16 22.34 46.78
C SER Y 208 25.10 21.17 46.96
N ARG Y 209 24.67 20.14 47.69
CA ARG Y 209 25.49 18.94 47.84
C ARG Y 209 25.82 18.32 46.49
N ILE Y 210 24.79 18.14 45.66
CA ILE Y 210 25.00 17.57 44.33
C ILE Y 210 25.96 18.44 43.56
N ALA Y 211 25.85 19.76 43.70
CA ALA Y 211 26.77 20.68 43.02
C ALA Y 211 28.21 20.45 43.46
N GLU Y 212 28.45 20.36 44.76
CA GLU Y 212 29.79 20.07 45.25
C GLU Y 212 30.33 18.78 44.64
N LEU Y 213 29.49 17.76 44.55
CA LEU Y 213 29.92 16.50 43.92
C LEU Y 213 30.24 16.70 42.46
N ALA Y 214 29.45 17.50 41.75
CA ALA Y 214 29.71 17.79 40.35
C ALA Y 214 31.08 18.45 40.17
N ARG Y 215 31.34 19.53 40.92
CA ARG Y 215 32.64 20.17 40.83
C ARG Y 215 33.76 19.19 41.16
N ALA Y 216 33.51 18.27 42.09
CA ALA Y 216 34.52 17.25 42.40
C ALA Y 216 34.80 16.38 41.19
N ILE Y 217 33.77 15.94 40.49
CA ILE Y 217 33.95 15.08 39.32
C ILE Y 217 34.67 15.84 38.22
N ILE Y 218 34.23 17.05 37.94
CA ILE Y 218 34.84 17.87 36.90
C ILE Y 218 36.33 18.06 37.18
N GLU Y 219 36.66 18.45 38.42
CA GLU Y 219 38.05 18.61 38.81
C GLU Y 219 38.82 17.32 38.59
N SER Y 220 38.31 16.21 39.12
CA SER Y 220 38.96 14.92 38.92
C SER Y 220 39.22 14.63 37.46
N ARG Y 221 38.39 15.15 36.57
CA ARG Y 221 38.59 14.88 35.15
C ARG Y 221 39.48 15.90 34.47
N SER Y 222 39.79 17.03 35.11
CA SER Y 222 40.71 18.00 34.53
C SER Y 222 42.13 17.87 35.06
N GLY Y 223 42.29 17.49 36.32
CA GLY Y 223 43.60 17.38 36.95
C GLY Y 223 43.55 16.74 38.32
N THR Z 1 1.75 32.25 13.73
CA THR Z 1 1.37 32.65 15.07
C THR Z 1 2.59 32.76 15.96
N THR Z 2 2.63 33.78 16.82
CA THR Z 2 3.64 33.81 17.86
C THR Z 2 3.03 34.46 19.09
N ILE Z 3 3.15 33.78 20.23
CA ILE Z 3 2.72 34.28 21.52
C ILE Z 3 3.93 34.29 22.45
N VAL Z 4 4.14 35.40 23.14
CA VAL Z 4 5.25 35.52 24.07
C VAL Z 4 4.70 35.83 25.45
N ALA Z 5 5.46 35.43 26.46
CA ALA Z 5 5.16 35.77 27.84
C ALA Z 5 6.47 35.91 28.57
N LEU Z 6 6.55 36.89 29.46
CA LEU Z 6 7.75 37.06 30.26
C LEU Z 6 7.35 37.58 31.63
N LYS Z 7 8.15 37.20 32.62
CA LYS Z 7 7.98 37.68 33.99
C LYS Z 7 8.75 38.99 34.16
N TYR Z 8 8.16 39.92 34.89
CA TYR Z 8 8.85 41.12 35.32
C TYR Z 8 8.67 41.26 36.82
N PRO Z 9 9.50 42.08 37.48
CA PRO Z 9 9.36 42.24 38.93
C PRO Z 9 7.95 42.64 39.33
N GLY Z 10 7.25 41.73 39.99
CA GLY Z 10 5.91 42.00 40.45
C GLY Z 10 4.80 41.63 39.49
N GLY Z 11 5.11 40.99 38.38
CA GLY Z 11 4.05 40.63 37.46
C GLY Z 11 4.54 39.78 36.32
N VAL Z 12 3.65 39.59 35.36
CA VAL Z 12 3.89 38.83 34.15
C VAL Z 12 3.17 39.55 33.01
N VAL Z 13 3.69 39.40 31.79
CA VAL Z 13 3.07 40.02 30.62
C VAL Z 13 3.03 38.98 29.51
N MET Z 14 1.97 39.00 28.71
CA MET Z 14 1.81 38.10 27.58
C MET Z 14 1.28 38.89 26.40
N ALA Z 15 1.81 38.62 25.22
CA ALA Z 15 1.42 39.34 24.02
C ALA Z 15 1.40 38.39 22.83
N GLY Z 16 0.55 38.69 21.86
CA GLY Z 16 0.40 37.83 20.70
C GLY Z 16 0.12 38.63 19.45
N ASP Z 17 0.52 38.07 18.31
CA ASP Z 17 0.31 38.72 17.02
C ASP Z 17 -1.13 38.57 16.59
N ARG Z 18 -1.44 39.15 15.42
CA ARG Z 18 -2.82 39.32 14.98
C ARG Z 18 -3.13 38.67 13.63
N ARG Z 19 -2.26 37.82 13.11
CA ARG Z 19 -2.41 37.30 11.75
C ARG Z 19 -3.09 35.95 11.72
N SER Z 20 -3.97 35.76 10.76
CA SER Z 20 -4.61 34.48 10.50
C SER Z 20 -4.39 34.10 9.05
N THR Z 21 -3.94 32.87 8.82
CA THR Z 21 -3.61 32.39 7.48
C THR Z 21 -4.37 31.11 7.17
N GLN Z 22 -4.60 30.88 5.88
CA GLN Z 22 -4.99 29.58 5.33
C GLN Z 22 -3.93 29.23 4.29
N GLY Z 23 -2.96 28.42 4.68
CA GLY Z 23 -1.85 28.17 3.81
C GLY Z 23 -1.02 29.41 3.68
N ASN Z 24 -0.86 29.91 2.46
CA ASN Z 24 -0.12 31.14 2.23
C ASN Z 24 -1.01 32.38 2.28
N MET Z 25 -2.31 32.22 2.12
CA MET Z 25 -3.20 33.36 2.03
C MET Z 25 -3.49 33.95 3.39
N ILE Z 26 -3.52 35.28 3.44
CA ILE Z 26 -3.88 36.00 4.64
C ILE Z 26 -5.40 35.97 4.75
N SER Z 27 -5.91 35.32 5.81
CA SER Z 27 -7.34 35.23 6.05
C SER Z 27 -7.81 36.11 7.20
N GLY Z 28 -6.90 36.76 7.90
CA GLY Z 28 -7.26 37.67 8.98
C GLY Z 28 -6.12 38.58 9.39
N ARG Z 29 -6.42 39.83 9.73
CA ARG Z 29 -5.40 40.77 10.15
C ARG Z 29 -5.57 41.28 11.56
N ASP Z 30 -6.72 41.06 12.19
CA ASP Z 30 -7.01 41.66 13.47
C ASP Z 30 -7.41 40.63 14.51
N VAL Z 31 -7.10 39.35 14.28
CA VAL Z 31 -7.59 38.30 15.16
C VAL Z 31 -6.92 38.41 16.52
N ARG Z 32 -7.55 37.80 17.52
CA ARG Z 32 -7.09 37.88 18.91
C ARG Z 32 -6.73 36.48 19.39
N LYS Z 33 -5.49 36.32 19.83
CA LYS Z 33 -4.99 35.02 20.25
C LYS Z 33 -4.65 34.97 21.74
N VAL Z 34 -4.74 36.08 22.45
CA VAL Z 34 -4.42 36.14 23.88
C VAL Z 34 -5.70 36.54 24.61
N TYR Z 35 -6.13 35.69 25.54
CA TYR Z 35 -7.37 35.89 26.24
C TYR Z 35 -7.15 35.90 27.74
N ILE Z 36 -7.80 36.84 28.43
CA ILE Z 36 -7.81 36.84 29.88
C ILE Z 36 -8.76 35.73 30.32
N THR Z 37 -8.22 34.68 30.92
CA THR Z 37 -9.09 33.57 31.30
C THR Z 37 -9.61 33.68 32.72
N ASP Z 38 -8.96 34.43 33.59
CA ASP Z 38 -9.57 34.78 34.88
C ASP Z 38 -8.82 35.95 35.46
N ASP Z 39 -9.32 36.45 36.58
CA ASP Z 39 -8.80 37.69 37.15
C ASP Z 39 -7.28 37.71 37.24
N TYR Z 40 -6.63 36.54 37.32
CA TYR Z 40 -5.19 36.49 37.49
C TYR Z 40 -4.48 35.59 36.50
N THR Z 41 -5.13 35.24 35.38
CA THR Z 41 -4.48 34.41 34.37
C THR Z 41 -4.93 34.83 32.97
N ALA Z 42 -3.97 34.81 32.04
CA ALA Z 42 -4.22 34.96 30.62
C ALA Z 42 -3.66 33.76 29.87
N THR Z 43 -4.34 33.37 28.79
CA THR Z 43 -3.96 32.24 27.96
C THR Z 43 -3.85 32.67 26.51
N GLY Z 44 -2.75 32.32 25.86
CA GLY Z 44 -2.59 32.52 24.43
C GLY Z 44 -2.38 31.19 23.75
N ILE Z 45 -2.97 31.00 22.57
CA ILE Z 45 -2.95 29.69 21.92
C ILE Z 45 -2.47 29.83 20.48
N ALA Z 46 -1.72 28.84 20.01
CA ALA Z 46 -1.28 28.76 18.62
C ALA Z 46 -1.84 27.50 17.99
N GLY Z 47 -2.16 27.59 16.69
CA GLY Z 47 -2.69 26.41 16.04
C GLY Z 47 -3.98 26.71 15.30
N THR Z 48 -4.80 25.67 15.13
CA THR Z 48 -6.06 25.84 14.42
C THR Z 48 -6.99 26.77 15.19
N ALA Z 49 -7.56 27.75 14.49
CA ALA Z 49 -8.31 28.81 15.15
C ALA Z 49 -9.49 28.26 15.91
N ALA Z 50 -10.28 27.39 15.28
CA ALA Z 50 -11.46 26.85 15.93
C ALA Z 50 -11.10 26.21 17.26
N VAL Z 51 -10.06 25.38 17.25
CA VAL Z 51 -9.62 24.69 18.44
C VAL Z 51 -9.03 25.69 19.45
N ALA Z 52 -8.27 26.67 18.97
CA ALA Z 52 -7.64 27.61 19.88
C ALA Z 52 -8.68 28.40 20.67
N VAL Z 53 -9.62 29.01 19.94
CA VAL Z 53 -10.65 29.80 20.60
C VAL Z 53 -11.51 28.92 21.48
N GLU Z 54 -11.83 27.70 21.04
CA GLU Z 54 -12.62 26.84 21.89
C GLU Z 54 -11.88 26.52 23.19
N PHE Z 55 -10.57 26.25 23.10
CA PHE Z 55 -9.77 26.06 24.30
C PHE Z 55 -9.92 27.24 25.24
N ALA Z 56 -9.71 28.46 24.72
CA ALA Z 56 -9.78 29.62 25.60
C ALA Z 56 -11.14 29.73 26.27
N ARG Z 57 -12.22 29.66 25.49
CA ARG Z 57 -13.55 29.87 26.06
C ARG Z 57 -13.88 28.80 27.09
N LEU Z 58 -13.72 27.53 26.70
CA LEU Z 58 -14.07 26.42 27.58
C LEU Z 58 -13.25 26.46 28.86
N TYR Z 59 -11.97 26.81 28.75
CA TYR Z 59 -11.11 26.89 29.93
C TYR Z 59 -11.56 27.99 30.88
N ALA Z 60 -11.77 29.20 30.36
CA ALA Z 60 -12.24 30.29 31.21
C ALA Z 60 -13.53 29.90 31.94
N VAL Z 61 -14.46 29.31 31.19
CA VAL Z 61 -15.69 28.83 31.83
C VAL Z 61 -15.37 27.79 32.90
N GLU Z 62 -14.37 26.93 32.66
CA GLU Z 62 -14.07 25.90 33.65
C GLU Z 62 -13.58 26.51 34.95
N LEU Z 63 -12.66 27.46 34.85
CA LEU Z 63 -12.14 28.12 36.05
C LEU Z 63 -13.27 28.84 36.80
N GLU Z 64 -14.06 29.65 36.10
CA GLU Z 64 -15.12 30.38 36.80
C GLU Z 64 -16.20 29.44 37.32
N HIS Z 65 -16.44 28.34 36.62
CA HIS Z 65 -17.36 27.31 37.08
C HIS Z 65 -16.92 26.77 38.42
N TYR Z 66 -15.67 26.32 38.50
CA TYR Z 66 -15.16 25.82 39.78
C TYR Z 66 -15.27 26.91 40.85
N GLU Z 67 -14.96 28.16 40.48
CA GLU Z 67 -14.94 29.24 41.47
C GLU Z 67 -16.32 29.47 42.05
N LYS Z 68 -17.36 29.43 41.23
CA LYS Z 68 -18.70 29.63 41.74
C LYS Z 68 -19.24 28.41 42.46
N LEU Z 69 -18.85 27.21 42.04
CA LEU Z 69 -19.35 26.02 42.72
C LEU Z 69 -18.77 25.88 44.12
N GLU Z 70 -17.48 26.12 44.27
CA GLU Z 70 -16.83 25.82 45.53
C GLU Z 70 -16.51 27.07 46.35
N GLY Z 71 -16.89 28.24 45.85
CA GLY Z 71 -16.70 29.47 46.60
C GLY Z 71 -15.28 29.98 46.67
N VAL Z 72 -14.33 29.34 45.99
CA VAL Z 72 -12.94 29.75 46.05
C VAL Z 72 -12.30 29.35 44.72
N PRO Z 73 -11.39 30.14 44.16
CA PRO Z 73 -10.77 29.78 42.88
C PRO Z 73 -9.75 28.67 43.04
N LEU Z 74 -9.44 28.04 41.90
CA LEU Z 74 -8.42 27.02 41.89
C LEU Z 74 -7.05 27.61 42.22
N THR Z 75 -6.24 26.83 42.93
CA THR Z 75 -4.83 27.16 43.04
C THR Z 75 -4.19 27.14 41.66
N PHE Z 76 -3.08 27.85 41.52
CA PHE Z 76 -2.45 27.92 40.20
C PHE Z 76 -2.09 26.54 39.70
N ALA Z 77 -1.56 25.69 40.57
CA ALA Z 77 -1.26 24.31 40.18
C ALA Z 77 -2.50 23.64 39.58
N GLY Z 78 -3.66 23.85 40.19
CA GLY Z 78 -4.87 23.29 39.64
C GLY Z 78 -5.19 23.83 38.27
N LYS Z 79 -5.04 25.15 38.08
CA LYS Z 79 -5.29 25.75 36.78
C LYS Z 79 -4.40 25.10 35.71
N ILE Z 80 -3.12 24.91 36.03
CA ILE Z 80 -2.22 24.20 35.13
C ILE Z 80 -2.78 22.82 34.80
N ASN Z 81 -3.15 22.05 35.83
CA ASN Z 81 -3.58 20.67 35.58
C ASN Z 81 -4.81 20.64 34.69
N ARG Z 82 -5.75 21.56 34.88
CA ARG Z 82 -6.95 21.52 34.07
C ARG Z 82 -6.64 21.86 32.63
N LEU Z 83 -5.79 22.86 32.40
CA LEU Z 83 -5.41 23.18 31.02
C LEU Z 83 -4.71 21.98 30.37
N ALA Z 84 -3.77 21.36 31.10
CA ALA Z 84 -3.07 20.20 30.55
C ALA Z 84 -4.05 19.10 30.18
N ILE Z 85 -4.99 18.79 31.07
CA ILE Z 85 -5.96 17.72 30.78
C ILE Z 85 -6.76 18.06 29.53
N MET Z 86 -7.08 19.35 29.34
CA MET Z 86 -7.83 19.73 28.14
C MET Z 86 -7.03 19.45 26.88
N VAL Z 87 -5.76 19.84 26.86
CA VAL Z 87 -4.91 19.58 25.70
C VAL Z 87 -4.83 18.08 25.42
N ARG Z 88 -4.51 17.29 26.45
CA ARG Z 88 -4.41 15.84 26.28
C ARG Z 88 -5.71 15.27 25.74
N GLY Z 89 -6.85 15.83 26.18
CA GLY Z 89 -8.12 15.43 25.62
C GLY Z 89 -8.19 15.70 24.13
N ASN Z 90 -7.56 16.79 23.67
CA ASN Z 90 -7.59 17.10 22.25
C ASN Z 90 -6.57 16.31 21.43
N LEU Z 91 -5.70 15.52 22.06
CA LEU Z 91 -4.62 14.88 21.31
C LEU Z 91 -5.08 14.16 20.03
N ALA Z 92 -6.19 13.43 20.07
CA ALA Z 92 -6.61 12.68 18.89
C ALA Z 92 -6.90 13.61 17.72
N ALA Z 93 -7.77 14.59 17.92
CA ALA Z 93 -8.06 15.53 16.87
C ALA Z 93 -6.81 16.27 16.42
N ALA Z 94 -5.92 16.58 17.37
CA ALA Z 94 -4.68 17.26 17.01
C ALA Z 94 -3.85 16.43 16.04
N MET Z 95 -3.77 15.12 16.29
CA MET Z 95 -3.14 14.25 15.32
C MET Z 95 -3.84 14.30 13.98
N GLN Z 96 -5.15 14.55 13.99
CA GLN Z 96 -5.82 14.72 12.70
C GLN Z 96 -5.68 16.13 12.10
N GLY Z 97 -4.92 17.03 12.72
CA GLY Z 97 -4.66 18.33 12.15
C GLY Z 97 -5.27 19.48 12.93
N LEU Z 98 -6.22 19.20 13.82
CA LEU Z 98 -6.84 20.25 14.63
C LEU Z 98 -6.02 20.47 15.90
N LEU Z 99 -4.80 20.94 15.68
CA LEU Z 99 -3.77 21.07 16.71
C LEU Z 99 -3.78 22.47 17.29
N ALA Z 100 -3.68 22.56 18.61
CA ALA Z 100 -3.55 23.85 19.28
C ALA Z 100 -2.73 23.67 20.55
N LEU Z 101 -1.75 24.54 20.74
CA LEU Z 101 -0.93 24.54 21.93
C LEU Z 101 -1.15 25.82 22.71
N PRO Z 102 -1.35 25.75 24.01
CA PRO Z 102 -1.49 26.97 24.79
C PRO Z 102 -0.22 27.36 25.51
N LEU Z 103 -0.19 28.63 25.91
CA LEU Z 103 0.84 29.20 26.78
C LEU Z 103 0.08 29.95 27.87
N LEU Z 104 0.37 29.61 29.12
CA LEU Z 104 -0.37 30.11 30.26
C LEU Z 104 0.49 31.08 31.03
N ALA Z 105 -0.07 32.24 31.38
CA ALA Z 105 0.62 33.20 32.22
C ALA Z 105 -0.28 33.60 33.38
N GLY Z 106 0.26 33.60 34.59
CA GLY Z 106 -0.56 33.91 35.74
C GLY Z 106 0.24 34.58 36.85
N TYR Z 107 -0.49 35.08 37.83
CA TYR Z 107 0.05 35.65 39.04
C TYR Z 107 -0.52 34.85 40.21
N ASP Z 108 0.35 34.18 40.96
CA ASP Z 108 -0.08 33.28 42.02
C ASP Z 108 -0.35 34.07 43.29
N ILE Z 109 -1.64 34.19 43.64
CA ILE Z 109 -2.04 34.98 44.79
C ILE Z 109 -1.54 34.37 46.09
N HIS Z 110 -1.27 33.06 46.09
CA HIS Z 110 -0.83 32.35 47.28
C HIS Z 110 0.68 32.22 47.35
N ALA Z 111 1.40 32.84 46.42
CA ALA Z 111 2.85 32.77 46.45
C ALA Z 111 3.38 33.52 47.65
N SER Z 112 4.52 33.07 48.17
CA SER Z 112 5.12 33.72 49.32
C SER Z 112 5.67 35.09 48.93
N ASP Z 113 6.43 35.15 47.84
CA ASP Z 113 7.12 36.36 47.45
C ASP Z 113 6.34 37.06 46.34
N PRO Z 114 5.68 38.18 46.62
CA PRO Z 114 4.87 38.84 45.58
C PRO Z 114 5.67 39.35 44.39
N GLN Z 115 6.97 39.63 44.58
CA GLN Z 115 7.77 40.17 43.49
C GLN Z 115 8.08 39.12 42.44
N SER Z 116 8.03 37.84 42.81
CA SER Z 116 8.27 36.74 41.87
C SER Z 116 7.04 35.85 41.72
N ALA Z 117 5.86 36.36 42.04
CA ALA Z 117 4.64 35.59 41.94
C ALA Z 117 4.21 35.33 40.51
N GLY Z 118 4.92 35.86 39.53
CA GLY Z 118 4.62 35.56 38.15
C GLY Z 118 4.89 34.10 37.82
N ARG Z 119 4.08 33.56 36.93
CA ARG Z 119 4.19 32.18 36.50
C ARG Z 119 3.97 32.11 35.00
N ILE Z 120 4.80 31.31 34.33
CA ILE Z 120 4.68 31.08 32.90
C ILE Z 120 4.79 29.57 32.65
N VAL Z 121 3.77 29.00 32.02
CA VAL Z 121 3.66 27.56 31.82
C VAL Z 121 3.51 27.29 30.34
N SER Z 122 4.32 26.36 29.82
CA SER Z 122 4.28 25.92 28.44
C SER Z 122 3.77 24.49 28.36
N PHE Z 123 3.17 24.15 27.22
CA PHE Z 123 2.50 22.86 27.05
C PHE Z 123 2.89 22.23 25.71
N ASP Z 124 2.86 20.91 25.67
CA ASP Z 124 2.99 20.17 24.42
C ASP Z 124 1.68 19.47 24.07
N ALA Z 125 1.64 18.89 22.88
CA ALA Z 125 0.39 18.35 22.35
C ALA Z 125 -0.16 17.21 23.20
N ALA Z 126 0.66 16.61 24.05
CA ALA Z 126 0.23 15.52 24.91
C ALA Z 126 -0.16 16.01 26.29
N GLY Z 127 -0.17 17.31 26.51
CA GLY Z 127 -0.52 17.86 27.79
C GLY Z 127 0.63 18.02 28.76
N GLY Z 128 1.82 17.53 28.44
CA GLY Z 128 2.94 17.78 29.31
C GLY Z 128 3.20 19.27 29.43
N TRP Z 129 3.50 19.70 30.65
CA TRP Z 129 3.67 21.12 30.93
C TRP Z 129 4.98 21.37 31.67
N ASN Z 130 5.49 22.59 31.52
CA ASN Z 130 6.68 23.01 32.22
C ASN Z 130 6.49 24.45 32.68
N ILE Z 131 6.76 24.70 33.96
CA ILE Z 131 6.76 26.04 34.51
C ILE Z 131 8.13 26.66 34.26
N GLU Z 132 8.14 27.80 33.57
CA GLU Z 132 9.38 28.37 33.07
C GLU Z 132 10.08 29.14 34.17
N GLU Z 133 11.22 28.63 34.60
CA GLU Z 133 11.98 29.32 35.64
C GLU Z 133 12.98 30.31 35.08
N GLU Z 134 13.07 30.45 33.77
CA GLU Z 134 14.04 31.37 33.18
C GLU Z 134 13.45 32.70 32.75
N GLY Z 135 12.16 32.94 32.99
CA GLY Z 135 11.60 34.26 32.89
C GLY Z 135 10.76 34.54 31.65
N TYR Z 136 10.98 33.81 30.56
CA TYR Z 136 10.25 34.07 29.33
C TYR Z 136 9.99 32.77 28.59
N GLN Z 137 9.05 32.82 27.66
CA GLN Z 137 8.66 31.65 26.88
C GLN Z 137 7.78 32.12 25.73
N ALA Z 138 7.71 31.30 24.68
CA ALA Z 138 6.93 31.64 23.50
C ALA Z 138 6.40 30.37 22.86
N VAL Z 139 5.39 30.53 22.01
CA VAL Z 139 4.76 29.42 21.30
C VAL Z 139 4.32 29.92 19.93
N GLY Z 140 4.30 29.01 18.97
CA GLY Z 140 3.89 29.32 17.62
C GLY Z 140 5.01 29.13 16.62
N SER Z 141 4.68 29.39 15.36
CA SER Z 141 5.63 29.15 14.29
C SER Z 141 6.81 30.11 14.33
N GLY Z 142 6.66 31.28 14.95
CA GLY Z 142 7.76 32.20 15.11
C GLY Z 142 8.40 32.21 16.48
N SER Z 143 8.06 31.25 17.35
CA SER Z 143 8.49 31.30 18.74
C SER Z 143 9.99 31.13 18.91
N LEU Z 144 10.66 30.49 17.97
CA LEU Z 144 12.10 30.32 18.13
C LEU Z 144 12.80 31.68 18.04
N PHE Z 145 12.37 32.50 17.09
CA PHE Z 145 12.97 33.82 16.92
C PHE Z 145 12.68 34.68 18.14
N ALA Z 146 11.45 34.61 18.66
CA ALA Z 146 11.09 35.39 19.83
C ALA Z 146 11.90 34.98 21.05
N LYS Z 147 12.02 33.67 21.29
CA LYS Z 147 12.82 33.23 22.43
C LYS Z 147 14.25 33.71 22.30
N SER Z 148 14.83 33.56 21.12
CA SER Z 148 16.23 33.95 20.96
C SER Z 148 16.40 35.46 21.08
N SER Z 149 15.39 36.25 20.72
CA SER Z 149 15.47 37.69 20.97
C SER Z 149 15.39 38.00 22.45
N MET Z 150 14.40 37.43 23.13
CA MET Z 150 14.25 37.67 24.55
C MET Z 150 15.47 37.22 25.34
N LYS Z 151 16.16 36.18 24.86
CA LYS Z 151 17.39 35.77 25.52
C LYS Z 151 18.37 36.91 25.61
N LYS Z 152 18.38 37.79 24.61
CA LYS Z 152 19.29 38.92 24.61
C LYS Z 152 18.69 40.15 25.27
N LEU Z 153 17.38 40.35 25.15
CA LEU Z 153 16.75 41.56 25.65
C LEU Z 153 16.26 41.45 27.08
N TYR Z 154 16.36 40.27 27.70
CA TYR Z 154 15.68 40.07 28.97
C TYR Z 154 16.36 40.83 30.10
N SER Z 155 17.68 41.03 30.02
CA SER Z 155 18.39 41.79 31.04
C SER Z 155 17.86 43.21 31.20
N GLN Z 156 17.13 43.71 30.21
CA GLN Z 156 16.56 45.04 30.28
C GLN Z 156 15.22 45.09 30.98
N VAL Z 157 14.71 43.96 31.46
CA VAL Z 157 13.39 43.91 32.08
C VAL Z 157 13.57 44.24 33.56
N THR Z 158 13.08 45.40 33.97
CA THR Z 158 13.11 45.80 35.38
C THR Z 158 11.75 46.18 35.94
N ASP Z 159 10.77 46.47 35.09
CA ASP Z 159 9.45 46.83 35.54
C ASP Z 159 8.44 46.38 34.50
N GLY Z 160 7.17 46.73 34.70
CA GLY Z 160 6.16 46.34 33.73
C GLY Z 160 6.41 46.96 32.37
N ASP Z 161 6.87 48.20 32.35
CA ASP Z 161 7.01 48.91 31.09
C ASP Z 161 8.13 48.32 30.25
N SER Z 162 9.31 48.11 30.85
CA SER Z 162 10.40 47.52 30.09
C SER Z 162 10.06 46.11 29.65
N GLY Z 163 9.40 45.34 30.52
CA GLY Z 163 9.01 44.00 30.12
C GLY Z 163 8.05 43.99 28.95
N LEU Z 164 7.06 44.89 28.96
CA LEU Z 164 6.16 44.97 27.82
C LEU Z 164 6.90 45.37 26.56
N ARG Z 165 7.89 46.27 26.68
CA ARG Z 165 8.67 46.64 25.50
C ARG Z 165 9.40 45.44 24.94
N VAL Z 166 10.06 44.69 25.82
CA VAL Z 166 10.79 43.50 25.36
C VAL Z 166 9.84 42.51 24.71
N ALA Z 167 8.65 42.34 25.28
CA ALA Z 167 7.67 41.43 24.68
C ALA Z 167 7.30 41.86 23.27
N VAL Z 168 6.92 43.13 23.11
CA VAL Z 168 6.52 43.60 21.78
C VAL Z 168 7.69 43.50 20.80
N GLU Z 169 8.92 43.72 21.26
CA GLU Z 169 10.05 43.63 20.36
C GLU Z 169 10.31 42.19 19.94
N ALA Z 170 10.15 41.25 20.87
CA ALA Z 170 10.26 39.84 20.50
C ALA Z 170 9.22 39.47 19.45
N LEU Z 171 7.97 39.91 19.62
CA LEU Z 171 7.00 39.68 18.56
C LEU Z 171 7.41 40.35 17.27
N TYR Z 172 8.09 41.50 17.35
CA TYR Z 172 8.56 42.16 16.14
C TYR Z 172 9.57 41.29 15.40
N ASP Z 173 10.56 40.75 16.12
CA ASP Z 173 11.54 39.87 15.50
C ASP Z 173 10.89 38.63 14.94
N ALA Z 174 9.95 38.06 15.69
CA ALA Z 174 9.20 36.89 15.25
C ALA Z 174 8.54 37.16 13.90
N ALA Z 175 7.81 38.25 13.81
CA ALA Z 175 7.17 38.57 12.54
C ALA Z 175 8.20 38.89 11.46
N ASP Z 176 9.38 39.34 11.87
CA ASP Z 176 10.44 39.69 10.93
C ASP Z 176 10.97 38.45 10.23
N ASP Z 177 11.06 37.33 10.94
CA ASP Z 177 11.64 36.10 10.38
C ASP Z 177 10.61 35.01 10.07
N ASP Z 178 9.32 35.25 10.35
CA ASP Z 178 8.27 34.28 10.09
C ASP Z 178 7.13 34.94 9.35
N SER Z 179 6.80 34.42 8.17
CA SER Z 179 5.73 35.04 7.39
C SER Z 179 4.37 34.71 7.96
N ALA Z 180 4.26 33.69 8.81
CA ALA Z 180 2.99 33.33 9.44
C ALA Z 180 2.71 34.15 10.69
N THR Z 181 3.65 34.99 11.12
CA THR Z 181 3.47 35.88 12.26
C THR Z 181 3.38 37.31 11.74
N GLY Z 182 2.38 38.05 12.20
CA GLY Z 182 2.11 39.38 11.68
C GLY Z 182 2.78 40.46 12.51
N GLY Z 183 3.47 41.35 11.83
CA GLY Z 183 4.08 42.50 12.46
C GLY Z 183 3.12 43.66 12.60
N PRO Z 184 3.63 44.79 13.07
CA PRO Z 184 2.77 45.97 13.22
C PRO Z 184 2.36 46.50 11.87
N ASP Z 185 1.07 46.73 11.69
CA ASP Z 185 0.55 47.28 10.44
C ASP Z 185 0.30 48.76 10.69
N LEU Z 186 1.27 49.59 10.34
CA LEU Z 186 1.10 51.02 10.58
C LEU Z 186 0.08 51.64 9.64
N VAL Z 187 -0.21 50.98 8.51
CA VAL Z 187 -1.19 51.51 7.57
C VAL Z 187 -2.60 51.35 8.11
N ARG Z 188 -2.91 50.20 8.67
CA ARG Z 188 -4.23 49.96 9.24
C ARG Z 188 -4.31 50.26 10.73
N GLY Z 189 -3.18 50.46 11.38
CA GLY Z 189 -3.16 50.70 12.80
C GLY Z 189 -3.52 49.48 13.62
N ILE Z 190 -2.94 48.34 13.27
CA ILE Z 190 -3.20 47.08 13.96
C ILE Z 190 -1.88 46.60 14.56
N PHE Z 191 -1.87 46.37 15.86
CA PHE Z 191 -0.69 46.04 16.62
C PHE Z 191 -0.97 44.82 17.48
N PRO Z 192 0.06 44.17 18.02
CA PRO Z 192 -0.17 42.97 18.83
C PRO Z 192 -1.14 43.22 19.97
N THR Z 193 -1.79 42.17 20.49
CA THR Z 193 -2.59 42.33 21.68
C THR Z 193 -1.71 41.94 22.86
N ALA Z 194 -1.88 42.64 23.98
CA ALA Z 194 -1.08 42.35 25.15
C ALA Z 194 -1.95 42.40 26.38
N VAL Z 195 -1.60 41.55 27.35
CA VAL Z 195 -2.24 41.49 28.65
C VAL Z 195 -1.14 41.55 29.69
N ILE Z 196 -1.35 42.37 30.72
CA ILE Z 196 -0.43 42.46 31.85
C ILE Z 196 -1.15 42.05 33.11
N ILE Z 197 -0.45 41.33 33.99
CA ILE Z 197 -1.01 40.76 35.21
C ILE Z 197 -0.06 41.04 36.36
N ASP Z 198 -0.58 41.68 37.41
CA ASP Z 198 0.19 41.90 38.63
C ASP Z 198 -0.74 41.67 39.82
N ALA Z 199 -0.38 42.22 40.98
CA ALA Z 199 -1.18 41.98 42.18
C ALA Z 199 -2.60 42.50 42.01
N ASP Z 200 -2.80 43.49 41.16
CA ASP Z 200 -4.15 44.04 40.95
C ASP Z 200 -4.98 43.23 39.98
N GLY Z 201 -4.42 42.22 39.33
CA GLY Z 201 -5.21 41.44 38.39
C GLY Z 201 -4.67 41.46 36.99
N ALA Z 202 -5.52 41.06 36.03
CA ALA Z 202 -5.18 41.01 34.62
C ALA Z 202 -5.94 42.08 33.85
N VAL Z 203 -5.22 42.90 33.10
CA VAL Z 203 -5.86 43.93 32.27
C VAL Z 203 -5.29 43.89 30.86
N ASP Z 204 -6.14 44.24 29.89
CA ASP Z 204 -5.71 44.42 28.52
C ASP Z 204 -4.89 45.69 28.39
N VAL Z 205 -3.72 45.58 27.79
CA VAL Z 205 -2.95 46.79 27.50
C VAL Z 205 -3.62 47.54 26.36
N PRO Z 206 -3.88 48.84 26.50
CA PRO Z 206 -4.57 49.55 25.42
C PRO Z 206 -3.72 49.61 24.16
N GLU Z 207 -4.41 49.53 23.02
CA GLU Z 207 -3.74 49.45 21.72
C GLU Z 207 -2.67 50.53 21.56
N SER Z 208 -3.00 51.76 21.95
CA SER Z 208 -2.14 52.91 21.68
C SER Z 208 -0.79 52.81 22.37
N ARG Z 209 -0.73 52.18 23.54
CA ARG Z 209 0.56 51.97 24.19
C ARG Z 209 1.41 50.98 23.41
N ILE Z 210 0.79 49.91 22.91
CA ILE Z 210 1.50 48.96 22.07
C ILE Z 210 2.00 49.66 20.81
N ALA Z 211 1.18 50.54 20.25
CA ALA Z 211 1.58 51.31 19.07
C ALA Z 211 2.80 52.17 19.36
N GLU Z 212 2.82 52.84 20.53
CA GLU Z 212 3.97 53.66 20.86
C GLU Z 212 5.22 52.80 20.97
N LEU Z 213 5.13 51.65 21.64
CA LEU Z 213 6.28 50.76 21.68
C LEU Z 213 6.68 50.32 20.28
N ALA Z 214 5.70 50.06 19.42
CA ALA Z 214 5.98 49.63 18.06
C ALA Z 214 6.81 50.67 17.32
N ARG Z 215 6.33 51.91 17.28
CA ARG Z 215 7.06 52.96 16.58
C ARG Z 215 8.44 53.17 17.20
N ALA Z 216 8.54 53.00 18.52
CA ALA Z 216 9.86 53.07 19.15
C ALA Z 216 10.80 52.01 18.58
N ILE Z 217 10.29 50.79 18.42
CA ILE Z 217 11.10 49.69 17.92
C ILE Z 217 11.50 49.93 16.47
N ILE Z 218 10.54 50.29 15.63
CA ILE Z 218 10.82 50.53 14.21
C ILE Z 218 11.86 51.62 14.06
N GLU Z 219 11.65 52.76 14.74
CA GLU Z 219 12.60 53.86 14.66
C GLU Z 219 13.98 53.43 15.10
N SER Z 220 14.05 52.73 16.22
CA SER Z 220 15.34 52.23 16.70
C SER Z 220 16.01 51.32 15.68
N ARG Z 221 15.23 50.65 14.84
CA ARG Z 221 15.80 49.70 13.89
C ARG Z 221 16.21 50.33 12.56
N SER Z 222 15.94 51.60 12.32
CA SER Z 222 16.40 52.24 11.09
C SER Z 222 17.71 52.98 11.33
N THR AA 1 -19.48 29.04 -7.42
CA THR AA 1 -20.32 29.76 -6.48
C THR AA 1 -19.59 30.99 -5.98
N THR AA 2 -20.29 32.09 -5.82
CA THR AA 2 -19.74 33.24 -5.14
C THR AA 2 -20.83 33.91 -4.33
N ILE AA 3 -20.53 34.15 -3.06
CA ILE AA 3 -21.39 34.91 -2.16
C ILE AA 3 -20.58 36.10 -1.70
N VAL AA 4 -21.17 37.28 -1.76
CA VAL AA 4 -20.51 38.49 -1.30
C VAL AA 4 -21.40 39.12 -0.24
N ALA AA 5 -20.76 39.83 0.69
CA ALA AA 5 -21.49 40.60 1.67
C ALA AA 5 -20.65 41.82 1.98
N LEU AA 6 -21.31 42.97 2.11
CA LEU AA 6 -20.58 44.16 2.48
C LEU AA 6 -21.46 45.04 3.34
N LYS AA 7 -20.81 45.76 4.24
CA LYS AA 7 -21.45 46.72 5.13
C LYS AA 7 -21.57 48.07 4.45
N TYR AA 8 -22.71 48.70 4.61
CA TYR AA 8 -22.91 50.08 4.18
C TYR AA 8 -23.46 50.86 5.36
N PRO AA 9 -23.38 52.20 5.31
CA PRO AA 9 -23.88 52.98 6.46
C PRO AA 9 -25.28 52.62 6.87
N GLY AA 10 -25.42 51.99 8.04
CA GLY AA 10 -26.72 51.66 8.58
C GLY AA 10 -27.27 50.31 8.19
N GLY AA 11 -26.51 49.49 7.47
CA GLY AA 11 -27.02 48.19 7.10
C GLY AA 11 -25.96 47.31 6.45
N VAL AA 12 -26.41 46.19 5.91
CA VAL AA 12 -25.55 45.22 5.26
C VAL AA 12 -26.29 44.64 4.07
N VAL AA 13 -25.54 44.20 3.06
CA VAL AA 13 -26.12 43.59 1.87
C VAL AA 13 -25.35 42.32 1.55
N MET AA 14 -26.05 41.30 1.09
CA MET AA 14 -25.45 40.03 0.70
C MET AA 14 -26.05 39.57 -0.61
N ALA AA 15 -25.21 39.05 -1.50
CA ALA AA 15 -25.67 38.65 -2.82
C ALA AA 15 -24.97 37.38 -3.25
N GLY AA 16 -25.63 36.61 -4.10
CA GLY AA 16 -25.07 35.35 -4.56
C GLY AA 16 -25.49 35.06 -5.97
N ASP AA 17 -24.66 34.29 -6.68
CA ASP AA 17 -24.92 33.90 -8.06
C ASP AA 17 -25.95 32.77 -8.11
N ARG AA 18 -26.28 32.35 -9.33
CA ARG AA 18 -27.40 31.46 -9.57
C ARG AA 18 -27.01 30.15 -10.27
N ARG AA 19 -25.73 29.82 -10.36
CA ARG AA 19 -25.27 28.68 -11.16
C ARG AA 19 -25.03 27.46 -10.29
N SER AA 20 -25.40 26.30 -10.81
CA SER AA 20 -25.14 25.01 -10.16
C SER AA 20 -24.44 24.11 -11.16
N THR AA 21 -23.34 23.49 -10.73
CA THR AA 21 -22.54 22.65 -11.60
C THR AA 21 -22.38 21.25 -11.02
N GLN AA 22 -22.15 20.29 -11.90
CA GLN AA 22 -21.66 18.96 -11.58
C GLN AA 22 -20.38 18.77 -12.37
N GLY AA 23 -19.23 19.05 -11.75
CA GLY AA 23 -18.01 19.08 -12.51
C GLY AA 23 -18.01 20.24 -13.47
N ASN AA 24 -17.91 19.97 -14.77
CA ASN AA 24 -17.97 21.02 -15.77
C ASN AA 24 -19.38 21.30 -16.26
N MET AA 25 -20.30 20.38 -16.03
CA MET AA 25 -21.65 20.52 -16.54
C MET AA 25 -22.44 21.49 -15.69
N ILE AA 26 -23.20 22.36 -16.33
CA ILE AA 26 -24.11 23.25 -15.63
C ILE AA 26 -25.39 22.48 -15.34
N SER AA 27 -25.70 22.30 -14.07
CA SER AA 27 -26.90 21.58 -13.65
C SER AA 27 -27.98 22.51 -13.12
N GLY AA 28 -27.72 23.81 -13.04
CA GLY AA 28 -28.74 24.74 -12.60
C GLY AA 28 -28.44 26.18 -12.96
N ARG AA 29 -29.48 26.96 -13.30
CA ARG AA 29 -29.32 28.36 -13.64
C ARG AA 29 -30.06 29.32 -12.73
N ASP AA 30 -30.96 28.84 -11.88
CA ASP AA 30 -31.81 29.72 -11.08
C ASP AA 30 -31.71 29.41 -9.59
N VAL AA 31 -30.62 28.74 -9.17
CA VAL AA 31 -30.56 28.27 -7.79
C VAL AA 31 -30.44 29.45 -6.84
N ARG AA 32 -30.93 29.27 -5.63
CA ARG AA 32 -30.85 30.27 -4.57
C ARG AA 32 -29.81 29.83 -3.56
N LYS AA 33 -28.83 30.69 -3.33
CA LYS AA 33 -27.75 30.39 -2.40
C LYS AA 33 -27.70 31.33 -1.21
N VAL AA 34 -28.53 32.36 -1.18
CA VAL AA 34 -28.58 33.33 -0.09
C VAL AA 34 -29.95 33.23 0.54
N TYR AA 35 -29.99 32.92 1.84
CA TYR AA 35 -31.23 32.69 2.54
C TYR AA 35 -31.37 33.65 3.71
N ILE AA 36 -32.56 34.23 3.87
CA ILE AA 36 -32.91 35.01 5.04
C ILE AA 36 -33.19 34.03 6.18
N THR AA 37 -32.32 34.01 7.19
CA THR AA 37 -32.46 33.05 8.27
C THR AA 37 -33.26 33.57 9.45
N ASP AA 38 -33.36 34.88 9.63
CA ASP AA 38 -34.29 35.47 10.59
C ASP AA 38 -34.43 36.95 10.25
N ASP AA 39 -35.36 37.61 10.96
CA ASP AA 39 -35.69 39.00 10.62
C ASP AA 39 -34.46 39.88 10.49
N TYR AA 40 -33.37 39.52 11.15
CA TYR AA 40 -32.18 40.35 11.15
C TYR AA 40 -30.91 39.63 10.74
N THR AA 41 -31.00 38.44 10.15
CA THR AA 41 -29.81 37.76 9.68
C THR AA 41 -30.14 36.99 8.40
N ALA AA 42 -29.21 37.04 7.45
CA ALA AA 42 -29.24 36.26 6.23
C ALA AA 42 -27.95 35.45 6.14
N THR AA 43 -28.05 34.27 5.55
CA THR AA 43 -26.93 33.36 5.37
C THR AA 43 -26.83 32.97 3.91
N GLY AA 44 -25.63 33.05 3.35
CA GLY AA 44 -25.35 32.50 2.03
C GLY AA 44 -24.29 31.44 2.14
N ILE AA 45 -24.47 30.32 1.44
CA ILE AA 45 -23.59 29.18 1.64
C ILE AA 45 -23.03 28.70 0.30
N ALA AA 46 -21.76 28.30 0.30
CA ALA AA 46 -21.10 27.76 -0.86
C ALA AA 46 -20.64 26.35 -0.57
N GLY AA 47 -20.69 25.49 -1.58
CA GLY AA 47 -20.30 24.10 -1.48
C GLY AA 47 -21.39 23.21 -2.04
N THR AA 48 -21.42 21.96 -1.56
CA THR AA 48 -22.39 20.99 -2.03
C THR AA 48 -23.81 21.44 -1.67
N ALA AA 49 -24.70 21.36 -2.65
CA ALA AA 49 -26.04 21.94 -2.49
C ALA AA 49 -26.77 21.34 -1.29
N ALA AA 50 -26.76 20.01 -1.17
CA ALA AA 50 -27.49 19.37 -0.10
C ALA AA 50 -27.10 19.91 1.27
N VAL AA 51 -25.79 20.00 1.51
CA VAL AA 51 -25.34 20.50 2.81
C VAL AA 51 -25.67 21.97 2.97
N ALA AA 52 -25.54 22.76 1.90
CA ALA AA 52 -25.81 24.19 2.01
C ALA AA 52 -27.26 24.45 2.38
N VAL AA 53 -28.19 23.86 1.62
CA VAL AA 53 -29.61 24.06 1.90
C VAL AA 53 -29.95 23.54 3.29
N GLU AA 54 -29.38 22.38 3.67
CA GLU AA 54 -29.65 21.87 5.01
C GLU AA 54 -29.18 22.85 6.08
N PHE AA 55 -27.99 23.44 5.89
CA PHE AA 55 -27.49 24.45 6.80
C PHE AA 55 -28.49 25.59 6.93
N ALA AA 56 -28.88 26.19 5.80
CA ALA AA 56 -29.75 27.35 5.87
C ALA AA 56 -31.05 27.02 6.59
N ARG AA 57 -31.70 25.93 6.16
CA ARG AA 57 -33.01 25.60 6.71
C ARG AA 57 -32.93 25.27 8.19
N LEU AA 58 -32.01 24.37 8.55
CA LEU AA 58 -31.85 23.97 9.94
C LEU AA 58 -31.48 25.16 10.81
N TYR AA 59 -30.65 26.06 10.30
CA TYR AA 59 -30.25 27.22 11.08
C TYR AA 59 -31.44 28.13 11.36
N ALA AA 60 -32.21 28.47 10.33
CA ALA AA 60 -33.39 29.29 10.52
C ALA AA 60 -34.31 28.67 11.56
N VAL AA 61 -34.52 27.36 11.43
CA VAL AA 61 -35.36 26.64 12.38
C VAL AA 61 -34.80 26.77 13.79
N GLU AA 62 -33.49 26.66 13.94
CA GLU AA 62 -32.91 26.71 15.28
C GLU AA 62 -33.09 28.09 15.91
N LEU AA 63 -32.82 29.15 15.15
CA LEU AA 63 -32.97 30.50 15.68
C LEU AA 63 -34.40 30.74 16.13
N GLU AA 64 -35.36 30.48 15.24
CA GLU AA 64 -36.74 30.75 15.62
C GLU AA 64 -37.19 29.83 16.74
N HIS AA 65 -36.60 28.64 16.81
CA HIS AA 65 -36.84 27.73 17.93
C HIS AA 65 -36.48 28.38 19.25
N TYR AA 66 -35.25 28.88 19.36
CA TYR AA 66 -34.86 29.56 20.59
C TYR AA 66 -35.77 30.75 20.87
N GLU AA 67 -36.14 31.50 19.83
CA GLU AA 67 -36.95 32.68 20.06
C GLU AA 67 -38.31 32.32 20.64
N LYS AA 68 -38.92 31.24 20.14
CA LYS AA 68 -40.21 30.85 20.68
C LYS AA 68 -40.10 30.18 22.03
N LEU AA 69 -39.01 29.46 22.28
CA LEU AA 69 -38.88 28.82 23.58
C LEU AA 69 -38.67 29.83 24.70
N GLU AA 70 -37.80 30.82 24.45
CA GLU AA 70 -37.38 31.72 25.52
C GLU AA 70 -37.98 33.11 25.40
N GLY AA 71 -38.84 33.35 24.41
CA GLY AA 71 -39.51 34.63 24.29
C GLY AA 71 -38.66 35.78 23.84
N VAL AA 72 -37.41 35.54 23.48
CA VAL AA 72 -36.48 36.61 23.10
C VAL AA 72 -35.48 36.03 22.11
N PRO AA 73 -35.06 36.78 21.09
CA PRO AA 73 -34.09 36.22 20.13
C PRO AA 73 -32.71 36.13 20.74
N LEU AA 74 -31.89 35.29 20.13
CA LEU AA 74 -30.50 35.17 20.56
C LEU AA 74 -29.75 36.48 20.34
N THR AA 75 -28.79 36.74 21.22
CA THR AA 75 -27.80 37.76 20.92
C THR AA 75 -27.06 37.37 19.65
N PHE AA 76 -26.50 38.36 18.97
CA PHE AA 76 -25.80 38.07 17.73
C PHE AA 76 -24.64 37.11 17.97
N ALA AA 77 -23.89 37.31 19.07
CA ALA AA 77 -22.85 36.36 19.43
C ALA AA 77 -23.40 34.95 19.50
N GLY AA 78 -24.58 34.78 20.09
CA GLY AA 78 -25.17 33.46 20.14
C GLY AA 78 -25.46 32.90 18.76
N LYS AA 79 -26.00 33.73 17.87
CA LYS AA 79 -26.26 33.28 16.51
C LYS AA 79 -24.98 32.77 15.85
N ILE AA 80 -23.93 33.54 16.02
CA ILE AA 80 -22.68 33.21 15.41
C ILE AA 80 -22.18 31.91 15.94
N ASN AA 81 -22.33 31.68 17.22
CA ASN AA 81 -21.87 30.44 17.84
C ASN AA 81 -22.60 29.22 17.38
N ARG AA 82 -23.89 29.34 17.21
CA ARG AA 82 -24.69 28.24 16.77
C ARG AA 82 -24.37 27.80 15.38
N LEU AA 83 -24.16 28.76 14.49
CA LEU AA 83 -23.79 28.47 13.13
C LEU AA 83 -22.43 27.86 13.12
N ALA AA 84 -21.53 28.35 13.95
CA ALA AA 84 -20.20 27.81 14.02
C ALA AA 84 -20.25 26.40 14.46
N ILE AA 85 -21.05 26.09 15.45
CA ILE AA 85 -21.19 24.74 15.92
C ILE AA 85 -21.77 23.82 14.87
N MET AA 86 -22.70 24.31 14.09
CA MET AA 86 -23.32 23.54 13.07
C MET AA 86 -22.32 23.11 12.06
N VAL AA 87 -21.46 24.00 11.67
CA VAL AA 87 -20.40 23.67 10.72
C VAL AA 87 -19.44 22.64 11.32
N ARG AA 88 -18.95 22.90 12.54
CA ARG AA 88 -18.05 21.95 13.18
C ARG AA 88 -18.69 20.58 13.25
N GLY AA 89 -20.00 20.54 13.46
CA GLY AA 89 -20.71 19.28 13.41
C GLY AA 89 -20.61 18.63 12.05
N ASN AA 90 -20.59 19.42 10.98
CA ASN AA 90 -20.47 18.81 9.66
C ASN AA 90 -19.04 18.44 9.28
N LEU AA 91 -18.03 18.80 10.09
CA LEU AA 91 -16.64 18.59 9.70
C LEU AA 91 -16.37 17.17 9.18
N ALA AA 92 -16.91 16.15 9.85
CA ALA AA 92 -16.62 14.78 9.44
C ALA AA 92 -17.04 14.53 8.00
N ALA AA 93 -18.31 14.81 7.69
CA ALA AA 93 -18.78 14.67 6.32
C ALA AA 93 -18.02 15.58 5.36
N ALA AA 94 -17.60 16.76 5.83
CA ALA AA 94 -16.82 17.64 4.96
C ALA AA 94 -15.54 16.96 4.53
N MET AA 95 -14.92 16.20 5.43
CA MET AA 95 -13.68 15.50 5.09
C MET AA 95 -13.88 14.49 3.97
N GLN AA 96 -15.11 13.98 3.81
CA GLN AA 96 -15.41 12.98 2.81
C GLN AA 96 -16.01 13.57 1.54
N GLY AA 97 -16.07 14.90 1.43
CA GLY AA 97 -16.52 15.56 0.22
C GLY AA 97 -17.80 16.36 0.35
N LEU AA 98 -18.57 16.19 1.42
CA LEU AA 98 -19.81 16.96 1.62
C LEU AA 98 -19.52 18.25 2.36
N LEU AA 99 -18.76 19.11 1.70
CA LEU AA 99 -18.24 20.33 2.30
C LEU AA 99 -19.11 21.52 1.93
N ALA AA 100 -19.41 22.36 2.92
CA ALA AA 100 -20.12 23.61 2.68
C ALA AA 100 -19.71 24.62 3.73
N LEU AA 101 -19.44 25.85 3.29
CA LEU AA 101 -19.09 26.96 4.15
C LEU AA 101 -20.14 28.05 4.07
N PRO AA 102 -20.60 28.59 5.20
CA PRO AA 102 -21.54 29.70 5.16
C PRO AA 102 -20.87 31.04 5.33
N LEU AA 103 -21.58 32.09 4.94
CA LEU AA 103 -21.21 33.47 5.15
C LEU AA 103 -22.42 34.14 5.75
N LEU AA 104 -22.23 34.79 6.90
CA LEU AA 104 -23.32 35.32 7.70
C LEU AA 104 -23.31 36.83 7.61
N ALA AA 105 -24.48 37.41 7.32
CA ALA AA 105 -24.66 38.85 7.33
C ALA AA 105 -25.83 39.17 8.23
N GLY AA 106 -25.65 40.13 9.12
CA GLY AA 106 -26.70 40.43 10.06
C GLY AA 106 -26.68 41.89 10.46
N TYR AA 107 -27.75 42.28 11.13
CA TYR AA 107 -27.88 43.60 11.75
C TYR AA 107 -28.11 43.37 13.23
N ASP AA 108 -27.17 43.85 14.05
CA ASP AA 108 -27.24 43.63 15.49
C ASP AA 108 -28.14 44.69 16.10
N ILE AA 109 -29.34 44.29 16.53
CA ILE AA 109 -30.27 45.27 17.05
C ILE AA 109 -29.77 45.89 18.35
N HIS AA 110 -28.89 45.19 19.07
CA HIS AA 110 -28.38 45.67 20.34
C HIS AA 110 -27.05 46.41 20.22
N ALA AA 111 -26.59 46.68 19.00
CA ALA AA 111 -25.35 47.41 18.85
C ALA AA 111 -25.50 48.84 19.32
N SER AA 112 -24.40 49.41 19.81
CA SER AA 112 -24.45 50.78 20.32
C SER AA 112 -24.64 51.77 19.18
N ASP AA 113 -23.85 51.65 18.12
CA ASP AA 113 -23.87 52.62 17.03
C ASP AA 113 -24.70 52.04 15.89
N PRO AA 114 -25.91 52.53 15.65
CA PRO AA 114 -26.77 51.92 14.62
C PRO AA 114 -26.23 52.00 13.20
N GLN AA 115 -25.47 53.04 12.84
CA GLN AA 115 -24.99 53.14 11.47
C GLN AA 115 -23.89 52.14 11.15
N SER AA 116 -23.24 51.58 12.16
CA SER AA 116 -22.25 50.52 12.00
C SER AA 116 -22.70 49.21 12.62
N ALA AA 117 -24.00 49.03 12.80
CA ALA AA 117 -24.53 47.80 13.38
C ALA AA 117 -24.49 46.63 12.42
N GLY AA 118 -24.08 46.81 11.18
CA GLY AA 118 -23.93 45.69 10.28
C GLY AA 118 -22.82 44.76 10.73
N ARG AA 119 -23.01 43.47 10.47
CA ARG AA 119 -22.05 42.47 10.89
C ARG AA 119 -21.88 41.44 9.78
N ILE AA 120 -20.64 41.05 9.54
CA ILE AA 120 -20.30 40.06 8.53
C ILE AA 120 -19.36 39.05 9.17
N VAL AA 121 -19.76 37.78 9.16
CA VAL AA 121 -19.02 36.73 9.83
C VAL AA 121 -18.72 35.63 8.82
N SER AA 122 -17.46 35.23 8.74
CA SER AA 122 -17.03 34.12 7.88
C SER AA 122 -16.60 32.93 8.72
N PHE AA 123 -16.71 31.73 8.14
CA PHE AA 123 -16.45 30.49 8.85
C PHE AA 123 -15.55 29.58 8.02
N ASP AA 124 -14.77 28.74 8.71
CA ASP AA 124 -14.00 27.70 8.05
C ASP AA 124 -14.58 26.33 8.39
N ALA AA 125 -14.03 25.31 7.74
CA ALA AA 125 -14.62 23.98 7.79
C ALA AA 125 -14.66 23.40 9.19
N ALA AA 126 -13.85 23.91 10.11
CA ALA AA 126 -13.85 23.44 11.47
C ALA AA 126 -14.68 24.32 12.37
N GLY AA 127 -15.41 25.27 11.81
CA GLY AA 127 -16.24 26.13 12.63
C GLY AA 127 -15.56 27.38 13.13
N GLY AA 128 -14.26 27.56 12.89
CA GLY AA 128 -13.64 28.82 13.25
C GLY AA 128 -14.32 29.97 12.54
N TRP AA 129 -14.52 31.07 13.25
CA TRP AA 129 -15.22 32.21 12.70
C TRP AA 129 -14.43 33.48 12.90
N ASN AA 130 -14.67 34.44 12.00
CA ASN AA 130 -14.08 35.76 12.08
C ASN AA 130 -15.11 36.80 11.69
N ILE AA 131 -15.25 37.84 12.52
CA ILE AA 131 -16.10 38.98 12.20
C ILE AA 131 -15.26 39.96 11.38
N GLU AA 132 -15.74 40.28 10.18
CA GLU AA 132 -14.95 41.02 9.21
C GLU AA 132 -15.01 42.50 9.54
N GLU AA 133 -13.91 43.07 10.01
CA GLU AA 133 -13.89 44.47 10.37
C GLU AA 133 -13.53 45.38 9.20
N GLU AA 134 -13.27 44.83 8.03
CA GLU AA 134 -12.90 45.66 6.89
C GLU AA 134 -14.07 45.93 5.96
N GLY AA 135 -15.26 45.46 6.28
CA GLY AA 135 -16.48 45.91 5.65
C GLY AA 135 -17.08 44.96 4.65
N TYR AA 136 -16.29 44.06 4.07
CA TYR AA 136 -16.81 43.17 3.05
C TYR AA 136 -16.12 41.82 3.16
N GLN AA 137 -16.72 40.82 2.52
CA GLN AA 137 -16.21 39.45 2.55
C GLN AA 137 -16.92 38.67 1.46
N ALA AA 138 -16.33 37.54 1.09
CA ALA AA 138 -16.90 36.67 0.07
C ALA AA 138 -16.54 35.23 0.38
N VAL AA 139 -17.27 34.30 -0.24
CA VAL AA 139 -17.03 32.88 -0.08
C VAL AA 139 -17.39 32.20 -1.38
N GLY AA 140 -16.71 31.10 -1.69
CA GLY AA 140 -16.97 30.36 -2.91
C GLY AA 140 -15.76 30.35 -3.82
N SER AA 141 -15.94 29.68 -4.98
CA SER AA 141 -14.85 29.52 -5.91
C SER AA 141 -14.41 30.83 -6.54
N GLY AA 142 -15.30 31.82 -6.58
CA GLY AA 142 -14.96 33.13 -7.08
C GLY AA 142 -14.68 34.16 -6.02
N SER AA 143 -14.52 33.77 -4.75
CA SER AA 143 -14.43 34.74 -3.69
C SER AA 143 -13.16 35.57 -3.79
N LEU AA 144 -12.06 34.99 -4.27
CA LEU AA 144 -10.85 35.78 -4.44
C LEU AA 144 -11.10 36.95 -5.38
N PHE AA 145 -11.71 36.68 -6.52
CA PHE AA 145 -11.91 37.73 -7.52
C PHE AA 145 -12.88 38.78 -7.00
N ALA AA 146 -13.96 38.34 -6.35
CA ALA AA 146 -14.94 39.28 -5.82
C ALA AA 146 -14.32 40.15 -4.72
N LYS AA 147 -13.56 39.54 -3.81
CA LYS AA 147 -12.91 40.31 -2.76
C LYS AA 147 -11.94 41.32 -3.34
N SER AA 148 -11.14 40.91 -4.33
CA SER AA 148 -10.20 41.88 -4.90
C SER AA 148 -10.93 42.99 -5.64
N SER AA 149 -12.11 42.71 -6.18
CA SER AA 149 -12.90 43.77 -6.79
C SER AA 149 -13.46 44.73 -5.74
N MET AA 150 -14.07 44.19 -4.68
CA MET AA 150 -14.61 45.04 -3.62
C MET AA 150 -13.51 45.84 -2.93
N LYS AA 151 -12.29 45.30 -2.86
CA LYS AA 151 -11.19 46.05 -2.30
C LYS AA 151 -10.99 47.36 -3.02
N LYS AA 152 -11.29 47.38 -4.32
CA LYS AA 152 -11.17 48.58 -5.12
C LYS AA 152 -12.44 49.41 -5.15
N LEU AA 153 -13.61 48.78 -5.09
CA LEU AA 153 -14.86 49.50 -5.20
C LEU AA 153 -15.46 49.93 -3.87
N TYR AA 154 -14.89 49.57 -2.73
CA TYR AA 154 -15.61 49.77 -1.48
C TYR AA 154 -15.74 51.25 -1.10
N SER AA 155 -14.76 52.06 -1.48
CA SER AA 155 -14.85 53.50 -1.20
C SER AA 155 -16.07 54.14 -1.83
N GLN AA 156 -16.66 53.48 -2.82
CA GLN AA 156 -17.86 54.01 -3.46
C GLN AA 156 -19.14 53.64 -2.72
N VAL AA 157 -19.04 52.96 -1.59
CA VAL AA 157 -20.22 52.56 -0.83
C VAL AA 157 -20.56 53.71 0.12
N THR AA 158 -21.67 54.38 -0.15
CA THR AA 158 -22.11 55.49 0.70
C THR AA 158 -23.53 55.33 1.24
N ASP AA 159 -24.35 54.47 0.65
CA ASP AA 159 -25.69 54.19 1.14
C ASP AA 159 -26.02 52.75 0.75
N GLY AA 160 -27.27 52.35 0.99
CA GLY AA 160 -27.65 50.99 0.64
C GLY AA 160 -27.55 50.72 -0.84
N ASP AA 161 -27.90 51.71 -1.65
CA ASP AA 161 -27.94 51.51 -3.10
C ASP AA 161 -26.54 51.32 -3.66
N SER AA 162 -25.59 52.17 -3.25
CA SER AA 162 -24.23 52.03 -3.74
C SER AA 162 -23.65 50.69 -3.30
N GLY AA 163 -23.98 50.26 -2.08
CA GLY AA 163 -23.55 48.95 -1.64
C GLY AA 163 -24.10 47.82 -2.48
N LEU AA 164 -25.39 47.93 -2.87
CA LEU AA 164 -25.96 46.91 -3.73
C LEU AA 164 -25.26 46.89 -5.09
N ARG AA 165 -25.02 48.07 -5.68
CA ARG AA 165 -24.31 48.11 -6.94
C ARG AA 165 -22.92 47.49 -6.84
N VAL AA 166 -22.20 47.80 -5.76
CA VAL AA 166 -20.86 47.25 -5.60
C VAL AA 166 -20.91 45.74 -5.43
N ALA AA 167 -21.89 45.24 -4.67
CA ALA AA 167 -22.03 43.81 -4.52
C ALA AA 167 -22.26 43.14 -5.87
N VAL AA 168 -23.22 43.65 -6.64
CA VAL AA 168 -23.53 43.06 -7.93
C VAL AA 168 -22.31 43.12 -8.85
N GLU AA 169 -21.54 44.20 -8.78
CA GLU AA 169 -20.38 44.29 -9.66
C GLU AA 169 -19.30 43.30 -9.25
N ALA AA 170 -19.11 43.10 -7.95
CA ALA AA 170 -18.18 42.07 -7.51
C ALA AA 170 -18.61 40.70 -8.01
N LEU AA 171 -19.91 40.39 -7.93
CA LEU AA 171 -20.36 39.12 -8.49
C LEU AA 171 -20.09 39.06 -9.98
N TYR AA 172 -20.21 40.20 -10.66
CA TYR AA 172 -19.95 40.23 -12.10
C TYR AA 172 -18.50 39.88 -12.39
N ASP AA 173 -17.56 40.49 -11.66
CA ASP AA 173 -16.16 40.17 -11.85
C ASP AA 173 -15.85 38.72 -11.52
N ALA AA 174 -16.41 38.23 -10.42
CA ALA AA 174 -16.22 36.83 -10.05
C ALA AA 174 -16.66 35.91 -11.17
N ALA AA 175 -17.87 36.09 -11.69
CA ALA AA 175 -18.33 35.27 -12.80
C ALA AA 175 -17.50 35.50 -14.04
N ASP AA 176 -16.88 36.68 -14.16
CA ASP AA 176 -16.04 36.99 -15.30
C ASP AA 176 -14.79 36.13 -15.31
N ASP AA 177 -14.21 35.88 -14.14
CA ASP AA 177 -12.95 35.14 -14.05
C ASP AA 177 -13.11 33.71 -13.54
N ASP AA 178 -14.31 33.27 -13.19
CA ASP AA 178 -14.54 31.94 -12.67
C ASP AA 178 -15.71 31.30 -13.42
N SER AA 179 -15.46 30.14 -14.01
CA SER AA 179 -16.50 29.45 -14.77
C SER AA 179 -17.53 28.79 -13.86
N ALA AA 180 -17.20 28.60 -12.59
CA ALA AA 180 -18.15 27.99 -11.66
C ALA AA 180 -19.13 28.99 -11.09
N THR AA 181 -18.96 30.27 -11.40
CA THR AA 181 -19.87 31.32 -10.97
C THR AA 181 -20.59 31.88 -12.18
N GLY AA 182 -21.91 32.01 -12.07
CA GLY AA 182 -22.74 32.44 -13.18
C GLY AA 182 -23.00 33.93 -13.14
N GLY AA 183 -22.80 34.58 -14.28
CA GLY AA 183 -23.10 35.98 -14.42
C GLY AA 183 -24.56 36.21 -14.76
N PRO AA 184 -24.92 37.47 -15.02
CA PRO AA 184 -26.30 37.78 -15.38
C PRO AA 184 -26.62 37.18 -16.75
N ASP AA 185 -27.74 36.48 -16.84
CA ASP AA 185 -28.20 35.86 -18.07
C ASP AA 185 -29.28 36.75 -18.68
N LEU AA 186 -28.87 37.63 -19.60
CA LEU AA 186 -29.84 38.55 -20.16
C LEU AA 186 -30.84 37.87 -21.09
N VAL AA 187 -30.51 36.69 -21.61
CA VAL AA 187 -31.47 35.99 -22.46
C VAL AA 187 -32.59 35.38 -21.63
N ARG AA 188 -32.25 34.76 -20.52
CA ARG AA 188 -33.28 34.13 -19.68
C ARG AA 188 -33.78 35.05 -18.59
N GLY AA 189 -33.12 36.18 -18.37
CA GLY AA 189 -33.54 37.09 -17.33
C GLY AA 189 -33.33 36.55 -15.94
N ILE AA 190 -32.15 35.99 -15.69
CA ILE AA 190 -31.80 35.44 -14.39
C ILE AA 190 -30.60 36.21 -13.88
N PHE AA 191 -30.72 36.77 -12.69
CA PHE AA 191 -29.73 37.66 -12.12
C PHE AA 191 -29.39 37.21 -10.71
N PRO AA 192 -28.29 37.68 -10.13
CA PRO AA 192 -27.96 37.28 -8.77
C PRO AA 192 -29.10 37.56 -7.82
N THR AA 193 -29.12 36.85 -6.70
CA THR AA 193 -30.08 37.14 -5.64
C THR AA 193 -29.40 38.05 -4.63
N ALA AA 194 -30.17 38.95 -4.05
CA ALA AA 194 -29.62 39.88 -3.08
C ALA AA 194 -30.61 40.03 -1.93
N VAL AA 195 -30.05 40.22 -0.74
CA VAL AA 195 -30.78 40.50 0.49
C VAL AA 195 -30.18 41.75 1.09
N ILE AA 196 -31.03 42.65 1.55
CA ILE AA 196 -30.57 43.85 2.23
C ILE AA 196 -31.15 43.82 3.64
N ILE AA 197 -30.36 44.27 4.61
CA ILE AA 197 -30.73 44.22 6.01
C ILE AA 197 -30.41 45.55 6.67
N ASP AA 198 -31.41 46.17 7.29
CA ASP AA 198 -31.17 47.35 8.12
C ASP AA 198 -32.04 47.22 9.37
N ALA AA 199 -32.25 48.33 10.07
CA ALA AA 199 -33.01 48.29 11.31
C ALA AA 199 -34.44 47.81 11.08
N ASP AA 200 -34.98 48.01 9.88
CA ASP AA 200 -36.34 47.57 9.60
C ASP AA 200 -36.43 46.09 9.30
N GLY AA 201 -35.32 45.39 9.25
CA GLY AA 201 -35.30 43.95 9.04
C GLY AA 201 -34.53 43.57 7.79
N ALA AA 202 -34.73 42.32 7.39
CA ALA AA 202 -34.08 41.75 6.22
C ALA AA 202 -35.13 41.55 5.14
N VAL AA 203 -34.88 42.10 3.95
CA VAL AA 203 -35.80 41.98 2.84
C VAL AA 203 -35.04 41.51 1.61
N ASP AA 204 -35.73 40.74 0.77
CA ASP AA 204 -35.18 40.34 -0.51
C ASP AA 204 -35.15 41.54 -1.45
N VAL AA 205 -34.02 41.74 -2.10
CA VAL AA 205 -33.95 42.79 -3.12
C VAL AA 205 -34.74 42.34 -4.34
N PRO AA 206 -35.67 43.14 -4.84
CA PRO AA 206 -36.47 42.70 -5.99
C PRO AA 206 -35.62 42.52 -7.23
N GLU AA 207 -36.05 41.58 -8.08
CA GLU AA 207 -35.22 41.21 -9.23
C GLU AA 207 -35.01 42.39 -10.17
N SER AA 208 -36.03 43.22 -10.36
CA SER AA 208 -35.91 44.33 -11.32
C SER AA 208 -34.78 45.26 -10.94
N ARG AA 209 -34.62 45.53 -9.64
CA ARG AA 209 -33.55 46.41 -9.19
C ARG AA 209 -32.18 45.85 -9.60
N ILE AA 210 -31.97 44.56 -9.33
CA ILE AA 210 -30.68 43.94 -9.67
C ILE AA 210 -30.49 43.91 -11.19
N ALA AA 211 -31.56 43.65 -11.94
CA ALA AA 211 -31.45 43.67 -13.40
C ALA AA 211 -30.99 45.03 -13.89
N GLU AA 212 -31.60 46.10 -13.37
CA GLU AA 212 -31.12 47.44 -13.70
C GLU AA 212 -29.63 47.57 -13.44
N LEU AA 213 -29.19 47.20 -12.24
CA LEU AA 213 -27.78 47.37 -11.93
C LEU AA 213 -26.90 46.52 -12.85
N ALA AA 214 -27.31 45.30 -13.16
CA ALA AA 214 -26.55 44.43 -14.04
C ALA AA 214 -26.38 45.06 -15.41
N ARG AA 215 -27.50 45.41 -16.06
CA ARG AA 215 -27.41 46.00 -17.40
C ARG AA 215 -26.57 47.26 -17.38
N ALA AA 216 -26.66 48.04 -16.30
CA ALA AA 216 -25.80 49.22 -16.17
C ALA AA 216 -24.33 48.83 -16.18
N ILE AA 217 -23.97 47.77 -15.44
CA ILE AA 217 -22.58 47.34 -15.39
C ILE AA 217 -22.12 46.90 -16.78
N ILE AA 218 -22.94 46.09 -17.45
CA ILE AA 218 -22.59 45.61 -18.78
C ILE AA 218 -22.35 46.76 -19.73
N GLU AA 219 -23.29 47.72 -19.77
CA GLU AA 219 -23.12 48.87 -20.64
C GLU AA 219 -21.85 49.64 -20.27
N SER AA 220 -21.54 49.73 -18.98
CA SER AA 220 -20.32 50.41 -18.57
C SER AA 220 -19.08 49.69 -19.08
N ARG AA 221 -19.13 48.36 -19.19
CA ARG AA 221 -17.95 47.62 -19.61
C ARG AA 221 -17.86 47.45 -21.12
N SER AA 222 -18.94 47.73 -21.86
CA SER AA 222 -18.91 47.68 -23.32
C SER AA 222 -18.77 49.05 -23.95
N GLY AA 223 -19.50 50.04 -23.46
CA GLY AA 223 -19.46 51.38 -24.01
C GLY AA 223 -20.69 52.22 -23.65
N THR BA 1 -30.11 3.43 -18.68
CA THR BA 1 -31.39 3.93 -18.23
C THR BA 1 -31.57 5.35 -18.68
N THR BA 2 -32.79 5.72 -19.07
CA THR BA 2 -33.12 7.13 -19.25
C THR BA 2 -34.54 7.35 -18.77
N ILE BA 3 -34.70 8.33 -17.90
CA ILE BA 3 -36.00 8.78 -17.43
C ILE BA 3 -36.14 10.24 -17.84
N VAL BA 4 -37.25 10.58 -18.45
CA VAL BA 4 -37.52 11.94 -18.87
C VAL BA 4 -38.84 12.39 -18.26
N ALA BA 5 -38.94 13.70 -18.02
CA ALA BA 5 -40.18 14.29 -17.56
C ALA BA 5 -40.26 15.72 -18.09
N LEU BA 6 -41.45 16.14 -18.51
CA LEU BA 6 -41.64 17.49 -19.00
C LEU BA 6 -43.01 18.00 -18.61
N LYS BA 7 -43.10 19.31 -18.42
CA LYS BA 7 -44.35 20.00 -18.11
C LYS BA 7 -45.05 20.37 -19.40
N TYR BA 8 -46.36 20.19 -19.43
CA TYR BA 8 -47.20 20.70 -20.50
C TYR BA 8 -48.33 21.48 -19.86
N PRO BA 9 -49.05 22.33 -20.63
CA PRO BA 9 -50.14 23.11 -20.02
C PRO BA 9 -51.13 22.27 -19.24
N GLY BA 10 -51.13 22.43 -17.93
CA GLY BA 10 -52.08 21.73 -17.09
C GLY BA 10 -51.65 20.39 -16.57
N GLY BA 11 -50.40 19.97 -16.81
CA GLY BA 11 -49.98 18.70 -16.28
C GLY BA 11 -48.51 18.44 -16.51
N VAL BA 12 -48.10 17.22 -16.19
CA VAL BA 12 -46.71 16.79 -16.32
C VAL BA 12 -46.71 15.36 -16.84
N VAL BA 13 -45.63 15.00 -17.55
CA VAL BA 13 -45.48 13.67 -18.11
C VAL BA 13 -44.10 13.12 -17.81
N MET BA 14 -44.02 11.82 -17.56
CA MET BA 14 -42.74 11.16 -17.30
C MET BA 14 -42.73 9.83 -18.03
N ALA BA 15 -41.58 9.50 -18.64
CA ALA BA 15 -41.45 8.27 -19.40
C ALA BA 15 -40.06 7.72 -19.18
N GLY BA 16 -39.93 6.41 -19.30
CA GLY BA 16 -38.65 5.76 -19.08
C GLY BA 16 -38.48 4.57 -19.99
N ASP BA 17 -37.21 4.26 -20.25
CA ASP BA 17 -36.88 3.14 -21.13
C ASP BA 17 -37.11 1.83 -20.40
N ARG BA 18 -36.88 0.72 -21.09
CA ARG BA 18 -37.23 -0.60 -20.57
C ARG BA 18 -36.06 -1.56 -20.48
N ARG BA 19 -34.83 -1.10 -20.64
CA ARG BA 19 -33.71 -2.03 -20.73
C ARG BA 19 -33.04 -2.11 -19.37
N SER BA 20 -32.65 -3.32 -18.98
CA SER BA 20 -31.88 -3.56 -17.77
C SER BA 20 -30.63 -4.35 -18.12
N THR BA 21 -29.49 -3.93 -17.61
CA THR BA 21 -28.21 -4.53 -17.94
C THR BA 21 -27.46 -4.97 -16.70
N GLN BA 22 -26.56 -5.93 -16.89
CA GLN BA 22 -25.47 -6.21 -15.95
C GLN BA 22 -24.17 -6.05 -16.74
N GLY BA 23 -23.54 -4.89 -16.61
CA GLY BA 23 -22.40 -4.56 -17.44
C GLY BA 23 -22.80 -4.32 -18.87
N ASN BA 24 -22.24 -5.08 -19.82
CA ASN BA 24 -22.64 -4.96 -21.21
C ASN BA 24 -23.81 -5.85 -21.56
N MET BA 25 -24.10 -6.83 -20.73
CA MET BA 25 -25.15 -7.80 -21.02
C MET BA 25 -26.54 -7.26 -20.74
N ILE BA 26 -27.46 -7.54 -21.66
CA ILE BA 26 -28.87 -7.21 -21.47
C ILE BA 26 -29.49 -8.27 -20.58
N SER BA 27 -29.93 -7.89 -19.39
CA SER BA 27 -30.55 -8.80 -18.45
C SER BA 27 -32.05 -8.59 -18.33
N GLY BA 28 -32.61 -7.59 -19.02
CA GLY BA 28 -34.04 -7.39 -19.00
C GLY BA 28 -34.54 -6.51 -20.12
N ARG BA 29 -35.71 -6.83 -20.67
CA ARG BA 29 -36.30 -6.06 -21.74
C ARG BA 29 -37.63 -5.41 -21.39
N ASP BA 30 -38.23 -5.77 -20.25
CA ASP BA 30 -39.59 -5.37 -19.93
C ASP BA 30 -39.68 -4.64 -18.59
N VAL BA 31 -38.56 -4.17 -18.06
CA VAL BA 31 -38.57 -3.62 -16.71
C VAL BA 31 -39.34 -2.31 -16.68
N ARG BA 32 -39.94 -2.01 -15.53
CA ARG BA 32 -40.64 -0.75 -15.33
C ARG BA 32 -39.79 0.12 -14.40
N LYS BA 33 -39.47 1.33 -14.85
CA LYS BA 33 -38.65 2.25 -14.09
C LYS BA 33 -39.40 3.49 -13.63
N VAL BA 34 -40.65 3.66 -14.03
CA VAL BA 34 -41.47 4.81 -13.68
C VAL BA 34 -42.66 4.30 -12.88
N TYR BA 35 -42.82 4.81 -11.67
CA TYR BA 35 -43.85 4.33 -10.75
C TYR BA 35 -44.74 5.46 -10.30
N ILE BA 36 -46.05 5.21 -10.27
CA ILE BA 36 -46.98 6.13 -9.64
C ILE BA 36 -46.86 5.94 -8.13
N THR BA 37 -46.34 6.95 -7.43
CA THR BA 37 -46.15 6.86 -6.00
C THR BA 37 -47.32 7.40 -5.19
N ASP BA 38 -48.14 8.27 -5.76
CA ASP BA 38 -49.41 8.61 -5.14
C ASP BA 38 -50.29 9.23 -6.21
N ASP BA 39 -51.54 9.54 -5.84
CA ASP BA 39 -52.52 10.01 -6.81
C ASP BA 39 -52.00 11.15 -7.66
N TYR BA 40 -51.02 11.91 -7.19
CA TYR BA 40 -50.51 13.06 -7.92
C TYR BA 40 -49.00 13.02 -8.06
N THR BA 41 -48.38 11.86 -7.88
CA THR BA 41 -46.94 11.81 -7.98
C THR BA 41 -46.49 10.52 -8.64
N ALA BA 42 -45.53 10.66 -9.54
CA ALA BA 42 -44.81 9.56 -10.16
C ALA BA 42 -43.31 9.76 -9.96
N THR BA 43 -42.60 8.64 -9.82
CA THR BA 43 -41.16 8.61 -9.63
C THR BA 43 -40.52 7.71 -10.67
N GLY BA 44 -39.49 8.21 -11.34
CA GLY BA 44 -38.66 7.39 -12.21
C GLY BA 44 -37.25 7.39 -11.66
N ILE BA 45 -36.61 6.23 -11.67
CA ILE BA 45 -35.34 6.06 -10.97
C ILE BA 45 -34.33 5.42 -11.89
N ALA BA 46 -33.07 5.85 -11.78
CA ALA BA 46 -31.96 5.25 -12.52
C ALA BA 46 -30.94 4.70 -11.56
N GLY BA 47 -30.30 3.58 -11.93
CA GLY BA 47 -29.31 3.01 -11.04
C GLY BA 47 -29.50 1.54 -10.70
N THR BA 48 -29.02 1.15 -9.53
CA THR BA 48 -29.13 -0.24 -9.08
C THR BA 48 -30.59 -0.63 -8.92
N ALA BA 49 -30.95 -1.77 -9.50
CA ALA BA 49 -32.36 -2.16 -9.56
C ALA BA 49 -32.95 -2.31 -8.16
N ALA BA 50 -32.27 -3.04 -7.29
CA ALA BA 50 -32.77 -3.27 -5.94
C ALA BA 50 -33.06 -1.95 -5.23
N VAL BA 51 -32.11 -1.02 -5.29
CA VAL BA 51 -32.27 0.25 -4.60
C VAL BA 51 -33.39 1.06 -5.23
N ALA BA 52 -33.49 1.06 -6.56
CA ALA BA 52 -34.52 1.86 -7.22
C ALA BA 52 -35.91 1.39 -6.84
N VAL BA 53 -36.18 0.09 -6.98
CA VAL BA 53 -37.49 -0.41 -6.61
C VAL BA 53 -37.75 -0.17 -5.13
N GLU BA 54 -36.72 -0.33 -4.30
CA GLU BA 54 -36.91 -0.05 -2.87
C GLU BA 54 -37.34 1.40 -2.65
N PHE BA 55 -36.70 2.33 -3.36
CA PHE BA 55 -37.09 3.74 -3.28
C PHE BA 55 -38.56 3.92 -3.63
N ALA BA 56 -38.97 3.45 -4.81
CA ALA BA 56 -40.34 3.66 -5.25
C ALA BA 56 -41.33 3.08 -4.24
N ARG BA 57 -41.10 1.85 -3.82
CA ARG BA 57 -42.02 1.17 -2.92
C ARG BA 57 -42.08 1.86 -1.57
N LEU BA 58 -40.93 2.06 -0.94
CA LEU BA 58 -40.87 2.65 0.39
C LEU BA 58 -41.44 4.05 0.40
N TYR BA 59 -41.19 4.81 -0.67
CA TYR BA 59 -41.71 6.17 -0.78
C TYR BA 59 -43.22 6.17 -0.86
N ALA BA 60 -43.79 5.36 -1.75
CA ALA BA 60 -45.25 5.28 -1.82
C ALA BA 60 -45.85 4.92 -0.46
N VAL BA 61 -45.26 3.93 0.21
CA VAL BA 61 -45.74 3.56 1.53
C VAL BA 61 -45.64 4.73 2.50
N GLU BA 62 -44.53 5.48 2.48
CA GLU BA 62 -44.39 6.58 3.43
C GLU BA 62 -45.44 7.65 3.22
N LEU BA 63 -45.63 8.05 1.97
CA LEU BA 63 -46.61 9.10 1.68
C LEU BA 63 -48.00 8.68 2.15
N GLU BA 64 -48.45 7.50 1.73
CA GLU BA 64 -49.80 7.12 2.12
C GLU BA 64 -49.89 6.90 3.62
N HIS BA 65 -48.78 6.51 4.25
CA HIS BA 65 -48.71 6.40 5.71
C HIS BA 65 -49.04 7.73 6.37
N TYR BA 66 -48.34 8.80 5.96
CA TYR BA 66 -48.63 10.12 6.52
C TYR BA 66 -50.10 10.47 6.28
N GLU BA 67 -50.62 10.16 5.09
CA GLU BA 67 -52.00 10.52 4.79
C GLU BA 67 -52.98 9.80 5.71
N LYS BA 68 -52.72 8.53 6.01
CA LYS BA 68 -53.66 7.81 6.88
C LYS BA 68 -53.52 8.22 8.33
N LEU BA 69 -52.32 8.57 8.78
CA LEU BA 69 -52.17 8.99 10.17
C LEU BA 69 -52.82 10.36 10.39
N GLU BA 70 -52.60 11.29 9.47
CA GLU BA 70 -52.98 12.68 9.68
C GLU BA 70 -54.21 13.12 8.88
N GLY BA 71 -54.85 12.23 8.13
CA GLY BA 71 -56.08 12.57 7.44
C GLY BA 71 -55.92 13.50 6.26
N VAL BA 72 -54.71 13.86 5.88
CA VAL BA 72 -54.46 14.83 4.82
C VAL BA 72 -53.13 14.46 4.17
N PRO BA 73 -52.98 14.60 2.86
CA PRO BA 73 -51.70 14.28 2.23
C PRO BA 73 -50.66 15.36 2.47
N LEU BA 74 -49.41 14.98 2.32
CA LEU BA 74 -48.32 15.93 2.48
C LEU BA 74 -48.41 17.02 1.41
N THR BA 75 -47.98 18.21 1.77
CA THR BA 75 -47.72 19.22 0.78
C THR BA 75 -46.64 18.73 -0.16
N PHE BA 76 -46.63 19.28 -1.38
CA PHE BA 76 -45.63 18.84 -2.34
C PHE BA 76 -44.23 19.09 -1.82
N ALA BA 77 -43.99 20.25 -1.21
CA ALA BA 77 -42.70 20.50 -0.59
C ALA BA 77 -42.36 19.39 0.39
N GLY BA 78 -43.33 18.96 1.18
CA GLY BA 78 -43.07 17.88 2.11
C GLY BA 78 -42.70 16.58 1.40
N LYS BA 79 -43.41 16.26 0.32
CA LYS BA 79 -43.09 15.06 -0.45
C LYS BA 79 -41.66 15.11 -0.94
N ILE BA 80 -41.24 16.24 -1.51
CA ILE BA 80 -39.86 16.41 -1.93
C ILE BA 80 -38.92 16.14 -0.78
N ASN BA 81 -39.18 16.77 0.37
CA ASN BA 81 -38.25 16.64 1.48
C ASN BA 81 -38.10 15.19 1.89
N ARG BA 82 -39.20 14.42 1.89
CA ARG BA 82 -39.07 13.03 2.30
C ARG BA 82 -38.27 12.22 1.29
N LEU BA 83 -38.50 12.44 -0.01
CA LEU BA 83 -37.71 11.71 -1.00
C LEU BA 83 -36.22 12.04 -0.85
N ALA BA 84 -35.90 13.32 -0.69
CA ALA BA 84 -34.51 13.74 -0.51
C ALA BA 84 -33.88 13.07 0.71
N ILE BA 85 -34.62 13.05 1.82
CA ILE BA 85 -34.11 12.41 3.03
C ILE BA 85 -33.84 10.93 2.77
N MET BA 86 -34.69 10.29 1.96
CA MET BA 86 -34.46 8.89 1.65
C MET BA 86 -33.15 8.70 0.88
N VAL BA 87 -32.94 9.52 -0.15
CA VAL BA 87 -31.71 9.44 -0.93
C VAL BA 87 -30.49 9.65 -0.03
N ARG BA 88 -30.51 10.73 0.76
CA ARG BA 88 -29.40 11.02 1.65
C ARG BA 88 -29.15 9.84 2.58
N GLY BA 89 -30.22 9.19 3.02
CA GLY BA 89 -30.06 7.99 3.81
C GLY BA 89 -29.33 6.90 3.07
N ASN BA 90 -29.52 6.80 1.75
CA ASN BA 90 -28.82 5.75 1.01
C ASN BA 90 -27.39 6.12 0.63
N LEU BA 91 -26.97 7.38 0.87
CA LEU BA 91 -25.64 7.82 0.39
C LEU BA 91 -24.50 6.86 0.73
N ALA BA 92 -24.48 6.33 1.95
CA ALA BA 92 -23.37 5.47 2.34
C ALA BA 92 -23.25 4.27 1.41
N ALA BA 93 -24.35 3.53 1.24
CA ALA BA 93 -24.33 2.42 0.31
C ALA BA 93 -24.06 2.88 -1.11
N ALA BA 94 -24.57 4.06 -1.48
CA ALA BA 94 -24.35 4.55 -2.84
C ALA BA 94 -22.87 4.73 -3.14
N MET BA 95 -22.09 5.11 -2.14
CA MET BA 95 -20.66 5.29 -2.38
C MET BA 95 -19.95 3.95 -2.58
N GLN BA 96 -20.48 2.87 -2.02
CA GLN BA 96 -19.93 1.54 -2.27
C GLN BA 96 -20.54 0.86 -3.50
N GLY BA 97 -21.37 1.56 -4.27
CA GLY BA 97 -21.88 1.03 -5.52
C GLY BA 97 -23.38 0.84 -5.62
N LEU BA 98 -24.16 0.86 -4.53
CA LEU BA 98 -25.61 0.72 -4.65
C LEU BA 98 -26.27 2.09 -4.83
N LEU BA 99 -25.95 2.72 -5.96
CA LEU BA 99 -26.37 4.09 -6.24
C LEU BA 99 -27.63 4.10 -7.10
N ALA BA 100 -28.60 4.94 -6.71
CA ALA BA 100 -29.81 5.14 -7.51
C ALA BA 100 -30.27 6.56 -7.28
N LEU BA 101 -30.62 7.25 -8.37
CA LEU BA 101 -31.11 8.60 -8.30
C LEU BA 101 -32.55 8.66 -8.80
N PRO BA 102 -33.43 9.36 -8.11
CA PRO BA 102 -34.80 9.51 -8.61
C PRO BA 102 -35.01 10.81 -9.36
N LEU BA 103 -36.08 10.82 -10.13
CA LEU BA 103 -36.62 11.97 -10.82
C LEU BA 103 -38.09 12.00 -10.47
N LEU BA 104 -38.54 13.13 -9.94
CA LEU BA 104 -39.86 13.26 -9.35
C LEU BA 104 -40.73 14.11 -10.26
N ALA BA 105 -41.93 13.63 -10.57
CA ALA BA 105 -42.89 14.41 -11.31
C ALA BA 105 -44.19 14.40 -10.53
N GLY BA 106 -44.77 15.59 -10.35
CA GLY BA 106 -45.98 15.68 -9.54
C GLY BA 106 -46.86 16.79 -10.05
N TYR BA 107 -48.07 16.82 -9.51
CA TYR BA 107 -49.03 17.88 -9.76
C TYR BA 107 -49.41 18.46 -8.42
N ASP BA 108 -49.08 19.73 -8.18
CA ASP BA 108 -49.32 20.33 -6.88
C ASP BA 108 -50.75 20.84 -6.85
N ILE BA 109 -51.63 20.14 -6.13
CA ILE BA 109 -53.04 20.51 -6.11
C ILE BA 109 -53.25 21.85 -5.43
N HIS BA 110 -52.31 22.28 -4.59
CA HIS BA 110 -52.47 23.54 -3.89
C HIS BA 110 -51.81 24.70 -4.63
N ALA BA 111 -51.30 24.45 -5.84
CA ALA BA 111 -50.70 25.53 -6.61
C ALA BA 111 -51.76 26.53 -7.03
N SER BA 112 -51.35 27.78 -7.19
CA SER BA 112 -52.32 28.81 -7.53
C SER BA 112 -52.83 28.62 -8.96
N ASP BA 113 -51.93 28.44 -9.91
CA ASP BA 113 -52.32 28.37 -11.31
C ASP BA 113 -52.39 26.92 -11.75
N PRO BA 114 -53.57 26.34 -11.93
CA PRO BA 114 -53.66 24.90 -12.25
C PRO BA 114 -53.01 24.51 -13.57
N GLN BA 115 -52.67 25.47 -14.42
CA GLN BA 115 -52.08 25.14 -15.72
C GLN BA 115 -50.57 25.00 -15.67
N SER BA 116 -49.91 25.55 -14.64
CA SER BA 116 -48.49 25.37 -14.42
C SER BA 116 -48.23 24.68 -13.09
N ALA BA 117 -49.22 23.97 -12.56
CA ALA BA 117 -49.09 23.25 -11.31
C ALA BA 117 -48.25 21.99 -11.42
N GLY BA 118 -47.81 21.63 -12.62
CA GLY BA 118 -46.88 20.52 -12.76
C GLY BA 118 -45.54 20.86 -12.14
N ARG BA 119 -44.88 19.84 -11.59
CA ARG BA 119 -43.61 20.01 -10.91
C ARG BA 119 -42.68 18.88 -11.30
N ILE BA 120 -41.42 19.24 -11.56
CA ILE BA 120 -40.40 18.27 -11.91
C ILE BA 120 -39.19 18.57 -11.03
N VAL BA 121 -38.78 17.58 -10.24
CA VAL BA 121 -37.73 17.76 -9.24
C VAL BA 121 -36.64 16.72 -9.49
N SER BA 122 -35.40 17.16 -9.55
CA SER BA 122 -34.26 16.26 -9.72
C SER BA 122 -33.44 16.21 -8.44
N PHE BA 123 -32.73 15.10 -8.26
CA PHE BA 123 -31.98 14.84 -7.04
C PHE BA 123 -30.58 14.36 -7.37
N ASP BA 124 -29.64 14.59 -6.47
CA ASP BA 124 -28.31 14.01 -6.55
C ASP BA 124 -28.10 12.98 -5.44
N ALA BA 125 -26.96 12.31 -5.49
CA ALA BA 125 -26.72 11.20 -4.59
C ALA BA 125 -26.72 11.63 -3.13
N ALA BA 126 -26.55 12.92 -2.87
CA ALA BA 126 -26.55 13.46 -1.52
C ALA BA 126 -27.89 14.01 -1.10
N GLY BA 127 -28.93 13.82 -1.91
CA GLY BA 127 -30.24 14.30 -1.57
C GLY BA 127 -30.54 15.73 -1.97
N GLY BA 128 -29.56 16.47 -2.48
CA GLY BA 128 -29.84 17.79 -3.00
C GLY BA 128 -30.84 17.72 -4.14
N TRP BA 129 -31.78 18.65 -4.14
CA TRP BA 129 -32.86 18.64 -5.12
C TRP BA 129 -32.98 20.01 -5.78
N ASN BA 130 -33.51 20.00 -7.00
CA ASN BA 130 -33.81 21.22 -7.73
C ASN BA 130 -35.15 21.07 -8.42
N ILE BA 131 -36.03 22.04 -8.24
CA ILE BA 131 -37.30 22.10 -8.97
C ILE BA 131 -37.05 22.77 -10.30
N GLU BA 132 -37.35 22.07 -11.38
CA GLU BA 132 -36.95 22.53 -12.71
C GLU BA 132 -37.92 23.57 -13.22
N GLU BA 133 -37.45 24.80 -13.33
CA GLU BA 133 -38.28 25.86 -13.85
C GLU BA 133 -38.20 25.99 -15.35
N GLU BA 134 -37.40 25.17 -16.02
CA GLU BA 134 -37.30 25.27 -17.47
C GLU BA 134 -38.14 24.24 -18.20
N GLY BA 135 -38.91 23.43 -17.47
CA GLY BA 135 -39.97 22.65 -18.07
C GLY BA 135 -39.68 21.18 -18.27
N TYR BA 136 -38.42 20.78 -18.37
CA TYR BA 136 -38.11 19.40 -18.65
C TYR BA 136 -36.83 19.00 -17.92
N GLN BA 137 -36.63 17.70 -17.80
CA GLN BA 137 -35.48 17.16 -17.10
C GLN BA 137 -35.41 15.67 -17.41
N ALA BA 138 -34.23 15.11 -17.23
CA ALA BA 138 -34.01 13.70 -17.44
C ALA BA 138 -32.90 13.24 -16.51
N VAL BA 139 -32.84 11.93 -16.29
CA VAL BA 139 -31.83 11.33 -15.41
C VAL BA 139 -31.49 9.97 -15.98
N GLY BA 140 -30.25 9.54 -15.78
CA GLY BA 140 -29.77 8.27 -16.29
C GLY BA 140 -28.65 8.46 -17.28
N SER BA 141 -28.15 7.33 -17.78
CA SER BA 141 -26.98 7.35 -18.65
C SER BA 141 -27.25 8.02 -19.98
N GLY BA 142 -28.51 8.07 -20.41
CA GLY BA 142 -28.86 8.77 -21.63
C GLY BA 142 -29.45 10.13 -21.41
N SER BA 143 -29.36 10.65 -20.18
CA SER BA 143 -30.09 11.86 -19.83
C SER BA 143 -29.55 13.07 -20.58
N LEU BA 144 -28.29 13.07 -20.97
CA LEU BA 144 -27.76 14.24 -21.66
C LEU BA 144 -28.30 14.32 -23.08
N PHE BA 145 -28.31 13.20 -23.79
CA PHE BA 145 -28.90 13.19 -25.13
C PHE BA 145 -30.38 13.55 -25.07
N ALA BA 146 -31.09 13.02 -24.09
CA ALA BA 146 -32.53 13.28 -23.99
C ALA BA 146 -32.79 14.76 -23.71
N LYS BA 147 -32.06 15.33 -22.75
CA LYS BA 147 -32.24 16.75 -22.45
C LYS BA 147 -31.90 17.60 -23.66
N SER BA 148 -30.81 17.30 -24.35
CA SER BA 148 -30.43 18.11 -25.49
C SER BA 148 -31.41 17.98 -26.65
N SER BA 149 -32.08 16.83 -26.75
CA SER BA 149 -33.14 16.67 -27.75
C SER BA 149 -34.36 17.50 -27.37
N MET BA 150 -34.80 17.39 -26.11
CA MET BA 150 -35.94 18.16 -25.65
C MET BA 150 -35.67 19.65 -25.76
N LYS BA 151 -34.41 20.05 -25.62
CA LYS BA 151 -34.08 21.46 -25.79
C LYS BA 151 -34.55 21.96 -27.14
N LYS BA 152 -34.54 21.11 -28.14
CA LYS BA 152 -34.97 21.51 -29.47
C LYS BA 152 -36.44 21.23 -29.70
N LEU BA 153 -37.00 20.18 -29.10
CA LEU BA 153 -38.37 19.82 -29.39
C LEU BA 153 -39.39 20.44 -28.44
N TYR BA 154 -38.96 21.14 -27.40
CA TYR BA 154 -39.90 21.52 -26.35
C TYR BA 154 -40.88 22.58 -26.81
N SER BA 155 -40.47 23.45 -27.72
CA SER BA 155 -41.37 24.45 -28.26
C SER BA 155 -42.58 23.84 -28.94
N GLN BA 156 -42.53 22.55 -29.30
CA GLN BA 156 -43.67 21.89 -29.93
C GLN BA 156 -44.68 21.36 -28.91
N VAL BA 157 -44.46 21.59 -27.63
CA VAL BA 157 -45.35 21.06 -26.59
C VAL BA 157 -46.46 22.06 -26.38
N THR BA 158 -47.69 21.67 -26.74
CA THR BA 158 -48.86 22.52 -26.57
C THR BA 158 -49.95 21.89 -25.73
N ASP BA 159 -49.97 20.57 -25.60
CA ASP BA 159 -50.93 19.88 -24.76
C ASP BA 159 -50.30 18.57 -24.28
N GLY BA 160 -51.10 17.74 -23.61
CA GLY BA 160 -50.59 16.49 -23.11
C GLY BA 160 -50.11 15.56 -24.21
N ASP BA 161 -50.80 15.55 -25.33
CA ASP BA 161 -50.47 14.61 -26.40
C ASP BA 161 -49.13 14.97 -27.05
N SER BA 162 -48.96 16.25 -27.41
CA SER BA 162 -47.70 16.68 -28.00
C SER BA 162 -46.55 16.51 -27.01
N GLY BA 163 -46.81 16.81 -25.74
CA GLY BA 163 -45.79 16.59 -24.73
C GLY BA 163 -45.40 15.14 -24.62
N LEU BA 164 -46.39 14.24 -24.70
CA LEU BA 164 -46.08 12.81 -24.67
C LEU BA 164 -45.22 12.42 -25.86
N ARG BA 165 -45.49 12.98 -27.04
CA ARG BA 165 -44.64 12.68 -28.18
C ARG BA 165 -43.22 13.19 -27.96
N VAL BA 166 -43.08 14.39 -27.40
CA VAL BA 166 -41.73 14.89 -27.16
C VAL BA 166 -41.00 14.00 -26.17
N ALA BA 167 -41.70 13.52 -25.14
CA ALA BA 167 -41.09 12.61 -24.18
C ALA BA 167 -40.60 11.34 -24.87
N VAL BA 168 -41.49 10.70 -25.64
CA VAL BA 168 -41.09 9.46 -26.31
C VAL BA 168 -39.93 9.70 -27.27
N GLU BA 169 -39.92 10.84 -27.95
CA GLU BA 169 -38.86 11.10 -28.91
C GLU BA 169 -37.54 11.35 -28.20
N ALA BA 170 -37.58 12.04 -27.07
CA ALA BA 170 -36.37 12.21 -26.27
C ALA BA 170 -35.81 10.87 -25.82
N LEU BA 171 -36.69 9.95 -25.38
CA LEU BA 171 -36.18 8.62 -25.09
C LEU BA 171 -35.61 7.94 -26.32
N TYR BA 172 -36.17 8.20 -27.50
CA TYR BA 172 -35.63 7.59 -28.71
C TYR BA 172 -34.21 8.09 -28.96
N ASP BA 173 -33.99 9.40 -28.89
CA ASP BA 173 -32.64 9.93 -29.09
C ASP BA 173 -31.68 9.38 -28.05
N ALA BA 174 -32.13 9.31 -26.79
CA ALA BA 174 -31.30 8.73 -25.75
C ALA BA 174 -30.88 7.31 -26.11
N ALA BA 175 -31.83 6.46 -26.47
CA ALA BA 175 -31.49 5.09 -26.81
C ALA BA 175 -30.65 5.02 -28.07
N ASP BA 176 -30.77 6.02 -28.94
CA ASP BA 176 -29.97 6.05 -30.17
C ASP BA 176 -28.51 6.26 -29.86
N ASP BA 177 -28.19 7.08 -28.87
CA ASP BA 177 -26.79 7.39 -28.56
C ASP BA 177 -26.26 6.71 -27.31
N ASP BA 178 -27.08 5.95 -26.59
CA ASP BA 178 -26.66 5.31 -25.35
C ASP BA 178 -27.05 3.84 -25.40
N SER BA 179 -26.06 2.95 -25.28
CA SER BA 179 -26.37 1.52 -25.36
C SER BA 179 -27.03 1.00 -24.10
N ALA BA 180 -26.96 1.72 -23.00
CA ALA BA 180 -27.59 1.30 -21.75
C ALA BA 180 -29.06 1.69 -21.70
N THR BA 181 -29.55 2.41 -22.69
CA THR BA 181 -30.95 2.81 -22.80
C THR BA 181 -31.57 2.07 -23.97
N GLY BA 182 -32.76 1.51 -23.77
CA GLY BA 182 -33.42 0.68 -24.76
C GLY BA 182 -34.41 1.45 -25.60
N GLY BA 183 -34.30 1.29 -26.91
CA GLY BA 183 -35.24 1.87 -27.83
C GLY BA 183 -36.43 0.95 -28.00
N PRO BA 184 -37.37 1.32 -28.88
CA PRO BA 184 -38.57 0.49 -29.06
C PRO BA 184 -38.21 -0.84 -29.72
N ASP BA 185 -38.72 -1.93 -29.14
CA ASP BA 185 -38.51 -3.28 -29.68
C ASP BA 185 -39.75 -3.62 -30.49
N LEU BA 186 -39.69 -3.35 -31.79
CA LEU BA 186 -40.84 -3.60 -32.63
C LEU BA 186 -41.09 -5.08 -32.82
N VAL BA 187 -40.07 -5.91 -32.67
CA VAL BA 187 -40.26 -7.35 -32.84
C VAL BA 187 -41.00 -7.92 -31.64
N ARG BA 188 -40.63 -7.52 -30.43
CA ARG BA 188 -41.27 -8.03 -29.24
C ARG BA 188 -42.44 -7.18 -28.78
N GLY BA 189 -42.59 -5.99 -29.33
CA GLY BA 189 -43.67 -5.11 -28.91
C GLY BA 189 -43.47 -4.56 -27.52
N ILE BA 190 -42.26 -4.09 -27.22
CA ILE BA 190 -41.94 -3.51 -25.92
C ILE BA 190 -41.53 -2.06 -26.16
N PHE BA 191 -42.19 -1.14 -25.48
CA PHE BA 191 -42.01 0.30 -25.67
C PHE BA 191 -41.80 0.97 -24.33
N PRO BA 192 -41.31 2.22 -24.33
CA PRO BA 192 -41.12 2.92 -23.06
C PRO BA 192 -42.41 2.98 -22.24
N THR BA 193 -42.23 3.18 -20.94
CA THR BA 193 -43.34 3.36 -20.02
C THR BA 193 -43.61 4.83 -19.83
N ALA BA 194 -44.87 5.20 -19.68
CA ALA BA 194 -45.22 6.60 -19.49
C ALA BA 194 -46.30 6.72 -18.42
N VAL BA 195 -46.22 7.82 -17.67
CA VAL BA 195 -47.21 8.23 -16.71
C VAL BA 195 -47.55 9.68 -17.00
N ILE BA 196 -48.85 9.99 -17.01
CA ILE BA 196 -49.34 11.34 -17.23
C ILE BA 196 -50.07 11.79 -15.98
N ILE BA 197 -49.89 13.06 -15.59
CA ILE BA 197 -50.46 13.56 -14.35
C ILE BA 197 -51.09 14.92 -14.62
N ASP BA 198 -52.37 15.05 -14.30
CA ASP BA 198 -53.04 16.36 -14.36
C ASP BA 198 -53.95 16.47 -13.15
N ALA BA 199 -54.89 17.42 -13.20
CA ALA BA 199 -55.75 17.65 -12.04
C ALA BA 199 -56.57 16.43 -11.67
N ASP BA 200 -56.84 15.54 -12.62
CA ASP BA 200 -57.59 14.32 -12.35
C ASP BA 200 -56.76 13.22 -11.74
N GLY BA 201 -55.45 13.42 -11.61
CA GLY BA 201 -54.59 12.41 -11.01
C GLY BA 201 -53.49 11.91 -11.91
N ALA BA 202 -52.88 10.80 -11.52
CA ALA BA 202 -51.79 10.16 -12.25
C ALA BA 202 -52.29 8.88 -12.86
N VAL BA 203 -52.09 8.72 -14.16
CA VAL BA 203 -52.54 7.54 -14.90
C VAL BA 203 -51.39 6.97 -15.70
N ASP BA 204 -51.39 5.65 -15.85
CA ASP BA 204 -50.47 5.01 -16.79
C ASP BA 204 -50.94 5.28 -18.20
N VAL BA 205 -50.04 5.77 -19.05
CA VAL BA 205 -50.40 5.91 -20.46
C VAL BA 205 -50.45 4.52 -21.08
N PRO BA 206 -51.53 4.18 -21.79
CA PRO BA 206 -51.64 2.83 -22.33
C PRO BA 206 -50.53 2.56 -23.35
N GLU BA 207 -50.10 1.30 -23.40
CA GLU BA 207 -48.99 0.93 -24.27
C GLU BA 207 -49.25 1.34 -25.71
N SER BA 208 -50.48 1.12 -26.21
CA SER BA 208 -50.76 1.30 -27.63
C SER BA 208 -50.50 2.73 -28.09
N ARG BA 209 -50.78 3.72 -27.25
CA ARG BA 209 -50.51 5.10 -27.62
C ARG BA 209 -49.01 5.31 -27.83
N ILE BA 210 -48.21 4.83 -26.89
CA ILE BA 210 -46.76 4.95 -27.02
C ILE BA 210 -46.28 4.24 -28.27
N ALA BA 211 -46.83 3.05 -28.55
CA ALA BA 211 -46.45 2.34 -29.75
C ALA BA 211 -46.74 3.15 -31.00
N GLU BA 212 -47.90 3.79 -31.07
CA GLU BA 212 -48.21 4.60 -32.24
C GLU BA 212 -47.23 5.75 -32.38
N LEU BA 213 -46.90 6.42 -31.28
CA LEU BA 213 -45.93 7.51 -31.35
C LEU BA 213 -44.56 7.00 -31.77
N ALA BA 214 -44.16 5.83 -31.26
CA ALA BA 214 -42.87 5.26 -31.62
C ALA BA 214 -42.78 5.00 -33.11
N ARG BA 215 -43.77 4.29 -33.66
CA ARG BA 215 -43.78 4.03 -35.10
C ARG BA 215 -43.79 5.32 -35.89
N ALA BA 216 -44.48 6.34 -35.39
CA ALA BA 216 -44.49 7.63 -36.07
C ALA BA 216 -43.09 8.23 -36.13
N ILE BA 217 -42.35 8.21 -35.02
CA ILE BA 217 -41.00 8.77 -35.00
C ILE BA 217 -40.09 7.98 -35.94
N ILE BA 218 -40.14 6.65 -35.85
CA ILE BA 218 -39.29 5.80 -36.69
C ILE BA 218 -39.54 6.10 -38.17
N GLU BA 219 -40.82 6.07 -38.58
CA GLU BA 219 -41.16 6.45 -39.95
C GLU BA 219 -40.60 7.82 -40.28
N SER BA 220 -40.78 8.79 -39.38
CA SER BA 220 -40.31 10.15 -39.64
C SER BA 220 -38.83 10.17 -39.96
N ARG BA 221 -38.06 9.28 -39.36
CA ARG BA 221 -36.61 9.29 -39.62
C ARG BA 221 -36.23 8.37 -40.76
N SER BA 222 -37.16 7.56 -41.27
CA SER BA 222 -36.88 6.75 -42.45
C SER BA 222 -37.38 7.46 -43.71
N GLY BA 223 -38.68 7.31 -44.00
CA GLY BA 223 -39.29 7.97 -45.14
C GLY BA 223 -40.72 7.52 -45.40
#